data_5LDF
#
_entry.id   5LDF
#
_cell.length_a   1.0
_cell.length_b   1.0
_cell.length_c   1.0
_cell.angle_alpha   90.0
_cell.angle_beta   90.0
_cell.angle_gamma   90.0
#
_symmetry.space_group_name_H-M   'P 1'
#
loop_
_entity.id
_entity.type
_entity.pdbx_description
1 polymer 'Glutamine synthetase'
2 polymer 'Maltose-binding periplasmic protein'
3 branched alpha-D-glucopyranose-(1-4)-alpha-D-glucopyranose
#
loop_
_entity_poly.entity_id
_entity_poly.type
_entity_poly.pdbx_seq_one_letter_code
_entity_poly.pdbx_strand_id
1 'polypeptide(L)'
;EHVLTMLNEHEVKFVDLRFTDTKGKEQHVTIPAHQVNAEFFEEGKMFDGSSIGGWKGINESDMVLMPDASTAVIDPFFAD
STLIIRCDILEPGTLQGYDRDPRSIAKRAEDYLRATGIADTVLFGPEPEFFLFDDIRFGASISGSHVAIDDIEGAWNSST
KYEGGNKGHRPGVKGGYFPVPPVDSAQDIRSEMCLVMEQMGLVVEAHHHEVATAGQNEVATRFNTMTKKADEIQIYKYVV
HNVAHRFGKTATFMPKPMFGDNGSGMHCHMSLAKNGTNLFSGDKYAGLSEQALYYIGGVIKHAKAINALANPTTNSYKRL
VPGYEAPVMLAYSARNRSASIRIPVVASPKARRIEVRFPDPAANPYLCFAALLMAGLDGIKNKIHPGEPMDKNLYDLPPE
EAKEIPQVAGSLEEALNALDLDREFLKAGGVFTDEAIDAYIALRREEDDRVRMTPHPVEFELYYSV
;
A,B,C,D,E,F,G,H,I,J,K,L
2 'polypeptide(L)'
;KIEEGKLVIWINGDKGYNGLAEVGKKFEKDTGIKVTVEHPDKLEEKFPQVAATGDGPDIIFWAHDRFGGYAQSGLLAEIT
PDKAFQDKLYPFTWDAVRYNGKLIAYPIAVEALSLIYNKDLLPNPPKTWEEIPALDKELKAKGKSALMFNLQEPYFTWPL
IAADGGYAFKYENGKYDIKDVGVDNAGAKAGLTFLVDLIKNKHMNADTDYSIAEAAFNKGETAMTINGPWAWSNIDTSKV
NYGVTVLPTFKGQPSKPFVGVLSAGINAASPNKELAKEFLENYLLTDEGLEAVNKDKPLGAVALKSYEEELAKDPRIAAT
MENAQKGEIMPNIPQMSAFWYAVRTAVINAASGRQTVDEALKDAQTRITK
;
M,N,O,P,Q,R,S,T,U,V,W,X
#
# COMPACT_ATOMS: atom_id res chain seq x y z
N GLU A 1 -58.77 -5.27 -28.43
CA GLU A 1 -58.85 -6.75 -28.51
C GLU A 1 -57.53 -7.35 -28.90
N HIS A 2 -56.81 -6.62 -29.75
CA HIS A 2 -55.49 -7.02 -30.21
C HIS A 2 -54.59 -7.06 -28.99
N VAL A 3 -54.81 -6.11 -28.10
CA VAL A 3 -54.05 -6.02 -26.87
C VAL A 3 -54.33 -7.23 -25.99
N LEU A 4 -55.60 -7.54 -25.80
CA LEU A 4 -55.95 -8.68 -24.96
C LEU A 4 -55.43 -10.01 -25.49
N THR A 5 -55.15 -10.07 -26.80
CA THR A 5 -54.59 -11.31 -27.36
C THR A 5 -53.08 -11.32 -27.23
N MET A 6 -52.47 -10.13 -27.26
CA MET A 6 -51.01 -10.01 -27.09
C MET A 6 -50.66 -10.43 -25.67
N LEU A 7 -51.60 -10.19 -24.75
CA LEU A 7 -51.41 -10.56 -23.35
C LEU A 7 -51.30 -12.06 -23.19
N ASN A 8 -52.09 -12.79 -23.96
CA ASN A 8 -52.07 -14.26 -23.89
C ASN A 8 -50.98 -14.89 -24.72
N GLU A 9 -50.73 -14.29 -25.87
CA GLU A 9 -49.75 -14.76 -26.82
C GLU A 9 -48.32 -14.70 -26.26
N HIS A 10 -48.06 -13.66 -25.47
CA HIS A 10 -46.74 -13.48 -24.87
C HIS A 10 -46.74 -13.79 -23.37
N GLU A 11 -47.85 -14.31 -22.85
CA GLU A 11 -47.98 -14.67 -21.43
C GLU A 11 -47.49 -13.51 -20.57
N VAL A 12 -48.01 -12.34 -20.84
CA VAL A 12 -47.66 -11.13 -20.16
C VAL A 12 -48.07 -11.13 -18.69
N LYS A 13 -47.14 -10.72 -17.84
CA LYS A 13 -47.40 -10.65 -16.41
C LYS A 13 -47.64 -9.20 -15.99
N PHE A 14 -47.09 -8.25 -16.74
CA PHE A 14 -47.27 -6.82 -16.41
C PHE A 14 -47.47 -5.93 -17.60
N VAL A 15 -48.06 -4.78 -17.32
CA VAL A 15 -48.31 -3.78 -18.34
C VAL A 15 -47.64 -2.52 -17.82
N ASP A 16 -46.73 -2.00 -18.63
CA ASP A 16 -45.98 -0.81 -18.27
C ASP A 16 -46.57 0.37 -19.01
N LEU A 17 -47.24 1.22 -18.25
CA LEU A 17 -47.89 2.41 -18.76
C LEU A 17 -46.89 3.54 -18.91
N ARG A 18 -46.73 4.04 -20.13
CA ARG A 18 -45.77 5.13 -20.34
C ARG A 18 -46.30 6.44 -20.86
N PHE A 19 -45.60 7.49 -20.46
CA PHE A 19 -45.92 8.82 -20.88
C PHE A 19 -44.71 9.73 -20.77
N THR A 20 -44.82 10.95 -21.29
CA THR A 20 -43.71 11.90 -21.29
C THR A 20 -44.04 13.16 -20.52
N ASP A 21 -43.06 13.72 -19.82
CA ASP A 21 -43.31 14.94 -19.08
C ASP A 21 -42.95 16.12 -19.95
N THR A 22 -43.13 17.31 -19.40
CA THR A 22 -42.85 18.51 -20.14
C THR A 22 -41.43 18.58 -20.67
N LYS A 23 -40.45 18.17 -19.86
CA LYS A 23 -39.05 18.22 -20.30
C LYS A 23 -38.75 17.26 -21.43
N GLY A 24 -39.57 16.22 -21.56
CA GLY A 24 -39.40 15.28 -22.65
C GLY A 24 -38.98 13.90 -22.23
N LYS A 25 -38.95 13.70 -20.91
CA LYS A 25 -38.53 12.43 -20.35
C LYS A 25 -39.64 11.44 -20.18
N GLU A 26 -39.45 10.25 -20.76
CA GLU A 26 -40.44 9.20 -20.67
C GLU A 26 -40.58 8.75 -19.21
N GLN A 27 -41.82 8.56 -18.78
CA GLN A 27 -42.13 8.16 -17.42
C GLN A 27 -42.94 6.88 -17.48
N HIS A 28 -43.06 6.17 -16.35
CA HIS A 28 -43.82 4.93 -16.35
C HIS A 28 -44.30 4.50 -15.00
N VAL A 29 -45.30 3.63 -15.04
CA VAL A 29 -45.90 3.03 -13.87
C VAL A 29 -46.38 1.66 -14.37
N THR A 30 -46.33 0.66 -13.50
CA THR A 30 -46.67 -0.69 -13.91
C THR A 30 -47.84 -1.28 -13.16
N ILE A 31 -48.65 -2.07 -13.87
CA ILE A 31 -49.78 -2.76 -13.24
C ILE A 31 -49.76 -4.18 -13.74
N PRO A 32 -50.22 -5.12 -12.91
CA PRO A 32 -50.25 -6.54 -13.27
C PRO A 32 -51.16 -6.67 -14.47
N ALA A 33 -50.89 -7.64 -15.35
CA ALA A 33 -51.73 -7.83 -16.52
C ALA A 33 -53.19 -8.03 -16.14
N HIS A 34 -53.43 -8.72 -15.03
CA HIS A 34 -54.79 -8.97 -14.57
C HIS A 34 -55.61 -7.73 -14.20
N GLN A 35 -54.99 -6.57 -14.25
CA GLN A 35 -55.68 -5.32 -13.95
C GLN A 35 -56.21 -4.67 -15.23
N VAL A 36 -55.90 -5.31 -16.36
CA VAL A 36 -56.34 -4.84 -17.66
C VAL A 36 -57.68 -5.47 -18.02
N ASN A 37 -58.69 -4.62 -18.07
CA ASN A 37 -60.06 -5.03 -18.36
C ASN A 37 -60.68 -4.07 -19.34
N ALA A 38 -61.97 -4.24 -19.59
CA ALA A 38 -62.69 -3.38 -20.52
C ALA A 38 -62.67 -1.93 -20.05
N GLU A 39 -62.92 -1.73 -18.77
CA GLU A 39 -62.92 -0.39 -18.16
C GLU A 39 -61.65 0.38 -18.47
N PHE A 40 -60.53 -0.26 -18.17
CA PHE A 40 -59.20 0.25 -18.41
C PHE A 40 -59.07 1.07 -19.70
N PHE A 41 -59.55 0.54 -20.81
CA PHE A 41 -59.49 1.25 -22.08
C PHE A 41 -60.42 2.42 -22.28
N GLU A 42 -61.60 2.35 -21.68
CA GLU A 42 -62.56 3.43 -21.85
C GLU A 42 -62.40 4.54 -20.86
N GLU A 43 -62.00 4.20 -19.63
CA GLU A 43 -61.82 5.23 -18.62
C GLU A 43 -60.41 5.42 -18.05
N GLY A 44 -59.47 4.61 -18.51
CA GLY A 44 -58.09 4.70 -18.04
C GLY A 44 -57.89 4.44 -16.56
N LYS A 45 -56.76 4.91 -16.02
CA LYS A 45 -56.43 4.75 -14.61
C LYS A 45 -56.09 6.12 -14.03
N MET A 46 -56.37 6.30 -12.75
CA MET A 46 -56.12 7.56 -12.06
C MET A 46 -54.73 7.66 -11.46
N PHE A 47 -54.17 8.86 -11.48
CA PHE A 47 -52.87 9.10 -10.88
C PHE A 47 -52.72 10.55 -10.45
N ASP A 48 -51.75 10.77 -9.56
CA ASP A 48 -51.46 12.07 -9.01
C ASP A 48 -50.74 12.99 -9.99
N GLY A 49 -51.41 14.08 -10.36
CA GLY A 49 -50.80 15.03 -11.27
C GLY A 49 -49.67 15.82 -10.64
N SER A 50 -49.91 16.34 -9.43
CA SER A 50 -48.93 17.15 -8.70
C SER A 50 -47.50 16.65 -8.59
N SER A 51 -47.29 15.37 -8.91
CA SER A 51 -45.98 14.73 -8.82
C SER A 51 -44.99 15.03 -9.95
N ILE A 52 -45.52 15.32 -11.14
CA ILE A 52 -44.72 15.65 -12.32
C ILE A 52 -44.40 17.14 -12.34
N GLY A 53 -43.17 17.49 -12.70
CA GLY A 53 -42.78 18.89 -12.73
C GLY A 53 -43.56 19.72 -13.74
N GLY A 54 -44.03 20.88 -13.31
CA GLY A 54 -44.75 21.78 -14.18
C GLY A 54 -46.18 21.36 -14.51
N TRP A 55 -46.76 20.48 -13.71
CA TRP A 55 -48.10 20.06 -14.00
C TRP A 55 -49.10 20.69 -13.01
N LYS A 56 -50.09 19.91 -12.54
CA LYS A 56 -51.10 20.45 -11.61
C LYS A 56 -50.45 20.92 -10.29
N GLY A 57 -51.00 21.96 -9.69
CA GLY A 57 -50.45 22.47 -8.47
C GLY A 57 -51.13 21.91 -7.21
N ILE A 58 -51.22 22.79 -6.21
CA ILE A 58 -51.79 22.51 -4.89
C ILE A 58 -53.20 21.93 -4.85
N ASN A 59 -54.08 22.32 -5.74
CA ASN A 59 -55.47 21.93 -5.53
C ASN A 59 -56.07 20.86 -6.38
N GLU A 60 -55.65 20.81 -7.63
CA GLU A 60 -56.21 19.88 -8.64
C GLU A 60 -55.34 18.71 -9.01
N SER A 61 -54.80 18.01 -8.05
CA SER A 61 -53.87 16.92 -8.33
C SER A 61 -54.32 15.81 -9.28
N ASP A 62 -55.47 15.21 -9.03
CA ASP A 62 -55.81 14.04 -9.83
C ASP A 62 -56.21 14.20 -11.29
N MET A 63 -55.60 13.28 -12.07
CA MET A 63 -55.73 13.21 -13.52
C MET A 63 -55.81 11.77 -14.06
N VAL A 64 -56.08 11.66 -15.35
CA VAL A 64 -56.25 10.36 -16.01
C VAL A 64 -55.18 9.90 -17.01
N LEU A 65 -54.80 8.63 -16.88
CA LEU A 65 -53.85 7.98 -17.77
C LEU A 65 -54.67 7.19 -18.76
N MET A 66 -54.73 7.64 -20.01
CA MET A 66 -55.53 6.94 -20.99
C MET A 66 -54.71 6.08 -21.93
N PRO A 67 -54.77 4.77 -21.76
CA PRO A 67 -54.01 3.87 -22.62
C PRO A 67 -54.39 4.01 -24.08
N ASP A 68 -53.38 4.08 -24.93
CA ASP A 68 -53.57 4.16 -26.37
C ASP A 68 -53.21 2.79 -26.88
N ALA A 69 -54.24 1.97 -27.10
CA ALA A 69 -54.08 0.60 -27.55
C ALA A 69 -53.28 0.38 -28.82
N SER A 70 -53.09 1.43 -29.61
CA SER A 70 -52.33 1.28 -30.84
C SER A 70 -50.82 1.15 -30.59
N THR A 71 -50.38 1.62 -29.43
CA THR A 71 -48.98 1.63 -29.04
C THR A 71 -48.42 0.38 -28.36
N ALA A 72 -49.25 -0.62 -28.13
CA ALA A 72 -48.79 -1.83 -27.46
C ALA A 72 -47.56 -2.52 -28.06
N VAL A 73 -46.53 -2.66 -27.23
CA VAL A 73 -45.31 -3.33 -27.64
C VAL A 73 -44.63 -3.92 -26.43
N ILE A 74 -44.05 -5.10 -26.62
CA ILE A 74 -43.35 -5.83 -25.58
C ILE A 74 -42.03 -5.17 -25.18
N ASP A 75 -41.72 -5.16 -23.88
CA ASP A 75 -40.45 -4.60 -23.43
C ASP A 75 -39.43 -5.70 -23.59
N PRO A 76 -38.34 -5.42 -24.31
CA PRO A 76 -37.28 -6.39 -24.56
C PRO A 76 -36.22 -6.54 -23.51
N PHE A 77 -36.32 -5.75 -22.44
CA PHE A 77 -35.32 -5.79 -21.37
C PHE A 77 -35.80 -6.35 -20.05
N PHE A 78 -37.02 -6.00 -19.63
CA PHE A 78 -37.55 -6.48 -18.35
C PHE A 78 -37.50 -8.00 -18.25
N ALA A 79 -37.25 -8.51 -17.05
CA ALA A 79 -37.12 -9.95 -16.80
C ALA A 79 -38.39 -10.78 -16.93
N ASP A 80 -39.50 -10.18 -16.53
CA ASP A 80 -40.82 -10.79 -16.56
C ASP A 80 -41.51 -10.20 -17.76
N SER A 81 -42.25 -11.02 -18.52
CA SER A 81 -42.95 -10.55 -19.72
C SER A 81 -43.84 -9.34 -19.45
N THR A 82 -43.52 -8.22 -20.08
CA THR A 82 -44.34 -7.05 -19.86
C THR A 82 -44.61 -6.26 -21.11
N LEU A 83 -45.83 -5.76 -21.18
CA LEU A 83 -46.30 -5.03 -22.33
C LEU A 83 -46.35 -3.56 -22.05
N ILE A 84 -45.74 -2.81 -22.96
CA ILE A 84 -45.72 -1.36 -22.84
C ILE A 84 -46.91 -0.77 -23.59
N ILE A 85 -47.58 0.17 -22.95
CA ILE A 85 -48.71 0.87 -23.57
C ILE A 85 -48.55 2.33 -23.25
N ARG A 86 -48.35 3.11 -24.30
CA ARG A 86 -48.19 4.55 -24.18
C ARG A 86 -49.56 5.09 -23.81
N CYS A 87 -49.60 6.18 -23.05
CA CYS A 87 -50.87 6.75 -22.59
C CYS A 87 -50.92 8.22 -22.82
N ASP A 88 -52.12 8.81 -22.89
CA ASP A 88 -52.23 10.27 -23.02
C ASP A 88 -52.71 10.67 -21.63
N ILE A 89 -52.55 11.94 -21.30
CA ILE A 89 -52.97 12.44 -20.00
C ILE A 89 -54.23 13.26 -20.24
N LEU A 90 -55.34 12.80 -19.68
CA LEU A 90 -56.61 13.48 -19.87
C LEU A 90 -57.10 14.11 -18.59
N GLU A 91 -57.87 15.18 -18.75
CA GLU A 91 -58.47 15.90 -17.63
C GLU A 91 -59.60 14.96 -17.16
N PRO A 92 -59.77 14.77 -15.83
CA PRO A 92 -60.82 13.87 -15.34
C PRO A 92 -62.25 14.34 -15.66
N GLY A 93 -63.14 13.39 -15.91
CA GLY A 93 -64.52 13.72 -16.22
C GLY A 93 -64.64 14.16 -17.66
N THR A 94 -64.08 15.32 -17.97
CA THR A 94 -64.11 15.85 -19.33
C THR A 94 -63.38 14.89 -20.28
N LEU A 95 -62.36 14.20 -19.76
CA LEU A 95 -61.55 13.27 -20.53
C LEU A 95 -61.05 13.95 -21.80
N GLN A 96 -60.68 15.22 -21.64
CA GLN A 96 -60.30 16.02 -22.79
C GLN A 96 -58.87 15.85 -23.33
N GLY A 97 -57.90 16.04 -22.50
CA GLY A 97 -56.54 16.03 -22.94
C GLY A 97 -55.94 17.23 -22.32
N TYR A 98 -55.13 16.95 -21.31
CA TYR A 98 -54.46 17.95 -20.51
C TYR A 98 -53.68 18.97 -21.36
N ASP A 99 -53.88 20.24 -21.04
CA ASP A 99 -53.23 21.34 -21.74
C ASP A 99 -51.72 21.19 -21.74
N ARG A 100 -51.20 20.68 -20.64
CA ARG A 100 -49.77 20.50 -20.47
C ARG A 100 -49.22 19.14 -20.90
N ASP A 101 -50.07 18.24 -21.38
CA ASP A 101 -49.60 16.92 -21.83
C ASP A 101 -49.03 17.08 -23.25
N PRO A 102 -47.71 16.90 -23.39
CA PRO A 102 -47.01 17.02 -24.65
C PRO A 102 -47.52 16.13 -25.74
N ARG A 103 -48.08 14.98 -25.40
CA ARG A 103 -48.55 14.11 -26.47
C ARG A 103 -49.88 14.65 -26.96
N SER A 104 -50.70 15.14 -26.03
CA SER A 104 -52.00 15.71 -26.39
C SER A 104 -51.77 16.93 -27.28
N ILE A 105 -50.78 17.73 -26.91
CA ILE A 105 -50.42 18.92 -27.67
C ILE A 105 -49.99 18.59 -29.08
N ALA A 106 -49.24 17.51 -29.23
CA ALA A 106 -48.78 17.11 -30.53
C ALA A 106 -49.95 16.60 -31.35
N LYS A 107 -50.88 15.91 -30.70
CA LYS A 107 -52.05 15.38 -31.41
C LYS A 107 -52.89 16.57 -31.88
N ARG A 108 -53.08 17.55 -30.99
CA ARG A 108 -53.86 18.74 -31.31
C ARG A 108 -53.31 19.44 -32.55
N ALA A 109 -51.98 19.45 -32.65
CA ALA A 109 -51.32 20.08 -33.75
C ALA A 109 -51.55 19.33 -35.06
N GLU A 110 -51.66 18.00 -34.98
CA GLU A 110 -51.89 17.22 -36.19
C GLU A 110 -53.33 17.45 -36.63
N ASP A 111 -54.21 17.64 -35.64
CA ASP A 111 -55.62 17.90 -35.90
C ASP A 111 -55.75 19.23 -36.63
N TYR A 112 -55.21 20.28 -36.02
CA TYR A 112 -55.24 21.62 -36.61
C TYR A 112 -54.72 21.66 -38.05
N LEU A 113 -53.81 20.76 -38.38
CA LEU A 113 -53.24 20.68 -39.72
C LEU A 113 -54.37 20.29 -40.66
N ARG A 114 -55.03 19.17 -40.34
CA ARG A 114 -56.14 18.68 -41.12
C ARG A 114 -57.26 19.71 -41.21
N ALA A 115 -57.53 20.38 -40.08
CA ALA A 115 -58.57 21.40 -40.00
C ALA A 115 -58.36 22.55 -41.00
N THR A 116 -57.17 23.15 -41.01
CA THR A 116 -56.89 24.24 -41.93
C THR A 116 -57.00 23.74 -43.35
N GLY A 117 -57.02 22.42 -43.50
CA GLY A 117 -57.09 21.80 -44.80
C GLY A 117 -55.81 21.98 -45.62
N ILE A 118 -54.77 22.55 -45.03
CA ILE A 118 -53.51 22.73 -45.74
C ILE A 118 -52.90 21.41 -46.20
N ALA A 119 -53.09 20.36 -45.40
CA ALA A 119 -52.60 19.01 -45.71
C ALA A 119 -53.29 18.07 -44.74
N ASP A 120 -53.16 16.75 -44.95
CA ASP A 120 -53.81 15.81 -44.05
C ASP A 120 -52.88 15.03 -43.12
N THR A 121 -51.58 15.08 -43.40
CA THR A 121 -50.56 14.41 -42.57
C THR A 121 -49.22 15.12 -42.65
N VAL A 122 -48.48 15.14 -41.54
CA VAL A 122 -47.14 15.74 -41.46
C VAL A 122 -46.11 14.64 -41.34
N LEU A 123 -45.00 14.77 -42.07
CA LEU A 123 -43.97 13.76 -42.00
C LEU A 123 -42.69 14.24 -41.34
N PHE A 124 -42.28 13.51 -40.30
CA PHE A 124 -41.05 13.84 -39.56
C PHE A 124 -40.02 12.74 -39.62
N GLY A 125 -38.80 13.13 -39.97
CA GLY A 125 -37.70 12.20 -40.03
C GLY A 125 -36.54 12.79 -39.24
N PRO A 126 -36.56 12.68 -37.90
CA PRO A 126 -35.48 13.23 -37.09
C PRO A 126 -34.27 12.29 -37.06
N GLU A 127 -33.09 12.86 -36.88
CA GLU A 127 -31.84 12.08 -36.87
C GLU A 127 -31.10 12.30 -35.58
N PRO A 128 -31.57 11.71 -34.49
CA PRO A 128 -30.85 11.93 -33.23
C PRO A 128 -29.54 11.17 -33.18
N GLU A 129 -28.52 11.87 -32.71
CA GLU A 129 -27.17 11.33 -32.55
C GLU A 129 -26.97 11.16 -31.04
N PHE A 130 -25.99 10.35 -30.64
CA PHE A 130 -25.75 10.16 -29.22
C PHE A 130 -24.33 9.71 -28.92
N PHE A 131 -23.98 9.70 -27.64
CA PHE A 131 -22.65 9.25 -27.21
C PHE A 131 -22.74 8.03 -26.33
N LEU A 132 -21.76 7.16 -26.46
CA LEU A 132 -21.65 5.95 -25.63
C LEU A 132 -20.35 6.00 -24.83
N PHE A 133 -20.44 6.11 -23.52
CA PHE A 133 -19.25 6.19 -22.67
C PHE A 133 -19.16 4.98 -21.76
N ASP A 134 -18.06 4.91 -21.02
CA ASP A 134 -17.81 3.84 -20.07
C ASP A 134 -18.00 4.38 -18.65
N ASP A 135 -17.63 5.65 -18.45
CA ASP A 135 -17.67 6.27 -17.14
C ASP A 135 -18.06 7.73 -17.29
N ILE A 136 -19.00 8.16 -16.46
CA ILE A 136 -19.43 9.55 -16.43
C ILE A 136 -19.57 9.91 -14.97
N ARG A 137 -18.84 10.95 -14.55
CA ARG A 137 -18.81 11.41 -13.17
C ARG A 137 -18.99 12.89 -13.15
N PHE A 138 -19.78 13.40 -12.21
CA PHE A 138 -19.94 14.83 -12.08
C PHE A 138 -20.54 15.17 -10.74
N GLY A 139 -20.42 16.45 -10.40
CA GLY A 139 -20.95 16.91 -9.14
C GLY A 139 -20.74 18.40 -9.00
N ALA A 140 -21.38 18.98 -7.99
CA ALA A 140 -21.26 20.40 -7.73
C ALA A 140 -21.74 20.63 -6.32
N SER A 141 -20.90 21.29 -5.54
CA SER A 141 -21.21 21.60 -4.17
C SER A 141 -20.59 22.97 -3.91
N ILE A 142 -20.68 23.43 -2.68
CA ILE A 142 -20.16 24.74 -2.38
C ILE A 142 -18.68 24.88 -2.68
N SER A 143 -17.90 23.84 -2.45
CA SER A 143 -16.46 23.94 -2.66
C SER A 143 -15.96 23.65 -4.05
N GLY A 144 -16.86 23.45 -5.00
CA GLY A 144 -16.40 23.22 -6.36
C GLY A 144 -17.38 22.47 -7.21
N SER A 145 -16.90 21.97 -8.32
CA SER A 145 -17.74 21.19 -9.24
C SER A 145 -16.85 20.55 -10.28
N HIS A 146 -17.38 19.55 -10.95
CA HIS A 146 -16.59 18.88 -11.97
C HIS A 146 -17.39 17.95 -12.82
N VAL A 147 -16.77 17.53 -13.94
CA VAL A 147 -17.35 16.55 -14.83
C VAL A 147 -16.18 15.85 -15.47
N ALA A 148 -16.27 14.54 -15.44
CA ALA A 148 -15.24 13.71 -16.02
C ALA A 148 -15.83 12.67 -16.92
N ILE A 149 -15.41 12.62 -18.17
CA ILE A 149 -15.95 11.66 -19.12
C ILE A 149 -14.91 10.63 -19.44
N ASP A 150 -15.33 9.39 -19.66
CA ASP A 150 -14.34 8.41 -20.03
C ASP A 150 -14.92 7.31 -20.90
N ASP A 151 -14.16 6.95 -21.91
CA ASP A 151 -14.55 5.88 -22.81
C ASP A 151 -13.33 5.26 -23.41
N ILE A 152 -13.44 3.98 -23.72
CA ILE A 152 -12.31 3.27 -24.27
C ILE A 152 -11.87 3.84 -25.62
N GLU A 153 -12.77 4.57 -26.28
CA GLU A 153 -12.46 5.17 -27.58
C GLU A 153 -11.87 6.55 -27.45
N GLY A 154 -12.02 7.17 -26.30
CA GLY A 154 -11.49 8.51 -26.15
C GLY A 154 -10.05 8.64 -26.57
N ALA A 155 -9.75 9.61 -27.41
CA ALA A 155 -8.38 9.78 -27.86
C ALA A 155 -7.39 9.96 -26.73
N TRP A 156 -7.86 10.56 -25.63
CA TRP A 156 -7.00 10.80 -24.48
C TRP A 156 -6.45 9.54 -23.86
N ASN A 157 -7.10 8.41 -24.12
CA ASN A 157 -6.66 7.15 -23.56
C ASN A 157 -5.53 6.50 -24.35
N SER A 158 -5.00 7.22 -25.32
CA SER A 158 -3.89 6.67 -26.10
C SER A 158 -2.71 6.41 -25.17
N SER A 159 -2.68 7.12 -24.04
CA SER A 159 -1.60 6.99 -23.07
C SER A 159 -1.94 6.21 -21.81
N THR A 160 -3.18 5.80 -21.67
CA THR A 160 -3.64 5.08 -20.48
C THR A 160 -3.14 3.67 -20.33
N LYS A 161 -2.74 3.31 -19.10
CA LYS A 161 -2.29 1.96 -18.83
C LYS A 161 -3.52 1.12 -18.53
N TYR A 162 -3.62 -0.02 -19.20
CA TYR A 162 -4.76 -0.91 -19.00
C TYR A 162 -4.25 -2.23 -18.44
N GLU A 163 -5.10 -2.89 -17.67
CA GLU A 163 -4.81 -4.18 -17.05
C GLU A 163 -4.20 -5.16 -18.05
N GLY A 164 -4.94 -5.42 -19.14
CA GLY A 164 -4.43 -6.36 -20.14
C GLY A 164 -3.70 -5.72 -21.30
N GLY A 165 -3.20 -4.51 -21.09
CA GLY A 165 -2.49 -3.80 -22.14
C GLY A 165 -3.41 -2.88 -22.93
N ASN A 166 -2.87 -1.75 -23.38
CA ASN A 166 -3.61 -0.77 -24.19
C ASN A 166 -3.52 -1.27 -25.62
N LYS A 167 -4.65 -1.59 -26.23
CA LYS A 167 -4.68 -2.13 -27.60
C LYS A 167 -4.70 -1.06 -28.70
N GLY A 168 -4.70 0.12 -28.19
CA GLY A 168 -4.72 1.36 -28.87
C GLY A 168 -5.12 1.48 -30.35
N HIS A 169 -6.40 1.31 -30.71
CA HIS A 169 -6.88 1.71 -32.04
C HIS A 169 -8.08 2.58 -31.78
N ARG A 170 -7.83 3.85 -31.64
CA ARG A 170 -8.90 4.76 -31.26
C ARG A 170 -9.12 5.86 -32.26
N PRO A 171 -10.36 6.33 -32.34
CA PRO A 171 -10.73 7.41 -33.24
C PRO A 171 -10.15 8.68 -32.64
N GLY A 172 -9.40 9.43 -33.43
CA GLY A 172 -8.84 10.66 -32.92
C GLY A 172 -9.93 11.72 -32.81
N VAL A 173 -9.57 12.92 -32.35
CA VAL A 173 -10.56 13.99 -32.21
C VAL A 173 -11.13 14.31 -33.59
N LYS A 174 -12.46 14.35 -33.70
CA LYS A 174 -13.17 14.61 -34.97
C LYS A 174 -12.81 13.53 -36.01
N GLY A 175 -12.29 12.39 -35.57
CA GLY A 175 -11.88 11.37 -36.53
C GLY A 175 -12.72 10.06 -36.46
N GLY A 176 -13.97 10.18 -36.03
CA GLY A 176 -14.81 9.01 -35.91
C GLY A 176 -15.57 8.65 -37.17
N TYR A 177 -15.58 9.54 -38.18
CA TYR A 177 -16.36 9.21 -39.38
C TYR A 177 -15.77 8.07 -40.23
N PHE A 178 -16.19 6.87 -39.79
CA PHE A 178 -16.20 5.53 -40.44
C PHE A 178 -14.95 4.64 -40.38
N PRO A 179 -13.85 4.94 -39.68
CA PRO A 179 -12.84 3.89 -39.62
C PRO A 179 -13.43 2.55 -39.27
N VAL A 180 -13.13 1.51 -40.04
CA VAL A 180 -13.69 0.20 -39.68
C VAL A 180 -13.11 -0.31 -38.37
N PRO A 181 -13.76 -1.30 -37.75
CA PRO A 181 -13.24 -1.86 -36.50
C PRO A 181 -11.83 -2.36 -36.78
N PRO A 182 -11.01 -2.46 -35.74
CA PRO A 182 -11.32 -2.13 -34.35
C PRO A 182 -11.33 -0.66 -33.94
N VAL A 183 -11.02 0.27 -34.84
CA VAL A 183 -11.05 1.69 -34.46
C VAL A 183 -12.47 1.99 -33.99
N ASP A 184 -13.44 1.51 -34.75
CA ASP A 184 -14.85 1.69 -34.39
C ASP A 184 -15.15 0.51 -33.48
N SER A 185 -15.39 0.76 -32.21
CA SER A 185 -15.64 -0.30 -31.26
C SER A 185 -17.09 -0.61 -31.05
N ALA A 186 -17.98 0.06 -31.77
CA ALA A 186 -19.40 -0.12 -31.53
C ALA A 186 -20.28 -0.77 -32.59
N GLN A 187 -19.70 -1.61 -33.44
CA GLN A 187 -20.51 -2.24 -34.45
C GLN A 187 -21.56 -3.15 -33.85
N ASP A 188 -21.13 -4.11 -33.03
CA ASP A 188 -22.08 -5.05 -32.44
C ASP A 188 -23.19 -4.35 -31.65
N ILE A 189 -22.82 -3.30 -30.92
CA ILE A 189 -23.82 -2.62 -30.12
C ILE A 189 -24.80 -1.82 -31.00
N ARG A 190 -24.29 -1.15 -32.03
CA ARG A 190 -25.20 -0.41 -32.89
C ARG A 190 -26.21 -1.36 -33.53
N SER A 191 -25.77 -2.56 -33.90
CA SER A 191 -26.74 -3.47 -34.48
C SER A 191 -27.76 -4.02 -33.53
N GLU A 192 -27.37 -4.29 -32.29
CA GLU A 192 -28.34 -4.77 -31.31
C GLU A 192 -29.39 -3.68 -31.17
N MET A 193 -28.92 -2.43 -31.11
CA MET A 193 -29.86 -1.31 -30.98
C MET A 193 -30.83 -1.34 -32.16
N CYS A 194 -30.31 -1.63 -33.34
CA CYS A 194 -31.15 -1.69 -34.52
C CYS A 194 -32.17 -2.81 -34.43
N LEU A 195 -31.70 -4.02 -34.17
CA LEU A 195 -32.60 -5.15 -34.06
C LEU A 195 -33.69 -4.89 -33.03
N VAL A 196 -33.29 -4.38 -31.87
CA VAL A 196 -34.26 -4.13 -30.82
C VAL A 196 -35.22 -3.03 -31.20
N MET A 197 -34.71 -1.99 -31.86
CA MET A 197 -35.57 -0.90 -32.28
C MET A 197 -36.65 -1.43 -33.18
N GLU A 198 -36.26 -2.33 -34.09
CA GLU A 198 -37.23 -2.89 -35.00
C GLU A 198 -38.20 -3.83 -34.30
N GLN A 199 -37.74 -4.56 -33.30
CA GLN A 199 -38.63 -5.43 -32.56
C GLN A 199 -39.68 -4.55 -31.89
N MET A 200 -39.35 -3.28 -31.73
CA MET A 200 -40.28 -2.35 -31.09
C MET A 200 -41.05 -1.48 -32.06
N GLY A 201 -41.03 -1.85 -33.33
CA GLY A 201 -41.79 -1.11 -34.32
C GLY A 201 -41.13 -0.04 -35.14
N LEU A 202 -39.87 0.24 -34.86
CA LEU A 202 -39.19 1.24 -35.64
C LEU A 202 -38.64 0.57 -36.88
N VAL A 203 -38.32 1.37 -37.89
CA VAL A 203 -37.75 0.84 -39.10
C VAL A 203 -36.41 1.53 -39.27
N VAL A 204 -35.36 0.74 -39.28
CA VAL A 204 -34.03 1.25 -39.35
C VAL A 204 -33.51 1.38 -40.77
N GLU A 205 -32.87 2.51 -41.06
CA GLU A 205 -32.31 2.73 -42.38
C GLU A 205 -30.81 2.56 -42.41
N ALA A 206 -30.14 2.92 -41.32
CA ALA A 206 -28.70 2.78 -41.25
C ALA A 206 -28.14 3.05 -39.87
N HIS A 207 -26.90 2.62 -39.66
CA HIS A 207 -26.22 2.90 -38.42
C HIS A 207 -24.74 3.05 -38.69
N HIS A 208 -24.15 3.98 -37.95
CA HIS A 208 -22.76 4.27 -38.16
C HIS A 208 -22.17 5.04 -36.98
N HIS A 209 -20.86 5.04 -36.91
CA HIS A 209 -20.15 5.80 -35.91
C HIS A 209 -20.25 7.25 -36.34
N GLU A 210 -20.29 8.21 -35.41
CA GLU A 210 -20.35 9.60 -35.82
C GLU A 210 -18.96 10.21 -35.77
N VAL A 211 -18.88 11.54 -35.89
CA VAL A 211 -17.60 12.22 -35.96
C VAL A 211 -16.72 12.23 -34.71
N ALA A 212 -17.29 12.50 -33.56
CA ALA A 212 -16.49 12.66 -32.35
C ALA A 212 -15.79 11.40 -31.85
N THR A 213 -14.66 11.61 -31.20
CA THR A 213 -13.92 10.52 -30.57
C THR A 213 -14.78 10.12 -29.37
N ALA A 214 -14.39 9.08 -28.67
CA ALA A 214 -15.12 8.73 -27.47
C ALA A 214 -16.57 8.28 -27.64
N GLY A 215 -16.89 7.57 -28.72
CA GLY A 215 -18.22 6.97 -28.86
C GLY A 215 -19.41 7.75 -29.38
N GLN A 216 -19.22 8.68 -30.28
CA GLN A 216 -20.43 9.28 -30.83
C GLN A 216 -20.96 8.31 -31.86
N ASN A 217 -22.26 8.06 -31.84
CA ASN A 217 -22.84 7.09 -32.75
C ASN A 217 -24.20 7.55 -33.23
N GLU A 218 -24.74 6.88 -34.25
CA GLU A 218 -26.06 7.23 -34.77
C GLU A 218 -26.79 6.06 -35.40
N VAL A 219 -28.08 5.95 -35.09
CA VAL A 219 -28.97 4.96 -35.70
C VAL A 219 -30.03 5.77 -36.41
N ALA A 220 -30.07 5.62 -37.73
CA ALA A 220 -31.03 6.33 -38.55
C ALA A 220 -32.28 5.50 -38.77
N THR A 221 -33.41 6.09 -38.43
CA THR A 221 -34.68 5.41 -38.58
C THR A 221 -35.58 6.10 -39.62
N ARG A 222 -36.50 5.33 -40.23
CA ARG A 222 -37.43 5.86 -41.19
C ARG A 222 -38.42 6.82 -40.54
N PHE A 223 -38.78 7.84 -41.32
CA PHE A 223 -39.70 8.87 -40.87
C PHE A 223 -41.04 8.21 -40.57
N ASN A 224 -41.99 9.00 -40.11
CA ASN A 224 -43.33 8.55 -39.77
C ASN A 224 -44.15 9.81 -39.53
N THR A 225 -45.46 9.65 -39.31
CA THR A 225 -46.29 10.82 -39.07
C THR A 225 -45.83 11.43 -37.76
N MET A 226 -45.92 12.74 -37.67
CA MET A 226 -45.43 13.50 -36.52
C MET A 226 -45.60 12.82 -35.13
N THR A 227 -46.82 12.69 -34.63
CA THR A 227 -46.97 12.12 -33.29
C THR A 227 -46.40 10.69 -33.15
N LYS A 228 -46.56 9.86 -34.17
CA LYS A 228 -46.03 8.51 -34.07
C LYS A 228 -44.48 8.55 -34.05
N LYS A 229 -43.91 9.56 -34.68
CA LYS A 229 -42.46 9.67 -34.71
C LYS A 229 -41.90 10.09 -33.37
N ALA A 230 -42.59 11.00 -32.69
CA ALA A 230 -42.16 11.44 -31.37
C ALA A 230 -42.21 10.23 -30.43
N ASP A 231 -43.21 9.37 -30.64
CA ASP A 231 -43.35 8.16 -29.85
C ASP A 231 -42.07 7.36 -30.15
N GLU A 232 -41.76 7.22 -31.44
CA GLU A 232 -40.57 6.48 -31.85
C GLU A 232 -39.29 7.03 -31.26
N ILE A 233 -39.21 8.35 -31.10
CA ILE A 233 -38.02 8.97 -30.52
C ILE A 233 -37.84 8.48 -29.10
N GLN A 234 -38.94 8.49 -28.34
CA GLN A 234 -38.93 8.03 -26.96
C GLN A 234 -38.46 6.58 -26.85
N ILE A 235 -38.94 5.73 -27.77
CA ILE A 235 -38.58 4.33 -27.81
C ILE A 235 -37.13 4.22 -28.21
N TYR A 236 -36.78 5.02 -29.16
CA TYR A 236 -35.42 5.06 -29.66
C TYR A 236 -34.46 5.33 -28.52
N LYS A 237 -34.73 6.40 -27.76
CA LYS A 237 -33.88 6.73 -26.63
C LYS A 237 -33.87 5.61 -25.62
N TYR A 238 -35.02 5.03 -25.38
CA TYR A 238 -35.13 3.95 -24.42
C TYR A 238 -34.26 2.79 -24.84
N VAL A 239 -34.32 2.43 -26.11
CA VAL A 239 -33.52 1.32 -26.57
C VAL A 239 -32.04 1.65 -26.46
N VAL A 240 -31.66 2.84 -26.90
CA VAL A 240 -30.27 3.25 -26.83
C VAL A 240 -29.76 3.21 -25.40
N HIS A 241 -30.50 3.83 -24.49
CA HIS A 241 -30.10 3.87 -23.09
C HIS A 241 -29.95 2.51 -22.48
N ASN A 242 -30.93 1.65 -22.74
CA ASN A 242 -30.90 0.32 -22.16
C ASN A 242 -29.98 -0.69 -22.81
N VAL A 243 -29.79 -0.61 -24.11
CA VAL A 243 -28.88 -1.56 -24.73
C VAL A 243 -27.48 -1.17 -24.25
N ALA A 244 -27.21 0.12 -24.17
CA ALA A 244 -25.93 0.60 -23.70
C ALA A 244 -25.67 0.06 -22.29
N HIS A 245 -26.67 0.22 -21.43
CA HIS A 245 -26.57 -0.24 -20.04
C HIS A 245 -26.27 -1.72 -20.02
N ARG A 246 -26.97 -2.50 -20.84
CA ARG A 246 -26.73 -3.94 -20.87
C ARG A 246 -25.36 -4.30 -21.39
N PHE A 247 -24.75 -3.42 -22.17
CA PHE A 247 -23.41 -3.69 -22.71
C PHE A 247 -22.31 -3.13 -21.83
N GLY A 248 -22.69 -2.58 -20.69
CA GLY A 248 -21.69 -2.01 -19.80
C GLY A 248 -21.31 -0.60 -20.18
N LYS A 249 -22.16 0.08 -20.94
CA LYS A 249 -21.87 1.45 -21.30
C LYS A 249 -22.95 2.36 -20.70
N THR A 250 -22.87 3.63 -21.05
CA THR A 250 -23.86 4.59 -20.58
C THR A 250 -24.00 5.57 -21.73
N ALA A 251 -25.23 5.77 -22.19
CA ALA A 251 -25.45 6.67 -23.32
C ALA A 251 -26.05 7.98 -22.92
N THR A 252 -25.70 9.02 -23.65
CA THR A 252 -26.30 10.32 -23.39
C THR A 252 -26.71 11.04 -24.68
N PHE A 253 -27.84 11.72 -24.62
CA PHE A 253 -28.32 12.49 -25.74
C PHE A 253 -28.05 13.96 -25.52
N MET A 254 -27.19 14.30 -24.54
CA MET A 254 -26.84 15.70 -24.29
C MET A 254 -26.30 16.24 -25.60
N PRO A 255 -26.57 17.51 -25.90
CA PRO A 255 -26.05 18.04 -27.15
C PRO A 255 -24.55 18.30 -27.26
N LYS A 256 -23.90 18.75 -26.19
CA LYS A 256 -22.46 19.02 -26.27
C LYS A 256 -21.75 18.56 -25.00
N PRO A 257 -21.41 17.27 -24.91
CA PRO A 257 -20.73 16.83 -23.69
C PRO A 257 -19.26 17.22 -23.66
N MET A 258 -18.68 17.45 -24.83
CA MET A 258 -17.27 17.81 -24.87
C MET A 258 -16.93 19.04 -25.68
N PHE A 259 -16.09 19.87 -25.09
CA PHE A 259 -15.63 21.04 -25.80
C PHE A 259 -14.51 20.56 -26.74
N GLY A 260 -14.52 20.92 -28.01
CA GLY A 260 -13.42 20.50 -28.85
C GLY A 260 -13.72 19.41 -29.84
N ASP A 261 -14.91 18.82 -29.73
CA ASP A 261 -15.30 17.80 -30.67
C ASP A 261 -16.79 17.97 -30.88
N ASN A 262 -17.28 17.28 -31.89
CA ASN A 262 -18.67 17.32 -32.29
C ASN A 262 -19.70 17.23 -31.18
N GLY A 263 -20.80 17.91 -31.38
CA GLY A 263 -21.89 17.84 -30.43
C GLY A 263 -22.85 16.84 -31.07
N SER A 264 -24.01 16.62 -30.47
CA SER A 264 -24.97 15.71 -31.05
C SER A 264 -26.16 16.53 -31.47
N GLY A 265 -26.58 16.38 -32.71
CA GLY A 265 -27.72 17.12 -33.20
C GLY A 265 -28.87 16.20 -33.53
N MET A 266 -30.02 16.77 -33.83
CA MET A 266 -31.16 15.98 -34.22
C MET A 266 -31.85 16.69 -35.37
N HIS A 267 -31.26 16.57 -36.56
CA HIS A 267 -31.81 17.18 -37.74
C HIS A 267 -33.23 16.67 -37.93
N CYS A 268 -34.10 17.54 -38.40
CA CYS A 268 -35.46 17.14 -38.65
C CYS A 268 -35.90 17.36 -40.09
N HIS A 269 -36.14 16.26 -40.77
CA HIS A 269 -36.61 16.28 -42.15
C HIS A 269 -38.12 16.35 -42.04
N MET A 270 -38.71 17.25 -42.81
CA MET A 270 -40.17 17.42 -42.80
C MET A 270 -40.74 17.60 -44.20
N SER A 271 -42.03 17.29 -44.32
CA SER A 271 -42.77 17.44 -45.57
C SER A 271 -44.23 17.25 -45.23
N LEU A 272 -45.11 17.80 -46.06
CA LEU A 272 -46.55 17.68 -45.84
C LEU A 272 -47.17 16.85 -46.95
N ALA A 273 -48.36 16.32 -46.69
CA ALA A 273 -49.03 15.52 -47.70
C ALA A 273 -50.55 15.55 -47.60
N LYS A 274 -51.18 15.31 -48.74
CA LYS A 274 -52.64 15.25 -48.85
C LYS A 274 -52.97 14.19 -49.88
N ASN A 275 -53.89 13.30 -49.50
CA ASN A 275 -54.35 12.19 -50.34
C ASN A 275 -53.18 11.56 -51.08
N GLY A 276 -52.16 11.17 -50.33
CA GLY A 276 -50.99 10.53 -50.91
C GLY A 276 -50.02 11.33 -51.77
N THR A 277 -50.27 12.60 -52.03
CA THR A 277 -49.32 13.36 -52.83
C THR A 277 -48.46 14.27 -51.94
N ASN A 278 -47.20 14.43 -52.32
CA ASN A 278 -46.27 15.24 -51.56
C ASN A 278 -46.41 16.74 -51.84
N LEU A 279 -47.12 17.44 -50.96
CA LEU A 279 -47.34 18.87 -51.10
C LEU A 279 -46.08 19.75 -51.15
N PHE A 280 -44.90 19.13 -51.01
CA PHE A 280 -43.66 19.89 -51.04
C PHE A 280 -42.90 19.85 -52.36
N SER A 281 -43.30 18.98 -53.29
CA SER A 281 -42.62 18.95 -54.60
C SER A 281 -43.23 19.99 -55.52
N GLY A 282 -42.39 20.61 -56.34
CA GLY A 282 -42.86 21.62 -57.25
C GLY A 282 -41.83 22.03 -58.29
N ASP A 283 -42.06 23.17 -58.94
CA ASP A 283 -41.18 23.67 -59.98
C ASP A 283 -40.21 24.74 -59.48
N LYS A 284 -40.44 25.22 -58.26
CA LYS A 284 -39.60 26.26 -57.64
C LYS A 284 -38.22 25.68 -57.26
N TYR A 285 -37.42 26.45 -56.54
CA TYR A 285 -36.07 26.05 -56.12
C TYR A 285 -35.87 24.60 -55.68
N ALA A 286 -34.84 23.97 -56.24
CA ALA A 286 -34.49 22.59 -55.91
C ALA A 286 -35.61 21.53 -55.92
N GLY A 287 -36.69 21.80 -56.64
CA GLY A 287 -37.78 20.84 -56.72
C GLY A 287 -38.88 21.07 -55.71
N LEU A 288 -38.89 22.24 -55.09
CA LEU A 288 -39.86 22.59 -54.07
C LEU A 288 -41.16 23.24 -54.54
N SER A 289 -42.20 23.08 -53.73
CA SER A 289 -43.50 23.69 -54.00
C SER A 289 -43.43 25.06 -53.34
N GLU A 290 -44.34 25.98 -53.68
CA GLU A 290 -44.26 27.28 -53.04
C GLU A 290 -44.73 27.15 -51.60
N GLN A 291 -45.43 26.04 -51.33
CA GLN A 291 -45.93 25.75 -49.98
C GLN A 291 -44.74 25.49 -49.06
N ALA A 292 -43.79 24.71 -49.56
CA ALA A 292 -42.57 24.37 -48.84
C ALA A 292 -41.83 25.63 -48.45
N LEU A 293 -41.73 26.56 -49.39
CA LEU A 293 -41.04 27.82 -49.16
C LEU A 293 -41.71 28.64 -48.08
N TYR A 294 -43.05 28.67 -48.05
CA TYR A 294 -43.75 29.43 -47.03
C TYR A 294 -43.48 28.77 -45.68
N TYR A 295 -43.45 27.44 -45.69
CA TYR A 295 -43.18 26.67 -44.49
C TYR A 295 -41.81 27.09 -43.98
N ILE A 296 -40.82 27.07 -44.86
CA ILE A 296 -39.47 27.46 -44.49
C ILE A 296 -39.47 28.87 -43.91
N GLY A 297 -40.23 29.75 -44.55
CA GLY A 297 -40.30 31.12 -44.10
C GLY A 297 -40.83 31.17 -42.69
N GLY A 298 -41.81 30.31 -42.40
CA GLY A 298 -42.39 30.27 -41.07
C GLY A 298 -41.35 29.84 -40.05
N VAL A 299 -40.64 28.76 -40.36
CA VAL A 299 -39.60 28.24 -39.49
C VAL A 299 -38.56 29.31 -39.22
N ILE A 300 -38.18 30.02 -40.26
CA ILE A 300 -37.19 31.08 -40.09
C ILE A 300 -37.74 32.24 -39.27
N LYS A 301 -38.99 32.59 -39.48
CA LYS A 301 -39.57 33.71 -38.74
C LYS A 301 -39.61 33.41 -37.26
N HIS A 302 -40.01 32.19 -36.91
CA HIS A 302 -40.14 31.78 -35.50
C HIS A 302 -38.99 30.91 -34.94
N ALA A 303 -37.84 30.92 -35.61
CA ALA A 303 -36.71 30.13 -35.19
C ALA A 303 -36.35 30.28 -33.71
N LYS A 304 -36.11 31.50 -33.26
CA LYS A 304 -35.76 31.70 -31.86
C LYS A 304 -36.77 31.10 -30.88
N ALA A 305 -38.05 31.12 -31.22
CA ALA A 305 -39.04 30.56 -30.31
C ALA A 305 -38.98 29.04 -30.41
N ILE A 306 -38.76 28.51 -31.60
CA ILE A 306 -38.68 27.06 -31.77
C ILE A 306 -37.50 26.54 -30.97
N ASN A 307 -36.43 27.33 -30.92
CA ASN A 307 -35.23 26.98 -30.18
C ASN A 307 -35.54 26.57 -28.76
N ALA A 308 -36.46 27.27 -28.13
CA ALA A 308 -36.85 26.99 -26.75
C ALA A 308 -37.37 25.59 -26.58
N LEU A 309 -37.71 24.94 -27.68
CA LEU A 309 -38.23 23.57 -27.62
C LEU A 309 -37.31 22.58 -28.30
N ALA A 310 -36.59 23.05 -29.31
CA ALA A 310 -35.69 22.20 -30.07
C ALA A 310 -34.27 22.18 -29.53
N ASN A 311 -33.98 23.12 -28.64
CA ASN A 311 -32.66 23.27 -28.03
C ASN A 311 -33.03 23.81 -26.65
N PRO A 312 -33.67 22.99 -25.83
CA PRO A 312 -34.13 23.34 -24.49
C PRO A 312 -33.18 23.31 -23.33
N THR A 313 -31.88 23.23 -23.61
CA THR A 313 -30.91 23.16 -22.52
C THR A 313 -29.83 24.21 -22.72
N THR A 314 -29.21 24.67 -21.65
CA THR A 314 -28.13 25.63 -21.79
C THR A 314 -27.02 24.98 -22.62
N ASN A 315 -26.86 23.67 -22.41
CA ASN A 315 -25.84 22.90 -23.09
C ASN A 315 -26.05 22.95 -24.61
N SER A 316 -27.32 23.03 -25.03
CA SER A 316 -27.67 23.08 -26.44
C SER A 316 -26.90 24.16 -27.17
N TYR A 317 -26.68 25.28 -26.46
CA TYR A 317 -26.03 26.45 -27.04
C TYR A 317 -24.52 26.30 -27.02
N LYS A 318 -24.02 25.20 -26.56
CA LYS A 318 -22.58 25.03 -26.63
C LYS A 318 -22.24 24.31 -27.92
N ARG A 319 -23.29 23.83 -28.59
CA ARG A 319 -23.21 23.17 -29.90
C ARG A 319 -23.46 24.22 -31.00
N LEU A 320 -24.40 25.11 -30.71
CA LEU A 320 -24.77 26.19 -31.62
C LEU A 320 -23.91 27.41 -31.30
N VAL A 321 -22.68 27.36 -31.77
CA VAL A 321 -21.77 28.46 -31.55
C VAL A 321 -21.10 28.76 -32.87
N PRO A 322 -20.73 30.05 -33.04
CA PRO A 322 -20.03 30.41 -34.26
C PRO A 322 -18.92 29.46 -34.59
N GLY A 323 -19.28 28.38 -35.29
CA GLY A 323 -18.33 27.39 -35.76
C GLY A 323 -18.52 27.27 -37.24
N TYR A 324 -17.76 26.41 -37.90
CA TYR A 324 -17.92 26.34 -39.37
C TYR A 324 -19.20 25.63 -39.79
N GLU A 325 -19.36 24.41 -39.29
CA GLU A 325 -20.50 23.58 -39.60
C GLU A 325 -21.70 23.83 -38.69
N ALA A 326 -21.57 24.81 -37.81
CA ALA A 326 -22.65 25.16 -36.90
C ALA A 326 -23.90 25.58 -37.69
N PRO A 327 -24.98 24.80 -37.57
CA PRO A 327 -26.26 25.01 -38.23
C PRO A 327 -26.97 26.20 -37.64
N VAL A 328 -26.27 27.33 -37.58
CA VAL A 328 -26.87 28.52 -36.97
C VAL A 328 -27.41 29.64 -37.86
N MET A 329 -27.09 29.62 -39.15
CA MET A 329 -27.55 30.66 -40.07
C MET A 329 -28.96 30.34 -40.52
N LEU A 330 -29.90 31.23 -40.21
CA LEU A 330 -31.30 31.08 -40.58
C LEU A 330 -31.52 31.27 -42.08
N ALA A 331 -31.21 30.24 -42.85
CA ALA A 331 -31.35 30.29 -44.29
C ALA A 331 -31.48 28.90 -44.87
N TYR A 332 -31.80 28.82 -46.16
CA TYR A 332 -31.92 27.52 -46.80
C TYR A 332 -30.98 27.43 -47.98
N SER A 333 -30.66 26.19 -48.36
CA SER A 333 -29.75 25.91 -49.45
C SER A 333 -29.72 24.41 -49.62
N ALA A 334 -29.30 23.96 -50.80
CA ALA A 334 -29.21 22.55 -51.10
C ALA A 334 -27.78 22.09 -50.96
N ARG A 335 -26.89 23.03 -50.70
CA ARG A 335 -25.49 22.72 -50.56
C ARG A 335 -24.84 23.32 -49.30
N ASN A 336 -24.83 24.65 -49.22
CA ASN A 336 -24.24 25.36 -48.10
C ASN A 336 -24.60 24.77 -46.73
N ARG A 337 -23.69 23.97 -46.16
CA ARG A 337 -23.96 23.37 -44.86
C ARG A 337 -23.59 24.31 -43.72
N SER A 338 -23.96 25.57 -43.91
CA SER A 338 -23.78 26.65 -42.94
C SER A 338 -25.22 26.99 -42.59
N ALA A 339 -26.08 26.72 -43.57
CA ALA A 339 -27.50 26.94 -43.50
C ALA A 339 -28.16 25.93 -42.58
N SER A 340 -28.98 26.44 -41.66
CA SER A 340 -29.69 25.58 -40.72
C SER A 340 -30.83 24.84 -41.40
N ILE A 341 -31.10 25.18 -42.65
CA ILE A 341 -32.14 24.49 -43.41
C ILE A 341 -31.54 23.97 -44.72
N ARG A 342 -31.33 22.65 -44.79
CA ARG A 342 -30.81 22.04 -46.01
C ARG A 342 -31.95 21.52 -46.84
N ILE A 343 -31.75 21.56 -48.13
CA ILE A 343 -32.73 20.99 -49.04
C ILE A 343 -32.06 19.82 -49.69
N PRO A 344 -32.48 18.62 -49.29
CA PRO A 344 -31.94 17.36 -49.81
C PRO A 344 -32.19 17.34 -51.30
N VAL A 345 -31.18 16.96 -52.07
CA VAL A 345 -31.37 16.88 -53.50
C VAL A 345 -31.65 15.42 -53.74
N VAL A 346 -32.88 15.14 -54.17
CA VAL A 346 -33.30 13.78 -54.44
C VAL A 346 -34.06 13.73 -55.77
N ALA A 347 -34.06 12.57 -56.42
CA ALA A 347 -34.71 12.41 -57.71
C ALA A 347 -36.24 12.37 -57.65
N SER A 348 -36.79 11.34 -57.01
CA SER A 348 -38.23 11.20 -56.90
C SER A 348 -38.88 12.39 -56.21
N PRO A 349 -39.82 13.06 -56.89
CA PRO A 349 -40.48 14.20 -56.27
C PRO A 349 -41.30 13.75 -55.06
N LYS A 350 -41.52 12.44 -54.96
CA LYS A 350 -42.28 11.87 -53.86
C LYS A 350 -41.51 12.02 -52.54
N ALA A 351 -40.20 12.20 -52.65
CA ALA A 351 -39.32 12.33 -51.50
C ALA A 351 -38.78 13.74 -51.24
N ARG A 352 -39.37 14.75 -51.87
CA ARG A 352 -38.94 16.14 -51.69
C ARG A 352 -39.33 16.58 -50.27
N ARG A 353 -38.42 17.26 -49.59
CA ARG A 353 -38.66 17.70 -48.20
C ARG A 353 -37.60 18.72 -47.75
N ILE A 354 -37.74 19.23 -46.52
CA ILE A 354 -36.74 20.16 -45.99
C ILE A 354 -36.08 19.56 -44.75
N GLU A 355 -34.84 19.95 -44.47
CA GLU A 355 -34.14 19.46 -43.30
C GLU A 355 -33.75 20.61 -42.38
N VAL A 356 -34.44 20.74 -41.26
CA VAL A 356 -34.11 21.78 -40.29
C VAL A 356 -33.03 21.18 -39.39
N ARG A 357 -31.84 21.72 -39.47
CA ARG A 357 -30.68 21.18 -38.79
C ARG A 357 -30.38 21.59 -37.33
N PHE A 358 -30.99 22.64 -36.78
CA PHE A 358 -30.54 23.08 -35.44
C PHE A 358 -31.06 22.31 -34.21
N PRO A 359 -32.17 21.64 -34.33
CA PRO A 359 -32.63 20.80 -33.18
C PRO A 359 -31.59 19.89 -32.55
N ASP A 360 -31.68 19.56 -31.28
CA ASP A 360 -30.76 18.59 -30.70
C ASP A 360 -31.59 17.51 -30.00
N PRO A 361 -31.01 16.37 -29.69
CA PRO A 361 -31.75 15.29 -29.04
C PRO A 361 -32.32 15.54 -27.67
N ALA A 362 -31.97 16.67 -27.05
CA ALA A 362 -32.50 16.96 -25.72
C ALA A 362 -33.94 17.45 -25.83
N ALA A 363 -34.31 17.83 -27.04
CA ALA A 363 -35.63 18.36 -27.27
C ALA A 363 -36.76 17.38 -27.00
N ASN A 364 -37.84 17.88 -26.41
CA ASN A 364 -39.05 17.10 -26.20
C ASN A 364 -39.57 16.75 -27.60
N PRO A 365 -39.76 15.45 -27.94
CA PRO A 365 -40.21 15.15 -29.31
C PRO A 365 -41.41 15.95 -29.75
N TYR A 366 -42.38 15.69 -28.94
CA TYR A 366 -43.69 16.26 -29.10
C TYR A 366 -43.68 17.76 -29.28
N LEU A 367 -43.19 18.46 -28.27
CA LEU A 367 -43.20 19.90 -28.34
C LEU A 367 -42.31 20.46 -29.44
N CYS A 368 -41.20 19.80 -29.70
CA CYS A 368 -40.28 20.28 -30.72
C CYS A 368 -40.92 20.14 -32.09
N PHE A 369 -41.42 18.95 -32.37
CA PHE A 369 -42.06 18.71 -33.65
C PHE A 369 -43.25 19.64 -33.85
N ALA A 370 -44.09 19.73 -32.83
CA ALA A 370 -45.27 20.60 -32.89
C ALA A 370 -44.90 22.04 -33.22
N ALA A 371 -43.93 22.60 -32.49
CA ALA A 371 -43.51 23.98 -32.73
C ALA A 371 -42.98 24.16 -34.15
N LEU A 372 -42.33 23.12 -34.68
CA LEU A 372 -41.80 23.20 -36.03
C LEU A 372 -42.97 23.30 -37.01
N LEU A 373 -44.01 22.50 -36.79
CA LEU A 373 -45.21 22.48 -37.63
C LEU A 373 -45.93 23.81 -37.61
N MET A 374 -46.35 24.22 -36.43
CA MET A 374 -47.05 25.47 -36.24
C MET A 374 -46.34 26.65 -36.88
N ALA A 375 -45.02 26.67 -36.80
CA ALA A 375 -44.25 27.75 -37.42
C ALA A 375 -44.38 27.63 -38.93
N GLY A 376 -44.37 26.40 -39.43
CA GLY A 376 -44.48 26.15 -40.84
C GLY A 376 -45.83 26.59 -41.37
N LEU A 377 -46.89 26.21 -40.67
CA LEU A 377 -48.25 26.55 -41.04
C LEU A 377 -48.46 28.05 -41.04
N ASP A 378 -47.95 28.72 -40.02
CA ASP A 378 -48.09 30.16 -39.95
C ASP A 378 -47.31 30.78 -41.10
N GLY A 379 -46.35 30.05 -41.63
CA GLY A 379 -45.56 30.57 -42.74
C GLY A 379 -46.38 30.48 -44.00
N ILE A 380 -47.22 29.46 -44.04
CA ILE A 380 -48.12 29.22 -45.17
C ILE A 380 -49.31 30.17 -45.12
N LYS A 381 -50.11 30.06 -44.06
CA LYS A 381 -51.28 30.90 -43.88
C LYS A 381 -50.97 32.34 -44.22
N ASN A 382 -49.77 32.79 -43.83
CA ASN A 382 -49.38 34.18 -44.09
C ASN A 382 -48.38 34.36 -45.24
N LYS A 383 -48.31 33.37 -46.12
CA LYS A 383 -47.43 33.40 -47.30
C LYS A 383 -46.10 34.12 -47.06
N ILE A 384 -45.43 33.70 -45.99
CA ILE A 384 -44.16 34.31 -45.61
C ILE A 384 -43.05 33.84 -46.53
N HIS A 385 -42.61 34.73 -47.41
CA HIS A 385 -41.56 34.35 -48.31
C HIS A 385 -40.21 34.39 -47.61
N PRO A 386 -39.54 33.26 -47.85
CA PRO A 386 -38.13 32.89 -47.49
C PRO A 386 -36.99 33.82 -47.88
N GLY A 387 -37.19 34.49 -48.99
CA GLY A 387 -36.19 35.33 -49.54
C GLY A 387 -35.41 34.37 -50.42
N GLU A 388 -34.19 34.76 -50.80
CA GLU A 388 -33.36 33.92 -51.65
C GLU A 388 -32.43 33.00 -50.83
N PRO A 389 -32.08 31.83 -51.40
CA PRO A 389 -31.22 30.82 -50.75
C PRO A 389 -29.79 31.31 -50.59
N MET A 390 -29.16 30.96 -49.47
CA MET A 390 -27.76 31.32 -49.22
C MET A 390 -26.90 30.19 -49.76
N ASP A 391 -26.05 30.51 -50.74
CA ASP A 391 -25.17 29.50 -51.31
C ASP A 391 -23.71 29.93 -51.19
N LYS A 392 -23.48 31.05 -50.48
CA LYS A 392 -22.14 31.61 -50.28
C LYS A 392 -21.30 30.84 -49.24
N ASN A 393 -21.32 31.30 -47.99
CA ASN A 393 -20.56 30.65 -46.92
C ASN A 393 -21.17 30.92 -45.52
N LEU A 394 -20.52 30.37 -44.47
CA LEU A 394 -21.08 30.31 -43.12
C LEU A 394 -20.87 31.62 -42.34
N TYR A 395 -20.43 31.41 -41.13
CA TYR A 395 -20.24 32.56 -40.24
C TYR A 395 -18.87 33.15 -40.31
N ASP A 396 -17.92 32.49 -40.86
CA ASP A 396 -16.64 33.19 -40.77
C ASP A 396 -16.34 33.55 -42.20
N LEU A 397 -15.95 34.77 -42.47
CA LEU A 397 -15.74 34.96 -43.85
C LEU A 397 -16.71 34.11 -44.58
N PRO A 398 -17.91 34.54 -44.77
CA PRO A 398 -18.40 35.88 -44.87
C PRO A 398 -17.66 36.97 -44.05
N PRO A 399 -18.11 37.38 -42.79
CA PRO A 399 -17.73 38.49 -41.96
C PRO A 399 -17.51 39.82 -42.74
N GLU A 400 -18.09 39.95 -43.92
CA GLU A 400 -18.01 41.09 -44.86
C GLU A 400 -18.87 42.26 -44.36
N GLU A 401 -20.19 42.03 -44.41
CA GLU A 401 -21.19 43.00 -43.95
C GLU A 401 -21.47 42.71 -42.45
N ALA A 402 -20.44 42.20 -41.76
CA ALA A 402 -20.48 41.79 -40.35
C ALA A 402 -21.40 40.55 -40.30
N LYS A 403 -21.84 40.17 -41.51
CA LYS A 403 -22.74 39.05 -41.81
C LYS A 403 -23.90 38.83 -40.85
N GLU A 404 -24.53 39.92 -40.43
CA GLU A 404 -25.66 39.83 -39.52
C GLU A 404 -26.96 39.52 -40.26
N ILE A 405 -27.07 38.26 -40.69
CA ILE A 405 -28.27 37.77 -41.35
C ILE A 405 -29.01 37.03 -40.22
N PRO A 406 -30.17 36.46 -40.47
CA PRO A 406 -30.84 35.71 -39.41
C PRO A 406 -30.08 34.74 -38.53
N GLN A 407 -30.21 34.74 -37.25
CA GLN A 407 -29.60 33.56 -36.63
C GLN A 407 -30.43 32.97 -35.49
N VAL A 408 -30.18 31.70 -35.18
CA VAL A 408 -30.87 31.01 -34.09
C VAL A 408 -30.47 31.68 -32.78
N ALA A 409 -31.25 31.43 -31.73
CA ALA A 409 -30.98 32.02 -30.43
C ALA A 409 -29.55 31.67 -29.98
N GLY A 410 -28.91 32.57 -29.25
CA GLY A 410 -27.54 32.30 -28.81
C GLY A 410 -27.41 31.81 -27.38
N SER A 411 -28.53 31.70 -26.70
CA SER A 411 -28.56 31.25 -25.31
C SER A 411 -29.95 30.76 -25.01
N LEU A 412 -30.09 29.94 -23.99
CA LEU A 412 -31.40 29.43 -23.64
C LEU A 412 -32.38 30.54 -23.24
N GLU A 413 -31.90 31.48 -22.44
CA GLU A 413 -32.73 32.57 -21.96
C GLU A 413 -33.33 33.35 -23.10
N GLU A 414 -32.49 33.63 -24.09
CA GLU A 414 -32.89 34.36 -25.27
C GLU A 414 -33.99 33.59 -25.98
N ALA A 415 -33.82 32.28 -26.07
CA ALA A 415 -34.81 31.43 -26.73
C ALA A 415 -36.11 31.40 -25.93
N LEU A 416 -35.99 31.35 -24.62
CA LEU A 416 -37.17 31.32 -23.78
C LEU A 416 -37.90 32.62 -23.94
N ASN A 417 -37.15 33.72 -23.96
CA ASN A 417 -37.78 35.02 -24.11
C ASN A 417 -38.50 35.14 -25.46
N ALA A 418 -37.89 34.61 -26.51
CA ALA A 418 -38.50 34.63 -27.83
C ALA A 418 -39.81 33.87 -27.77
N LEU A 419 -39.77 32.70 -27.15
CA LEU A 419 -40.96 31.88 -27.03
C LEU A 419 -42.03 32.68 -26.31
N ASP A 420 -41.63 33.45 -25.30
CA ASP A 420 -42.57 34.24 -24.52
C ASP A 420 -43.33 35.20 -25.42
N LEU A 421 -42.56 36.06 -26.08
CA LEU A 421 -43.10 37.08 -26.97
C LEU A 421 -43.76 36.57 -28.22
N ASP A 422 -43.09 35.65 -28.91
CA ASP A 422 -43.58 35.11 -30.16
C ASP A 422 -44.44 33.85 -30.04
N ARG A 423 -45.33 33.86 -29.06
CA ARG A 423 -46.20 32.70 -28.83
C ARG A 423 -47.47 32.55 -29.64
N GLU A 424 -47.90 33.60 -30.32
CA GLU A 424 -49.15 33.50 -31.07
C GLU A 424 -49.25 32.32 -32.02
N PHE A 425 -48.24 32.14 -32.87
CA PHE A 425 -48.28 31.05 -33.84
C PHE A 425 -48.46 29.67 -33.21
N LEU A 426 -48.15 29.55 -31.93
CA LEU A 426 -48.29 28.29 -31.21
C LEU A 426 -49.68 28.13 -30.61
N LYS A 427 -50.29 29.24 -30.21
CA LYS A 427 -51.63 29.24 -29.62
C LYS A 427 -52.72 29.02 -30.68
N ALA A 428 -52.35 29.20 -31.94
CA ALA A 428 -53.25 29.01 -33.06
C ALA A 428 -53.92 27.65 -32.93
N GLY A 429 -55.21 27.61 -33.23
CA GLY A 429 -55.94 26.36 -33.14
C GLY A 429 -56.08 25.84 -31.72
N GLY A 430 -55.67 26.64 -30.73
CA GLY A 430 -55.77 26.22 -29.34
C GLY A 430 -54.85 25.05 -28.98
N VAL A 431 -53.81 24.84 -29.79
CA VAL A 431 -52.82 23.79 -29.60
C VAL A 431 -52.03 24.01 -28.33
N PHE A 432 -51.38 25.17 -28.22
CA PHE A 432 -50.62 25.54 -27.03
C PHE A 432 -51.39 26.61 -26.24
N THR A 433 -51.55 26.42 -24.95
CA THR A 433 -52.21 27.42 -24.13
C THR A 433 -51.12 28.29 -23.50
N ASP A 434 -51.50 29.49 -23.05
CA ASP A 434 -50.54 30.38 -22.41
C ASP A 434 -49.98 29.70 -21.17
N GLU A 435 -50.87 29.07 -20.41
CA GLU A 435 -50.47 28.39 -19.18
C GLU A 435 -49.40 27.35 -19.42
N ALA A 436 -49.59 26.55 -20.47
CA ALA A 436 -48.63 25.52 -20.83
C ALA A 436 -47.29 26.17 -21.12
N ILE A 437 -47.32 27.14 -22.03
CA ILE A 437 -46.11 27.85 -22.41
C ILE A 437 -45.40 28.50 -21.22
N ASP A 438 -46.15 29.18 -20.37
CA ASP A 438 -45.56 29.84 -19.22
C ASP A 438 -44.95 28.85 -18.23
N ALA A 439 -45.55 27.67 -18.12
CA ALA A 439 -45.10 26.64 -17.22
C ALA A 439 -43.80 26.05 -17.73
N TYR A 440 -43.75 25.81 -19.04
CA TYR A 440 -42.57 25.26 -19.68
C TYR A 440 -41.42 26.22 -19.47
N ILE A 441 -41.67 27.49 -19.74
CA ILE A 441 -40.65 28.52 -19.58
C ILE A 441 -40.14 28.56 -18.16
N ALA A 442 -41.04 28.39 -17.20
CA ALA A 442 -40.64 28.46 -15.80
C ALA A 442 -39.75 27.27 -15.43
N LEU A 443 -40.04 26.11 -15.99
CA LEU A 443 -39.25 24.92 -15.72
C LEU A 443 -37.83 25.11 -16.21
N ARG A 444 -37.72 25.64 -17.42
CA ARG A 444 -36.41 25.85 -18.01
C ARG A 444 -35.64 27.00 -17.40
N ARG A 445 -36.33 27.99 -16.87
CA ARG A 445 -35.60 29.13 -16.30
C ARG A 445 -34.88 28.76 -15.03
N GLU A 446 -35.44 27.77 -14.36
CA GLU A 446 -34.94 27.24 -13.11
C GLU A 446 -33.64 26.50 -13.47
N GLU A 447 -33.66 25.80 -14.61
CA GLU A 447 -32.47 25.09 -15.09
C GLU A 447 -31.44 26.11 -15.52
N ASP A 448 -31.87 27.09 -16.30
CA ASP A 448 -30.96 28.13 -16.78
C ASP A 448 -30.25 28.80 -15.60
N ASP A 449 -30.98 28.95 -14.49
CA ASP A 449 -30.42 29.61 -13.31
C ASP A 449 -29.29 28.86 -12.65
N ARG A 450 -29.40 27.55 -12.60
CA ARG A 450 -28.38 26.73 -11.99
C ARG A 450 -27.07 26.98 -12.70
N VAL A 451 -27.12 26.96 -14.03
CA VAL A 451 -25.93 27.17 -14.80
C VAL A 451 -25.43 28.60 -14.71
N ARG A 452 -26.32 29.58 -14.70
CA ARG A 452 -25.89 30.97 -14.63
C ARG A 452 -25.30 31.33 -13.29
N MET A 453 -25.81 30.72 -12.24
CA MET A 453 -25.37 31.03 -10.89
C MET A 453 -24.20 30.25 -10.33
N THR A 454 -23.89 29.07 -10.89
CA THR A 454 -22.80 28.25 -10.38
C THR A 454 -21.47 28.55 -11.04
N PRO A 455 -20.45 28.89 -10.24
CA PRO A 455 -19.13 29.19 -10.83
C PRO A 455 -18.70 28.08 -11.76
N HIS A 456 -18.11 28.47 -12.89
CA HIS A 456 -17.65 27.54 -13.89
C HIS A 456 -16.14 27.31 -13.75
N PRO A 457 -15.70 26.05 -13.85
CA PRO A 457 -14.27 25.74 -13.73
C PRO A 457 -13.39 26.67 -14.53
N VAL A 458 -13.81 27.00 -15.74
CA VAL A 458 -13.04 27.88 -16.63
C VAL A 458 -12.88 29.29 -16.06
N GLU A 459 -13.82 29.69 -15.22
CA GLU A 459 -13.76 31.01 -14.63
C GLU A 459 -12.56 31.13 -13.72
N PHE A 460 -12.14 29.98 -13.16
CA PHE A 460 -10.96 29.97 -12.27
C PHE A 460 -9.69 30.13 -13.09
N GLU A 461 -9.65 29.43 -14.21
CA GLU A 461 -8.53 29.51 -15.11
C GLU A 461 -8.36 30.94 -15.56
N LEU A 462 -9.48 31.55 -15.95
CA LEU A 462 -9.54 32.92 -16.46
C LEU A 462 -9.40 34.00 -15.39
N TYR A 463 -10.01 33.83 -14.21
CA TYR A 463 -9.98 34.93 -13.25
C TYR A 463 -9.44 34.63 -11.84
N TYR A 464 -8.94 33.46 -11.51
CA TYR A 464 -8.50 33.25 -10.13
C TYR A 464 -7.39 34.26 -9.69
N SER A 465 -6.48 34.54 -10.62
CA SER A 465 -5.34 35.44 -10.35
C SER A 465 -5.61 36.91 -10.66
N VAL A 466 -6.88 37.24 -10.78
CA VAL A 466 -7.30 38.58 -11.08
C VAL A 466 -6.86 39.57 -10.01
N GLU B 1 -27.93 -10.49 -58.32
CA GLU B 1 -28.80 -11.62 -57.95
C GLU B 1 -28.10 -12.58 -57.02
N HIS B 2 -26.80 -12.73 -57.25
CA HIS B 2 -25.95 -13.58 -56.45
C HIS B 2 -25.96 -13.02 -55.03
N VAL B 3 -25.97 -11.69 -54.97
CA VAL B 3 -25.99 -11.00 -53.69
C VAL B 3 -27.30 -11.28 -52.97
N LEU B 4 -28.42 -11.13 -53.68
CA LEU B 4 -29.72 -11.37 -53.06
C LEU B 4 -29.89 -12.82 -52.56
N THR B 5 -29.12 -13.74 -53.13
CA THR B 5 -29.21 -15.14 -52.68
C THR B 5 -28.28 -15.36 -51.49
N MET B 6 -27.17 -14.62 -51.45
CA MET B 6 -26.23 -14.71 -50.33
C MET B 6 -26.91 -14.17 -49.08
N LEU B 7 -27.83 -13.22 -49.28
CA LEU B 7 -28.59 -12.65 -48.18
C LEU B 7 -29.48 -13.68 -47.51
N ASN B 8 -30.06 -14.57 -48.31
CA ASN B 8 -30.93 -15.61 -47.78
C ASN B 8 -30.19 -16.83 -47.28
N GLU B 9 -29.12 -17.17 -47.99
CA GLU B 9 -28.29 -18.32 -47.70
C GLU B 9 -27.59 -18.20 -46.35
N HIS B 10 -27.18 -16.98 -46.02
CA HIS B 10 -26.50 -16.72 -44.76
C HIS B 10 -27.39 -15.99 -43.74
N GLU B 11 -28.67 -15.83 -44.07
CA GLU B 11 -29.65 -15.17 -43.18
C GLU B 11 -29.06 -13.85 -42.68
N VAL B 12 -28.59 -13.05 -43.61
CA VAL B 12 -27.97 -11.78 -43.33
C VAL B 12 -28.94 -10.76 -42.74
N LYS B 13 -28.51 -10.10 -41.69
CA LYS B 13 -29.31 -9.08 -41.03
C LYS B 13 -28.83 -7.69 -41.42
N PHE B 14 -27.54 -7.57 -41.78
CA PHE B 14 -26.99 -6.27 -42.18
C PHE B 14 -26.04 -6.33 -43.34
N VAL B 15 -25.89 -5.17 -43.97
CA VAL B 15 -24.98 -5.02 -45.09
C VAL B 15 -24.05 -3.89 -44.71
N ASP B 16 -22.76 -4.20 -44.69
CA ASP B 16 -21.75 -3.24 -44.32
C ASP B 16 -21.09 -2.71 -45.58
N LEU B 17 -21.40 -1.46 -45.89
CA LEU B 17 -20.89 -0.76 -47.06
C LEU B 17 -19.51 -0.22 -46.79
N ARG B 18 -18.52 -0.65 -47.56
CA ARG B 18 -17.17 -0.18 -47.35
C ARG B 18 -16.50 0.58 -48.48
N PHE B 19 -15.62 1.48 -48.06
CA PHE B 19 -14.85 2.26 -48.99
C PHE B 19 -13.58 2.78 -48.34
N THR B 20 -12.69 3.36 -49.13
CA THR B 20 -11.40 3.86 -48.63
C THR B 20 -11.25 5.35 -48.82
N ASP B 21 -10.61 6.01 -47.86
CA ASP B 21 -10.41 7.44 -47.99
C ASP B 21 -9.09 7.71 -48.64
N THR B 22 -8.77 8.98 -48.82
CA THR B 22 -7.53 9.33 -49.47
C THR B 22 -6.30 8.77 -48.77
N LYS B 23 -6.29 8.78 -47.44
CA LYS B 23 -5.13 8.27 -46.71
C LYS B 23 -4.94 6.77 -46.85
N GLY B 24 -6.03 6.08 -47.20
CA GLY B 24 -5.94 4.64 -47.42
C GLY B 24 -6.68 3.80 -46.41
N LYS B 25 -7.41 4.49 -45.54
CA LYS B 25 -8.13 3.82 -44.47
C LYS B 25 -9.52 3.41 -44.86
N GLU B 26 -9.81 2.13 -44.68
CA GLU B 26 -11.13 1.59 -45.01
C GLU B 26 -12.16 2.21 -44.08
N GLN B 27 -13.31 2.59 -44.65
CA GLN B 27 -14.40 3.22 -43.92
C GLN B 27 -15.64 2.40 -44.14
N HIS B 28 -16.66 2.61 -43.31
CA HIS B 28 -17.88 1.83 -43.46
C HIS B 28 -19.11 2.47 -42.84
N VAL B 29 -20.25 2.00 -43.32
CA VAL B 29 -21.55 2.42 -42.84
C VAL B 29 -22.43 1.17 -43.05
N THR B 30 -23.39 0.97 -42.17
CA THR B 30 -24.21 -0.22 -42.21
C THR B 30 -25.68 0.05 -42.42
N ILE B 31 -26.34 -0.83 -43.18
CA ILE B 31 -27.78 -0.71 -43.41
C ILE B 31 -28.36 -2.11 -43.23
N PRO B 32 -29.60 -2.18 -42.75
CA PRO B 32 -30.28 -3.47 -42.54
C PRO B 32 -30.38 -4.15 -43.88
N ALA B 33 -30.35 -5.48 -43.89
CA ALA B 33 -30.45 -6.20 -45.15
C ALA B 33 -31.72 -5.82 -45.93
N HIS B 34 -32.80 -5.56 -45.21
CA HIS B 34 -34.07 -5.20 -45.83
C HIS B 34 -34.07 -3.88 -46.60
N GLN B 35 -32.95 -3.17 -46.56
CA GLN B 35 -32.82 -1.90 -47.29
C GLN B 35 -32.18 -2.14 -48.65
N VAL B 36 -31.82 -3.39 -48.91
CA VAL B 36 -31.21 -3.80 -50.17
C VAL B 36 -32.28 -4.22 -51.16
N ASN B 37 -32.44 -3.41 -52.19
CA ASN B 37 -33.44 -3.64 -53.23
C ASN B 37 -32.81 -3.43 -54.59
N ALA B 38 -33.64 -3.46 -55.63
CA ALA B 38 -33.17 -3.26 -56.99
C ALA B 38 -32.53 -1.88 -57.15
N GLU B 39 -33.19 -0.87 -56.63
CA GLU B 39 -32.71 0.51 -56.70
C GLU B 39 -31.27 0.64 -56.22
N PHE B 40 -31.05 0.13 -55.01
CA PHE B 40 -29.76 0.09 -54.35
C PHE B 40 -28.58 -0.14 -55.31
N PHE B 41 -28.68 -1.16 -56.15
CA PHE B 41 -27.62 -1.45 -57.11
C PHE B 41 -27.46 -0.52 -58.29
N GLU B 42 -28.56 0.05 -58.76
CA GLU B 42 -28.48 0.92 -59.91
C GLU B 42 -28.20 2.36 -59.55
N GLU B 43 -28.72 2.81 -58.41
CA GLU B 43 -28.48 4.18 -58.00
C GLU B 43 -27.72 4.41 -56.69
N GLY B 44 -27.34 3.33 -56.03
CA GLY B 44 -26.61 3.42 -54.77
C GLY B 44 -27.34 4.14 -53.65
N LYS B 45 -26.58 4.59 -52.65
CA LYS B 45 -27.12 5.32 -51.50
C LYS B 45 -26.37 6.64 -51.35
N MET B 46 -27.07 7.64 -50.84
CA MET B 46 -26.50 8.98 -50.64
C MET B 46 -25.81 9.15 -49.30
N PHE B 47 -24.73 9.93 -49.30
CA PHE B 47 -24.02 10.23 -48.07
C PHE B 47 -23.28 11.55 -48.17
N ASP B 48 -22.95 12.08 -47.01
CA ASP B 48 -22.25 13.36 -46.89
C ASP B 48 -20.78 13.27 -47.25
N GLY B 49 -20.40 13.97 -48.31
CA GLY B 49 -19.01 13.97 -48.74
C GLY B 49 -18.12 14.75 -47.79
N SER B 50 -18.54 15.94 -47.40
CA SER B 50 -17.77 16.83 -46.52
C SER B 50 -17.18 16.23 -45.23
N SER B 51 -17.63 15.05 -44.86
CA SER B 51 -17.18 14.36 -43.65
C SER B 51 -15.81 13.66 -43.71
N ILE B 52 -15.43 13.23 -44.91
CA ILE B 52 -14.15 12.57 -45.15
C ILE B 52 -13.06 13.60 -45.42
N GLY B 53 -11.88 13.38 -44.85
CA GLY B 53 -10.79 14.33 -45.06
C GLY B 53 -10.34 14.46 -46.49
N GLY B 54 -10.18 15.70 -46.95
CA GLY B 54 -9.71 15.94 -48.30
C GLY B 54 -10.74 15.71 -49.40
N TRP B 55 -12.02 15.68 -49.04
CA TRP B 55 -13.01 15.45 -50.07
C TRP B 55 -13.77 16.74 -50.39
N LYS B 56 -15.09 16.66 -50.58
CA LYS B 56 -15.89 17.86 -50.92
C LYS B 56 -15.82 18.92 -49.80
N GLY B 57 -15.85 20.18 -50.18
CA GLY B 57 -15.78 21.24 -49.20
C GLY B 57 -17.15 21.75 -48.75
N ILE B 58 -17.18 23.06 -48.50
CA ILE B 58 -18.34 23.80 -48.02
C ILE B 58 -19.63 23.69 -48.83
N ASN B 59 -19.55 23.58 -50.14
CA ASN B 59 -20.78 23.70 -50.90
C ASN B 59 -21.40 22.48 -51.50
N GLU B 60 -20.57 21.55 -51.93
CA GLU B 60 -20.99 20.34 -52.64
C GLU B 60 -20.93 19.05 -51.85
N SER B 61 -21.44 19.04 -50.66
CA SER B 61 -21.33 17.86 -49.81
C SER B 61 -21.82 16.52 -50.34
N ASP B 62 -23.04 16.47 -50.83
CA ASP B 62 -23.58 15.16 -51.18
C ASP B 62 -23.05 14.42 -52.41
N MET B 63 -22.82 13.12 -52.14
CA MET B 63 -22.25 12.17 -53.08
C MET B 63 -22.88 10.77 -53.00
N VAL B 64 -22.51 9.92 -53.95
CA VAL B 64 -23.07 8.57 -54.04
C VAL B 64 -22.16 7.37 -53.72
N LEU B 65 -22.71 6.44 -52.96
CA LEU B 65 -22.03 5.19 -52.59
C LEU B 65 -22.57 4.14 -53.54
N MET B 66 -21.74 3.68 -54.47
CA MET B 66 -22.21 2.70 -55.43
C MET B 66 -21.73 1.30 -55.12
N PRO B 67 -22.62 0.44 -54.63
CA PRO B 67 -22.22 -0.93 -54.31
C PRO B 67 -21.71 -1.68 -55.51
N ASP B 68 -20.59 -2.37 -55.32
CA ASP B 68 -19.99 -3.18 -56.36
C ASP B 68 -20.31 -4.62 -55.96
N ALA B 69 -21.36 -5.16 -56.57
CA ALA B 69 -21.84 -6.50 -56.27
C ALA B 69 -20.83 -7.63 -56.40
N SER B 70 -19.72 -7.38 -57.08
CA SER B 70 -18.72 -8.44 -57.22
C SER B 70 -17.92 -8.67 -55.93
N THR B 71 -17.92 -7.66 -55.06
CA THR B 71 -17.17 -7.69 -53.81
C THR B 71 -17.85 -8.30 -52.59
N ALA B 72 -19.09 -8.73 -52.73
CA ALA B 72 -19.81 -9.29 -51.60
C ALA B 72 -19.12 -10.43 -50.85
N VAL B 73 -18.93 -10.22 -49.55
CA VAL B 73 -18.30 -11.21 -48.69
C VAL B 73 -18.79 -11.01 -47.26
N ILE B 74 -19.01 -12.13 -46.58
CA ILE B 74 -19.47 -12.15 -45.21
C ILE B 74 -18.41 -11.67 -44.21
N ASP B 75 -18.81 -10.90 -43.21
CA ASP B 75 -17.87 -10.44 -42.21
C ASP B 75 -17.76 -11.56 -41.20
N PRO B 76 -16.54 -12.03 -40.93
CA PRO B 76 -16.29 -13.12 -39.99
C PRO B 76 -16.18 -12.77 -38.54
N PHE B 77 -16.29 -11.49 -38.22
CA PHE B 77 -16.17 -11.03 -36.83
C PHE B 77 -17.44 -10.51 -36.20
N PHE B 78 -18.23 -9.75 -36.95
CA PHE B 78 -19.48 -9.18 -36.41
C PHE B 78 -20.37 -10.26 -35.82
N ALA B 79 -21.08 -9.92 -34.74
CA ALA B 79 -21.94 -10.85 -34.02
C ALA B 79 -23.20 -11.30 -34.75
N ASP B 80 -23.78 -10.38 -35.51
CA ASP B 80 -24.99 -10.60 -36.29
C ASP B 80 -24.53 -10.78 -37.72
N SER B 81 -25.13 -11.73 -38.44
CA SER B 81 -24.75 -12.00 -39.83
C SER B 81 -24.75 -10.75 -40.70
N THR B 82 -23.59 -10.39 -41.22
CA THR B 82 -23.55 -9.21 -42.07
C THR B 82 -22.67 -9.36 -43.27
N LEU B 83 -23.16 -8.80 -44.37
CA LEU B 83 -22.49 -8.90 -45.63
C LEU B 83 -21.80 -7.62 -45.99
N ILE B 84 -20.53 -7.76 -46.35
CA ILE B 84 -19.73 -6.61 -46.72
C ILE B 84 -19.81 -6.41 -48.22
N ILE B 85 -20.01 -5.17 -48.64
CA ILE B 85 -20.05 -4.83 -50.05
C ILE B 85 -19.24 -3.56 -50.22
N ARG B 86 -18.15 -3.68 -50.97
CA ARG B 86 -17.26 -2.57 -51.26
C ARG B 86 -18.02 -1.65 -52.20
N CYS B 87 -17.78 -0.36 -52.12
CA CYS B 87 -18.50 0.61 -52.95
C CYS B 87 -17.57 1.57 -53.60
N ASP B 88 -17.98 2.20 -54.71
CA ASP B 88 -17.14 3.23 -55.34
C ASP B 88 -17.88 4.51 -54.98
N ILE B 89 -17.19 5.63 -55.07
CA ILE B 89 -17.80 6.91 -54.76
C ILE B 89 -18.03 7.62 -56.08
N LEU B 90 -19.29 7.85 -56.40
CA LEU B 90 -19.65 8.49 -57.65
C LEU B 90 -20.20 9.88 -57.44
N GLU B 91 -20.02 10.72 -58.45
CA GLU B 91 -20.52 12.09 -58.45
C GLU B 91 -22.05 11.92 -58.67
N PRO B 92 -22.89 12.65 -57.93
CA PRO B 92 -24.35 12.51 -58.11
C PRO B 92 -24.86 12.95 -59.49
N GLY B 93 -25.88 12.25 -59.97
CA GLY B 93 -26.45 12.57 -61.26
C GLY B 93 -25.59 12.00 -62.38
N THR B 94 -24.39 12.56 -62.53
CA THR B 94 -23.45 12.08 -63.55
C THR B 94 -23.08 10.62 -63.28
N LEU B 95 -23.06 10.25 -62.00
CA LEU B 95 -22.70 8.90 -61.57
C LEU B 95 -21.37 8.50 -62.20
N GLN B 96 -20.47 9.47 -62.25
CA GLN B 96 -19.20 9.25 -62.93
C GLN B 96 -18.11 8.50 -62.17
N GLY B 97 -17.76 8.98 -61.02
CA GLY B 97 -16.66 8.42 -60.30
C GLY B 97 -15.85 9.59 -59.87
N TYR B 98 -15.96 9.87 -58.58
CA TYR B 98 -15.32 10.99 -57.94
C TYR B 98 -13.81 11.05 -58.21
N ASP B 99 -13.35 12.24 -58.57
CA ASP B 99 -11.94 12.47 -58.88
C ASP B 99 -11.04 12.07 -57.75
N ARG B 100 -11.52 12.29 -56.53
CA ARG B 100 -10.75 11.98 -55.34
C ARG B 100 -10.98 10.59 -54.74
N ASP B 101 -11.85 9.78 -55.36
CA ASP B 101 -12.09 8.42 -54.88
C ASP B 101 -10.95 7.52 -55.37
N PRO B 102 -10.12 7.03 -54.43
CA PRO B 102 -8.97 6.18 -54.73
C PRO B 102 -9.32 4.91 -55.47
N ARG B 103 -10.52 4.39 -55.29
CA ARG B 103 -10.83 3.17 -56.01
C ARG B 103 -11.17 3.51 -57.43
N SER B 104 -11.85 4.64 -57.64
CA SER B 104 -12.20 5.08 -58.98
C SER B 104 -10.93 5.37 -59.75
N ILE B 105 -9.98 6.00 -59.07
CA ILE B 105 -8.69 6.35 -59.64
C ILE B 105 -7.93 5.11 -60.09
N ALA B 106 -7.99 4.06 -59.28
CA ALA B 106 -7.30 2.84 -59.60
C ALA B 106 -7.98 2.17 -60.79
N LYS B 107 -9.30 2.26 -60.84
CA LYS B 107 -10.03 1.65 -61.95
C LYS B 107 -9.68 2.41 -63.23
N ARG B 108 -9.66 3.73 -63.16
CA ARG B 108 -9.32 4.57 -64.30
C ARG B 108 -7.96 4.19 -64.86
N ALA B 109 -7.04 3.87 -63.98
CA ALA B 109 -5.70 3.50 -64.37
C ALA B 109 -5.68 2.16 -65.07
N GLU B 110 -6.56 1.24 -64.68
CA GLU B 110 -6.59 -0.06 -65.33
C GLU B 110 -7.20 0.12 -66.71
N ASP B 111 -8.13 1.06 -66.81
CA ASP B 111 -8.79 1.37 -68.08
C ASP B 111 -7.74 1.91 -69.05
N TYR B 112 -7.06 2.98 -68.64
CA TYR B 112 -6.03 3.61 -69.45
C TYR B 112 -4.97 2.62 -69.94
N LEU B 113 -4.74 1.55 -69.19
CA LEU B 113 -3.77 0.53 -69.57
C LEU B 113 -4.30 -0.14 -70.83
N ARG B 114 -5.54 -0.63 -70.75
CA ARG B 114 -6.18 -1.29 -71.87
C ARG B 114 -6.28 -0.34 -73.08
N ALA B 115 -6.61 0.93 -72.81
CA ALA B 115 -6.73 1.94 -73.86
C ALA B 115 -5.45 2.13 -74.67
N THR B 116 -4.32 2.32 -74.00
CA THR B 116 -3.04 2.49 -74.71
C THR B 116 -2.73 1.24 -75.49
N GLY B 117 -3.44 0.17 -75.16
CA GLY B 117 -3.23 -1.11 -75.82
C GLY B 117 -1.90 -1.76 -75.44
N ILE B 118 -1.17 -1.16 -74.50
CA ILE B 118 0.11 -1.72 -74.08
C ILE B 118 -0.04 -3.13 -73.49
N ALA B 119 -1.16 -3.37 -72.81
CA ALA B 119 -1.48 -4.66 -72.19
C ALA B 119 -2.95 -4.61 -71.80
N ASP B 120 -3.52 -5.75 -71.41
CA ASP B 120 -4.93 -5.74 -71.02
C ASP B 120 -5.22 -5.92 -69.53
N THR B 121 -4.20 -6.32 -68.77
CA THR B 121 -4.32 -6.49 -67.31
C THR B 121 -2.97 -6.28 -66.61
N VAL B 122 -3.02 -5.70 -65.41
CA VAL B 122 -1.81 -5.47 -64.59
C VAL B 122 -1.83 -6.42 -63.42
N LEU B 123 -0.69 -6.99 -63.08
CA LEU B 123 -0.63 -7.92 -61.97
C LEU B 123 0.18 -7.39 -60.79
N PHE B 124 -0.46 -7.35 -59.62
CA PHE B 124 0.18 -6.89 -58.40
C PHE B 124 0.24 -7.94 -57.32
N GLY B 125 1.44 -8.11 -56.78
CA GLY B 125 1.65 -9.06 -55.71
C GLY B 125 2.38 -8.35 -54.58
N PRO B 126 1.67 -7.57 -53.75
CA PRO B 126 2.31 -6.86 -52.65
C PRO B 126 2.55 -7.78 -51.45
N GLU B 127 3.58 -7.49 -50.67
CA GLU B 127 3.93 -8.30 -49.51
C GLU B 127 3.94 -7.46 -48.25
N PRO B 128 2.76 -7.11 -47.74
CA PRO B 128 2.76 -6.30 -46.54
C PRO B 128 3.16 -7.09 -45.30
N GLU B 129 4.02 -6.47 -44.51
CA GLU B 129 4.51 -7.02 -43.25
C GLU B 129 3.82 -6.24 -42.13
N PHE B 130 3.80 -6.78 -40.92
CA PHE B 130 3.17 -6.05 -39.82
C PHE B 130 3.70 -6.49 -38.47
N PHE B 131 3.32 -5.75 -37.43
CA PHE B 131 3.73 -6.08 -36.06
C PHE B 131 2.53 -6.40 -35.19
N LEU B 132 2.73 -7.33 -34.27
CA LEU B 132 1.70 -7.71 -33.31
C LEU B 132 2.21 -7.43 -31.90
N PHE B 133 1.58 -6.49 -31.19
CA PHE B 133 2.01 -6.13 -29.84
C PHE B 133 0.94 -6.47 -28.84
N ASP B 134 1.27 -6.27 -27.56
CA ASP B 134 0.35 -6.50 -26.46
C ASP B 134 -0.13 -5.16 -25.92
N ASP B 135 0.76 -4.17 -25.94
CA ASP B 135 0.47 -2.85 -25.37
C ASP B 135 1.13 -1.79 -26.22
N ILE B 136 0.38 -0.75 -26.54
CA ILE B 136 0.89 0.39 -27.29
C ILE B 136 0.32 1.62 -26.62
N ARG B 137 1.19 2.51 -26.17
CA ARG B 137 0.83 3.72 -25.47
C ARG B 137 1.56 4.88 -26.06
N PHE B 138 0.89 6.01 -26.23
CA PHE B 138 1.56 7.19 -26.75
C PHE B 138 0.74 8.42 -26.47
N GLY B 139 1.39 9.57 -26.59
CA GLY B 139 0.71 10.82 -26.36
C GLY B 139 1.65 11.98 -26.61
N ALA B 140 1.09 13.18 -26.67
CA ALA B 140 1.87 14.38 -26.86
C ALA B 140 1.02 15.54 -26.43
N SER B 141 1.59 16.37 -25.58
CA SER B 141 0.91 17.53 -25.07
C SER B 141 1.99 18.59 -24.91
N ILE B 142 1.61 19.73 -24.37
CA ILE B 142 2.57 20.80 -24.24
C ILE B 142 3.78 20.42 -23.40
N SER B 143 3.58 19.63 -22.35
CA SER B 143 4.68 19.29 -21.47
C SER B 143 5.50 18.09 -21.85
N GLY B 144 5.25 17.51 -23.02
CA GLY B 144 6.06 16.38 -23.44
C GLY B 144 5.38 15.47 -24.42
N SER B 145 5.92 14.29 -24.58
CA SER B 145 5.37 13.31 -25.50
C SER B 145 6.06 11.98 -25.26
N HIS B 146 5.46 10.91 -25.74
CA HIS B 146 6.07 9.61 -25.56
C HIS B 146 5.41 8.54 -26.36
N VAL B 147 6.10 7.39 -26.44
CA VAL B 147 5.58 6.20 -27.08
C VAL B 147 6.25 5.04 -26.40
N ALA B 148 5.40 4.11 -26.02
CA ALA B 148 5.87 2.92 -25.34
C ALA B 148 5.32 1.68 -25.98
N ILE B 149 6.16 0.78 -26.42
CA ILE B 149 5.70 -0.46 -27.07
C ILE B 149 5.93 -1.63 -26.18
N ASP B 150 5.04 -2.60 -26.22
CA ASP B 150 5.28 -3.77 -25.40
C ASP B 150 4.68 -5.01 -26.00
N ASP B 151 5.45 -6.10 -25.94
CA ASP B 151 4.99 -7.38 -26.41
C ASP B 151 5.72 -8.47 -25.69
N ILE B 152 5.05 -9.60 -25.54
CA ILE B 152 5.64 -10.70 -24.83
C ILE B 152 6.90 -11.22 -25.51
N GLU B 153 7.06 -10.92 -26.80
CA GLU B 153 8.23 -11.36 -27.55
C GLU B 153 9.36 -10.38 -27.49
N GLY B 154 9.07 -9.15 -27.10
CA GLY B 154 10.14 -8.15 -27.07
C GLY B 154 11.36 -8.62 -26.31
N ALA B 155 12.52 -8.48 -26.91
CA ALA B 155 13.74 -8.93 -26.27
C ALA B 155 13.95 -8.27 -24.91
N TRP B 156 13.48 -7.03 -24.78
CA TRP B 156 13.64 -6.28 -23.54
C TRP B 156 12.95 -6.93 -22.35
N ASN B 157 12.00 -7.81 -22.62
CA ASN B 157 11.28 -8.49 -21.54
C ASN B 157 12.02 -9.69 -20.99
N SER B 158 13.26 -9.88 -21.43
CA SER B 158 14.04 -11.02 -20.92
C SER B 158 14.22 -10.84 -19.41
N SER B 159 14.12 -9.60 -18.93
CA SER B 159 14.29 -9.29 -17.52
C SER B 159 13.01 -9.01 -16.75
N THR B 160 11.89 -8.97 -17.44
CA THR B 160 10.61 -8.65 -16.82
C THR B 160 10.02 -9.71 -15.90
N LYS B 161 9.50 -9.27 -14.76
CA LYS B 161 8.87 -10.20 -13.82
C LYS B 161 7.44 -10.38 -14.26
N TYR B 162 7.02 -11.63 -14.36
CA TYR B 162 5.66 -11.95 -14.78
C TYR B 162 4.96 -12.68 -13.65
N GLU B 163 3.64 -12.52 -13.59
CA GLU B 163 2.80 -13.12 -12.58
C GLU B 163 3.09 -14.62 -12.43
N GLY B 164 2.98 -15.35 -13.53
CA GLY B 164 3.24 -16.79 -13.47
C GLY B 164 4.65 -17.21 -13.85
N GLY B 165 5.58 -16.28 -13.75
CA GLY B 165 6.97 -16.55 -14.10
C GLY B 165 7.27 -16.19 -15.55
N ASN B 166 8.50 -15.73 -15.80
CA ASN B 166 8.96 -15.38 -17.14
C ASN B 166 9.43 -16.68 -17.78
N LYS B 167 8.78 -17.09 -18.87
CA LYS B 167 9.10 -18.36 -19.55
C LYS B 167 10.23 -18.26 -20.56
N GLY B 168 10.68 -17.05 -20.65
CA GLY B 168 11.72 -16.57 -21.48
C GLY B 168 12.22 -17.34 -22.70
N HIS B 169 11.45 -17.44 -23.79
CA HIS B 169 12.02 -17.89 -25.08
C HIS B 169 11.61 -16.85 -26.07
N ARG B 170 12.43 -15.85 -26.23
CA ARG B 170 12.09 -14.73 -27.06
C ARG B 170 13.06 -14.50 -28.19
N PRO B 171 12.55 -13.95 -29.28
CA PRO B 171 13.36 -13.65 -30.46
C PRO B 171 14.20 -12.44 -30.08
N GLY B 172 15.51 -12.53 -30.26
CA GLY B 172 16.37 -11.41 -29.95
C GLY B 172 16.20 -10.33 -31.01
N VAL B 173 16.92 -9.22 -30.86
CA VAL B 173 16.83 -8.14 -31.85
C VAL B 173 17.30 -8.67 -33.20
N LYS B 174 16.50 -8.43 -34.24
CA LYS B 174 16.79 -8.91 -35.61
C LYS B 174 16.89 -10.45 -35.64
N GLY B 175 16.36 -11.12 -34.61
CA GLY B 175 16.48 -12.58 -34.56
C GLY B 175 15.14 -13.34 -34.71
N GLY B 176 14.18 -12.73 -35.39
CA GLY B 176 12.89 -13.34 -35.55
C GLY B 176 12.79 -14.27 -36.74
N TYR B 177 13.77 -14.25 -37.65
CA TYR B 177 13.63 -15.10 -38.85
C TYR B 177 13.77 -16.61 -38.58
N PHE B 178 12.58 -17.14 -38.22
CA PHE B 178 12.10 -18.55 -38.17
C PHE B 178 12.38 -19.43 -36.94
N PRO B 179 12.95 -18.97 -35.82
CA PRO B 179 12.96 -19.93 -34.71
C PRO B 179 11.62 -20.58 -34.49
N VAL B 180 11.58 -21.90 -34.40
CA VAL B 180 10.28 -22.54 -34.16
C VAL B 180 9.75 -22.20 -32.78
N PRO B 181 8.44 -22.41 -32.56
CA PRO B 181 7.87 -22.13 -31.24
C PRO B 181 8.63 -22.96 -30.22
N PRO B 182 8.62 -22.53 -28.96
CA PRO B 182 7.96 -21.34 -28.46
C PRO B 182 8.60 -19.98 -28.69
N VAL B 183 9.78 -19.93 -29.31
CA VAL B 183 10.40 -18.62 -29.56
C VAL B 183 9.43 -17.82 -30.41
N ASP B 184 8.86 -18.46 -31.42
CA ASP B 184 7.87 -17.82 -32.28
C ASP B 184 6.55 -18.07 -31.56
N SER B 185 5.94 -17.01 -31.06
CA SER B 185 4.70 -17.16 -30.32
C SER B 185 3.46 -16.97 -31.15
N ALA B 186 3.61 -16.73 -32.44
CA ALA B 186 2.45 -16.45 -33.27
C ALA B 186 2.00 -17.43 -34.33
N GLN B 187 2.30 -18.70 -34.16
CA GLN B 187 1.89 -19.67 -35.15
C GLN B 187 0.37 -19.75 -35.25
N ASP B 188 -0.29 -20.03 -34.14
CA ASP B 188 -1.76 -20.17 -34.16
C ASP B 188 -2.44 -18.92 -34.72
N ILE B 189 -1.94 -17.75 -34.34
CA ILE B 189 -2.58 -16.53 -34.82
C ILE B 189 -2.34 -16.30 -36.30
N ARG B 190 -1.13 -16.57 -36.79
CA ARG B 190 -0.88 -16.38 -38.21
C ARG B 190 -1.80 -17.31 -39.02
N SER B 191 -2.02 -18.51 -38.54
CA SER B 191 -2.92 -19.36 -39.30
C SER B 191 -4.37 -18.96 -39.28
N GLU B 192 -4.86 -18.46 -38.16
CA GLU B 192 -6.24 -18.00 -38.11
C GLU B 192 -6.35 -16.88 -39.14
N MET B 193 -5.36 -16.00 -39.19
CA MET B 193 -5.39 -14.91 -40.14
C MET B 193 -5.48 -15.49 -41.55
N CYS B 194 -4.74 -16.56 -41.80
CA CYS B 194 -4.76 -17.19 -43.11
C CYS B 194 -6.14 -17.77 -43.42
N LEU B 195 -6.66 -18.59 -42.53
CA LEU B 195 -7.95 -19.17 -42.75
C LEU B 195 -9.02 -18.12 -43.00
N VAL B 196 -9.01 -17.08 -42.17
CA VAL B 196 -10.00 -16.03 -42.32
C VAL B 196 -9.80 -15.27 -43.61
N MET B 197 -8.55 -15.01 -43.97
CA MET B 197 -8.28 -14.30 -45.21
C MET B 197 -8.87 -15.07 -46.37
N GLU B 198 -8.71 -16.37 -46.35
CA GLU B 198 -9.24 -17.19 -47.42
C GLU B 198 -10.75 -17.24 -47.40
N GLN B 199 -11.35 -17.25 -46.21
CA GLN B 199 -12.80 -17.24 -46.14
C GLN B 199 -13.30 -15.94 -46.77
N MET B 200 -12.42 -14.96 -46.86
CA MET B 200 -12.79 -13.69 -47.44
C MET B 200 -12.33 -13.50 -48.87
N GLY B 201 -11.93 -14.60 -49.51
CA GLY B 201 -11.53 -14.52 -50.91
C GLY B 201 -10.08 -14.38 -51.26
N LEU B 202 -9.22 -14.25 -50.27
CA LEU B 202 -7.81 -14.13 -50.57
C LEU B 202 -7.25 -15.53 -50.71
N VAL B 203 -6.09 -15.63 -51.34
CA VAL B 203 -5.45 -16.93 -51.50
C VAL B 203 -4.08 -16.77 -50.85
N VAL B 204 -3.86 -17.58 -49.83
CA VAL B 204 -2.63 -17.51 -49.08
C VAL B 204 -1.55 -18.42 -49.59
N GLU B 205 -0.34 -17.90 -49.68
CA GLU B 205 0.80 -18.68 -50.15
C GLU B 205 1.70 -19.12 -49.01
N ALA B 206 1.83 -18.29 -47.99
CA ALA B 206 2.66 -18.64 -46.85
C ALA B 206 2.52 -17.67 -45.69
N HIS B 207 3.00 -18.11 -44.52
CA HIS B 207 3.01 -17.24 -43.37
C HIS B 207 4.21 -17.59 -42.52
N HIS B 208 4.77 -16.55 -41.94
CA HIS B 208 5.96 -16.74 -41.14
C HIS B 208 6.24 -15.53 -40.26
N HIS B 209 7.07 -15.74 -39.27
CA HIS B 209 7.51 -14.68 -38.39
C HIS B 209 8.49 -13.86 -39.20
N GLU B 210 8.57 -12.55 -38.97
CA GLU B 210 9.54 -11.77 -39.73
C GLU B 210 10.80 -11.54 -38.87
N VAL B 211 11.68 -10.64 -39.32
CA VAL B 211 12.95 -10.44 -38.65
C VAL B 211 12.94 -9.81 -37.26
N ALA B 212 12.18 -8.77 -37.07
CA ALA B 212 12.22 -8.04 -35.81
C ALA B 212 11.70 -8.79 -34.58
N THR B 213 12.26 -8.45 -33.43
CA THR B 213 11.82 -9.01 -32.17
C THR B 213 10.44 -8.36 -31.94
N ALA B 214 9.76 -8.77 -30.89
CA ALA B 214 8.51 -8.12 -30.57
C ALA B 214 7.37 -8.28 -31.59
N GLY B 215 7.25 -9.43 -32.24
CA GLY B 215 6.09 -9.70 -33.09
C GLY B 215 6.01 -9.22 -34.53
N GLN B 216 7.11 -9.14 -35.24
CA GLN B 216 6.93 -8.80 -36.65
C GLN B 216 6.50 -10.07 -37.34
N ASN B 217 5.49 -10.00 -38.19
CA ASN B 217 4.98 -11.18 -38.86
C ASN B 217 4.59 -10.86 -40.28
N GLU B 218 4.32 -11.91 -41.07
CA GLU B 218 3.91 -11.72 -42.46
C GLU B 218 3.04 -12.86 -42.99
N VAL B 219 1.98 -12.48 -43.70
CA VAL B 219 1.10 -13.42 -44.39
C VAL B 219 1.23 -13.07 -45.87
N ALA B 220 1.74 -14.01 -46.63
CA ALA B 220 1.91 -13.82 -48.06
C ALA B 220 0.71 -14.33 -48.83
N THR B 221 0.15 -13.45 -49.64
CA THR B 221 -1.01 -13.80 -50.44
C THR B 221 -0.71 -13.77 -51.94
N ARG B 222 -1.47 -14.53 -52.72
CA ARG B 222 -1.32 -14.58 -54.17
C ARG B 222 -1.72 -13.26 -54.79
N PHE B 223 -0.99 -12.92 -55.86
CA PHE B 223 -1.21 -11.68 -56.59
C PHE B 223 -2.62 -11.72 -57.17
N ASN B 224 -3.01 -10.65 -57.83
CA ASN B 224 -4.31 -10.51 -58.46
C ASN B 224 -4.23 -9.25 -59.33
N THR B 225 -5.28 -8.96 -60.08
CA THR B 225 -5.26 -7.78 -60.92
C THR B 225 -5.23 -6.58 -59.99
N MET B 226 -4.57 -5.52 -60.44
CA MET B 226 -4.35 -4.32 -59.62
C MET B 226 -5.50 -3.91 -58.68
N THR B 227 -6.64 -3.45 -59.23
CA THR B 227 -7.70 -2.99 -58.34
C THR B 227 -8.23 -4.07 -57.37
N LYS B 228 -8.34 -5.32 -57.83
CA LYS B 228 -8.82 -6.36 -56.95
C LYS B 228 -7.80 -6.62 -55.84
N LYS B 229 -6.52 -6.38 -56.13
CA LYS B 229 -5.49 -6.61 -55.12
C LYS B 229 -5.51 -5.56 -54.04
N ALA B 230 -5.76 -4.31 -54.42
CA ALA B 230 -5.85 -3.23 -53.46
C ALA B 230 -7.04 -3.52 -52.53
N ASP B 231 -8.09 -4.08 -53.11
CA ASP B 231 -9.26 -4.46 -52.32
C ASP B 231 -8.76 -5.50 -51.34
N GLU B 232 -8.02 -6.48 -51.84
CA GLU B 232 -7.48 -7.54 -50.99
C GLU B 232 -6.58 -7.00 -49.87
N ILE B 233 -5.84 -5.94 -50.15
CA ILE B 233 -4.97 -5.35 -49.14
C ILE B 233 -5.82 -4.83 -47.99
N GLN B 234 -6.90 -4.13 -48.33
CA GLN B 234 -7.81 -3.60 -47.34
C GLN B 234 -8.41 -4.70 -46.45
N ILE B 235 -8.78 -5.80 -47.09
CA ILE B 235 -9.35 -6.95 -46.39
C ILE B 235 -8.26 -7.58 -45.54
N TYR B 236 -7.10 -7.67 -46.13
CA TYR B 236 -5.95 -8.21 -45.45
C TYR B 236 -5.71 -7.48 -44.14
N LYS B 237 -5.62 -6.16 -44.24
CA LYS B 237 -5.40 -5.34 -43.05
C LYS B 237 -6.53 -5.54 -42.05
N TYR B 238 -7.75 -5.59 -42.57
CA TYR B 238 -8.90 -5.76 -41.72
C TYR B 238 -8.81 -7.07 -40.95
N VAL B 239 -8.46 -8.14 -41.65
CA VAL B 239 -8.35 -9.41 -40.99
C VAL B 239 -7.24 -9.39 -39.96
N VAL B 240 -6.09 -8.86 -40.34
CA VAL B 240 -4.97 -8.79 -39.42
C VAL B 240 -5.33 -8.00 -38.16
N HIS B 241 -5.89 -6.82 -38.35
CA HIS B 241 -6.27 -5.97 -37.23
C HIS B 241 -7.26 -6.62 -36.31
N ASN B 242 -8.28 -7.24 -36.90
CA ASN B 242 -9.31 -7.85 -36.09
C ASN B 242 -9.00 -9.21 -35.48
N VAL B 243 -8.21 -10.02 -36.16
CA VAL B 243 -7.85 -11.30 -35.56
C VAL B 243 -6.93 -10.99 -34.39
N ALA B 244 -6.05 -10.02 -34.57
CA ALA B 244 -5.15 -9.62 -33.50
C ALA B 244 -5.97 -9.17 -32.29
N HIS B 245 -6.94 -8.31 -32.53
CA HIS B 245 -7.80 -7.78 -31.48
C HIS B 245 -8.48 -8.94 -30.76
N ARG B 246 -9.00 -9.90 -31.51
CA ARG B 246 -9.67 -11.03 -30.89
C ARG B 246 -8.73 -11.91 -30.10
N PHE B 247 -7.45 -11.87 -30.42
CA PHE B 247 -6.47 -12.68 -29.68
C PHE B 247 -5.83 -11.91 -28.54
N GLY B 248 -6.30 -10.70 -28.29
CA GLY B 248 -5.73 -9.93 -27.22
C GLY B 248 -4.48 -9.19 -27.63
N LYS B 249 -4.28 -9.00 -28.92
CA LYS B 249 -3.13 -8.26 -29.38
C LYS B 249 -3.59 -7.00 -30.10
N THR B 250 -2.63 -6.28 -30.67
CA THR B 250 -2.94 -5.08 -31.41
C THR B 250 -1.92 -5.06 -32.53
N ALA B 251 -2.39 -4.96 -33.75
CA ALA B 251 -1.47 -4.96 -34.89
C ALA B 251 -1.30 -3.61 -35.51
N THR B 252 -0.10 -3.37 -36.05
CA THR B 252 0.13 -2.11 -36.74
C THR B 252 0.90 -2.32 -38.05
N PHE B 253 0.52 -1.54 -39.05
CA PHE B 253 1.18 -1.60 -40.34
C PHE B 253 2.12 -0.41 -40.49
N MET B 254 2.41 0.29 -39.39
CA MET B 254 3.35 1.42 -39.43
C MET B 254 4.64 0.89 -40.00
N PRO B 255 5.34 1.69 -40.79
CA PRO B 255 6.59 1.19 -41.35
C PRO B 255 7.78 1.02 -40.41
N LYS B 256 7.97 1.90 -39.43
CA LYS B 256 9.10 1.77 -38.53
C LYS B 256 8.69 2.09 -37.09
N PRO B 257 8.13 1.11 -36.37
CA PRO B 257 7.73 1.44 -35.00
C PRO B 257 8.91 1.45 -34.04
N MET B 258 9.99 0.78 -34.39
CA MET B 258 11.15 0.73 -33.51
C MET B 258 12.48 1.06 -34.15
N PHE B 259 13.23 1.88 -33.46
CA PHE B 259 14.55 2.21 -33.93
C PHE B 259 15.46 1.03 -33.53
N GLY B 260 16.26 0.49 -34.44
CA GLY B 260 17.15 -0.58 -34.00
C GLY B 260 16.78 -1.96 -34.47
N ASP B 261 15.59 -2.09 -35.07
CA ASP B 261 15.20 -3.37 -35.59
C ASP B 261 14.42 -3.08 -36.85
N ASN B 262 14.18 -4.15 -37.60
CA ASN B 262 13.46 -4.10 -38.86
C ASN B 262 12.22 -3.24 -38.91
N GLY B 263 11.99 -2.65 -40.06
CA GLY B 263 10.76 -1.89 -40.24
C GLY B 263 9.87 -2.85 -41.01
N SER B 264 8.69 -2.40 -41.40
CA SER B 264 7.80 -3.25 -42.17
C SER B 264 7.69 -2.66 -43.55
N GLY B 265 7.92 -3.49 -44.57
CA GLY B 265 7.83 -3.02 -45.93
C GLY B 265 6.70 -3.70 -46.66
N MET B 266 6.42 -3.23 -47.87
CA MET B 266 5.38 -3.84 -48.67
C MET B 266 5.90 -3.91 -50.09
N HIS B 267 6.79 -4.87 -50.35
CA HIS B 267 7.34 -5.08 -51.67
C HIS B 267 6.21 -5.29 -52.64
N CYS B 268 6.36 -4.77 -53.84
CA CYS B 268 5.35 -4.95 -54.86
C CYS B 268 5.88 -5.62 -56.11
N HIS B 269 5.39 -6.84 -56.34
CA HIS B 269 5.75 -7.60 -57.52
C HIS B 269 4.75 -7.17 -58.58
N MET B 270 5.26 -6.88 -59.78
CA MET B 270 4.40 -6.46 -60.88
C MET B 270 4.79 -7.09 -62.20
N SER B 271 3.83 -7.15 -63.11
CA SER B 271 4.02 -7.69 -64.45
C SER B 271 2.77 -7.33 -65.25
N LEU B 272 2.91 -7.27 -66.56
CA LEU B 272 1.79 -6.95 -67.43
C LEU B 272 1.43 -8.13 -68.30
N ALA B 273 0.21 -8.13 -68.82
CA ALA B 273 -0.21 -9.24 -69.66
C ALA B 273 -1.25 -8.85 -70.72
N LYS B 274 -1.26 -9.63 -71.80
CA LYS B 274 -2.20 -9.45 -72.89
C LYS B 274 -2.54 -10.83 -73.41
N ASN B 275 -3.85 -11.07 -73.56
CA ASN B 275 -4.40 -12.34 -74.03
C ASN B 275 -3.64 -13.51 -73.44
N GLY B 276 -3.56 -13.52 -72.12
CA GLY B 276 -2.89 -14.60 -71.42
C GLY B 276 -1.38 -14.75 -71.48
N THR B 277 -0.68 -13.92 -72.24
CA THR B 277 0.78 -14.05 -72.28
C THR B 277 1.45 -12.98 -71.41
N ASN B 278 2.56 -13.36 -70.78
CA ASN B 278 3.28 -12.45 -69.91
C ASN B 278 4.20 -11.48 -70.67
N LEU B 279 3.71 -10.27 -70.87
CA LEU B 279 4.47 -9.24 -71.58
C LEU B 279 5.83 -8.87 -70.99
N PHE B 280 6.18 -9.48 -69.85
CA PHE B 280 7.45 -9.18 -69.20
C PHE B 280 8.56 -10.20 -69.45
N SER B 281 8.24 -11.35 -70.02
CA SER B 281 9.28 -12.36 -70.30
C SER B 281 9.93 -12.05 -71.64
N GLY B 282 11.23 -12.28 -71.73
CA GLY B 282 11.96 -12.01 -72.96
C GLY B 282 13.36 -12.57 -72.97
N ASP B 283 14.18 -12.10 -73.89
CA ASP B 283 15.56 -12.56 -74.05
C ASP B 283 16.58 -11.63 -73.39
N LYS B 284 16.13 -10.45 -72.97
CA LYS B 284 16.99 -9.46 -72.33
C LYS B 284 17.38 -9.92 -70.91
N TYR B 285 18.01 -9.03 -70.14
CA TYR B 285 18.46 -9.34 -68.77
C TYR B 285 17.54 -10.18 -67.89
N ALA B 286 18.11 -11.21 -67.28
CA ALA B 286 17.38 -12.10 -66.38
C ALA B 286 16.03 -12.66 -66.85
N GLY B 287 15.83 -12.71 -68.16
CA GLY B 287 14.59 -13.26 -68.69
C GLY B 287 13.51 -12.23 -68.94
N LEU B 288 13.90 -10.96 -68.95
CA LEU B 288 12.97 -9.85 -69.16
C LEU B 288 12.73 -9.42 -70.59
N SER B 289 11.56 -8.81 -70.82
CA SER B 289 11.19 -8.27 -72.12
C SER B 289 11.72 -6.84 -72.11
N GLU B 290 11.82 -6.20 -73.27
CA GLU B 290 12.32 -4.83 -73.26
C GLU B 290 11.25 -3.93 -72.69
N GLN B 291 10.02 -4.43 -72.67
CA GLN B 291 8.88 -3.69 -72.12
C GLN B 291 9.06 -3.53 -70.61
N ALA B 292 9.49 -4.63 -69.98
CA ALA B 292 9.73 -4.66 -68.54
C ALA B 292 10.78 -3.62 -68.17
N LEU B 293 11.83 -3.55 -68.98
CA LEU B 293 12.91 -2.60 -68.75
C LEU B 293 12.43 -1.16 -68.84
N TYR B 294 11.56 -0.86 -69.80
CA TYR B 294 11.05 0.50 -69.94
C TYR B 294 10.21 0.81 -68.72
N TYR B 295 9.46 -0.18 -68.28
CA TYR B 295 8.61 -0.06 -67.10
C TYR B 295 9.50 0.32 -65.93
N ILE B 296 10.57 -0.46 -65.73
CA ILE B 296 11.53 -0.20 -64.67
C ILE B 296 12.06 1.22 -64.77
N GLY B 297 12.38 1.63 -65.99
CA GLY B 297 12.92 2.95 -66.21
C GLY B 297 11.93 3.98 -65.76
N GLY B 298 10.64 3.72 -66.02
CA GLY B 298 9.60 4.64 -65.62
C GLY B 298 9.55 4.78 -64.10
N VAL B 299 9.54 3.64 -63.43
CA VAL B 299 9.49 3.59 -61.97
C VAL B 299 10.67 4.36 -61.41
N ILE B 300 11.85 4.15 -61.99
CA ILE B 300 13.03 4.84 -61.52
C ILE B 300 12.95 6.34 -61.79
N LYS B 301 12.44 6.72 -62.94
CA LYS B 301 12.35 8.13 -63.29
C LYS B 301 11.45 8.87 -62.31
N HIS B 302 10.30 8.27 -62.00
CA HIS B 302 9.31 8.88 -61.11
C HIS B 302 9.29 8.36 -59.66
N ALA B 303 10.38 7.72 -59.23
CA ALA B 303 10.46 7.17 -57.88
C ALA B 303 10.07 8.14 -56.78
N LYS B 304 10.72 9.30 -56.73
CA LYS B 304 10.41 10.27 -55.70
C LYS B 304 8.92 10.66 -55.64
N ALA B 305 8.25 10.70 -56.78
CA ALA B 305 6.85 11.06 -56.77
C ALA B 305 6.05 9.86 -56.28
N ILE B 306 6.46 8.66 -56.69
CA ILE B 306 5.74 7.46 -56.25
C ILE B 306 5.83 7.34 -54.74
N ASN B 307 6.97 7.76 -54.19
CA ASN B 307 7.21 7.73 -52.76
C ASN B 307 6.09 8.39 -51.99
N ALA B 308 5.59 9.50 -52.51
CA ALA B 308 4.52 10.24 -51.87
C ALA B 308 3.28 9.41 -51.68
N LEU B 309 3.19 8.29 -52.39
CA LEU B 309 2.02 7.41 -52.27
C LEU B 309 2.37 6.05 -51.69
N ALA B 310 3.60 5.62 -51.94
CA ALA B 310 4.07 4.33 -51.48
C ALA B 310 4.73 4.38 -50.11
N ASN B 311 5.05 5.59 -49.66
CA ASN B 311 5.71 5.83 -48.38
C ASN B 311 5.13 7.19 -47.99
N PRO B 312 3.83 7.22 -47.69
CA PRO B 312 3.11 8.43 -47.33
C PRO B 312 3.15 8.95 -45.93
N THR B 313 4.09 8.47 -45.13
CA THR B 313 4.18 8.91 -43.74
C THR B 313 5.59 9.35 -43.43
N THR B 314 5.75 10.25 -42.47
CA THR B 314 7.10 10.67 -42.10
C THR B 314 7.84 9.43 -41.56
N ASN B 315 7.08 8.56 -40.90
CA ASN B 315 7.63 7.34 -40.33
C ASN B 315 8.24 6.47 -41.40
N SER B 316 7.65 6.51 -42.60
CA SER B 316 8.13 5.70 -43.73
C SER B 316 9.62 5.89 -43.96
N TYR B 317 10.07 7.14 -43.74
CA TYR B 317 11.46 7.52 -44.00
C TYR B 317 12.35 7.11 -42.84
N LYS B 318 11.82 6.49 -41.84
CA LYS B 318 12.70 6.03 -40.79
C LYS B 318 13.12 4.60 -41.08
N ARG B 319 12.47 4.03 -42.10
CA ARG B 319 12.77 2.69 -42.62
C ARG B 319 13.73 2.81 -43.80
N LEU B 320 13.49 3.84 -44.61
CA LEU B 320 14.30 4.15 -45.77
C LEU B 320 15.43 5.08 -45.36
N VAL B 321 16.45 4.51 -44.74
CA VAL B 321 17.59 5.28 -44.30
C VAL B 321 18.82 4.53 -44.70
N PRO B 322 19.89 5.32 -44.95
CA PRO B 322 21.15 4.66 -45.31
C PRO B 322 21.48 3.52 -44.39
N GLY B 323 20.95 2.34 -44.72
CA GLY B 323 21.23 1.13 -43.99
C GLY B 323 21.73 0.13 -44.98
N TYR B 324 22.05 -1.08 -44.56
CA TYR B 324 22.59 -2.04 -45.54
C TYR B 324 21.54 -2.59 -46.49
N GLU B 325 20.49 -3.14 -45.91
CA GLU B 325 19.40 -3.73 -46.65
C GLU B 325 18.33 -2.73 -47.06
N ALA B 326 18.56 -1.46 -46.75
CA ALA B 326 17.62 -0.40 -47.10
C ALA B 326 17.43 -0.36 -48.62
N PRO B 327 16.19 -0.64 -49.07
CA PRO B 327 15.79 -0.66 -50.48
C PRO B 327 15.74 0.75 -51.01
N VAL B 328 16.84 1.49 -50.85
CA VAL B 328 16.84 2.88 -51.30
C VAL B 328 17.56 3.26 -52.60
N MET B 329 18.37 2.35 -53.13
CA MET B 329 19.11 2.64 -54.36
C MET B 329 18.22 2.39 -55.56
N LEU B 330 17.98 3.44 -56.34
CA LEU B 330 17.14 3.35 -57.53
C LEU B 330 17.82 2.60 -58.67
N ALA B 331 17.79 1.28 -58.57
CA ALA B 331 18.41 0.42 -59.56
C ALA B 331 17.79 -0.97 -59.56
N TYR B 332 18.14 -1.77 -60.54
CA TYR B 332 17.62 -3.13 -60.59
C TYR B 332 18.75 -4.14 -60.58
N SER B 333 18.41 -5.35 -60.18
CA SER B 333 19.36 -6.45 -60.10
C SER B 333 18.59 -7.68 -59.69
N ALA B 334 19.17 -8.84 -59.96
CA ALA B 334 18.54 -10.11 -59.61
C ALA B 334 19.14 -10.64 -58.34
N ARG B 335 20.16 -9.94 -57.84
CA ARG B 335 20.83 -10.37 -56.63
C ARG B 335 21.01 -9.26 -55.61
N ASN B 336 21.75 -8.21 -55.98
CA ASN B 336 22.03 -7.08 -55.10
C ASN B 336 20.79 -6.59 -54.34
N ARG B 337 20.66 -7.01 -53.08
CA ARG B 337 19.52 -6.56 -52.29
C ARG B 337 19.76 -5.21 -51.63
N SER B 338 20.33 -4.32 -52.43
CA SER B 338 20.62 -2.93 -52.07
C SER B 338 19.72 -2.15 -53.01
N ALA B 339 19.45 -2.82 -54.13
CA ALA B 339 18.61 -2.32 -55.20
C ALA B 339 17.15 -2.36 -54.80
N SER B 340 16.48 -1.24 -54.99
CA SER B 340 15.05 -1.13 -54.66
C SER B 340 14.20 -1.89 -55.66
N ILE B 341 14.81 -2.38 -56.73
CA ILE B 341 14.09 -3.17 -57.72
C ILE B 341 14.79 -4.51 -57.91
N ARG B 342 14.20 -5.58 -57.37
CA ARG B 342 14.77 -6.92 -57.53
C ARG B 342 14.11 -7.61 -58.69
N ILE B 343 14.88 -8.45 -59.35
CA ILE B 343 14.34 -9.25 -60.42
C ILE B 343 14.40 -10.68 -59.94
N PRO B 344 13.23 -11.23 -59.61
CA PRO B 344 13.11 -12.61 -59.12
C PRO B 344 13.65 -13.52 -60.20
N VAL B 345 14.46 -14.49 -59.82
CA VAL B 345 14.96 -15.43 -60.79
C VAL B 345 14.04 -16.62 -60.67
N VAL B 346 13.28 -16.85 -61.73
CA VAL B 346 12.33 -17.94 -61.75
C VAL B 346 12.44 -18.68 -63.10
N ALA B 347 12.06 -19.97 -63.11
CA ALA B 347 12.15 -20.78 -64.32
C ALA B 347 11.10 -20.46 -65.38
N SER B 348 9.83 -20.72 -65.05
CA SER B 348 8.75 -20.47 -65.99
C SER B 348 8.69 -19.01 -66.43
N PRO B 349 8.78 -18.76 -67.74
CA PRO B 349 8.72 -17.38 -68.22
C PRO B 349 7.35 -16.78 -67.93
N LYS B 350 6.39 -17.65 -67.61
CA LYS B 350 5.03 -17.22 -67.30
C LYS B 350 4.99 -16.42 -65.99
N ALA B 351 6.02 -16.61 -65.17
CA ALA B 351 6.12 -15.96 -63.87
C ALA B 351 7.17 -14.84 -63.79
N ARG B 352 7.68 -14.40 -64.93
CA ARG B 352 8.68 -13.33 -64.96
C ARG B 352 8.02 -12.01 -64.53
N ARG B 353 8.68 -11.25 -63.67
CA ARG B 353 8.12 -10.00 -63.14
C ARG B 353 9.19 -9.15 -62.44
N ILE B 354 8.82 -7.96 -61.96
CA ILE B 354 9.77 -7.13 -61.21
C ILE B 354 9.25 -6.92 -59.79
N GLU B 355 10.17 -6.69 -58.85
CA GLU B 355 9.79 -6.45 -57.46
C GLU B 355 10.27 -5.09 -56.99
N VAL B 356 9.36 -4.14 -56.87
CA VAL B 356 9.72 -2.82 -56.37
C VAL B 356 9.66 -2.91 -54.85
N ARG B 357 10.79 -2.79 -54.21
CA ARG B 357 10.92 -2.98 -52.78
C ARG B 357 10.66 -1.81 -51.81
N PHE B 358 10.61 -0.56 -52.27
CA PHE B 358 10.52 0.53 -51.27
C PHE B 358 9.15 0.85 -50.65
N PRO B 359 8.08 0.49 -51.31
CA PRO B 359 6.74 0.70 -50.68
C PRO B 359 6.60 0.22 -49.25
N ASP B 360 5.73 0.80 -48.43
CA ASP B 360 5.50 0.27 -47.10
C ASP B 360 3.99 0.07 -46.93
N PRO B 361 3.56 -0.69 -45.94
CA PRO B 361 2.13 -0.93 -45.74
C PRO B 361 1.26 0.24 -45.41
N ALA B 362 1.84 1.40 -45.15
CA ALA B 362 1.03 2.57 -44.82
C ALA B 362 0.43 3.16 -46.09
N ALA B 363 0.98 2.74 -47.22
CA ALA B 363 0.51 3.24 -48.48
C ALA B 363 -0.92 2.91 -48.82
N ASN B 364 -1.61 3.87 -49.40
CA ASN B 364 -2.96 3.67 -49.90
C ASN B 364 -2.84 2.62 -51.02
N PRO B 365 -3.56 1.47 -50.93
CA PRO B 365 -3.38 0.46 -52.00
C PRO B 365 -3.50 1.02 -53.40
N TYR B 366 -4.68 1.54 -53.53
CA TYR B 366 -5.13 2.12 -54.76
C TYR B 366 -4.16 3.12 -55.35
N LEU B 367 -3.91 4.18 -54.60
CA LEU B 367 -3.04 5.21 -55.13
C LEU B 367 -1.61 4.75 -55.34
N CYS B 368 -1.14 3.87 -54.46
CA CYS B 368 0.24 3.40 -54.58
C CYS B 368 0.38 2.54 -55.82
N PHE B 369 -0.51 1.58 -55.97
CA PHE B 369 -0.46 0.71 -57.13
C PHE B 369 -0.61 1.51 -58.42
N ALA B 370 -1.59 2.41 -58.45
CA ALA B 370 -1.84 3.25 -59.62
C ALA B 370 -0.59 4.04 -60.02
N ALA B 371 0.03 4.71 -59.07
CA ALA B 371 1.22 5.50 -59.34
C ALA B 371 2.35 4.63 -59.87
N LEU B 372 2.42 3.39 -59.39
CA LEU B 372 3.46 2.49 -59.85
C LEU B 372 3.22 2.17 -61.33
N LEU B 373 1.96 1.92 -61.69
CA LEU B 373 1.57 1.60 -63.06
C LEU B 373 1.85 2.75 -64.00
N MET B 374 1.26 3.89 -63.71
CA MET B 374 1.43 5.08 -64.52
C MET B 374 2.89 5.42 -64.78
N ALA B 375 3.73 5.21 -63.78
CA ALA B 375 5.17 5.47 -63.95
C ALA B 375 5.73 4.45 -64.92
N GLY B 376 5.25 3.21 -64.79
CA GLY B 376 5.72 2.15 -65.66
C GLY B 376 5.34 2.40 -67.11
N LEU B 377 4.08 2.77 -67.33
CA LEU B 377 3.55 3.07 -68.66
C LEU B 377 4.29 4.22 -69.30
N ASP B 378 4.53 5.27 -68.52
CA ASP B 378 5.25 6.42 -69.04
C ASP B 378 6.67 5.99 -69.39
N GLY B 379 7.14 4.91 -68.76
CA GLY B 379 8.48 4.43 -69.03
C GLY B 379 8.49 3.73 -70.36
N ILE B 380 7.36 3.11 -70.68
CA ILE B 380 7.18 2.40 -71.93
C ILE B 380 6.92 3.37 -73.07
N LYS B 381 5.82 4.12 -72.97
CA LYS B 381 5.46 5.09 -73.99
C LYS B 381 6.67 5.88 -74.43
N ASN B 382 7.54 6.24 -73.48
CA ASN B 382 8.72 7.02 -73.80
C ASN B 382 10.03 6.23 -73.83
N LYS B 383 9.92 4.91 -73.99
CA LYS B 383 11.08 4.01 -74.07
C LYS B 383 12.25 4.44 -73.19
N ILE B 384 11.95 4.68 -71.92
CA ILE B 384 12.95 5.11 -70.97
C ILE B 384 13.85 3.96 -70.57
N HIS B 385 15.08 3.98 -71.06
CA HIS B 385 15.98 2.90 -70.72
C HIS B 385 16.56 3.12 -69.34
N PRO B 386 16.45 1.99 -68.63
CA PRO B 386 16.99 1.66 -67.27
C PRO B 386 18.46 1.88 -66.98
N GLY B 387 19.26 1.71 -68.02
CA GLY B 387 20.67 1.78 -67.90
C GLY B 387 21.04 0.36 -67.55
N GLU B 388 22.25 0.16 -67.03
CA GLU B 388 22.70 -1.18 -66.65
C GLU B 388 22.40 -1.51 -65.18
N PRO B 389 22.21 -2.82 -64.90
CA PRO B 389 21.88 -3.33 -63.55
C PRO B 389 23.03 -3.15 -62.57
N MET B 390 22.71 -2.81 -61.32
CA MET B 390 23.72 -2.67 -60.27
C MET B 390 23.89 -4.02 -59.60
N ASP B 391 25.09 -4.57 -59.68
CA ASP B 391 25.36 -5.87 -59.07
C ASP B 391 26.51 -5.75 -58.06
N LYS B 392 26.98 -4.52 -57.84
CA LYS B 392 28.09 -4.24 -56.93
C LYS B 392 27.70 -4.32 -55.43
N ASN B 393 27.36 -3.18 -54.84
CA ASN B 393 26.97 -3.12 -53.43
C ASN B 393 26.06 -1.92 -53.12
N LEU B 394 25.67 -1.78 -51.83
CA LEU B 394 24.62 -0.85 -51.39
C LEU B 394 25.14 0.58 -51.20
N TYR B 395 24.74 1.12 -50.08
CA TYR B 395 25.12 2.49 -49.77
C TYR B 395 26.40 2.61 -49.01
N ASP B 396 26.91 1.58 -48.44
CA ASP B 396 28.10 1.90 -47.69
C ASP B 396 29.20 1.20 -48.45
N LEU B 397 30.28 1.86 -48.72
CA LEU B 397 31.19 1.09 -49.48
C LEU B 397 30.41 0.17 -50.35
N PRO B 398 29.97 0.62 -51.47
CA PRO B 398 30.47 1.66 -52.32
C PRO B 398 31.20 2.84 -51.63
N PRO B 399 30.55 4.03 -51.34
CA PRO B 399 31.05 5.31 -50.92
C PRO B 399 32.33 5.75 -51.67
N GLU B 400 32.60 5.21 -52.84
CA GLU B 400 33.76 5.45 -53.73
C GLU B 400 33.63 6.82 -54.42
N GLU B 401 32.66 6.88 -55.34
CA GLU B 401 32.35 8.08 -56.10
C GLU B 401 31.28 8.88 -55.31
N ALA B 402 31.33 8.74 -53.98
CA ALA B 402 30.39 9.34 -53.01
C ALA B 402 29.04 8.63 -53.26
N LYS B 403 29.10 7.67 -54.18
CA LYS B 403 28.00 6.82 -54.65
C LYS B 403 26.65 7.50 -54.84
N GLU B 404 26.68 8.71 -55.40
CA GLU B 404 25.44 9.43 -55.64
C GLU B 404 24.77 9.00 -56.94
N ILE B 405 24.16 7.80 -56.86
CA ILE B 405 23.40 7.25 -57.97
C ILE B 405 21.94 7.58 -57.58
N PRO B 406 20.97 7.21 -58.39
CA PRO B 406 19.58 7.46 -57.99
C PRO B 406 19.10 7.15 -56.60
N GLN B 407 18.40 8.00 -55.91
CA GLN B 407 17.81 7.40 -54.72
C GLN B 407 16.39 7.84 -54.44
N VAL B 408 15.66 7.04 -53.65
CA VAL B 408 14.29 7.37 -53.27
C VAL B 408 14.32 8.62 -52.40
N ALA B 409 13.17 9.26 -52.25
CA ALA B 409 13.07 10.48 -51.45
C ALA B 409 13.58 10.22 -50.04
N GLY B 410 14.18 11.23 -49.42
CA GLY B 410 14.71 11.04 -48.07
C GLY B 410 13.84 11.56 -46.95
N SER B 411 12.71 12.13 -47.31
CA SER B 411 11.78 12.68 -46.34
C SER B 411 10.43 12.79 -47.02
N LEU B 412 9.37 12.86 -46.24
CA LEU B 412 8.04 12.96 -46.82
C LEU B 412 7.85 14.23 -47.64
N GLU B 413 8.34 15.36 -47.12
CA GLU B 413 8.20 16.64 -47.78
C GLU B 413 8.80 16.60 -49.16
N GLU B 414 9.99 16.02 -49.23
CA GLU B 414 10.71 15.88 -50.48
C GLU B 414 9.88 15.08 -51.47
N ALA B 415 9.27 14.01 -50.97
CA ALA B 415 8.44 13.16 -51.80
C ALA B 415 7.20 13.90 -52.26
N LEU B 416 6.61 14.68 -51.36
CA LEU B 416 5.42 15.42 -51.70
C LEU B 416 5.77 16.44 -52.76
N ASN B 417 6.91 17.09 -52.58
CA ASN B 417 7.34 18.09 -53.54
C ASN B 417 7.56 17.47 -54.93
N ALA B 418 8.16 16.27 -54.95
CA ALA B 418 8.40 15.57 -56.20
C ALA B 418 7.07 15.30 -56.87
N LEU B 419 6.11 14.82 -56.09
CA LEU B 419 4.79 14.52 -56.61
C LEU B 419 4.21 15.78 -57.20
N ASP B 420 4.45 16.92 -56.55
CA ASP B 420 3.91 18.19 -57.02
C ASP B 420 4.41 18.48 -58.43
N LEU B 421 5.73 18.55 -58.56
CA LEU B 421 6.39 18.86 -59.81
C LEU B 421 6.25 17.80 -60.89
N ASP B 422 6.48 16.56 -60.51
CA ASP B 422 6.45 15.44 -61.45
C ASP B 422 5.09 14.77 -61.59
N ARG B 423 4.03 15.57 -61.65
CA ARG B 423 2.69 15.02 -61.76
C ARG B 423 2.14 14.65 -63.13
N GLU B 424 2.80 15.08 -64.20
CA GLU B 424 2.27 14.78 -65.53
C GLU B 424 1.97 13.31 -65.79
N PHE B 425 2.93 12.44 -65.51
CA PHE B 425 2.74 11.01 -65.77
C PHE B 425 1.51 10.42 -65.08
N LEU B 426 1.04 11.09 -64.04
CA LEU B 426 -0.14 10.64 -63.29
C LEU B 426 -1.43 11.17 -63.90
N LYS B 427 -1.36 12.38 -64.45
CA LYS B 427 -2.53 13.02 -65.07
C LYS B 427 -2.88 12.40 -66.43
N ALA B 428 -1.92 11.65 -66.98
CA ALA B 428 -2.09 10.98 -68.26
C ALA B 428 -3.39 10.18 -68.22
N GLY B 429 -4.12 10.22 -69.32
CA GLY B 429 -5.37 9.49 -69.39
C GLY B 429 -6.44 10.03 -68.47
N GLY B 430 -6.18 11.18 -67.83
CA GLY B 430 -7.15 11.77 -66.91
C GLY B 430 -7.40 10.95 -65.66
N VAL B 431 -6.45 10.08 -65.33
CA VAL B 431 -6.50 9.20 -64.15
C VAL B 431 -6.46 10.04 -62.87
N PHE B 432 -5.40 10.83 -62.72
CA PHE B 432 -5.26 11.72 -61.57
C PHE B 432 -5.51 13.16 -62.00
N THR B 433 -6.35 13.89 -61.25
CA THR B 433 -6.59 15.28 -61.57
C THR B 433 -5.67 16.12 -60.69
N ASP B 434 -5.43 17.37 -61.07
CA ASP B 434 -4.58 18.25 -60.28
C ASP B 434 -5.20 18.42 -58.90
N GLU B 435 -6.52 18.61 -58.87
CA GLU B 435 -7.23 18.81 -57.63
C GLU B 435 -7.02 17.67 -56.66
N ALA B 436 -7.11 16.44 -57.17
CA ALA B 436 -6.93 15.26 -56.35
C ALA B 436 -5.51 15.29 -55.77
N ILE B 437 -4.54 15.45 -56.65
CA ILE B 437 -3.15 15.49 -56.24
C ILE B 437 -2.86 16.58 -55.21
N ASP B 438 -3.37 17.78 -55.47
CA ASP B 438 -3.14 18.89 -54.55
C ASP B 438 -3.78 18.67 -53.18
N ALA B 439 -4.92 17.98 -53.19
CA ALA B 439 -5.66 17.69 -51.96
C ALA B 439 -4.91 16.67 -51.14
N TYR B 440 -4.39 15.65 -51.82
CA TYR B 440 -3.62 14.60 -51.17
C TYR B 440 -2.40 15.21 -50.52
N ILE B 441 -1.70 16.05 -51.28
CA ILE B 441 -0.50 16.70 -50.78
C ILE B 441 -0.82 17.55 -49.56
N ALA B 442 -1.97 18.21 -49.58
CA ALA B 442 -2.34 19.06 -48.45
C ALA B 442 -2.61 18.24 -47.21
N LEU B 443 -3.22 17.08 -47.38
CA LEU B 443 -3.53 16.22 -46.25
C LEU B 443 -2.25 15.76 -45.59
N ARG B 444 -1.29 15.35 -46.41
CA ARG B 444 -0.02 14.87 -45.88
C ARG B 444 0.87 15.96 -45.32
N ARG B 445 0.74 17.19 -45.81
CA ARG B 445 1.60 18.25 -45.32
C ARG B 445 1.26 18.64 -43.91
N GLU B 446 -0.01 18.44 -43.59
CA GLU B 446 -0.58 18.73 -42.30
C GLU B 446 0.02 17.70 -41.33
N GLU B 447 0.14 16.46 -41.81
CA GLU B 447 0.73 15.40 -41.00
C GLU B 447 2.22 15.68 -40.85
N ASP B 448 2.88 15.99 -41.95
CA ASP B 448 4.31 16.28 -41.92
C ASP B 448 4.60 17.40 -40.91
N ASP B 449 3.69 18.35 -40.81
CA ASP B 449 3.87 19.48 -39.90
C ASP B 449 3.87 19.13 -38.44
N ARG B 450 3.00 18.20 -38.06
CA ARG B 450 2.91 17.77 -36.68
C ARG B 450 4.26 17.25 -36.25
N VAL B 451 4.84 16.41 -37.09
CA VAL B 451 6.11 15.82 -36.75
C VAL B 451 7.23 16.85 -36.80
N ARG B 452 7.21 17.76 -37.76
CA ARG B 452 8.27 18.76 -37.86
C ARG B 452 8.23 19.77 -36.73
N MET B 453 7.04 20.08 -36.26
CA MET B 453 6.87 21.09 -35.23
C MET B 453 6.92 20.63 -33.78
N THR B 454 6.71 19.34 -33.52
CA THR B 454 6.70 18.83 -32.16
C THR B 454 8.06 18.38 -31.69
N PRO B 455 8.56 18.93 -30.56
CA PRO B 455 9.88 18.51 -30.07
C PRO B 455 9.96 17.01 -29.95
N HIS B 456 11.11 16.47 -30.34
CA HIS B 456 11.35 15.04 -30.30
C HIS B 456 12.13 14.66 -29.05
N PRO B 457 11.74 13.58 -28.38
CA PRO B 457 12.44 13.13 -27.17
C PRO B 457 13.95 13.15 -27.32
N VAL B 458 14.44 12.69 -28.46
CA VAL B 458 15.88 12.64 -28.72
C VAL B 458 16.54 14.01 -28.73
N GLU B 459 15.76 15.04 -29.04
CA GLU B 459 16.29 16.38 -29.06
C GLU B 459 16.70 16.81 -27.67
N PHE B 460 16.04 16.24 -26.65
CA PHE B 460 16.39 16.56 -25.25
C PHE B 460 17.72 15.89 -24.89
N GLU B 461 17.86 14.65 -25.30
CA GLU B 461 19.06 13.92 -25.06
C GLU B 461 20.23 14.67 -25.69
N LEU B 462 20.04 15.09 -26.91
CA LEU B 462 21.04 15.80 -27.72
C LEU B 462 21.25 17.26 -27.33
N TYR B 463 20.19 18.01 -26.99
CA TYR B 463 20.40 19.42 -26.74
C TYR B 463 19.90 20.00 -25.41
N TYR B 464 19.39 19.24 -24.45
CA TYR B 464 18.91 19.88 -23.24
C TYR B 464 20.01 20.68 -22.50
N SER B 465 21.23 20.12 -22.48
CA SER B 465 22.37 20.73 -21.79
C SER B 465 23.19 21.69 -22.65
N VAL B 466 22.60 22.11 -23.75
CA VAL B 466 23.26 23.00 -24.67
C VAL B 466 23.62 24.33 -24.03
N GLU C 1 3.58 -39.62 -52.28
CA GLU C 1 2.16 -40.05 -52.33
C GLU C 1 1.60 -40.31 -50.95
N HIS C 2 2.48 -40.82 -50.09
CA HIS C 2 2.14 -41.11 -48.70
C HIS C 2 1.79 -39.78 -48.05
N VAL C 3 2.53 -38.75 -48.45
CA VAL C 3 2.32 -37.42 -47.93
C VAL C 3 0.95 -36.91 -48.37
N LEU C 4 0.65 -37.02 -49.65
CA LEU C 4 -0.63 -36.55 -50.16
C LEU C 4 -1.83 -37.26 -49.53
N THR C 5 -1.61 -38.47 -49.00
CA THR C 5 -2.70 -39.19 -48.35
C THR C 5 -2.80 -38.78 -46.89
N MET C 6 -1.66 -38.42 -46.28
CA MET C 6 -1.64 -37.96 -44.89
C MET C 6 -2.37 -36.62 -44.81
N LEU C 7 -2.31 -35.87 -45.91
CA LEU C 7 -3.00 -34.58 -45.99
C LEU C 7 -4.50 -34.75 -45.92
N ASN C 8 -5.01 -35.81 -46.54
CA ASN C 8 -6.46 -36.06 -46.53
C ASN C 8 -6.93 -36.79 -45.29
N GLU C 9 -6.10 -37.71 -44.83
CA GLU C 9 -6.37 -38.54 -43.67
C GLU C 9 -6.50 -37.72 -42.39
N HIS C 10 -5.67 -36.69 -42.28
CA HIS C 10 -5.68 -35.82 -41.10
C HIS C 10 -6.32 -34.45 -41.39
N GLU C 11 -6.90 -34.28 -42.58
CA GLU C 11 -7.56 -33.03 -42.98
C GLU C 11 -6.65 -31.85 -42.67
N VAL C 12 -5.42 -31.95 -43.14
CA VAL C 12 -4.41 -30.95 -42.93
C VAL C 12 -4.72 -29.64 -43.62
N LYS C 13 -4.55 -28.54 -42.87
CA LYS C 13 -4.79 -27.22 -43.40
C LYS C 13 -3.46 -26.53 -43.73
N PHE C 14 -2.39 -26.92 -43.04
CA PHE C 14 -1.07 -26.32 -43.29
C PHE C 14 0.07 -27.30 -43.26
N VAL C 15 1.16 -26.88 -43.90
CA VAL C 15 2.36 -27.66 -43.96
C VAL C 15 3.45 -26.77 -43.41
N ASP C 16 4.10 -27.25 -42.36
CA ASP C 16 5.15 -26.49 -41.70
C ASP C 16 6.49 -27.04 -42.15
N LEU C 17 7.17 -26.25 -42.95
CA LEU C 17 8.47 -26.59 -43.50
C LEU C 17 9.56 -26.29 -42.50
N ARG C 18 10.32 -27.30 -42.11
CA ARG C 18 11.39 -27.08 -41.14
C ARG C 18 12.80 -27.38 -41.56
N PHE C 19 13.70 -26.62 -40.96
CA PHE C 19 15.11 -26.78 -41.20
C PHE C 19 15.93 -26.23 -40.04
N THR C 20 17.24 -26.49 -40.05
CA THR C 20 18.12 -26.06 -38.97
C THR C 20 19.19 -25.10 -39.44
N ASP C 21 19.54 -24.12 -38.62
CA ASP C 21 20.57 -23.19 -39.00
C ASP C 21 21.91 -23.68 -38.51
N THR C 22 22.94 -22.92 -38.79
CA THR C 22 24.27 -23.31 -38.38
C THR C 22 24.40 -23.52 -36.88
N LYS C 23 23.78 -22.66 -36.07
CA LYS C 23 23.87 -22.80 -34.62
C LYS C 23 23.17 -24.04 -34.10
N GLY C 24 22.23 -24.56 -34.88
CA GLY C 24 21.56 -25.78 -34.49
C GLY C 24 20.09 -25.61 -34.16
N LYS C 25 19.61 -24.39 -34.38
CA LYS C 25 18.24 -24.06 -34.06
C LYS C 25 17.27 -24.34 -35.18
N GLU C 26 16.24 -25.12 -34.88
CA GLU C 26 15.22 -25.46 -35.87
C GLU C 26 14.47 -24.20 -36.27
N GLN C 27 14.23 -24.06 -37.58
CA GLN C 27 13.54 -22.91 -38.14
C GLN C 27 12.35 -23.42 -38.92
N HIS C 28 11.41 -22.53 -39.24
CA HIS C 28 10.24 -22.95 -39.98
C HIS C 28 9.52 -21.84 -40.72
N VAL C 29 8.73 -22.27 -41.68
CA VAL C 29 7.90 -21.39 -42.49
C VAL C 29 6.70 -22.28 -42.85
N THR C 30 5.53 -21.67 -42.97
CA THR C 30 4.32 -22.42 -43.21
C THR C 30 3.62 -22.06 -44.50
N ILE C 31 3.04 -23.06 -45.17
CA ILE C 31 2.28 -22.85 -46.40
C ILE C 31 1.00 -23.63 -46.26
N PRO C 32 -0.08 -23.15 -46.87
CA PRO C 32 -1.38 -23.82 -46.82
C PRO C 32 -1.22 -25.17 -47.48
N ALA C 33 -1.97 -26.17 -47.04
CA ALA C 33 -1.85 -27.50 -47.63
C ALA C 33 -2.08 -27.45 -49.15
N HIS C 34 -2.98 -26.59 -49.60
CA HIS C 34 -3.29 -26.47 -51.01
C HIS C 34 -2.14 -26.00 -51.90
N GLN C 35 -1.01 -25.66 -51.29
CA GLN C 35 0.17 -25.21 -52.03
C GLN C 35 1.10 -26.39 -52.30
N VAL C 36 0.72 -27.56 -51.78
CA VAL C 36 1.48 -28.78 -51.96
C VAL C 36 1.00 -29.52 -53.21
N ASN C 37 1.88 -29.55 -54.20
CA ASN C 37 1.59 -30.20 -55.48
C ASN C 37 2.78 -31.03 -55.91
N ALA C 38 2.72 -31.55 -57.12
CA ALA C 38 3.80 -32.37 -57.66
C ALA C 38 5.11 -31.59 -57.73
N GLU C 39 5.02 -30.36 -58.23
CA GLU C 39 6.18 -29.49 -58.36
C GLU C 39 6.95 -29.37 -57.06
N PHE C 40 6.22 -29.02 -56.00
CA PHE C 40 6.72 -28.87 -54.65
C PHE C 40 7.81 -29.90 -54.29
N PHE C 41 7.55 -31.17 -54.54
CA PHE C 41 8.52 -32.21 -54.23
C PHE C 41 9.74 -32.31 -55.12
N GLU C 42 9.59 -31.98 -56.39
CA GLU C 42 10.72 -32.08 -57.30
C GLU C 42 11.57 -30.84 -57.34
N GLU C 43 10.94 -29.67 -57.19
CA GLU C 43 11.72 -28.44 -57.22
C GLU C 43 11.72 -27.59 -55.95
N GLY C 44 10.99 -28.03 -54.91
CA GLY C 44 10.94 -27.31 -53.66
C GLY C 44 10.34 -25.91 -53.75
N LYS C 45 10.63 -25.08 -52.75
CA LYS C 45 10.14 -23.70 -52.69
C LYS C 45 11.34 -22.78 -52.47
N MET C 46 11.24 -21.56 -53.00
CA MET C 46 12.30 -20.56 -52.89
C MET C 46 12.21 -19.71 -51.65
N PHE C 47 13.36 -19.35 -51.11
CA PHE C 47 13.40 -18.47 -49.94
C PHE C 47 14.72 -17.71 -49.89
N ASP C 48 14.70 -16.63 -49.11
CA ASP C 48 15.83 -15.75 -48.94
C ASP C 48 16.91 -16.34 -48.04
N GLY C 49 18.09 -16.58 -48.63
CA GLY C 49 19.20 -17.12 -47.87
C GLY C 49 19.78 -16.12 -46.89
N SER C 50 20.02 -14.89 -47.36
CA SER C 50 20.62 -13.83 -46.55
C SER C 50 20.03 -13.56 -45.15
N SER C 51 18.86 -14.11 -44.89
CA SER C 51 18.18 -13.92 -43.60
C SER C 51 18.68 -14.76 -42.41
N ILE C 52 19.25 -15.92 -42.71
CA ILE C 52 19.80 -16.82 -41.70
C ILE C 52 21.25 -16.45 -41.39
N GLY C 53 21.62 -16.49 -40.12
CA GLY C 53 22.97 -16.12 -39.75
C GLY C 53 24.04 -17.05 -40.32
N GLY C 54 25.09 -16.46 -40.88
CA GLY C 54 26.20 -17.22 -41.42
C GLY C 54 25.91 -17.89 -42.76
N TRP C 55 24.89 -17.45 -43.46
CA TRP C 55 24.60 -18.07 -44.73
C TRP C 55 25.02 -17.17 -45.90
N LYS C 56 24.20 -17.09 -46.96
CA LYS C 56 24.56 -16.26 -48.12
C LYS C 56 24.70 -14.78 -47.75
N GLY C 57 25.60 -14.08 -48.41
CA GLY C 57 25.80 -12.67 -48.11
C GLY C 57 25.00 -11.73 -49.01
N ILE C 58 25.63 -10.60 -49.31
CA ILE C 58 25.08 -9.51 -50.11
C ILE C 58 24.58 -9.86 -51.50
N ASN C 59 25.18 -10.80 -52.19
CA ASN C 59 24.81 -10.95 -53.59
C ASN C 59 23.98 -12.12 -54.01
N GLU C 60 24.18 -13.23 -53.36
CA GLU C 60 23.54 -14.52 -53.70
C GLU C 60 22.45 -14.98 -52.78
N SER C 61 21.53 -14.11 -52.44
CA SER C 61 20.49 -14.47 -51.46
C SER C 61 19.64 -15.71 -51.71
N ASP C 62 19.05 -15.82 -52.88
CA ASP C 62 18.09 -16.91 -53.06
C ASP C 62 18.60 -18.35 -53.16
N MET C 63 17.84 -19.18 -52.42
CA MET C 63 18.10 -20.60 -52.26
C MET C 63 16.83 -21.46 -52.23
N VAL C 64 17.03 -22.78 -52.25
CA VAL C 64 15.92 -23.73 -52.28
C VAL C 64 15.65 -24.58 -51.03
N LEU C 65 14.37 -24.68 -50.68
CA LEU C 65 13.90 -25.50 -49.57
C LEU C 65 13.39 -26.78 -50.18
N MET C 66 14.10 -27.88 -49.99
CA MET C 66 13.68 -29.13 -50.59
C MET C 66 13.02 -30.07 -49.60
N PRO C 67 11.70 -30.22 -49.69
CA PRO C 67 11.00 -31.10 -48.77
C PRO C 67 11.46 -32.54 -48.87
N ASP C 68 11.68 -33.15 -47.71
CA ASP C 68 12.10 -34.53 -47.62
C ASP C 68 10.86 -35.27 -47.16
N ALA C 69 10.15 -35.86 -48.12
CA ALA C 69 8.91 -36.56 -47.87
C ALA C 69 8.96 -37.68 -46.84
N SER C 70 10.15 -38.16 -46.51
CA SER C 70 10.25 -39.23 -45.52
C SER C 70 10.01 -38.73 -44.08
N THR C 71 10.18 -37.43 -43.89
CA THR C 71 10.05 -36.79 -42.59
C THR C 71 8.67 -36.33 -42.16
N ALA C 72 7.67 -36.49 -43.01
CA ALA C 72 6.32 -36.03 -42.69
C ALA C 72 5.74 -36.53 -41.37
N VAL C 73 5.37 -35.58 -40.51
CA VAL C 73 4.78 -35.88 -39.23
C VAL C 73 3.91 -34.73 -38.78
N ILE C 74 2.78 -35.07 -38.18
CA ILE C 74 1.79 -34.11 -37.68
C ILE C 74 2.30 -33.34 -36.47
N ASP C 75 2.01 -32.04 -36.43
CA ASP C 75 2.41 -31.25 -35.27
C ASP C 75 1.33 -31.45 -34.23
N PRO C 76 1.72 -31.86 -33.02
CA PRO C 76 0.79 -32.12 -31.92
C PRO C 76 0.37 -30.96 -31.09
N PHE C 77 0.90 -29.77 -31.39
CA PHE C 77 0.59 -28.56 -30.62
C PHE C 77 -0.24 -27.53 -31.34
N PHE C 78 0.06 -27.28 -32.61
CA PHE C 78 -0.67 -26.27 -33.38
C PHE C 78 -2.18 -26.51 -33.34
N ALA C 79 -2.95 -25.43 -33.33
CA ALA C 79 -4.41 -25.49 -33.23
C ALA C 79 -5.14 -26.04 -34.44
N ASP C 80 -4.61 -25.73 -35.62
CA ASP C 80 -5.15 -26.15 -36.90
C ASP C 80 -4.28 -27.29 -37.37
N SER C 81 -4.88 -28.34 -37.93
CA SER C 81 -4.12 -29.51 -38.39
C SER C 81 -2.98 -29.15 -39.33
N THR C 82 -1.75 -29.44 -38.90
CA THR C 82 -0.62 -29.11 -39.75
C THR C 82 0.43 -30.18 -39.78
N LEU C 83 0.98 -30.37 -40.97
CA LEU C 83 1.96 -31.39 -41.20
C LEU C 83 3.33 -30.80 -41.32
N ILE C 84 4.24 -31.38 -40.56
CA ILE C 84 5.62 -30.93 -40.57
C ILE C 84 6.41 -31.74 -41.58
N ILE C 85 7.22 -31.04 -42.38
CA ILE C 85 8.07 -31.68 -43.36
C ILE C 85 9.42 -31.02 -43.28
N ARG C 86 10.41 -31.80 -42.89
CA ARG C 86 11.79 -31.34 -42.77
C ARG C 86 12.28 -31.12 -44.18
N CYS C 87 13.17 -30.15 -44.37
CA CYS C 87 13.66 -29.83 -45.72
C CYS C 87 15.15 -29.71 -45.73
N ASP C 88 15.79 -29.89 -46.89
CA ASP C 88 17.25 -29.69 -46.98
C ASP C 88 17.34 -28.36 -47.73
N ILE C 89 18.50 -27.73 -47.64
CA ILE C 89 18.72 -26.46 -48.31
C ILE C 89 19.61 -26.74 -49.50
N LEU C 90 19.08 -26.52 -50.69
CA LEU C 90 19.83 -26.78 -51.91
C LEU C 90 20.18 -25.50 -52.64
N GLU C 91 21.28 -25.57 -53.37
CA GLU C 91 21.77 -24.44 -54.18
C GLU C 91 20.78 -24.41 -55.38
N PRO C 92 20.31 -23.23 -55.80
CA PRO C 92 19.36 -23.17 -56.92
C PRO C 92 19.95 -23.62 -58.26
N GLY C 93 19.11 -24.24 -59.07
CA GLY C 93 19.55 -24.73 -60.37
C GLY C 93 20.31 -26.04 -60.22
N THR C 94 21.49 -25.95 -59.61
CA THR C 94 22.30 -27.14 -59.38
C THR C 94 21.56 -28.12 -58.48
N LEU C 95 20.74 -27.59 -57.57
CA LEU C 95 19.96 -28.39 -56.62
C LEU C 95 20.89 -29.35 -55.89
N GLN C 96 22.08 -28.84 -55.57
CA GLN C 96 23.10 -29.69 -54.98
C GLN C 96 23.01 -29.97 -53.48
N GLY C 97 22.96 -28.96 -52.69
CA GLY C 97 22.99 -29.13 -51.27
C GLY C 97 24.01 -28.14 -50.79
N TYR C 98 23.48 -27.09 -50.19
CA TYR C 98 24.25 -25.97 -49.70
C TYR C 98 25.39 -26.40 -48.78
N ASP C 99 26.57 -25.85 -49.04
CA ASP C 99 27.77 -26.16 -48.27
C ASP C 99 27.57 -25.90 -46.79
N ARG C 100 26.81 -24.85 -46.49
CA ARG C 100 26.55 -24.47 -45.12
C ARG C 100 25.30 -25.08 -44.48
N ASP C 101 24.56 -25.90 -45.22
CA ASP C 101 23.35 -26.55 -44.68
C ASP C 101 23.81 -27.75 -43.83
N PRO C 102 23.61 -27.68 -42.51
CA PRO C 102 23.99 -28.73 -41.58
C PRO C 102 23.38 -30.07 -41.86
N ARG C 103 22.20 -30.11 -42.48
CA ARG C 103 21.62 -31.42 -42.73
C ARG C 103 22.30 -32.02 -43.95
N SER C 104 22.61 -31.17 -44.94
CA SER C 104 23.29 -31.63 -46.14
C SER C 104 24.66 -32.17 -45.76
N ILE C 105 25.32 -31.44 -44.85
CA ILE C 105 26.64 -31.82 -44.36
C ILE C 105 26.62 -33.17 -43.67
N ALA C 106 25.57 -33.42 -42.90
CA ALA C 106 25.46 -34.66 -42.19
C ALA C 106 25.19 -35.79 -43.18
N LYS C 107 24.41 -35.49 -44.22
CA LYS C 107 24.10 -36.51 -45.22
C LYS C 107 25.40 -36.85 -45.97
N ARG C 108 26.15 -35.82 -46.34
CA ARG C 108 27.41 -36.00 -47.04
C ARG C 108 28.34 -36.92 -46.26
N ALA C 109 28.33 -36.75 -44.95
CA ALA C 109 29.18 -37.55 -44.08
C ALA C 109 28.73 -39.01 -44.05
N GLU C 110 27.43 -39.25 -44.17
CA GLU C 110 26.95 -40.63 -44.16
C GLU C 110 27.33 -41.27 -45.50
N ASP C 111 27.32 -40.46 -46.54
CA ASP C 111 27.68 -40.90 -47.88
C ASP C 111 29.15 -41.32 -47.87
N TYR C 112 30.02 -40.41 -47.46
CA TYR C 112 31.46 -40.67 -47.40
C TYR C 112 31.80 -41.93 -46.60
N LEU C 113 30.95 -42.28 -45.64
CA LEU C 113 31.16 -43.48 -44.82
C LEU C 113 31.03 -44.68 -45.76
N ARG C 114 29.90 -44.74 -46.45
CA ARG C 114 29.63 -45.82 -47.39
C ARG C 114 30.70 -45.87 -48.49
N ALA C 115 31.11 -44.70 -48.97
CA ALA C 115 32.14 -44.59 -50.00
C ALA C 115 33.47 -45.23 -49.62
N THR C 116 34.00 -44.89 -48.44
CA THR C 116 35.26 -45.46 -47.99
C THR C 116 35.10 -46.96 -47.83
N GLY C 117 33.85 -47.39 -47.81
CA GLY C 117 33.54 -48.80 -47.63
C GLY C 117 33.85 -49.31 -46.22
N ILE C 118 34.23 -48.40 -45.32
CA ILE C 118 34.52 -48.81 -43.94
C ILE C 118 33.32 -49.44 -43.26
N ALA C 119 32.12 -48.95 -43.58
CA ALA C 119 30.85 -49.45 -43.04
C ALA C 119 29.74 -48.88 -43.90
N ASP C 120 28.50 -49.35 -43.72
CA ASP C 120 27.41 -48.82 -44.52
C ASP C 120 26.40 -47.94 -43.79
N THR C 121 26.47 -47.94 -42.45
CA THR C 121 25.58 -47.12 -41.61
C THR C 121 26.25 -46.78 -40.28
N VAL C 122 25.99 -45.58 -39.77
CA VAL C 122 26.51 -45.12 -38.47
C VAL C 122 25.37 -45.05 -37.48
N LEU C 123 25.61 -45.50 -36.26
CA LEU C 123 24.58 -45.47 -35.25
C LEU C 123 24.85 -44.49 -34.12
N PHE C 124 23.90 -43.58 -33.91
CA PHE C 124 24.00 -42.58 -32.85
C PHE C 124 22.90 -42.68 -31.83
N GLY C 125 23.32 -42.70 -30.57
CA GLY C 125 22.37 -42.76 -29.46
C GLY C 125 22.73 -41.65 -28.49
N PRO C 126 22.33 -40.41 -28.76
CA PRO C 126 22.64 -39.29 -27.86
C PRO C 126 21.67 -39.25 -26.68
N GLU C 127 22.14 -38.74 -25.54
CA GLU C 127 21.33 -38.67 -24.33
C GLU C 127 21.23 -37.24 -23.84
N PRO C 128 20.42 -36.42 -24.51
CA PRO C 128 20.33 -35.05 -24.05
C PRO C 128 19.53 -34.92 -22.77
N GLU C 129 20.07 -34.12 -21.86
CA GLU C 129 19.46 -33.82 -20.57
C GLU C 129 18.94 -32.38 -20.66
N PHE C 130 18.03 -32.00 -19.77
CA PHE C 130 17.52 -30.64 -19.81
C PHE C 130 16.95 -30.20 -18.48
N PHE C 131 16.64 -28.91 -18.37
CA PHE C 131 16.05 -28.35 -17.14
C PHE C 131 14.68 -27.79 -17.39
N LEU C 132 13.82 -27.93 -16.40
CA LEU C 132 12.46 -27.40 -16.45
C LEU C 132 12.28 -26.38 -15.34
N PHE C 133 12.09 -25.11 -15.67
CA PHE C 133 11.93 -24.07 -14.67
C PHE C 133 10.56 -23.45 -14.75
N ASP C 134 10.27 -22.56 -13.81
CA ASP C 134 9.00 -21.84 -13.75
C ASP C 134 9.23 -20.40 -14.21
N ASP C 135 10.40 -19.85 -13.88
CA ASP C 135 10.72 -18.45 -14.18
C ASP C 135 12.18 -18.34 -14.54
N ILE C 136 12.46 -17.63 -15.63
CA ILE C 136 13.82 -17.38 -16.06
C ILE C 136 13.84 -15.92 -16.48
N ARG C 137 14.73 -15.15 -15.86
CA ARG C 137 14.87 -13.73 -16.09
C ARG C 137 16.31 -13.39 -16.28
N PHE C 138 16.63 -12.53 -17.24
CA PHE C 138 18.00 -12.11 -17.43
C PHE C 138 18.06 -10.86 -18.27
N GLY C 139 19.22 -10.23 -18.24
CA GLY C 139 19.40 -9.01 -19.00
C GLY C 139 20.82 -8.50 -18.83
N ALA C 140 21.19 -7.53 -19.65
CA ALA C 140 22.51 -6.93 -19.59
C ALA C 140 22.43 -5.63 -20.34
N SER C 141 22.87 -4.58 -19.66
CA SER C 141 22.88 -3.25 -20.24
C SER C 141 24.12 -2.58 -19.68
N ILE C 142 24.30 -1.32 -20.01
CA ILE C 142 25.48 -0.63 -19.57
C ILE C 142 25.65 -0.61 -18.05
N SER C 143 24.54 -0.48 -17.33
CA SER C 143 24.63 -0.38 -15.88
C SER C 143 24.63 -1.69 -15.11
N GLY C 144 24.70 -2.81 -15.82
CA GLY C 144 24.77 -4.07 -15.10
C GLY C 144 24.25 -5.24 -15.90
N SER C 145 23.99 -6.33 -15.22
CA SER C 145 23.48 -7.53 -15.85
C SER C 145 23.05 -8.51 -14.79
N HIS C 146 22.25 -9.49 -15.17
CA HIS C 146 21.79 -10.45 -14.19
C HIS C 146 21.11 -11.64 -14.81
N VAL C 147 20.93 -12.67 -13.99
CA VAL C 147 20.20 -13.86 -14.36
C VAL C 147 19.61 -14.41 -13.10
N ALA C 148 18.33 -14.70 -13.18
CA ALA C 148 17.61 -15.24 -12.06
C ALA C 148 16.83 -16.46 -12.45
N ILE C 149 17.04 -17.57 -11.79
CA ILE C 149 16.34 -18.81 -12.13
C ILE C 149 15.37 -19.16 -11.05
N ASP C 150 14.23 -19.72 -11.42
CA ASP C 150 13.32 -20.11 -10.37
C ASP C 150 12.46 -21.30 -10.77
N ASP C 151 12.30 -22.21 -9.83
CA ASP C 151 11.49 -23.37 -10.03
C ASP C 151 10.96 -23.86 -8.72
N ILE C 152 9.79 -24.47 -8.75
CA ILE C 152 9.18 -24.94 -7.53
C ILE C 152 10.02 -26.03 -6.85
N GLU C 153 10.91 -26.65 -7.60
CA GLU C 153 11.78 -27.70 -7.06
C GLU C 153 13.07 -27.15 -6.51
N GLY C 154 13.43 -25.94 -6.88
CA GLY C 154 14.67 -25.39 -6.39
C GLY C 154 14.84 -25.48 -4.90
N ALA C 155 15.96 -26.02 -4.45
CA ALA C 155 16.19 -26.16 -3.02
C ALA C 155 16.06 -24.85 -2.27
N TRP C 156 16.41 -23.76 -2.94
CA TRP C 156 16.37 -22.43 -2.31
C TRP C 156 14.97 -22.03 -1.90
N ASN C 157 13.96 -22.65 -2.48
CA ASN C 157 12.59 -22.32 -2.14
C ASN C 157 12.09 -23.01 -0.89
N SER C 158 12.99 -23.67 -0.17
CA SER C 158 12.58 -24.34 1.07
C SER C 158 12.08 -23.27 2.05
N SER C 159 12.51 -22.04 1.86
CA SER C 159 12.13 -20.94 2.72
C SER C 159 11.10 -19.97 2.16
N THR C 160 10.71 -20.16 0.91
CA THR C 160 9.78 -19.27 0.24
C THR C 160 8.34 -19.35 0.71
N LYS C 161 7.70 -18.19 0.86
CA LYS C 161 6.30 -18.15 1.27
C LYS C 161 5.47 -18.29 0.00
N TYR C 162 4.51 -19.20 0.03
CA TYR C 162 3.64 -19.43 -1.11
C TYR C 162 2.21 -19.11 -0.71
N GLU C 163 1.43 -18.69 -1.69
CA GLU C 163 0.03 -18.32 -1.51
C GLU C 163 -0.72 -19.39 -0.73
N GLY C 164 -0.71 -20.62 -1.23
CA GLY C 164 -1.42 -21.70 -0.54
C GLY C 164 -0.57 -22.53 0.41
N GLY C 165 0.55 -21.95 0.85
CA GLY C 165 1.45 -22.66 1.73
C GLY C 165 2.56 -23.39 0.98
N ASN C 166 3.74 -23.45 1.60
CA ASN C 166 4.89 -24.14 1.00
C ASN C 166 4.74 -25.60 1.38
N LYS C 167 4.61 -26.48 0.39
CA LYS C 167 4.38 -27.92 0.62
C LYS C 167 5.66 -28.72 0.82
N GLY C 168 6.70 -27.98 0.71
CA GLY C 168 8.07 -28.35 0.82
C GLY C 168 8.53 -29.81 0.70
N HIS C 169 8.50 -30.42 -0.47
CA HIS C 169 9.21 -31.70 -0.69
C HIS C 169 10.03 -31.49 -1.93
N ARG C 170 11.22 -31.01 -1.72
CA ARG C 170 12.07 -30.64 -2.85
C ARG C 170 13.37 -31.39 -2.87
N PRO C 171 13.90 -31.59 -4.09
CA PRO C 171 15.16 -32.28 -4.28
C PRO C 171 16.23 -31.31 -3.84
N GLY C 172 17.12 -31.76 -2.95
CA GLY C 172 18.19 -30.88 -2.50
C GLY C 172 19.23 -30.74 -3.59
N VAL C 173 20.29 -29.96 -3.35
CA VAL C 173 21.34 -29.77 -4.34
C VAL C 173 21.97 -31.13 -4.64
N LYS C 174 22.09 -31.47 -5.92
CA LYS C 174 22.65 -32.75 -6.38
C LYS C 174 21.83 -33.92 -5.82
N GLY C 175 20.60 -33.67 -5.39
CA GLY C 175 19.80 -34.74 -4.79
C GLY C 175 18.54 -35.12 -5.63
N GLY C 176 18.61 -34.92 -6.93
CA GLY C 176 17.48 -35.23 -7.78
C GLY C 176 17.45 -36.66 -8.28
N TYR C 177 18.53 -37.43 -8.10
CA TYR C 177 18.51 -38.80 -8.64
C TYR C 177 17.58 -39.76 -7.89
N PHE C 178 16.32 -39.68 -8.38
CA PHE C 178 15.16 -40.61 -8.25
C PHE C 178 14.22 -40.52 -7.03
N PRO C 179 14.32 -39.58 -6.09
CA PRO C 179 13.25 -39.57 -5.11
C PRO C 179 11.89 -39.65 -5.74
N VAL C 180 11.03 -40.56 -5.30
CA VAL C 180 9.70 -40.63 -5.91
C VAL C 180 8.88 -39.38 -5.58
N PRO C 181 7.81 -39.14 -6.33
CA PRO C 181 6.97 -37.98 -6.07
C PRO C 181 6.48 -38.08 -4.62
N PRO C 182 6.13 -36.96 -4.01
CA PRO C 182 6.15 -35.60 -4.59
C PRO C 182 7.49 -34.90 -4.68
N VAL C 183 8.58 -35.48 -4.21
CA VAL C 183 9.88 -34.80 -4.32
C VAL C 183 10.12 -34.55 -5.81
N ASP C 184 9.86 -35.56 -6.61
CA ASP C 184 10.01 -35.45 -8.07
C ASP C 184 8.66 -34.91 -8.53
N SER C 185 8.64 -33.68 -9.01
CA SER C 185 7.40 -33.06 -9.43
C SER C 185 7.10 -33.20 -10.90
N ALA C 186 7.96 -33.90 -11.64
CA ALA C 186 7.77 -33.99 -13.07
C ALA C 186 7.41 -35.31 -13.72
N GLN C 187 6.77 -36.21 -12.99
CA GLN C 187 6.41 -37.47 -13.59
C GLN C 187 5.42 -37.30 -14.73
N ASP C 188 4.29 -36.66 -14.46
CA ASP C 188 3.28 -36.48 -15.50
C ASP C 188 3.84 -35.78 -16.74
N ILE C 189 4.68 -34.77 -16.53
CA ILE C 189 5.20 -34.05 -17.67
C ILE C 189 6.21 -34.88 -18.45
N ARG C 190 7.07 -35.62 -17.77
CA ARG C 190 8.03 -36.45 -18.50
C ARG C 190 7.27 -37.47 -19.35
N SER C 191 6.18 -38.01 -18.86
CA SER C 191 5.46 -38.96 -19.69
C SER C 191 4.75 -38.37 -20.88
N GLU C 192 4.19 -37.17 -20.73
CA GLU C 192 3.54 -36.52 -21.86
C GLU C 192 4.61 -36.34 -22.92
N MET C 193 5.81 -35.91 -22.49
CA MET C 193 6.89 -35.71 -23.45
C MET C 193 7.17 -37.02 -24.16
N CYS C 194 7.13 -38.12 -23.42
CA CYS C 194 7.36 -39.43 -24.02
C CYS C 194 6.29 -39.78 -25.04
N LEU C 195 5.04 -39.71 -24.62
CA LEU C 195 3.96 -40.03 -25.51
C LEU C 195 4.01 -39.20 -26.77
N VAL C 196 4.23 -37.90 -26.62
CA VAL C 196 4.28 -37.02 -27.76
C VAL C 196 5.48 -37.31 -28.64
N MET C 197 6.61 -37.61 -28.02
CA MET C 197 7.81 -37.93 -28.79
C MET C 197 7.53 -39.13 -29.67
N GLU C 198 6.84 -40.12 -29.12
CA GLU C 198 6.53 -41.29 -29.89
C GLU C 198 5.50 -41.04 -30.97
N GLN C 199 4.55 -40.15 -30.70
CA GLN C 199 3.57 -39.80 -31.72
C GLN C 199 4.32 -39.16 -32.88
N MET C 200 5.52 -38.66 -32.60
CA MET C 200 6.30 -38.01 -33.63
C MET C 200 7.40 -38.88 -34.20
N GLY C 201 7.33 -40.18 -33.94
CA GLY C 201 8.30 -41.11 -34.50
C GLY C 201 9.49 -41.52 -33.70
N LEU C 202 9.66 -40.96 -32.52
CA LEU C 202 10.78 -41.34 -31.70
C LEU C 202 10.38 -42.57 -30.92
N VAL C 203 11.38 -43.29 -30.42
CA VAL C 203 11.11 -44.47 -29.61
C VAL C 203 11.78 -44.22 -28.28
N VAL C 204 10.96 -44.22 -27.25
CA VAL C 204 11.43 -43.91 -25.92
C VAL C 204 11.84 -45.13 -25.15
N GLU C 205 12.99 -45.04 -24.48
CA GLU C 205 13.48 -46.14 -23.67
C GLU C 205 13.26 -45.92 -22.19
N ALA C 206 13.34 -44.67 -21.75
CA ALA C 206 13.14 -44.37 -20.35
C ALA C 206 13.06 -42.89 -20.06
N HIS C 207 12.56 -42.55 -18.87
CA HIS C 207 12.52 -41.18 -18.47
C HIS C 207 12.67 -41.12 -16.95
N HIS C 208 13.39 -40.09 -16.53
CA HIS C 208 13.66 -39.96 -15.11
C HIS C 208 14.14 -38.55 -14.77
N HIS C 209 14.08 -38.23 -13.50
CA HIS C 209 14.55 -36.97 -13.01
C HIS C 209 16.07 -37.07 -13.04
N GLU C 210 16.79 -35.98 -13.25
CA GLU C 210 18.24 -36.06 -13.24
C GLU C 210 18.78 -35.61 -11.89
N VAL C 211 20.09 -35.40 -11.79
CA VAL C 211 20.72 -35.07 -10.52
C VAL C 211 20.42 -33.71 -9.90
N ALA C 212 20.44 -32.67 -10.68
CA ALA C 212 20.30 -31.33 -10.14
C ALA C 212 18.94 -31.00 -9.54
N THR C 213 18.95 -30.11 -8.55
CA THR C 213 17.72 -29.63 -7.94
C THR C 213 17.10 -28.73 -9.02
N ALA C 214 15.91 -28.22 -8.76
CA ALA C 214 15.32 -27.29 -9.70
C ALA C 214 14.98 -27.84 -11.09
N GLY C 215 14.54 -29.08 -11.19
CA GLY C 215 14.03 -29.60 -12.47
C GLY C 215 14.96 -30.15 -13.55
N GLN C 216 16.06 -30.77 -13.19
CA GLN C 216 16.82 -31.38 -14.27
C GLN C 216 16.12 -32.68 -14.59
N ASN C 217 15.92 -32.97 -15.87
CA ASN C 217 15.21 -34.17 -16.25
C ASN C 217 15.82 -34.77 -17.50
N GLU C 218 15.40 -36.01 -17.83
CA GLU C 218 15.92 -36.68 -19.02
C GLU C 218 14.95 -37.68 -19.61
N VAL C 219 14.82 -37.66 -20.94
CA VAL C 219 14.03 -38.62 -21.69
C VAL C 219 15.02 -39.33 -22.60
N ALA C 220 15.16 -40.63 -22.38
CA ALA C 220 16.07 -41.43 -23.17
C ALA C 220 15.36 -42.06 -24.34
N THR C 221 15.91 -41.83 -25.53
CA THR C 221 15.32 -42.36 -26.74
C THR C 221 16.26 -43.36 -27.43
N ARG C 222 15.69 -44.28 -28.21
CA ARG C 222 16.46 -45.27 -28.95
C ARG C 222 17.28 -44.61 -30.04
N PHE C 223 18.46 -45.20 -30.26
CA PHE C 223 19.40 -44.70 -31.25
C PHE C 223 18.74 -44.81 -32.62
N ASN C 224 19.44 -44.37 -33.63
CA ASN C 224 18.99 -44.42 -35.02
C ASN C 224 20.18 -44.05 -35.89
N THR C 225 20.03 -44.12 -37.19
CA THR C 225 21.14 -43.78 -38.07
C THR C 225 21.43 -42.31 -37.88
N MET C 226 22.69 -41.94 -37.99
CA MET C 226 23.15 -40.57 -37.73
C MET C 226 22.20 -39.43 -38.15
N THR C 227 21.99 -39.21 -39.46
CA THR C 227 21.15 -38.09 -39.85
C THR C 227 19.70 -38.18 -39.32
N LYS C 228 19.13 -39.36 -39.27
CA LYS C 228 17.77 -39.48 -38.76
C LYS C 228 17.75 -39.16 -37.26
N LYS C 229 18.85 -39.42 -36.57
CA LYS C 229 18.90 -39.15 -35.15
C LYS C 229 18.99 -37.67 -34.86
N ALA C 230 19.75 -36.94 -35.66
CA ALA C 230 19.87 -35.51 -35.49
C ALA C 230 18.48 -34.90 -35.72
N ASP C 231 17.74 -35.47 -36.67
CA ASP C 231 16.39 -35.01 -36.94
C ASP C 231 15.62 -35.24 -35.63
N GLU C 232 15.76 -36.45 -35.08
CA GLU C 232 15.09 -36.80 -33.83
C GLU C 232 15.45 -35.86 -32.68
N ILE C 233 16.69 -35.39 -32.63
CA ILE C 233 17.11 -34.48 -31.59
C ILE C 233 16.32 -33.18 -31.70
N GLN C 234 16.19 -32.67 -32.91
CA GLN C 234 15.44 -31.46 -33.17
C GLN C 234 13.98 -31.59 -32.71
N ILE C 235 13.39 -32.75 -33.01
CA ILE C 235 12.01 -33.05 -32.64
C ILE C 235 11.94 -33.17 -31.13
N TYR C 236 12.92 -33.84 -30.61
CA TYR C 236 13.02 -34.04 -29.18
C TYR C 236 12.99 -32.70 -28.46
N LYS C 237 13.86 -31.81 -28.88
CA LYS C 237 13.92 -30.48 -28.27
C LYS C 237 12.59 -29.76 -28.43
N TYR C 238 12.02 -29.89 -29.62
CA TYR C 238 10.76 -29.24 -29.91
C TYR C 238 9.68 -29.74 -28.95
N VAL C 239 9.61 -31.04 -28.78
CA VAL C 239 8.61 -31.59 -27.89
C VAL C 239 8.85 -31.13 -26.46
N VAL C 240 10.09 -31.21 -26.01
CA VAL C 240 10.43 -30.79 -24.67
C VAL C 240 10.04 -29.33 -24.43
N HIS C 241 10.48 -28.46 -25.34
CA HIS C 241 10.19 -27.04 -25.21
C HIS C 241 8.71 -26.74 -25.19
N ASN C 242 7.97 -27.36 -26.08
CA ASN C 242 6.55 -27.10 -26.17
C ASN C 242 5.67 -27.78 -25.14
N VAL C 243 6.03 -28.98 -24.69
CA VAL C 243 5.22 -29.61 -23.67
C VAL C 243 5.43 -28.80 -22.39
N ALA C 244 6.67 -28.37 -22.16
CA ALA C 244 6.97 -27.58 -20.99
C ALA C 244 6.12 -26.30 -21.01
N HIS C 245 6.12 -25.62 -22.15
CA HIS C 245 5.36 -24.39 -22.32
C HIS C 245 3.91 -24.65 -22.02
N ARG C 246 3.36 -25.74 -22.53
CA ARG C 246 1.95 -26.05 -22.29
C ARG C 246 1.67 -26.37 -20.84
N PHE C 247 2.68 -26.81 -20.10
CA PHE C 247 2.48 -27.13 -18.69
C PHE C 247 2.79 -25.95 -17.79
N GLY C 248 3.09 -24.81 -18.37
CA GLY C 248 3.40 -23.65 -17.56
C GLY C 248 4.84 -23.61 -17.12
N LYS C 249 5.71 -24.35 -17.82
CA LYS C 249 7.11 -24.32 -17.48
C LYS C 249 7.91 -23.75 -18.65
N THR C 250 9.22 -23.78 -18.52
CA THR C 250 10.08 -23.30 -19.57
C THR C 250 11.30 -24.20 -19.50
N ALA C 251 11.65 -24.83 -20.62
CA ALA C 251 12.78 -25.73 -20.62
C ALA C 251 13.98 -25.17 -21.30
N THR C 252 15.16 -25.58 -20.83
CA THR C 252 16.39 -25.15 -21.47
C THR C 252 17.39 -26.29 -21.62
N PHE C 253 18.08 -26.28 -22.76
CA PHE C 253 19.10 -27.27 -23.01
C PHE C 253 20.48 -26.67 -22.80
N MET C 254 20.56 -25.51 -22.15
CA MET C 254 21.85 -24.89 -21.85
C MET C 254 22.66 -25.90 -21.07
N PRO C 255 23.96 -25.96 -21.29
CA PRO C 255 24.73 -26.93 -20.54
C PRO C 255 24.96 -26.70 -19.05
N LYS C 256 25.13 -25.46 -18.62
CA LYS C 256 25.36 -25.20 -17.19
C LYS C 256 24.60 -23.96 -16.75
N PRO C 257 23.30 -24.10 -16.41
CA PRO C 257 22.58 -22.90 -15.98
C PRO C 257 22.90 -22.50 -14.55
N MET C 258 23.37 -23.45 -13.76
CA MET C 258 23.68 -23.15 -12.37
C MET C 258 25.04 -23.58 -11.87
N PHE C 259 25.68 -22.67 -11.18
CA PHE C 259 26.96 -23.00 -10.60
C PHE C 259 26.65 -23.78 -9.31
N GLY C 260 27.29 -24.92 -9.08
CA GLY C 260 27.03 -25.62 -7.84
C GLY C 260 26.19 -26.87 -7.95
N ASP C 261 25.65 -27.11 -9.12
CA ASP C 261 24.88 -28.32 -9.32
C ASP C 261 25.15 -28.76 -10.74
N ASN C 262 24.72 -29.99 -11.02
CA ASN C 262 24.90 -30.62 -12.32
C ASN C 262 24.61 -29.77 -13.53
N GLY C 263 25.36 -30.01 -14.59
CA GLY C 263 25.11 -29.33 -15.83
C GLY C 263 24.33 -30.35 -16.65
N SER C 264 24.01 -30.04 -17.89
CA SER C 264 23.30 -30.99 -18.71
C SER C 264 24.24 -31.41 -19.82
N GLY C 265 24.39 -32.72 -19.99
CA GLY C 265 25.26 -33.24 -21.02
C GLY C 265 24.47 -33.98 -22.08
N MET C 266 25.15 -34.35 -23.15
CA MET C 266 24.51 -35.12 -24.20
C MET C 266 25.48 -36.19 -24.64
N HIS C 267 25.61 -37.24 -23.84
CA HIS C 267 26.48 -38.34 -24.15
C HIS C 267 26.09 -38.90 -25.50
N CYS C 268 27.08 -39.32 -26.27
CA CYS C 268 26.79 -39.90 -27.56
C CYS C 268 27.35 -41.31 -27.71
N HIS C 269 26.43 -42.26 -27.82
CA HIS C 269 26.78 -43.65 -28.01
C HIS C 269 26.89 -43.82 -29.52
N MET C 270 27.96 -44.47 -29.95
CA MET C 270 28.18 -44.69 -31.38
C MET C 270 28.70 -46.10 -31.68
N SER C 271 28.46 -46.53 -32.92
CA SER C 271 28.92 -47.83 -33.40
C SER C 271 28.71 -47.82 -34.90
N LEU C 272 29.47 -48.66 -35.61
CA LEU C 272 29.34 -48.74 -37.05
C LEU C 272 28.82 -50.10 -37.45
N ALA C 273 28.29 -50.21 -38.67
CA ALA C 273 27.76 -51.47 -39.13
C ALA C 273 27.83 -51.66 -40.63
N LYS C 274 27.88 -52.92 -41.04
CA LYS C 274 27.90 -53.31 -42.44
C LYS C 274 27.10 -54.60 -42.57
N ASN C 275 26.19 -54.61 -43.54
CA ASN C 275 25.32 -55.75 -43.82
C ASN C 275 24.83 -56.39 -42.52
N GLY C 276 24.24 -55.56 -41.67
CA GLY C 276 23.70 -56.04 -40.42
C GLY C 276 24.62 -56.50 -39.29
N THR C 277 25.94 -56.50 -39.50
CA THR C 277 26.82 -56.92 -38.42
C THR C 277 27.47 -55.71 -37.75
N ASN C 278 27.66 -55.79 -36.43
CA ASN C 278 28.25 -54.70 -35.68
C ASN C 278 29.78 -54.66 -35.77
N LEU C 279 30.29 -53.80 -36.64
CA LEU C 279 31.72 -53.64 -36.83
C LEU C 279 32.54 -53.26 -35.60
N PHE C 280 31.87 -53.04 -34.46
CA PHE C 280 32.56 -52.66 -33.24
C PHE C 280 32.79 -53.79 -32.24
N SER C 281 32.18 -54.95 -32.45
CA SER C 281 32.39 -56.07 -31.53
C SER C 281 33.65 -56.84 -31.96
N GLY C 282 34.40 -57.32 -30.98
CA GLY C 282 35.62 -58.05 -31.27
C GLY C 282 36.19 -58.76 -30.07
N ASP C 283 37.45 -59.17 -30.17
CA ASP C 283 38.15 -59.88 -29.10
C ASP C 283 39.05 -58.97 -28.26
N LYS C 284 39.26 -57.74 -28.73
CA LYS C 284 40.08 -56.76 -28.03
C LYS C 284 39.39 -56.27 -26.75
N TYR C 285 39.95 -55.25 -26.11
CA TYR C 285 39.41 -54.68 -24.85
C TYR C 285 37.89 -54.55 -24.73
N ALA C 286 37.36 -55.04 -23.61
CA ALA C 286 35.92 -54.97 -23.32
C ALA C 286 34.95 -55.44 -24.41
N GLY C 287 35.41 -56.26 -25.33
CA GLY C 287 34.54 -56.76 -26.38
C GLY C 287 34.57 -55.96 -27.66
N LEU C 288 35.58 -55.09 -27.78
CA LEU C 288 35.73 -54.23 -28.95
C LEU C 288 36.50 -54.78 -30.13
N SER C 289 36.23 -54.23 -31.31
CA SER C 289 36.92 -54.60 -32.55
C SER C 289 38.10 -53.64 -32.60
N GLU C 290 39.10 -53.92 -33.43
CA GLU C 290 40.23 -53.00 -33.49
C GLU C 290 39.79 -51.75 -34.23
N GLN C 291 38.69 -51.87 -34.97
CA GLN C 291 38.13 -50.74 -35.70
C GLN C 291 37.61 -49.70 -34.71
N ALA C 292 36.93 -50.18 -33.68
CA ALA C 292 36.39 -49.34 -32.62
C ALA C 292 37.50 -48.54 -31.98
N LEU C 293 38.61 -49.21 -31.71
CA LEU C 293 39.76 -48.57 -31.08
C LEU C 293 40.35 -47.47 -31.95
N TYR C 294 40.42 -47.70 -33.26
CA TYR C 294 40.95 -46.67 -34.16
C TYR C 294 40.00 -45.49 -34.14
N TYR C 295 38.71 -45.80 -34.11
CA TYR C 295 37.68 -44.79 -34.06
C TYR C 295 37.92 -43.93 -32.83
N ILE C 296 38.06 -44.59 -31.68
CA ILE C 296 38.32 -43.90 -30.43
C ILE C 296 39.55 -43.02 -30.56
N GLY C 297 40.59 -43.57 -31.18
CA GLY C 297 41.82 -42.84 -31.34
C GLY C 297 41.57 -41.59 -32.13
N GLY C 298 40.71 -41.70 -33.14
CA GLY C 298 40.38 -40.54 -33.96
C GLY C 298 39.70 -39.47 -33.14
N VAL C 299 38.69 -39.87 -32.38
CA VAL C 299 37.94 -38.97 -31.52
C VAL C 299 38.89 -38.26 -30.57
N ILE C 300 39.80 -39.02 -29.99
CA ILE C 300 40.76 -38.44 -29.06
C ILE C 300 41.72 -37.49 -29.77
N LYS C 301 42.17 -37.85 -30.96
CA LYS C 301 43.11 -37.01 -31.67
C LYS C 301 42.48 -35.65 -31.99
N HIS C 302 41.23 -35.68 -32.45
CA HIS C 302 40.53 -34.45 -32.83
C HIS C 302 39.51 -33.90 -31.82
N ALA C 303 39.63 -34.31 -30.56
CA ALA C 303 38.71 -33.88 -29.52
C ALA C 303 38.51 -32.37 -29.46
N LYS C 304 39.59 -31.61 -29.32
CA LYS C 304 39.46 -30.17 -29.25
C LYS C 304 38.70 -29.55 -30.43
N ALA C 305 38.84 -30.12 -31.62
CA ALA C 305 38.13 -29.56 -32.75
C ALA C 305 36.67 -29.98 -32.67
N ILE C 306 36.43 -31.21 -32.22
CA ILE C 306 35.05 -31.68 -32.10
C ILE C 306 34.30 -30.81 -31.10
N ASN C 307 35.03 -30.38 -30.06
CA ASN C 307 34.47 -29.53 -29.02
C ASN C 307 33.77 -28.33 -29.59
N ALA C 308 34.35 -27.73 -30.63
CA ALA C 308 33.79 -26.56 -31.26
C ALA C 308 32.39 -26.81 -31.81
N LEU C 309 32.02 -28.07 -31.92
CA LEU C 309 30.69 -28.42 -32.43
C LEU C 309 29.84 -29.13 -31.40
N ALA C 310 30.49 -29.85 -30.49
CA ALA C 310 29.81 -30.60 -29.47
C ALA C 310 29.63 -29.82 -28.18
N ASN C 311 30.33 -28.70 -28.06
CA ASN C 311 30.29 -27.82 -26.90
C ASN C 311 30.52 -26.46 -27.52
N PRO C 312 29.55 -25.99 -28.31
CA PRO C 312 29.62 -24.71 -29.01
C PRO C 312 29.28 -23.44 -28.31
N THR C 313 29.22 -23.47 -26.98
CA THR C 313 28.87 -22.27 -26.23
C THR C 313 29.91 -22.02 -25.15
N THR C 314 30.07 -20.77 -24.74
CA THR C 314 31.02 -20.49 -23.67
C THR C 314 30.52 -21.21 -22.42
N ASN C 315 29.19 -21.28 -22.29
CA ASN C 315 28.55 -21.92 -21.14
C ASN C 315 28.95 -23.38 -21.07
N SER C 316 29.17 -24.01 -22.23
CA SER C 316 29.55 -25.42 -22.30
C SER C 316 30.74 -25.73 -21.41
N TYR C 317 31.66 -24.75 -21.34
CA TYR C 317 32.90 -24.91 -20.60
C TYR C 317 32.69 -24.65 -19.12
N LYS C 318 31.49 -24.36 -18.70
CA LYS C 318 31.30 -24.19 -17.29
C LYS C 318 30.88 -25.53 -16.69
N ARG C 319 30.59 -26.47 -17.59
CA ARG C 319 30.24 -27.86 -17.26
C ARG C 319 31.52 -28.72 -17.30
N LEU C 320 32.35 -28.42 -18.29
CA LEU C 320 33.62 -29.11 -18.48
C LEU C 320 34.71 -28.37 -17.71
N VAL C 321 34.73 -28.61 -16.41
CA VAL C 321 35.71 -27.97 -15.55
C VAL C 321 36.27 -29.04 -14.65
N PRO C 322 37.55 -28.82 -14.26
CA PRO C 322 38.14 -29.79 -13.34
C PRO C 322 37.26 -30.10 -12.19
N GLY C 323 36.37 -31.09 -12.40
CA GLY C 323 35.47 -31.57 -11.37
C GLY C 323 35.70 -33.05 -11.27
N TYR C 324 34.99 -33.74 -10.39
CA TYR C 324 35.25 -35.19 -10.27
C TYR C 324 34.70 -35.99 -11.44
N GLU C 325 33.41 -35.82 -11.68
CA GLU C 325 32.71 -36.53 -12.73
C GLU C 325 32.80 -35.83 -14.08
N ALA C 326 33.55 -34.73 -14.14
CA ALA C 326 33.73 -33.98 -15.38
C ALA C 326 34.35 -34.88 -16.44
N PRO C 327 33.61 -35.15 -17.53
CA PRO C 327 34.01 -35.99 -18.66
C PRO C 327 35.07 -35.27 -19.47
N VAL C 328 36.13 -34.84 -18.81
CA VAL C 328 37.17 -34.10 -19.52
C VAL C 328 38.48 -34.79 -19.88
N MET C 329 38.73 -35.97 -19.32
CA MET C 329 39.97 -36.69 -19.61
C MET C 329 39.82 -37.47 -20.91
N LEU C 330 40.65 -37.14 -21.88
CA LEU C 330 40.64 -37.80 -23.19
C LEU C 330 41.18 -39.24 -23.12
N ALA C 331 40.34 -40.14 -22.66
CA ALA C 331 40.71 -41.53 -22.52
C ALA C 331 39.48 -42.43 -22.52
N TYR C 332 39.71 -43.73 -22.60
CA TYR C 332 38.59 -44.66 -22.58
C TYR C 332 38.73 -45.63 -21.43
N SER C 333 37.60 -46.22 -21.04
CA SER C 333 37.53 -47.16 -19.93
C SER C 333 36.11 -47.65 -19.86
N ALA C 334 35.93 -48.79 -19.21
CA ALA C 334 34.61 -49.39 -19.07
C ALA C 334 34.07 -49.09 -17.68
N ARG C 335 34.91 -48.45 -16.87
CA ARG C 335 34.51 -48.12 -15.51
C ARG C 335 34.80 -46.68 -15.13
N ASN C 336 36.07 -46.29 -15.14
CA ASN C 336 36.49 -44.95 -14.78
C ASN C 336 35.62 -43.85 -15.39
N ARG C 337 34.68 -43.32 -14.61
CA ARG C 337 33.81 -42.25 -15.12
C ARG C 337 34.46 -40.88 -14.98
N SER C 338 35.74 -40.84 -15.31
CA SER C 338 36.57 -39.64 -15.33
C SER C 338 36.89 -39.50 -16.81
N ALA C 339 36.86 -40.65 -17.46
CA ALA C 339 37.13 -40.81 -18.87
C ALA C 339 35.95 -40.29 -19.69
N SER C 340 36.28 -39.44 -20.67
CA SER C 340 35.26 -38.87 -21.55
C SER C 340 34.73 -39.90 -22.53
N ILE C 341 35.35 -41.08 -22.56
CA ILE C 341 34.89 -42.15 -23.43
C ILE C 341 34.66 -43.41 -22.60
N ARG C 342 33.39 -43.74 -22.36
CA ARG C 342 33.04 -44.94 -21.61
C ARG C 342 32.76 -46.08 -22.57
N ILE C 343 33.08 -47.26 -22.13
CA ILE C 343 32.77 -48.45 -22.91
C ILE C 343 31.74 -49.20 -22.12
N PRO C 344 30.49 -49.17 -22.60
CA PRO C 344 29.37 -49.85 -21.97
C PRO C 344 29.70 -51.32 -21.92
N VAL C 345 29.47 -51.96 -20.78
CA VAL C 345 29.72 -53.38 -20.69
C VAL C 345 28.36 -54.00 -20.91
N VAL C 346 28.23 -54.69 -22.03
CA VAL C 346 26.97 -55.34 -22.38
C VAL C 346 27.26 -56.77 -22.87
N ALA C 347 26.27 -57.65 -22.75
CA ALA C 347 26.42 -59.04 -23.14
C ALA C 347 26.43 -59.28 -24.64
N SER C 348 25.31 -59.01 -25.29
CA SER C 348 25.20 -59.21 -26.74
C SER C 348 26.23 -58.41 -27.51
N PRO C 349 27.07 -59.08 -28.31
CA PRO C 349 28.07 -58.36 -29.08
C PRO C 349 27.40 -57.46 -30.12
N LYS C 350 26.10 -57.69 -30.35
CA LYS C 350 25.33 -56.91 -31.30
C LYS C 350 25.15 -55.48 -30.80
N ALA C 351 25.30 -55.29 -29.49
CA ALA C 351 25.13 -54.00 -28.85
C ALA C 351 26.44 -53.32 -28.38
N ARG C 352 27.57 -53.82 -28.84
CA ARG C 352 28.87 -53.25 -28.47
C ARG C 352 29.00 -51.87 -29.12
N ARG C 353 29.47 -50.88 -28.36
CA ARG C 353 29.61 -49.51 -28.86
C ARG C 353 30.46 -48.64 -27.92
N ILE C 354 30.69 -47.38 -28.29
CA ILE C 354 31.43 -46.47 -27.42
C ILE C 354 30.54 -45.30 -27.01
N GLU C 355 30.81 -44.72 -25.85
CA GLU C 355 30.04 -43.57 -25.39
C GLU C 355 30.95 -42.36 -25.18
N VAL C 356 30.84 -41.39 -26.08
CA VAL C 356 31.63 -40.16 -25.94
C VAL C 356 30.79 -39.23 -25.06
N ARG C 357 31.29 -38.96 -23.88
CA ARG C 357 30.58 -38.22 -22.86
C ARG C 357 30.64 -36.68 -22.85
N PHE C 358 31.56 -36.03 -23.57
CA PHE C 358 31.67 -34.56 -23.38
C PHE C 358 30.67 -33.65 -24.13
N PRO C 359 30.08 -34.13 -25.19
CA PRO C 359 29.03 -33.30 -25.86
C PRO C 359 27.97 -32.72 -24.95
N ASP C 360 27.35 -31.59 -25.29
CA ASP C 360 26.25 -31.09 -24.48
C ASP C 360 25.08 -30.82 -25.44
N PRO C 361 23.87 -30.67 -24.91
CA PRO C 361 22.70 -30.44 -25.76
C PRO C 361 22.66 -29.18 -26.59
N ALA C 362 23.60 -28.27 -26.37
CA ALA C 362 23.62 -27.03 -27.15
C ALA C 362 24.17 -27.29 -28.53
N ALA C 363 24.82 -28.43 -28.67
CA ALA C 363 25.44 -28.78 -29.93
C ALA C 363 24.47 -28.96 -31.07
N ASN C 364 24.86 -28.48 -32.25
CA ASN C 364 24.10 -28.69 -33.48
C ASN C 364 24.10 -30.21 -33.72
N PRO C 365 22.91 -30.85 -33.83
CA PRO C 365 22.94 -32.32 -34.01
C PRO C 365 23.87 -32.79 -35.10
N TYR C 366 23.47 -32.26 -36.21
CA TYR C 366 24.12 -32.52 -37.47
C TYR C 366 25.62 -32.35 -37.44
N LEU C 367 26.05 -31.13 -37.14
CA LEU C 367 27.48 -30.89 -37.16
C LEU C 367 28.23 -31.64 -36.08
N CYS C 368 27.60 -31.83 -34.93
CA CYS C 368 28.26 -32.52 -33.83
C CYS C 368 28.46 -33.97 -34.19
N PHE C 369 27.38 -34.62 -34.63
CA PHE C 369 27.45 -36.02 -35.00
C PHE C 369 28.46 -36.21 -36.14
N ALA C 370 28.35 -35.38 -37.17
CA ALA C 370 29.25 -35.46 -38.32
C ALA C 370 30.72 -35.39 -37.90
N ALA C 371 31.06 -34.39 -37.10
CA ALA C 371 32.42 -34.21 -36.64
C ALA C 371 32.90 -35.43 -35.84
N LEU C 372 32.00 -36.04 -35.10
CA LEU C 372 32.35 -37.22 -34.33
C LEU C 372 32.72 -38.35 -35.29
N LEU C 373 31.93 -38.52 -36.34
CA LEU C 373 32.14 -39.55 -37.35
C LEU C 373 33.45 -39.38 -38.07
N MET C 374 33.61 -38.22 -38.71
CA MET C 374 34.81 -37.89 -39.45
C MET C 374 36.07 -38.10 -38.64
N ALA C 375 36.03 -37.78 -37.36
CA ALA C 375 37.19 -37.98 -36.49
C ALA C 375 37.42 -39.47 -36.33
N GLY C 376 36.33 -40.22 -36.20
CA GLY C 376 36.41 -41.65 -36.04
C GLY C 376 37.00 -42.32 -37.26
N LEU C 377 36.51 -41.93 -38.44
CA LEU C 377 36.98 -42.46 -39.71
C LEU C 377 38.45 -42.16 -39.93
N ASP C 378 38.85 -40.93 -39.63
CA ASP C 378 40.24 -40.57 -39.78
C ASP C 378 41.08 -41.38 -38.80
N GLY C 379 40.45 -41.87 -37.74
CA GLY C 379 41.16 -42.66 -36.76
C GLY C 379 41.41 -44.04 -37.33
N ILE C 380 40.45 -44.48 -38.14
CA ILE C 380 40.52 -45.77 -38.80
C ILE C 380 41.46 -45.74 -39.98
N LYS C 381 41.14 -44.90 -40.97
CA LYS C 381 41.97 -44.76 -42.16
C LYS C 381 43.44 -44.70 -41.78
N ASN C 382 43.75 -44.00 -40.70
CA ASN C 382 45.15 -43.86 -40.27
C ASN C 382 45.54 -44.72 -39.07
N LYS C 383 44.76 -45.78 -38.83
CA LYS C 383 45.02 -46.72 -37.74
C LYS C 383 45.61 -46.08 -36.48
N ILE C 384 44.95 -45.04 -36.02
CA ILE C 384 45.40 -44.29 -34.86
C ILE C 384 45.11 -45.07 -33.59
N HIS C 385 46.16 -45.61 -32.99
CA HIS C 385 45.96 -46.37 -31.79
C HIS C 385 45.79 -45.44 -30.60
N PRO C 386 44.71 -45.80 -29.89
CA PRO C 386 44.22 -45.28 -28.57
C PRO C 386 45.17 -45.22 -27.40
N GLY C 387 46.08 -46.16 -27.37
CA GLY C 387 46.98 -46.32 -26.29
C GLY C 387 46.21 -47.23 -25.35
N GLU C 388 46.63 -47.27 -24.08
CA GLU C 388 45.96 -48.12 -23.10
C GLU C 388 44.85 -47.35 -22.34
N PRO C 389 43.83 -48.11 -21.88
CA PRO C 389 42.67 -47.56 -21.15
C PRO C 389 43.05 -47.03 -19.78
N MET C 390 42.44 -45.90 -19.38
CA MET C 390 42.68 -45.32 -18.05
C MET C 390 41.67 -45.93 -17.10
N ASP C 391 42.16 -46.64 -16.08
CA ASP C 391 41.27 -47.25 -15.10
C ASP C 391 41.61 -46.76 -13.69
N LYS C 392 42.53 -45.79 -13.61
CA LYS C 392 42.98 -45.21 -12.34
C LYS C 392 41.97 -44.24 -11.71
N ASN C 393 42.14 -42.94 -11.97
CA ASN C 393 41.23 -41.92 -11.43
C ASN C 393 41.21 -40.64 -12.30
N LEU C 394 40.41 -39.64 -11.86
CA LEU C 394 40.07 -38.46 -12.66
C LEU C 394 41.16 -37.38 -12.62
N TYR C 395 40.68 -36.19 -12.42
CA TYR C 395 41.59 -35.05 -12.41
C TYR C 395 42.13 -34.72 -11.06
N ASP C 396 41.57 -35.22 -10.01
CA ASP C 396 42.17 -34.73 -8.78
C ASP C 396 42.84 -35.96 -8.21
N LEU C 397 44.07 -35.87 -7.78
CA LEU C 397 44.56 -37.10 -7.32
C LEU C 397 43.94 -38.18 -8.11
N PRO C 398 44.45 -38.49 -9.26
CA PRO C 398 45.80 -38.36 -9.73
C PRO C 398 46.64 -37.19 -9.17
N PRO C 399 46.77 -35.99 -9.85
CA PRO C 399 47.65 -34.88 -9.65
C PRO C 399 49.11 -35.27 -9.29
N GLU C 400 49.53 -36.48 -9.62
CA GLU C 400 50.84 -37.10 -9.38
C GLU C 400 51.89 -36.52 -10.33
N GLU C 401 51.75 -36.86 -11.61
CA GLU C 401 52.62 -36.40 -12.69
C GLU C 401 52.02 -35.08 -13.25
N ALA C 402 51.33 -34.35 -12.37
CA ALA C 402 50.61 -33.10 -12.68
C ALA C 402 49.43 -33.51 -13.58
N LYS C 403 49.34 -34.83 -13.79
CA LYS C 403 48.35 -35.54 -14.59
C LYS C 403 47.96 -34.90 -15.93
N GLU C 404 48.96 -34.36 -16.63
CA GLU C 404 48.71 -33.73 -17.91
C GLU C 404 48.63 -34.75 -19.03
N ILE C 405 47.51 -35.47 -19.06
CA ILE C 405 47.21 -36.44 -20.10
C ILE C 405 46.27 -35.66 -21.05
N PRO C 406 45.81 -36.25 -22.12
CA PRO C 406 44.88 -35.53 -22.99
C PRO C 406 43.70 -34.78 -22.40
N GLN C 407 43.42 -33.57 -22.78
CA GLN C 407 42.11 -33.13 -22.30
C GLN C 407 41.31 -32.35 -23.33
N VAL C 408 40.00 -32.28 -23.13
CA VAL C 408 39.11 -31.53 -24.02
C VAL C 408 39.45 -30.04 -23.88
N ALA C 409 39.00 -29.25 -24.84
CA ALA C 409 39.27 -27.82 -24.83
C ALA C 409 38.78 -27.20 -23.51
N GLY C 410 39.46 -26.19 -23.03
CA GLY C 410 39.05 -25.57 -21.77
C GLY C 410 38.26 -24.28 -21.91
N SER C 411 38.03 -23.87 -23.15
CA SER C 411 37.29 -22.65 -23.43
C SER C 411 36.79 -22.74 -24.85
N LEU C 412 35.78 -21.97 -25.19
CA LEU C 412 35.25 -22.01 -26.54
C LEU C 412 36.27 -21.56 -27.58
N GLU C 413 36.99 -20.49 -27.28
CA GLU C 413 37.99 -19.93 -28.19
C GLU C 413 39.01 -20.97 -28.56
N GLU C 414 39.48 -21.67 -27.54
CA GLU C 414 40.47 -22.72 -27.71
C GLU C 414 39.92 -23.79 -28.66
N ALA C 415 38.66 -24.14 -28.46
CA ALA C 415 38.01 -25.14 -29.30
C ALA C 415 37.86 -24.63 -30.72
N LEU C 416 37.51 -23.37 -30.86
CA LEU C 416 37.34 -22.80 -32.18
C LEU C 416 38.68 -22.78 -32.88
N ASN C 417 39.72 -22.43 -32.15
CA ASN C 417 41.04 -22.38 -32.74
C ASN C 417 41.49 -23.78 -33.19
N ALA C 418 41.18 -24.79 -32.38
CA ALA C 418 41.53 -26.17 -32.73
C ALA C 418 40.82 -26.54 -34.03
N LEU C 419 39.54 -26.20 -34.10
CA LEU C 419 38.76 -26.49 -35.28
C LEU C 419 39.40 -25.82 -36.47
N ASP C 420 39.92 -24.61 -36.28
CA ASP C 420 40.55 -23.86 -37.35
C ASP C 420 41.71 -24.64 -37.92
N LEU C 421 42.67 -24.94 -37.06
CA LEU C 421 43.88 -25.65 -37.41
C LEU C 421 43.70 -27.10 -37.83
N ASP C 422 42.93 -27.83 -37.03
CA ASP C 422 42.70 -29.24 -37.27
C ASP C 422 41.48 -29.57 -38.12
N ARG C 423 41.30 -28.80 -39.19
CA ARG C 423 40.16 -29.01 -40.08
C ARG C 423 40.24 -30.06 -41.17
N GLU C 424 41.44 -30.55 -41.47
CA GLU C 424 41.54 -31.53 -42.55
C GLU C 424 40.62 -32.72 -42.46
N PHE C 425 40.59 -33.38 -41.31
CA PHE C 425 39.76 -34.56 -41.15
C PHE C 425 38.28 -34.31 -41.44
N LEU C 426 37.86 -33.05 -41.38
CA LEU C 426 36.47 -32.68 -41.65
C LEU C 426 36.23 -32.41 -43.14
N LYS C 427 37.26 -31.88 -43.81
CA LYS C 427 37.18 -31.58 -45.23
C LYS C 427 37.24 -32.83 -46.10
N ALA C 428 37.68 -33.93 -45.50
CA ALA C 428 37.78 -35.22 -46.17
C ALA C 428 36.46 -35.53 -46.84
N GLY C 429 36.53 -36.07 -48.05
CA GLY C 429 35.33 -36.41 -48.76
C GLY C 429 34.51 -35.20 -49.18
N GLY C 430 35.04 -33.99 -48.98
CA GLY C 430 34.32 -32.77 -49.33
C GLY C 430 33.07 -32.52 -48.50
N VAL C 431 33.02 -33.15 -47.32
CA VAL C 431 31.91 -33.03 -46.37
C VAL C 431 31.81 -31.59 -45.85
N PHE C 432 32.89 -31.12 -45.23
CA PHE C 432 32.96 -29.76 -44.72
C PHE C 432 33.85 -28.91 -45.63
N THR C 433 33.38 -27.73 -46.04
CA THR C 433 34.20 -26.86 -46.85
C THR C 433 34.86 -25.84 -45.91
N ASP C 434 35.93 -25.22 -46.37
CA ASP C 434 36.62 -24.23 -45.56
C ASP C 434 35.67 -23.08 -45.24
N GLU C 435 34.91 -22.67 -46.25
CA GLU C 435 33.96 -21.58 -46.10
C GLU C 435 32.96 -21.85 -44.99
N ALA C 436 32.42 -23.06 -44.98
CA ALA C 436 31.46 -23.45 -43.97
C ALA C 436 32.11 -23.34 -42.59
N ILE C 437 33.26 -23.98 -42.46
CA ILE C 437 33.99 -23.97 -41.20
C ILE C 437 34.33 -22.55 -40.74
N ASP C 438 34.83 -21.73 -41.64
CA ASP C 438 35.19 -20.36 -41.28
C ASP C 438 33.99 -19.52 -40.86
N ALA C 439 32.85 -19.80 -41.48
CA ALA C 439 31.61 -19.08 -41.19
C ALA C 439 31.10 -19.47 -39.82
N TYR C 440 31.16 -20.76 -39.52
CA TYR C 440 30.73 -21.28 -38.24
C TYR C 440 31.57 -20.64 -37.15
N ILE C 441 32.88 -20.65 -37.35
CA ILE C 441 33.80 -20.07 -36.38
C ILE C 441 33.51 -18.61 -36.16
N ALA C 442 33.17 -17.90 -37.23
CA ALA C 442 32.89 -16.48 -37.10
C ALA C 442 31.62 -16.23 -36.29
N LEU C 443 30.63 -17.08 -36.47
CA LEU C 443 29.37 -16.94 -35.74
C LEU C 443 29.62 -17.10 -34.26
N ARG C 444 30.40 -18.12 -33.91
CA ARG C 444 30.68 -18.39 -32.52
C ARG C 444 31.64 -17.40 -31.87
N ARG C 445 32.52 -16.79 -32.67
CA ARG C 445 33.47 -15.85 -32.08
C ARG C 445 32.80 -14.59 -31.60
N GLU C 446 31.71 -14.28 -32.28
CA GLU C 446 30.88 -13.12 -32.01
C GLU C 446 30.20 -13.37 -30.67
N GLU C 447 29.78 -14.62 -30.46
CA GLU C 447 29.15 -15.02 -29.21
C GLU C 447 30.20 -15.01 -28.12
N ASP C 448 31.35 -15.62 -28.40
CA ASP C 448 32.42 -15.66 -27.42
C ASP C 448 32.80 -14.25 -26.96
N ASP C 449 32.72 -13.29 -27.88
CA ASP C 449 33.07 -11.91 -27.57
C ASP C 449 32.16 -11.24 -26.57
N ARG C 450 30.87 -11.51 -26.68
CA ARG C 450 29.89 -10.91 -25.79
C ARG C 450 30.25 -11.29 -24.37
N VAL C 451 30.53 -12.57 -24.18
CA VAL C 451 30.85 -13.04 -22.86
C VAL C 451 32.21 -12.54 -22.39
N ARG C 452 33.19 -12.47 -23.28
CA ARG C 452 34.52 -12.00 -22.87
C ARG C 452 34.55 -10.53 -22.55
N MET C 453 33.73 -9.76 -23.26
CA MET C 453 33.72 -8.32 -23.08
C MET C 453 32.79 -7.74 -22.04
N THR C 454 31.76 -8.49 -21.62
CA THR C 454 30.80 -7.98 -20.64
C THR C 454 31.20 -8.29 -19.21
N PRO C 455 31.30 -7.26 -18.35
CA PRO C 455 31.68 -7.51 -16.95
C PRO C 455 30.79 -8.57 -16.34
N HIS C 456 31.40 -9.44 -15.56
CA HIS C 456 30.70 -10.52 -14.90
C HIS C 456 30.38 -10.15 -13.46
N PRO C 457 29.17 -10.45 -12.99
CA PRO C 457 28.78 -10.14 -11.61
C PRO C 457 29.84 -10.53 -10.59
N VAL C 458 30.44 -11.69 -10.78
CA VAL C 458 31.46 -12.18 -9.86
C VAL C 458 32.71 -11.30 -9.82
N GLU C 459 32.95 -10.59 -10.91
CA GLU C 459 34.10 -9.71 -10.96
C GLU C 459 33.96 -8.59 -9.97
N PHE C 460 32.70 -8.23 -9.66
CA PHE C 460 32.45 -7.16 -8.66
C PHE C 460 32.74 -7.67 -7.26
N GLU C 461 32.31 -8.89 -7.01
CA GLU C 461 32.54 -9.52 -5.74
C GLU C 461 34.03 -9.60 -5.50
N LEU C 462 34.74 -10.04 -6.51
CA LEU C 462 36.20 -10.22 -6.49
C LEU C 462 37.01 -8.94 -6.56
N TYR C 463 36.61 -7.95 -7.38
CA TYR C 463 37.45 -6.78 -7.54
C TYR C 463 36.83 -5.41 -7.29
N TYR C 464 35.58 -5.26 -6.85
CA TYR C 464 35.07 -3.90 -6.68
C TYR C 464 35.90 -3.06 -5.69
N SER C 465 36.36 -3.70 -4.61
CA SER C 465 37.13 -3.03 -3.56
C SER C 465 38.63 -3.04 -3.77
N VAL C 466 39.04 -3.32 -4.99
CA VAL C 466 40.42 -3.37 -5.35
C VAL C 466 41.14 -2.05 -5.14
N GLU D 1 3.96 -63.49 -16.12
CA GLU D 1 2.81 -63.56 -17.03
C GLU D 1 1.64 -62.77 -16.51
N HIS D 2 1.51 -62.78 -15.19
CA HIS D 2 0.46 -62.03 -14.50
C HIS D 2 0.70 -60.56 -14.80
N VAL D 3 1.97 -60.20 -14.84
CA VAL D 3 2.36 -58.83 -15.11
C VAL D 3 1.96 -58.46 -16.54
N LEU D 4 2.30 -59.30 -17.49
CA LEU D 4 1.98 -59.02 -18.88
C LEU D 4 0.47 -58.92 -19.14
N THR D 5 -0.33 -59.51 -18.26
CA THR D 5 -1.79 -59.41 -18.43
C THR D 5 -2.31 -58.16 -17.75
N MET D 6 -1.64 -57.73 -16.67
CA MET D 6 -2.01 -56.51 -15.95
C MET D 6 -1.75 -55.33 -16.88
N LEU D 7 -0.76 -55.47 -17.75
CA LEU D 7 -0.41 -54.43 -18.72
C LEU D 7 -1.54 -54.21 -19.71
N ASN D 8 -2.20 -55.29 -20.11
CA ASN D 8 -3.31 -55.19 -21.06
C ASN D 8 -4.64 -54.84 -20.42
N GLU D 9 -4.83 -55.40 -19.23
CA GLU D 9 -6.06 -55.22 -18.46
C GLU D 9 -6.27 -53.77 -18.04
N HIS D 10 -5.17 -53.10 -17.71
CA HIS D 10 -5.22 -51.69 -17.29
C HIS D 10 -4.72 -50.74 -18.38
N GLU D 11 -4.45 -51.26 -19.57
CA GLU D 11 -3.96 -50.45 -20.70
C GLU D 11 -2.82 -49.55 -20.23
N VAL D 12 -1.84 -50.17 -19.61
CA VAL D 12 -0.69 -49.49 -19.07
C VAL D 12 0.20 -48.89 -20.14
N LYS D 13 0.59 -47.64 -19.92
CA LYS D 13 1.46 -46.93 -20.85
C LYS D 13 2.89 -46.90 -20.32
N PHE D 14 3.04 -46.97 -18.99
CA PHE D 14 4.37 -46.94 -18.38
C PHE D 14 4.56 -47.88 -17.22
N VAL D 15 5.82 -48.20 -16.96
CA VAL D 15 6.18 -49.04 -15.86
C VAL D 15 7.17 -48.24 -15.04
N ASP D 16 6.82 -48.06 -13.77
CA ASP D 16 7.63 -47.28 -12.86
C ASP D 16 8.42 -48.24 -11.97
N LEU D 17 9.71 -48.30 -12.23
CA LEU D 17 10.63 -49.16 -11.50
C LEU D 17 11.05 -48.51 -10.22
N ARG D 18 10.77 -49.17 -9.10
CA ARG D 18 11.14 -48.60 -7.80
C ARG D 18 12.10 -49.37 -6.93
N PHE D 19 12.86 -48.60 -6.17
CA PHE D 19 13.80 -49.16 -5.24
C PHE D 19 14.11 -48.16 -4.12
N THR D 20 14.83 -48.62 -3.10
CA THR D 20 15.16 -47.78 -1.95
C THR D 20 16.65 -47.59 -1.78
N ASP D 21 17.06 -46.41 -1.34
CA ASP D 21 18.46 -46.15 -1.14
C ASP D 21 18.83 -46.47 0.29
N THR D 22 20.09 -46.29 0.62
CA THR D 22 20.55 -46.58 1.96
C THR D 22 19.80 -45.81 3.04
N LYS D 23 19.50 -44.53 2.79
CA LYS D 23 18.79 -43.72 3.79
C LYS D 23 17.36 -44.19 4.01
N GLY D 24 16.80 -44.88 3.02
CA GLY D 24 15.46 -45.41 3.16
C GLY D 24 14.44 -44.78 2.26
N LYS D 25 14.93 -43.92 1.37
CA LYS D 25 14.07 -43.19 0.46
C LYS D 25 13.79 -43.93 -0.83
N GLU D 26 12.52 -44.10 -1.14
CA GLU D 26 12.11 -44.79 -2.36
C GLU D 26 12.55 -43.96 -3.56
N GLN D 27 13.09 -44.65 -4.57
CA GLN D 27 13.57 -44.01 -5.79
C GLN D 27 12.86 -44.65 -6.96
N HIS D 28 12.91 -44.00 -8.12
CA HIS D 28 12.24 -44.55 -9.29
C HIS D 28 12.75 -44.06 -10.62
N VAL D 29 12.45 -44.84 -11.64
CA VAL D 29 12.80 -44.54 -13.01
C VAL D 29 11.66 -45.19 -13.82
N THR D 30 11.30 -44.58 -14.93
CA THR D 30 10.17 -45.06 -15.71
C THR D 30 10.54 -45.47 -17.12
N ILE D 31 9.88 -46.53 -17.60
CA ILE D 31 10.09 -47.00 -18.98
C ILE D 31 8.71 -47.25 -19.57
N PRO D 32 8.57 -47.06 -20.88
CA PRO D 32 7.30 -47.27 -21.58
C PRO D 32 6.94 -48.73 -21.40
N ALA D 33 5.65 -49.04 -21.36
CA ALA D 33 5.24 -50.43 -21.20
C ALA D 33 5.83 -51.33 -22.30
N HIS D 34 5.95 -50.79 -23.50
CA HIS D 34 6.49 -51.54 -24.63
C HIS D 34 7.94 -51.97 -24.48
N GLN D 35 8.60 -51.56 -23.41
CA GLN D 35 9.99 -51.93 -23.15
C GLN D 35 10.05 -53.18 -22.26
N VAL D 36 8.87 -53.63 -21.84
CA VAL D 36 8.75 -54.81 -20.99
C VAL D 36 8.59 -56.06 -21.85
N ASN D 37 9.62 -56.89 -21.81
CA ASN D 37 9.66 -58.12 -22.59
C ASN D 37 10.17 -59.25 -21.70
N ALA D 38 10.40 -60.40 -22.32
CA ALA D 38 10.88 -61.57 -21.59
C ALA D 38 12.24 -61.29 -20.96
N GLU D 39 13.13 -60.69 -21.71
CA GLU D 39 14.47 -60.34 -21.24
C GLU D 39 14.43 -59.58 -19.93
N PHE D 40 13.66 -58.49 -19.94
CA PHE D 40 13.43 -57.63 -18.79
C PHE D 40 13.38 -58.37 -17.46
N PHE D 41 12.58 -59.44 -17.38
CA PHE D 41 12.48 -60.21 -16.15
C PHE D 41 13.64 -61.08 -15.76
N GLU D 42 14.35 -61.62 -16.76
CA GLU D 42 15.46 -62.50 -16.46
C GLU D 42 16.76 -61.77 -16.28
N GLU D 43 16.96 -60.69 -17.02
CA GLU D 43 18.20 -59.93 -16.88
C GLU D 43 18.09 -58.49 -16.39
N GLY D 44 16.87 -58.02 -16.13
CA GLY D 44 16.66 -56.66 -15.66
C GLY D 44 17.12 -55.56 -16.59
N LYS D 45 17.31 -54.36 -16.05
CA LYS D 45 17.77 -53.20 -16.82
C LYS D 45 19.00 -52.62 -16.13
N MET D 46 19.88 -52.03 -16.91
CA MET D 46 21.12 -51.43 -16.41
C MET D 46 20.96 -49.98 -16.00
N PHE D 47 21.68 -49.60 -14.95
CA PHE D 47 21.67 -48.22 -14.51
C PHE D 47 22.95 -47.86 -13.76
N ASP D 48 23.19 -46.56 -13.67
CA ASP D 48 24.38 -46.03 -13.03
C ASP D 48 24.32 -46.10 -11.50
N GLY D 49 25.24 -46.88 -10.93
CA GLY D 49 25.29 -47.03 -9.49
C GLY D 49 25.80 -45.77 -8.80
N SER D 50 26.89 -45.21 -9.31
CA SER D 50 27.52 -44.01 -8.74
C SER D 50 26.63 -42.81 -8.40
N SER D 51 25.40 -42.82 -8.91
CA SER D 51 24.46 -41.73 -8.69
C SER D 51 23.74 -41.68 -7.33
N ILE D 52 23.58 -42.85 -6.71
CA ILE D 52 22.93 -43.00 -5.40
C ILE D 52 23.96 -42.80 -4.30
N GLY D 53 23.59 -42.09 -3.25
CA GLY D 53 24.51 -41.85 -2.16
C GLY D 53 24.96 -43.11 -1.43
N GLY D 54 26.26 -43.24 -1.19
CA GLY D 54 26.79 -44.37 -0.47
C GLY D 54 26.86 -45.67 -1.27
N TRP D 55 26.78 -45.58 -2.59
CA TRP D 55 26.82 -46.81 -3.36
C TRP D 55 28.18 -46.96 -4.06
N LYS D 56 28.19 -47.41 -5.32
CA LYS D 56 29.46 -47.61 -6.05
C LYS D 56 30.24 -46.30 -6.20
N GLY D 57 31.55 -46.37 -6.18
CA GLY D 57 32.36 -45.17 -6.31
C GLY D 57 32.80 -44.90 -7.74
N ILE D 58 34.02 -44.36 -7.84
CA ILE D 58 34.68 -43.95 -9.08
C ILE D 58 34.80 -45.00 -10.18
N ASN D 59 34.98 -46.27 -9.85
CA ASN D 59 35.31 -47.20 -10.92
C ASN D 59 34.28 -48.17 -11.39
N GLU D 60 33.45 -48.63 -10.48
CA GLU D 60 32.44 -49.67 -10.75
C GLU D 60 31.02 -49.20 -10.82
N SER D 61 30.75 -48.16 -11.55
CA SER D 61 29.40 -47.60 -11.60
C SER D 61 28.24 -48.50 -11.96
N ASP D 62 28.34 -49.23 -13.07
CA ASP D 62 27.15 -49.96 -13.51
C ASP D 62 26.69 -51.20 -12.74
N MET D 63 25.36 -51.20 -12.55
CA MET D 63 24.63 -52.20 -11.80
C MET D 63 23.27 -52.57 -12.43
N VAL D 64 22.65 -53.61 -11.87
CA VAL D 64 21.38 -54.11 -12.38
C VAL D 64 20.11 -53.90 -11.54
N LEU D 65 19.04 -53.49 -12.22
CA LEU D 65 17.73 -53.29 -11.61
C LEU D 65 16.93 -54.54 -11.95
N MET D 66 16.67 -55.38 -10.95
CA MET D 66 15.94 -56.62 -11.21
C MET D 66 14.50 -56.55 -10.78
N PRO D 67 13.58 -56.45 -11.74
CA PRO D 67 12.16 -56.38 -11.40
C PRO D 67 11.69 -57.60 -10.66
N ASP D 68 10.93 -57.36 -9.59
CA ASP D 68 10.35 -58.42 -8.79
C ASP D 68 8.88 -58.43 -9.17
N ALA D 69 8.53 -59.34 -10.07
CA ALA D 69 7.18 -59.46 -10.58
C ALA D 69 6.07 -59.65 -9.56
N SER D 70 6.42 -60.03 -8.34
CA SER D 70 5.40 -60.21 -7.31
C SER D 70 4.86 -58.88 -6.79
N THR D 71 5.63 -57.82 -6.97
CA THR D 71 5.30 -56.48 -6.47
C THR D 71 4.44 -55.59 -7.37
N ALA D 72 4.10 -56.06 -8.55
CA ALA D 72 3.32 -55.24 -9.48
C ALA D 72 2.02 -54.66 -8.94
N VAL D 73 1.93 -53.33 -9.00
CA VAL D 73 0.74 -52.62 -8.55
C VAL D 73 0.64 -51.31 -9.30
N ILE D 74 -0.60 -50.95 -9.65
CA ILE D 74 -0.93 -49.73 -10.36
C ILE D 74 -0.72 -48.48 -9.52
N ASP D 75 -0.17 -47.43 -10.11
CA ASP D 75 0.01 -46.18 -9.38
C ASP D 75 -1.32 -45.45 -9.47
N PRO D 76 -1.87 -45.06 -8.32
CA PRO D 76 -3.16 -44.37 -8.24
C PRO D 76 -3.15 -42.88 -8.43
N PHE D 77 -1.96 -42.30 -8.61
CA PHE D 77 -1.84 -40.86 -8.76
C PHE D 77 -1.43 -40.38 -10.13
N PHE D 78 -0.50 -41.07 -10.78
CA PHE D 78 -0.03 -40.66 -12.10
C PHE D 78 -1.18 -40.52 -13.09
N ALA D 79 -1.07 -39.55 -13.99
CA ALA D 79 -2.11 -39.25 -14.97
C ALA D 79 -2.34 -40.29 -16.06
N ASP D 80 -1.25 -40.90 -16.49
CA ASP D 80 -1.24 -41.93 -17.52
C ASP D 80 -1.11 -43.25 -16.80
N SER D 81 -1.85 -44.27 -17.23
CA SER D 81 -1.81 -45.59 -16.59
C SER D 81 -0.40 -46.13 -16.43
N THR D 82 0.04 -46.33 -15.19
CA THR D 82 1.37 -46.85 -15.01
C THR D 82 1.46 -47.87 -13.90
N LEU D 83 2.27 -48.87 -14.17
CA LEU D 83 2.45 -49.98 -13.27
C LEU D 83 3.75 -49.89 -12.53
N ILE D 84 3.66 -50.01 -11.22
CA ILE D 84 4.83 -49.96 -10.38
C ILE D 84 5.36 -51.36 -10.16
N ILE D 85 6.68 -51.51 -10.29
CA ILE D 85 7.33 -52.79 -10.05
C ILE D 85 8.57 -52.51 -9.25
N ARG D 86 8.59 -53.04 -8.03
CA ARG D 86 9.70 -52.88 -7.11
C ARG D 86 10.83 -53.72 -7.68
N CYS D 87 12.07 -53.31 -7.48
CA CYS D 87 13.22 -54.01 -8.03
C CYS D 87 14.28 -54.23 -7.01
N ASP D 88 15.15 -55.22 -7.19
CA ASP D 88 16.27 -55.43 -6.26
C ASP D 88 17.45 -54.94 -7.07
N ILE D 89 18.55 -54.63 -6.39
CA ILE D 89 19.74 -54.16 -7.05
C ILE D 89 20.74 -55.30 -7.03
N LEU D 90 21.08 -55.80 -8.21
CA LEU D 90 22.00 -56.92 -8.33
C LEU D 90 23.32 -56.50 -8.92
N GLU D 91 24.37 -57.24 -8.56
CA GLU D 91 25.72 -57.01 -9.07
C GLU D 91 25.65 -57.56 -10.51
N PRO D 92 26.23 -56.85 -11.50
CA PRO D 92 26.18 -57.33 -12.89
C PRO D 92 26.93 -58.64 -13.12
N GLY D 93 26.40 -59.46 -14.02
CA GLY D 93 27.02 -60.73 -14.33
C GLY D 93 26.69 -61.75 -13.26
N THR D 94 27.23 -61.54 -12.07
CA THR D 94 26.97 -62.43 -10.95
C THR D 94 25.47 -62.45 -10.62
N LEU D 95 24.82 -61.31 -10.84
CA LEU D 95 23.39 -61.15 -10.55
C LEU D 95 23.10 -61.58 -9.12
N GLN D 96 24.03 -61.23 -8.24
CA GLN D 96 23.92 -61.69 -6.87
C GLN D 96 22.98 -60.93 -5.93
N GLY D 97 23.18 -59.66 -5.81
CA GLY D 97 22.42 -58.88 -4.87
C GLY D 97 23.44 -58.05 -4.17
N TYR D 98 23.42 -56.77 -4.54
CA TYR D 98 24.34 -55.78 -4.04
C TYR D 98 24.41 -55.75 -2.52
N ASP D 99 25.64 -55.72 -2.00
CA ASP D 99 25.89 -55.70 -0.57
C ASP D 99 25.20 -54.53 0.11
N ARG D 100 25.16 -53.41 -0.61
CA ARG D 100 24.56 -52.20 -0.09
C ARG D 100 23.08 -51.99 -0.41
N ASP D 101 22.46 -52.93 -1.13
CA ASP D 101 21.03 -52.83 -1.45
C ASP D 101 20.24 -53.28 -0.22
N PRO D 102 19.52 -52.34 0.40
CA PRO D 102 18.71 -52.60 1.60
C PRO D 102 17.67 -53.67 1.42
N ARG D 103 17.16 -53.85 0.20
CA ARG D 103 16.14 -54.87 0.06
C ARG D 103 16.80 -56.22 0.00
N SER D 104 17.97 -56.29 -0.64
CA SER D 104 18.72 -57.53 -0.73
C SER D 104 19.13 -57.96 0.68
N ILE D 105 19.57 -56.97 1.46
CA ILE D 105 19.98 -57.21 2.84
C ILE D 105 18.85 -57.76 3.68
N ALA D 106 17.66 -57.25 3.47
CA ALA D 106 16.52 -57.70 4.23
C ALA D 106 16.17 -59.11 3.80
N LYS D 107 16.30 -59.40 2.51
CA LYS D 107 15.99 -60.74 2.02
C LYS D 107 16.99 -61.72 2.60
N ARG D 108 18.27 -61.34 2.60
CA ARG D 108 19.34 -62.17 3.14
C ARG D 108 19.05 -62.54 4.59
N ALA D 109 18.50 -61.58 5.32
CA ALA D 109 18.19 -61.78 6.72
C ALA D 109 17.04 -62.76 6.89
N GLU D 110 16.08 -62.77 5.96
CA GLU D 110 14.96 -63.69 6.07
C GLU D 110 15.47 -65.09 5.74
N ASP D 111 16.44 -65.15 4.84
CA ASP D 111 17.06 -66.42 4.44
C ASP D 111 17.78 -67.01 5.65
N TYR D 112 18.69 -66.23 6.22
CA TYR D 112 19.46 -66.67 7.38
C TYR D 112 18.57 -67.17 8.53
N LEU D 113 17.35 -66.66 8.61
CA LEU D 113 16.41 -67.06 9.66
C LEU D 113 16.06 -68.52 9.38
N ARG D 114 15.61 -68.79 8.16
CA ARG D 114 15.25 -70.14 7.76
C ARG D 114 16.44 -71.09 7.88
N ALA D 115 17.62 -70.61 7.50
CA ALA D 115 18.86 -71.39 7.57
C ALA D 115 19.18 -71.89 8.98
N THR D 116 19.17 -70.99 9.97
CA THR D 116 19.46 -71.38 11.35
C THR D 116 18.40 -72.35 11.82
N GLY D 117 17.31 -72.41 11.07
CA GLY D 117 16.21 -73.29 11.43
C GLY D 117 15.44 -72.83 12.66
N ILE D 118 15.79 -71.65 13.19
CA ILE D 118 15.10 -71.13 14.37
C ILE D 118 13.61 -70.93 14.12
N ALA D 119 13.26 -70.54 12.88
CA ALA D 119 11.87 -70.30 12.46
C ALA D 119 11.88 -70.21 10.95
N ASP D 120 10.70 -70.21 10.32
CA ASP D 120 10.67 -70.11 8.86
C ASP D 120 10.17 -68.78 8.30
N THR D 121 9.57 -67.94 9.15
CA THR D 121 9.08 -66.63 8.75
C THR D 121 9.08 -65.65 9.93
N VAL D 122 9.37 -64.38 9.65
CA VAL D 122 9.37 -63.31 10.67
C VAL D 122 8.18 -62.40 10.43
N LEU D 123 7.50 -62.01 11.50
CA LEU D 123 6.35 -61.14 11.34
C LEU D 123 6.57 -59.75 11.90
N PHE D 124 6.37 -58.74 11.05
CA PHE D 124 6.52 -57.35 11.43
C PHE D 124 5.25 -56.55 11.29
N GLY D 125 4.91 -55.84 12.36
CA GLY D 125 3.73 -55.00 12.37
C GLY D 125 4.15 -53.62 12.86
N PRO D 126 4.74 -52.79 11.99
CA PRO D 126 5.16 -51.44 12.39
C PRO D 126 3.99 -50.47 12.40
N GLU D 127 4.06 -49.45 13.26
CA GLU D 127 2.98 -48.47 13.38
C GLU D 127 3.53 -47.07 13.14
N PRO D 128 3.78 -46.73 11.89
CA PRO D 128 4.31 -45.40 11.64
C PRO D 128 3.24 -44.33 11.80
N GLU D 129 3.64 -43.26 12.48
CA GLU D 129 2.79 -42.09 12.72
C GLU D 129 3.33 -40.98 11.82
N PHE D 130 2.53 -39.95 11.57
CA PHE D 130 3.00 -38.85 10.74
C PHE D 130 2.25 -37.56 11.00
N PHE D 131 2.75 -36.47 10.41
CA PHE D 131 2.10 -35.17 10.54
C PHE D 131 1.64 -34.64 9.22
N LEU D 132 0.52 -33.93 9.24
CA LEU D 132 -0.04 -33.30 8.05
C LEU D 132 -0.10 -31.79 8.27
N PHE D 133 0.68 -31.03 7.50
CA PHE D 133 0.70 -29.58 7.65
C PHE D 133 0.19 -28.90 6.41
N ASP D 134 0.07 -27.57 6.48
CA ASP D 134 -0.37 -26.76 5.37
C ASP D 134 0.83 -26.02 4.78
N ASP D 135 1.77 -25.63 5.64
CA ASP D 135 2.93 -24.85 5.24
C ASP D 135 4.14 -25.29 6.04
N ILE D 136 5.25 -25.50 5.35
CA ILE D 136 6.51 -25.86 5.99
C ILE D 136 7.57 -25.05 5.28
N ARG D 137 8.31 -24.25 6.05
CA ARG D 137 9.35 -23.36 5.54
C ARG D 137 10.58 -23.53 6.35
N PHE D 138 11.74 -23.56 5.73
CA PHE D 138 12.98 -23.64 6.48
C PHE D 138 14.15 -23.26 5.59
N GLY D 139 15.26 -22.99 6.24
CA GLY D 139 16.45 -22.62 5.52
C GLY D 139 17.61 -22.41 6.49
N ALA D 140 18.81 -22.28 5.93
CA ALA D 140 19.99 -22.07 6.72
C ALA D 140 21.06 -21.54 5.79
N SER D 141 21.65 -20.42 6.18
CA SER D 141 22.69 -19.81 5.40
C SER D 141 23.64 -19.20 6.41
N ILE D 142 24.65 -18.50 5.93
CA ILE D 142 25.62 -17.94 6.83
C ILE D 142 25.02 -17.00 7.86
N SER D 143 24.02 -16.21 7.46
CA SER D 143 23.45 -15.24 8.37
C SER D 143 22.34 -15.72 9.27
N GLY D 144 22.05 -17.01 9.26
CA GLY D 144 21.02 -17.52 10.15
C GLY D 144 20.38 -18.79 9.68
N SER D 145 19.25 -19.11 10.25
CA SER D 145 18.52 -20.32 9.90
C SER D 145 17.16 -20.27 10.55
N HIS D 146 16.25 -21.09 10.06
CA HIS D 146 14.92 -21.09 10.64
C HIS D 146 14.07 -22.23 10.16
N VAL D 147 12.96 -22.44 10.87
CA VAL D 147 11.96 -23.42 10.49
C VAL D 147 10.65 -22.91 11.02
N ALA D 148 9.68 -22.92 10.12
CA ALA D 148 8.35 -22.46 10.47
C ALA D 148 7.32 -23.46 10.07
N ILE D 149 6.51 -23.92 10.98
CA ILE D 149 5.48 -24.92 10.67
C ILE D 149 4.12 -24.30 10.74
N ASP D 150 3.21 -24.71 9.87
CA ASP D 150 1.88 -24.17 9.98
C ASP D 150 0.82 -25.14 9.51
N ASP D 151 -0.26 -25.17 10.26
CA ASP D 151 -1.39 -26.01 9.92
C ASP D 151 -2.64 -25.43 10.51
N ILE D 152 -3.75 -25.68 9.83
CA ILE D 152 -5.01 -25.14 10.28
C ILE D 152 -5.41 -25.67 11.66
N GLU D 153 -4.82 -26.79 12.06
CA GLU D 153 -5.12 -27.39 13.35
C GLU D 153 -4.21 -26.89 14.45
N GLY D 154 -3.10 -26.30 14.08
CA GLY D 154 -2.18 -25.83 15.11
C GLY D 154 -2.84 -24.97 16.16
N ALA D 155 -2.62 -25.30 17.42
CA ALA D 155 -3.23 -24.55 18.49
C ALA D 155 -2.90 -23.07 18.43
N TRP D 156 -1.71 -22.74 17.92
CA TRP D 156 -1.28 -21.36 17.83
C TRP D 156 -2.16 -20.51 16.94
N ASN D 157 -2.91 -21.14 16.05
CA ASN D 157 -3.79 -20.41 15.16
C ASN D 157 -5.11 -20.02 15.79
N SER D 158 -5.25 -20.24 17.09
CA SER D 158 -6.48 -19.87 17.76
C SER D 158 -6.67 -18.36 17.65
N SER D 159 -5.57 -17.64 17.44
CA SER D 159 -5.59 -16.19 17.33
C SER D 159 -5.44 -15.62 15.92
N THR D 160 -5.21 -16.49 14.95
CA THR D 160 -5.00 -16.07 13.57
C THR D 160 -6.22 -15.54 12.83
N LYS D 161 -6.03 -14.46 12.09
CA LYS D 161 -7.13 -13.90 11.31
C LYS D 161 -7.16 -14.64 9.99
N TYR D 162 -8.34 -15.11 9.61
CA TYR D 162 -8.50 -15.84 8.36
C TYR D 162 -9.45 -15.06 7.46
N GLU D 163 -9.26 -15.21 6.16
CA GLU D 163 -10.05 -14.56 5.14
C GLU D 163 -11.54 -14.69 5.41
N GLY D 164 -12.01 -15.94 5.52
CA GLY D 164 -13.43 -16.16 5.78
C GLY D 164 -13.80 -16.34 7.24
N GLY D 165 -12.94 -15.85 8.13
CA GLY D 165 -13.18 -16.00 9.56
C GLY D 165 -12.51 -17.23 10.14
N ASN D 166 -12.07 -17.12 11.39
CA ASN D 166 -11.42 -18.24 12.09
C ASN D 166 -12.57 -19.06 12.68
N LYS D 167 -12.68 -20.32 12.28
CA LYS D 167 -13.78 -21.18 12.72
C LYS D 167 -13.49 -21.93 14.03
N GLY D 168 -12.32 -21.64 14.48
CA GLY D 168 -11.68 -22.12 15.66
C GLY D 168 -12.18 -23.36 16.40
N HIS D 169 -12.00 -24.57 15.86
CA HIS D 169 -12.17 -25.81 16.66
C HIS D 169 -10.91 -26.59 16.44
N ARG D 170 -9.94 -26.35 17.27
CA ARG D 170 -8.65 -26.96 17.08
C ARG D 170 -8.20 -27.79 18.26
N PRO D 171 -7.40 -28.82 17.97
CA PRO D 171 -6.87 -29.70 18.99
C PRO D 171 -5.81 -28.91 19.72
N GLY D 172 -5.90 -28.85 21.04
CA GLY D 172 -4.90 -28.12 21.80
C GLY D 172 -3.61 -28.92 21.85
N VAL D 173 -2.58 -28.39 22.51
CA VAL D 173 -1.31 -29.09 22.60
C VAL D 173 -1.54 -30.42 23.33
N LYS D 174 -1.04 -31.51 22.75
CA LYS D 174 -1.20 -32.87 23.29
C LYS D 174 -2.70 -33.23 23.42
N GLY D 175 -3.56 -32.51 22.71
CA GLY D 175 -5.00 -32.78 22.84
C GLY D 175 -5.66 -33.35 21.55
N GLY D 176 -4.88 -34.05 20.75
CA GLY D 176 -5.40 -34.60 19.51
C GLY D 176 -6.02 -35.96 19.65
N TYR D 177 -5.84 -36.63 20.80
CA TYR D 177 -6.39 -37.99 20.90
C TYR D 177 -7.92 -38.05 21.00
N PHE D 178 -8.48 -38.05 19.77
CA PHE D 178 -9.84 -38.43 19.30
C PHE D 178 -10.99 -37.40 19.34
N PRO D 179 -10.83 -36.12 19.68
CA PRO D 179 -12.00 -35.28 19.49
C PRO D 179 -12.63 -35.48 18.14
N VAL D 180 -13.93 -35.70 18.10
CA VAL D 180 -14.57 -35.87 16.78
C VAL D 180 -14.54 -34.57 15.98
N PRO D 181 -14.74 -34.66 14.66
CA PRO D 181 -14.76 -33.45 13.83
C PRO D 181 -15.82 -32.53 14.40
N PRO D 182 -15.69 -31.23 14.14
CA PRO D 182 -14.61 -30.59 13.37
C PRO D 182 -13.27 -30.39 14.04
N VAL D 183 -13.12 -30.73 15.32
CA VAL D 183 -11.81 -30.55 15.95
C VAL D 183 -10.80 -31.37 15.16
N ASP D 184 -11.17 -32.59 14.81
CA ASP D 184 -10.33 -33.46 14.00
C ASP D 184 -10.68 -33.08 12.57
N SER D 185 -9.75 -32.47 11.86
CA SER D 185 -10.01 -32.03 10.49
C SER D 185 -9.60 -33.03 9.43
N ALA D 186 -9.08 -34.18 9.84
CA ALA D 186 -8.57 -35.13 8.86
C ALA D 186 -9.28 -36.45 8.63
N GLN D 187 -10.57 -36.52 8.91
CA GLN D 187 -11.26 -37.77 8.70
C GLN D 187 -11.27 -38.17 7.24
N ASP D 188 -11.77 -37.30 6.37
CA ASP D 188 -11.84 -37.63 4.95
C ASP D 188 -10.48 -38.01 4.37
N ILE D 189 -9.44 -37.30 4.77
CA ILE D 189 -8.13 -37.59 4.23
C ILE D 189 -7.57 -38.90 4.75
N ARG D 190 -7.76 -39.20 6.04
CA ARG D 190 -7.27 -40.46 6.56
C ARG D 190 -7.95 -41.63 5.83
N SER D 191 -9.23 -41.48 5.51
CA SER D 191 -9.86 -42.57 4.80
C SER D 191 -9.42 -42.76 3.37
N GLU D 192 -9.16 -41.66 2.66
CA GLU D 192 -8.68 -41.76 1.29
C GLU D 192 -7.36 -42.52 1.37
N MET D 193 -6.52 -42.17 2.35
CA MET D 193 -5.24 -42.83 2.49
C MET D 193 -5.48 -44.33 2.68
N CYS D 194 -6.50 -44.66 3.46
CA CYS D 194 -6.82 -46.07 3.70
C CYS D 194 -7.25 -46.77 2.43
N LEU D 195 -8.24 -46.20 1.75
CA LEU D 195 -8.72 -46.80 0.52
C LEU D 195 -7.59 -46.99 -0.47
N VAL D 196 -6.76 -45.97 -0.63
CA VAL D 196 -5.68 -46.06 -1.59
C VAL D 196 -4.65 -47.08 -1.16
N MET D 197 -4.36 -47.13 0.14
CA MET D 197 -3.39 -48.08 0.64
C MET D 197 -3.86 -49.48 0.30
N GLU D 198 -5.15 -49.73 0.47
CA GLU D 198 -5.67 -51.03 0.15
C GLU D 198 -5.68 -51.33 -1.33
N GLN D 199 -5.93 -50.31 -2.15
CA GLN D 199 -5.90 -50.51 -3.60
C GLN D 199 -4.47 -50.92 -3.96
N MET D 200 -3.53 -50.61 -3.09
CA MET D 200 -2.14 -50.94 -3.36
C MET D 200 -1.65 -52.17 -2.62
N GLY D 201 -2.58 -52.95 -2.09
CA GLY D 201 -2.21 -54.20 -1.43
C GLY D 201 -2.04 -54.23 0.06
N LEU D 202 -2.17 -53.09 0.70
CA LEU D 202 -2.03 -53.07 2.15
C LEU D 202 -3.38 -53.41 2.73
N VAL D 203 -3.38 -53.82 3.99
CA VAL D 203 -4.63 -54.14 4.67
C VAL D 203 -4.67 -53.23 5.88
N VAL D 204 -5.70 -52.41 5.92
CA VAL D 204 -5.85 -51.43 6.97
C VAL D 204 -6.65 -51.92 8.14
N GLU D 205 -6.16 -51.65 9.34
CA GLU D 205 -6.86 -52.06 10.55
C GLU D 205 -7.58 -50.90 11.22
N ALA D 206 -7.00 -49.72 11.13
CA ALA D 206 -7.63 -48.55 11.74
C ALA D 206 -6.95 -47.24 11.37
N HIS D 207 -7.66 -46.14 11.60
CA HIS D 207 -7.07 -44.85 11.38
C HIS D 207 -7.65 -43.88 12.39
N HIS D 208 -6.78 -42.97 12.83
CA HIS D 208 -7.20 -42.03 13.84
C HIS D 208 -6.23 -40.86 13.94
N HIS D 209 -6.68 -39.81 14.56
CA HIS D 209 -5.87 -38.64 14.80
C HIS D 209 -4.91 -39.03 15.90
N GLU D 210 -3.69 -38.50 15.93
CA GLU D 210 -2.79 -38.85 17.02
C GLU D 210 -2.82 -37.75 18.09
N VAL D 211 -1.88 -37.79 19.02
CA VAL D 211 -1.88 -36.86 20.14
C VAL D 211 -1.58 -35.40 19.86
N ALA D 212 -0.58 -35.12 19.06
CA ALA D 212 -0.15 -33.75 18.85
C ALA D 212 -1.14 -32.85 18.11
N THR D 213 -1.09 -31.57 18.43
CA THR D 213 -1.91 -30.57 17.76
C THR D 213 -1.28 -30.47 16.36
N ALA D 214 -1.89 -29.69 15.48
CA ALA D 214 -1.29 -29.48 14.18
C ALA D 214 -1.17 -30.70 13.27
N GLY D 215 -2.14 -31.61 13.30
CA GLY D 215 -2.18 -32.70 12.33
C GLY D 215 -1.37 -33.99 12.52
N GLN D 216 -1.17 -34.43 13.74
CA GLN D 216 -0.51 -35.74 13.84
C GLN D 216 -1.58 -36.77 13.56
N ASN D 217 -1.28 -37.75 12.74
CA ASN D 217 -2.26 -38.76 12.38
C ASN D 217 -1.63 -40.13 12.26
N GLU D 218 -2.46 -41.17 12.17
CA GLU D 218 -1.94 -42.52 12.03
C GLU D 218 -2.89 -43.46 11.30
N VAL D 219 -2.33 -44.25 10.39
CA VAL D 219 -3.05 -45.30 9.68
C VAL D 219 -2.39 -46.60 10.08
N ALA D 220 -3.14 -47.45 10.74
CA ALA D 220 -2.63 -48.74 11.19
C ALA D 220 -2.92 -49.82 10.16
N THR D 221 -1.86 -50.51 9.76
CA THR D 221 -1.98 -51.56 8.78
C THR D 221 -1.62 -52.93 9.36
N ARG D 222 -2.16 -54.00 8.78
CA ARG D 222 -1.88 -55.36 9.22
C ARG D 222 -0.43 -55.73 8.93
N PHE D 223 0.10 -56.53 9.85
CA PHE D 223 1.48 -56.99 9.76
C PHE D 223 1.64 -57.81 8.49
N ASN D 224 2.84 -58.28 8.23
CA ASN D 224 3.17 -59.10 7.08
C ASN D 224 4.58 -59.62 7.31
N THR D 225 5.06 -60.47 6.42
CA THR D 225 6.41 -61.00 6.59
C THR D 225 7.37 -59.84 6.43
N MET D 226 8.47 -59.89 7.15
CA MET D 226 9.45 -58.79 7.20
C MET D 226 9.67 -58.03 5.88
N THR D 227 10.29 -58.66 4.87
CA THR D 227 10.56 -57.91 3.65
C THR D 227 9.31 -57.34 2.96
N LYS D 228 8.21 -58.08 2.95
CA LYS D 228 7.01 -57.58 2.31
C LYS D 228 6.47 -56.37 3.10
N LYS D 229 6.72 -56.34 4.41
CA LYS D 229 6.23 -55.24 5.22
C LYS D 229 7.02 -53.97 4.98
N ALA D 230 8.33 -54.10 4.80
CA ALA D 230 9.16 -52.94 4.52
C ALA D 230 8.71 -52.37 3.17
N ASP D 231 8.34 -53.25 2.25
CA ASP D 231 7.83 -52.81 0.96
C ASP D 231 6.57 -52.00 1.27
N GLU D 232 5.70 -52.57 2.11
CA GLU D 232 4.46 -51.90 2.49
C GLU D 232 4.70 -50.54 3.14
N ILE D 233 5.77 -50.41 3.91
CA ILE D 233 6.09 -49.14 4.55
C ILE D 233 6.37 -48.09 3.50
N GLN D 234 7.16 -48.47 2.50
CA GLN D 234 7.48 -47.57 1.40
C GLN D 234 6.23 -47.09 0.66
N ILE D 235 5.31 -48.03 0.43
CA ILE D 235 4.06 -47.73 -0.25
C ILE D 235 3.22 -46.86 0.66
N TYR D 236 3.22 -47.21 1.90
CA TYR D 236 2.50 -46.48 2.91
C TYR D 236 2.91 -45.02 2.89
N LYS D 237 4.22 -44.79 2.97
CA LYS D 237 4.72 -43.42 2.95
C LYS D 237 4.35 -42.72 1.65
N TYR D 238 4.46 -43.46 0.56
CA TYR D 238 4.14 -42.91 -0.74
C TYR D 238 2.70 -42.46 -0.78
N VAL D 239 1.80 -43.30 -0.30
CA VAL D 239 0.40 -42.96 -0.30
C VAL D 239 0.15 -41.74 0.59
N VAL D 240 0.71 -41.77 1.78
CA VAL D 240 0.53 -40.66 2.71
C VAL D 240 1.03 -39.35 2.08
N HIS D 241 2.25 -39.36 1.57
CA HIS D 241 2.82 -38.17 0.97
C HIS D 241 2.01 -37.64 -0.18
N ASN D 242 1.58 -38.53 -1.05
CA ASN D 242 0.83 -38.10 -2.21
C ASN D 242 -0.63 -37.78 -2.02
N VAL D 243 -1.29 -38.46 -1.09
CA VAL D 243 -2.69 -38.11 -0.85
C VAL D 243 -2.68 -36.74 -0.18
N ALA D 244 -1.72 -36.52 0.71
CA ALA D 244 -1.61 -35.24 1.39
C ALA D 244 -1.43 -34.13 0.34
N HIS D 245 -0.50 -34.35 -0.58
CA HIS D 245 -0.20 -33.40 -1.63
C HIS D 245 -1.46 -33.11 -2.43
N ARG D 246 -2.20 -34.15 -2.78
CA ARG D 246 -3.42 -33.95 -3.54
C ARG D 246 -4.49 -33.20 -2.77
N PHE D 247 -4.43 -33.25 -1.45
CA PHE D 247 -5.41 -32.55 -0.63
C PHE D 247 -4.95 -31.16 -0.24
N GLY D 248 -3.81 -30.74 -0.76
CA GLY D 248 -3.32 -29.42 -0.41
C GLY D 248 -2.54 -29.41 0.89
N LYS D 249 -2.08 -30.56 1.32
CA LYS D 249 -1.30 -30.61 2.55
C LYS D 249 0.12 -31.09 2.22
N THR D 250 0.91 -31.28 3.26
CA THR D 250 2.25 -31.77 3.09
C THR D 250 2.50 -32.63 4.31
N ALA D 251 2.89 -33.89 4.09
CA ALA D 251 3.12 -34.79 5.21
C ALA D 251 4.56 -35.03 5.49
N THR D 252 4.88 -35.27 6.76
CA THR D 252 6.24 -35.60 7.12
C THR D 252 6.32 -36.75 8.12
N PHE D 253 7.31 -37.60 7.94
CA PHE D 253 7.53 -38.70 8.84
C PHE D 253 8.68 -38.40 9.78
N MET D 254 9.11 -37.13 9.84
CA MET D 254 10.18 -36.73 10.75
C MET D 254 9.75 -37.15 12.14
N PRO D 255 10.68 -37.59 12.97
CA PRO D 255 10.27 -38.00 14.31
C PRO D 255 9.86 -36.92 15.30
N LYS D 256 10.49 -35.74 15.28
CA LYS D 256 10.11 -34.68 16.22
C LYS D 256 10.11 -33.32 15.53
N PRO D 257 9.03 -32.96 14.85
CA PRO D 257 9.04 -31.65 14.19
C PRO D 257 8.80 -30.51 15.16
N MET D 258 8.18 -30.80 16.30
CA MET D 258 7.90 -29.75 17.26
C MET D 258 8.32 -30.03 18.69
N PHE D 259 8.94 -29.03 19.28
CA PHE D 259 9.31 -29.16 20.66
C PHE D 259 8.05 -28.87 21.48
N GLY D 260 7.70 -29.69 22.46
CA GLY D 260 6.53 -29.37 23.25
C GLY D 260 5.30 -30.20 22.99
N ASP D 261 5.35 -31.02 21.96
CA ASP D 261 4.24 -31.90 21.67
C ASP D 261 4.82 -33.18 21.16
N ASN D 262 3.97 -34.19 21.07
CA ASN D 262 4.33 -35.51 20.63
C ASN D 262 5.22 -35.60 19.40
N GLY D 263 6.07 -36.61 19.39
CA GLY D 263 6.89 -36.85 18.22
C GLY D 263 6.16 -37.97 17.50
N SER D 264 6.73 -38.47 16.42
CA SER D 264 6.10 -39.56 15.71
C SER D 264 6.99 -40.77 15.86
N GLY D 265 6.41 -41.88 16.29
CA GLY D 265 7.18 -43.09 16.46
C GLY D 265 6.72 -44.17 15.50
N MET D 266 7.46 -45.26 15.46
CA MET D 266 7.09 -46.36 14.61
C MET D 266 7.32 -47.63 15.40
N HIS D 267 6.41 -47.93 16.32
CA HIS D 267 6.50 -49.14 17.12
C HIS D 267 6.56 -50.33 16.19
N CYS D 268 7.33 -51.32 16.59
CA CYS D 268 7.41 -52.53 15.79
C CYS D 268 7.02 -53.79 16.56
N HIS D 269 5.92 -54.37 16.15
CA HIS D 269 5.43 -55.61 16.73
C HIS D 269 6.12 -56.72 15.95
N MET D 270 6.66 -57.68 16.67
CA MET D 270 7.35 -58.80 16.05
C MET D 270 7.02 -60.13 16.69
N SER D 271 7.20 -61.20 15.92
CA SER D 271 6.98 -62.57 16.38
C SER D 271 7.55 -63.49 15.32
N LEU D 272 7.90 -64.70 15.71
CA LEU D 272 8.45 -65.67 14.77
C LEU D 272 7.51 -66.84 14.59
N ALA D 273 7.67 -67.58 13.51
CA ALA D 273 6.81 -68.71 13.26
C ALA D 273 7.46 -69.83 12.46
N LYS D 274 6.93 -71.03 12.66
CA LYS D 274 7.39 -72.22 11.95
C LYS D 274 6.17 -73.10 11.72
N ASN D 275 6.02 -73.54 10.47
CA ASN D 275 4.91 -74.40 10.04
C ASN D 275 3.61 -73.95 10.68
N GLY D 276 3.30 -72.67 10.50
CA GLY D 276 2.07 -72.13 11.04
C GLY D 276 1.88 -71.93 12.53
N THR D 277 2.84 -72.33 13.36
CA THR D 277 2.67 -72.12 14.80
C THR D 277 3.49 -70.92 15.28
N ASN D 278 2.94 -70.19 16.23
CA ASN D 278 3.61 -69.01 16.77
C ASN D 278 4.68 -69.34 17.81
N LEU D 279 5.93 -69.35 17.36
CA LEU D 279 7.06 -69.65 18.23
C LEU D 279 7.24 -68.73 19.45
N PHE D 280 6.39 -67.72 19.58
CA PHE D 280 6.48 -66.79 20.70
C PHE D 280 5.51 -67.04 21.84
N SER D 281 4.52 -67.92 21.65
CA SER D 281 3.58 -68.21 22.73
C SER D 281 4.16 -69.30 23.63
N GLY D 282 3.91 -69.18 24.93
CA GLY D 282 4.43 -70.15 25.87
C GLY D 282 3.83 -70.01 27.25
N ASP D 283 4.47 -70.64 28.24
CA ASP D 283 4.00 -70.62 29.62
C ASP D 283 4.73 -69.59 30.49
N LYS D 284 5.80 -69.01 29.94
CA LYS D 284 6.60 -68.00 30.65
C LYS D 284 5.81 -66.68 30.77
N TYR D 285 6.48 -65.62 31.22
CA TYR D 285 5.84 -64.30 31.40
C TYR D 285 4.85 -63.82 30.33
N ALA D 286 3.70 -63.36 30.79
CA ALA D 286 2.66 -62.85 29.91
C ALA D 286 2.26 -63.69 28.69
N GLY D 287 2.52 -64.99 28.73
CA GLY D 287 2.14 -65.86 27.63
C GLY D 287 3.24 -66.08 26.61
N LEU D 288 4.46 -65.72 26.99
CA LEU D 288 5.62 -65.84 26.10
C LEU D 288 6.38 -67.16 26.13
N SER D 289 7.07 -67.45 25.03
CA SER D 289 7.90 -68.65 24.92
C SER D 289 9.28 -68.21 25.42
N GLU D 290 10.17 -69.15 25.73
CA GLU D 290 11.47 -68.72 26.21
C GLU D 290 12.26 -68.18 25.04
N GLN D 291 11.81 -68.51 23.83
CA GLN D 291 12.44 -68.04 22.60
C GLN D 291 12.24 -66.53 22.49
N ALA D 292 11.02 -66.09 22.79
CA ALA D 292 10.65 -64.68 22.75
C ALA D 292 11.55 -63.89 23.69
N LEU D 293 11.76 -64.44 24.89
CA LEU D 293 12.59 -63.80 25.88
C LEU D 293 14.04 -63.65 25.43
N TYR D 294 14.57 -64.66 24.75
CA TYR D 294 15.95 -64.58 24.27
C TYR D 294 16.00 -63.50 23.19
N TYR D 295 14.96 -63.45 22.38
CA TYR D 295 14.84 -62.47 21.32
C TYR D 295 14.91 -61.09 21.97
N ILE D 296 14.07 -60.87 22.98
CA ILE D 296 14.06 -59.61 23.70
C ILE D 296 15.43 -59.28 24.24
N GLY D 297 16.10 -60.30 24.78
CA GLY D 297 17.42 -60.10 25.34
C GLY D 297 18.36 -59.63 24.27
N GLY D 298 18.20 -60.18 23.07
CA GLY D 298 19.05 -59.78 21.96
C GLY D 298 18.84 -58.32 21.61
N VAL D 299 17.57 -57.94 21.47
CA VAL D 299 17.20 -56.57 21.15
C VAL D 299 17.78 -55.63 22.19
N ILE D 300 17.67 -56.00 23.45
CA ILE D 300 18.21 -55.16 24.51
C ILE D 300 19.72 -55.09 24.48
N LYS D 301 20.37 -56.21 24.19
CA LYS D 301 21.83 -56.22 24.16
C LYS D 301 22.35 -55.31 23.07
N HIS D 302 21.72 -55.37 21.90
CA HIS D 302 22.16 -54.56 20.76
C HIS D 302 21.32 -53.29 20.46
N ALA D 303 20.57 -52.83 21.44
CA ALA D 303 19.72 -51.66 21.27
C ALA D 303 20.44 -50.45 20.66
N LYS D 304 21.53 -50.02 21.28
CA LYS D 304 22.25 -48.86 20.76
C LYS D 304 22.66 -49.01 19.28
N ALA D 305 22.99 -50.22 18.85
CA ALA D 305 23.37 -50.39 17.47
C ALA D 305 22.13 -50.37 16.60
N ILE D 306 21.04 -50.94 17.09
CA ILE D 306 19.81 -50.94 16.32
C ILE D 306 19.34 -49.50 16.11
N ASN D 307 19.57 -48.67 17.12
CA ASN D 307 19.21 -47.26 17.07
C ASN D 307 19.72 -46.59 15.82
N ALA D 308 20.94 -46.93 15.41
CA ALA D 308 21.55 -46.35 14.23
C ALA D 308 20.75 -46.60 12.97
N LEU D 309 19.82 -47.54 13.05
CA LEU D 309 18.98 -47.86 11.90
C LEU D 309 17.52 -47.55 12.14
N ALA D 310 17.10 -47.66 13.40
CA ALA D 310 15.72 -47.42 13.78
C ALA D 310 15.44 -45.98 14.16
N ASN D 311 16.50 -45.22 14.38
CA ASN D 311 16.43 -43.81 14.77
C ASN D 311 17.68 -43.23 14.11
N PRO D 312 17.69 -43.19 12.77
CA PRO D 312 18.81 -42.71 11.98
C PRO D 312 18.99 -41.25 11.75
N THR D 313 18.30 -40.41 12.53
CA THR D 313 18.43 -38.97 12.33
C THR D 313 18.73 -38.30 13.65
N THR D 314 19.38 -37.14 13.61
CA THR D 314 19.66 -36.43 14.85
C THR D 314 18.31 -36.07 15.48
N ASN D 315 17.34 -35.77 14.62
CA ASN D 315 16.00 -35.41 15.07
C ASN D 315 15.37 -36.52 15.88
N SER D 316 15.71 -37.76 15.54
CA SER D 316 15.16 -38.93 16.24
C SER D 316 15.35 -38.83 17.74
N TYR D 317 16.50 -38.24 18.13
CA TYR D 317 16.88 -38.14 19.54
C TYR D 317 16.18 -36.96 20.19
N LYS D 318 15.37 -36.25 19.48
CA LYS D 318 14.66 -35.18 20.14
C LYS D 318 13.32 -35.71 20.63
N ARG D 319 13.01 -36.93 20.20
CA ARG D 319 11.81 -37.68 20.60
C ARG D 319 12.17 -38.59 21.77
N LEU D 320 13.37 -39.17 21.69
CA LEU D 320 13.90 -40.05 22.71
C LEU D 320 14.68 -39.23 23.72
N VAL D 321 13.94 -38.58 24.60
CA VAL D 321 14.56 -37.76 25.63
C VAL D 321 13.87 -38.08 26.92
N PRO D 322 14.65 -37.93 28.02
CA PRO D 322 14.05 -38.18 29.32
C PRO D 322 12.73 -37.50 29.48
N GLY D 323 11.67 -38.19 29.04
CA GLY D 323 10.32 -37.71 29.18
C GLY D 323 9.55 -38.80 29.88
N TYR D 324 8.27 -38.61 30.12
CA TYR D 324 7.53 -39.66 30.86
C TYR D 324 7.26 -40.90 30.02
N GLU D 325 6.62 -40.66 28.88
CA GLU D 325 6.25 -41.72 27.96
C GLU D 325 7.35 -42.08 26.98
N ALA D 326 8.51 -41.46 27.13
CA ALA D 326 9.66 -41.72 26.26
C ALA D 326 10.05 -43.20 26.37
N PRO D 327 9.92 -43.94 25.25
CA PRO D 327 10.23 -45.37 25.13
C PRO D 327 11.74 -45.56 25.18
N VAL D 328 12.39 -45.02 26.21
CA VAL D 328 13.83 -45.13 26.28
C VAL D 328 14.46 -46.14 27.24
N MET D 329 13.68 -46.71 28.15
CA MET D 329 14.20 -47.68 29.11
C MET D 329 14.27 -49.05 28.47
N LEU D 330 15.48 -49.60 28.37
CA LEU D 330 15.70 -50.91 27.78
C LEU D 330 15.20 -52.04 28.69
N ALA D 331 13.89 -52.26 28.65
CA ALA D 331 13.26 -53.27 29.46
C ALA D 331 11.93 -53.70 28.86
N TYR D 332 11.36 -54.78 29.41
CA TYR D 332 10.07 -55.22 28.92
C TYR D 332 9.04 -55.24 30.04
N SER D 333 7.79 -55.20 29.64
CA SER D 333 6.66 -55.19 30.57
C SER D 333 5.40 -55.22 29.75
N ALA D 334 4.31 -55.64 30.38
CA ALA D 334 3.02 -55.72 29.71
C ALA D 334 2.19 -54.51 30.06
N ARG D 335 2.72 -53.68 30.95
CA ARG D 335 2.01 -52.49 31.38
C ARG D 335 2.85 -51.22 31.34
N ASN D 336 3.92 -51.20 32.14
CA ASN D 336 4.81 -50.05 32.21
C ASN D 336 5.17 -49.44 30.86
N ARG D 337 4.49 -48.37 30.48
CA ARG D 337 4.78 -47.73 29.20
C ARG D 337 5.93 -46.74 29.30
N SER D 338 6.96 -47.19 30.02
CA SER D 338 8.22 -46.47 30.20
C SER D 338 9.21 -47.36 29.49
N ALA D 339 8.83 -48.64 29.45
CA ALA D 339 9.58 -49.70 28.84
C ALA D 339 9.51 -49.61 27.33
N SER D 340 10.68 -49.66 26.69
CA SER D 340 10.75 -49.60 25.24
C SER D 340 10.27 -50.89 24.59
N ILE D 341 10.01 -51.91 25.41
CA ILE D 341 9.49 -53.18 24.90
C ILE D 341 8.21 -53.52 25.64
N ARG D 342 7.07 -53.37 24.97
CA ARG D 342 5.78 -53.72 25.58
C ARG D 342 5.39 -55.12 25.16
N ILE D 343 4.70 -55.78 26.04
CA ILE D 343 4.18 -57.11 25.74
C ILE D 343 2.68 -56.95 25.72
N PRO D 344 2.10 -56.99 24.52
CA PRO D 344 0.66 -56.87 24.31
C PRO D 344 0.00 -58.00 25.06
N VAL D 345 -1.06 -57.70 25.79
CA VAL D 345 -1.76 -58.75 26.49
C VAL D 345 -2.92 -59.08 25.57
N VAL D 346 -2.88 -60.29 25.03
CA VAL D 346 -3.91 -60.75 24.11
C VAL D 346 -4.32 -62.18 24.49
N ALA D 347 -5.55 -62.57 24.14
CA ALA D 347 -6.08 -63.88 24.48
C ALA D 347 -5.49 -65.02 23.65
N SER D 348 -5.77 -65.01 22.34
CA SER D 348 -5.27 -66.06 21.46
C SER D 348 -3.76 -66.16 21.46
N PRO D 349 -3.22 -67.33 21.81
CA PRO D 349 -1.76 -67.48 21.83
C PRO D 349 -1.21 -67.33 20.42
N LYS D 350 -2.09 -67.41 19.43
CA LYS D 350 -1.68 -67.28 18.03
C LYS D 350 -1.21 -65.86 17.73
N ALA D 351 -1.62 -64.91 18.57
CA ALA D 351 -1.28 -63.51 18.42
C ALA D 351 -0.25 -62.97 19.42
N ARG D 352 0.43 -63.85 20.14
CA ARG D 352 1.44 -63.45 21.12
C ARG D 352 2.64 -62.86 20.36
N ARG D 353 3.17 -61.74 20.84
CA ARG D 353 4.29 -61.06 20.18
C ARG D 353 4.91 -59.99 21.08
N ILE D 354 5.97 -59.33 20.61
CA ILE D 354 6.58 -58.25 21.39
C ILE D 354 6.48 -56.94 20.60
N GLU D 355 6.45 -55.81 21.31
CA GLU D 355 6.40 -54.51 20.66
C GLU D 355 7.59 -53.66 21.03
N VAL D 356 8.53 -53.49 20.11
CA VAL D 356 9.69 -52.65 20.36
C VAL D 356 9.26 -51.22 19.99
N ARG D 357 9.19 -50.37 20.98
CA ARG D 357 8.67 -49.03 20.83
C ARG D 357 9.60 -47.88 20.37
N PHE D 358 10.93 -48.04 20.40
CA PHE D 358 11.76 -46.86 20.11
C PHE D 358 11.98 -46.45 18.64
N PRO D 359 11.82 -47.36 17.72
CA PRO D 359 11.92 -46.97 16.28
C PRO D 359 11.12 -45.75 15.87
N ASP D 360 11.54 -45.00 14.85
CA ASP D 360 10.72 -43.89 14.37
C ASP D 360 10.55 -44.07 12.86
N PRO D 361 9.60 -43.39 12.26
CA PRO D 361 9.36 -43.53 10.82
C PRO D 361 10.46 -43.11 9.87
N ALA D 362 11.51 -42.47 10.39
CA ALA D 362 12.61 -42.06 9.52
C ALA D 362 13.49 -43.25 9.16
N ALA D 363 13.32 -44.31 9.93
CA ALA D 363 14.11 -45.49 9.72
C ALA D 363 13.91 -46.17 8.38
N ASN D 364 15.01 -46.64 7.81
CA ASN D 364 14.97 -47.42 6.58
C ASN D 364 14.20 -48.71 6.93
N PRO D 365 13.09 -49.03 6.22
CA PRO D 365 12.34 -50.24 6.61
C PRO D 365 13.20 -51.47 6.76
N TYR D 366 13.77 -51.71 5.63
CA TYR D 366 14.64 -52.83 5.42
C TYR D 366 15.72 -52.98 6.48
N LEU D 367 16.57 -51.97 6.57
CA LEU D 367 17.67 -52.08 7.51
C LEU D 367 17.21 -52.10 8.95
N CYS D 368 16.13 -51.38 9.26
CA CYS D 368 15.65 -51.33 10.63
C CYS D 368 15.10 -52.68 11.03
N PHE D 369 14.22 -53.22 10.20
CA PHE D 369 13.64 -54.51 10.48
C PHE D 369 14.73 -55.58 10.57
N ALA D 370 15.63 -55.60 9.60
CA ALA D 370 16.73 -56.57 9.58
C ALA D 370 17.54 -56.53 10.87
N ALA D 371 17.96 -55.35 11.29
CA ALA D 371 18.75 -55.20 12.51
C ALA D 371 17.98 -55.69 13.73
N LEU D 372 16.67 -55.50 13.72
CA LEU D 372 15.85 -55.95 14.82
C LEU D 372 15.89 -57.48 14.89
N LEU D 373 15.78 -58.12 13.73
CA LEU D 373 15.79 -59.58 13.61
C LEU D 373 17.10 -60.16 14.07
N MET D 374 18.18 -59.74 13.41
CA MET D 374 19.51 -60.20 13.72
C MET D 374 19.85 -60.09 15.20
N ALA D 375 19.39 -59.02 15.84
CA ALA D 375 19.63 -58.85 17.28
C ALA D 375 18.83 -59.90 18.02
N GLY D 376 17.62 -60.16 17.55
CA GLY D 376 16.76 -61.15 18.19
C GLY D 376 17.34 -62.54 18.09
N LEU D 377 17.81 -62.90 16.89
CA LEU D 377 18.41 -64.20 16.63
C LEU D 377 19.66 -64.40 17.47
N ASP D 378 20.49 -63.38 17.54
CA ASP D 378 21.70 -63.47 18.34
C ASP D 378 21.32 -63.63 19.81
N GLY D 379 20.12 -63.19 20.15
CA GLY D 379 19.65 -63.30 21.52
C GLY D 379 19.28 -64.73 21.80
N ILE D 380 18.78 -65.39 20.77
CA ILE D 380 18.38 -66.78 20.83
C ILE D 380 19.59 -67.70 20.79
N LYS D 381 20.34 -67.65 19.69
CA LYS D 381 21.53 -68.46 19.51
C LYS D 381 22.36 -68.47 20.79
N ASN D 382 22.45 -67.31 21.45
CA ASN D 382 23.25 -67.21 22.66
C ASN D 382 22.44 -67.17 23.96
N LYS D 383 21.20 -67.64 23.89
CA LYS D 383 20.30 -67.70 25.05
C LYS D 383 20.48 -66.55 26.03
N ILE D 384 20.43 -65.34 25.49
CA ILE D 384 20.60 -64.13 26.28
C ILE D 384 19.36 -63.85 27.09
N HIS D 385 19.45 -64.08 28.40
CA HIS D 385 18.30 -63.83 29.23
C HIS D 385 18.16 -62.35 29.52
N PRO D 386 16.92 -61.95 29.28
CA PRO D 386 16.26 -60.63 29.55
C PRO D 386 16.37 -60.02 30.94
N GLY D 387 16.41 -60.88 31.92
CA GLY D 387 16.39 -60.49 33.28
C GLY D 387 14.91 -60.41 33.60
N GLU D 388 14.56 -59.72 34.68
CA GLU D 388 13.17 -59.59 35.07
C GLU D 388 12.51 -58.32 34.48
N PRO D 389 11.19 -58.38 34.26
CA PRO D 389 10.40 -57.28 33.67
C PRO D 389 10.31 -56.08 34.62
N MET D 390 10.36 -54.87 34.05
CA MET D 390 10.23 -53.64 34.83
C MET D 390 8.75 -53.29 34.89
N ASP D 391 8.19 -53.26 36.09
CA ASP D 391 6.78 -52.91 36.25
C ASP D 391 6.62 -51.72 37.18
N LYS D 392 7.76 -51.13 37.59
CA LYS D 392 7.79 -49.97 38.49
C LYS D 392 7.38 -48.65 37.82
N ASN D 393 8.38 -47.88 37.36
CA ASN D 393 8.12 -46.60 36.69
C ASN D 393 9.26 -46.20 35.73
N LEU D 394 9.11 -45.01 35.09
CA LEU D 394 9.95 -44.58 33.97
C LEU D 394 11.28 -43.97 34.43
N TYR D 395 11.56 -42.85 33.81
CA TYR D 395 12.82 -42.18 34.11
C TYR D 395 12.72 -41.17 35.21
N ASP D 396 11.57 -40.77 35.61
CA ASP D 396 11.67 -39.74 36.63
C ASP D 396 11.12 -40.43 37.87
N LEU D 397 11.78 -40.33 38.99
CA LEU D 397 11.17 -41.05 40.02
C LEU D 397 10.51 -42.24 39.43
N PRO D 398 11.21 -43.30 39.21
CA PRO D 398 12.40 -43.77 39.87
C PRO D 398 13.37 -42.71 40.44
N PRO D 399 14.48 -42.27 39.72
CA PRO D 399 15.62 -41.49 40.12
C PRO D 399 16.17 -41.85 41.52
N GLU D 400 15.90 -43.04 42.01
CA GLU D 400 16.30 -43.62 43.32
C GLU D 400 17.78 -43.99 43.32
N GLU D 401 18.09 -45.03 42.55
CA GLU D 401 19.46 -45.54 42.38
C GLU D 401 20.09 -44.81 41.17
N ALA D 402 19.64 -43.56 40.96
CA ALA D 402 20.04 -42.69 39.84
C ALA D 402 19.45 -43.34 38.58
N LYS D 403 18.72 -44.43 38.82
CA LYS D 403 18.04 -45.28 37.85
C LYS D 403 18.79 -45.57 36.55
N GLU D 404 20.08 -45.82 36.67
CA GLU D 404 20.89 -46.12 35.50
C GLU D 404 20.78 -47.59 35.10
N ILE D 405 19.63 -47.90 34.50
CA ILE D 405 19.37 -49.24 33.96
C ILE D 405 19.65 -49.08 32.46
N PRO D 406 19.51 -50.11 31.67
CA PRO D 406 19.73 -49.95 30.23
C PRO D 406 19.11 -48.78 29.49
N GLN D 407 19.81 -48.06 28.66
CA GLN D 407 18.97 -47.17 27.87
C GLN D 407 19.39 -47.07 26.40
N VAL D 408 18.45 -46.65 25.55
CA VAL D 408 18.74 -46.47 24.12
C VAL D 408 19.76 -45.35 23.96
N ALA D 409 20.39 -45.28 22.80
CA ALA D 409 21.39 -44.26 22.53
C ALA D 409 20.80 -42.87 22.76
N GLY D 410 21.62 -41.93 23.22
CA GLY D 410 21.11 -40.59 23.48
C GLY D 410 21.39 -39.56 22.41
N SER D 411 22.07 -40.00 21.36
CA SER D 411 22.42 -39.13 20.25
C SER D 411 22.72 -40.01 19.06
N LEU D 412 22.65 -39.45 17.86
CA LEU D 412 22.93 -40.24 16.67
C LEU D 412 24.36 -40.76 16.63
N GLU D 413 25.32 -39.91 16.99
CA GLU D 413 26.72 -40.28 16.97
C GLU D 413 26.98 -41.49 17.84
N GLU D 414 26.39 -41.46 19.02
CA GLU D 414 26.52 -42.54 19.97
C GLU D 414 25.98 -43.82 19.36
N ALA D 415 24.86 -43.72 18.68
CA ALA D 415 24.23 -44.87 18.03
C ALA D 415 25.11 -45.37 16.89
N LEU D 416 25.69 -44.45 16.14
CA LEU D 416 26.53 -44.83 15.03
C LEU D 416 27.75 -45.54 15.56
N ASN D 417 28.30 -45.00 16.64
CA ASN D 417 29.48 -45.61 17.24
C ASN D 417 29.18 -47.03 17.74
N ALA D 418 28.00 -47.21 18.34
CA ALA D 418 27.59 -48.52 18.82
C ALA D 418 27.51 -49.48 17.66
N LEU D 419 26.91 -49.02 16.57
CA LEU D 419 26.78 -49.84 15.38
C LEU D 419 28.17 -50.23 14.91
N ASP D 420 29.12 -49.30 15.00
CA ASP D 420 30.48 -49.56 14.57
C ASP D 420 31.06 -50.74 15.32
N LEU D 421 31.12 -50.59 16.63
CA LEU D 421 31.67 -51.59 17.53
C LEU D 421 30.90 -52.90 17.61
N ASP D 422 29.59 -52.78 17.78
CA ASP D 422 28.72 -53.93 17.94
C ASP D 422 28.15 -54.49 16.64
N ARG D 423 28.97 -54.56 15.60
CA ARG D 423 28.51 -55.05 14.30
C ARG D 423 28.48 -56.55 14.05
N GLU D 424 29.12 -57.34 14.91
CA GLU D 424 29.14 -58.78 14.64
C GLU D 424 27.79 -59.42 14.42
N PHE D 425 26.85 -59.17 15.32
CA PHE D 425 25.53 -59.79 15.19
C PHE D 425 24.83 -59.50 13.86
N LEU D 426 25.26 -58.45 13.18
CA LEU D 426 24.68 -58.05 11.89
C LEU D 426 25.39 -58.75 10.73
N LYS D 427 26.69 -59.00 10.89
CA LYS D 427 27.50 -59.66 9.87
C LYS D 427 27.22 -61.17 9.80
N ALA D 428 26.58 -61.68 10.84
CA ALA D 428 26.21 -63.09 10.93
C ALA D 428 25.49 -63.49 9.67
N GLY D 429 25.79 -64.68 9.16
CA GLY D 429 25.14 -65.15 7.96
C GLY D 429 25.50 -64.34 6.72
N GLY D 430 26.46 -63.42 6.84
CA GLY D 430 26.87 -62.60 5.71
C GLY D 430 25.78 -61.63 5.22
N VAL D 431 24.82 -61.33 6.09
CA VAL D 431 23.72 -60.43 5.83
C VAL D 431 24.22 -59.00 5.61
N PHE D 432 24.93 -58.48 6.61
CA PHE D 432 25.53 -57.14 6.52
C PHE D 432 27.04 -57.27 6.34
N THR D 433 27.61 -56.56 5.37
CA THR D 433 29.05 -56.59 5.18
C THR D 433 29.63 -55.37 5.90
N ASP D 434 30.92 -55.42 6.20
CA ASP D 434 31.57 -54.29 6.87
C ASP D 434 31.45 -53.05 5.99
N GLU D 435 31.68 -53.23 4.69
CA GLU D 435 31.61 -52.14 3.74
C GLU D 435 30.26 -51.44 3.77
N ALA D 436 29.20 -52.23 3.80
CA ALA D 436 27.85 -51.67 3.84
C ALA D 436 27.70 -50.84 5.11
N ILE D 437 28.02 -51.46 6.23
CA ILE D 437 27.91 -50.79 7.51
C ILE D 437 28.74 -49.51 7.58
N ASP D 438 29.99 -49.57 7.12
CA ASP D 438 30.85 -48.40 7.15
C ASP D 438 30.34 -47.27 6.26
N ALA D 439 29.71 -47.65 5.16
CA ALA D 439 29.18 -46.69 4.20
C ALA D 439 27.97 -45.99 4.78
N TYR D 440 27.11 -46.77 5.43
CA TYR D 440 25.92 -46.26 6.07
C TYR D 440 26.33 -45.26 7.13
N ILE D 441 27.28 -45.65 7.96
CA ILE D 441 27.77 -44.79 9.02
C ILE D 441 28.32 -43.50 8.46
N ALA D 442 29.02 -43.58 7.34
CA ALA D 442 29.60 -42.39 6.76
C ALA D 442 28.53 -41.44 6.24
N LEU D 443 27.46 -41.99 5.69
CA LEU D 443 26.37 -41.16 5.18
C LEU D 443 25.73 -40.39 6.32
N ARG D 444 25.49 -41.09 7.42
CA ARG D 444 24.86 -40.45 8.57
C ARG D 444 25.76 -39.49 9.32
N ARG D 445 27.07 -39.72 9.27
CA ARG D 445 27.96 -38.83 10.01
C ARG D 445 28.03 -37.45 9.39
N GLU D 446 27.82 -37.45 8.10
CA GLU D 446 27.82 -36.25 7.28
C GLU D 446 26.58 -35.45 7.69
N GLU D 447 25.47 -36.16 7.92
CA GLU D 447 24.24 -35.52 8.35
C GLU D 447 24.42 -35.03 9.77
N ASP D 448 24.96 -35.89 10.63
CA ASP D 448 25.18 -35.51 12.03
C ASP D 448 26.02 -34.24 12.10
N ASP D 449 26.96 -34.10 11.17
CA ASP D 449 27.85 -32.94 11.17
C ASP D 449 27.18 -31.63 10.89
N ARG D 450 26.22 -31.65 9.98
CA ARG D 450 25.50 -30.43 9.62
C ARG D 450 24.84 -29.88 10.86
N VAL D 451 24.19 -30.77 11.59
CA VAL D 451 23.49 -30.34 12.79
C VAL D 451 24.47 -29.93 13.90
N ARG D 452 25.57 -30.64 14.04
CA ARG D 452 26.53 -30.31 15.10
C ARG D 452 27.26 -29.01 14.83
N MET D 453 27.50 -28.72 13.56
CA MET D 453 28.25 -27.53 13.19
C MET D 453 27.47 -26.25 12.96
N THR D 454 26.16 -26.34 12.71
CA THR D 454 25.37 -25.15 12.45
C THR D 454 24.77 -24.55 13.70
N PRO D 455 25.03 -23.26 13.95
CA PRO D 455 24.47 -22.62 15.15
C PRO D 455 22.97 -22.84 15.23
N HIS D 456 22.50 -23.11 16.44
CA HIS D 456 21.09 -23.36 16.68
C HIS D 456 20.41 -22.10 17.20
N PRO D 457 19.22 -21.78 16.71
CA PRO D 457 18.49 -20.60 17.16
C PRO D 457 18.48 -20.44 18.67
N VAL D 458 18.29 -21.55 19.38
CA VAL D 458 18.23 -21.53 20.84
C VAL D 458 19.56 -21.10 21.47
N GLU D 459 20.65 -21.31 20.75
CA GLU D 459 21.95 -20.92 21.27
C GLU D 459 22.03 -19.42 21.40
N PHE D 460 21.27 -18.70 20.57
CA PHE D 460 21.25 -17.23 20.63
C PHE D 460 20.47 -16.77 21.86
N GLU D 461 19.36 -17.43 22.10
CA GLU D 461 18.55 -17.14 23.24
C GLU D 461 19.37 -17.33 24.49
N LEU D 462 20.07 -18.46 24.55
CA LEU D 462 20.90 -18.86 25.68
C LEU D 462 22.22 -18.12 25.79
N TYR D 463 22.92 -17.83 24.68
CA TYR D 463 24.24 -17.23 24.82
C TYR D 463 24.51 -15.91 24.07
N TYR D 464 23.57 -15.28 23.38
CA TYR D 464 23.93 -14.05 22.66
C TYR D 464 24.50 -12.95 23.60
N SER D 465 23.92 -12.84 24.79
CA SER D 465 24.32 -11.82 25.76
C SER D 465 25.41 -12.26 26.73
N VAL D 466 26.09 -13.33 26.37
CA VAL D 466 27.15 -13.87 27.18
C VAL D 466 28.29 -12.89 27.39
N GLU E 1 -26.96 -58.15 14.04
CA GLU E 1 -27.32 -58.57 12.67
C GLU E 1 -27.87 -57.41 11.87
N HIS E 2 -28.59 -56.54 12.58
CA HIS E 2 -29.17 -55.35 11.98
C HIS E 2 -28.02 -54.48 11.50
N VAL E 3 -26.95 -54.49 12.28
CA VAL E 3 -25.76 -53.74 11.94
C VAL E 3 -25.12 -54.30 10.68
N LEU E 4 -24.94 -55.61 10.63
CA LEU E 4 -24.33 -56.22 9.45
C LEU E 4 -25.14 -56.01 8.18
N THR E 5 -26.43 -55.74 8.32
CA THR E 5 -27.26 -55.49 7.13
C THR E 5 -27.18 -54.01 6.75
N MET E 6 -27.01 -53.14 7.74
CA MET E 6 -26.87 -51.70 7.49
C MET E 6 -25.57 -51.46 6.74
N LEU E 7 -24.59 -52.33 6.99
CA LEU E 7 -23.30 -52.25 6.31
C LEU E 7 -23.44 -52.49 4.83
N ASN E 8 -24.31 -53.42 4.46
CA ASN E 8 -24.53 -53.74 3.05
C ASN E 8 -25.50 -52.81 2.35
N GLU E 9 -26.52 -52.43 3.10
CA GLU E 9 -27.59 -51.55 2.62
C GLU E 9 -27.08 -50.17 2.25
N HIS E 10 -26.12 -49.67 3.02
CA HIS E 10 -25.54 -48.35 2.78
C HIS E 10 -24.12 -48.44 2.18
N GLU E 11 -23.68 -49.65 1.82
CA GLU E 11 -22.35 -49.87 1.23
C GLU E 11 -21.30 -49.13 2.05
N VAL E 12 -21.32 -49.37 3.35
CA VAL E 12 -20.41 -48.75 4.29
C VAL E 12 -18.97 -49.17 4.09
N LYS E 13 -18.09 -48.17 4.09
CA LYS E 13 -16.66 -48.42 3.94
C LYS E 13 -15.95 -48.33 5.28
N PHE E 14 -16.53 -47.56 6.21
CA PHE E 14 -15.93 -47.42 7.55
C PHE E 14 -16.91 -47.41 8.68
N VAL E 15 -16.39 -47.72 9.86
CA VAL E 15 -17.17 -47.71 11.06
C VAL E 15 -16.44 -46.79 12.02
N ASP E 16 -17.16 -45.77 12.46
CA ASP E 16 -16.61 -44.77 13.36
C ASP E 16 -17.08 -45.06 14.77
N LEU E 17 -16.14 -45.53 15.58
CA LEU E 17 -16.39 -45.89 16.96
C LEU E 17 -16.34 -44.65 17.84
N ARG E 18 -17.44 -44.36 18.53
CA ARG E 18 -17.48 -43.19 19.38
C ARG E 18 -17.71 -43.39 20.86
N PHE E 19 -17.12 -42.47 21.62
CA PHE E 19 -17.27 -42.48 23.05
C PHE E 19 -17.03 -41.09 23.62
N THR E 20 -17.30 -40.91 24.91
CA THR E 20 -17.15 -39.61 25.57
C THR E 20 -16.14 -39.65 26.69
N ASP E 21 -15.38 -38.57 26.86
CA ASP E 21 -14.40 -38.54 27.93
C ASP E 21 -15.03 -37.92 29.15
N THR E 22 -14.26 -37.82 30.21
CA THR E 22 -14.76 -37.27 31.44
C THR E 22 -15.31 -35.86 31.29
N LYS E 23 -14.65 -35.01 30.51
CA LYS E 23 -15.11 -33.63 30.33
C LYS E 23 -16.42 -33.56 29.57
N GLY E 24 -16.72 -34.59 28.80
CA GLY E 24 -17.98 -34.62 28.08
C GLY E 24 -17.85 -34.55 26.59
N LYS E 25 -16.61 -34.58 26.12
CA LYS E 25 -16.32 -34.45 24.72
C LYS E 25 -16.31 -35.77 23.98
N GLU E 26 -17.11 -35.85 22.93
CA GLU E 26 -17.20 -37.05 22.12
C GLU E 26 -15.86 -37.31 21.44
N GLN E 27 -15.42 -38.56 21.45
CA GLN E 27 -14.15 -38.97 20.85
C GLN E 27 -14.44 -40.05 19.84
N HIS E 28 -13.47 -40.33 18.97
CA HIS E 28 -13.69 -41.35 17.96
C HIS E 28 -12.42 -41.95 17.38
N VAL E 29 -12.59 -43.12 16.80
CA VAL E 29 -11.55 -43.84 16.12
C VAL E 29 -12.29 -44.62 15.03
N THR E 30 -11.64 -44.81 13.89
CA THR E 30 -12.29 -45.45 12.75
C THR E 30 -11.62 -46.72 12.31
N ILE E 31 -12.43 -47.69 11.88
CA ILE E 31 -11.92 -48.96 11.36
C ILE E 31 -12.70 -49.25 10.09
N PRO E 32 -12.04 -49.93 9.14
CA PRO E 32 -12.68 -50.28 7.86
C PRO E 32 -13.85 -51.18 8.18
N ALA E 33 -14.89 -51.13 7.37
CA ALA E 33 -16.06 -51.98 7.62
C ALA E 33 -15.67 -53.47 7.69
N HIS E 34 -14.71 -53.86 6.87
CA HIS E 34 -14.26 -55.25 6.83
C HIS E 34 -13.62 -55.76 8.13
N GLN E 35 -13.46 -54.89 9.11
CA GLN E 35 -12.89 -55.28 10.40
C GLN E 35 -14.00 -55.64 11.39
N VAL E 36 -15.24 -55.47 10.94
CA VAL E 36 -16.41 -55.78 11.74
C VAL E 36 -16.84 -57.23 11.52
N ASN E 37 -16.68 -58.02 12.57
CA ASN E 37 -17.00 -59.43 12.54
C ASN E 37 -17.76 -59.81 13.80
N ALA E 38 -17.98 -61.11 13.99
CA ALA E 38 -18.69 -61.60 15.15
C ALA E 38 -17.93 -61.25 16.43
N GLU E 39 -16.64 -61.46 16.42
CA GLU E 39 -15.77 -61.16 17.58
C GLU E 39 -15.98 -59.75 18.09
N PHE E 40 -15.85 -58.80 17.16
CA PHE E 40 -16.04 -57.39 17.39
C PHE E 40 -17.14 -57.06 18.41
N PHE E 41 -18.32 -57.64 18.23
CA PHE E 41 -19.43 -57.41 19.15
C PHE E 41 -19.35 -58.04 20.51
N GLU E 42 -18.74 -59.21 20.60
CA GLU E 42 -18.66 -59.90 21.87
C GLU E 42 -17.47 -59.49 22.70
N GLU E 43 -16.35 -59.19 22.03
CA GLU E 43 -15.16 -58.79 22.78
C GLU E 43 -14.61 -57.39 22.52
N GLY E 44 -15.27 -56.64 21.63
CA GLY E 44 -14.84 -55.29 21.31
C GLY E 44 -13.44 -55.17 20.73
N LYS E 45 -12.88 -53.97 20.80
CA LYS E 45 -11.53 -53.69 20.29
C LYS E 45 -10.71 -53.05 21.41
N MET E 46 -9.41 -53.30 21.39
CA MET E 46 -8.49 -52.76 22.40
C MET E 46 -7.94 -51.40 22.05
N PHE E 47 -7.74 -50.58 23.08
CA PHE E 47 -7.15 -49.26 22.89
C PHE E 47 -6.45 -48.78 24.15
N ASP E 48 -5.58 -47.80 23.95
CA ASP E 48 -4.80 -47.23 25.03
C ASP E 48 -5.60 -46.30 25.93
N GLY E 49 -5.72 -46.69 27.20
CA GLY E 49 -6.46 -45.88 28.15
C GLY E 49 -5.72 -44.61 28.52
N SER E 50 -4.43 -44.73 28.83
CA SER E 50 -3.59 -43.60 29.24
C SER E 50 -3.63 -42.31 28.40
N SER E 51 -4.19 -42.41 27.20
CA SER E 51 -4.29 -41.27 26.28
C SER E 51 -5.38 -40.23 26.57
N ILE E 52 -6.46 -40.67 27.21
CA ILE E 52 -7.59 -39.81 27.58
C ILE E 52 -7.33 -39.15 28.93
N GLY E 53 -7.65 -37.88 29.05
CA GLY E 53 -7.43 -37.19 30.30
C GLY E 53 -8.23 -37.74 31.47
N GLY E 54 -7.55 -37.94 32.61
CA GLY E 54 -8.21 -38.42 33.80
C GLY E 54 -8.55 -39.90 33.79
N TRP E 55 -7.92 -40.68 32.91
CA TRP E 55 -8.24 -42.09 32.88
C TRP E 55 -7.11 -42.91 33.49
N LYS E 56 -6.76 -44.06 32.89
CA LYS E 56 -5.70 -44.93 33.45
C LYS E 56 -4.34 -44.20 33.49
N GLY E 57 -3.54 -44.50 34.49
CA GLY E 57 -2.24 -43.85 34.60
C GLY E 57 -1.10 -44.65 33.97
N ILE E 58 0.06 -44.56 34.63
CA ILE E 58 1.31 -45.18 34.22
C ILE E 58 1.30 -46.69 34.00
N ASN E 59 0.52 -47.45 34.73
CA ASN E 59 0.70 -48.89 34.64
C ASN E 59 -0.32 -49.71 33.92
N GLU E 60 -1.57 -49.30 34.02
CA GLU E 60 -2.71 -50.05 33.47
C GLU E 60 -3.34 -49.47 32.23
N SER E 61 -2.55 -49.12 31.25
CA SER E 61 -3.09 -48.47 30.06
C SER E 61 -4.21 -49.14 29.30
N ASP E 62 -4.05 -50.40 28.94
CA ASP E 62 -5.04 -51.00 28.05
C ASP E 62 -6.43 -51.34 28.58
N MET E 63 -7.40 -50.95 27.72
CA MET E 63 -8.83 -51.07 27.97
C MET E 63 -9.63 -51.48 26.74
N VAL E 64 -10.92 -51.76 26.95
CA VAL E 64 -11.81 -52.21 25.89
C VAL E 64 -12.91 -51.27 25.40
N LEU E 65 -13.05 -51.20 24.08
CA LEU E 65 -14.09 -50.41 23.43
C LEU E 65 -15.19 -51.39 23.05
N MET E 66 -16.32 -51.32 23.75
CA MET E 66 -17.40 -52.25 23.46
C MET E 66 -18.50 -51.64 22.64
N PRO E 67 -18.59 -52.01 21.36
CA PRO E 67 -19.64 -51.46 20.52
C PRO E 67 -21.03 -51.80 21.02
N ASP E 68 -21.89 -50.79 21.03
CA ASP E 68 -23.28 -50.95 21.45
C ASP E 68 -24.06 -50.90 20.14
N ALA E 69 -24.40 -52.09 19.65
CA ALA E 69 -25.12 -52.24 18.40
C ALA E 69 -26.44 -51.50 18.27
N SER E 70 -27.01 -51.07 19.38
CA SER E 70 -28.28 -50.35 19.31
C SER E 70 -28.11 -48.92 18.79
N THR E 71 -26.89 -48.40 18.91
CA THR E 71 -26.57 -47.03 18.52
C THR E 71 -26.17 -46.77 17.06
N ALA E 72 -26.11 -47.82 16.25
CA ALA E 72 -25.70 -47.65 14.87
C ALA E 72 -26.48 -46.61 14.04
N VAL E 73 -25.73 -45.65 13.51
CA VAL E 73 -26.31 -44.61 12.68
C VAL E 73 -25.26 -44.09 11.72
N ILE E 74 -25.69 -43.80 10.51
CA ILE E 74 -24.85 -43.30 9.44
C ILE E 74 -24.39 -41.87 9.69
N ASP E 75 -23.12 -41.57 9.37
CA ASP E 75 -22.62 -40.21 9.53
C ASP E 75 -23.03 -39.47 8.27
N PRO E 76 -23.71 -38.34 8.44
CA PRO E 76 -24.19 -37.53 7.33
C PRO E 76 -23.23 -36.54 6.73
N PHE E 77 -22.02 -36.45 7.29
CA PHE E 77 -21.03 -35.51 6.82
C PHE E 77 -19.82 -36.11 6.13
N PHE E 78 -19.30 -37.22 6.65
CA PHE E 78 -18.12 -37.86 6.07
C PHE E 78 -18.34 -38.16 4.57
N ALA E 79 -17.26 -38.04 3.80
CA ALA E 79 -17.30 -38.25 2.35
C ALA E 79 -17.54 -39.67 1.88
N ASP E 80 -16.99 -40.63 2.62
CA ASP E 80 -17.10 -42.05 2.33
C ASP E 80 -18.13 -42.59 3.29
N SER E 81 -19.00 -43.48 2.84
CA SER E 81 -20.05 -44.04 3.68
C SER E 81 -19.51 -44.62 4.98
N THR E 82 -19.93 -44.07 6.10
CA THR E 82 -19.45 -44.59 7.36
C THR E 82 -20.51 -44.65 8.43
N LEU E 83 -20.44 -45.73 9.19
CA LEU E 83 -21.40 -46.00 10.21
C LEU E 83 -20.84 -45.72 11.58
N ILE E 84 -21.60 -44.95 12.34
CA ILE E 84 -21.21 -44.60 13.69
C ILE E 84 -21.78 -45.61 14.67
N ILE E 85 -20.94 -46.06 15.59
CA ILE E 85 -21.36 -46.99 16.64
C ILE E 85 -20.78 -46.50 17.93
N ARG E 86 -21.65 -46.12 18.84
CA ARG E 86 -21.26 -45.63 20.15
C ARG E 86 -20.74 -46.85 20.91
N CYS E 87 -19.78 -46.65 21.80
CA CYS E 87 -19.17 -47.75 22.53
C CYS E 87 -19.10 -47.46 23.99
N ASP E 88 -19.01 -48.50 24.84
CA ASP E 88 -18.84 -48.27 26.29
C ASP E 88 -17.39 -48.65 26.50
N ILE E 89 -16.82 -48.21 27.60
CA ILE E 89 -15.44 -48.52 27.92
C ILE E 89 -15.46 -49.54 29.03
N LEU E 90 -14.97 -50.74 28.74
CA LEU E 90 -14.96 -51.82 29.71
C LEU E 90 -13.57 -52.15 30.17
N GLU E 91 -13.48 -52.67 31.39
CA GLU E 91 -12.22 -53.09 31.99
C GLU E 91 -11.90 -54.41 31.25
N PRO E 92 -10.64 -54.63 30.84
CA PRO E 92 -10.29 -55.87 30.14
C PRO E 92 -10.45 -57.14 30.97
N GLY E 93 -10.84 -58.23 30.32
CA GLY E 93 -11.03 -59.49 31.00
C GLY E 93 -12.36 -59.49 31.73
N THR E 94 -12.45 -58.68 32.78
CA THR E 94 -13.68 -58.57 33.56
C THR E 94 -14.84 -58.08 32.67
N LEU E 95 -14.48 -57.25 31.68
CA LEU E 95 -15.46 -56.66 30.76
C LEU E 95 -16.59 -56.01 31.55
N GLN E 96 -16.20 -55.36 32.64
CA GLN E 96 -17.19 -54.80 33.54
C GLN E 96 -17.81 -53.45 33.18
N GLY E 97 -16.99 -52.47 32.96
CA GLY E 97 -17.48 -51.14 32.73
C GLY E 97 -16.65 -50.28 33.63
N TYR E 98 -15.75 -49.57 32.97
CA TYR E 98 -14.79 -48.69 33.61
C TYR E 98 -15.45 -47.69 34.57
N ASP E 99 -14.88 -47.60 35.77
CA ASP E 99 -15.38 -46.70 36.81
C ASP E 99 -15.47 -45.27 36.33
N ARG E 100 -14.51 -44.89 35.50
CA ARG E 100 -14.43 -43.54 34.98
C ARG E 100 -15.13 -43.31 33.64
N ASP E 101 -15.75 -44.34 33.06
CA ASP E 101 -16.48 -44.19 31.79
C ASP E 101 -17.84 -43.57 32.10
N PRO E 102 -18.07 -42.34 31.66
CA PRO E 102 -19.32 -41.61 31.87
C PRO E 102 -20.54 -42.30 31.35
N ARG E 103 -20.40 -43.12 30.31
CA ARG E 103 -21.60 -43.78 29.81
C ARG E 103 -21.93 -44.94 30.72
N SER E 104 -20.89 -45.63 31.20
CA SER E 104 -21.08 -46.76 32.10
C SER E 104 -21.73 -46.25 33.37
N ILE E 105 -21.25 -45.10 33.85
CA ILE E 105 -21.76 -44.48 35.06
C ILE E 105 -23.23 -44.13 34.92
N ALA E 106 -23.62 -43.64 33.75
CA ALA E 106 -24.99 -43.27 33.53
C ALA E 106 -25.84 -44.52 33.47
N LYS E 107 -25.30 -45.59 32.89
CA LYS E 107 -26.07 -46.83 32.81
C LYS E 107 -26.26 -47.39 34.22
N ARG E 108 -25.19 -47.36 35.01
CA ARG E 108 -25.24 -47.84 36.40
C ARG E 108 -26.33 -47.13 37.18
N ALA E 109 -26.48 -45.83 36.91
CA ALA E 109 -27.47 -45.03 37.59
C ALA E 109 -28.87 -45.42 37.17
N GLU E 110 -29.07 -45.83 35.92
CA GLU E 110 -30.39 -46.22 35.48
C GLU E 110 -30.72 -47.57 36.11
N ASP E 111 -29.68 -48.39 36.29
CA ASP E 111 -29.83 -49.70 36.90
C ASP E 111 -30.28 -49.52 38.34
N TYR E 112 -29.51 -48.75 39.11
CA TYR E 112 -29.81 -48.47 40.51
C TYR E 112 -31.23 -47.94 40.72
N LEU E 113 -31.77 -47.26 39.71
CA LEU E 113 -33.12 -46.71 39.78
C LEU E 113 -34.08 -47.90 39.85
N ARG E 114 -33.95 -48.79 38.87
CA ARG E 114 -34.79 -49.99 38.81
C ARG E 114 -34.62 -50.84 40.07
N ALA E 115 -33.37 -50.96 40.54
CA ALA E 115 -33.06 -51.74 41.73
C ALA E 115 -33.81 -51.26 42.98
N THR E 116 -33.75 -49.96 43.28
CA THR E 116 -34.45 -49.42 44.44
C THR E 116 -35.94 -49.63 44.28
N GLY E 117 -36.33 -49.95 43.06
CA GLY E 117 -37.73 -50.15 42.75
C GLY E 117 -38.55 -48.87 42.79
N ILE E 118 -37.89 -47.73 42.97
CA ILE E 118 -38.60 -46.45 43.01
C ILE E 118 -39.34 -46.17 41.70
N ALA E 119 -38.75 -46.60 40.58
CA ALA E 119 -39.34 -46.42 39.24
C ALA E 119 -38.55 -47.33 38.31
N ASP E 120 -39.02 -47.50 37.07
CA ASP E 120 -38.30 -48.35 36.13
C ASP E 120 -37.58 -47.63 34.99
N THR E 121 -37.89 -46.35 34.80
CA THR E 121 -37.25 -45.53 33.76
C THR E 121 -37.24 -44.05 34.16
N VAL E 122 -36.17 -43.34 33.79
CA VAL E 122 -36.03 -41.89 34.05
C VAL E 122 -36.17 -41.14 32.73
N LEU E 123 -36.88 -40.03 32.76
CA LEU E 123 -37.06 -39.26 31.54
C LEU E 123 -36.37 -37.91 31.58
N PHE E 124 -35.52 -37.68 30.58
CA PHE E 124 -34.77 -36.42 30.47
C PHE E 124 -35.08 -35.67 29.19
N GLY E 125 -35.39 -34.39 29.37
CA GLY E 125 -35.67 -33.54 28.23
C GLY E 125 -34.84 -32.28 28.38
N PRO E 126 -33.55 -32.33 28.02
CA PRO E 126 -32.67 -31.17 28.13
C PRO E 126 -32.88 -30.20 26.96
N GLU E 127 -32.64 -28.92 27.19
CA GLU E 127 -32.83 -27.89 26.16
C GLU E 127 -31.54 -27.11 25.95
N PRO E 128 -30.58 -27.73 25.27
CA PRO E 128 -29.33 -26.99 25.07
C PRO E 128 -29.48 -25.89 24.04
N GLU E 129 -28.92 -24.73 24.38
CA GLU E 129 -28.91 -23.55 23.53
C GLU E 129 -27.48 -23.41 23.00
N PHE E 130 -27.28 -22.65 21.94
CA PHE E 130 -25.93 -22.46 21.43
C PHE E 130 -25.80 -21.20 20.61
N PHE E 131 -24.55 -20.86 20.26
CA PHE E 131 -24.27 -19.68 19.44
C PHE E 131 -23.63 -20.05 18.14
N LEU E 132 -23.98 -19.29 17.10
CA LEU E 132 -23.40 -19.47 15.77
C LEU E 132 -22.67 -18.20 15.36
N PHE E 133 -21.35 -18.28 15.22
CA PHE E 133 -20.55 -17.11 14.85
C PHE E 133 -19.89 -17.31 13.50
N ASP E 134 -19.23 -16.26 13.03
CA ASP E 134 -18.51 -16.28 11.77
C ASP E 134 -17.02 -16.34 12.04
N ASP E 135 -16.58 -15.69 13.12
CA ASP E 135 -15.18 -15.59 13.46
C ASP E 135 -15.01 -15.64 14.98
N ILE E 136 -14.08 -16.46 15.43
CA ILE E 136 -13.77 -16.56 16.84
C ILE E 136 -12.26 -16.63 16.93
N ARG E 137 -11.68 -15.69 17.67
CA ARG E 137 -10.23 -15.56 17.83
C ARG E 137 -9.91 -15.40 19.27
N PHE E 138 -8.87 -16.05 19.75
CA PHE E 138 -8.45 -15.89 21.12
C PHE E 138 -7.05 -16.39 21.33
N GLY E 139 -6.46 -15.99 22.44
CA GLY E 139 -5.12 -16.42 22.75
C GLY E 139 -4.69 -15.87 24.10
N ALA E 140 -3.58 -16.37 24.60
CA ALA E 140 -3.03 -15.93 25.86
C ALA E 140 -1.60 -16.34 25.91
N SER E 141 -0.74 -15.38 26.20
CA SER E 141 0.69 -15.63 26.29
C SER E 141 1.19 -14.72 27.39
N ILE E 142 2.48 -14.72 27.61
CA ILE E 142 3.02 -13.90 28.67
C ILE E 142 2.69 -12.43 28.55
N SER E 143 2.67 -11.91 27.33
CA SER E 143 2.45 -10.49 27.14
C SER E 143 1.01 -10.05 27.02
N GLY E 144 0.06 -10.96 27.23
CA GLY E 144 -1.33 -10.56 27.18
C GLY E 144 -2.27 -11.68 26.85
N SER E 145 -3.47 -11.33 26.48
CA SER E 145 -4.49 -12.31 26.13
C SER E 145 -5.67 -11.58 25.52
N HIS E 146 -6.52 -12.32 24.82
CA HIS E 146 -7.67 -11.69 24.21
C HIS E 146 -8.66 -12.68 23.67
N VAL E 147 -9.85 -12.17 23.36
CA VAL E 147 -10.91 -12.93 22.72
C VAL E 147 -11.72 -11.97 21.92
N ALA E 148 -11.93 -12.36 20.70
CA ALA E 148 -12.71 -11.53 19.78
C ALA E 148 -13.77 -12.33 19.11
N ILE E 149 -15.02 -11.93 19.22
CA ILE E 149 -16.12 -12.66 18.61
C ILE E 149 -16.68 -11.89 17.45
N ASP E 150 -17.12 -12.58 16.42
CA ASP E 150 -17.72 -11.84 15.33
C ASP E 150 -18.75 -12.66 14.59
N ASP E 151 -19.85 -11.99 14.27
CA ASP E 151 -20.91 -12.61 13.52
C ASP E 151 -21.68 -11.56 12.77
N ILE E 152 -22.22 -11.95 11.64
CA ILE E 152 -22.95 -11.01 10.82
C ILE E 152 -24.18 -10.44 11.53
N GLU E 153 -24.65 -11.14 12.57
CA GLU E 153 -25.81 -10.70 13.32
C GLU E 153 -25.44 -9.80 14.48
N GLY E 154 -24.18 -9.81 14.88
CA GLY E 154 -23.79 -8.99 16.00
C GLY E 154 -24.23 -7.56 15.87
N ALA E 155 -24.87 -7.03 16.91
CA ALA E 155 -25.34 -5.66 16.86
C ALA E 155 -24.24 -4.66 16.57
N TRP E 156 -23.02 -4.99 17.03
CA TRP E 156 -21.88 -4.10 16.85
C TRP E 156 -21.54 -3.87 15.38
N ASN E 157 -21.98 -4.76 14.51
CA ASN E 157 -21.71 -4.62 13.09
C ASN E 157 -22.64 -3.67 12.37
N SER E 158 -23.48 -2.98 13.14
CA SER E 158 -24.40 -2.02 12.51
C SER E 158 -23.58 -0.93 11.82
N SER E 159 -22.34 -0.75 12.26
CA SER E 159 -21.45 0.27 11.70
C SER E 159 -20.35 -0.26 10.77
N THR E 160 -20.25 -1.57 10.64
CA THR E 160 -19.21 -2.18 9.83
C THR E 160 -19.35 -2.03 8.33
N LYS E 161 -18.24 -1.74 7.65
CA LYS E 161 -18.26 -1.61 6.21
C LYS E 161 -18.08 -2.99 5.63
N TYR E 162 -18.95 -3.36 4.70
CA TYR E 162 -18.89 -4.66 4.07
C TYR E 162 -18.64 -4.47 2.57
N GLU E 163 -17.97 -5.47 1.98
CA GLU E 163 -17.63 -5.48 0.58
C GLU E 163 -18.82 -5.11 -0.30
N GLY E 164 -19.91 -5.87 -0.16
CA GLY E 164 -21.10 -5.59 -0.97
C GLY E 164 -22.14 -4.72 -0.30
N GLY E 165 -21.72 -3.95 0.70
CA GLY E 165 -22.63 -3.09 1.43
C GLY E 165 -23.19 -3.77 2.67
N ASN E 166 -23.43 -2.98 3.72
CA ASN E 166 -23.99 -3.48 4.98
C ASN E 166 -25.50 -3.48 4.76
N LYS E 167 -26.13 -4.66 4.85
CA LYS E 167 -27.57 -4.79 4.62
C LYS E 167 -28.43 -4.56 5.85
N GLY E 168 -27.70 -4.30 6.88
CA GLY E 168 -28.12 -4.01 8.20
C GLY E 168 -29.53 -4.37 8.70
N HIS E 169 -29.87 -5.65 8.90
CA HIS E 169 -31.08 -6.01 9.67
C HIS E 169 -30.61 -6.99 10.70
N ARG E 170 -30.23 -6.46 11.83
CA ARG E 170 -29.64 -7.28 12.86
C ARG E 170 -30.39 -7.24 14.17
N PRO E 171 -30.34 -8.34 14.91
CA PRO E 171 -30.99 -8.45 16.20
C PRO E 171 -30.17 -7.60 17.15
N GLY E 172 -30.82 -6.69 17.86
CA GLY E 172 -30.11 -5.86 18.82
C GLY E 172 -29.75 -6.68 20.04
N VAL E 173 -29.08 -6.06 21.01
CA VAL E 173 -28.69 -6.77 22.23
C VAL E 173 -29.97 -7.24 22.94
N LYS E 174 -30.01 -8.52 23.30
CA LYS E 174 -31.17 -9.15 23.96
C LYS E 174 -32.41 -9.04 23.06
N GLY E 175 -32.23 -8.79 21.77
CA GLY E 175 -33.38 -8.63 20.89
C GLY E 175 -33.55 -9.74 19.83
N GLY E 176 -33.06 -10.93 20.13
CA GLY E 176 -33.13 -12.03 19.19
C GLY E 176 -34.40 -12.83 19.28
N TYR E 177 -35.22 -12.63 20.32
CA TYR E 177 -36.43 -13.46 20.43
C TYR E 177 -37.51 -13.14 19.39
N PHE E 178 -37.30 -13.83 18.24
CA PHE E 178 -38.20 -14.14 17.09
C PHE E 178 -38.36 -13.12 15.95
N PRO E 179 -37.67 -11.99 15.84
CA PRO E 179 -37.86 -11.26 14.60
C PRO E 179 -37.75 -12.13 13.38
N VAL E 180 -38.72 -12.07 12.49
CA VAL E 180 -38.61 -12.92 11.29
C VAL E 180 -37.44 -12.48 10.41
N PRO E 181 -37.00 -13.36 9.49
CA PRO E 181 -35.92 -12.98 8.59
C PRO E 181 -36.33 -11.73 7.85
N PRO E 182 -35.37 -10.96 7.36
CA PRO E 182 -33.93 -11.19 7.47
C PRO E 182 -33.24 -10.88 8.79
N VAL E 183 -33.95 -10.35 9.78
CA VAL E 183 -33.29 -10.05 11.06
C VAL E 183 -32.73 -11.37 11.58
N ASP E 184 -33.52 -12.43 11.50
CA ASP E 184 -33.09 -13.75 11.91
C ASP E 184 -32.41 -14.33 10.66
N SER E 185 -31.11 -14.51 10.72
CA SER E 185 -30.37 -15.01 9.57
C SER E 185 -30.19 -16.50 9.56
N ALA E 186 -30.71 -17.20 10.55
CA ALA E 186 -30.46 -18.63 10.64
C ALA E 186 -31.60 -19.62 10.43
N GLN E 187 -32.62 -19.24 9.68
CA GLN E 187 -33.71 -20.17 9.47
C GLN E 187 -33.25 -21.40 8.71
N ASP E 188 -32.66 -21.22 7.53
CA ASP E 188 -32.22 -22.36 6.73
C ASP E 188 -31.28 -23.28 7.50
N ILE E 189 -30.37 -22.69 8.27
CA ILE E 189 -29.41 -23.52 8.99
C ILE E 189 -30.07 -24.27 10.14
N ARG E 190 -30.97 -23.62 10.87
CA ARG E 190 -31.64 -24.32 11.96
C ARG E 190 -32.42 -25.52 11.40
N SER E 191 -33.03 -25.37 10.24
CA SER E 191 -33.74 -26.51 9.71
C SER E 191 -32.88 -27.64 9.22
N GLU E 192 -31.73 -27.33 8.63
CA GLU E 192 -30.82 -28.39 8.19
C GLU E 192 -30.44 -29.15 9.45
N MET E 193 -30.15 -28.43 10.53
CA MET E 193 -29.76 -29.09 11.77
C MET E 193 -30.89 -30.03 12.20
N CYS E 194 -32.12 -29.58 12.03
CA CYS E 194 -33.26 -30.40 12.40
C CYS E 194 -33.36 -31.65 11.55
N LEU E 195 -33.35 -31.47 10.24
CA LEU E 195 -33.43 -32.60 9.35
C LEU E 195 -32.33 -33.61 9.64
N VAL E 196 -31.12 -33.12 9.80
CA VAL E 196 -29.99 -34.00 10.05
C VAL E 196 -30.11 -34.69 11.39
N MET E 197 -30.57 -33.95 12.40
CA MET E 197 -30.74 -34.53 13.72
C MET E 197 -31.70 -35.70 13.63
N GLU E 198 -32.77 -35.52 12.88
CA GLU E 198 -33.74 -36.59 12.73
C GLU E 198 -33.21 -37.75 11.92
N GLN E 199 -32.39 -37.47 10.92
CA GLN E 199 -31.79 -38.55 10.15
C GLN E 199 -30.92 -39.37 11.09
N MET E 200 -30.53 -38.77 12.20
CA MET E 200 -29.68 -39.46 13.15
C MET E 200 -30.44 -40.00 14.36
N GLY E 201 -31.76 -40.06 14.26
CA GLY E 201 -32.56 -40.62 15.33
C GLY E 201 -33.17 -39.73 16.37
N LEU E 202 -32.89 -38.44 16.30
CA LEU E 202 -33.47 -37.53 17.25
C LEU E 202 -34.84 -37.15 16.74
N VAL E 203 -35.69 -36.64 17.63
CA VAL E 203 -37.01 -36.19 17.23
C VAL E 203 -37.08 -34.73 17.63
N VAL E 204 -37.29 -33.89 16.64
CA VAL E 204 -37.32 -32.47 16.83
C VAL E 204 -38.69 -31.93 17.12
N GLU E 205 -38.78 -31.05 18.12
CA GLU E 205 -40.05 -30.45 18.46
C GLU E 205 -40.16 -29.01 17.96
N ALA E 206 -39.05 -28.29 17.94
CA ALA E 206 -39.07 -26.92 17.47
C ALA E 206 -37.68 -26.33 17.32
N HIS E 207 -37.61 -25.22 16.58
CA HIS E 207 -36.37 -24.51 16.45
C HIS E 207 -36.66 -23.03 16.32
N HIS E 208 -35.77 -22.26 16.91
CA HIS E 208 -35.97 -20.82 16.91
C HIS E 208 -34.70 -20.09 17.29
N HIS E 209 -34.67 -18.82 16.99
CA HIS E 209 -33.56 -17.96 17.34
C HIS E 209 -33.69 -17.72 18.84
N GLU E 210 -32.60 -17.55 19.56
CA GLU E 210 -32.73 -17.29 20.99
C GLU E 210 -32.60 -15.79 21.24
N VAL E 211 -32.46 -15.40 22.52
CA VAL E 211 -32.44 -14.00 22.89
C VAL E 211 -31.26 -13.15 22.44
N ALA E 212 -30.06 -13.66 22.61
CA ALA E 212 -28.87 -12.85 22.33
C ALA E 212 -28.65 -12.47 20.87
N THR E 213 -28.01 -11.32 20.69
CA THR E 213 -27.65 -10.86 19.36
C THR E 213 -26.51 -11.81 18.94
N ALA E 214 -26.04 -11.66 17.72
CA ALA E 214 -24.91 -12.46 17.30
C ALA E 214 -25.11 -13.98 17.24
N GLY E 215 -26.30 -14.44 16.85
CA GLY E 215 -26.50 -15.87 16.59
C GLY E 215 -26.81 -16.85 17.72
N GLN E 216 -27.52 -16.44 18.74
CA GLN E 216 -27.89 -17.47 19.71
C GLN E 216 -29.07 -18.21 19.10
N ASN E 217 -29.06 -19.52 19.15
CA ASN E 217 -30.12 -20.31 18.55
C ASN E 217 -30.44 -21.52 19.39
N GLU E 218 -31.56 -22.19 19.07
CA GLU E 218 -31.95 -23.39 19.81
C GLU E 218 -32.76 -24.36 18.99
N VAL E 219 -32.44 -25.64 19.11
CA VAL E 219 -33.18 -26.75 18.49
C VAL E 219 -33.70 -27.58 19.65
N ALA E 220 -35.01 -27.63 19.78
CA ALA E 220 -35.64 -28.40 20.83
C ALA E 220 -35.96 -29.79 20.37
N THR E 221 -35.48 -30.78 21.12
CA THR E 221 -35.72 -32.17 20.79
C THR E 221 -36.56 -32.88 21.86
N ARG E 222 -37.26 -33.94 21.46
CA ARG E 222 -38.08 -34.72 22.37
C ARG E 222 -37.21 -35.46 23.38
N PHE E 223 -37.76 -35.58 24.58
CA PHE E 223 -37.08 -36.24 25.68
C PHE E 223 -36.87 -37.70 25.30
N ASN E 224 -36.22 -38.43 26.17
CA ASN E 224 -35.93 -39.85 25.99
C ASN E 224 -35.42 -40.37 27.32
N THR E 225 -35.18 -41.67 27.42
CA THR E 225 -34.69 -42.22 28.68
C THR E 225 -33.30 -41.65 28.89
N MET E 226 -32.95 -41.43 30.15
CA MET E 226 -31.69 -40.79 30.52
C MET E 226 -30.47 -41.11 29.64
N THR E 227 -29.95 -42.34 29.70
CA THR E 227 -28.75 -42.63 28.91
C THR E 227 -28.91 -42.41 27.40
N LYS E 228 -30.06 -42.74 26.84
CA LYS E 228 -30.25 -42.54 25.41
C LYS E 228 -30.28 -41.03 25.10
N LYS E 229 -30.72 -40.23 26.06
CA LYS E 229 -30.78 -38.80 25.84
C LYS E 229 -29.41 -38.16 25.84
N ALA E 230 -28.53 -38.62 26.73
CA ALA E 230 -27.17 -38.11 26.79
C ALA E 230 -26.50 -38.46 25.46
N ASP E 231 -26.82 -39.63 24.92
CA ASP E 231 -26.28 -40.04 23.63
C ASP E 231 -26.79 -38.99 22.64
N GLU E 232 -28.08 -38.70 22.69
CA GLU E 232 -28.68 -37.72 21.80
C GLU E 232 -28.04 -36.34 21.92
N ILE E 233 -27.63 -35.96 23.13
CA ILE E 233 -26.99 -34.67 23.33
C ILE E 233 -25.69 -34.63 22.54
N GLN E 234 -24.92 -35.69 22.64
CA GLN E 234 -23.65 -35.80 21.93
C GLN E 234 -23.85 -35.68 20.40
N ILE E 235 -24.89 -36.33 19.91
CA ILE E 235 -25.22 -36.31 18.49
C ILE E 235 -25.69 -34.91 18.14
N TYR E 236 -26.48 -34.37 19.01
CA TYR E 236 -27.01 -33.04 18.85
C TYR E 236 -25.86 -32.05 18.65
N LYS E 237 -24.91 -32.09 19.57
CA LYS E 237 -23.77 -31.20 19.48
C LYS E 237 -23.00 -31.44 18.20
N TYR E 238 -22.84 -32.70 17.87
CA TYR E 238 -22.11 -33.06 16.68
C TYR E 238 -22.78 -32.46 15.45
N VAL E 239 -24.08 -32.61 15.36
CA VAL E 239 -24.80 -32.08 14.23
C VAL E 239 -24.68 -30.56 14.19
N VAL E 240 -24.89 -29.92 15.32
CA VAL E 240 -24.80 -28.47 15.38
C VAL E 240 -23.41 -28.00 14.94
N HIS E 241 -22.37 -28.57 15.52
CA HIS E 241 -21.00 -28.19 15.19
C HIS E 241 -20.69 -28.38 13.74
N ASN E 242 -21.07 -29.51 13.19
CA ASN E 242 -20.76 -29.79 11.80
C ASN E 242 -21.63 -29.13 10.75
N VAL E 243 -22.90 -28.91 11.05
CA VAL E 243 -23.73 -28.23 10.06
C VAL E 243 -23.24 -26.78 10.02
N ALA E 244 -22.90 -26.24 11.18
CA ALA E 244 -22.41 -24.88 11.24
C ALA E 244 -21.14 -24.77 10.39
N HIS E 245 -20.22 -25.70 10.60
CA HIS E 245 -18.97 -25.72 9.86
C HIS E 245 -19.24 -25.77 8.37
N ARG E 246 -20.18 -26.62 7.96
CA ARG E 246 -20.50 -26.73 6.54
C ARG E 246 -21.13 -25.47 5.98
N PHE E 247 -21.74 -24.67 6.84
CA PHE E 247 -22.37 -23.42 6.39
C PHE E 247 -21.44 -22.23 6.50
N GLY E 248 -20.19 -22.49 6.88
CA GLY E 248 -19.27 -21.39 7.01
C GLY E 248 -19.37 -20.68 8.35
N LYS E 249 -19.95 -21.36 9.33
CA LYS E 249 -20.04 -20.76 10.65
C LYS E 249 -19.23 -21.60 11.65
N THR E 250 -19.33 -21.23 12.92
CA THR E 250 -18.65 -21.97 13.96
C THR E 250 -19.57 -21.88 15.15
N ALA E 251 -19.94 -23.02 15.70
CA ALA E 251 -20.86 -23.02 16.84
C ALA E 251 -20.18 -23.30 18.15
N THR E 252 -20.71 -22.72 19.21
CA THR E 252 -20.18 -23.01 20.53
C THR E 252 -21.29 -23.23 21.57
N PHE E 253 -21.04 -24.18 22.46
CA PHE E 253 -21.97 -24.46 23.53
C PHE E 253 -21.47 -23.86 24.83
N MET E 254 -20.50 -22.96 24.76
CA MET E 254 -19.99 -22.29 25.96
C MET E 254 -21.17 -21.63 26.63
N PRO E 255 -21.21 -21.60 27.95
CA PRO E 255 -22.35 -20.96 28.58
C PRO E 255 -22.46 -19.44 28.52
N LYS E 256 -21.36 -18.72 28.59
CA LYS E 256 -21.43 -17.25 28.53
C LYS E 256 -20.31 -16.68 27.67
N PRO E 257 -20.49 -16.64 26.35
CA PRO E 257 -19.40 -16.10 25.53
C PRO E 257 -19.35 -14.58 25.57
N MET E 258 -20.47 -13.94 25.90
CA MET E 258 -20.49 -12.48 25.93
C MET E 258 -21.06 -11.87 27.19
N PHE E 259 -20.35 -10.86 27.66
CA PHE E 259 -20.83 -10.15 28.81
C PHE E 259 -21.89 -9.16 28.28
N GLY E 260 -23.06 -9.08 28.90
CA GLY E 260 -24.00 -8.09 28.41
C GLY E 260 -25.18 -8.64 27.63
N ASP E 261 -25.14 -9.92 27.32
CA ASP E 261 -26.24 -10.52 26.62
C ASP E 261 -26.37 -11.94 27.16
N ASN E 262 -27.48 -12.57 26.83
CA ASN E 262 -27.80 -13.91 27.24
C ASN E 262 -26.70 -14.93 27.19
N GLY E 263 -26.71 -15.85 28.12
CA GLY E 263 -25.76 -16.94 28.11
C GLY E 263 -26.56 -18.09 27.51
N SER E 264 -25.96 -19.27 27.43
CA SER E 264 -26.68 -20.41 26.90
C SER E 264 -26.87 -21.39 28.04
N GLY E 265 -28.11 -21.82 28.25
CA GLY E 265 -28.39 -22.76 29.31
C GLY E 265 -28.86 -24.08 28.75
N MET E 266 -28.99 -25.06 29.62
CA MET E 266 -29.48 -26.36 29.20
C MET E 266 -30.45 -26.84 30.26
N HIS E 267 -31.65 -26.29 30.25
CA HIS E 267 -32.69 -26.67 31.18
C HIS E 267 -32.92 -28.17 31.07
N CYS E 268 -33.17 -28.81 32.19
CA CYS E 268 -33.44 -30.24 32.17
C CYS E 268 -34.79 -30.59 32.77
N HIS E 269 -35.67 -31.08 31.90
CA HIS E 269 -36.99 -31.51 32.30
C HIS E 269 -36.82 -32.97 32.69
N MET E 270 -37.37 -33.34 33.84
CA MET E 270 -37.28 -34.71 34.33
C MET E 270 -38.59 -35.22 34.92
N SER E 271 -38.72 -36.54 34.93
CA SER E 271 -39.88 -37.21 35.49
C SER E 271 -39.54 -38.69 35.58
N LEU E 272 -40.21 -39.41 36.46
CA LEU E 272 -39.97 -40.84 36.62
C LEU E 272 -41.18 -41.62 36.20
N ALA E 273 -40.99 -42.90 35.91
CA ALA E 273 -42.11 -43.73 35.50
C ALA E 273 -41.96 -45.20 35.86
N LYS E 274 -43.10 -45.87 36.00
CA LYS E 274 -43.16 -47.29 36.30
C LYS E 274 -44.35 -47.85 35.56
N ASN E 275 -44.12 -48.96 34.85
CA ASN E 275 -45.15 -49.65 34.06
C ASN E 275 -46.04 -48.65 33.35
N GLY E 276 -45.42 -47.75 32.60
CA GLY E 276 -46.17 -46.76 31.84
C GLY E 276 -46.88 -45.62 32.54
N THR E 277 -46.88 -45.57 33.87
CA THR E 277 -47.55 -44.47 34.55
C THR E 277 -46.54 -43.42 35.03
N ASN E 278 -46.93 -42.16 34.98
CA ASN E 278 -46.05 -41.08 35.39
C ASN E 278 -46.03 -40.87 36.90
N LEU E 279 -45.01 -41.40 37.56
CA LEU E 279 -44.85 -41.29 39.00
C LEU E 279 -44.77 -39.86 39.56
N PHE E 280 -44.81 -38.86 38.68
CA PHE E 280 -44.73 -37.47 39.12
C PHE E 280 -46.06 -36.73 39.18
N SER E 281 -47.13 -37.31 38.64
CA SER E 281 -48.44 -36.65 38.70
C SER E 281 -49.11 -36.99 40.02
N GLY E 282 -49.83 -36.02 40.58
CA GLY E 282 -50.50 -36.24 41.84
C GLY E 282 -51.48 -35.14 42.20
N ASP E 283 -51.88 -35.10 43.46
CA ASP E 283 -52.84 -34.10 43.95
C ASP E 283 -52.17 -32.92 44.65
N LYS E 284 -50.88 -33.06 44.93
CA LYS E 284 -50.10 -32.01 45.60
C LYS E 284 -49.89 -30.80 44.65
N TYR E 285 -49.06 -29.85 45.07
CA TYR E 285 -48.78 -28.63 44.28
C TYR E 285 -48.64 -28.77 42.77
N ALA E 286 -49.35 -27.91 42.05
CA ALA E 286 -49.31 -27.89 40.59
C ALA E 286 -49.49 -29.21 39.84
N GLY E 287 -50.10 -30.21 40.49
CA GLY E 287 -50.33 -31.48 39.84
C GLY E 287 -49.25 -32.51 40.10
N LEU E 288 -48.41 -32.25 41.09
CA LEU E 288 -47.31 -33.13 41.45
C LEU E 288 -47.60 -34.23 42.44
N SER E 289 -46.80 -35.30 42.38
CA SER E 289 -46.89 -36.43 43.30
C SER E 289 -45.97 -36.05 44.46
N GLU E 290 -46.09 -36.71 45.60
CA GLU E 290 -45.20 -36.35 46.70
C GLU E 290 -43.81 -36.84 46.39
N GLN E 291 -43.73 -37.78 45.45
CA GLN E 291 -42.46 -38.35 45.02
C GLN E 291 -41.64 -37.26 44.31
N ALA E 292 -42.33 -36.50 43.46
CA ALA E 292 -41.73 -35.40 42.70
C ALA E 292 -41.13 -34.40 43.66
N LEU E 293 -41.88 -34.07 44.71
CA LEU E 293 -41.42 -33.12 45.71
C LEU E 293 -40.18 -33.59 46.44
N TYR E 294 -40.10 -34.88 46.75
CA TYR E 294 -38.91 -35.41 47.43
C TYR E 294 -37.74 -35.30 46.48
N TYR E 295 -38.01 -35.58 45.21
CA TYR E 295 -37.01 -35.51 44.16
C TYR E 295 -36.46 -34.08 44.15
N ILE E 296 -37.37 -33.11 44.08
CA ILE E 296 -36.98 -31.70 44.09
C ILE E 296 -36.13 -31.40 45.31
N GLY E 297 -36.56 -31.92 46.45
CA GLY E 297 -35.84 -31.68 47.68
C GLY E 297 -34.43 -32.20 47.56
N GLY E 298 -34.28 -33.35 46.91
CA GLY E 298 -32.97 -33.93 46.72
C GLY E 298 -32.09 -33.04 45.89
N VAL E 299 -32.63 -32.59 44.75
CA VAL E 299 -31.92 -31.71 43.85
C VAL E 299 -31.48 -30.45 44.58
N ILE E 300 -32.38 -29.90 45.38
CA ILE E 300 -32.04 -28.70 46.13
C ILE E 300 -30.98 -28.97 47.20
N LYS E 301 -31.07 -30.12 47.86
CA LYS E 301 -30.12 -30.43 48.91
C LYS E 301 -28.72 -30.55 48.33
N HIS E 302 -28.60 -31.22 47.19
CA HIS E 302 -27.30 -31.44 46.55
C HIS E 302 -26.97 -30.54 45.34
N ALA E 303 -27.66 -29.42 45.24
CA ALA E 303 -27.45 -28.49 44.14
C ALA E 303 -25.98 -28.13 43.90
N LYS E 304 -25.31 -27.62 44.92
CA LYS E 304 -23.91 -27.23 44.75
C LYS E 304 -23.03 -28.37 44.21
N ALA E 305 -23.31 -29.60 44.59
CA ALA E 305 -22.50 -30.70 44.09
C ALA E 305 -22.89 -31.00 42.65
N ILE E 306 -24.18 -30.89 42.35
CA ILE E 306 -24.62 -31.14 40.98
C ILE E 306 -23.99 -30.12 40.04
N ASN E 307 -23.83 -28.90 40.55
CA ASN E 307 -23.22 -27.82 39.80
C ASN E 307 -21.89 -28.22 39.19
N ALA E 308 -21.10 -28.97 39.95
CA ALA E 308 -19.79 -29.42 39.49
C ALA E 308 -19.88 -30.26 38.23
N LEU E 309 -21.07 -30.73 37.90
CA LEU E 309 -21.26 -31.54 36.71
C LEU E 309 -22.16 -30.87 35.69
N ALA E 310 -23.08 -30.05 36.18
CA ALA E 310 -24.04 -29.37 35.32
C ALA E 310 -23.56 -28.00 34.88
N ASN E 311 -22.51 -27.49 35.53
CA ASN E 311 -21.92 -26.19 35.25
C ASN E 311 -20.47 -26.43 35.57
N PRO E 312 -19.80 -27.26 34.76
CA PRO E 312 -18.40 -27.63 34.94
C PRO E 312 -17.30 -26.73 34.45
N THR E 313 -17.64 -25.48 34.15
CA THR E 313 -16.62 -24.56 33.64
C THR E 313 -16.66 -23.28 34.44
N THR E 314 -15.54 -22.56 34.52
CA THR E 314 -15.53 -21.29 35.23
C THR E 314 -16.51 -20.36 34.52
N ASN E 315 -16.57 -20.50 33.19
CA ASN E 315 -17.44 -19.68 32.35
C ASN E 315 -18.88 -19.86 32.76
N SER E 316 -19.23 -21.07 33.20
CA SER E 316 -20.61 -21.39 33.61
C SER E 316 -21.14 -20.39 34.62
N TYR E 317 -20.22 -19.92 35.50
CA TYR E 317 -20.59 -19.02 36.59
C TYR E 317 -20.66 -17.59 36.09
N LYS E 318 -20.44 -17.35 34.83
CA LYS E 318 -20.59 -16.00 34.37
C LYS E 318 -22.01 -15.81 33.86
N ARG E 319 -22.73 -16.93 33.77
CA ARG E 319 -24.14 -17.00 33.38
C ARG E 319 -25.00 -16.99 34.65
N LEU E 320 -24.51 -17.71 35.66
CA LEU E 320 -25.17 -17.81 36.95
C LEU E 320 -24.66 -16.70 37.87
N VAL E 321 -25.18 -15.51 37.64
CA VAL E 321 -24.78 -14.37 38.44
C VAL E 321 -26.04 -13.64 38.83
N PRO E 322 -25.96 -12.98 40.01
CA PRO E 322 -27.11 -12.21 40.43
C PRO E 322 -27.67 -11.34 39.34
N GLY E 323 -28.55 -11.93 38.53
CA GLY E 323 -29.23 -11.23 37.48
C GLY E 323 -30.70 -11.43 37.70
N TYR E 324 -31.55 -10.87 36.85
CA TYR E 324 -33.00 -11.05 37.11
C TYR E 324 -33.50 -12.45 36.80
N GLU E 325 -33.23 -12.88 35.58
CA GLU E 325 -33.67 -14.18 35.11
C GLU E 325 -32.69 -15.30 35.43
N ALA E 326 -31.63 -14.96 36.16
CA ALA E 326 -30.63 -15.93 36.56
C ALA E 326 -31.28 -17.04 37.40
N PRO E 327 -31.27 -18.28 36.87
CA PRO E 327 -31.84 -19.48 37.50
C PRO E 327 -30.99 -19.88 38.68
N VAL E 328 -30.73 -18.95 39.59
CA VAL E 328 -29.88 -19.27 40.73
C VAL E 328 -30.51 -19.54 42.09
N MET E 329 -31.80 -19.21 42.25
CA MET E 329 -32.47 -19.42 43.54
C MET E 329 -32.93 -20.86 43.64
N LEU E 330 -32.40 -21.57 44.65
CA LEU E 330 -32.75 -22.97 44.89
C LEU E 330 -34.17 -23.13 45.43
N ALA E 331 -35.13 -23.05 44.53
CA ALA E 331 -36.54 -23.16 44.90
C ALA E 331 -37.38 -23.60 43.71
N TYR E 332 -38.63 -23.92 43.97
CA TYR E 332 -39.52 -24.32 42.89
C TYR E 332 -40.73 -23.42 42.82
N SER E 333 -41.34 -23.40 41.65
CA SER E 333 -42.52 -22.58 41.39
C SER E 333 -42.98 -22.88 39.99
N ALA E 334 -44.23 -22.55 39.70
CA ALA E 334 -44.81 -22.81 38.39
C ALA E 334 -44.82 -21.51 37.60
N ARG E 335 -44.40 -20.43 38.25
CA ARG E 335 -44.38 -19.14 37.60
C ARG E 335 -43.07 -18.39 37.79
N ASN E 336 -42.72 -18.07 39.03
CA ASN E 336 -41.51 -17.34 39.34
C ASN E 336 -40.27 -17.84 38.59
N ARG E 337 -39.90 -17.15 37.51
CA ARG E 337 -38.74 -17.56 36.74
C ARG E 337 -37.45 -16.99 37.32
N SER E 338 -37.37 -17.06 38.65
CA SER E 338 -36.22 -16.64 39.44
C SER E 338 -35.75 -17.97 40.02
N ALA E 339 -36.73 -18.86 40.15
CA ALA E 339 -36.56 -20.19 40.68
C ALA E 339 -35.84 -21.08 39.68
N SER E 340 -34.80 -21.76 40.16
CA SER E 340 -34.02 -22.65 39.32
C SER E 340 -34.79 -23.93 39.01
N ILE E 341 -35.94 -24.11 39.64
CA ILE E 341 -36.78 -25.27 39.38
C ILE E 341 -38.19 -24.81 39.01
N ARG E 342 -38.52 -24.90 37.71
CA ARG E 342 -39.86 -24.52 37.25
C ARG E 342 -40.73 -25.74 37.18
N ILE E 343 -42.00 -25.52 37.44
CA ILE E 343 -42.97 -26.60 37.30
C ILE E 343 -43.86 -26.21 36.15
N PRO E 344 -43.69 -26.90 35.02
CA PRO E 344 -44.47 -26.66 33.81
C PRO E 344 -45.91 -26.88 34.14
N VAL E 345 -46.79 -25.99 33.71
CA VAL E 345 -48.19 -26.18 33.97
C VAL E 345 -48.71 -26.79 32.68
N VAL E 346 -49.14 -28.04 32.78
CA VAL E 346 -49.65 -28.77 31.63
C VAL E 346 -50.94 -29.51 32.02
N ALA E 347 -51.80 -29.76 31.04
CA ALA E 347 -53.07 -30.43 31.30
C ALA E 347 -52.96 -31.92 31.60
N SER E 348 -52.52 -32.70 30.61
CA SER E 348 -52.39 -34.14 30.78
C SER E 348 -51.45 -34.50 31.92
N PRO E 349 -51.95 -35.25 32.91
CA PRO E 349 -51.09 -35.64 34.03
C PRO E 349 -49.96 -36.55 33.54
N LYS E 350 -50.12 -37.07 32.32
CA LYS E 350 -49.11 -37.94 31.73
C LYS E 350 -47.83 -37.18 31.43
N ALA E 351 -47.95 -35.86 31.33
CA ALA E 351 -46.83 -34.98 31.02
C ALA E 351 -46.31 -34.14 32.20
N ARG E 352 -46.72 -34.47 33.42
CA ARG E 352 -46.29 -33.74 34.61
C ARG E 352 -44.79 -34.03 34.84
N ARG E 353 -44.02 -32.99 35.15
CA ARG E 353 -42.56 -33.13 35.33
C ARG E 353 -41.96 -31.87 35.98
N ILE E 354 -40.66 -31.90 36.25
CA ILE E 354 -39.99 -30.71 36.81
C ILE E 354 -38.92 -30.23 35.83
N GLU E 355 -38.62 -28.94 35.87
CA GLU E 355 -37.58 -28.37 35.00
C GLU E 355 -36.48 -27.73 35.83
N VAL E 356 -35.33 -28.39 35.88
CA VAL E 356 -34.19 -27.83 36.61
C VAL E 356 -33.46 -26.93 35.60
N ARG E 357 -33.47 -25.65 35.87
CA ARG E 357 -32.97 -24.65 34.97
C ARG E 357 -31.46 -24.27 34.98
N PHE E 358 -30.70 -24.64 36.02
CA PHE E 358 -29.31 -24.10 36.06
C PHE E 358 -28.24 -24.79 35.20
N PRO E 359 -28.45 -26.03 34.84
CA PRO E 359 -27.46 -26.68 33.92
C PRO E 359 -27.07 -25.88 32.69
N ASP E 360 -25.88 -26.06 32.13
CA ASP E 360 -25.54 -25.39 30.88
C ASP E 360 -25.03 -26.45 29.91
N PRO E 361 -24.98 -26.15 28.63
CA PRO E 361 -24.53 -27.13 27.64
C PRO E 361 -23.12 -27.63 27.74
N ALA E 362 -22.30 -27.05 28.59
CA ALA E 362 -20.92 -27.50 28.74
C ALA E 362 -20.87 -28.79 29.55
N ALA E 363 -21.96 -29.05 30.23
CA ALA E 363 -22.04 -30.21 31.08
C ALA E 363 -21.93 -31.54 30.35
N ASN E 364 -21.21 -32.47 30.95
CA ASN E 364 -21.11 -33.84 30.45
C ASN E 364 -22.54 -34.41 30.51
N PRO E 365 -23.11 -34.88 29.38
CA PRO E 365 -24.50 -35.39 29.47
C PRO E 365 -24.73 -36.37 30.60
N TYR E 366 -23.94 -37.39 30.41
CA TYR E 366 -23.94 -38.52 31.28
C TYR E 366 -23.83 -38.17 32.74
N LEU E 367 -22.72 -37.53 33.10
CA LEU E 367 -22.50 -37.23 34.48
C LEU E 367 -23.51 -36.22 35.04
N CYS E 368 -23.93 -35.28 34.20
CA CYS E 368 -24.88 -34.27 34.66
C CYS E 368 -26.21 -34.90 34.94
N PHE E 369 -26.71 -35.67 33.98
CA PHE E 369 -27.98 -36.33 34.16
C PHE E 369 -27.95 -37.28 35.35
N ALA E 370 -26.90 -38.09 35.43
CA ALA E 370 -26.74 -39.04 36.53
C ALA E 370 -26.80 -38.35 37.89
N ALA E 371 -26.03 -37.28 38.06
CA ALA E 371 -26.00 -36.54 39.32
C ALA E 371 -27.37 -35.98 39.65
N LEU E 372 -28.11 -35.58 38.63
CA LEU E 372 -29.44 -35.04 38.85
C LEU E 372 -30.35 -36.14 39.42
N LEU E 373 -30.24 -37.34 38.84
CA LEU E 373 -31.03 -38.49 39.26
C LEU E 373 -30.72 -38.90 40.68
N MET E 374 -29.46 -39.22 40.93
CA MET E 374 -29.00 -39.62 42.25
C MET E 374 -29.42 -38.66 43.34
N ALA E 375 -29.40 -37.36 43.04
CA ALA E 375 -29.81 -36.36 44.02
C ALA E 375 -31.31 -36.51 44.24
N GLY E 376 -32.04 -36.76 43.16
CA GLY E 376 -33.48 -36.91 43.24
C GLY E 376 -33.87 -38.12 44.06
N LEU E 377 -33.21 -39.25 43.80
CA LEU E 377 -33.44 -40.50 44.51
C LEU E 377 -33.15 -40.36 45.99
N ASP E 378 -32.03 -39.72 46.30
CA ASP E 378 -31.68 -39.51 47.69
C ASP E 378 -32.71 -38.61 48.34
N GLY E 379 -33.42 -37.83 47.53
CA GLY E 379 -34.42 -36.94 48.07
C GLY E 379 -35.65 -37.75 48.43
N ILE E 380 -35.87 -38.81 47.66
CA ILE E 380 -36.98 -39.72 47.86
C ILE E 380 -36.69 -40.66 49.02
N LYS E 381 -35.65 -41.48 48.87
CA LYS E 381 -35.26 -42.43 49.91
C LYS E 381 -35.32 -41.78 51.28
N ASN E 382 -34.90 -40.52 51.37
CA ASN E 382 -34.90 -39.82 52.66
C ASN E 382 -36.02 -38.80 52.84
N LYS E 383 -37.08 -38.94 52.04
CA LYS E 383 -38.26 -38.07 52.10
C LYS E 383 -37.93 -36.62 52.44
N ILE E 384 -36.99 -36.06 51.68
CA ILE E 384 -36.56 -34.70 51.89
C ILE E 384 -37.59 -33.72 51.38
N HIS E 385 -38.29 -33.07 52.30
CA HIS E 385 -39.29 -32.12 51.88
C HIS E 385 -38.65 -30.81 51.48
N PRO E 386 -39.13 -30.42 50.30
CA PRO E 386 -38.91 -29.14 49.56
C PRO E 386 -39.14 -27.82 50.26
N GLY E 387 -40.09 -27.85 51.17
CA GLY E 387 -40.52 -26.67 51.85
C GLY E 387 -41.59 -26.12 50.93
N GLU E 388 -41.93 -24.85 51.11
CA GLU E 388 -42.95 -24.22 50.28
C GLU E 388 -42.36 -23.53 49.03
N PRO E 389 -43.17 -23.46 47.95
CA PRO E 389 -42.77 -22.86 46.66
C PRO E 389 -42.57 -21.35 46.77
N MET E 390 -41.56 -20.84 46.07
CA MET E 390 -41.29 -19.39 46.05
C MET E 390 -42.08 -18.80 44.89
N ASP E 391 -43.01 -17.90 45.19
CA ASP E 391 -43.80 -17.27 44.14
C ASP E 391 -43.65 -15.75 44.20
N LYS E 392 -42.75 -15.28 45.07
CA LYS E 392 -42.49 -13.85 45.26
C LYS E 392 -41.66 -13.22 44.13
N ASN E 393 -40.34 -13.14 44.32
CA ASN E 393 -39.44 -12.56 43.32
C ASN E 393 -38.00 -13.11 43.44
N LEU E 394 -37.11 -12.61 42.55
CA LEU E 394 -35.77 -13.17 42.35
C LEU E 394 -34.74 -12.68 43.40
N TYR E 395 -33.62 -12.31 42.86
CA TYR E 395 -32.53 -11.86 43.73
C TYR E 395 -32.54 -10.39 44.00
N ASP E 396 -33.25 -9.61 43.27
CA ASP E 396 -33.07 -8.21 43.61
C ASP E 396 -34.41 -7.82 44.18
N LEU E 397 -34.46 -7.16 45.31
CA LEU E 397 -35.77 -6.90 45.73
C LEU E 397 -36.62 -8.03 45.28
N PRO E 398 -36.68 -9.10 46.01
CA PRO E 398 -36.48 -9.26 47.41
C PRO E 398 -35.49 -8.31 48.12
N PRO E 399 -34.17 -8.66 48.35
CA PRO E 399 -33.16 -8.05 49.16
C PRO E 399 -33.66 -7.53 50.52
N GLU E 400 -34.78 -8.03 51.03
CA GLU E 400 -35.48 -7.70 52.28
C GLU E 400 -34.71 -8.27 53.48
N GLU E 401 -34.75 -9.60 53.58
CA GLU E 401 -34.07 -10.36 54.65
C GLU E 401 -32.67 -10.71 54.13
N ALA E 402 -32.12 -9.83 53.27
CA ALA E 402 -30.81 -9.98 52.60
C ALA E 402 -30.99 -11.16 51.62
N LYS E 403 -32.22 -11.67 51.60
CA LYS E 403 -32.71 -12.80 50.80
C LYS E 403 -31.76 -13.99 50.66
N GLU E 404 -31.11 -14.35 51.76
CA GLU E 404 -30.20 -15.48 51.74
C GLU E 404 -30.94 -16.80 51.90
N ILE E 405 -31.59 -17.19 50.81
CA ILE E 405 -32.29 -18.47 50.73
C ILE E 405 -31.30 -19.37 49.98
N PRO E 406 -31.62 -20.63 49.74
CA PRO E 406 -30.70 -21.47 48.97
C PRO E 406 -30.07 -20.95 47.69
N GLN E 407 -28.80 -21.09 47.47
CA GLN E 407 -28.45 -20.78 46.09
C GLN E 407 -27.43 -21.73 45.48
N VAL E 408 -27.38 -21.78 44.14
CA VAL E 408 -26.41 -22.62 43.43
C VAL E 408 -25.02 -22.08 43.72
N ALA E 409 -24.01 -22.91 43.45
CA ALA E 409 -22.63 -22.52 43.68
C ALA E 409 -22.31 -21.23 42.93
N GLY E 410 -21.44 -20.39 43.50
CA GLY E 410 -21.12 -19.13 42.85
C GLY E 410 -19.82 -19.12 42.06
N SER E 411 -19.12 -20.25 42.08
CA SER E 411 -17.86 -20.38 41.38
C SER E 411 -17.62 -21.86 41.17
N LEU E 412 -16.76 -22.19 40.22
CA LEU E 412 -16.47 -23.59 39.96
C LEU E 412 -15.82 -24.29 41.15
N GLU E 413 -14.87 -23.62 41.78
CA GLU E 413 -14.15 -24.17 42.92
C GLU E 413 -15.10 -24.57 44.02
N GLU E 414 -16.04 -23.68 44.29
CA GLU E 414 -17.04 -23.89 45.31
C GLU E 414 -17.85 -25.13 44.98
N ALA E 415 -18.20 -25.27 43.70
CA ALA E 415 -18.97 -26.41 43.24
C ALA E 415 -18.15 -27.69 43.36
N LEU E 416 -16.87 -27.60 43.03
CA LEU E 416 -16.02 -28.77 43.09
C LEU E 416 -15.89 -29.18 44.53
N ASN E 417 -15.73 -28.20 45.41
CA ASN E 417 -15.58 -28.51 46.82
C ASN E 417 -16.86 -29.18 47.37
N ALA E 418 -18.02 -28.68 46.93
CA ALA E 418 -19.28 -29.27 47.36
C ALA E 418 -19.33 -30.72 46.92
N LEU E 419 -18.95 -30.95 45.67
CA LEU E 419 -18.95 -32.30 45.14
C LEU E 419 -18.04 -33.16 45.99
N ASP E 420 -16.92 -32.60 46.43
CA ASP E 420 -15.96 -33.35 47.24
C ASP E 420 -16.63 -33.85 48.51
N LEU E 421 -17.14 -32.90 49.29
CA LEU E 421 -17.78 -33.19 50.56
C LEU E 421 -19.09 -33.95 50.48
N ASP E 422 -19.96 -33.49 49.58
CA ASP E 422 -21.29 -34.08 49.43
C ASP E 422 -21.37 -35.21 48.40
N ARG E 423 -20.38 -36.08 48.41
CA ARG E 423 -20.34 -37.19 47.46
C ARG E 423 -21.13 -38.46 47.77
N GLU E 424 -21.58 -38.63 49.01
CA GLU E 424 -22.28 -39.86 49.34
C GLU E 424 -23.44 -40.22 48.43
N PHE E 425 -24.34 -39.28 48.20
CA PHE E 425 -25.50 -39.55 47.37
C PHE E 425 -25.15 -40.06 45.97
N LEU E 426 -23.94 -39.79 45.52
CA LEU E 426 -23.46 -40.22 44.20
C LEU E 426 -22.87 -41.62 44.25
N LYS E 427 -22.23 -41.95 45.38
CA LYS E 427 -21.60 -43.26 45.56
C LYS E 427 -22.64 -44.37 45.80
N ALA E 428 -23.85 -43.96 46.15
CA ALA E 428 -24.96 -44.87 46.39
C ALA E 428 -25.07 -45.83 45.23
N GLY E 429 -25.32 -47.09 45.54
CA GLY E 429 -25.45 -48.09 44.49
C GLY E 429 -24.16 -48.36 43.74
N GLY E 430 -23.05 -47.79 44.22
CA GLY E 430 -21.77 -47.99 43.55
C GLY E 430 -21.68 -47.37 42.16
N VAL E 431 -22.55 -46.39 41.90
CA VAL E 431 -22.62 -45.68 40.62
C VAL E 431 -21.35 -44.86 40.40
N PHE E 432 -21.05 -43.97 41.34
CA PHE E 432 -19.83 -43.16 41.28
C PHE E 432 -18.83 -43.67 42.31
N THR E 433 -17.58 -43.87 41.91
CA THR E 433 -16.56 -44.30 42.86
C THR E 433 -15.81 -43.04 43.31
N ASP E 434 -15.12 -43.14 44.45
CA ASP E 434 -14.36 -42.01 44.95
C ASP E 434 -13.29 -41.63 43.94
N GLU E 435 -12.64 -42.63 43.37
CA GLU E 435 -11.59 -42.42 42.39
C GLU E 435 -12.08 -41.62 41.20
N ALA E 436 -13.25 -41.98 40.70
CA ALA E 436 -13.84 -41.28 39.57
C ALA E 436 -14.05 -39.82 39.95
N ILE E 437 -14.73 -39.62 41.06
CA ILE E 437 -15.02 -38.28 41.53
C ILE E 437 -13.75 -37.45 41.75
N ASP E 438 -12.76 -38.03 42.40
CA ASP E 438 -11.53 -37.31 42.67
C ASP E 438 -10.77 -36.95 41.39
N ALA E 439 -10.88 -37.82 40.39
CA ALA E 439 -10.21 -37.61 39.11
C ALA E 439 -10.88 -36.49 38.35
N TYR E 440 -12.21 -36.47 38.38
CA TYR E 440 -12.99 -35.45 37.72
C TYR E 440 -12.63 -34.11 38.33
N ILE E 441 -12.64 -34.06 39.66
CA ILE E 441 -12.33 -32.83 40.37
C ILE E 441 -10.94 -32.34 40.01
N ALA E 442 -10.00 -33.26 39.86
CA ALA E 442 -8.64 -32.87 39.55
C ALA E 442 -8.54 -32.27 38.15
N LEU E 443 -9.31 -32.83 37.21
CA LEU E 443 -9.29 -32.33 35.85
C LEU E 443 -9.80 -30.90 35.82
N ARG E 444 -10.89 -30.66 36.52
CA ARG E 444 -11.48 -29.34 36.54
C ARG E 444 -10.68 -28.32 37.35
N ARG E 445 -9.93 -28.77 38.34
CA ARG E 445 -9.18 -27.81 39.14
C ARG E 445 -8.03 -27.20 38.38
N GLU E 446 -7.55 -27.99 37.43
CA GLU E 446 -6.46 -27.62 36.55
C GLU E 446 -7.00 -26.52 35.63
N GLU E 447 -8.25 -26.69 35.20
CA GLU E 447 -8.90 -25.70 34.34
C GLU E 447 -9.17 -24.45 35.18
N ASP E 448 -9.73 -24.65 36.37
CA ASP E 448 -10.02 -23.52 37.25
C ASP E 448 -8.76 -22.68 37.49
N ASP E 449 -7.61 -23.36 37.57
CA ASP E 449 -6.35 -22.68 37.83
C ASP E 449 -5.90 -21.75 36.74
N ARG E 450 -6.10 -22.16 35.50
CA ARG E 450 -5.70 -21.36 34.36
C ARG E 450 -6.40 -20.03 34.45
N VAL E 451 -7.69 -20.08 34.71
CA VAL E 451 -8.46 -18.86 34.78
C VAL E 451 -8.11 -18.04 36.02
N ARG E 452 -7.87 -18.69 37.15
CA ARG E 452 -7.54 -17.95 38.37
C ARG E 452 -6.18 -17.30 38.31
N MET E 453 -5.25 -17.95 37.63
CA MET E 453 -3.89 -17.46 37.56
C MET E 453 -3.54 -16.50 36.43
N THR E 454 -4.34 -16.47 35.37
CA THR E 454 -4.03 -15.60 34.23
C THR E 454 -4.67 -14.23 34.35
N PRO E 455 -3.86 -13.16 34.27
CA PRO E 455 -4.43 -11.81 34.37
C PRO E 455 -5.58 -11.63 33.41
N HIS E 456 -6.63 -10.96 33.88
CA HIS E 456 -7.81 -10.73 33.09
C HIS E 456 -7.77 -9.31 32.49
N PRO E 457 -8.13 -9.16 31.22
CA PRO E 457 -8.13 -7.85 30.57
C PRO E 457 -8.76 -6.76 31.42
N VAL E 458 -9.88 -7.09 32.07
CA VAL E 458 -10.59 -6.13 32.91
C VAL E 458 -9.77 -5.66 34.11
N GLU E 459 -8.83 -6.50 34.53
CA GLU E 459 -8.00 -6.13 35.66
C GLU E 459 -7.13 -4.95 35.31
N PHE E 460 -6.81 -4.81 34.02
CA PHE E 460 -6.00 -3.66 33.57
C PHE E 460 -6.82 -2.39 33.59
N GLU E 461 -8.05 -2.50 33.14
CA GLU E 461 -8.96 -1.39 33.14
C GLU E 461 -9.12 -0.89 34.56
N LEU E 462 -9.35 -1.84 35.46
CA LEU E 462 -9.58 -1.57 36.88
C LEU E 462 -8.32 -1.21 37.68
N TYR E 463 -7.17 -1.84 37.42
CA TYR E 463 -6.02 -1.56 38.26
C TYR E 463 -4.72 -1.12 37.57
N TYR E 464 -4.64 -0.91 36.27
CA TYR E 464 -3.34 -0.53 35.70
C TYR E 464 -2.76 0.77 36.31
N SER E 465 -3.64 1.73 36.58
CA SER E 465 -3.25 3.04 37.12
C SER E 465 -3.25 3.11 38.64
N VAL E 466 -3.26 1.96 39.26
CA VAL E 466 -3.27 1.86 40.70
C VAL E 466 -2.05 2.51 41.34
N GLU F 1 -58.42 -28.98 7.97
CA GLU F 1 -58.24 -30.10 7.03
C GLU F 1 -57.54 -29.66 5.77
N HIS F 2 -57.83 -28.43 5.37
CA HIS F 2 -57.23 -27.81 4.20
C HIS F 2 -55.74 -27.70 4.48
N VAL F 3 -55.42 -27.41 5.74
CA VAL F 3 -54.04 -27.29 6.16
C VAL F 3 -53.34 -28.64 6.05
N LEU F 4 -53.97 -29.68 6.59
CA LEU F 4 -53.37 -31.00 6.54
C LEU F 4 -53.15 -31.52 5.13
N THR F 5 -53.91 -30.98 4.16
CA THR F 5 -53.72 -31.40 2.77
C THR F 5 -52.62 -30.57 2.12
N MET F 6 -52.48 -29.32 2.55
CA MET F 6 -51.43 -28.44 2.03
C MET F 6 -50.08 -28.99 2.45
N LEU F 7 -50.07 -29.65 3.62
CA LEU F 7 -48.86 -30.27 4.13
C LEU F 7 -48.37 -31.39 3.22
N ASN F 8 -49.30 -32.15 2.67
CA ASN F 8 -48.95 -33.25 1.78
C ASN F 8 -48.71 -32.82 0.34
N GLU F 9 -49.51 -31.86 -0.09
CA GLU F 9 -49.46 -31.33 -1.44
C GLU F 9 -48.14 -30.64 -1.74
N HIS F 10 -47.60 -29.96 -0.74
CA HIS F 10 -46.33 -29.25 -0.89
C HIS F 10 -45.17 -29.96 -0.18
N GLU F 11 -45.42 -31.17 0.33
CA GLU F 11 -44.39 -31.97 1.02
C GLU F 11 -43.66 -31.09 2.05
N VAL F 12 -44.45 -30.43 2.87
CA VAL F 12 -43.96 -29.54 3.89
C VAL F 12 -43.16 -30.25 4.97
N LYS F 13 -42.00 -29.68 5.30
CA LYS F 13 -41.14 -30.23 6.33
C LYS F 13 -41.28 -29.42 7.63
N PHE F 14 -41.66 -28.15 7.51
CA PHE F 14 -41.81 -27.30 8.68
C PHE F 14 -42.99 -26.37 8.64
N VAL F 15 -43.40 -25.94 9.82
CA VAL F 15 -44.49 -25.01 9.96
C VAL F 15 -43.94 -23.85 10.75
N ASP F 16 -44.03 -22.67 10.16
CA ASP F 16 -43.51 -21.46 10.77
C ASP F 16 -44.66 -20.68 11.36
N LEU F 17 -44.73 -20.68 12.68
CA LEU F 17 -45.76 -20.01 13.45
C LEU F 17 -45.43 -18.54 13.59
N ARG F 18 -46.30 -17.68 13.09
CA ARG F 18 -46.06 -16.24 13.19
C ARG F 18 -47.04 -15.40 13.96
N PHE F 19 -46.49 -14.34 14.53
CA PHE F 19 -47.28 -13.40 15.29
C PHE F 19 -46.58 -12.05 15.35
N THR F 20 -47.28 -11.03 15.86
CA THR F 20 -46.73 -9.67 15.93
C THR F 20 -46.63 -9.17 17.36
N ASP F 21 -45.59 -8.40 17.65
CA ASP F 21 -45.45 -7.89 18.99
C ASP F 21 -46.09 -6.51 19.05
N THR F 22 -46.04 -5.90 20.22
CA THR F 22 -46.64 -4.61 20.40
C THR F 22 -46.09 -3.55 19.45
N LYS F 23 -44.79 -3.55 19.19
CA LYS F 23 -44.20 -2.57 18.30
C LYS F 23 -44.64 -2.74 16.85
N GLY F 24 -45.08 -3.94 16.51
CA GLY F 24 -45.57 -4.20 15.17
C GLY F 24 -44.71 -5.13 14.35
N LYS F 25 -43.70 -5.69 15.00
CA LYS F 25 -42.75 -6.56 14.33
C LYS F 25 -43.17 -8.01 14.34
N GLU F 26 -43.23 -8.59 13.15
CA GLU F 26 -43.61 -9.99 13.01
C GLU F 26 -42.55 -10.87 13.67
N GLN F 27 -43.00 -11.87 14.41
CA GLN F 27 -42.13 -12.80 15.12
C GLN F 27 -42.45 -14.20 14.67
N HIS F 28 -41.58 -15.16 14.95
CA HIS F 28 -41.83 -16.52 14.53
C HIS F 28 -41.07 -17.57 15.31
N VAL F 29 -41.58 -18.78 15.22
CA VAL F 29 -41.00 -19.96 15.83
C VAL F 29 -41.41 -21.09 14.88
N THR F 30 -40.55 -22.09 14.75
CA THR F 30 -40.80 -23.17 13.81
C THR F 30 -40.89 -24.53 14.45
N ILE F 31 -41.79 -25.37 13.93
CA ILE F 31 -41.94 -26.74 14.41
C ILE F 31 -42.01 -27.63 13.19
N PRO F 32 -41.52 -28.87 13.31
CA PRO F 32 -41.53 -29.83 12.20
C PRO F 32 -42.97 -30.07 11.83
N ALA F 33 -43.24 -30.36 10.56
CA ALA F 33 -44.61 -30.61 10.14
C ALA F 33 -45.26 -31.73 10.95
N HIS F 34 -44.46 -32.74 11.30
CA HIS F 34 -44.97 -33.88 12.06
C HIS F 34 -45.48 -33.55 13.47
N GLN F 35 -45.34 -32.30 13.88
CA GLN F 35 -45.81 -31.85 15.19
C GLN F 35 -47.23 -31.29 15.09
N VAL F 36 -47.72 -31.21 13.85
CA VAL F 36 -49.06 -30.70 13.57
C VAL F 36 -50.07 -31.83 13.60
N ASN F 37 -50.93 -31.79 14.60
CA ASN F 37 -51.95 -32.78 14.82
C ASN F 37 -53.27 -32.11 15.14
N ALA F 38 -54.27 -32.92 15.51
CA ALA F 38 -55.59 -32.39 15.84
C ALA F 38 -55.51 -31.45 17.03
N GLU F 39 -54.78 -31.85 18.06
CA GLU F 39 -54.60 -31.05 19.27
C GLU F 39 -54.15 -29.64 18.96
N PHE F 40 -53.07 -29.56 18.20
CA PHE F 40 -52.47 -28.33 17.73
C PHE F 40 -53.49 -27.22 17.42
N PHE F 41 -54.51 -27.54 16.64
CA PHE F 41 -55.53 -26.57 16.29
C PHE F 41 -56.52 -26.17 17.37
N GLU F 42 -56.85 -27.10 18.25
CA GLU F 42 -57.81 -26.81 19.29
C GLU F 42 -57.19 -26.20 20.52
N GLU F 43 -55.98 -26.62 20.86
CA GLU F 43 -55.32 -26.07 22.03
C GLU F 43 -54.02 -25.29 21.82
N GLY F 44 -53.58 -25.19 20.57
CA GLY F 44 -52.35 -24.47 20.25
C GLY F 44 -51.09 -25.02 20.89
N LYS F 45 -50.05 -24.19 20.95
CA LYS F 45 -48.77 -24.57 21.55
C LYS F 45 -48.39 -23.53 22.61
N MET F 46 -47.68 -23.97 23.63
CA MET F 46 -47.26 -23.11 24.73
C MET F 46 -45.93 -22.42 24.48
N PHE F 47 -45.82 -21.19 24.97
CA PHE F 47 -44.57 -20.44 24.85
C PHE F 47 -44.45 -19.41 25.96
N ASP F 48 -43.21 -18.97 26.16
CA ASP F 48 -42.87 -18.01 27.19
C ASP F 48 -43.29 -16.58 26.83
N GLY F 49 -44.21 -16.03 27.61
CA GLY F 49 -44.67 -14.68 27.37
C GLY F 49 -43.63 -13.64 27.72
N SER F 50 -43.00 -13.78 28.89
CA SER F 50 -42.00 -12.83 29.38
C SER F 50 -40.87 -12.42 28.43
N SER F 51 -40.71 -13.15 27.34
CA SER F 51 -39.67 -12.88 26.35
C SER F 51 -39.91 -11.71 25.37
N ILE F 52 -41.18 -11.43 25.10
CA ILE F 52 -41.58 -10.34 24.20
C ILE F 52 -41.68 -9.03 24.99
N GLY F 53 -41.21 -7.94 24.40
CA GLY F 53 -41.25 -6.66 25.08
C GLY F 53 -42.66 -6.17 25.37
N GLY F 54 -42.88 -5.71 26.61
CA GLY F 54 -44.17 -5.18 27.00
C GLY F 54 -45.26 -6.23 27.23
N TRP F 55 -44.88 -7.48 27.42
CA TRP F 55 -45.89 -8.48 27.64
C TRP F 55 -45.94 -8.91 29.10
N LYS F 56 -46.09 -10.22 29.37
CA LYS F 56 -46.18 -10.70 30.76
C LYS F 56 -44.89 -10.40 31.55
N GLY F 57 -45.02 -10.13 32.82
CA GLY F 57 -43.86 -9.82 33.64
C GLY F 57 -43.28 -11.03 34.36
N ILE F 58 -42.79 -10.76 35.57
CA ILE F 58 -42.13 -11.73 36.45
C ILE F 58 -42.92 -12.98 36.81
N ASN F 59 -44.22 -12.92 36.93
CA ASN F 59 -44.91 -14.09 37.47
C ASN F 59 -45.70 -14.97 36.57
N GLU F 60 -46.32 -14.36 35.58
CA GLU F 60 -47.24 -15.05 34.66
C GLU F 60 -46.72 -15.30 33.27
N SER F 61 -45.53 -15.82 33.14
CA SER F 61 -44.92 -16.01 31.83
C SER F 61 -45.68 -16.78 30.77
N ASP F 62 -46.13 -17.98 31.10
CA ASP F 62 -46.70 -18.81 30.04
C ASP F 62 -48.06 -18.45 29.44
N MET F 63 -48.05 -18.53 28.10
CA MET F 63 -49.18 -18.19 27.24
C MET F 63 -49.34 -19.14 26.05
N VAL F 64 -50.45 -18.96 25.32
CA VAL F 64 -50.78 -19.82 24.18
C VAL F 64 -50.72 -19.22 22.77
N LEU F 65 -50.13 -19.99 21.86
CA LEU F 65 -50.03 -19.63 20.45
C LEU F 65 -51.13 -20.39 19.75
N MET F 66 -52.16 -19.68 19.30
CA MET F 66 -53.27 -20.36 18.65
C MET F 66 -53.24 -20.22 17.15
N PRO F 67 -52.90 -21.30 16.44
CA PRO F 67 -52.86 -21.24 14.99
C PRO F 67 -54.21 -20.90 14.38
N ASP F 68 -54.18 -19.98 13.42
CA ASP F 68 -55.37 -19.57 12.70
C ASP F 68 -55.24 -20.23 11.34
N ALA F 69 -55.90 -21.36 11.19
CA ALA F 69 -55.86 -22.15 9.97
C ALA F 69 -56.22 -21.43 8.67
N SER F 70 -56.89 -20.29 8.77
CA SER F 70 -57.26 -19.56 7.57
C SER F 70 -56.06 -18.86 6.91
N THR F 71 -55.02 -18.63 7.71
CA THR F 71 -53.82 -17.93 7.27
C THR F 71 -52.71 -18.75 6.61
N ALA F 72 -52.89 -20.06 6.51
CA ALA F 72 -51.85 -20.91 5.94
C ALA F 72 -51.35 -20.52 4.54
N VAL F 73 -50.05 -20.29 4.45
CA VAL F 73 -49.41 -19.95 3.19
C VAL F 73 -47.97 -20.37 3.22
N ILE F 74 -47.49 -20.87 2.08
CA ILE F 74 -46.13 -21.34 1.91
C ILE F 74 -45.11 -20.21 1.92
N ASP F 75 -43.97 -20.42 2.57
CA ASP F 75 -42.92 -19.41 2.59
C ASP F 75 -42.15 -19.59 1.29
N PRO F 76 -42.01 -18.52 0.52
CA PRO F 76 -41.31 -18.55 -0.76
C PRO F 76 -39.82 -18.38 -0.73
N PHE F 77 -39.25 -18.19 0.46
CA PHE F 77 -37.81 -17.98 0.60
C PHE F 77 -37.05 -19.10 1.28
N PHE F 78 -37.62 -19.68 2.33
CA PHE F 78 -36.94 -20.75 3.06
C PHE F 78 -36.53 -21.89 2.12
N ALA F 79 -35.39 -22.52 2.41
CA ALA F 79 -34.84 -23.59 1.58
C ALA F 79 -35.60 -24.91 1.59
N ASP F 80 -36.15 -25.24 2.74
CA ASP F 80 -36.92 -26.45 2.98
C ASP F 80 -38.37 -26.05 2.96
N SER F 81 -39.24 -26.83 2.34
CA SER F 81 -40.66 -26.50 2.26
C SER F 81 -41.28 -26.20 3.61
N THR F 82 -41.76 -24.98 3.78
CA THR F 82 -42.37 -24.65 5.06
C THR F 82 -43.61 -23.82 4.93
N LEU F 83 -44.56 -24.13 5.80
CA LEU F 83 -45.84 -23.50 5.79
C LEU F 83 -45.97 -22.51 6.92
N ILE F 84 -46.39 -21.31 6.56
CA ILE F 84 -46.57 -20.26 7.54
C ILE F 84 -48.00 -20.26 8.04
N ILE F 85 -48.17 -20.16 9.35
CA ILE F 85 -49.49 -20.10 9.95
C ILE F 85 -49.44 -19.02 11.00
N ARG F 86 -50.24 -17.98 10.77
CA ARG F 86 -50.33 -16.84 11.68
C ARG F 86 -51.05 -17.36 12.91
N CYS F 87 -50.74 -16.81 14.07
CA CYS F 87 -51.36 -17.29 15.32
C CYS F 87 -51.83 -16.14 16.15
N ASP F 88 -52.79 -16.37 17.05
CA ASP F 88 -53.25 -15.30 17.95
C ASP F 88 -52.63 -15.73 19.28
N ILE F 89 -52.53 -14.80 20.21
CA ILE F 89 -51.97 -15.08 21.51
C ILE F 89 -53.12 -15.12 22.49
N LEU F 90 -53.35 -16.29 23.07
CA LEU F 90 -54.45 -16.47 24.01
C LEU F 90 -53.95 -16.68 25.41
N GLU F 91 -54.80 -16.29 26.37
CA GLU F 91 -54.51 -16.46 27.80
C GLU F 91 -54.72 -17.98 28.03
N PRO F 92 -53.83 -18.64 28.78
CA PRO F 92 -53.98 -20.08 29.02
C PRO F 92 -55.23 -20.46 29.82
N GLY F 93 -55.80 -21.61 29.49
CA GLY F 93 -57.00 -22.07 30.17
C GLY F 93 -58.22 -21.35 29.64
N THR F 94 -58.31 -20.06 29.92
CA THR F 94 -59.42 -19.24 29.45
C THR F 94 -59.45 -19.23 27.92
N LEU F 95 -58.27 -19.32 27.31
CA LEU F 95 -58.12 -19.28 25.85
C LEU F 95 -58.85 -18.08 25.29
N GLN F 96 -58.74 -16.97 26.01
CA GLN F 96 -59.49 -15.79 25.62
C GLN F 96 -58.93 -14.90 24.51
N GLY F 97 -57.73 -14.47 24.67
CA GLY F 97 -57.14 -13.54 23.73
C GLY F 97 -56.54 -12.48 24.59
N TYR F 98 -55.22 -12.55 24.63
CA TYR F 98 -54.39 -11.67 25.42
C TYR F 98 -54.70 -10.20 25.18
N ASP F 99 -54.84 -9.45 26.28
CA ASP F 99 -55.15 -8.03 26.23
C ASP F 99 -54.14 -7.26 25.41
N ARG F 100 -52.89 -7.69 25.50
CA ARG F 100 -51.80 -7.03 24.80
C ARG F 100 -51.47 -7.60 23.42
N ASP F 101 -52.20 -8.62 22.96
CA ASP F 101 -51.97 -9.18 21.62
C ASP F 101 -52.66 -8.27 20.60
N PRO F 102 -51.86 -7.59 19.77
CA PRO F 102 -52.35 -6.68 18.74
C PRO F 102 -53.31 -7.31 17.76
N ARG F 103 -53.20 -8.61 17.51
CA ARG F 103 -54.12 -9.19 16.55
C ARG F 103 -55.45 -9.41 17.23
N SER F 104 -55.41 -9.80 18.50
CA SER F 104 -56.63 -10.02 19.26
C SER F 104 -57.37 -8.70 19.39
N ILE F 105 -56.61 -7.65 19.64
CA ILE F 105 -57.16 -6.29 19.77
C ILE F 105 -57.85 -5.84 18.50
N ALA F 106 -57.25 -6.16 17.37
CA ALA F 106 -57.83 -5.77 16.10
C ALA F 106 -59.08 -6.57 15.85
N LYS F 107 -59.09 -7.85 16.25
CA LYS F 107 -60.26 -8.68 16.06
C LYS F 107 -61.39 -8.14 16.94
N ARG F 108 -61.06 -7.81 18.18
CA ARG F 108 -62.04 -7.27 19.12
C ARG F 108 -62.72 -6.03 18.55
N ALA F 109 -61.92 -5.22 17.86
CA ALA F 109 -62.43 -4.00 17.27
C ALA F 109 -63.37 -4.29 16.11
N GLU F 110 -63.13 -5.36 15.37
CA GLU F 110 -64.01 -5.69 14.27
C GLU F 110 -65.31 -6.22 14.84
N ASP F 111 -65.21 -6.91 15.97
CA ASP F 111 -66.37 -7.45 16.66
C ASP F 111 -67.25 -6.30 17.12
N TYR F 112 -66.66 -5.39 17.90
CA TYR F 112 -67.38 -4.23 18.42
C TYR F 112 -68.09 -3.42 17.32
N LEU F 113 -67.56 -3.46 16.11
CA LEU F 113 -68.15 -2.76 14.97
C LEU F 113 -69.50 -3.42 14.71
N ARG F 114 -69.48 -4.73 14.51
CA ARG F 114 -70.69 -5.50 14.26
C ARG F 114 -71.68 -5.35 15.40
N ALA F 115 -71.17 -5.38 16.63
CA ALA F 115 -71.99 -5.24 17.83
C ALA F 115 -72.80 -3.94 17.87
N THR F 116 -72.15 -2.80 17.65
CA THR F 116 -72.85 -1.52 17.66
C THR F 116 -73.87 -1.49 16.53
N GLY F 117 -73.73 -2.45 15.62
CA GLY F 117 -74.61 -2.52 14.48
C GLY F 117 -74.40 -1.40 13.48
N ILE F 118 -73.39 -0.56 13.69
CA ILE F 118 -73.13 0.55 12.78
C ILE F 118 -72.82 0.06 11.37
N ALA F 119 -72.14 -1.09 11.27
CA ALA F 119 -71.77 -1.72 9.99
C ALA F 119 -71.34 -3.14 10.30
N ASP F 120 -71.15 -3.97 9.29
CA ASP F 120 -70.72 -5.34 9.55
C ASP F 120 -69.28 -5.68 9.16
N THR F 121 -68.64 -4.80 8.40
CA THR F 121 -67.25 -4.98 7.98
C THR F 121 -66.56 -3.63 7.73
N VAL F 122 -65.27 -3.55 8.07
CA VAL F 122 -64.46 -2.33 7.85
C VAL F 122 -63.49 -2.59 6.72
N LEU F 123 -63.31 -1.63 5.84
CA LEU F 123 -62.39 -1.80 4.73
C LEU F 123 -61.16 -0.90 4.82
N PHE F 124 -59.99 -1.53 4.78
CA PHE F 124 -58.72 -0.82 4.85
C PHE F 124 -57.86 -1.02 3.62
N GLY F 125 -57.41 0.09 3.08
CA GLY F 125 -56.53 0.05 1.91
C GLY F 125 -55.33 0.92 2.20
N PRO F 126 -54.33 0.40 2.95
CA PRO F 126 -53.14 1.17 3.27
C PRO F 126 -52.15 1.17 2.11
N GLU F 127 -51.35 2.23 2.00
CA GLU F 127 -50.39 2.36 0.92
C GLU F 127 -48.99 2.56 1.48
N PRO F 128 -48.38 1.49 1.98
CA PRO F 128 -47.05 1.66 2.54
C PRO F 128 -46.00 1.85 1.45
N GLU F 129 -45.12 2.82 1.69
CA GLU F 129 -44.01 3.14 0.80
C GLU F 129 -42.74 2.64 1.51
N PHE F 130 -41.66 2.48 0.76
CA PHE F 130 -40.43 2.03 1.38
C PHE F 130 -39.20 2.42 0.59
N PHE F 131 -38.02 2.21 1.17
CA PHE F 131 -36.75 2.51 0.52
C PHE F 131 -35.93 1.27 0.33
N LEU F 132 -35.20 1.23 -0.80
CA LEU F 132 -34.30 0.12 -1.10
C LEU F 132 -32.87 0.66 -1.22
N PHE F 133 -31.99 0.27 -0.31
CA PHE F 133 -30.61 0.74 -0.33
C PHE F 133 -29.66 -0.39 -0.58
N ASP F 134 -28.37 -0.04 -0.72
CA ASP F 134 -27.31 -1.01 -0.94
C ASP F 134 -26.50 -1.16 0.35
N ASP F 135 -26.36 -0.07 1.09
CA ASP F 135 -25.55 -0.04 2.31
C ASP F 135 -26.20 0.86 3.34
N ILE F 136 -26.29 0.38 4.56
CA ILE F 136 -26.83 1.16 5.66
C ILE F 136 -25.93 0.88 6.84
N ARG F 137 -25.35 1.94 7.40
CA ARG F 137 -24.41 1.86 8.51
C ARG F 137 -24.80 2.85 9.56
N PHE F 138 -24.73 2.47 10.82
CA PHE F 138 -25.03 3.41 11.88
C PHE F 138 -24.51 2.89 13.20
N GLY F 139 -24.43 3.80 14.16
CA GLY F 139 -23.96 3.43 15.47
C GLY F 139 -24.00 4.61 16.40
N ALA F 140 -23.81 4.36 17.68
CA ALA F 140 -23.81 5.40 18.69
C ALA F 140 -23.13 4.84 19.91
N SER F 141 -22.16 5.58 20.40
CA SER F 141 -21.42 5.19 21.58
C SER F 141 -21.10 6.48 22.30
N ILE F 142 -20.35 6.38 23.38
CA ILE F 142 -20.04 7.57 24.14
C ILE F 142 -19.32 8.64 23.34
N SER F 143 -18.44 8.23 22.44
CA SER F 143 -17.67 9.21 21.69
C SER F 143 -18.30 9.74 20.41
N GLY F 144 -19.54 9.37 20.14
CA GLY F 144 -20.19 9.90 18.97
C GLY F 144 -21.31 9.04 18.44
N SER F 145 -21.71 9.29 17.23
CA SER F 145 -22.77 8.53 16.58
C SER F 145 -22.82 8.88 15.12
N HIS F 146 -23.46 8.06 14.33
CA HIS F 146 -23.55 8.34 12.91
C HIS F 146 -24.52 7.46 12.19
N VAL F 147 -24.85 7.86 10.96
CA VAL F 147 -25.68 7.08 10.07
C VAL F 147 -25.25 7.44 8.67
N ALA F 148 -25.02 6.40 7.92
CA ALA F 148 -24.60 6.57 6.54
C ALA F 148 -25.45 5.75 5.61
N ILE F 149 -26.07 6.36 4.62
CA ILE F 149 -26.94 5.63 3.69
C ILE F 149 -26.29 5.56 2.35
N ASP F 150 -26.48 4.47 1.64
CA ASP F 150 -25.91 4.43 0.31
C ASP F 150 -26.71 3.55 -0.62
N ASP F 151 -26.88 4.04 -1.84
CA ASP F 151 -27.58 3.30 -2.87
C ASP F 151 -27.09 3.74 -4.22
N ILE F 152 -27.13 2.82 -5.16
CA ILE F 152 -26.67 3.12 -6.49
C ILE F 152 -27.47 4.24 -7.15
N GLU F 153 -28.69 4.47 -6.66
CA GLU F 153 -29.54 5.52 -7.21
C GLU F 153 -29.33 6.85 -6.54
N GLY F 154 -28.72 6.87 -5.38
CA GLY F 154 -28.52 8.12 -4.69
C GLY F 154 -27.91 9.19 -5.56
N ALA F 155 -28.52 10.36 -5.59
CA ALA F 155 -28.00 11.43 -6.42
C ALA F 155 -26.56 11.78 -6.10
N TRP F 156 -26.18 11.60 -4.83
CA TRP F 156 -24.82 11.92 -4.39
C TRP F 156 -23.76 11.09 -5.09
N ASN F 157 -24.15 9.95 -5.64
CA ASN F 157 -23.20 9.08 -6.33
C ASN F 157 -22.92 9.51 -7.75
N SER F 158 -23.42 10.67 -8.14
CA SER F 158 -23.16 11.16 -9.50
C SER F 158 -21.65 11.35 -9.67
N SER F 159 -20.95 11.54 -8.56
CA SER F 159 -19.51 11.76 -8.57
C SER F 159 -18.65 10.58 -8.14
N THR F 160 -19.28 9.50 -7.71
CA THR F 160 -18.57 8.32 -7.23
C THR F 160 -17.85 7.50 -8.27
N LYS F 161 -16.63 7.07 -7.95
CA LYS F 161 -15.86 6.24 -8.87
C LYS F 161 -16.29 4.80 -8.63
N TYR F 162 -16.63 4.10 -9.70
CA TYR F 162 -17.04 2.71 -9.61
C TYR F 162 -16.05 1.84 -10.36
N GLU F 163 -15.91 0.60 -9.90
CA GLU F 163 -15.01 -0.39 -10.48
C GLU F 163 -15.16 -0.45 -12.00
N GLY F 164 -16.37 -0.71 -12.47
CA GLY F 164 -16.59 -0.80 -13.90
C GLY F 164 -17.09 0.47 -14.56
N GLY F 165 -16.84 1.60 -13.91
CA GLY F 165 -17.29 2.89 -14.43
C GLY F 165 -18.65 3.29 -13.88
N ASN F 166 -18.84 4.59 -13.69
CA ASN F 166 -20.10 5.14 -13.20
C ASN F 166 -21.00 5.29 -14.43
N LYS F 167 -22.13 4.59 -14.45
CA LYS F 167 -23.04 4.60 -15.61
C LYS F 167 -24.06 5.74 -15.58
N GLY F 168 -23.93 6.46 -14.53
CA GLY F 168 -24.68 7.61 -14.14
C GLY F 168 -26.03 7.93 -14.76
N HIS F 169 -27.11 7.18 -14.47
CA HIS F 169 -28.48 7.63 -14.78
C HIS F 169 -29.24 7.48 -13.51
N ARG F 170 -29.22 8.53 -12.72
CA ARG F 170 -29.82 8.47 -11.41
C ARG F 170 -30.92 9.49 -11.20
N PRO F 171 -31.88 9.14 -10.35
CA PRO F 171 -32.99 10.01 -10.03
C PRO F 171 -32.42 11.11 -9.15
N GLY F 172 -32.65 12.36 -9.51
CA GLY F 172 -32.17 13.45 -8.69
C GLY F 172 -33.00 13.57 -7.42
N VAL F 173 -32.67 14.52 -6.56
CA VAL F 173 -33.42 14.70 -5.32
C VAL F 173 -34.87 15.05 -5.68
N LYS F 174 -35.82 14.35 -5.07
CA LYS F 174 -37.26 14.52 -5.33
C LYS F 174 -37.58 14.27 -6.81
N GLY F 175 -36.69 13.58 -7.53
CA GLY F 175 -36.92 13.36 -8.96
C GLY F 175 -37.17 11.87 -9.33
N GLY F 176 -37.69 11.09 -8.40
CA GLY F 176 -37.93 9.69 -8.66
C GLY F 176 -39.27 9.39 -9.29
N TYR F 177 -40.19 10.36 -9.32
CA TYR F 177 -41.52 10.05 -9.88
C TYR F 177 -41.53 9.82 -11.40
N PHE F 178 -41.24 8.53 -11.69
CA PHE F 178 -41.45 7.74 -12.93
C PHE F 178 -40.42 7.78 -14.07
N PRO F 179 -39.25 8.42 -13.99
CA PRO F 179 -38.35 8.20 -15.10
C PRO F 179 -38.21 6.74 -15.46
N VAL F 180 -38.37 6.39 -16.72
CA VAL F 180 -38.21 4.97 -17.08
C VAL F 180 -36.77 4.51 -16.89
N PRO F 181 -36.56 3.19 -16.82
CA PRO F 181 -35.19 2.68 -16.68
C PRO F 181 -34.37 3.22 -17.84
N PRO F 182 -33.05 3.28 -17.67
CA PRO F 182 -32.30 2.92 -16.47
C PRO F 182 -32.31 3.86 -15.29
N VAL F 183 -32.94 5.03 -15.40
CA VAL F 183 -32.96 5.94 -14.25
C VAL F 183 -33.60 5.20 -13.10
N ASP F 184 -34.70 4.51 -13.38
CA ASP F 184 -35.40 3.71 -12.38
C ASP F 184 -34.70 2.36 -12.44
N SER F 185 -33.98 2.01 -11.39
CA SER F 185 -33.24 0.76 -11.37
C SER F 185 -33.97 -0.39 -10.75
N ALA F 186 -35.21 -0.17 -10.32
CA ALA F 186 -35.93 -1.21 -9.60
C ALA F 186 -37.15 -1.87 -10.23
N GLN F 187 -37.23 -1.89 -11.55
CA GLN F 187 -38.37 -2.50 -12.18
C GLN F 187 -38.44 -3.99 -11.89
N ASP F 188 -37.38 -4.72 -12.21
CA ASP F 188 -37.38 -6.17 -12.00
C ASP F 188 -37.67 -6.53 -10.54
N ILE F 189 -37.09 -5.77 -9.61
CA ILE F 189 -37.31 -6.10 -8.21
C ILE F 189 -38.74 -5.80 -7.76
N ARG F 190 -39.30 -4.67 -8.21
CA ARG F 190 -40.66 -4.37 -7.82
C ARG F 190 -41.60 -5.47 -8.32
N SER F 191 -41.36 -5.98 -9.52
CA SER F 191 -42.23 -7.04 -9.97
C SER F 191 -42.10 -8.35 -9.26
N GLU F 192 -40.88 -8.73 -8.88
CA GLU F 192 -40.70 -9.96 -8.12
C GLU F 192 -41.50 -9.80 -6.84
N MET F 193 -41.41 -8.62 -6.22
CA MET F 193 -42.14 -8.38 -4.99
C MET F 193 -43.63 -8.58 -5.25
N CYS F 194 -44.10 -8.12 -6.40
CA CYS F 194 -45.50 -8.27 -6.75
C CYS F 194 -45.88 -9.74 -6.91
N LEU F 195 -45.13 -10.44 -7.74
CA LEU F 195 -45.42 -11.84 -7.96
C LEU F 195 -45.43 -12.61 -6.66
N VAL F 196 -44.43 -12.37 -5.82
CA VAL F 196 -44.34 -13.08 -4.56
C VAL F 196 -45.47 -12.70 -3.63
N MET F 197 -45.81 -11.42 -3.61
CA MET F 197 -46.91 -10.97 -2.76
C MET F 197 -48.17 -11.71 -3.13
N GLU F 198 -48.40 -11.86 -4.42
CA GLU F 198 -49.59 -12.56 -4.86
C GLU F 198 -49.53 -14.04 -4.57
N GLN F 199 -48.35 -14.64 -4.65
CA GLN F 199 -48.23 -16.05 -4.34
C GLN F 199 -48.59 -16.22 -2.86
N MET F 200 -48.52 -15.12 -2.11
CA MET F 200 -48.83 -15.18 -0.70
C MET F 200 -50.21 -14.66 -0.35
N GLY F 201 -51.07 -14.52 -1.37
CA GLY F 201 -52.43 -14.10 -1.13
C GLY F 201 -52.81 -12.65 -1.26
N LEU F 202 -51.84 -11.80 -1.53
CA LEU F 202 -52.15 -10.40 -1.68
C LEU F 202 -52.56 -10.19 -3.12
N VAL F 203 -53.24 -9.08 -3.37
CA VAL F 203 -53.66 -8.74 -4.73
C VAL F 203 -53.05 -7.40 -5.02
N VAL F 204 -52.21 -7.39 -6.04
CA VAL F 204 -51.48 -6.18 -6.40
C VAL F 204 -52.20 -5.35 -7.43
N GLU F 205 -52.22 -4.04 -7.19
CA GLU F 205 -52.87 -3.12 -8.12
C GLU F 205 -51.86 -2.37 -8.97
N ALA F 206 -50.71 -2.06 -8.40
CA ALA F 206 -49.69 -1.34 -9.15
C ALA F 206 -48.36 -1.27 -8.42
N HIS F 207 -47.32 -0.92 -9.16
CA HIS F 207 -46.02 -0.72 -8.56
C HIS F 207 -45.28 0.35 -9.34
N HIS F 208 -44.54 1.14 -8.58
CA HIS F 208 -43.83 2.24 -9.20
C HIS F 208 -42.75 2.79 -8.29
N HIS F 209 -41.84 3.52 -8.87
CA HIS F 209 -40.79 4.18 -8.12
C HIS F 209 -41.46 5.35 -7.42
N GLU F 210 -40.99 5.73 -6.23
CA GLU F 210 -41.61 6.87 -5.57
C GLU F 210 -40.77 8.12 -5.81
N VAL F 211 -41.06 9.20 -5.08
CA VAL F 211 -40.41 10.48 -5.31
C VAL F 211 -38.93 10.60 -4.98
N ALA F 212 -38.53 10.10 -3.84
CA ALA F 212 -37.15 10.29 -3.39
C ALA F 212 -36.08 9.60 -4.22
N THR F 213 -34.90 10.21 -4.24
CA THR F 213 -33.75 9.63 -4.91
C THR F 213 -33.35 8.44 -4.02
N ALA F 214 -32.39 7.67 -4.45
CA ALA F 214 -31.90 6.60 -3.60
C ALA F 214 -32.89 5.47 -3.29
N GLY F 215 -33.75 5.09 -4.23
CA GLY F 215 -34.59 3.92 -4.06
C GLY F 215 -35.92 3.97 -3.30
N GLN F 216 -36.64 5.07 -3.35
CA GLN F 216 -37.95 5.00 -2.72
C GLN F 216 -38.85 4.29 -3.69
N ASN F 217 -39.64 3.33 -3.22
CA ASN F 217 -40.50 2.56 -4.11
C ASN F 217 -41.83 2.27 -3.44
N GLU F 218 -42.79 1.79 -4.23
CA GLU F 218 -44.10 1.44 -3.69
C GLU F 218 -44.81 0.35 -4.46
N VAL F 219 -45.41 -0.58 -3.72
CA VAL F 219 -46.24 -1.66 -4.27
C VAL F 219 -47.62 -1.43 -3.69
N ALA F 220 -48.57 -1.15 -4.57
CA ALA F 220 -49.95 -0.91 -4.14
C ALA F 220 -50.74 -2.19 -4.20
N THR F 221 -51.36 -2.52 -3.07
CA THR F 221 -52.17 -3.73 -2.99
C THR F 221 -53.65 -3.40 -2.74
N ARG F 222 -54.54 -4.31 -3.14
CA ARG F 222 -55.97 -4.15 -2.94
C ARG F 222 -56.32 -4.22 -1.48
N PHE F 223 -57.33 -3.42 -1.12
CA PHE F 223 -57.80 -3.33 0.25
C PHE F 223 -58.33 -4.69 0.66
N ASN F 224 -58.77 -4.81 1.90
CA ASN F 224 -59.32 -6.03 2.46
C ASN F 224 -59.93 -5.65 3.81
N THR F 225 -60.59 -6.60 4.47
CA THR F 225 -61.19 -6.28 5.75
C THR F 225 -60.05 -5.99 6.71
N MET F 226 -60.31 -5.08 7.65
CA MET F 226 -59.28 -4.60 8.58
C MET F 226 -58.25 -5.63 9.07
N THR F 227 -58.67 -6.62 9.88
CA THR F 227 -57.66 -7.56 10.39
C THR F 227 -56.91 -8.34 9.29
N LYS F 228 -57.59 -8.73 8.23
CA LYS F 228 -56.92 -9.47 7.18
C LYS F 228 -55.90 -8.54 6.48
N LYS F 229 -56.17 -7.25 6.46
CA LYS F 229 -55.27 -6.31 5.81
C LYS F 229 -54.00 -6.10 6.61
N ALA F 230 -54.13 -6.04 7.94
CA ALA F 230 -52.98 -5.88 8.80
C ALA F 230 -52.10 -7.12 8.62
N ASP F 231 -52.74 -8.27 8.44
CA ASP F 231 -52.00 -9.51 8.21
C ASP F 231 -51.24 -9.27 6.90
N GLU F 232 -51.95 -8.78 5.89
CA GLU F 232 -51.33 -8.51 4.60
C GLU F 232 -50.16 -7.54 4.69
N ILE F 233 -50.25 -6.55 5.58
CA ILE F 233 -49.17 -5.60 5.75
C ILE F 233 -47.92 -6.31 6.21
N GLN F 234 -48.09 -7.19 7.20
CA GLN F 234 -46.98 -7.96 7.74
C GLN F 234 -46.31 -8.82 6.65
N ILE F 235 -47.13 -9.42 5.81
CA ILE F 235 -46.65 -10.26 4.71
C ILE F 235 -45.96 -9.36 3.70
N TYR F 236 -46.59 -8.25 3.46
CA TYR F 236 -46.08 -7.27 2.54
C TYR F 236 -44.65 -6.88 2.94
N LYS F 237 -44.50 -6.49 4.19
CA LYS F 237 -43.19 -6.09 4.69
C LYS F 237 -42.20 -7.25 4.57
N TYR F 238 -42.68 -8.43 4.91
CA TYR F 238 -41.85 -9.61 4.86
C TYR F 238 -41.34 -9.83 3.44
N VAL F 239 -42.24 -9.74 2.48
CA VAL F 239 -41.83 -9.95 1.10
C VAL F 239 -40.85 -8.87 0.67
N VAL F 240 -41.16 -7.63 0.97
CA VAL F 240 -40.29 -6.53 0.61
C VAL F 240 -38.89 -6.73 1.20
N HIS F 241 -38.83 -6.97 2.50
CA HIS F 241 -37.56 -7.16 3.18
C HIS F 241 -36.75 -8.29 2.62
N ASN F 242 -37.41 -9.42 2.38
CA ASN F 242 -36.70 -10.58 1.87
C ASN F 242 -36.37 -10.60 0.40
N VAL F 243 -37.22 -10.01 -0.43
CA VAL F 243 -36.88 -9.98 -1.85
C VAL F 243 -35.69 -9.03 -1.98
N ALA F 244 -35.73 -7.94 -1.24
CA ALA F 244 -34.63 -6.98 -1.28
C ALA F 244 -33.33 -7.70 -0.89
N HIS F 245 -33.38 -8.43 0.21
CA HIS F 245 -32.21 -9.16 0.71
C HIS F 245 -31.70 -10.10 -0.36
N ARG F 246 -32.61 -10.82 -1.02
CA ARG F 246 -32.20 -11.75 -2.06
C ARG F 246 -31.60 -11.05 -3.28
N PHE F 247 -31.95 -9.78 -3.48
CA PHE F 247 -31.41 -9.04 -4.62
C PHE F 247 -30.17 -8.26 -4.25
N GLY F 248 -29.68 -8.44 -3.04
CA GLY F 248 -28.50 -7.71 -2.64
C GLY F 248 -28.80 -6.32 -2.15
N LYS F 249 -30.05 -6.06 -1.76
CA LYS F 249 -30.39 -4.76 -1.24
C LYS F 249 -30.84 -4.90 0.21
N THR F 250 -31.30 -3.79 0.78
CA THR F 250 -31.78 -3.79 2.14
C THR F 250 -32.91 -2.78 2.14
N ALA F 251 -34.08 -3.20 2.57
CA ALA F 251 -35.23 -2.30 2.58
C ALA F 251 -35.58 -1.79 3.94
N THR F 252 -36.10 -0.58 3.99
CA THR F 252 -36.56 -0.04 5.26
C THR F 252 -37.91 0.68 5.14
N PHE F 253 -38.73 0.50 6.16
CA PHE F 253 -40.02 1.16 6.20
C PHE F 253 -39.97 2.34 7.14
N MET F 254 -38.78 2.78 7.52
CA MET F 254 -38.64 3.95 8.40
C MET F 254 -39.33 5.09 7.69
N PRO F 255 -39.98 5.98 8.45
CA PRO F 255 -40.66 7.07 7.77
C PRO F 255 -39.82 8.18 7.15
N LYS F 256 -38.70 8.55 7.77
CA LYS F 256 -37.86 9.62 7.20
C LYS F 256 -36.38 9.28 7.33
N PRO F 257 -35.84 8.49 6.40
CA PRO F 257 -34.42 8.16 6.53
C PRO F 257 -33.51 9.29 6.09
N MET F 258 -34.03 10.19 5.26
CA MET F 258 -33.21 11.29 4.77
C MET F 258 -33.82 12.67 4.91
N PHE F 259 -32.99 13.58 5.38
CA PHE F 259 -33.45 14.95 5.47
C PHE F 259 -33.30 15.55 4.06
N GLY F 260 -34.31 16.22 3.54
CA GLY F 260 -34.12 16.82 2.22
C GLY F 260 -34.84 16.13 1.08
N ASP F 261 -35.40 14.98 1.35
CA ASP F 261 -36.15 14.28 0.33
C ASP F 261 -37.31 13.61 1.02
N ASN F 262 -38.24 13.14 0.20
CA ASN F 262 -39.44 12.47 0.66
C ASN F 262 -39.28 11.47 1.77
N GLY F 263 -40.30 11.40 2.62
CA GLY F 263 -40.30 10.40 3.66
C GLY F 263 -41.20 9.30 3.11
N SER F 264 -41.47 8.27 3.88
CA SER F 264 -42.34 7.22 3.42
C SER F 264 -43.60 7.27 4.27
N GLY F 265 -44.74 7.31 3.62
CA GLY F 265 -45.99 7.36 4.35
C GLY F 265 -46.80 6.10 4.12
N MET F 266 -47.88 5.96 4.86
CA MET F 266 -48.77 4.82 4.67
C MET F 266 -50.19 5.33 4.75
N HIS F 267 -50.64 5.96 3.68
CA HIS F 267 -52.00 6.47 3.60
C HIS F 267 -52.96 5.33 3.86
N CYS F 268 -54.05 5.63 4.54
CA CYS F 268 -55.04 4.60 4.80
C CYS F 268 -56.42 4.98 4.28
N HIS F 269 -56.86 4.23 3.28
CA HIS F 269 -58.17 4.41 2.70
C HIS F 269 -59.10 3.56 3.54
N MET F 270 -60.23 4.13 3.93
CA MET F 270 -61.20 3.41 4.74
C MET F 270 -62.64 3.66 4.30
N SER F 271 -63.51 2.71 4.64
CA SER F 271 -64.94 2.80 4.34
C SER F 271 -65.61 1.69 5.13
N LEU F 272 -66.90 1.86 5.40
CA LEU F 272 -67.65 0.85 6.14
C LEU F 272 -68.71 0.23 5.25
N ALA F 273 -69.18 -0.94 5.64
CA ALA F 273 -70.20 -1.60 4.85
C ALA F 273 -71.14 -2.50 5.67
N LYS F 274 -72.34 -2.68 5.12
CA LYS F 274 -73.35 -3.53 5.72
C LYS F 274 -74.11 -4.20 4.59
N ASN F 275 -74.25 -5.52 4.70
CA ASN F 275 -74.95 -6.34 3.71
C ASN F 275 -74.61 -5.89 2.30
N GLY F 276 -73.31 -5.83 2.02
CA GLY F 276 -72.85 -5.44 0.70
C GLY F 276 -72.99 -4.01 0.21
N THR F 277 -73.61 -3.12 0.99
CA THR F 277 -73.72 -1.73 0.53
C THR F 277 -72.69 -0.85 1.22
N ASN F 278 -72.17 0.13 0.49
CA ASN F 278 -71.16 1.04 1.01
C ASN F 278 -71.76 2.16 1.87
N LEU F 279 -71.72 1.99 3.18
CA LEU F 279 -72.24 2.98 4.11
C LEU F 279 -71.63 4.37 4.03
N PHE F 280 -70.64 4.56 3.16
CA PHE F 280 -69.99 5.86 3.02
C PHE F 280 -70.46 6.70 1.84
N SER F 281 -71.23 6.12 0.92
CA SER F 281 -71.72 6.90 -0.23
C SER F 281 -73.00 7.62 0.18
N GLY F 282 -73.17 8.84 -0.34
CA GLY F 282 -74.35 9.62 0.00
C GLY F 282 -74.51 10.85 -0.88
N ASP F 283 -75.36 11.77 -0.43
CA ASP F 283 -75.64 13.00 -1.17
C ASP F 283 -74.85 14.20 -0.65
N LYS F 284 -74.21 14.03 0.50
CA LYS F 284 -73.41 15.09 1.13
C LYS F 284 -72.12 15.35 0.32
N TYR F 285 -71.22 16.16 0.87
CA TYR F 285 -69.94 16.51 0.21
C TYR F 285 -69.20 15.40 -0.55
N ALA F 286 -68.82 15.71 -1.78
CA ALA F 286 -68.07 14.78 -2.62
C ALA F 286 -68.61 13.35 -2.76
N GLY F 287 -69.90 13.15 -2.50
CA GLY F 287 -70.48 11.82 -2.64
C GLY F 287 -70.50 11.02 -1.35
N LEU F 288 -70.29 11.70 -0.24
CA LEU F 288 -70.25 11.07 1.08
C LEU F 288 -71.56 10.94 1.83
N SER F 289 -71.64 9.96 2.73
CA SER F 289 -72.80 9.74 3.58
C SER F 289 -72.54 10.60 4.81
N GLU F 290 -73.56 10.86 5.63
CA GLU F 290 -73.30 11.66 6.81
C GLU F 290 -72.53 10.83 7.81
N GLN F 291 -72.57 9.51 7.61
CA GLN F 291 -71.86 8.58 8.49
C GLN F 291 -70.35 8.78 8.30
N ALA F 292 -69.95 8.91 7.04
CA ALA F 292 -68.56 9.13 6.67
C ALA F 292 -68.03 10.39 7.35
N LEU F 293 -68.84 11.43 7.33
CA LEU F 293 -68.48 12.70 7.93
C LEU F 293 -68.28 12.58 9.43
N TYR F 294 -69.14 11.81 10.10
CA TYR F 294 -69.00 11.64 11.55
C TYR F 294 -67.72 10.88 11.80
N TYR F 295 -67.44 9.91 10.95
CA TYR F 295 -66.23 9.10 11.04
C TYR F 295 -65.04 10.05 10.97
N ILE F 296 -65.03 10.89 9.94
CA ILE F 296 -63.96 11.86 9.76
C ILE F 296 -63.82 12.72 11.01
N GLY F 297 -64.95 13.14 11.55
CA GLY F 297 -64.93 13.98 12.73
C GLY F 297 -64.26 13.25 13.86
N GLY F 298 -64.53 11.95 13.97
CA GLY F 298 -63.92 11.15 15.01
C GLY F 298 -62.41 11.11 14.87
N VAL F 299 -61.96 10.82 13.65
CA VAL F 299 -60.54 10.75 13.34
C VAL F 299 -59.87 12.08 13.68
N ILE F 300 -60.53 13.16 13.32
CA ILE F 300 -59.97 14.47 13.63
C ILE F 300 -59.95 14.75 15.11
N LYS F 301 -61.00 14.36 15.82
CA LYS F 301 -61.06 14.61 17.25
C LYS F 301 -59.94 13.90 17.98
N HIS F 302 -59.71 12.63 17.61
CA HIS F 302 -58.69 11.81 18.25
C HIS F 302 -57.36 11.65 17.48
N ALA F 303 -57.10 12.54 16.54
CA ALA F 303 -55.88 12.47 15.74
C ALA F 303 -54.61 12.32 16.56
N LYS F 304 -54.36 13.22 17.49
CA LYS F 304 -53.14 13.13 18.29
C LYS F 304 -52.97 11.77 18.99
N ALA F 305 -54.07 11.15 19.41
CA ALA F 305 -53.94 9.87 20.08
C ALA F 305 -53.67 8.80 19.03
N ILE F 306 -54.29 8.92 17.87
CA ILE F 306 -54.08 7.94 16.81
C ILE F 306 -52.62 7.98 16.39
N ASN F 307 -52.03 9.18 16.41
CA ASN F 307 -50.65 9.38 16.05
C ASN F 307 -49.72 8.44 16.79
N ALA F 308 -50.01 8.22 18.07
CA ALA F 308 -49.20 7.35 18.91
C ALA F 308 -49.14 5.93 18.38
N LEU F 309 -50.04 5.60 17.46
CA LEU F 309 -50.07 4.26 16.88
C LEU F 309 -49.76 4.27 15.40
N ALA F 310 -50.13 5.37 14.73
CA ALA F 310 -49.93 5.50 13.30
C ALA F 310 -48.60 6.14 12.94
N ASN F 311 -47.94 6.73 13.93
CA ASN F 311 -46.65 7.42 13.76
C ASN F 311 -46.00 7.17 15.11
N PRO F 312 -45.67 5.91 15.39
CA PRO F 312 -45.06 5.48 16.64
C PRO F 312 -43.58 5.63 16.86
N THR F 313 -42.91 6.42 16.03
CA THR F 313 -41.48 6.59 16.16
C THR F 313 -41.13 8.06 16.19
N THR F 314 -40.02 8.42 16.83
CA THR F 314 -39.61 9.82 16.84
C THR F 314 -39.36 10.23 15.39
N ASN F 315 -38.84 9.29 14.61
CA ASN F 315 -38.53 9.53 13.20
C ASN F 315 -39.78 9.92 12.44
N SER F 316 -40.92 9.38 12.84
CA SER F 316 -42.19 9.67 12.18
C SER F 316 -42.44 11.16 12.06
N TYR F 317 -42.00 11.90 13.10
CA TYR F 317 -42.23 13.34 13.18
C TYR F 317 -41.20 14.09 12.36
N LYS F 318 -40.32 13.42 11.70
CA LYS F 318 -39.39 14.15 10.86
C LYS F 318 -39.97 14.23 9.46
N ARG F 319 -41.05 13.47 9.25
CA ARG F 319 -41.82 13.44 8.01
C ARG F 319 -42.99 14.44 8.13
N LEU F 320 -43.57 14.46 9.32
CA LEU F 320 -44.69 15.33 9.64
C LEU F 320 -44.14 16.65 10.19
N VAL F 321 -43.67 17.48 9.29
CA VAL F 321 -43.14 18.77 9.68
C VAL F 321 -43.71 19.80 8.75
N PRO F 322 -43.84 21.04 9.29
CA PRO F 322 -44.36 22.10 8.44
C PRO F 322 -43.69 22.14 7.10
N GLY F 323 -44.22 21.35 6.16
CA GLY F 323 -43.73 21.32 4.80
C GLY F 323 -44.91 21.59 3.92
N TYR F 324 -44.74 21.61 2.61
CA TYR F 324 -45.90 21.93 1.76
C TYR F 324 -46.91 20.79 1.67
N GLU F 325 -46.40 19.63 1.28
CA GLU F 325 -47.21 18.44 1.10
C GLU F 325 -47.38 17.64 2.39
N ALA F 326 -46.84 18.16 3.49
CA ALA F 326 -46.96 17.50 4.78
C ALA F 326 -48.43 17.34 5.15
N PRO F 327 -48.90 16.09 5.26
CA PRO F 327 -50.26 15.71 5.61
C PRO F 327 -50.52 16.00 7.07
N VAL F 328 -50.25 17.24 7.49
CA VAL F 328 -50.44 17.58 8.90
C VAL F 328 -51.66 18.38 9.33
N MET F 329 -52.38 18.96 8.38
CA MET F 329 -53.56 19.76 8.72
C MET F 329 -54.75 18.85 8.92
N LEU F 330 -55.31 18.87 10.13
CA LEU F 330 -56.47 18.06 10.48
C LEU F 330 -57.76 18.56 9.81
N ALA F 331 -57.91 18.22 8.54
CA ALA F 331 -59.06 18.64 7.77
C ALA F 331 -59.30 17.71 6.59
N TYR F 332 -60.43 17.87 5.92
CA TYR F 332 -60.72 17.04 4.77
C TYR F 332 -60.94 17.90 3.54
N SER F 333 -60.76 17.28 2.38
CA SER F 333 -60.92 17.94 1.09
C SER F 333 -60.73 16.90 0.02
N ALA F 334 -61.22 17.19 -1.17
CA ALA F 334 -61.10 16.28 -2.29
C ALA F 334 -59.97 16.73 -3.18
N ARG F 335 -59.38 17.86 -2.85
CA ARG F 335 -58.30 18.40 -3.64
C ARG F 335 -57.09 18.83 -2.83
N ASN F 336 -57.29 19.80 -1.94
CA ASN F 336 -56.22 20.32 -1.09
C ASN F 336 -55.34 19.23 -0.47
N ARG F 337 -54.17 18.97 -1.07
CA ARG F 337 -53.28 17.96 -0.54
C ARG F 337 -52.38 18.51 0.57
N SER F 338 -53.02 19.30 1.44
CA SER F 338 -52.40 19.89 2.62
C SER F 338 -53.15 19.20 3.74
N ALA F 339 -54.37 18.81 3.40
CA ALA F 339 -55.31 18.12 4.26
C ALA F 339 -54.87 16.69 4.49
N SER F 340 -54.82 16.30 5.77
CA SER F 340 -54.44 14.95 6.14
C SER F 340 -55.53 13.94 5.81
N ILE F 341 -56.69 14.43 5.39
CA ILE F 341 -57.79 13.56 5.00
C ILE F 341 -58.26 13.94 3.60
N ARG F 342 -57.90 13.10 2.60
CA ARG F 342 -58.34 13.34 1.23
C ARG F 342 -59.59 12.55 0.95
N ILE F 343 -60.41 13.12 0.10
CA ILE F 343 -61.60 12.41 -0.34
C ILE F 343 -61.40 12.12 -1.80
N PRO F 344 -61.15 10.85 -2.13
CA PRO F 344 -60.92 10.40 -3.49
C PRO F 344 -62.17 10.72 -4.28
N VAL F 345 -62.00 11.28 -5.47
CA VAL F 345 -63.16 11.56 -6.30
C VAL F 345 -63.23 10.39 -7.23
N VAL F 346 -64.29 9.60 -7.08
CA VAL F 346 -64.49 8.42 -7.89
C VAL F 346 -65.95 8.37 -8.37
N ALA F 347 -66.20 7.71 -9.49
CA ALA F 347 -67.54 7.62 -10.06
C ALA F 347 -68.49 6.69 -9.32
N SER F 348 -68.17 5.40 -9.33
CA SER F 348 -69.01 4.41 -8.65
C SER F 348 -69.16 4.70 -7.17
N PRO F 349 -70.40 4.87 -6.71
CA PRO F 349 -70.60 5.15 -5.28
C PRO F 349 -70.17 3.94 -4.45
N LYS F 350 -70.00 2.80 -5.10
CA LYS F 350 -69.56 1.58 -4.43
C LYS F 350 -68.13 1.70 -3.92
N ALA F 351 -67.39 2.65 -4.50
CA ALA F 351 -66.00 2.89 -4.15
C ALA F 351 -65.74 4.17 -3.35
N ARG F 352 -66.78 4.79 -2.81
CA ARG F 352 -66.65 6.01 -2.03
C ARG F 352 -65.94 5.66 -0.70
N ARG F 353 -64.98 6.48 -0.29
CA ARG F 353 -64.21 6.23 0.93
C ARG F 353 -63.39 7.46 1.35
N ILE F 354 -62.69 7.38 2.47
CA ILE F 354 -61.82 8.47 2.90
C ILE F 354 -60.38 8.01 2.96
N GLU F 355 -59.44 8.93 2.77
CA GLU F 355 -58.02 8.61 2.83
C GLU F 355 -57.33 9.39 3.92
N VAL F 356 -56.99 8.73 5.02
CA VAL F 356 -56.26 9.39 6.10
C VAL F 356 -54.78 9.28 5.74
N ARG F 357 -54.17 10.40 5.47
CA ARG F 357 -52.81 10.46 4.99
C ARG F 357 -51.63 10.47 5.97
N PHE F 358 -51.84 10.72 7.27
CA PHE F 358 -50.65 10.88 8.14
C PHE F 358 -49.94 9.61 8.64
N PRO F 359 -50.62 8.50 8.68
CA PRO F 359 -49.92 7.24 9.06
C PRO F 359 -48.60 6.96 8.36
N ASP F 360 -47.66 6.25 8.96
CA ASP F 360 -46.44 5.88 8.25
C ASP F 360 -46.26 4.37 8.39
N PRO F 361 -45.43 3.76 7.57
CA PRO F 361 -45.23 2.31 7.64
C PRO F 361 -44.66 1.73 8.90
N ALA F 362 -44.19 2.57 9.82
CA ALA F 362 -43.63 2.06 11.07
C ALA F 362 -44.75 1.62 12.00
N ALA F 363 -45.94 2.06 11.69
CA ALA F 363 -47.09 1.76 12.53
C ALA F 363 -47.43 0.29 12.61
N ASN F 364 -47.80 -0.15 13.80
CA ASN F 364 -48.29 -1.50 14.03
C ASN F 364 -49.59 -1.62 13.20
N PRO F 365 -49.69 -2.58 12.26
CA PRO F 365 -50.94 -2.64 11.46
C PRO F 365 -52.19 -2.60 12.29
N TYR F 366 -52.19 -3.63 13.08
CA TYR F 366 -53.27 -3.90 13.98
C TYR F 366 -53.70 -2.72 14.82
N LEU F 367 -52.77 -2.23 15.64
CA LEU F 367 -53.13 -1.15 16.51
C LEU F 367 -53.46 0.14 15.77
N CYS F 368 -52.79 0.38 14.65
CA CYS F 368 -53.03 1.60 13.91
C CYS F 368 -54.40 1.57 13.29
N PHE F 369 -54.71 0.48 12.61
CA PHE F 369 -56.02 0.33 12.00
C PHE F 369 -57.12 0.40 13.05
N ALA F 370 -56.95 -0.35 14.12
CA ALA F 370 -57.93 -0.37 15.21
C ALA F 370 -58.23 1.03 15.74
N ALA F 371 -57.17 1.77 16.06
CA ALA F 371 -57.33 3.12 16.59
C ALA F 371 -58.06 4.03 15.59
N LEU F 372 -57.81 3.80 14.31
CA LEU F 372 -58.47 4.59 13.29
C LEU F 372 -59.98 4.31 13.32
N LEU F 373 -60.33 3.03 13.46
CA LEU F 373 -61.73 2.60 13.51
C LEU F 373 -62.44 3.15 14.70
N MET F 374 -61.93 2.84 15.88
CA MET F 374 -62.51 3.31 17.14
C MET F 374 -62.74 4.80 17.16
N ALA F 375 -61.82 5.56 16.57
CA ALA F 375 -61.98 7.01 16.52
C ALA F 375 -63.15 7.34 15.60
N GLY F 376 -63.25 6.59 14.50
CA GLY F 376 -64.32 6.79 13.54
C GLY F 376 -65.68 6.50 14.15
N LEU F 377 -65.78 5.38 14.85
CA LEU F 377 -67.01 4.95 15.51
C LEU F 377 -67.44 5.95 16.56
N ASP F 378 -66.50 6.42 17.35
CA ASP F 378 -66.82 7.39 18.37
C ASP F 378 -67.28 8.68 17.70
N GLY F 379 -66.88 8.87 16.45
CA GLY F 379 -67.27 10.07 15.72
C GLY F 379 -68.72 9.93 15.31
N ILE F 380 -69.10 8.69 15.04
CA ILE F 380 -70.46 8.36 14.64
C ILE F 380 -71.39 8.35 15.85
N LYS F 381 -71.12 7.46 16.80
CA LYS F 381 -71.92 7.35 18.01
C LYS F 381 -72.24 8.72 18.56
N ASN F 382 -71.27 9.63 18.52
CA ASN F 382 -71.48 10.97 19.06
C ASN F 382 -71.70 12.06 17.99
N LYS F 383 -72.09 11.64 16.80
CA LYS F 383 -72.38 12.55 15.68
C LYS F 383 -71.48 13.78 15.64
N ILE F 384 -70.18 13.53 15.69
CA ILE F 384 -69.19 14.59 15.70
C ILE F 384 -69.05 15.19 14.31
N HIS F 385 -69.57 16.39 14.14
CA HIS F 385 -69.47 17.01 12.84
C HIS F 385 -68.09 17.61 12.63
N PRO F 386 -67.60 17.22 11.46
CA PRO F 386 -66.35 17.65 10.75
C PRO F 386 -66.06 19.14 10.57
N GLY F 387 -67.14 19.87 10.42
CA GLY F 387 -67.06 21.27 10.14
C GLY F 387 -66.99 21.29 8.61
N GLU F 388 -66.56 22.40 8.04
CA GLU F 388 -66.46 22.52 6.60
C GLU F 388 -65.08 22.12 6.07
N PRO F 389 -65.03 21.64 4.80
CA PRO F 389 -63.80 21.18 4.14
C PRO F 389 -62.84 22.32 3.86
N MET F 390 -61.53 22.07 4.02
CA MET F 390 -60.51 23.08 3.72
C MET F 390 -60.11 22.91 2.26
N ASP F 391 -60.33 23.95 1.46
CA ASP F 391 -59.99 23.89 0.05
C ASP F 391 -59.02 25.03 -0.30
N LYS F 392 -58.58 25.77 0.72
CA LYS F 392 -57.66 26.90 0.56
C LYS F 392 -56.20 26.49 0.28
N ASN F 393 -55.39 26.41 1.35
CA ASN F 393 -53.98 26.03 1.22
C ASN F 393 -53.42 25.43 2.52
N LEU F 394 -52.12 25.05 2.49
CA LEU F 394 -51.48 24.25 3.54
C LEU F 394 -51.03 25.10 4.75
N TYR F 395 -49.82 24.82 5.13
CA TYR F 395 -49.28 25.51 6.30
C TYR F 395 -48.54 26.77 5.97
N ASP F 396 -48.20 27.01 4.76
CA ASP F 396 -47.43 28.23 4.64
C ASP F 396 -48.35 29.15 3.86
N LEU F 397 -48.53 30.36 4.29
CA LEU F 397 -49.44 31.07 3.47
C LEU F 397 -50.44 30.11 2.96
N PRO F 398 -51.46 29.79 3.70
CA PRO F 398 -52.10 30.54 4.73
C PRO F 398 -51.24 31.53 5.56
N PRO F 399 -50.69 31.17 6.79
CA PRO F 399 -50.06 31.95 7.81
C PRO F 399 -50.74 33.31 8.08
N GLU F 400 -52.01 33.45 7.73
CA GLU F 400 -52.88 34.65 7.86
C GLU F 400 -53.29 34.86 9.31
N GLU F 401 -54.15 33.95 9.78
CA GLU F 401 -54.66 33.94 11.15
C GLU F 401 -53.70 33.08 12.01
N ALA F 402 -52.42 33.08 11.60
CA ALA F 402 -51.33 32.29 12.22
C ALA F 402 -51.66 30.82 11.90
N LYS F 403 -52.76 30.65 11.14
CA LYS F 403 -53.34 29.39 10.68
C LYS F 403 -53.35 28.24 11.68
N GLU F 404 -53.67 28.56 12.93
CA GLU F 404 -53.73 27.54 13.96
C GLU F 404 -55.07 26.80 13.95
N ILE F 405 -55.20 25.93 12.94
CA ILE F 405 -56.37 25.06 12.80
C ILE F 405 -55.88 23.72 13.39
N PRO F 406 -56.71 22.71 13.42
CA PRO F 406 -56.23 21.41 13.91
C PRO F 406 -54.90 20.85 13.46
N GLN F 407 -54.05 20.36 14.30
CA GLN F 407 -52.97 19.63 13.63
C GLN F 407 -52.57 18.35 14.33
N VAL F 408 -51.92 17.45 13.59
CA VAL F 408 -51.43 16.18 14.15
C VAL F 408 -50.35 16.49 15.18
N ALA F 409 -50.05 15.51 16.02
CA ALA F 409 -49.03 15.70 17.05
C ALA F 409 -47.71 16.12 16.41
N GLY F 410 -46.92 16.93 17.12
CA GLY F 410 -45.66 17.39 16.55
C GLY F 410 -44.43 16.65 17.04
N SER F 411 -44.65 15.68 17.92
CA SER F 411 -43.57 14.89 18.48
C SER F 411 -44.16 13.62 19.02
N LEU F 412 -43.35 12.60 19.19
CA LEU F 412 -43.85 11.34 19.71
C LEU F 412 -44.41 11.46 21.12
N GLU F 413 -43.70 12.19 21.98
CA GLU F 413 -44.11 12.37 23.36
C GLU F 413 -45.48 12.97 23.45
N GLU F 414 -45.70 13.99 22.63
CA GLU F 414 -46.98 14.67 22.57
C GLU F 414 -48.07 13.69 22.18
N ALA F 415 -47.77 12.84 21.21
CA ALA F 415 -48.72 11.84 20.75
C ALA F 415 -48.99 10.81 21.84
N LEU F 416 -47.94 10.42 22.55
CA LEU F 416 -48.10 9.43 23.60
C LEU F 416 -48.94 10.03 24.70
N ASN F 417 -48.69 11.29 25.02
CA ASN F 417 -49.47 11.95 26.06
C ASN F 417 -50.94 12.05 25.67
N ALA F 418 -51.21 12.34 24.40
CA ALA F 418 -52.57 12.43 23.91
C ALA F 418 -53.24 11.08 24.09
N LEU F 419 -52.53 10.03 23.71
CA LEU F 419 -53.06 8.69 23.82
C LEU F 419 -53.38 8.43 25.28
N ASP F 420 -52.54 8.92 26.19
CA ASP F 420 -52.74 8.70 27.62
C ASP F 420 -54.08 9.27 28.04
N LEU F 421 -54.24 10.57 27.82
CA LEU F 421 -55.43 11.31 28.20
C LEU F 421 -56.69 10.94 27.44
N ASP F 422 -56.56 10.86 26.11
CA ASP F 422 -57.69 10.58 25.24
C ASP F 422 -57.91 9.10 24.95
N ARG F 423 -57.79 8.27 25.97
CA ARG F 423 -57.96 6.82 25.79
C ARG F 423 -59.35 6.23 25.82
N GLU F 424 -60.35 6.98 26.28
CA GLU F 424 -61.68 6.42 26.37
C GLU F 424 -62.21 5.79 25.09
N PHE F 425 -62.14 6.51 23.99
CA PHE F 425 -62.65 5.99 22.72
C PHE F 425 -62.05 4.64 22.31
N LEU F 426 -60.88 4.33 22.86
CA LEU F 426 -60.19 3.07 22.56
C LEU F 426 -60.64 1.95 23.49
N LYS F 427 -60.96 2.31 24.73
CA LYS F 427 -61.41 1.34 25.74
C LYS F 427 -62.84 0.87 25.48
N ALA F 428 -63.57 1.63 24.66
CA ALA F 428 -64.94 1.32 24.28
C ALA F 428 -65.02 -0.13 23.83
N GLY F 429 -66.06 -0.81 24.24
CA GLY F 429 -66.23 -2.19 23.85
C GLY F 429 -65.19 -3.12 24.45
N GLY F 430 -64.36 -2.61 25.35
CA GLY F 430 -63.32 -3.43 25.97
C GLY F 430 -62.23 -3.89 25.01
N VAL F 431 -62.09 -3.16 23.89
CA VAL F 431 -61.11 -3.44 22.84
C VAL F 431 -59.69 -3.22 23.39
N PHE F 432 -59.43 -2.00 23.86
CA PHE F 432 -58.14 -1.67 24.46
C PHE F 432 -58.27 -1.58 25.97
N THR F 433 -57.38 -2.23 26.72
CA THR F 433 -57.43 -2.13 28.17
C THR F 433 -56.42 -1.05 28.59
N ASP F 434 -56.58 -0.51 29.79
CA ASP F 434 -55.67 0.50 30.28
C ASP F 434 -54.25 -0.07 30.33
N GLU F 435 -54.15 -1.30 30.82
CA GLU F 435 -52.86 -1.97 30.93
C GLU F 435 -52.13 -2.05 29.60
N ALA F 436 -52.87 -2.43 28.56
CA ALA F 436 -52.30 -2.52 27.23
C ALA F 436 -51.76 -1.16 26.81
N ILE F 437 -52.62 -0.16 26.91
CA ILE F 437 -52.26 1.19 26.55
C ILE F 437 -51.05 1.71 27.33
N ASP F 438 -51.06 1.50 28.64
CA ASP F 438 -49.97 1.98 29.46
C ASP F 438 -48.64 1.29 29.13
N ALA F 439 -48.74 0.02 28.75
CA ALA F 439 -47.57 -0.78 28.41
C ALA F 439 -46.98 -0.31 27.10
N TYR F 440 -47.85 -0.04 26.14
CA TYR F 440 -47.45 0.46 24.84
C TYR F 440 -46.72 1.77 25.01
N ILE F 441 -47.33 2.67 25.78
CA ILE F 441 -46.76 3.97 26.03
C ILE F 441 -45.39 3.85 26.68
N ALA F 442 -45.25 2.88 27.59
CA ALA F 442 -43.97 2.72 28.27
C ALA F 442 -42.90 2.24 27.32
N LEU F 443 -43.27 1.36 26.38
CA LEU F 443 -42.31 0.85 25.40
C LEU F 443 -41.78 1.98 24.55
N ARG F 444 -42.69 2.83 24.10
CA ARG F 444 -42.31 3.94 23.24
C ARG F 444 -41.59 5.05 23.97
N ARG F 445 -41.84 5.23 25.26
CA ARG F 445 -41.18 6.31 25.97
C ARG F 445 -39.70 6.05 26.15
N GLU F 446 -39.39 4.77 26.20
CA GLU F 446 -38.04 4.26 26.37
C GLU F 446 -37.31 4.59 25.06
N GLU F 447 -38.01 4.42 23.94
CA GLU F 447 -37.45 4.73 22.63
C GLU F 447 -37.29 6.25 22.51
N ASP F 448 -38.35 6.97 22.88
CA ASP F 448 -38.30 8.43 22.81
C ASP F 448 -37.10 8.96 23.62
N ASP F 449 -36.79 8.30 24.72
CA ASP F 449 -35.70 8.73 25.58
C ASP F 449 -34.33 8.62 24.97
N ARG F 450 -34.11 7.56 24.21
CA ARG F 450 -32.82 7.35 23.57
C ARG F 450 -32.54 8.52 22.66
N VAL F 451 -33.54 8.91 21.89
CA VAL F 451 -33.37 10.00 20.96
C VAL F 451 -33.26 11.34 21.68
N ARG F 452 -34.02 11.54 22.75
CA ARG F 452 -33.97 12.81 23.47
C ARG F 452 -32.67 13.00 24.22
N MET F 453 -32.12 11.90 24.72
CA MET F 453 -30.91 11.96 25.51
C MET F 453 -29.57 11.87 24.79
N THR F 454 -29.56 11.37 23.56
CA THR F 454 -28.31 11.22 22.82
C THR F 454 -27.98 12.44 21.97
N PRO F 455 -26.79 13.03 22.16
CA PRO F 455 -26.42 14.21 21.37
C PRO F 455 -26.59 13.93 19.89
N HIS F 456 -27.11 14.92 19.18
CA HIS F 456 -27.35 14.81 17.77
C HIS F 456 -26.22 15.47 16.98
N PRO F 457 -25.76 14.83 15.91
CA PRO F 457 -24.67 15.38 15.09
C PRO F 457 -24.86 16.86 14.77
N VAL F 458 -26.09 17.24 14.45
CA VAL F 458 -26.39 18.63 14.10
C VAL F 458 -26.17 19.59 15.27
N GLU F 459 -26.25 19.07 16.48
CA GLU F 459 -26.04 19.91 17.64
C GLU F 459 -24.61 20.40 17.69
N PHE F 460 -23.70 19.61 17.10
CA PHE F 460 -22.28 20.01 17.06
C PHE F 460 -22.08 21.13 16.05
N GLU F 461 -22.73 20.99 14.92
CA GLU F 461 -22.66 21.98 13.89
C GLU F 461 -23.17 23.29 14.44
N LEU F 462 -24.30 23.22 15.12
CA LEU F 462 -24.99 24.38 15.71
C LEU F 462 -24.33 24.93 16.99
N TYR F 463 -23.83 24.07 17.89
CA TYR F 463 -23.32 24.59 19.14
C TYR F 463 -21.89 24.23 19.55
N TYR F 464 -21.08 23.53 18.76
CA TYR F 464 -19.74 23.20 19.25
C TYR F 464 -18.90 24.46 19.61
N SER F 465 -19.04 25.51 18.80
CA SER F 465 -18.28 26.75 18.98
C SER F 465 -18.97 27.79 19.86
N VAL F 466 -19.95 27.33 20.61
CA VAL F 466 -20.70 28.19 21.48
C VAL F 466 -19.84 28.84 22.55
N GLU G 1 15.23 63.31 -7.48
CA GLU G 1 16.37 63.38 -6.52
C GLU G 1 16.08 62.60 -5.27
N HIS G 2 14.81 62.60 -4.89
CA HIS G 2 14.34 61.88 -3.72
C HIS G 2 14.57 60.39 -3.99
N VAL G 3 14.36 60.02 -5.24
CA VAL G 3 14.55 58.66 -5.67
C VAL G 3 16.03 58.28 -5.56
N LEU G 4 16.90 59.13 -6.09
CA LEU G 4 18.32 58.83 -6.04
C LEU G 4 18.87 58.73 -4.61
N THR G 5 18.17 59.35 -3.66
CA THR G 5 18.62 59.25 -2.27
C THR G 5 18.05 58.01 -1.61
N MET G 6 16.86 57.58 -2.06
CA MET G 6 16.23 56.36 -1.54
C MET G 6 17.08 55.17 -1.97
N LEU G 7 17.74 55.30 -3.12
CA LEU G 7 18.61 54.26 -3.63
C LEU G 7 19.80 54.04 -2.72
N ASN G 8 20.33 55.12 -2.16
CA ASN G 8 21.48 55.03 -1.27
C ASN G 8 21.11 54.68 0.16
N GLU G 9 19.99 55.25 0.58
CA GLU G 9 19.48 55.08 1.94
C GLU G 9 19.10 53.64 2.24
N HIS G 10 18.56 52.96 1.23
CA HIS G 10 18.15 51.57 1.38
C HIS G 10 19.12 50.59 0.68
N GLU G 11 20.24 51.10 0.17
CA GLU G 11 21.25 50.29 -0.52
C GLU G 11 20.56 49.39 -1.55
N VAL G 12 19.75 50.00 -2.38
CA VAL G 12 18.99 49.32 -3.40
C VAL G 12 19.87 48.71 -4.48
N LYS G 13 19.57 47.45 -4.81
CA LYS G 13 20.31 46.74 -5.84
C LYS G 13 19.50 46.70 -7.14
N PHE G 14 18.18 46.77 -7.02
CA PHE G 14 17.32 46.74 -8.21
C PHE G 14 16.15 47.68 -8.17
N VAL G 15 15.64 47.98 -9.35
CA VAL G 15 14.50 48.85 -9.50
C VAL G 15 13.49 48.05 -10.29
N ASP G 16 12.32 47.87 -9.71
CA ASP G 16 11.26 47.09 -10.32
C ASP G 16 10.24 48.05 -10.92
N LEU G 17 10.23 48.11 -12.24
CA LEU G 17 9.35 48.96 -13.00
C LEU G 17 8.00 48.32 -13.16
N ARG G 18 6.95 48.98 -12.67
CA ARG G 18 5.62 48.41 -12.77
C ARG G 18 4.57 49.18 -13.55
N PHE G 19 3.67 48.41 -14.13
CA PHE G 19 2.58 48.97 -14.89
C PHE G 19 1.41 47.98 -14.96
N THR G 20 0.27 48.43 -15.46
CA THR G 20 -0.92 47.61 -15.55
C THR G 20 -1.39 47.40 -16.98
N ASP G 21 -1.89 46.22 -17.28
CA ASP G 21 -2.37 45.96 -18.62
C ASP G 21 -3.85 46.27 -18.70
N THR G 22 -4.42 46.09 -19.86
CA THR G 22 -5.82 46.39 -20.05
C THR G 22 -6.73 45.63 -19.10
N LYS G 23 -6.43 44.35 -18.85
CA LYS G 23 -7.28 43.54 -17.95
C LYS G 23 -7.21 44.02 -16.51
N GLY G 24 -6.13 44.71 -16.17
CA GLY G 24 -6.00 45.24 -14.82
C GLY G 24 -4.91 44.61 -14.00
N LYS G 25 -4.14 43.76 -14.64
CA LYS G 25 -3.08 43.03 -13.98
C LYS G 25 -1.76 43.75 -13.97
N GLU G 26 -1.21 43.95 -12.78
CA GLU G 26 0.07 44.62 -12.62
C GLU G 26 1.16 43.79 -13.29
N GLN G 27 2.05 44.46 -14.02
CA GLN G 27 3.15 43.82 -14.72
C GLN G 27 4.44 44.44 -14.26
N HIS G 28 5.57 43.81 -14.54
CA HIS G 28 6.84 44.36 -14.12
C HIS G 28 8.04 43.86 -14.88
N VAL G 29 9.10 44.62 -14.78
CA VAL G 29 10.38 44.32 -15.39
C VAL G 29 11.39 44.97 -14.45
N THR G 30 12.56 44.36 -14.30
CA THR G 30 13.55 44.84 -13.36
C THR G 30 14.86 45.24 -13.99
N ILE G 31 15.47 46.30 -13.46
CA ILE G 31 16.77 46.76 -13.93
C ILE G 31 17.61 47.02 -12.70
N PRO G 32 18.94 46.82 -12.83
CA PRO G 32 19.86 47.04 -11.71
C PRO G 32 19.78 48.50 -11.34
N ALA G 33 19.99 48.82 -10.07
CA ALA G 33 19.93 50.21 -9.65
C ALA G 33 20.89 51.10 -10.44
N HIS G 34 22.03 50.55 -10.79
CA HIS G 34 23.04 51.30 -11.55
C HIS G 34 22.61 51.73 -12.96
N GLN G 35 21.42 51.31 -13.38
CA GLN G 35 20.90 51.67 -14.69
C GLN G 35 20.02 52.92 -14.58
N VAL G 36 19.84 53.39 -13.36
CA VAL G 36 19.03 54.58 -13.07
C VAL G 36 19.91 55.82 -13.10
N ASN G 37 19.67 56.64 -14.10
CA ASN G 37 20.43 57.87 -14.31
C ASN G 37 19.48 59.00 -14.62
N ALA G 38 20.03 60.15 -14.99
CA ALA G 38 19.23 61.32 -15.33
C ALA G 38 18.34 61.03 -16.53
N GLU G 39 18.89 60.42 -17.55
CA GLU G 39 18.17 60.06 -18.77
C GLU G 39 16.89 59.31 -18.46
N PHE G 40 17.05 58.23 -17.71
CA PHE G 40 15.97 57.38 -17.24
C PHE G 40 14.67 58.12 -16.94
N PHE G 41 14.76 59.19 -16.15
CA PHE G 41 13.56 59.97 -15.81
C PHE G 41 12.97 60.85 -16.88
N GLU G 42 13.81 61.37 -17.77
CA GLU G 42 13.30 62.25 -18.81
C GLU G 42 12.86 61.51 -20.05
N GLU G 43 13.54 60.42 -20.37
CA GLU G 43 13.16 59.66 -21.55
C GLU G 43 12.69 58.21 -21.34
N GLY G 44 12.69 57.76 -20.10
CA GLY G 44 12.26 56.41 -19.78
C GLY G 44 13.08 55.30 -20.42
N LYS G 45 12.50 54.10 -20.49
CA LYS G 45 13.16 52.94 -21.08
C LYS G 45 12.24 52.34 -22.14
N MET G 46 12.84 51.74 -23.17
CA MET G 46 12.09 51.14 -24.27
C MET G 46 11.71 49.69 -24.03
N PHE G 47 10.55 49.31 -24.53
CA PHE G 47 10.10 47.93 -24.41
C PHE G 47 9.12 47.57 -25.52
N ASP G 48 8.98 46.27 -25.73
CA ASP G 48 8.11 45.73 -26.76
C ASP G 48 6.64 45.82 -26.41
N GLY G 49 5.89 46.60 -27.20
CA GLY G 49 4.48 46.74 -26.96
C GLY G 49 3.69 45.49 -27.31
N SER G 50 3.98 44.92 -28.48
CA SER G 50 3.28 43.72 -28.99
C SER G 50 3.12 42.53 -28.03
N SER G 51 3.86 42.54 -26.93
CA SER G 51 3.83 41.45 -25.95
C SER G 51 2.64 41.43 -24.99
N ILE G 52 2.07 42.59 -24.71
CA ILE G 52 0.92 42.74 -23.83
C ILE G 52 -0.38 42.55 -24.61
N GLY G 53 -1.34 41.85 -24.03
CA GLY G 53 -2.58 41.62 -24.72
C GLY G 53 -3.37 42.87 -25.02
N GLY G 54 -3.87 43.00 -26.24
CA GLY G 54 -4.67 44.12 -26.64
C GLY G 54 -3.90 45.42 -26.86
N TRP G 55 -2.59 45.32 -27.05
CA TRP G 55 -1.84 46.54 -27.25
C TRP G 55 -1.42 46.69 -28.72
N LYS G 56 -0.18 47.13 -28.98
CA LYS G 56 0.28 47.33 -30.37
C LYS G 56 0.27 46.00 -31.16
N GLY G 57 0.00 46.07 -32.44
CA GLY G 57 -0.05 44.86 -33.25
C GLY G 57 1.27 44.58 -33.97
N ILE G 58 1.12 44.03 -35.18
CA ILE G 58 2.21 43.62 -36.06
C ILE G 58 3.26 44.66 -36.41
N ASN G 59 2.91 45.93 -36.53
CA ASN G 59 3.90 46.85 -37.07
C ASN G 59 4.57 47.82 -36.17
N GLU G 60 3.84 48.29 -35.17
CA GLU G 60 4.30 49.34 -34.25
C GLU G 60 4.65 48.88 -32.85
N SER G 61 5.42 47.84 -32.73
CA SER G 61 5.74 47.29 -31.42
C SER G 61 6.32 48.20 -30.35
N ASP G 62 7.39 48.91 -30.67
CA ASP G 62 8.05 49.65 -29.60
C ASP G 62 7.39 50.89 -29.01
N MET G 63 7.47 50.90 -27.67
CA MET G 63 6.89 51.92 -26.81
C MET G 63 7.77 52.29 -25.60
N VAL G 64 7.34 53.33 -24.89
CA VAL G 64 8.10 53.83 -23.74
C VAL G 64 7.52 53.64 -22.33
N LEU G 65 8.41 53.23 -21.42
CA LEU G 65 8.06 53.05 -20.01
C LEU G 65 8.55 54.30 -19.31
N MET G 66 7.64 55.15 -18.86
CA MET G 66 8.04 56.38 -18.20
C MET G 66 7.90 56.32 -16.70
N PRO G 67 9.02 56.23 -16.00
CA PRO G 67 8.96 56.16 -14.54
C PRO G 67 8.33 57.39 -13.93
N ASP G 68 7.44 57.16 -12.98
CA ASP G 68 6.77 58.24 -12.26
C ASP G 68 7.43 58.25 -10.90
N ALA G 69 8.39 59.15 -10.73
CA ALA G 69 9.15 59.28 -9.51
C ALA G 69 8.38 59.47 -8.22
N SER G 70 7.11 59.86 -8.33
CA SER G 70 6.31 60.06 -7.12
C SER G 70 5.90 58.73 -6.47
N THR G 71 5.91 57.66 -7.27
CA THR G 71 5.48 56.34 -6.83
C THR G 71 6.54 55.44 -6.17
N ALA G 72 7.77 55.91 -6.06
CA ALA G 72 8.82 55.10 -5.48
C ALA G 72 8.55 54.51 -4.09
N VAL G 73 8.62 53.19 -4.00
CA VAL G 73 8.42 52.49 -2.75
C VAL G 73 9.16 51.17 -2.79
N ILE G 74 9.74 50.82 -1.64
CA ILE G 74 10.51 49.61 -1.46
C ILE G 74 9.63 48.36 -1.48
N ASP G 75 10.10 47.29 -2.13
CA ASP G 75 9.35 46.04 -2.15
C ASP G 75 9.69 45.33 -0.86
N PRO G 76 8.67 44.95 -0.09
CA PRO G 76 8.85 44.27 1.19
C PRO G 76 9.02 42.78 1.15
N PHE G 77 8.96 42.19 -0.04
CA PHE G 77 9.09 40.75 -0.18
C PHE G 77 10.36 40.25 -0.85
N PHE G 78 10.79 40.94 -1.90
CA PHE G 78 12.00 40.51 -2.62
C PHE G 78 13.19 40.37 -1.68
N ALA G 79 14.06 39.40 -1.96
CA ALA G 79 15.23 39.10 -1.13
C ALA G 79 16.34 40.14 -1.13
N ASP G 80 16.54 40.76 -2.29
CA ASP G 80 17.56 41.77 -2.50
C ASP G 80 16.83 43.09 -2.49
N SER G 81 17.40 44.12 -1.87
CA SER G 81 16.77 45.43 -1.79
C SER G 81 16.34 45.97 -3.14
N THR G 82 15.04 46.17 -3.32
CA THR G 82 14.59 46.68 -4.60
C THR G 82 13.50 47.71 -4.48
N LEU G 83 13.60 48.71 -5.33
CA LEU G 83 12.69 49.81 -5.34
C LEU G 83 11.71 49.72 -6.46
N ILE G 84 10.45 49.86 -6.11
CA ILE G 84 9.38 49.79 -7.10
C ILE G 84 9.07 51.20 -7.59
N ILE G 85 8.94 51.34 -8.90
CA ILE G 85 8.58 52.61 -9.51
C ILE G 85 7.54 52.33 -10.56
N ARG G 86 6.36 52.86 -10.34
CA ARG G 86 5.24 52.71 -11.25
C ARG G 86 5.58 53.53 -12.48
N CYS G 87 5.13 53.12 -13.65
CA CYS G 87 5.45 53.81 -14.89
C CYS G 87 4.23 54.03 -15.72
N ASP G 88 4.24 55.02 -16.63
CA ASP G 88 3.11 55.21 -17.54
C ASP G 88 3.67 54.71 -18.85
N ILE G 89 2.78 54.40 -19.79
CA ILE G 89 3.20 53.92 -21.10
C ILE G 89 2.98 55.07 -22.08
N LEU G 90 4.08 55.54 -22.64
CA LEU G 90 4.01 56.66 -23.58
C LEU G 90 4.34 56.24 -24.99
N GLU G 91 3.77 56.97 -25.95
CA GLU G 91 4.01 56.73 -27.37
C GLU G 91 5.44 57.27 -27.59
N PRO G 92 6.29 56.55 -28.34
CA PRO G 92 7.67 57.03 -28.57
C PRO G 92 7.75 58.33 -29.37
N GLY G 93 8.75 59.15 -29.04
CA GLY G 93 8.93 60.42 -29.71
C GLY G 93 7.95 61.45 -29.18
N THR G 94 6.67 61.24 -29.48
CA THR G 94 5.62 62.14 -29.01
C THR G 94 5.59 62.17 -27.47
N LEU G 95 5.95 61.03 -26.86
CA LEU G 95 5.94 60.87 -25.41
C LEU G 95 4.60 61.32 -24.84
N GLN G 96 3.55 60.97 -25.58
CA GLN G 96 2.22 61.43 -25.20
C GLN G 96 1.48 60.68 -24.09
N GLY G 97 1.33 59.40 -24.26
CA GLY G 97 0.55 58.63 -23.33
C GLY G 97 -0.34 57.81 -24.18
N TYR G 98 0.02 56.53 -24.23
CA TYR G 98 -0.65 55.53 -25.02
C TYR G 98 -2.16 55.50 -24.79
N ASP G 99 -2.90 55.48 -25.89
CA ASP G 99 -4.36 55.46 -25.85
C ASP G 99 -4.89 54.30 -25.04
N ARG G 100 -4.19 53.18 -25.13
CA ARG G 100 -4.59 51.97 -24.43
C ARG G 100 -3.97 51.77 -23.04
N ASP G 101 -3.15 52.70 -22.58
CA ASP G 101 -2.55 52.61 -21.24
C ASP G 101 -3.60 53.07 -20.22
N PRO G 102 -4.08 52.15 -19.40
CA PRO G 102 -5.09 52.42 -18.37
C PRO G 102 -4.70 53.48 -17.39
N ARG G 103 -3.41 53.67 -17.12
CA ARG G 103 -3.06 54.69 -16.16
C ARG G 103 -3.13 56.04 -16.84
N SER G 104 -2.73 56.09 -18.11
CA SER G 104 -2.78 57.33 -18.87
C SER G 104 -4.24 57.76 -19.00
N ILE G 105 -5.10 56.78 -19.27
CA ILE G 105 -6.53 57.01 -19.40
C ILE G 105 -7.13 57.58 -18.13
N ALA G 106 -6.69 57.07 -16.99
CA ALA G 106 -7.21 57.54 -15.73
C ALA G 106 -6.71 58.95 -15.48
N LYS G 107 -5.47 59.23 -15.87
CA LYS G 107 -4.92 60.57 -15.67
C LYS G 107 -5.69 61.55 -16.55
N ARG G 108 -5.95 61.16 -17.79
CA ARG G 108 -6.68 61.98 -18.74
C ARG G 108 -8.05 62.37 -18.17
N ALA G 109 -8.65 61.41 -17.49
CA ALA G 109 -9.97 61.63 -16.90
C ALA G 109 -9.91 62.61 -15.75
N GLU G 110 -8.80 62.62 -15.00
CA GLU G 110 -8.69 63.55 -13.88
C GLU G 110 -8.47 64.94 -14.46
N ASP G 111 -7.76 65.00 -15.59
CA ASP G 111 -7.49 66.24 -16.28
C ASP G 111 -8.81 66.85 -16.74
N TYR G 112 -9.55 66.08 -17.53
CA TYR G 112 -10.85 66.50 -18.05
C TYR G 112 -11.79 67.02 -16.96
N LEU G 113 -11.65 66.51 -15.74
CA LEU G 113 -12.47 66.93 -14.62
C LEU G 113 -12.14 68.39 -14.34
N ARG G 114 -10.84 68.66 -14.14
CA ARG G 114 -10.37 70.01 -13.87
C ARG G 114 -10.73 70.95 -15.02
N ALA G 115 -10.58 70.46 -16.26
CA ALA G 115 -10.90 71.24 -17.45
C ALA G 115 -12.35 71.73 -17.49
N THR G 116 -13.31 70.85 -17.28
CA THR G 116 -14.72 71.24 -17.30
C THR G 116 -14.97 72.22 -16.17
N GLY G 117 -14.02 72.28 -15.26
CA GLY G 117 -14.15 73.17 -14.12
C GLY G 117 -15.21 72.71 -13.13
N ILE G 118 -15.79 71.54 -13.35
CA ILE G 118 -16.81 71.04 -12.43
C ILE G 118 -16.28 70.83 -11.02
N ALA G 119 -15.01 70.44 -10.92
CA ALA G 119 -14.31 70.21 -9.64
C ALA G 119 -12.84 70.11 -9.94
N ASP G 120 -11.99 70.11 -8.92
CA ASP G 120 -10.55 70.00 -9.17
C ASP G 120 -9.91 68.67 -8.78
N THR G 121 -10.63 67.85 -8.02
CA THR G 121 -10.14 66.53 -7.61
C THR G 121 -11.30 65.56 -7.37
N VAL G 122 -11.09 64.29 -7.70
CA VAL G 122 -12.09 63.22 -7.49
C VAL G 122 -11.62 62.33 -6.37
N LEU G 123 -12.54 61.93 -5.49
CA LEU G 123 -12.16 61.08 -4.39
C LEU G 123 -12.76 59.67 -4.47
N PHE G 124 -11.88 58.68 -4.43
CA PHE G 124 -12.30 57.27 -4.50
C PHE G 124 -11.91 56.49 -3.28
N GLY G 125 -12.90 55.78 -2.74
CA GLY G 125 -12.68 54.95 -1.58
C GLY G 125 -13.25 53.58 -1.88
N PRO G 126 -12.52 52.73 -2.62
CA PRO G 126 -12.99 51.39 -2.95
C PRO G 126 -12.77 50.42 -1.78
N GLU G 127 -13.63 49.41 -1.68
CA GLU G 127 -13.55 48.43 -0.60
C GLU G 127 -13.43 47.04 -1.17
N PRO G 128 -12.25 46.69 -1.66
CA PRO G 128 -12.12 45.35 -2.21
C PRO G 128 -12.07 44.28 -1.14
N GLU G 129 -12.82 43.21 -1.37
CA GLU G 129 -12.89 42.05 -0.49
C GLU G 129 -12.11 40.93 -1.18
N PHE G 130 -11.71 39.91 -0.45
CA PHE G 130 -11.00 38.81 -1.07
C PHE G 130 -11.10 37.51 -0.28
N PHE G 131 -10.63 36.43 -0.87
CA PHE G 131 -10.64 35.12 -0.21
C PHE G 131 -9.25 34.60 -0.01
N LEU G 132 -9.05 33.89 1.10
CA LEU G 132 -7.78 33.26 1.42
C LEU G 132 -7.98 31.75 1.54
N PHE G 133 -7.40 30.98 0.63
CA PHE G 133 -7.54 29.53 0.64
C PHE G 133 -6.23 28.84 0.90
N ASP G 134 -6.29 27.52 1.03
CA ASP G 134 -5.11 26.69 1.25
C ASP G 134 -4.77 25.95 -0.04
N ASP G 135 -5.81 25.57 -0.78
CA ASP G 135 -5.64 24.77 -1.99
C ASP G 135 -6.66 25.21 -3.02
N ILE G 136 -6.21 25.41 -4.25
CA ILE G 136 -7.08 25.77 -5.35
C ILE G 136 -6.59 24.94 -6.53
N ARG G 137 -7.50 24.15 -7.09
CA ARG G 137 -7.20 23.25 -8.20
C ARG G 137 -8.25 23.41 -9.26
N PHE G 138 -7.86 23.43 -10.52
CA PHE G 138 -8.84 23.51 -11.59
C PHE G 138 -8.21 23.13 -12.90
N GLY G 139 -9.07 22.85 -13.87
CA GLY G 139 -8.59 22.46 -15.18
C GLY G 139 -9.76 22.25 -16.12
N ALA G 140 -9.46 22.12 -17.40
CA ALA G 140 -10.48 21.89 -18.40
C ALA G 140 -9.77 21.37 -19.62
N SER G 141 -10.27 20.25 -20.12
CA SER G 141 -9.71 19.62 -21.30
C SER G 141 -10.89 19.01 -22.02
N ILE G 142 -10.62 18.30 -23.10
CA ILE G 142 -11.70 17.74 -23.87
C ILE G 142 -12.59 16.80 -23.07
N SER G 143 -12.01 16.03 -22.17
CA SER G 143 -12.79 15.06 -21.42
C SER G 143 -13.45 15.56 -20.16
N GLY G 144 -13.38 16.85 -19.89
CA GLY G 144 -14.05 17.35 -18.71
C GLY G 144 -13.46 18.63 -18.19
N SER G 145 -13.79 18.96 -16.96
CA SER G 145 -13.29 20.18 -16.31
C SER G 145 -13.67 20.13 -14.86
N HIS G 146 -13.01 20.96 -14.06
CA HIS G 146 -13.31 20.97 -12.64
C HIS G 146 -12.67 22.11 -11.92
N VAL G 147 -13.14 22.33 -10.69
CA VAL G 147 -12.58 23.32 -9.79
C VAL G 147 -12.83 22.82 -8.40
N ALA G 148 -11.77 22.83 -7.64
CA ALA G 148 -11.85 22.38 -6.26
C ALA G 148 -11.24 23.39 -5.33
N ILE G 149 -11.98 23.86 -4.34
CA ILE G 149 -11.46 24.86 -3.42
C ILE G 149 -11.26 24.24 -2.06
N ASP G 150 -10.23 24.67 -1.35
CA ASP G 150 -10.08 24.12 -0.02
C ASP G 150 -9.40 25.09 0.92
N ASP G 151 -9.93 25.15 2.13
CA ASP G 151 -9.37 25.99 3.16
C ASP G 151 -9.70 25.42 4.51
N ILE G 152 -8.82 25.66 5.46
CA ILE G 152 -9.02 25.13 6.79
C ILE G 152 -10.29 25.67 7.44
N GLU G 153 -10.78 26.80 6.95
CA GLU G 153 -12.00 27.41 7.49
C GLU G 153 -13.25 26.90 6.82
N GLY G 154 -13.12 26.30 5.66
CA GLY G 154 -14.30 25.84 4.96
C GLY G 154 -15.20 24.99 5.82
N ALA G 155 -16.48 25.33 5.84
CA ALA G 155 -17.41 24.58 6.67
C ALA G 155 -17.42 23.09 6.34
N TRP G 156 -17.16 22.77 5.08
CA TRP G 156 -17.16 21.37 4.64
C TRP G 156 -16.12 20.52 5.34
N ASN G 157 -15.11 21.16 5.90
CA ASN G 157 -14.05 20.43 6.59
C ASN G 157 -14.41 20.05 8.01
N SER G 158 -15.66 20.28 8.40
CA SER G 158 -16.08 19.91 9.75
C SER G 158 -15.94 18.40 9.92
N SER G 159 -15.95 17.68 8.80
CA SER G 159 -15.85 16.23 8.82
C SER G 159 -14.49 15.65 8.39
N THR G 160 -13.58 16.52 7.97
CA THR G 160 -12.27 16.09 7.50
C THR G 160 -11.32 15.57 8.55
N LYS G 161 -10.62 14.47 8.22
CA LYS G 161 -9.65 13.91 9.14
C LYS G 161 -8.34 14.65 8.90
N TYR G 162 -7.74 15.13 9.99
CA TYR G 162 -6.48 15.84 9.89
C TYR G 162 -5.41 15.07 10.66
N GLU G 163 -4.17 15.22 10.20
CA GLU G 163 -3.01 14.56 10.78
C GLU G 163 -2.99 14.71 12.31
N GLY G 164 -3.00 15.95 12.77
CA GLY G 164 -2.97 16.18 14.22
C GLY G 164 -4.33 16.38 14.87
N GLY G 165 -5.38 15.89 14.21
CA GLY G 165 -6.72 16.04 14.73
C GLY G 165 -7.42 17.27 14.17
N ASN G 166 -8.73 17.17 13.97
CA ASN G 166 -9.55 18.28 13.47
C ASN G 166 -9.91 19.11 14.71
N LYS G 167 -9.47 20.37 14.73
CA LYS G 167 -9.70 21.25 15.89
C LYS G 167 -11.03 21.99 15.86
N GLY G 168 -11.70 21.71 14.80
CA GLY G 168 -12.97 22.18 14.41
C GLY G 168 -13.60 23.44 15.03
N HIS G 169 -13.10 24.64 14.74
CA HIS G 169 -13.86 25.88 15.06
C HIS G 169 -13.88 26.65 13.78
N ARG G 170 -14.89 26.41 12.99
CA ARG G 170 -14.96 27.01 11.68
C ARG G 170 -16.19 27.84 11.47
N PRO G 171 -16.07 28.86 10.63
CA PRO G 171 -17.17 29.75 10.30
C PRO G 171 -18.10 28.95 9.41
N GLY G 172 -19.37 28.90 9.76
CA GLY G 172 -20.32 28.18 8.93
C GLY G 172 -20.62 28.96 7.67
N VAL G 173 -21.47 28.43 6.80
CA VAL G 173 -21.81 29.13 5.56
C VAL G 173 -22.47 30.46 5.92
N LYS G 174 -21.99 31.55 5.31
CA LYS G 174 -22.49 32.91 5.57
C LYS G 174 -22.32 33.28 7.06
N GLY G 175 -21.46 32.56 7.77
CA GLY G 175 -21.30 32.84 9.20
C GLY G 175 -19.91 33.41 9.59
N GLY G 176 -19.26 34.09 8.66
CA GLY G 176 -17.96 34.64 8.93
C GLY G 176 -17.96 36.01 9.55
N TYR G 177 -19.12 36.69 9.59
CA TYR G 177 -19.11 38.05 10.15
C TYR G 177 -18.90 38.11 11.66
N PHE G 178 -17.58 38.13 11.97
CA PHE G 178 -16.86 38.50 13.21
C PHE G 178 -16.67 37.48 14.35
N PRO G 179 -17.04 36.20 14.26
CA PRO G 179 -16.62 35.37 15.39
C PRO G 179 -15.18 35.56 15.75
N VAL G 180 -14.88 35.79 17.01
CA VAL G 180 -13.46 35.96 17.37
C VAL G 180 -12.69 34.65 17.19
N PRO G 181 -11.35 34.74 17.13
CA PRO G 181 -10.55 33.53 16.99
C PRO G 181 -10.89 32.61 18.15
N PRO G 182 -10.66 31.30 17.98
CA PRO G 182 -10.13 30.66 16.77
C PRO G 182 -11.05 30.45 15.59
N VAL G 183 -12.33 30.80 15.69
CA VAL G 183 -13.22 30.63 14.54
C VAL G 183 -12.62 31.43 13.38
N ASP G 184 -12.21 32.65 13.67
CA ASP G 184 -11.58 33.51 12.67
C ASP G 184 -10.11 33.12 12.75
N SER G 185 -9.60 32.50 11.69
CA SER G 185 -8.21 32.06 11.68
C SER G 185 -7.25 33.04 11.06
N ALA G 186 -7.74 34.19 10.63
CA ALA G 186 -6.88 35.13 9.94
C ALA G 186 -6.52 36.47 10.57
N GLN G 187 -6.53 36.54 11.88
CA GLN G 187 -6.19 37.79 12.51
C GLN G 187 -4.75 38.19 12.24
N ASP G 188 -3.81 37.32 12.56
CA ASP G 188 -2.39 37.65 12.34
C ASP G 188 -2.10 38.01 10.90
N ILE G 189 -2.70 37.29 9.96
CA ILE G 189 -2.42 37.57 8.57
C ILE G 189 -3.04 38.89 8.12
N ARG G 190 -4.26 39.19 8.55
CA ARG G 190 -4.87 40.45 8.16
C ARG G 190 -4.02 41.62 8.68
N SER G 191 -3.45 41.49 9.87
CA SER G 191 -2.62 42.57 10.34
C SER G 191 -1.30 42.75 9.63
N GLU G 192 -0.67 41.64 9.25
CA GLU G 192 0.59 41.74 8.50
C GLU G 192 0.24 42.49 7.21
N MET G 193 -0.88 42.14 6.60
CA MET G 193 -1.27 42.80 5.36
C MET G 193 -1.40 44.29 5.62
N CYS G 194 -1.97 44.64 6.78
CA CYS G 194 -2.13 46.04 7.12
C CYS G 194 -0.79 46.74 7.30
N LEU G 195 0.06 46.17 8.13
CA LEU G 195 1.36 46.77 8.35
C LEU G 195 2.12 46.95 7.05
N VAL G 196 2.11 45.92 6.22
CA VAL G 196 2.83 46.00 4.96
C VAL G 196 2.20 47.01 4.03
N MET G 197 0.88 47.07 4.01
CA MET G 197 0.21 48.02 3.14
C MET G 197 0.64 49.43 3.52
N GLU G 198 0.73 49.68 4.82
CA GLU G 198 1.14 51.00 5.27
C GLU G 198 2.60 51.27 4.98
N GLN G 199 3.45 50.25 5.07
CA GLN G 199 4.85 50.45 4.74
C GLN G 199 4.93 50.84 3.28
N MET G 200 3.90 50.52 2.52
CA MET G 200 3.88 50.85 1.10
C MET G 200 3.06 52.08 0.76
N GLY G 201 2.74 52.87 1.78
CA GLY G 201 2.03 54.12 1.54
C GLY G 201 0.53 54.16 1.67
N LEU G 202 -0.09 53.02 1.92
CA LEU G 202 -1.52 53.01 2.07
C LEU G 202 -1.83 53.36 3.51
N VAL G 203 -3.06 53.78 3.76
CA VAL G 203 -3.48 54.10 5.11
C VAL G 203 -4.66 53.20 5.40
N VAL G 204 -4.50 52.38 6.41
CA VAL G 204 -5.51 51.41 6.78
C VAL G 204 -6.49 51.91 7.79
N GLU G 205 -7.76 51.65 7.54
CA GLU G 205 -8.82 52.07 8.47
C GLU G 205 -9.33 50.92 9.32
N ALA G 206 -9.37 49.73 8.75
CA ALA G 206 -9.84 48.57 9.48
C ALA G 206 -9.61 47.27 8.76
N HIS G 207 -9.71 46.16 9.50
CA HIS G 207 -9.62 44.85 8.90
C HIS G 207 -10.50 43.90 9.66
N HIS G 208 -11.10 42.99 8.90
CA HIS G 208 -12.01 42.06 9.52
C HIS G 208 -12.30 40.88 8.60
N HIS G 209 -12.83 39.84 9.17
CA HIS G 209 -13.23 38.66 8.42
C HIS G 209 -14.50 39.05 7.71
N GLU G 210 -14.77 38.51 6.53
CA GLU G 210 -16.01 38.87 5.85
C GLU G 210 -17.05 37.78 6.09
N VAL G 211 -18.16 37.81 5.35
CA VAL G 211 -19.25 36.89 5.58
C VAL G 211 -19.05 35.42 5.24
N ALA G 212 -18.46 35.14 4.11
CA ALA G 212 -18.34 33.75 3.65
C ALA G 212 -17.43 32.86 4.49
N THR G 213 -17.75 31.57 4.51
CA THR G 213 -16.93 30.58 5.18
C THR G 213 -15.69 30.48 4.29
N ALA G 214 -14.71 29.69 4.72
CA ALA G 214 -13.56 29.47 3.89
C ALA G 214 -12.68 30.69 3.58
N GLY G 215 -12.51 31.60 4.52
CA GLY G 215 -11.55 32.69 4.36
C GLY G 215 -11.89 33.97 3.61
N GLN G 216 -13.13 34.43 3.65
CA GLN G 216 -13.35 35.72 3.01
C GLN G 216 -12.86 36.76 4.00
N ASN G 217 -12.11 37.74 3.53
CA ASN G 217 -11.56 38.75 4.42
C ASN G 217 -11.57 40.11 3.76
N GLU G 218 -11.31 41.16 4.55
CA GLU G 218 -11.27 42.51 4.01
C GLU G 218 -10.37 43.45 4.79
N VAL G 219 -9.59 44.24 4.06
CA VAL G 219 -8.73 45.28 4.61
C VAL G 219 -9.26 46.58 4.03
N ALA G 220 -9.75 47.45 4.90
CA ALA G 220 -10.29 48.73 4.48
C ALA G 220 -9.22 49.80 4.54
N THR G 221 -9.04 50.48 3.42
CA THR G 221 -8.04 51.53 3.34
C THR G 221 -8.69 52.91 3.10
N ARG G 222 -8.00 53.98 3.51
CA ARG G 222 -8.48 55.34 3.31
C ARG G 222 -8.48 55.69 1.83
N PHE G 223 -9.49 56.50 1.47
CA PHE G 223 -9.68 56.94 0.11
C PHE G 223 -8.45 57.76 -0.30
N ASN G 224 -8.44 58.22 -1.53
CA ASN G 224 -7.37 59.03 -2.09
C ASN G 224 -7.87 59.54 -3.43
N THR G 225 -7.09 60.39 -4.09
CA THR G 225 -7.52 60.91 -5.37
C THR G 225 -7.55 59.75 -6.34
N MET G 226 -8.48 59.79 -7.28
CA MET G 226 -8.72 58.68 -8.22
C MET G 226 -7.48 57.91 -8.70
N THR G 227 -6.61 58.54 -9.50
CA THR G 227 -5.46 57.78 -10.01
C THR G 227 -4.54 57.21 -8.91
N LYS G 228 -4.31 57.96 -7.85
CA LYS G 228 -3.46 57.46 -6.78
C LYS G 228 -4.13 56.26 -6.09
N LYS G 229 -5.46 56.25 -6.09
CA LYS G 229 -6.17 55.14 -5.44
C LYS G 229 -6.08 53.88 -6.25
N ALA G 230 -6.16 53.99 -7.56
CA ALA G 230 -6.05 52.83 -8.44
C ALA G 230 -4.65 52.25 -8.25
N ASP G 231 -3.67 53.13 -8.07
CA ASP G 231 -2.31 52.68 -7.83
C ASP G 231 -2.37 51.89 -6.52
N GLU G 232 -3.01 52.47 -5.51
CA GLU G 232 -3.15 51.80 -4.22
C GLU G 232 -3.84 50.45 -4.32
N ILE G 233 -4.81 50.31 -5.22
CA ILE G 233 -5.51 49.04 -5.39
C ILE G 233 -4.52 47.99 -5.86
N GLN G 234 -3.70 48.35 -6.83
CA GLN G 234 -2.69 47.46 -7.37
C GLN G 234 -1.72 46.98 -6.28
N ILE G 235 -1.31 47.91 -5.43
CA ILE G 235 -0.39 47.63 -4.33
C ILE G 235 -1.12 46.77 -3.32
N TYR G 236 -2.34 47.12 -3.09
CA TYR G 236 -3.19 46.39 -2.17
C TYR G 236 -3.25 44.93 -2.57
N LYS G 237 -3.59 44.68 -3.83
CA LYS G 237 -3.67 43.32 -4.33
C LYS G 237 -2.33 42.63 -4.21
N TYR G 238 -1.28 43.35 -4.54
CA TYR G 238 0.05 42.81 -4.48
C TYR G 238 0.38 42.36 -3.06
N VAL G 239 0.07 43.21 -2.10
CA VAL G 239 0.36 42.87 -0.72
C VAL G 239 -0.47 41.66 -0.30
N VAL G 240 -1.75 41.69 -0.61
CA VAL G 240 -2.62 40.58 -0.25
C VAL G 240 -2.12 39.27 -0.84
N HIS G 241 -1.85 39.27 -2.14
CA HIS G 241 -1.39 38.08 -2.82
C HIS G 241 -0.10 37.54 -2.25
N ASN G 242 0.84 38.44 -2.01
CA ASN G 242 2.13 38.01 -1.49
C ASN G 242 2.23 37.69 -0.02
N VAL G 243 1.45 38.38 0.81
CA VAL G 243 1.49 38.04 2.23
C VAL G 243 0.83 36.67 2.36
N ALA G 244 -0.24 36.45 1.60
CA ALA G 244 -0.93 35.17 1.63
C ALA G 244 0.07 34.06 1.26
N HIS G 245 0.77 34.27 0.16
CA HIS G 245 1.75 33.31 -0.34
C HIS G 245 2.77 33.03 0.74
N ARG G 246 3.27 34.07 1.40
CA ARG G 246 4.26 33.87 2.45
C ARG G 246 3.71 33.13 3.65
N PHE G 247 2.39 33.18 3.84
CA PHE G 247 1.78 32.49 4.98
C PHE G 247 1.30 31.10 4.61
N GLY G 248 1.59 30.67 3.39
CA GLY G 248 1.15 29.36 2.99
C GLY G 248 -0.27 29.33 2.49
N LYS G 249 -0.79 30.49 2.11
CA LYS G 249 -2.14 30.54 1.58
C LYS G 249 -2.10 31.01 0.13
N THR G 250 -3.28 31.21 -0.44
CA THR G 250 -3.37 31.69 -1.80
C THR G 250 -4.61 32.55 -1.80
N ALA G 251 -4.46 33.80 -2.24
CA ALA G 251 -5.61 34.71 -2.24
C ALA G 251 -6.17 34.95 -3.60
N THR G 252 -7.47 35.19 -3.67
CA THR G 252 -8.10 35.51 -4.93
C THR G 252 -9.09 36.67 -4.82
N PHE G 253 -9.10 37.52 -5.83
CA PHE G 253 -10.03 38.62 -5.88
C PHE G 253 -11.17 38.31 -6.83
N MET G 254 -11.32 37.05 -7.22
CA MET G 254 -12.44 36.64 -8.10
C MET G 254 -13.71 37.07 -7.39
N PRO G 255 -14.70 37.50 -8.15
CA PRO G 255 -15.93 37.92 -7.49
C PRO G 255 -16.82 36.85 -6.88
N LYS G 256 -16.93 35.67 -7.49
CA LYS G 256 -17.78 34.62 -6.92
C LYS G 256 -17.12 33.26 -7.06
N PRO G 257 -16.23 32.90 -6.12
CA PRO G 257 -15.59 31.59 -6.26
C PRO G 257 -16.50 30.45 -5.82
N MET G 258 -17.50 30.75 -5.00
CA MET G 258 -18.39 29.71 -4.52
C MET G 258 -19.87 29.99 -4.65
N PHE G 259 -20.56 28.99 -5.14
CA PHE G 259 -22.00 29.13 -5.23
C PHE G 259 -22.56 28.84 -3.83
N GLY G 260 -23.44 29.67 -3.31
CA GLY G 260 -23.99 29.36 -2.00
C GLY G 260 -23.49 30.20 -0.85
N ASP G 261 -22.48 31.01 -1.11
CA ASP G 261 -21.98 31.89 -0.07
C ASP G 261 -21.59 33.17 -0.76
N ASN G 262 -21.33 34.18 0.04
CA ASN G 262 -20.96 35.50 -0.40
C ASN G 262 -19.94 35.58 -1.50
N GLY G 263 -20.08 36.59 -2.36
CA GLY G 263 -19.11 36.81 -3.40
C GLY G 263 -18.25 37.93 -2.83
N SER G 264 -17.30 38.42 -3.60
CA SER G 264 -16.47 39.52 -3.13
C SER G 264 -16.79 40.72 -3.99
N GLY G 265 -17.10 41.84 -3.34
CA GLY G 265 -17.42 43.05 -4.07
C GLY G 265 -16.38 44.11 -3.82
N MET G 266 -16.48 45.21 -4.56
CA MET G 266 -15.57 46.32 -4.37
C MET G 266 -16.38 47.59 -4.45
N HIS G 267 -17.10 47.89 -3.38
CA HIS G 267 -17.91 49.09 -3.31
C HIS G 267 -17.00 50.29 -3.55
N CYS G 268 -17.53 51.28 -4.24
CA CYS G 268 -16.77 52.48 -4.49
C CYS G 268 -17.44 53.74 -3.98
N HIS G 269 -16.81 54.33 -2.96
CA HIS G 269 -17.28 55.57 -2.38
C HIS G 269 -16.66 56.67 -3.22
N MET G 270 -17.47 57.65 -3.61
CA MET G 270 -16.98 58.76 -4.42
C MET G 270 -17.55 60.10 -3.97
N SER G 271 -16.82 61.16 -4.31
CA SER G 271 -17.22 62.53 -4.02
C SER G 271 -16.29 63.43 -4.79
N LEU G 272 -16.73 64.65 -5.06
CA LEU G 272 -15.92 65.62 -5.80
C LEU G 272 -15.56 66.78 -4.91
N ALA G 273 -14.52 67.51 -5.29
CA ALA G 273 -14.11 68.65 -4.50
C ALA G 273 -13.44 69.76 -5.31
N LYS G 274 -13.54 70.97 -4.77
CA LYS G 274 -12.92 72.15 -5.36
C LYS G 274 -12.46 73.04 -4.22
N ASN G 275 -11.20 73.48 -4.32
CA ASN G 275 -10.56 74.33 -3.33
C ASN G 275 -10.93 73.89 -1.92
N GLY G 276 -10.70 72.62 -1.63
CA GLY G 276 -10.98 72.09 -0.32
C GLY G 276 -12.41 71.90 0.15
N THR G 277 -13.41 72.29 -0.62
CA THR G 277 -14.78 72.10 -0.17
C THR G 277 -15.42 70.90 -0.87
N ASN G 278 -16.26 70.17 -0.13
CA ASN G 278 -16.92 68.98 -0.68
C ASN G 278 -18.14 69.32 -1.53
N LEU G 279 -17.96 69.32 -2.84
CA LEU G 279 -19.03 69.61 -3.78
C LEU G 279 -20.26 68.70 -3.72
N PHE G 280 -20.23 67.69 -2.84
CA PHE G 280 -21.35 66.76 -2.71
C PHE G 280 -22.27 67.03 -1.53
N SER G 281 -21.88 67.91 -0.61
CA SER G 281 -22.75 68.21 0.53
C SER G 281 -23.74 69.30 0.12
N GLY G 282 -24.97 69.20 0.63
CA GLY G 282 -25.99 70.17 0.30
C GLY G 282 -27.24 70.04 1.16
N ASP G 283 -28.32 70.66 0.72
CA ASP G 283 -29.58 70.66 1.45
C ASP G 283 -30.58 69.63 0.93
N LYS G 284 -30.27 69.04 -0.24
CA LYS G 284 -31.12 68.03 -0.86
C LYS G 284 -31.08 66.71 -0.06
N TYR G 285 -31.67 65.65 -0.61
CA TYR G 285 -31.72 64.33 0.05
C TYR G 285 -30.48 63.86 0.81
N ALA G 286 -30.71 63.41 2.04
CA ALA G 286 -29.63 62.90 2.88
C ALA G 286 -28.35 63.73 3.03
N GLY G 287 -28.45 65.04 2.77
CA GLY G 287 -27.29 65.90 2.92
C GLY G 287 -26.51 66.10 1.63
N LEU G 288 -27.12 65.74 0.51
CA LEU G 288 -26.48 65.85 -0.79
C LEU G 288 -26.65 67.16 -1.53
N SER G 289 -25.71 67.45 -2.43
CA SER G 289 -25.75 68.65 -3.28
C SER G 289 -26.52 68.20 -4.52
N GLU G 290 -27.00 69.13 -5.34
CA GLU G 290 -27.73 68.69 -6.52
C GLU G 290 -26.73 68.13 -7.53
N GLN G 291 -25.45 68.47 -7.32
CA GLN G 291 -24.38 67.99 -8.18
C GLN G 291 -24.24 66.48 -8.00
N ALA G 292 -24.28 66.05 -6.73
CA ALA G 292 -24.19 64.64 -6.38
C ALA G 292 -25.29 63.86 -7.06
N LEU G 293 -26.50 64.40 -7.04
CA LEU G 293 -27.65 63.77 -7.65
C LEU G 293 -27.48 63.60 -9.15
N TYR G 294 -26.91 64.61 -9.82
CA TYR G 294 -26.72 64.51 -11.27
C TYR G 294 -25.68 63.44 -11.52
N TYR G 295 -24.68 63.39 -10.66
CA TYR G 295 -23.62 62.40 -10.74
C TYR G 295 -24.27 61.02 -10.68
N ILE G 296 -25.10 60.82 -9.66
CA ILE G 296 -25.81 59.56 -9.49
C ILE G 296 -26.61 59.23 -10.74
N GLY G 297 -27.27 60.25 -11.28
CA GLY G 297 -28.07 60.04 -12.47
C GLY G 297 -27.21 59.54 -13.59
N GLY G 298 -26.00 60.10 -13.69
CA GLY G 298 -25.07 59.69 -14.73
C GLY G 298 -24.71 58.23 -14.59
N VAL G 299 -24.32 57.85 -13.36
CA VAL G 299 -23.94 56.48 -13.06
C VAL G 299 -25.08 55.54 -13.41
N ILE G 300 -26.29 55.93 -13.06
CA ILE G 300 -27.44 55.09 -13.36
C ILE G 300 -27.69 55.01 -14.86
N LYS G 301 -27.55 56.12 -15.56
CA LYS G 301 -27.81 56.12 -16.99
C LYS G 301 -26.85 55.20 -17.71
N HIS G 302 -25.57 55.26 -17.34
CA HIS G 302 -24.53 54.44 -17.97
C HIS G 302 -24.08 53.18 -17.21
N ALA G 303 -24.90 52.73 -16.27
CA ALA G 303 -24.56 51.56 -15.48
C ALA G 303 -24.12 50.35 -16.29
N LYS G 304 -24.94 49.91 -17.22
CA LYS G 304 -24.58 48.75 -18.03
C LYS G 304 -23.21 48.89 -18.72
N ALA G 305 -22.85 50.09 -19.14
CA ALA G 305 -21.57 50.25 -19.80
C ALA G 305 -20.47 50.23 -18.74
N ILE G 306 -20.73 50.81 -17.59
CA ILE G 306 -19.74 50.82 -16.52
C ILE G 306 -19.44 49.38 -16.09
N ASN G 307 -20.48 48.56 -16.13
CA ASN G 307 -20.37 47.15 -15.77
C ASN G 307 -19.24 46.47 -16.51
N ALA G 308 -19.08 46.80 -17.79
CA ALA G 308 -18.05 46.20 -18.62
C ALA G 308 -16.66 46.46 -18.07
N LEU G 309 -16.55 47.41 -17.16
CA LEU G 309 -15.24 47.73 -16.57
C LEU G 309 -15.20 47.43 -15.08
N ALA G 310 -16.35 47.53 -14.44
CA ALA G 310 -16.45 47.31 -13.00
C ALA G 310 -16.77 45.87 -12.64
N ASN G 311 -17.19 45.11 -13.63
CA ASN G 311 -17.58 43.70 -13.47
C ASN G 311 -17.18 43.12 -14.82
N PRO G 312 -15.87 43.07 -15.09
CA PRO G 312 -15.31 42.57 -16.35
C PRO G 312 -15.13 41.10 -16.56
N THR G 313 -15.76 40.28 -15.74
CA THR G 313 -15.59 38.83 -15.88
C THR G 313 -16.96 38.17 -15.91
N THR G 314 -17.05 37.01 -16.55
CA THR G 314 -18.33 36.31 -16.57
C THR G 314 -18.68 35.95 -15.12
N ASN G 315 -17.64 35.66 -14.33
CA ASN G 315 -17.81 35.30 -12.93
C ASN G 315 -18.49 36.42 -12.16
N SER G 316 -18.21 37.67 -12.57
CA SER G 316 -18.78 38.84 -11.91
C SER G 316 -20.29 38.74 -11.79
N TYR G 317 -20.91 38.15 -12.84
CA TYR G 317 -22.35 38.06 -12.93
C TYR G 317 -22.87 36.88 -12.11
N LYS G 318 -22.01 36.16 -11.44
CA LYS G 318 -22.52 35.11 -10.62
C LYS G 318 -22.74 35.65 -9.21
N ARG G 319 -22.24 36.86 -9.01
CA ARG G 319 -22.40 37.62 -7.76
C ARG G 319 -23.62 38.55 -7.88
N LEU G 320 -23.77 39.11 -9.08
CA LEU G 320 -24.87 40.00 -9.39
C LEU G 320 -26.02 39.17 -9.96
N VAL G 321 -26.74 38.53 -9.06
CA VAL G 321 -27.87 37.71 -9.45
C VAL G 321 -29.01 38.05 -8.53
N PRO G 322 -30.24 37.90 -9.08
CA PRO G 322 -31.39 38.16 -8.23
C PRO G 322 -31.29 37.49 -6.90
N GLY G 323 -30.65 38.18 -5.95
CA GLY G 323 -30.52 37.71 -4.59
C GLY G 323 -31.05 38.80 -3.71
N TYR G 324 -31.04 38.62 -2.40
CA TYR G 324 -31.61 39.69 -1.55
C TYR G 324 -30.73 40.92 -1.46
N GLU G 325 -29.49 40.68 -1.05
CA GLU G 325 -28.51 41.75 -0.87
C GLU G 325 -27.76 42.10 -2.16
N ALA G 326 -28.14 41.45 -3.26
CA ALA G 326 -27.52 41.71 -4.55
C ALA G 326 -27.70 43.19 -4.93
N PRO G 327 -26.57 43.92 -5.03
CA PRO G 327 -26.50 45.35 -5.36
C PRO G 327 -26.85 45.53 -6.82
N VAL G 328 -27.99 44.99 -7.26
CA VAL G 328 -28.35 45.10 -8.67
C VAL G 328 -29.40 46.11 -9.10
N MET G 329 -30.14 46.69 -8.15
CA MET G 329 -31.18 47.65 -8.49
C MET G 329 -30.56 49.03 -8.69
N LEU G 330 -30.70 49.55 -9.90
CA LEU G 330 -30.16 50.87 -10.24
C LEU G 330 -30.95 52.01 -9.57
N ALA G 331 -30.66 52.23 -8.30
CA ALA G 331 -31.32 53.26 -7.54
C ALA G 331 -30.47 53.69 -6.35
N TYR G 332 -30.89 54.77 -5.68
CA TYR G 332 -30.16 55.23 -4.52
C TYR G 332 -31.05 55.25 -3.30
N SER G 333 -30.40 55.21 -2.14
CA SER G 333 -31.10 55.22 -0.85
C SER G 333 -30.04 55.26 0.22
N ALA G 334 -30.45 55.67 1.42
CA ALA G 334 -29.53 55.76 2.53
C ALA G 334 -29.72 54.56 3.43
N ARG G 335 -30.70 53.73 3.09
CA ARG G 335 -30.99 52.55 3.88
C ARG G 335 -31.12 51.28 3.06
N ASN G 336 -32.10 51.25 2.17
CA ASN G 336 -32.37 50.09 1.31
C ASN G 336 -31.10 49.48 0.70
N ARG G 337 -30.61 48.40 1.30
CA ARG G 337 -29.41 47.76 0.77
C ARG G 337 -29.74 46.77 -0.34
N SER G 338 -30.64 47.21 -1.21
CA SER G 338 -31.08 46.49 -2.40
C SER G 338 -30.57 47.37 -3.51
N ALA G 339 -30.45 48.64 -3.16
CA ALA G 339 -29.99 49.71 -4.03
C ALA G 339 -28.50 49.61 -4.25
N SER G 340 -28.10 49.65 -5.52
CA SER G 340 -26.70 49.58 -5.88
C SER G 340 -25.96 50.87 -5.54
N ILE G 341 -26.71 51.89 -5.14
CA ILE G 341 -26.10 53.16 -4.73
C ILE G 341 -26.58 53.52 -3.34
N ARG G 342 -25.69 53.36 -2.34
CA ARG G 342 -26.03 53.73 -0.97
C ARG G 342 -25.55 55.12 -0.68
N ILE G 343 -26.27 55.80 0.17
CA ILE G 343 -25.86 57.12 0.61
C ILE G 343 -25.55 56.98 2.08
N PRO G 344 -24.26 57.02 2.41
CA PRO G 344 -23.77 56.90 3.78
C PRO G 344 -24.37 58.04 4.56
N VAL G 345 -24.88 57.74 5.75
CA VAL G 345 -25.42 58.81 6.57
C VAL G 345 -24.29 59.14 7.52
N VAL G 346 -23.76 60.35 7.37
CA VAL G 346 -22.66 60.81 8.19
C VAL G 346 -22.94 62.24 8.67
N ALA G 347 -22.35 62.63 9.80
CA ALA G 347 -22.57 63.95 10.37
C ALA G 347 -21.88 65.09 9.63
N SER G 348 -20.54 65.08 9.64
CA SER G 348 -19.76 66.12 8.97
C SER G 348 -20.08 66.19 7.49
N PRO G 349 -20.52 67.37 7.01
CA PRO G 349 -20.82 67.51 5.60
C PRO G 349 -19.55 67.36 4.77
N LYS G 350 -18.41 67.43 5.44
CA LYS G 350 -17.11 67.29 4.77
C LYS G 350 -16.92 65.88 4.25
N ALA G 351 -17.66 64.94 4.83
CA ALA G 351 -17.59 63.53 4.48
C ALA G 351 -18.77 62.99 3.67
N ARG G 352 -19.61 63.87 3.13
CA ARG G 352 -20.77 63.46 2.34
C ARG G 352 -20.26 62.87 1.02
N ARG G 353 -20.84 61.74 0.60
CA ARG G 353 -20.43 61.05 -0.62
C ARG G 353 -21.43 59.98 -1.05
N ILE G 354 -21.19 59.32 -2.17
CA ILE G 354 -22.07 58.23 -2.61
C ILE G 354 -21.29 56.91 -2.66
N GLU G 355 -21.98 55.79 -2.49
CA GLU G 355 -21.33 54.49 -2.54
C GLU G 355 -21.94 53.64 -3.63
N VAL G 356 -21.21 53.46 -4.73
CA VAL G 356 -21.69 52.61 -5.82
C VAL G 356 -21.25 51.18 -5.46
N ARG G 357 -22.20 50.34 -5.19
CA ARG G 357 -21.97 48.99 -4.70
C ARG G 357 -21.70 47.84 -5.69
N PHE G 358 -21.99 48.00 -6.99
CA PHE G 358 -21.87 46.80 -7.86
C PHE G 358 -20.48 46.39 -8.36
N PRO G 359 -19.54 47.30 -8.39
CA PRO G 359 -18.16 46.91 -8.77
C PRO G 359 -17.60 45.68 -8.06
N ASP G 360 -16.69 44.93 -8.68
CA ASP G 360 -16.06 43.83 -7.96
C ASP G 360 -14.55 43.99 -8.09
N PRO G 361 -13.76 43.31 -7.27
CA PRO G 361 -12.31 43.44 -7.32
C PRO G 361 -11.61 43.01 -8.58
N ALA G 362 -12.32 42.38 -9.50
CA ALA G 362 -11.68 41.95 -10.75
C ALA G 362 -11.50 43.13 -11.68
N ALA G 363 -12.22 44.20 -11.38
CA ALA G 363 -12.17 45.37 -12.21
C ALA G 363 -10.82 46.04 -12.28
N ASN G 364 -10.46 46.50 -13.47
CA ASN G 364 -9.25 47.29 -13.68
C ASN G 364 -9.44 48.58 -12.87
N PRO G 365 -8.52 48.89 -11.92
CA PRO G 365 -8.74 50.11 -11.11
C PRO G 365 -9.06 51.33 -11.93
N TYR G 366 -8.06 51.56 -12.73
CA TYR G 366 -8.03 52.69 -13.62
C TYR G 366 -9.28 52.83 -14.47
N LEU G 367 -9.53 51.82 -15.28
CA LEU G 367 -10.67 51.93 -16.17
C LEU G 367 -12.00 51.96 -15.44
N CYS G 368 -12.10 51.25 -14.33
CA CYS G 368 -13.34 51.20 -13.58
C CYS G 368 -13.62 52.56 -12.96
N PHE G 369 -12.62 53.10 -12.28
CA PHE G 369 -12.78 54.40 -11.66
C PHE G 369 -13.09 55.47 -12.71
N ALA G 370 -12.30 55.47 -13.79
CA ALA G 370 -12.50 56.43 -14.88
C ALA G 370 -13.93 56.40 -15.41
N ALA G 371 -14.43 55.21 -15.74
CA ALA G 371 -15.77 55.07 -16.27
C ALA G 371 -16.81 55.57 -15.28
N LEU G 372 -16.55 55.38 -13.99
CA LEU G 372 -17.47 55.84 -12.98
C LEU G 372 -17.54 57.37 -13.01
N LEU G 373 -16.37 58.01 -13.13
CA LEU G 373 -16.26 59.47 -13.18
C LEU G 373 -16.95 60.04 -14.38
N MET G 374 -16.53 59.61 -15.56
CA MET G 374 -17.10 60.07 -16.81
C MET G 374 -18.62 59.97 -16.84
N ALA G 375 -19.16 58.90 -16.27
CA ALA G 375 -20.61 58.73 -16.22
C ALA G 375 -21.18 59.80 -15.29
N GLY G 376 -20.48 60.06 -14.20
CA GLY G 376 -20.93 61.05 -13.24
C GLY G 376 -20.94 62.44 -13.84
N LEU G 377 -19.86 62.78 -14.53
CA LEU G 377 -19.72 64.08 -15.19
C LEU G 377 -20.79 64.29 -16.24
N ASP G 378 -21.02 63.26 -17.04
CA ASP G 378 -22.04 63.35 -18.06
C ASP G 378 -23.40 63.51 -17.40
N GLY G 379 -23.51 63.09 -16.15
CA GLY G 379 -24.76 63.20 -15.43
C GLY G 379 -24.96 64.64 -15.02
N ILE G 380 -23.84 65.30 -14.74
CA ILE G 380 -23.82 66.69 -14.35
C ILE G 380 -24.01 67.60 -15.55
N LYS G 381 -23.08 67.53 -16.49
CA LYS G 381 -23.14 68.35 -17.70
C LYS G 381 -24.55 68.35 -18.27
N ASN G 382 -25.22 67.20 -18.22
CA ASN G 382 -26.58 67.11 -18.77
C ASN G 382 -27.69 67.07 -17.71
N LYS G 383 -27.37 67.54 -16.51
CA LYS G 383 -28.33 67.62 -15.40
C LYS G 383 -29.33 66.47 -15.38
N ILE G 384 -28.80 65.25 -15.42
CA ILE G 384 -29.61 64.05 -15.42
C ILE G 384 -30.16 63.78 -14.05
N HIS G 385 -31.46 64.02 -13.89
CA HIS G 385 -32.05 63.78 -12.59
C HIS G 385 -32.31 62.30 -12.38
N PRO G 386 -31.84 61.91 -11.20
CA PRO G 386 -31.98 60.59 -10.51
C PRO G 386 -33.36 59.98 -10.34
N GLY G 387 -34.33 60.87 -10.19
CA GLY G 387 -35.66 60.47 -9.91
C GLY G 387 -35.68 60.40 -8.38
N GLU G 388 -36.67 59.72 -7.82
CA GLU G 388 -36.77 59.59 -6.37
C GLU G 388 -36.08 58.33 -5.85
N PRO G 389 -35.60 58.40 -4.58
CA PRO G 389 -34.87 57.30 -3.92
C PRO G 389 -35.79 56.10 -3.64
N MET G 390 -35.24 54.90 -3.80
CA MET G 390 -35.99 53.67 -3.51
C MET G 390 -35.75 53.32 -2.04
N ASP G 391 -36.82 53.30 -1.25
CA ASP G 391 -36.69 52.97 0.16
C ASP G 391 -37.58 51.77 0.51
N LYS G 392 -38.20 51.18 -0.52
CA LYS G 392 -39.10 50.03 -0.36
C LYS G 392 -38.38 48.70 -0.09
N ASN G 393 -38.11 47.93 -1.16
CA ASN G 393 -37.42 46.65 -1.02
C ASN G 393 -36.71 46.23 -2.33
N LEU G 394 -36.06 45.05 -2.30
CA LEU G 394 -35.12 44.60 -3.33
C LEU G 394 -35.84 43.98 -4.55
N TYR G 395 -35.28 42.87 -4.94
CA TYR G 395 -35.83 42.18 -6.11
C TYR G 395 -36.89 41.19 -5.79
N ASP G 396 -37.06 40.80 -4.58
CA ASP G 396 -38.09 39.77 -4.47
C ASP G 396 -39.18 40.47 -3.69
N LEU G 397 -40.41 40.36 -4.12
CA LEU G 397 -41.31 41.10 -3.32
C LEU G 397 -40.60 42.29 -2.80
N PRO G 398 -40.52 43.34 -3.53
CA PRO G 398 -41.38 43.81 -4.56
C PRO G 398 -42.13 42.75 -5.40
N PRO G 399 -41.66 42.30 -6.63
CA PRO G 399 -42.28 41.51 -7.65
C PRO G 399 -43.75 41.86 -7.93
N GLU G 400 -44.19 43.07 -7.57
CA GLU G 400 -45.54 43.64 -7.72
C GLU G 400 -45.83 44.01 -9.17
N GLU G 401 -45.14 45.05 -9.63
CA GLU G 401 -45.23 45.55 -11.01
C GLU G 401 -44.17 44.81 -11.85
N ALA G 402 -43.88 43.56 -11.45
CA ALA G 402 -42.87 42.68 -12.06
C ALA G 402 -41.51 43.33 -11.73
N LYS G 403 -41.61 44.43 -10.98
CA LYS G 403 -40.51 45.28 -10.50
C LYS G 403 -39.38 45.56 -11.50
N GLU G 404 -39.76 45.80 -12.76
CA GLU G 404 -38.77 46.08 -13.77
C GLU G 404 -38.35 47.55 -13.75
N ILE G 405 -37.53 47.87 -12.75
CA ILE G 405 -36.96 49.21 -12.60
C ILE G 405 -35.54 49.03 -13.18
N PRO G 406 -34.72 50.07 -13.21
CA PRO G 406 -33.36 49.89 -13.69
C PRO G 406 -32.52 48.72 -13.23
N GLN G 407 -31.85 48.00 -14.07
CA GLN G 407 -30.89 47.11 -13.40
C GLN G 407 -29.55 47.01 -14.10
N VAL G 408 -28.53 46.57 -13.35
CA VAL G 408 -27.19 46.39 -13.91
C VAL G 408 -27.24 45.27 -14.93
N ALA G 409 -26.22 45.19 -15.78
CA ALA G 409 -26.16 44.16 -16.81
C ALA G 409 -26.28 42.78 -16.17
N GLY G 410 -26.89 41.83 -16.88
CA GLY G 410 -27.06 40.50 -16.32
C GLY G 410 -26.05 39.46 -16.80
N SER G 411 -25.16 39.89 -17.68
CA SER G 411 -24.15 39.02 -18.23
C SER G 411 -23.04 39.89 -18.77
N LEU G 412 -21.85 39.32 -18.93
CA LEU G 412 -20.74 40.09 -19.44
C LEU G 412 -20.98 40.61 -20.86
N GLU G 413 -21.53 39.76 -21.72
CA GLU G 413 -21.79 40.12 -23.10
C GLU G 413 -22.67 41.33 -23.19
N GLU G 414 -23.71 41.32 -22.38
CA GLU G 414 -24.67 42.41 -22.32
C GLU G 414 -23.96 43.69 -21.93
N ALA G 415 -23.07 43.58 -20.95
CA ALA G 415 -22.31 44.74 -20.49
C ALA G 415 -21.36 45.22 -21.57
N LEU G 416 -20.74 44.29 -22.28
CA LEU G 416 -19.81 44.66 -23.33
C LEU G 416 -20.58 45.37 -24.42
N ASN G 417 -21.75 44.83 -24.74
CA ASN G 417 -22.56 45.44 -25.78
C ASN G 417 -22.99 46.85 -25.40
N ALA G 418 -23.34 47.05 -24.13
CA ALA G 418 -23.74 48.37 -23.64
C ALA G 418 -22.57 49.32 -23.81
N LEU G 419 -21.39 48.86 -23.43
CA LEU G 419 -20.20 49.67 -23.54
C LEU G 419 -20.01 50.05 -24.99
N ASP G 420 -20.29 49.12 -25.90
CA ASP G 420 -20.12 49.37 -27.33
C ASP G 420 -20.97 50.55 -27.76
N LEU G 421 -22.28 50.41 -27.54
CA LEU G 421 -23.26 51.41 -27.92
C LEU G 421 -23.19 52.71 -27.16
N ASP G 422 -23.09 52.60 -25.84
CA ASP G 422 -23.07 53.77 -24.97
C ASP G 422 -21.68 54.32 -24.66
N ARG G 423 -20.83 54.38 -25.68
CA ARG G 423 -19.47 54.87 -25.49
C ARG G 423 -19.20 56.37 -25.51
N GLU G 424 -20.16 57.16 -25.98
CA GLU G 424 -19.90 58.59 -26.06
C GLU G 424 -19.41 59.25 -24.78
N PHE G 425 -20.11 59.01 -23.67
CA PHE G 425 -19.72 59.62 -22.41
C PHE G 425 -18.29 59.33 -21.99
N LEU G 426 -17.71 58.27 -22.54
CA LEU G 426 -16.32 57.88 -22.23
C LEU G 426 -15.33 58.57 -23.16
N LYS G 427 -15.75 58.81 -24.40
CA LYS G 427 -14.89 59.46 -25.40
C LYS G 427 -14.77 60.97 -25.14
N ALA G 428 -15.67 61.50 -24.32
CA ALA G 428 -15.67 62.91 -23.95
C ALA G 428 -14.28 63.30 -23.49
N GLY G 429 -13.84 64.48 -23.90
CA GLY G 429 -12.55 64.95 -23.50
C GLY G 429 -11.40 64.14 -24.09
N GLY G 430 -11.71 63.21 -25.00
CA GLY G 430 -10.68 62.39 -25.61
C GLY G 430 -9.99 61.42 -24.65
N VAL G 431 -10.67 61.13 -23.54
CA VAL G 431 -10.19 60.23 -22.49
C VAL G 431 -10.08 58.80 -23.02
N PHE G 432 -11.20 58.27 -23.52
CA PHE G 432 -11.24 56.94 -24.12
C PHE G 432 -11.35 57.06 -25.63
N THR G 433 -10.52 56.34 -26.37
CA THR G 433 -10.61 56.35 -27.82
C THR G 433 -11.44 55.15 -28.24
N ASP G 434 -11.99 55.17 -29.46
CA ASP G 434 -12.78 54.05 -29.95
C ASP G 434 -11.90 52.81 -30.00
N GLU G 435 -10.67 52.98 -30.47
CA GLU G 435 -9.73 51.88 -30.58
C GLU G 435 -9.49 51.19 -29.26
N ALA G 436 -9.30 51.99 -28.21
CA ALA G 436 -9.08 51.44 -26.88
C ALA G 436 -10.29 50.62 -26.47
N ILE G 437 -11.46 51.25 -26.57
CA ILE G 437 -12.70 50.59 -26.21
C ILE G 437 -12.93 49.29 -27.00
N ASP G 438 -12.73 49.35 -28.30
CA ASP G 438 -12.94 48.17 -29.13
C ASP G 438 -11.97 47.04 -28.81
N ALA G 439 -10.75 47.41 -28.42
CA ALA G 439 -9.71 46.45 -28.08
C ALA G 439 -10.05 45.77 -26.77
N TYR G 440 -10.52 46.56 -25.81
CA TYR G 440 -10.91 46.05 -24.50
C TYR G 440 -12.03 45.05 -24.69
N ILE G 441 -13.03 45.44 -25.46
CA ILE G 441 -14.18 44.59 -25.72
C ILE G 441 -13.74 43.29 -26.37
N ALA G 442 -12.77 43.37 -27.27
CA ALA G 442 -12.32 42.17 -27.95
C ALA G 442 -11.61 41.21 -27.00
N LEU G 443 -10.86 41.77 -26.06
CA LEU G 443 -10.15 40.95 -25.09
C LEU G 443 -11.14 40.19 -24.23
N ARG G 444 -12.17 40.88 -23.79
CA ARG G 444 -13.16 40.26 -22.93
C ARG G 444 -14.09 39.31 -23.67
N ARG G 445 -14.30 39.51 -24.95
CA ARG G 445 -15.21 38.63 -25.68
C ARG G 445 -14.62 37.25 -25.86
N GLU G 446 -13.30 37.23 -25.90
CA GLU G 446 -12.50 36.03 -26.07
C GLU G 446 -12.67 35.24 -24.76
N GLU G 447 -12.66 35.96 -23.64
CA GLU G 447 -12.85 35.34 -22.34
C GLU G 447 -14.28 34.85 -22.23
N ASP G 448 -15.22 35.71 -22.59
CA ASP G 448 -16.64 35.34 -22.53
C ASP G 448 -16.89 34.06 -23.33
N ASP G 449 -16.16 33.92 -24.44
CA ASP G 449 -16.34 32.75 -25.31
C ASP G 449 -15.94 31.43 -24.70
N ARG G 450 -14.85 31.46 -23.93
CA ARG G 450 -14.37 30.25 -23.28
C ARG G 450 -15.46 29.71 -22.39
N VAL G 451 -16.04 30.59 -21.61
CA VAL G 451 -17.08 30.17 -20.70
C VAL G 451 -18.35 29.77 -21.43
N ARG G 452 -18.71 30.47 -22.49
CA ARG G 452 -19.94 30.14 -23.22
C ARG G 452 -19.82 28.83 -23.97
N MET G 453 -18.63 28.55 -24.47
CA MET G 453 -18.41 27.35 -25.26
C MET G 453 -18.04 26.07 -24.54
N THR G 454 -17.55 26.16 -23.30
CA THR G 454 -17.12 24.98 -22.56
C THR G 454 -18.23 24.38 -21.72
N PRO G 455 -18.54 23.10 -21.92
CA PRO G 455 -19.62 22.47 -21.13
C PRO G 455 -19.39 22.70 -19.65
N HIS G 456 -20.48 22.98 -18.95
CA HIS G 456 -20.44 23.23 -17.53
C HIS G 456 -20.83 21.98 -16.75
N PRO G 457 -20.11 21.67 -15.67
CA PRO G 457 -20.40 20.49 -14.86
C PRO G 457 -21.89 20.35 -14.55
N VAL G 458 -22.54 21.46 -14.23
CA VAL G 458 -23.96 21.45 -13.89
C VAL G 458 -24.85 21.00 -15.06
N GLU G 459 -24.35 21.21 -16.27
CA GLU G 459 -25.12 20.80 -17.43
C GLU G 459 -25.27 19.31 -17.49
N PHE G 460 -24.30 18.60 -16.90
CA PHE G 460 -24.37 17.12 -16.86
C PHE G 460 -25.42 16.68 -15.85
N GLU G 461 -25.43 17.34 -14.72
CA GLU G 461 -26.39 17.05 -13.70
C GLU G 461 -27.79 17.26 -14.26
N LEU G 462 -27.96 18.37 -14.93
CA LEU G 462 -29.24 18.78 -15.54
C LEU G 462 -29.62 18.03 -16.81
N TYR G 463 -28.67 17.72 -17.71
CA TYR G 463 -29.07 17.12 -18.97
C TYR G 463 -28.38 15.80 -19.37
N TYR G 464 -27.53 15.17 -18.58
CA TYR G 464 -26.90 13.93 -19.07
C TYR G 464 -27.94 12.85 -19.44
N SER G 465 -28.99 12.74 -18.63
CA SER G 465 -30.03 11.73 -18.82
C SER G 465 -31.18 12.16 -19.70
N VAL G 466 -30.96 13.22 -20.45
CA VAL G 466 -31.97 13.77 -21.33
C VAL G 466 -32.41 12.77 -22.40
N GLU H 1 50.71 39.14 -13.96
CA GLU H 1 51.04 39.57 -12.59
C GLU H 1 49.80 39.83 -11.78
N HIS H 2 48.78 40.35 -12.47
CA HIS H 2 47.50 40.64 -11.87
C HIS H 2 46.92 39.32 -11.39
N VAL H 3 47.15 38.28 -12.19
CA VAL H 3 46.68 36.96 -11.87
C VAL H 3 47.38 36.44 -10.62
N LEU H 4 48.70 36.56 -10.58
CA LEU H 4 49.44 36.08 -9.42
C LEU H 4 49.07 36.80 -8.12
N THR H 5 48.51 38.01 -8.24
CA THR H 5 48.08 38.74 -7.04
C THR H 5 46.67 38.33 -6.65
N MET H 6 45.85 37.98 -7.65
CA MET H 6 44.48 37.52 -7.40
C MET H 6 44.54 36.19 -6.67
N LEU H 7 45.61 35.43 -6.94
CA LEU H 7 45.82 34.15 -6.28
C LEU H 7 46.03 34.31 -4.78
N ASN H 8 46.75 35.37 -4.41
CA ASN H 8 47.02 35.62 -3.00
C ASN H 8 45.91 36.36 -2.29
N GLU H 9 45.29 37.28 -3.02
CA GLU H 9 44.21 38.12 -2.52
C GLU H 9 42.98 37.31 -2.15
N HIS H 10 42.71 36.28 -2.94
CA HIS H 10 41.55 35.41 -2.69
C HIS H 10 41.95 34.04 -2.11
N GLU H 11 43.23 33.88 -1.78
CA GLU H 11 43.75 32.62 -1.21
C GLU H 11 43.25 31.44 -2.03
N VAL H 12 43.47 31.53 -3.33
CA VAL H 12 43.07 30.53 -4.28
C VAL H 12 43.80 29.21 -4.11
N LYS H 13 43.02 28.13 -4.12
CA LYS H 13 43.58 26.79 -3.99
C LYS H 13 43.64 26.10 -5.35
N PHE H 14 42.76 26.50 -6.26
CA PHE H 14 42.74 25.90 -7.61
C PHE H 14 42.50 26.87 -8.73
N VAL H 15 42.91 26.44 -9.91
CA VAL H 15 42.73 27.23 -11.10
C VAL H 15 41.97 26.33 -12.07
N ASP H 16 40.82 26.82 -12.50
CA ASP H 16 39.96 26.06 -13.40
C ASP H 16 40.13 26.61 -14.81
N LEU H 17 40.79 25.81 -15.63
CA LEU H 17 41.08 26.15 -17.01
C LEU H 17 39.88 25.84 -17.88
N ARG H 18 39.35 26.86 -18.55
CA ARG H 18 38.19 26.64 -19.40
C ARG H 18 38.32 26.93 -20.87
N PHE H 19 37.55 26.17 -21.64
CA PHE H 19 37.51 26.34 -23.06
C PHE H 19 36.21 25.79 -23.64
N THR H 20 35.97 26.04 -24.93
CA THR H 20 34.74 25.61 -25.58
C THR H 20 34.99 24.65 -26.72
N ASP H 21 34.11 23.69 -26.90
CA ASP H 21 34.28 22.74 -27.97
C ASP H 21 33.53 23.23 -29.18
N THR H 22 33.60 22.47 -30.26
CA THR H 22 32.94 22.85 -31.49
C THR H 22 31.45 23.08 -31.32
N LYS H 23 30.77 22.23 -30.55
CA LYS H 23 29.33 22.37 -30.36
C LYS H 23 28.96 23.62 -29.57
N GLY H 24 29.91 24.13 -28.81
CA GLY H 24 29.66 25.35 -28.06
C GLY H 24 29.63 25.20 -26.57
N LYS H 25 29.94 23.98 -26.12
CA LYS H 25 29.88 23.64 -24.72
C LYS H 25 31.18 23.92 -23.99
N GLU H 26 31.09 24.70 -22.92
CA GLU H 26 32.25 25.05 -22.12
C GLU H 26 32.80 23.78 -21.46
N GLN H 27 34.13 23.64 -21.49
CA GLN H 27 34.80 22.48 -20.91
C GLN H 27 35.81 22.99 -19.90
N HIS H 28 36.30 22.09 -19.04
CA HIS H 28 37.26 22.52 -18.04
C HIS H 28 38.12 21.41 -17.48
N VAL H 29 39.22 21.83 -16.89
CA VAL H 29 40.17 20.96 -16.23
C VAL H 29 40.77 21.84 -15.14
N THR H 30 41.11 21.23 -14.00
CA THR H 30 41.59 21.99 -12.87
C THR H 30 43.00 21.62 -12.43
N ILE H 31 43.76 22.62 -12.00
CA ILE H 31 45.11 22.39 -11.49
C ILE H 31 45.23 23.19 -10.21
N PRO H 32 46.04 22.70 -9.27
CA PRO H 32 46.26 23.38 -7.99
C PRO H 32 46.87 24.71 -8.28
N ALA H 33 46.60 25.73 -7.47
CA ALA H 33 47.16 27.05 -7.70
C ALA H 33 48.69 26.99 -7.77
N HIS H 34 49.30 26.13 -6.97
CA HIS H 34 50.75 26.01 -6.95
C HIS H 34 51.39 25.52 -8.25
N GLN H 35 50.56 25.19 -9.24
CA GLN H 35 51.06 24.73 -10.53
C GLN H 35 51.16 25.92 -11.51
N VAL H 36 50.73 27.07 -11.04
CA VAL H 36 50.76 28.30 -11.82
C VAL H 36 52.07 29.03 -11.60
N ASN H 37 52.88 29.07 -12.65
CA ASN H 37 54.19 29.69 -12.62
C ASN H 37 54.38 30.53 -13.88
N ALA H 38 55.59 31.04 -14.06
CA ALA H 38 55.90 31.86 -15.22
C ALA H 38 55.72 31.06 -16.51
N GLU H 39 56.21 29.85 -16.53
CA GLU H 39 56.10 28.95 -17.68
C GLU H 39 54.68 28.85 -18.18
N PHE H 40 53.80 28.50 -17.26
CA PHE H 40 52.37 28.37 -17.48
C PHE H 40 51.79 29.39 -18.48
N PHE H 41 52.10 30.66 -18.28
CA PHE H 41 51.62 31.71 -19.18
C PHE H 41 52.25 31.80 -20.55
N GLU H 42 53.52 31.45 -20.66
CA GLU H 42 54.20 31.55 -21.93
C GLU H 42 54.06 30.31 -22.77
N GLU H 43 54.03 29.15 -22.13
CA GLU H 43 53.90 27.91 -22.89
C GLU H 43 52.65 27.06 -22.63
N GLY H 44 51.78 27.51 -21.74
CA GLY H 44 50.56 26.80 -21.42
C GLY H 44 50.75 25.40 -20.86
N LYS H 45 49.71 24.58 -20.94
CA LYS H 45 49.74 23.20 -20.45
C LYS H 45 49.29 22.27 -21.57
N MET H 46 49.82 21.06 -21.57
CA MET H 46 49.51 20.06 -22.59
C MET H 46 48.29 19.21 -22.25
N PHE H 47 47.53 18.85 -23.28
CA PHE H 47 46.39 17.98 -23.09
C PHE H 47 46.07 17.21 -24.36
N ASP H 48 45.30 16.14 -24.18
CA ASP H 48 44.92 15.26 -25.26
C ASP H 48 43.82 15.85 -26.15
N GLY H 49 44.16 16.08 -27.42
CA GLY H 49 43.21 16.63 -28.35
C GLY H 49 42.13 15.63 -28.73
N SER H 50 42.53 14.40 -29.05
CA SER H 50 41.62 13.34 -29.48
C SER H 50 40.35 13.08 -28.63
N SER H 51 40.32 13.63 -27.43
CA SER H 51 39.21 13.47 -26.50
C SER H 51 37.94 14.30 -26.78
N ILE H 52 38.13 15.47 -27.39
CA ILE H 52 37.04 16.37 -27.73
C ILE H 52 36.45 15.99 -29.09
N GLY H 53 35.13 16.03 -29.20
CA GLY H 53 34.49 15.67 -30.46
C GLY H 53 34.85 16.59 -31.61
N GLY H 54 35.18 15.99 -32.76
CA GLY H 54 35.50 16.76 -33.95
C GLY H 54 36.87 17.42 -33.94
N TRP H 55 37.77 16.96 -33.07
CA TRP H 55 39.07 17.59 -33.04
C TRP H 55 40.12 16.68 -33.68
N LYS H 56 41.33 16.59 -33.09
CA LYS H 56 42.41 15.76 -33.66
C LYS H 56 42.00 14.27 -33.72
N GLY H 57 42.46 13.57 -34.72
CA GLY H 57 42.12 12.16 -34.87
C GLY H 57 43.16 11.22 -34.25
N ILE H 58 43.31 10.08 -34.93
CA ILE H 58 44.21 8.99 -34.54
C ILE H 58 45.67 9.34 -34.32
N ASN H 59 46.24 10.27 -35.06
CA ASN H 59 47.68 10.42 -34.96
C ASN H 59 48.27 11.58 -34.24
N GLU H 60 47.59 12.70 -34.31
CA GLU H 60 48.06 13.98 -33.75
C GLU H 60 47.37 14.45 -32.49
N SER H 61 47.21 13.59 -31.53
CA SER H 61 46.46 13.95 -30.32
C SER H 61 46.87 15.19 -29.54
N ASP H 62 48.14 15.30 -29.19
CA ASP H 62 48.51 16.39 -28.30
C ASP H 62 48.52 17.83 -28.81
N MET H 63 47.94 18.67 -27.93
CA MET H 63 47.75 20.09 -28.15
C MET H 63 47.96 20.95 -26.91
N VAL H 64 47.95 22.27 -27.10
CA VAL H 64 48.21 23.22 -26.03
C VAL H 64 47.04 24.09 -25.52
N LEU H 65 46.95 24.18 -24.20
CA LEU H 65 45.96 25.01 -23.52
C LEU H 65 46.66 26.29 -23.14
N MET H 66 46.34 27.39 -23.82
CA MET H 66 47.02 28.64 -23.51
C MET H 66 46.18 29.57 -22.67
N PRO H 67 46.52 29.72 -21.40
CA PRO H 67 45.77 30.61 -20.53
C PRO H 67 45.78 32.05 -21.01
N ASP H 68 44.60 32.67 -21.01
CA ASP H 68 44.44 34.06 -21.40
C ASP H 68 44.24 34.80 -20.09
N ALA H 69 45.32 35.38 -19.59
CA ALA H 69 45.32 36.10 -18.33
C ALA H 69 44.31 37.21 -18.17
N SER H 70 43.76 37.69 -19.28
CA SER H 70 42.77 38.77 -19.19
C SER H 70 41.41 38.28 -18.66
N THR H 71 41.18 36.98 -18.79
CA THR H 71 39.92 36.35 -18.40
C THR H 71 39.77 35.88 -16.97
N ALA H 72 40.80 36.04 -16.15
CA ALA H 72 40.74 35.60 -14.77
C ALA H 72 39.56 36.10 -13.94
N VAL H 73 38.79 35.15 -13.41
CA VAL H 73 37.66 35.47 -12.57
C VAL H 73 37.39 34.31 -11.62
N ILE H 74 37.02 34.66 -10.40
CA ILE H 74 36.72 33.71 -9.34
C ILE H 74 35.43 32.94 -9.59
N ASP H 75 35.43 31.64 -9.30
CA ASP H 75 34.21 30.85 -9.46
C ASP H 75 33.41 31.07 -8.20
N PRO H 76 32.15 31.48 -8.35
CA PRO H 76 31.26 31.75 -7.22
C PRO H 76 30.52 30.58 -6.64
N PHE H 77 30.70 29.41 -7.21
CA PHE H 77 30.00 28.21 -6.76
C PHE H 77 30.87 27.15 -6.09
N PHE H 78 32.05 26.91 -6.63
CA PHE H 78 32.95 25.90 -6.05
C PHE H 78 33.20 26.14 -4.57
N ALA H 79 33.33 25.05 -3.80
CA ALA H 79 33.54 25.13 -2.36
C ALA H 79 34.87 25.68 -1.88
N ASP H 80 35.92 25.35 -2.63
CA ASP H 80 37.28 25.76 -2.35
C ASP H 80 37.57 26.90 -3.30
N SER H 81 38.25 27.95 -2.83
CA SER H 81 38.55 29.11 -3.66
C SER H 81 39.24 28.75 -4.97
N THR H 82 38.59 29.04 -6.09
CA THR H 82 39.20 28.70 -7.36
C THR H 82 39.02 29.77 -8.40
N LEU H 83 40.08 29.95 -9.17
CA LEU H 83 40.13 30.96 -10.19
C LEU H 83 39.97 30.38 -11.56
N ILE H 84 39.04 30.95 -12.30
CA ILE H 84 38.77 30.51 -13.65
C ILE H 84 39.63 31.30 -14.63
N ILE H 85 40.25 30.60 -15.57
CA ILE H 85 41.05 31.24 -16.60
C ILE H 85 40.70 30.57 -17.91
N ARG H 86 40.12 31.36 -18.81
CA ARG H 86 39.73 30.89 -20.13
C ARG H 86 41.02 30.66 -20.89
N CYS H 87 41.04 29.69 -21.80
CA CYS H 87 42.24 29.37 -22.54
C CYS H 87 41.96 29.24 -24.00
N ASP H 88 42.98 29.40 -24.85
CA ASP H 88 42.78 29.20 -26.30
C ASP H 88 43.49 27.88 -26.54
N ILE H 89 43.17 27.24 -27.66
CA ILE H 89 43.78 25.96 -28.00
C ILE H 89 44.77 26.24 -29.11
N LEU H 90 46.05 26.01 -28.82
CA LEU H 90 47.09 26.27 -29.80
C LEU H 90 47.72 24.99 -30.29
N GLU H 91 48.24 25.04 -31.51
CA GLU H 91 48.93 23.91 -32.13
C GLU H 91 50.29 23.87 -31.40
N PRO H 92 50.79 22.69 -31.01
CA PRO H 92 52.08 22.62 -30.31
C PRO H 92 53.28 23.07 -31.15
N GLY H 93 54.25 23.69 -30.48
CA GLY H 93 55.43 24.16 -31.18
C GLY H 93 55.14 25.46 -31.89
N THR H 94 54.31 25.39 -32.93
CA THR H 94 53.93 26.57 -33.69
C THR H 94 53.20 27.57 -32.79
N LEU H 95 52.47 27.04 -31.79
CA LEU H 95 51.69 27.84 -30.86
C LEU H 95 50.80 28.81 -31.63
N GLN H 96 50.24 28.29 -32.72
CA GLN H 96 49.47 29.16 -33.61
C GLN H 96 48.03 29.45 -33.23
N GLY H 97 47.25 28.43 -33.02
CA GLY H 97 45.85 28.60 -32.78
C GLY H 97 45.19 27.62 -33.68
N TYR H 98 44.69 26.58 -33.05
CA TYR H 98 44.05 25.45 -33.69
C TYR H 98 42.93 25.88 -34.64
N ASP H 99 42.95 25.33 -35.85
CA ASP H 99 41.96 25.64 -36.86
C ASP H 99 40.55 25.39 -36.38
N ARG H 100 40.39 24.36 -35.57
CA ARG H 100 39.09 23.98 -35.05
C ARG H 100 38.73 24.59 -33.70
N ASP H 101 39.60 25.41 -33.11
CA ASP H 101 39.30 26.07 -31.83
C ASP H 101 38.40 27.28 -32.12
N PRO H 102 37.14 27.21 -31.66
CA PRO H 102 36.16 28.27 -31.85
C PRO H 102 36.56 29.61 -31.32
N ARG H 103 37.40 29.64 -30.28
CA ARG H 103 37.77 30.95 -29.77
C ARG H 103 38.83 31.54 -30.67
N SER H 104 39.73 30.69 -31.16
CA SER H 104 40.78 31.13 -32.07
C SER H 104 40.13 31.67 -33.34
N ILE H 105 39.12 30.97 -33.81
CA ILE H 105 38.38 31.34 -35.00
C ILE H 105 37.72 32.69 -34.85
N ALA H 106 37.16 32.94 -33.67
CA ALA H 106 36.50 34.19 -33.43
C ALA H 106 37.53 35.30 -33.36
N LYS H 107 38.69 35.01 -32.80
CA LYS H 107 39.74 36.02 -32.70
C LYS H 107 40.23 36.36 -34.11
N ARG H 108 40.43 35.32 -34.92
CA ARG H 108 40.88 35.49 -36.30
C ARG H 108 39.93 36.41 -37.07
N ALA H 109 38.65 36.26 -36.79
CA ALA H 109 37.64 37.06 -37.45
C ALA H 109 37.70 38.52 -37.02
N GLU H 110 38.07 38.76 -35.76
CA GLU H 110 38.16 40.14 -35.30
C GLU H 110 39.39 40.77 -35.93
N ASP H 111 40.43 39.95 -36.13
CA ASP H 111 41.66 40.39 -36.75
C ASP H 111 41.38 40.81 -38.18
N TYR H 112 40.80 39.90 -38.96
CA TYR H 112 40.45 40.15 -40.35
C TYR H 112 39.62 41.42 -40.53
N LEU H 113 38.83 41.78 -39.52
CA LEU H 113 38.00 42.98 -39.57
C LEU H 113 38.95 44.17 -39.63
N ARG H 114 39.85 44.24 -38.66
CA ARG H 114 40.83 45.31 -38.58
C ARG H 114 41.69 45.35 -39.85
N ALA H 115 42.09 44.18 -40.33
CA ALA H 115 42.90 44.06 -41.54
C ALA H 115 42.26 44.70 -42.77
N THR H 116 41.01 44.36 -43.06
CA THR H 116 40.31 44.94 -44.22
C THR H 116 40.19 46.44 -44.03
N GLY H 117 40.42 46.88 -42.80
CA GLY H 117 40.31 48.28 -42.47
C GLY H 117 38.87 48.79 -42.49
N ILE H 118 37.91 47.90 -42.67
CA ILE H 118 36.51 48.31 -42.70
C ILE H 118 36.07 48.94 -41.39
N ALA H 119 36.63 48.45 -40.28
CA ALA H 119 36.34 48.96 -38.92
C ALA H 119 37.40 48.38 -38.00
N ASP H 120 37.47 48.86 -36.76
CA ASP H 120 38.47 48.33 -35.85
C ASP H 120 37.94 47.45 -34.71
N THR H 121 36.62 47.46 -34.51
CA THR H 121 35.97 46.65 -33.48
C THR H 121 34.52 46.31 -33.87
N VAL H 122 34.08 45.10 -33.51
CA VAL H 122 32.69 44.66 -33.77
C VAL H 122 31.94 44.60 -32.45
N LEU H 123 30.70 45.06 -32.46
CA LEU H 123 29.92 45.03 -31.23
C LEU H 123 28.75 44.07 -31.27
N PHE H 124 28.72 43.16 -30.30
CA PHE H 124 27.67 42.16 -30.20
C PHE H 124 26.88 42.27 -28.91
N GLY H 125 25.56 42.30 -29.07
CA GLY H 125 24.67 42.36 -27.93
C GLY H 125 23.63 41.27 -28.08
N PRO H 126 23.97 40.01 -27.75
CA PRO H 126 23.02 38.90 -27.86
C PRO H 126 22.05 38.88 -26.68
N GLU H 127 20.84 38.36 -26.91
CA GLU H 127 19.81 38.30 -25.88
C GLU H 127 19.34 36.88 -25.70
N PRO H 128 20.15 36.06 -25.03
CA PRO H 128 19.73 34.68 -24.84
C PRO H 128 18.62 34.56 -23.81
N GLU H 129 17.61 33.77 -24.15
CA GLU H 129 16.47 33.48 -23.30
C GLU H 129 16.65 32.05 -22.80
N PHE H 130 15.97 31.66 -21.73
CA PHE H 130 16.08 30.30 -21.24
C PHE H 130 14.89 29.87 -20.42
N PHE H 131 14.84 28.59 -20.08
CA PHE H 131 13.76 28.03 -19.27
C PHE H 131 14.27 27.48 -17.98
N LEU H 132 13.46 27.63 -16.92
CA LEU H 132 13.78 27.09 -15.60
C LEU H 132 12.71 26.09 -15.21
N PHE H 133 13.07 24.81 -15.08
CA PHE H 133 12.11 23.77 -14.73
C PHE H 133 12.46 23.16 -13.39
N ASP H 134 11.59 22.27 -12.93
CA ASP H 134 11.78 21.56 -11.67
C ASP H 134 12.17 20.11 -11.98
N ASP H 135 11.62 19.57 -13.06
CA ASP H 135 11.84 18.16 -13.42
C ASP H 135 11.91 18.05 -14.94
N ILE H 136 12.91 17.33 -15.41
CA ILE H 136 13.07 17.07 -16.83
C ILE H 136 13.47 15.61 -16.94
N ARG H 137 12.68 14.84 -17.68
CA ARG H 137 12.87 13.41 -17.87
C ARG H 137 12.78 13.07 -19.31
N PHE H 138 13.65 12.21 -19.81
CA PHE H 138 13.57 11.79 -21.18
C PHE H 138 14.37 10.54 -21.40
N GLY H 139 14.11 9.90 -22.54
CA GLY H 139 14.82 8.68 -22.87
C GLY H 139 14.36 8.17 -24.22
N ALA H 140 15.10 7.19 -24.73
CA ALA H 140 14.78 6.59 -26.02
C ALA H 140 15.51 5.29 -26.08
N SER H 141 14.76 4.23 -26.39
CA SER H 141 15.32 2.91 -26.50
C SER H 141 14.53 2.24 -27.61
N ILE H 142 14.81 0.97 -27.83
CA ILE H 142 14.13 0.29 -28.91
C ILE H 142 12.62 0.28 -28.77
N SER H 143 12.12 0.15 -27.54
CA SER H 143 10.69 0.06 -27.34
C SER H 143 9.94 1.36 -27.21
N GLY H 144 10.62 2.48 -27.41
CA GLY H 144 9.92 3.75 -27.33
C GLY H 144 10.80 4.92 -26.99
N SER H 145 10.20 6.00 -26.61
CA SER H 145 10.93 7.22 -26.24
C SER H 145 9.96 8.19 -25.60
N HIS H 146 10.50 9.17 -24.90
CA HIS H 146 9.64 10.14 -24.27
C HIS H 146 10.38 11.32 -23.72
N VAL H 147 9.61 12.36 -23.39
CA VAL H 147 10.13 13.56 -22.75
C VAL H 147 9.01 14.12 -21.92
N ALA H 148 9.35 14.40 -20.68
CA ALA H 148 8.38 14.94 -19.76
C ALA H 148 8.93 16.16 -19.07
N ILE H 149 8.26 17.28 -19.16
CA ILE H 149 8.74 18.51 -18.55
C ILE H 149 7.87 18.88 -17.38
N ASP H 150 8.45 19.44 -16.33
CA ASP H 150 7.60 19.85 -15.24
C ASP H 150 8.17 21.02 -14.48
N ASP H 151 7.28 21.93 -14.14
CA ASP H 151 7.65 23.11 -13.38
C ASP H 151 6.46 23.60 -12.61
N ILE H 152 6.73 24.20 -11.47
CA ILE H 152 5.66 24.70 -10.63
C ILE H 152 4.83 25.77 -11.33
N GLU H 153 5.40 26.40 -12.36
CA GLU H 153 4.70 27.45 -13.09
C GLU H 153 3.90 26.91 -14.26
N GLY H 154 4.19 25.69 -14.67
CA GLY H 154 3.47 25.14 -15.80
C GLY H 154 1.97 25.25 -15.66
N ALA H 155 1.31 25.77 -16.68
CA ALA H 155 -0.13 25.92 -16.62
C ALA H 155 -0.85 24.61 -16.35
N TRP H 156 -0.27 23.51 -16.83
CA TRP H 156 -0.88 22.20 -16.64
C TRP H 156 -1.02 21.79 -15.19
N ASN H 157 -0.25 22.41 -14.32
CA ASN H 157 -0.31 22.09 -12.90
C ASN H 157 -1.44 22.78 -12.17
N SER H 158 -2.31 23.46 -12.92
CA SER H 158 -3.44 24.13 -12.27
C SER H 158 -4.31 23.08 -11.59
N SER H 159 -4.22 21.84 -12.05
CA SER H 159 -5.00 20.74 -11.50
C SER H 159 -4.24 19.77 -10.59
N THR H 160 -2.94 19.95 -10.47
CA THR H 160 -2.10 19.07 -9.67
C THR H 160 -2.28 19.15 -8.16
N LYS H 161 -2.31 17.99 -7.51
CA LYS H 161 -2.43 17.96 -6.06
C LYS H 161 -1.04 18.08 -5.50
N TYR H 162 -0.87 19.00 -4.55
CA TYR H 162 0.42 19.23 -3.93
C TYR H 162 0.31 18.91 -2.44
N GLU H 163 1.43 18.48 -1.87
CA GLU H 163 1.52 18.12 -0.46
C GLU H 163 0.91 19.20 0.44
N GLY H 164 1.40 20.43 0.32
CA GLY H 164 0.87 21.50 1.14
C GLY H 164 -0.21 22.34 0.49
N GLY H 165 -0.88 21.77 -0.51
CA GLY H 165 -1.92 22.48 -1.23
C GLY H 165 -1.39 23.19 -2.47
N ASN H 166 -2.23 23.27 -3.50
CA ASN H 166 -1.87 23.95 -4.75
C ASN H 166 -2.21 25.42 -4.52
N LYS H 167 -1.19 26.29 -4.60
CA LYS H 167 -1.38 27.72 -4.34
C LYS H 167 -1.81 28.53 -5.56
N GLY H 168 -1.92 27.78 -6.60
CA GLY H 168 -2.30 28.14 -7.92
C GLY H 168 -2.26 29.60 -8.39
N HIS H 169 -1.09 30.21 -8.59
CA HIS H 169 -1.01 31.49 -9.33
C HIS H 169 0.03 31.26 -10.39
N ARG H 170 -0.41 30.78 -11.52
CA ARG H 170 0.52 30.42 -12.56
C ARG H 170 0.30 31.15 -13.85
N PRO H 171 1.39 31.35 -14.60
CA PRO H 171 1.33 32.04 -15.89
C PRO H 171 0.68 31.07 -16.85
N GLY H 172 -0.36 31.51 -17.54
CA GLY H 172 -1.02 30.64 -18.50
C GLY H 172 -0.15 30.49 -19.74
N VAL H 173 -0.60 29.72 -20.71
CA VAL H 173 0.17 29.52 -21.94
C VAL H 173 0.34 30.87 -22.63
N LYS H 174 1.59 31.20 -23.00
CA LYS H 174 1.92 32.48 -23.64
C LYS H 174 1.55 33.66 -22.73
N GLY H 175 1.36 33.41 -21.43
CA GLY H 175 0.94 34.48 -20.53
C GLY H 175 2.00 34.87 -19.48
N GLY H 176 3.27 34.66 -19.79
CA GLY H 176 4.32 34.97 -18.86
C GLY H 176 4.83 36.39 -18.92
N TYR H 177 4.44 37.15 -19.95
CA TYR H 177 4.98 38.52 -20.04
C TYR H 177 4.44 39.49 -18.98
N PHE H 178 5.17 39.42 -17.84
CA PHE H 178 5.27 40.35 -16.68
C PHE H 178 4.25 40.26 -15.53
N PRO H 179 3.31 39.33 -15.44
CA PRO H 179 2.57 39.33 -14.19
C PRO H 179 3.45 39.41 -12.97
N VAL H 180 3.18 40.32 -12.06
CA VAL H 180 4.04 40.39 -10.86
C VAL H 180 3.88 39.15 -10.00
N PRO H 181 4.84 38.90 -9.10
CA PRO H 181 4.72 37.75 -8.22
C PRO H 181 3.40 37.85 -7.46
N PRO H 182 2.87 36.73 -6.98
CA PRO H 182 3.42 35.38 -7.12
C PRO H 182 3.26 34.66 -8.44
N VAL H 183 2.58 35.25 -9.43
CA VAL H 183 2.43 34.56 -10.71
C VAL H 183 3.84 34.31 -11.25
N ASP H 184 4.68 35.32 -11.16
CA ASP H 184 6.07 35.20 -11.58
C ASP H 184 6.79 34.66 -10.35
N SER H 185 7.25 33.42 -10.43
CA SER H 185 7.91 32.80 -9.29
C SER H 185 9.41 32.95 -9.28
N ALA H 186 9.97 33.63 -10.27
CA ALA H 186 11.42 33.71 -10.37
C ALA H 186 12.13 35.03 -10.14
N GLN H 187 11.54 35.93 -9.38
CA GLN H 187 12.21 37.19 -9.15
C GLN H 187 13.51 37.02 -8.40
N ASP H 188 13.47 36.38 -7.24
CA ASP H 188 14.69 36.19 -6.45
C ASP H 188 15.79 35.49 -7.24
N ILE H 189 15.42 34.48 -8.01
CA ILE H 189 16.42 33.75 -8.75
C ILE H 189 17.01 34.57 -9.90
N ARG H 190 16.17 35.32 -10.61
CA ARG H 190 16.70 36.14 -11.69
C ARG H 190 17.69 37.16 -11.12
N SER H 191 17.42 37.70 -9.95
CA SER H 191 18.38 38.65 -9.41
C SER H 191 19.68 38.05 -8.95
N GLU H 192 19.64 36.85 -8.37
CA GLU H 192 20.87 36.20 -7.94
C GLU H 192 21.70 36.01 -9.22
N MET H 193 21.05 35.58 -10.30
CA MET H 193 21.76 35.37 -11.55
C MET H 193 22.42 36.68 -11.96
N CYS H 194 21.71 37.78 -11.78
CA CYS H 194 22.26 39.08 -12.13
C CYS H 194 23.46 39.43 -11.28
N LEU H 195 23.30 39.38 -9.97
CA LEU H 195 24.39 39.69 -9.08
C LEU H 195 25.62 38.85 -9.38
N VAL H 196 25.40 37.55 -9.57
CA VAL H 196 26.52 36.66 -9.84
C VAL H 196 27.14 36.96 -11.18
N MET H 197 26.31 37.25 -12.18
CA MET H 197 26.84 37.57 -13.50
C MET H 197 27.77 38.76 -13.41
N GLU H 198 27.36 39.75 -12.62
CA GLU H 198 28.18 40.93 -12.47
C GLU H 198 29.44 40.66 -11.68
N GLN H 199 29.36 39.78 -10.69
CA GLN H 199 30.55 39.43 -9.93
C GLN H 199 31.54 38.78 -10.89
N MET H 200 31.03 38.27 -12.00
CA MET H 200 31.88 37.63 -12.97
C MET H 200 32.23 38.49 -14.17
N GLY H 201 31.99 39.80 -14.05
CA GLY H 201 32.37 40.72 -15.11
C GLY H 201 31.34 41.12 -16.13
N LEU H 202 30.15 40.57 -16.06
CA LEU H 202 29.13 40.95 -17.00
C LEU H 202 28.45 42.19 -16.46
N VAL H 203 27.77 42.91 -17.34
CA VAL H 203 27.04 44.10 -16.92
C VAL H 203 25.60 43.85 -17.31
N VAL H 204 24.74 43.85 -16.31
CA VAL H 204 23.35 43.56 -16.51
C VAL H 204 22.51 44.78 -16.77
N GLU H 205 21.63 44.68 -17.75
CA GLU H 205 20.75 45.79 -18.08
C GLU H 205 19.33 45.59 -17.57
N ALA H 206 18.89 44.34 -17.57
CA ALA H 206 17.55 44.04 -17.09
C ALA H 206 17.28 42.56 -16.95
N HIS H 207 16.22 42.23 -16.23
CA HIS H 207 15.80 40.86 -16.10
C HIS H 207 14.29 40.81 -15.96
N HIS H 208 13.73 39.79 -16.58
CA HIS H 208 12.29 39.66 -16.56
C HIS H 208 11.85 38.26 -16.95
N HIS H 209 10.62 37.94 -16.65
CA HIS H 209 10.03 36.68 -17.02
C HIS H 209 9.76 36.78 -18.51
N GLU H 210 9.83 35.68 -19.25
CA GLU H 210 9.53 35.76 -20.67
C GLU H 210 8.10 35.32 -20.93
N VAL H 211 7.74 35.11 -22.20
CA VAL H 211 6.38 34.79 -22.56
C VAL H 211 5.82 33.43 -22.15
N ALA H 212 6.57 32.38 -22.32
CA ALA H 212 6.06 31.05 -22.06
C ALA H 212 5.74 30.72 -20.61
N THR H 213 4.77 29.83 -20.43
CA THR H 213 4.41 29.36 -19.10
C THR H 213 5.58 28.46 -18.70
N ALA H 214 5.56 27.95 -17.49
CA ALA H 214 6.59 27.02 -17.09
C ALA H 214 8.02 27.55 -17.03
N GLY H 215 8.22 28.80 -16.62
CA GLY H 215 9.57 29.31 -16.38
C GLY H 215 10.45 29.86 -17.50
N GLN H 216 9.88 30.47 -18.51
CA GLN H 216 10.80 31.08 -19.47
C GLN H 216 11.25 32.38 -18.85
N ASN H 217 12.55 32.65 -18.90
CA ASN H 217 13.08 33.86 -18.28
C ASN H 217 14.18 34.46 -19.12
N GLU H 218 14.59 35.68 -18.80
CA GLU H 218 15.67 36.35 -19.53
C GLU H 218 16.44 37.36 -18.70
N VAL H 219 17.76 37.32 -18.83
CA VAL H 219 18.67 38.28 -18.20
C VAL H 219 19.36 38.99 -19.35
N ALA H 220 19.12 40.28 -19.46
CA ALA H 220 19.72 41.08 -20.52
C ALA H 220 21.02 41.70 -20.05
N THR H 221 22.06 41.46 -20.81
CA THR H 221 23.37 41.99 -20.48
C THR H 221 23.87 42.99 -21.54
N ARG H 222 24.76 43.90 -21.14
CA ARG H 222 25.33 44.89 -22.04
C ARG H 222 26.24 44.21 -23.05
N PHE H 223 26.22 44.80 -24.26
CA PHE H 223 27.01 44.29 -25.37
C PHE H 223 28.48 44.41 -24.99
N ASN H 224 29.34 43.96 -25.88
CA ASN H 224 30.78 43.99 -25.70
C ASN H 224 31.40 43.62 -27.05
N THR H 225 32.71 43.69 -27.16
CA THR H 225 33.35 43.34 -28.42
C THR H 225 33.10 41.87 -28.66
N MET H 226 32.96 41.49 -29.92
CA MET H 226 32.61 40.12 -30.31
C MET H 226 33.20 38.99 -29.45
N THR H 227 34.52 38.76 -29.51
CA THR H 227 35.07 37.64 -28.75
C THR H 227 34.83 37.73 -27.24
N LYS H 228 34.90 38.92 -26.66
CA LYS H 228 34.68 39.04 -25.23
C LYS H 228 33.20 38.72 -24.91
N LYS H 229 32.31 38.99 -25.87
CA LYS H 229 30.90 38.73 -25.64
C LYS H 229 30.59 37.25 -25.66
N ALA H 230 31.23 36.51 -26.56
CA ALA H 230 31.04 35.07 -26.64
C ALA H 230 31.52 34.47 -25.32
N ASP H 231 32.60 35.04 -24.78
CA ASP H 231 33.13 34.59 -23.50
C ASP H 231 32.00 34.83 -22.49
N GLU H 232 31.43 36.04 -22.53
CA GLU H 232 30.35 36.39 -21.63
C GLU H 232 29.14 35.45 -21.75
N ILE H 233 28.86 34.99 -22.96
CA ILE H 233 27.74 34.08 -23.16
C ILE H 233 27.99 32.80 -22.40
N GLN H 234 29.21 32.27 -22.52
CA GLN H 234 29.60 31.05 -21.82
C GLN H 234 29.44 31.20 -20.30
N ILE H 235 29.85 32.36 -19.79
CA ILE H 235 29.77 32.64 -18.36
C ILE H 235 28.30 32.79 -17.99
N TYR H 236 27.60 33.46 -18.86
CA TYR H 236 26.18 33.67 -18.67
C TYR H 236 25.46 32.33 -18.49
N LYS H 237 25.71 31.43 -19.44
CA LYS H 237 25.09 30.10 -19.36
C LYS H 237 25.51 29.39 -18.09
N TYR H 238 26.79 29.51 -17.77
CA TYR H 238 27.31 28.86 -16.58
C TYR H 238 26.59 29.36 -15.34
N VAL H 239 26.43 30.67 -15.24
CA VAL H 239 25.76 31.23 -14.10
C VAL H 239 24.31 30.78 -14.05
N VAL H 240 23.64 30.86 -15.18
CA VAL H 240 22.24 30.44 -15.23
C VAL H 240 22.09 28.98 -14.81
N HIS H 241 22.89 28.11 -15.41
CA HIS H 241 22.81 26.69 -15.10
C HIS H 241 23.07 26.39 -13.65
N ASN H 242 24.10 27.02 -13.10
CA ASN H 242 24.46 26.76 -11.72
C ASN H 242 23.62 27.44 -10.66
N VAL H 243 23.13 28.63 -10.93
CA VAL H 243 22.29 29.27 -9.93
C VAL H 243 20.99 28.48 -9.89
N ALA H 244 20.51 28.05 -11.06
CA ALA H 244 19.30 27.25 -11.12
C ALA H 244 19.48 25.98 -10.28
N HIS H 245 20.59 25.30 -10.51
CA HIS H 245 20.90 24.07 -9.79
C HIS H 245 20.90 24.33 -8.30
N ARG H 246 21.52 25.42 -7.87
CA ARG H 246 21.56 25.74 -6.46
C ARG H 246 20.19 26.06 -5.88
N PHE H 247 19.27 26.50 -6.73
CA PHE H 247 17.92 26.83 -6.26
C PHE H 247 16.97 25.65 -6.39
N GLY H 248 17.49 24.51 -6.79
CA GLY H 248 16.62 23.36 -6.93
C GLY H 248 15.91 23.32 -8.26
N LYS H 249 16.42 24.05 -9.24
CA LYS H 249 15.82 24.02 -10.56
C LYS H 249 16.81 23.44 -11.56
N THR H 250 16.42 23.47 -12.83
CA THR H 250 17.29 22.99 -13.88
C THR H 250 16.98 23.88 -15.06
N ALA H 251 18.01 24.51 -15.61
CA ALA H 251 17.79 25.40 -16.73
C ALA H 251 18.22 24.83 -18.05
N THR H 252 17.52 25.24 -19.11
CA THR H 252 17.91 24.80 -20.44
C THR H 252 17.88 25.94 -21.46
N PHE H 253 18.85 25.93 -22.36
CA PHE H 253 18.90 26.91 -23.41
C PHE H 253 18.42 26.32 -24.71
N MET H 254 17.77 25.16 -24.66
CA MET H 254 17.21 24.54 -25.87
C MET H 254 16.30 25.55 -26.51
N PRO H 255 16.25 25.60 -27.83
CA PRO H 255 15.37 26.59 -28.45
C PRO H 255 13.87 26.35 -28.38
N LYS H 256 13.40 25.11 -28.45
CA LYS H 256 11.96 24.86 -28.39
C LYS H 256 11.66 23.62 -27.55
N PRO H 257 11.59 23.77 -26.23
CA PRO H 257 11.30 22.58 -25.43
C PRO H 257 9.84 22.18 -25.45
N MET H 258 8.96 23.14 -25.76
CA MET H 258 7.54 22.85 -25.79
C MET H 258 6.81 23.28 -27.03
N PHE H 259 5.99 22.37 -27.52
CA PHE H 259 5.16 22.70 -28.66
C PHE H 259 3.97 23.49 -28.11
N GLY H 260 3.63 24.62 -28.70
CA GLY H 260 2.46 25.34 -28.20
C GLY H 260 2.74 26.59 -27.41
N ASP H 261 4.00 26.83 -27.10
CA ASP H 261 4.34 28.03 -26.39
C ASP H 261 5.69 28.47 -26.93
N ASN H 262 6.06 29.69 -26.57
CA ASN H 262 7.30 30.31 -27.00
C ASN H 262 8.53 29.45 -26.95
N GLY H 263 9.43 29.69 -27.90
CA GLY H 263 10.69 29.01 -27.89
C GLY H 263 11.64 30.02 -27.29
N SER H 264 12.93 29.70 -27.23
CA SER H 264 13.89 30.65 -26.69
C SER H 264 14.78 31.07 -27.83
N GLY H 265 14.93 32.37 -28.02
CA GLY H 265 15.77 32.88 -29.07
C GLY H 265 16.96 33.63 -28.52
N MET H 266 17.88 33.98 -29.39
CA MET H 266 19.04 34.75 -28.97
C MET H 266 19.29 35.82 -30.01
N HIS H 267 18.48 36.86 -29.97
CA HIS H 267 18.63 37.96 -30.90
C HIS H 267 20.03 38.52 -30.78
N CYS H 268 20.59 38.93 -31.91
CA CYS H 268 21.92 39.51 -31.88
C CYS H 268 21.96 40.91 -32.46
N HIS H 269 22.24 41.87 -31.58
CA HIS H 269 22.38 43.25 -31.97
C HIS H 269 23.83 43.42 -32.37
N MET H 270 24.06 44.06 -33.51
CA MET H 270 25.42 44.27 -34.01
C MET H 270 25.61 45.68 -34.58
N SER H 271 26.87 46.10 -34.60
CA SER H 271 27.26 47.39 -35.14
C SER H 271 28.78 47.38 -35.23
N LEU H 272 29.33 48.21 -36.10
CA LEU H 272 30.77 48.29 -36.28
C LEU H 272 31.28 49.66 -35.84
N ALA H 273 32.56 49.75 -35.56
CA ALA H 273 33.12 51.01 -35.14
C ALA H 273 34.60 51.19 -35.50
N LYS H 274 34.98 52.46 -35.63
CA LYS H 274 36.36 52.84 -35.92
C LYS H 274 36.65 54.13 -35.17
N ASN H 275 37.77 54.13 -34.46
CA ASN H 275 38.23 55.27 -33.67
C ASN H 275 37.06 55.90 -32.94
N GLY H 276 36.33 55.09 -32.19
CA GLY H 276 35.21 55.59 -31.43
C GLY H 276 33.92 56.04 -32.11
N THR H 277 33.87 56.04 -33.44
CA THR H 277 32.63 56.47 -34.10
C THR H 277 31.85 55.25 -34.60
N ASN H 278 30.52 55.35 -34.52
CA ASN H 278 29.66 54.26 -34.95
C ASN H 278 29.45 54.22 -36.47
N LEU H 279 30.20 53.35 -37.13
CA LEU H 279 30.12 53.19 -38.58
C LEU H 279 28.73 52.80 -39.13
N PHE H 280 27.75 52.60 -38.25
CA PHE H 280 26.41 52.22 -38.69
C PHE H 280 25.39 53.36 -38.72
N SER H 281 25.73 54.52 -38.17
CA SER H 281 24.79 55.65 -38.20
C SER H 281 24.97 56.41 -39.52
N GLY H 282 23.86 56.90 -40.06
CA GLY H 282 23.92 57.62 -41.31
C GLY H 282 22.62 58.33 -41.65
N ASP H 283 22.48 58.74 -42.91
CA ASP H 283 21.30 59.46 -43.38
C ASP H 283 20.29 58.54 -44.09
N LYS H 284 20.70 57.32 -44.38
CA LYS H 284 19.85 56.33 -45.06
C LYS H 284 18.72 55.86 -44.12
N TYR H 285 17.98 54.83 -44.54
CA TYR H 285 16.86 54.27 -43.76
C TYR H 285 17.04 54.15 -42.24
N ALA H 286 16.05 54.64 -41.51
CA ALA H 286 16.04 54.58 -40.06
C ALA H 286 17.30 55.04 -39.31
N GLY H 287 18.12 55.86 -39.95
CA GLY H 287 19.32 56.36 -39.30
C GLY H 287 20.57 55.54 -39.58
N LEU H 288 20.48 54.68 -40.58
CA LEU H 288 21.60 53.80 -40.95
C LEU H 288 22.60 54.34 -41.95
N SER H 289 23.82 53.80 -41.91
CA SER H 289 24.89 54.15 -42.83
C SER H 289 24.71 53.20 -44.01
N GLU H 290 25.33 53.47 -45.15
CA GLU H 290 25.16 52.55 -46.25
C GLU H 290 25.96 51.30 -45.97
N GLN H 291 26.89 51.40 -45.03
CA GLN H 291 27.73 50.28 -44.62
C GLN H 291 26.85 49.24 -43.92
N ALA H 292 25.98 49.74 -43.06
CA ALA H 292 25.04 48.89 -42.31
C ALA H 292 24.19 48.10 -43.27
N LEU H 293 23.71 48.77 -44.31
CA LEU H 293 22.87 48.14 -45.32
C LEU H 293 23.59 47.03 -46.05
N TYR H 294 24.87 47.25 -46.38
CA TYR H 294 25.63 46.22 -47.08
C TYR H 294 25.80 45.03 -46.14
N TYR H 295 26.02 45.35 -44.88
CA TYR H 295 26.18 44.33 -43.84
C TYR H 295 24.92 43.48 -43.83
N ILE H 296 23.77 44.15 -43.75
CA ILE H 296 22.48 43.46 -43.75
C ILE H 296 22.35 42.58 -44.99
N GLY H 297 22.77 43.13 -46.12
CA GLY H 297 22.69 42.39 -47.36
C GLY H 297 23.51 41.14 -47.27
N GLY H 298 24.67 41.24 -46.62
CA GLY H 298 25.53 40.09 -46.46
C GLY H 298 24.85 39.01 -45.64
N VAL H 299 24.30 39.43 -44.49
CA VAL H 299 23.61 38.52 -43.59
C VAL H 299 22.48 37.83 -44.33
N ILE H 300 21.74 38.59 -45.12
CA ILE H 300 20.64 38.01 -45.87
C ILE H 300 21.13 37.05 -46.94
N LYS H 301 22.22 37.40 -47.62
CA LYS H 301 22.73 36.55 -48.68
C LYS H 301 23.15 35.21 -48.13
N HIS H 302 23.85 35.23 -46.99
CA HIS H 302 24.36 34.01 -46.37
C HIS H 302 23.56 33.46 -45.17
N ALA H 303 22.31 33.88 -45.04
CA ALA H 303 21.47 33.45 -43.94
C ALA H 303 21.44 31.94 -43.73
N LYS H 304 21.09 31.18 -44.76
CA LYS H 304 21.03 29.74 -44.61
C LYS H 304 22.34 29.12 -44.09
N ALA H 305 23.48 29.68 -44.46
CA ALA H 305 24.73 29.11 -43.98
C ALA H 305 24.93 29.54 -42.54
N ILE H 306 24.55 30.76 -42.21
CA ILE H 306 24.71 31.24 -40.84
C ILE H 306 23.85 30.39 -39.92
N ASN H 307 22.70 29.96 -40.41
CA ASN H 307 21.78 29.12 -39.67
C ASN H 307 22.47 27.90 -39.08
N ALA H 308 23.39 27.32 -39.86
CA ALA H 308 24.10 26.13 -39.42
C ALA H 308 24.92 26.37 -38.16
N LEU H 309 25.11 27.65 -37.82
CA LEU H 309 25.87 28.00 -36.62
C LEU H 309 25.03 28.70 -35.59
N ALA H 310 24.02 29.43 -36.06
CA ALA H 310 23.15 30.19 -35.18
C ALA H 310 21.92 29.42 -34.75
N ASN H 311 21.67 28.30 -35.41
CA ASN H 311 20.51 27.43 -35.13
C ASN H 311 21.08 26.06 -35.49
N PRO H 312 22.03 25.58 -34.68
CA PRO H 312 22.71 24.31 -34.89
C PRO H 312 22.08 23.04 -34.42
N THR H 313 20.79 23.07 -34.10
CA THR H 313 20.11 21.87 -33.61
C THR H 313 18.85 21.63 -34.40
N THR H 314 18.40 20.38 -34.49
CA THR H 314 17.16 20.10 -35.20
C THR H 314 16.05 20.83 -34.47
N ASN H 315 16.17 20.91 -33.14
CA ASN H 315 15.19 21.56 -32.29
C ASN H 315 15.04 23.03 -32.68
N SER H 316 16.14 23.64 -33.11
CA SER H 316 16.14 25.05 -33.50
C SER H 316 15.04 25.36 -34.50
N TYR H 317 14.78 24.38 -35.38
CA TYR H 317 13.81 24.54 -36.46
C TYR H 317 12.39 24.29 -35.96
N LYS H 318 12.23 24.01 -34.70
CA LYS H 318 10.88 23.84 -34.24
C LYS H 318 10.38 25.19 -33.71
N ARG H 319 11.32 26.13 -33.61
CA ARG H 319 11.07 27.52 -33.20
C ARG H 319 10.87 28.37 -34.46
N LEU H 320 11.67 28.07 -35.47
CA LEU H 320 11.61 28.75 -36.76
C LEU H 320 10.65 28.01 -37.68
N VAL H 321 9.37 28.25 -37.43
CA VAL H 321 8.33 27.63 -38.24
C VAL H 321 7.34 28.69 -38.60
N PRO H 322 6.71 28.49 -39.79
CA PRO H 322 5.70 29.45 -40.19
C PRO H 322 4.73 29.78 -39.08
N GLY H 323 5.12 30.76 -38.26
CA GLY H 323 4.29 31.25 -37.19
C GLY H 323 4.15 32.73 -37.39
N TYR H 324 3.44 33.42 -36.52
CA TYR H 324 3.28 34.88 -36.76
C TYR H 324 4.53 35.67 -36.45
N GLU H 325 5.02 35.50 -35.23
CA GLU H 325 6.20 36.20 -34.77
C GLU H 325 7.50 35.50 -35.11
N ALA H 326 7.40 34.40 -35.86
CA ALA H 326 8.58 33.65 -36.27
C ALA H 326 9.50 34.54 -37.10
N PRO H 327 10.72 34.80 -36.59
CA PRO H 327 11.76 35.63 -37.20
C PRO H 327 12.33 34.91 -38.40
N VAL H 328 11.47 34.46 -39.31
CA VAL H 328 11.96 33.72 -40.47
C VAL H 328 12.07 34.42 -41.82
N MET H 329 11.47 35.59 -41.96
CA MET H 329 11.51 36.32 -43.23
C MET H 329 12.82 37.09 -43.34
N LEU H 330 13.61 36.75 -44.35
CA LEU H 330 14.90 37.41 -44.59
C LEU H 330 14.73 38.83 -45.11
N ALA H 331 14.46 39.75 -44.20
CA ALA H 331 14.25 41.14 -44.54
C ALA H 331 14.49 42.04 -43.34
N TYR H 332 14.53 43.34 -43.59
CA TYR H 332 14.73 44.28 -42.49
C TYR H 332 13.58 45.25 -42.40
N SER H 333 13.42 45.83 -41.22
CA SER H 333 12.37 46.78 -40.94
C SER H 333 12.58 47.28 -39.53
N ALA H 334 11.98 48.43 -39.23
CA ALA H 334 12.10 49.02 -37.91
C ALA H 334 10.85 48.73 -37.11
N ARG H 335 9.89 48.10 -37.76
CA ARG H 335 8.64 47.78 -37.12
C ARG H 335 8.20 46.34 -37.31
N ASN H 336 7.95 45.95 -38.56
CA ASN H 336 7.50 44.61 -38.90
C ASN H 336 8.26 43.50 -38.16
N ARG H 337 7.68 42.98 -37.08
CA ARG H 337 8.34 41.91 -36.33
C ARG H 337 8.07 40.53 -36.93
N SER H 338 8.15 40.51 -38.26
CA SER H 338 8.00 39.30 -39.07
C SER H 338 9.39 39.14 -39.66
N ALA H 339 10.03 40.29 -39.77
CA ALA H 339 11.38 40.44 -40.30
C ALA H 339 12.41 39.91 -39.33
N SER H 340 13.30 39.06 -39.82
CA SER H 340 14.35 38.49 -39.00
C SER H 340 15.43 39.52 -38.68
N ILE H 341 15.34 40.69 -39.30
CA ILE H 341 16.29 41.77 -39.02
C ILE H 341 15.52 43.03 -38.63
N ARG H 342 15.54 43.36 -37.33
CA ARG H 342 14.88 44.57 -36.85
C ARG H 342 15.88 45.68 -36.77
N ILE H 343 15.39 46.89 -37.00
CA ILE H 343 16.22 48.06 -36.86
C ILE H 343 15.65 48.83 -35.69
N PRO H 344 16.37 48.80 -34.57
CA PRO H 344 15.97 49.49 -33.34
C PRO H 344 15.87 50.95 -33.66
N VAL H 345 14.79 51.59 -33.21
CA VAL H 345 14.67 53.01 -33.44
C VAL H 345 15.16 53.64 -32.14
N VAL H 346 16.28 54.33 -32.25
CA VAL H 346 16.88 54.97 -31.09
C VAL H 346 17.32 56.40 -31.47
N ALA H 347 17.39 57.29 -30.47
CA ALA H 347 17.76 58.68 -30.71
C ALA H 347 19.23 58.91 -31.01
N SER H 348 20.09 58.63 -30.03
CA SER H 348 21.52 58.82 -30.21
C SER H 348 22.07 58.01 -31.37
N PRO H 349 22.69 58.68 -32.36
CA PRO H 349 23.25 57.94 -33.50
C PRO H 349 24.39 57.04 -33.03
N LYS H 350 24.87 57.29 -31.80
CA LYS H 350 25.95 56.50 -31.24
C LYS H 350 25.50 55.07 -30.95
N ALA H 351 24.18 54.89 -30.84
CA ALA H 351 23.58 53.60 -30.56
C ALA H 351 22.86 52.92 -31.73
N ARG H 352 23.08 53.42 -32.95
CA ARG H 352 22.47 52.84 -34.14
C ARG H 352 23.07 51.46 -34.39
N ARG H 353 22.23 50.48 -34.71
CA ARG H 353 22.69 49.10 -34.92
C ARG H 353 21.60 48.23 -35.57
N ILE H 354 21.90 46.98 -35.86
CA ILE H 354 20.89 46.07 -36.42
C ILE H 354 20.67 44.91 -35.46
N GLU H 355 19.47 44.31 -35.50
CA GLU H 355 19.17 43.17 -34.65
C GLU H 355 18.78 41.97 -35.48
N VAL H 356 19.68 40.99 -35.57
CA VAL H 356 19.38 39.77 -36.30
C VAL H 356 18.66 38.84 -35.32
N ARG H 357 17.42 38.58 -35.57
CA ARG H 357 16.56 37.84 -34.67
C ARG H 357 16.54 36.30 -34.72
N PHE H 358 17.05 35.64 -35.76
CA PHE H 358 16.84 34.18 -35.82
C PHE H 358 17.75 33.27 -34.99
N PRO H 359 18.91 33.74 -34.62
CA PRO H 359 19.77 32.92 -33.72
C PRO H 359 19.09 32.34 -32.50
N ASP H 360 19.53 31.21 -31.96
CA ASP H 360 18.97 30.72 -30.72
C ASP H 360 20.12 30.44 -29.76
N PRO H 361 19.84 30.30 -28.47
CA PRO H 361 20.91 30.06 -27.49
C PRO H 361 21.71 28.81 -27.61
N ALA H 362 21.31 27.89 -28.48
CA ALA H 362 22.07 26.65 -28.65
C ALA H 362 23.33 26.90 -29.46
N ALA H 363 23.34 28.03 -30.13
CA ALA H 363 24.45 28.38 -30.98
C ALA H 363 25.76 28.55 -30.26
N ASN H 364 26.83 28.07 -30.87
CA ASN H 364 28.19 28.26 -30.37
C ASN H 364 28.43 29.79 -30.43
N PRO H 365 28.78 30.44 -29.28
CA PRO H 365 28.96 31.90 -29.35
C PRO H 365 29.85 32.35 -30.47
N TYR H 366 31.02 31.81 -30.31
CA TYR H 366 32.11 32.08 -31.18
C TYR H 366 31.79 31.91 -32.65
N LEU H 367 31.41 30.68 -33.01
CA LEU H 367 31.15 30.44 -34.41
C LEU H 367 29.95 31.19 -34.93
N CYS H 368 28.95 31.39 -34.09
CA CYS H 368 27.75 32.09 -34.53
C CYS H 368 28.06 33.54 -34.79
N PHE H 369 28.70 34.18 -33.82
CA PHE H 369 29.07 35.57 -33.98
C PHE H 369 29.99 35.77 -35.18
N ALA H 370 31.02 34.92 -35.28
CA ALA H 370 31.96 35.00 -36.39
C ALA H 370 31.26 34.92 -37.75
N ALA H 371 30.39 33.93 -37.92
CA ALA H 371 29.68 33.76 -39.17
C ALA H 371 28.82 34.97 -39.49
N LEU H 372 28.27 35.60 -38.45
CA LEU H 372 27.45 36.77 -38.65
C LEU H 372 28.32 37.91 -39.21
N LEU H 373 29.51 38.07 -38.64
CA LEU H 373 30.47 39.10 -39.05
C LEU H 373 30.91 38.90 -40.47
N MET H 374 31.50 37.76 -40.75
CA MET H 374 31.99 37.41 -42.06
C MET H 374 30.94 37.63 -43.16
N ALA H 375 29.69 37.31 -42.85
CA ALA H 375 28.62 37.51 -43.82
C ALA H 375 28.42 39.01 -44.02
N GLY H 376 28.52 39.75 -42.92
CA GLY H 376 28.35 41.19 -42.98
C GLY H 376 29.44 41.86 -43.80
N LEU H 377 30.68 41.45 -43.55
CA LEU H 377 31.84 41.98 -44.27
C LEU H 377 31.76 41.68 -45.75
N ASP H 378 31.38 40.44 -46.07
CA ASP H 378 31.26 40.08 -47.47
C ASP H 378 30.14 40.89 -48.10
N GLY H 379 29.23 41.39 -47.28
CA GLY H 379 28.12 42.19 -47.79
C GLY H 379 28.64 43.57 -48.14
N ILE H 380 29.63 44.00 -47.36
CA ILE H 380 30.27 45.29 -47.56
C ILE H 380 31.25 45.25 -48.72
N LYS H 381 32.28 44.40 -48.60
CA LYS H 381 33.27 44.25 -49.64
C LYS H 381 32.62 44.19 -51.01
N ASN H 382 31.49 43.49 -51.10
CA ASN H 382 30.80 43.36 -52.38
C ASN H 382 29.55 44.23 -52.54
N LYS H 383 29.46 45.28 -51.73
CA LYS H 383 28.35 46.24 -51.77
C LYS H 383 27.00 45.60 -52.11
N ILE H 384 26.67 44.56 -51.36
CA ILE H 384 25.43 43.82 -51.57
C ILE H 384 24.26 44.61 -51.04
N HIS H 385 23.46 45.16 -51.96
CA HIS H 385 22.32 45.92 -51.52
C HIS H 385 21.19 44.99 -51.11
N PRO H 386 20.71 45.36 -49.93
CA PRO H 386 19.51 44.84 -49.19
C PRO H 386 18.17 44.78 -49.88
N GLY H 387 17.98 45.73 -50.77
CA GLY H 387 16.74 45.90 -51.44
C GLY H 387 15.96 46.81 -50.50
N GLU H 388 14.64 46.86 -50.67
CA GLU H 388 13.82 47.71 -49.82
C GLU H 388 13.29 46.96 -48.58
N PRO H 389 13.05 47.71 -47.49
CA PRO H 389 12.56 47.18 -46.21
C PRO H 389 11.12 46.64 -46.31
N MET H 390 10.85 45.53 -45.63
CA MET H 390 9.51 44.95 -45.61
C MET H 390 8.76 45.57 -44.43
N ASP H 391 7.68 46.28 -44.71
CA ASP H 391 6.90 46.90 -43.66
C ASP H 391 5.44 46.41 -43.70
N LYS H 392 5.17 45.45 -44.59
CA LYS H 392 3.84 44.87 -44.78
C LYS H 392 3.41 43.90 -43.66
N ASN H 393 3.63 42.60 -43.88
CA ASN H 393 3.27 41.58 -42.88
C ASN H 393 4.13 40.31 -43.03
N LEU H 394 3.84 39.31 -42.16
CA LEU H 394 4.69 38.13 -41.97
C LEU H 394 4.43 37.04 -43.03
N TYR H 395 4.33 35.85 -42.51
CA TYR H 395 4.13 34.71 -43.40
C TYR H 395 2.69 34.39 -43.66
N ASP H 396 1.78 34.89 -42.91
CA ASP H 396 0.45 34.42 -43.26
C ASP H 396 -0.24 35.65 -43.80
N LEU H 397 -0.89 35.55 -44.93
CA LEU H 397 -1.44 36.79 -45.33
C LEU H 397 -0.52 37.86 -44.87
N PRO H 398 0.50 38.17 -45.60
CA PRO H 398 0.70 38.03 -47.00
C PRO H 398 -0.03 36.86 -47.73
N PRO H 399 0.60 35.66 -47.98
CA PRO H 399 0.23 34.53 -48.80
C PRO H 399 -0.41 34.93 -50.16
N GLU H 400 -0.15 36.14 -50.64
CA GLU H 400 -0.64 36.77 -51.89
C GLU H 400 0.07 36.17 -53.10
N GLU H 401 1.37 36.51 -53.21
CA GLU H 401 2.24 36.04 -54.28
C GLU H 401 2.91 34.72 -53.80
N ALA H 402 2.17 33.99 -52.94
CA ALA H 402 2.62 32.74 -52.28
C ALA H 402 3.74 33.15 -51.31
N LYS H 403 3.96 34.47 -51.27
CA LYS H 403 4.95 35.18 -50.46
C LYS H 403 6.33 34.52 -50.34
N GLU H 404 6.82 33.99 -51.46
CA GLU H 404 8.11 33.35 -51.46
C GLU H 404 9.24 34.36 -51.61
N ILE H 405 9.49 35.08 -50.51
CA ILE H 405 10.58 36.05 -50.42
C ILE H 405 11.68 35.26 -49.69
N PRO H 406 12.83 35.86 -49.45
CA PRO H 406 13.87 35.13 -48.70
C PRO H 406 13.52 34.39 -47.44
N GLN H 407 13.94 33.17 -47.23
CA GLN H 407 13.71 32.74 -45.84
C GLN H 407 14.87 31.94 -45.26
N VAL H 408 14.93 31.89 -43.93
CA VAL H 408 15.97 31.12 -43.23
C VAL H 408 15.77 29.65 -43.54
N ALA H 409 16.80 28.85 -43.28
CA ALA H 409 16.72 27.41 -43.54
C ALA H 409 15.54 26.80 -42.80
N GLY H 410 14.92 25.79 -43.37
CA GLY H 410 13.76 25.18 -42.72
C GLY H 410 14.04 23.90 -41.97
N SER H 411 15.30 23.48 -41.98
CA SER H 411 15.72 22.26 -41.31
C SER H 411 17.22 22.34 -41.11
N LEU H 412 17.73 21.58 -40.16
CA LEU H 412 19.16 21.61 -39.92
C LEU H 412 19.98 21.14 -41.12
N GLU H 413 19.53 20.07 -41.77
CA GLU H 413 20.23 19.51 -42.91
C GLU H 413 20.40 20.54 -44.00
N GLU H 414 19.31 21.26 -44.27
CA GLU H 414 19.29 22.30 -45.26
C GLU H 414 20.33 23.36 -44.92
N ALA H 415 20.39 23.71 -43.64
CA ALA H 415 21.34 24.72 -43.18
C ALA H 415 22.76 24.19 -43.31
N LEU H 416 22.96 22.93 -42.99
CA LEU H 416 24.29 22.35 -43.08
C LEU H 416 24.71 22.34 -44.53
N ASN H 417 23.79 21.98 -45.40
CA ASN H 417 24.10 21.94 -46.81
C ASN H 417 24.46 23.33 -47.35
N ALA H 418 23.74 24.34 -46.89
CA ALA H 418 24.02 25.71 -47.30
C ALA H 418 25.43 26.07 -46.86
N LEU H 419 25.75 25.74 -45.63
CA LEU H 419 27.06 26.03 -45.09
C LEU H 419 28.10 25.35 -45.95
N ASP H 420 27.80 24.14 -46.41
CA ASP H 420 28.74 23.38 -47.24
C ASP H 420 29.07 24.17 -48.51
N LEU H 421 28.03 24.46 -49.28
CA LEU H 421 28.15 25.17 -50.54
C LEU H 421 28.59 26.61 -50.43
N ASP H 422 27.97 27.34 -49.53
CA ASP H 422 28.25 28.76 -49.35
C ASP H 422 29.34 29.09 -48.33
N ARG H 423 30.42 28.31 -48.36
CA ARG H 423 31.51 28.52 -47.41
C ARG H 423 32.57 29.56 -47.71
N GLU H 424 32.63 30.06 -48.94
CA GLU H 424 33.67 31.02 -49.27
C GLU H 424 33.78 32.22 -48.34
N PHE H 425 32.65 32.89 -48.09
CA PHE H 425 32.66 34.06 -47.24
C PHE H 425 33.24 33.82 -45.85
N LEU H 426 33.26 32.56 -45.42
CA LEU H 426 33.79 32.18 -44.12
C LEU H 426 35.29 31.91 -44.17
N LYS H 427 35.74 31.38 -45.31
CA LYS H 427 37.16 31.06 -45.51
C LYS H 427 38.01 32.32 -45.75
N ALA H 428 37.33 33.43 -46.07
CA ALA H 428 37.98 34.71 -46.30
C ALA H 428 38.90 35.02 -45.14
N GLY H 429 40.07 35.54 -45.45
CA GLY H 429 41.01 35.87 -44.40
C GLY H 429 41.57 34.67 -43.67
N GLY H 430 41.26 33.47 -44.16
CA GLY H 430 41.74 32.24 -43.52
C GLY H 430 41.18 32.00 -42.12
N VAL H 431 40.03 32.62 -41.84
CA VAL H 431 39.33 32.52 -40.57
C VAL H 431 38.82 31.10 -40.36
N PHE H 432 38.00 30.62 -41.30
CA PHE H 432 37.48 29.25 -41.27
C PHE H 432 38.19 28.40 -42.31
N THR H 433 38.68 27.23 -41.93
CA THR H 433 39.31 26.33 -42.90
C THR H 433 38.26 25.34 -43.35
N ASP H 434 38.49 24.70 -44.50
CA ASP H 434 37.55 23.70 -45.02
C ASP H 434 37.42 22.58 -44.01
N GLU H 435 38.57 22.15 -43.47
CA GLU H 435 38.59 21.06 -42.50
C GLU H 435 37.70 21.35 -41.30
N ALA H 436 37.80 22.56 -40.78
CA ALA H 436 37.00 22.96 -39.64
C ALA H 436 35.53 22.85 -40.00
N ILE H 437 35.17 23.49 -41.11
CA ILE H 437 33.80 23.47 -41.58
C ILE H 437 33.26 22.06 -41.81
N ASP H 438 34.05 21.23 -42.48
CA ASP H 438 33.62 19.88 -42.76
C ASP H 438 33.44 19.04 -41.49
N ALA H 439 34.27 19.32 -40.49
CA ALA H 439 34.23 18.60 -39.22
C ALA H 439 32.99 19.00 -38.45
N TYR H 440 32.69 20.29 -38.46
CA TYR H 440 31.52 20.82 -37.78
C TYR H 440 30.28 20.18 -38.39
N ILE H 441 30.23 20.19 -39.72
CA ILE H 441 29.09 19.62 -40.43
C ILE H 441 28.92 18.15 -40.09
N ALA H 442 30.03 17.44 -39.96
CA ALA H 442 29.95 16.02 -39.67
C ALA H 442 29.41 15.77 -38.26
N LEU H 443 29.79 16.63 -37.32
CA LEU H 443 29.31 16.50 -35.96
C LEU H 443 27.80 16.67 -35.90
N ARG H 444 27.32 17.69 -36.60
CA ARG H 444 25.90 17.96 -36.61
C ARG H 444 25.08 16.97 -37.42
N ARG H 445 25.68 16.36 -38.43
CA ARG H 445 24.90 15.42 -39.24
C ARG H 445 24.57 14.16 -38.48
N GLU H 446 25.45 13.84 -37.56
CA GLU H 446 25.34 12.69 -36.68
C GLU H 446 24.17 12.96 -35.75
N GLU H 447 24.05 14.21 -35.30
CA GLU H 447 22.94 14.61 -34.44
C GLU H 447 21.66 14.61 -35.26
N ASP H 448 21.71 15.21 -36.45
CA ASP H 448 20.54 15.26 -37.31
C ASP H 448 20.02 13.85 -37.57
N ASP H 449 20.93 12.89 -37.67
CA ASP H 449 20.55 11.51 -37.95
C ASP H 449 19.75 10.84 -36.86
N ARG H 450 20.12 11.10 -35.62
CA ARG H 450 19.43 10.52 -34.49
C ARG H 450 17.97 10.90 -34.56
N VAL H 451 17.73 12.18 -34.80
CA VAL H 451 16.37 12.66 -34.86
C VAL H 451 15.64 12.16 -36.10
N ARG H 452 16.33 12.08 -37.23
CA ARG H 452 15.66 11.62 -38.45
C ARG H 452 15.33 10.15 -38.42
N MET H 453 16.18 9.38 -37.75
CA MET H 453 16.01 7.93 -37.69
C MET H 453 15.16 7.36 -36.57
N THR H 454 14.95 8.12 -35.50
CA THR H 454 14.18 7.62 -34.36
C THR H 454 12.71 7.94 -34.47
N PRO H 455 11.84 6.91 -34.40
CA PRO H 455 10.40 7.16 -34.49
C PRO H 455 9.97 8.22 -33.51
N HIS H 456 9.09 9.10 -33.95
CA HIS H 456 8.59 10.19 -33.13
C HIS H 456 7.23 9.84 -32.55
N PRO H 457 7.01 10.13 -31.27
CA PRO H 457 5.74 9.83 -30.61
C PRO H 457 4.54 10.22 -31.45
N VAL H 458 4.60 11.38 -32.08
CA VAL H 458 3.49 11.88 -32.91
C VAL H 458 3.22 10.99 -34.12
N GLU H 459 4.24 10.27 -34.55
CA GLU H 459 4.05 9.39 -35.69
C GLU H 459 3.10 8.27 -35.36
N PHE H 460 3.04 7.92 -34.07
CA PHE H 460 2.11 6.86 -33.62
C PHE H 460 0.68 7.38 -33.63
N GLU H 461 0.52 8.61 -33.15
CA GLU H 461 -0.76 9.23 -33.14
C GLU H 461 -1.29 9.31 -34.56
N LEU H 462 -0.43 9.75 -35.46
CA LEU H 462 -0.75 9.94 -36.88
C LEU H 462 -0.84 8.64 -37.69
N TYR H 463 0.04 7.65 -37.45
CA TYR H 463 0.03 6.49 -38.31
C TYR H 463 -0.10 5.11 -37.64
N TYR H 464 -0.29 4.96 -36.33
CA TYR H 464 -0.37 3.61 -35.78
C TYR H 464 -1.51 2.77 -36.41
N SER H 465 -2.64 3.42 -36.65
CA SER H 465 -3.84 2.76 -37.20
C SER H 465 -3.92 2.75 -38.72
N VAL H 466 -2.80 3.03 -39.34
CA VAL H 466 -2.72 3.08 -40.78
C VAL H 466 -3.08 1.75 -41.44
N GLU I 1 62.75 10.21 15.74
CA GLU I 1 62.57 11.36 16.66
C GLU I 1 61.53 12.32 16.15
N HIS I 2 61.50 12.45 14.82
CA HIS I 2 60.54 13.30 14.14
C HIS I 2 59.15 12.75 14.43
N VAL I 3 59.08 11.42 14.47
CA VAL I 3 57.85 10.74 14.76
C VAL I 3 57.39 11.03 16.18
N LEU I 4 58.31 10.89 17.14
CA LEU I 4 57.95 11.14 18.53
C LEU I 4 57.52 12.59 18.78
N THR I 5 57.92 13.51 17.91
CA THR I 5 57.50 14.91 18.08
C THR I 5 56.15 15.13 17.41
N MET I 6 55.89 14.39 16.32
CA MET I 6 54.60 14.47 15.62
C MET I 6 53.51 13.95 16.55
N LEU I 7 53.88 13.01 17.41
CA LEU I 7 52.95 12.44 18.37
C LEU I 7 52.48 13.49 19.37
N ASN I 8 53.38 14.38 19.77
CA ASN I 8 53.05 15.43 20.73
C ASN I 8 52.41 16.65 20.09
N GLU I 9 52.91 16.97 18.90
CA GLU I 9 52.45 18.12 18.13
C GLU I 9 50.99 18.00 17.71
N HIS I 10 50.58 16.78 17.39
CA HIS I 10 49.20 16.52 16.97
C HIS I 10 48.38 15.81 18.06
N GLU I 11 48.95 15.66 19.26
CA GLU I 11 48.28 15.00 20.39
C GLU I 11 47.66 13.69 19.92
N VAL I 12 48.48 12.88 19.29
CA VAL I 12 48.08 11.61 18.75
C VAL I 12 47.70 10.60 19.82
N LYS I 13 46.56 9.94 19.61
CA LYS I 13 46.07 8.94 20.53
C LYS I 13 46.35 7.53 20.00
N PHE I 14 46.45 7.40 18.68
CA PHE I 14 46.72 6.09 18.06
C PHE I 14 47.68 6.14 16.90
N VAL I 15 48.26 4.98 16.63
CA VAL I 15 49.17 4.82 15.52
C VAL I 15 48.61 3.68 14.70
N ASP I 16 48.34 3.97 13.44
CA ASP I 16 47.77 3.01 12.53
C ASP I 16 48.87 2.46 11.63
N LEU I 17 49.23 1.21 11.89
CA LEU I 17 50.27 0.52 11.16
C LEU I 17 49.73 -0.04 9.87
N ARG I 18 50.30 0.38 8.75
CA ARG I 18 49.81 -0.11 7.46
C ARG I 18 50.77 -0.87 6.58
N PHE I 19 50.19 -1.77 5.81
CA PHE I 19 50.94 -2.57 4.88
C PHE I 19 50.05 -3.09 3.77
N THR I 20 50.65 -3.69 2.75
CA THR I 20 49.91 -4.19 1.60
C THR I 20 50.05 -5.68 1.42
N ASP I 21 48.99 -6.34 0.98
CA ASP I 21 49.06 -7.78 0.78
C ASP I 21 49.43 -8.05 -0.65
N THR I 22 49.54 -9.33 -0.99
CA THR I 22 49.93 -9.70 -2.33
C THR I 22 49.00 -9.14 -3.40
N LYS I 23 47.69 -9.14 -3.16
CA LYS I 23 46.74 -8.63 -4.15
C LYS I 23 46.86 -7.14 -4.37
N GLY I 24 47.42 -6.44 -3.38
CA GLY I 24 47.63 -5.01 -3.52
C GLY I 24 46.79 -4.16 -2.59
N LYS I 25 46.07 -4.82 -1.70
CA LYS I 25 45.18 -4.15 -0.80
C LYS I 25 45.83 -3.73 0.49
N GLU I 26 45.73 -2.44 0.80
CA GLU I 26 46.30 -1.90 2.02
C GLU I 26 45.60 -2.51 3.23
N GLN I 27 46.39 -2.89 4.23
CA GLN I 27 45.88 -3.50 5.45
C GLN I 27 46.34 -2.67 6.62
N HIS I 28 45.73 -2.87 7.79
CA HIS I 28 46.13 -2.08 8.95
C HIS I 28 45.77 -2.70 10.28
N VAL I 29 46.46 -2.22 11.31
CA VAL I 29 46.26 -2.63 12.67
C VAL I 29 46.64 -1.39 13.47
N THR I 30 45.97 -1.17 14.59
CA THR I 30 46.18 0.02 15.38
C THR I 30 46.67 -0.23 16.79
N ILE I 31 47.55 0.65 17.27
CA ILE I 31 48.06 0.54 18.64
C ILE I 31 48.00 1.93 19.23
N PRO I 32 47.79 2.02 20.55
CA PRO I 32 47.71 3.32 21.24
C PRO I 32 49.06 3.99 21.07
N ALA I 33 49.07 5.32 21.02
CA ALA I 33 50.33 6.03 20.87
C ALA I 33 51.33 5.65 21.95
N HIS I 34 50.84 5.42 23.16
CA HIS I 34 51.71 5.05 24.28
C HIS I 34 52.46 3.73 24.13
N GLN I 35 52.19 3.01 23.05
CA GLN I 35 52.86 1.74 22.79
C GLN I 35 54.08 1.96 21.89
N VAL I 36 54.27 3.20 21.47
CA VAL I 36 55.39 3.60 20.62
C VAL I 36 56.57 4.03 21.48
N ASN I 37 57.61 3.22 21.44
CA ASN I 37 58.82 3.45 22.21
C ASN I 37 60.04 3.22 21.32
N ALA I 38 61.21 3.23 21.93
CA ALA I 38 62.45 3.03 21.20
C ALA I 38 62.49 1.65 20.56
N GLU I 39 62.10 0.64 21.32
CA GLU I 39 62.06 -0.73 20.83
C GLU I 39 61.30 -0.87 19.54
N PHE I 40 60.08 -0.36 19.55
CA PHE I 40 59.18 -0.32 18.42
C PHE I 40 59.88 -0.11 17.06
N PHE I 41 60.73 0.91 16.99
CA PHE I 41 61.46 1.18 15.75
C PHE I 41 62.58 0.25 15.37
N GLU I 42 63.26 -0.32 16.36
CA GLU I 42 64.36 -1.21 16.06
C GLU I 42 63.95 -2.64 15.87
N GLU I 43 62.94 -3.08 16.61
CA GLU I 43 62.48 -4.45 16.46
C GLU I 43 61.05 -4.68 15.98
N GLY I 44 60.32 -3.58 15.74
CA GLY I 44 58.94 -3.68 15.27
C GLY I 44 57.98 -4.38 16.21
N LYS I 45 56.86 -4.84 15.66
CA LYS I 45 55.83 -5.55 16.44
C LYS I 45 55.53 -6.87 15.74
N MET I 46 55.16 -7.87 16.54
CA MET I 46 54.85 -9.20 16.02
C MET I 46 53.40 -9.39 15.62
N PHE I 47 53.19 -10.16 14.57
CA PHE I 47 51.82 -10.46 14.13
C PHE I 47 51.77 -11.79 13.38
N ASP I 48 50.56 -12.31 13.29
CA ASP I 48 50.31 -13.59 12.66
C ASP I 48 50.36 -13.52 11.13
N GLY I 49 51.32 -14.23 10.55
CA GLY I 49 51.46 -14.24 9.11
C GLY I 49 50.35 -15.02 8.43
N SER I 50 50.05 -16.22 8.94
CA SER I 50 49.03 -17.09 8.36
C SER I 50 47.65 -16.50 8.03
N SER I 51 47.39 -15.31 8.54
CA SER I 51 46.12 -14.63 8.33
C SER I 51 45.91 -13.94 6.97
N ILE I 52 47.01 -13.51 6.35
CA ILE I 52 46.99 -12.86 5.04
C ILE I 52 47.04 -13.90 3.93
N GLY I 53 46.25 -13.68 2.88
CA GLY I 53 46.22 -14.64 1.80
C GLY I 53 47.54 -14.78 1.07
N GLY I 54 47.96 -16.02 0.82
CA GLY I 54 49.19 -16.29 0.10
C GLY I 54 50.46 -16.05 0.88
N TRP I 55 50.37 -16.01 2.22
CA TRP I 55 51.57 -15.78 2.98
C TRP I 55 52.03 -17.07 3.67
N LYS I 56 52.47 -16.98 4.93
CA LYS I 56 52.96 -18.17 5.66
C LYS I 56 51.85 -19.22 5.81
N GLY I 57 52.22 -20.48 5.78
CA GLY I 57 51.23 -21.55 5.92
C GLY I 57 51.07 -22.04 7.35
N ILE I 58 50.82 -23.35 7.44
CA ILE I 58 50.58 -24.08 8.68
C ILE I 58 51.64 -23.97 9.78
N ASN I 59 52.90 -23.86 9.45
CA ASN I 59 53.89 -23.98 10.51
C ASN I 59 54.61 -22.75 10.99
N GLU I 60 54.86 -21.84 10.07
CA GLU I 60 55.65 -20.64 10.33
C GLU I 60 54.88 -19.34 10.42
N SER I 61 53.81 -19.31 11.16
CA SER I 61 52.96 -18.13 11.21
C SER I 61 53.58 -16.79 11.56
N ASP I 62 54.31 -16.72 12.67
CA ASP I 62 54.76 -15.42 13.12
C ASP I 62 55.86 -14.69 12.34
N MET I 63 55.56 -13.38 12.16
CA MET I 63 56.37 -12.44 11.41
C MET I 63 56.42 -11.05 12.03
N VAL I 64 57.29 -10.20 11.47
CA VAL I 64 57.50 -8.85 11.99
C VAL I 64 57.01 -7.66 11.15
N LEU I 65 56.38 -6.71 11.83
CA LEU I 65 55.89 -5.47 11.23
C LEU I 65 56.93 -4.42 11.56
N MET I 66 57.68 -3.98 10.56
CA MET I 66 58.71 -2.99 10.83
C MET I 66 58.32 -1.60 10.39
N PRO I 67 58.02 -0.73 11.36
CA PRO I 67 57.64 0.64 11.02
C PRO I 67 58.72 1.38 10.28
N ASP I 68 58.31 2.06 9.21
CA ASP I 68 59.22 2.87 8.40
C ASP I 68 58.89 4.30 8.79
N ALA I 69 59.70 4.84 9.69
CA ALA I 69 59.52 6.19 10.21
C ALA I 69 59.45 7.32 9.18
N SER I 70 59.90 7.05 7.97
CA SER I 70 59.84 8.11 6.94
C SER I 70 58.42 8.33 6.42
N THR I 71 57.56 7.33 6.59
CA THR I 71 56.19 7.36 6.11
C THR I 71 55.13 7.99 7.01
N ALA I 72 55.51 8.43 8.20
CA ALA I 72 54.55 9.00 9.13
C ALA I 72 53.68 10.14 8.60
N VAL I 73 52.36 9.94 8.66
CA VAL I 73 51.40 10.93 8.21
C VAL I 73 50.10 10.74 8.96
N ILE I 74 49.49 11.86 9.32
CA ILE I 74 48.23 11.90 10.05
C ILE I 74 47.05 11.42 9.20
N ASP I 75 46.14 10.65 9.81
CA ASP I 75 44.96 10.20 9.08
C ASP I 75 43.95 11.32 9.16
N PRO I 76 43.45 11.78 8.01
CA PRO I 76 42.49 12.88 7.95
C PRO I 76 41.05 12.54 8.13
N PHE I 77 40.74 11.26 8.31
CA PHE I 77 39.37 10.80 8.47
C PHE I 77 39.00 10.30 9.85
N PHE I 78 39.88 9.54 10.48
CA PHE I 78 39.59 8.98 11.81
C PHE I 78 39.19 10.08 12.80
N ALA I 79 38.28 9.75 13.71
CA ALA I 79 37.75 10.69 14.69
C ALA I 79 38.73 11.15 15.77
N ASP I 80 39.58 10.23 16.20
CA ASP I 80 40.57 10.45 17.23
C ASP I 80 41.89 10.62 16.51
N SER I 81 42.72 11.56 16.93
CA SER I 81 44.01 11.82 16.28
C SER I 81 44.85 10.58 16.12
N THR I 82 45.13 10.20 14.88
CA THR I 82 45.94 9.01 14.69
C THR I 82 46.95 9.16 13.58
N LEU I 83 48.12 8.58 13.84
CA LEU I 83 49.23 8.66 12.94
C LEU I 83 49.43 7.37 12.20
N ILE I 84 49.53 7.50 10.88
CA ILE I 84 49.74 6.35 10.03
C ILE I 84 51.22 6.15 9.82
N ILE I 85 51.66 4.90 9.94
CA ILE I 85 53.05 4.54 9.70
C ILE I 85 53.05 3.28 8.89
N ARG I 86 53.57 3.38 7.68
CA ARG I 86 53.67 2.26 6.75
C ARG I 86 54.75 1.35 7.32
N CYS I 87 54.61 0.04 7.11
CA CYS I 87 55.56 -0.92 7.66
C CYS I 87 56.01 -1.89 6.63
N ASP I 88 57.17 -2.52 6.81
CA ASP I 88 57.61 -3.57 5.87
C ASP I 88 57.41 -4.83 6.68
N ILE I 89 57.35 -5.96 5.99
CA ILE I 89 57.17 -7.24 6.66
C ILE I 89 58.50 -7.96 6.64
N LEU I 90 59.06 -8.17 7.81
CA LEU I 90 60.36 -8.82 7.92
C LEU I 90 60.26 -10.20 8.51
N GLU I 91 61.20 -11.06 8.14
CA GLU I 91 61.29 -12.42 8.65
C GLU I 91 61.81 -12.24 10.10
N PRO I 92 61.25 -12.96 11.08
CA PRO I 92 61.72 -12.80 12.48
C PRO I 92 63.16 -13.25 12.70
N GLY I 93 63.85 -12.55 13.60
CA GLY I 93 65.23 -12.88 13.91
C GLY I 93 66.15 -12.32 12.84
N THR I 94 66.06 -12.89 11.64
CA THR I 94 66.87 -12.43 10.52
C THR I 94 66.55 -10.97 10.18
N LEU I 95 65.29 -10.59 10.42
CA LEU I 95 64.80 -9.23 10.13
C LEU I 95 65.15 -8.84 8.70
N GLN I 96 65.02 -9.83 7.81
CA GLN I 96 65.44 -9.62 6.44
C GLN I 96 64.48 -8.87 5.50
N GLY I 97 63.29 -9.34 5.40
CA GLY I 97 62.35 -8.78 4.46
C GLY I 97 61.77 -9.97 3.76
N TYR I 98 60.53 -10.23 4.13
CA TYR I 98 59.76 -11.35 3.63
C TYR I 98 59.73 -11.43 2.12
N ASP I 99 59.99 -12.62 1.59
CA ASP I 99 60.01 -12.86 0.16
C ASP I 99 58.72 -12.46 -0.51
N ARG I 100 57.63 -12.67 0.21
CA ARG I 100 56.30 -12.37 -0.31
C ARG I 100 55.77 -10.96 0.02
N ASP I 101 56.55 -10.15 0.74
CA ASP I 101 56.13 -8.78 1.06
C ASP I 101 56.39 -7.90 -0.17
N PRO I 102 55.31 -7.41 -0.79
CA PRO I 102 55.38 -6.57 -1.98
C PRO I 102 56.18 -5.31 -1.80
N ARG I 103 56.26 -4.77 -0.59
CA ARG I 103 57.02 -3.56 -0.44
C ARG I 103 58.49 -3.90 -0.39
N SER I 104 58.81 -5.02 0.25
CA SER I 104 60.20 -5.48 0.33
C SER I 104 60.70 -5.78 -1.08
N ILE I 105 59.84 -6.42 -1.86
CA ILE I 105 60.15 -6.76 -3.24
C ILE I 105 60.43 -5.55 -4.08
N ALA I 106 59.66 -4.49 -3.87
CA ALA I 106 59.85 -3.28 -4.62
C ALA I 106 61.14 -2.61 -4.20
N LYS I 107 61.46 -2.68 -2.90
CA LYS I 107 62.69 -2.08 -2.41
C LYS I 107 63.88 -2.84 -3.01
N ARG I 108 63.78 -4.18 -3.01
CA ARG I 108 64.85 -5.02 -3.56
C ARG I 108 65.13 -4.66 -5.01
N ALA I 109 64.07 -4.33 -5.73
CA ALA I 109 64.19 -3.98 -7.13
C ALA I 109 64.89 -2.64 -7.30
N GLU I 110 64.68 -1.72 -6.36
CA GLU I 110 65.33 -0.42 -6.49
C GLU I 110 66.80 -0.60 -6.16
N ASP I 111 67.09 -1.53 -5.26
CA ASP I 111 68.46 -1.85 -4.86
C ASP I 111 69.20 -2.41 -6.07
N TYR I 112 68.65 -3.47 -6.65
CA TYR I 112 69.24 -4.12 -7.82
C TYR I 112 69.52 -3.15 -8.96
N LEU I 113 68.74 -2.07 -9.04
CA LEU I 113 68.92 -1.05 -10.07
C LEU I 113 70.27 -0.39 -9.82
N ARG I 114 70.44 0.10 -8.59
CA ARG I 114 71.68 0.75 -8.18
C ARG I 114 72.86 -0.19 -8.32
N ALA I 115 72.66 -1.45 -7.94
CA ALA I 115 73.70 -2.48 -8.02
C ALA I 115 74.25 -2.67 -9.43
N THR I 116 73.37 -2.87 -10.41
CA THR I 116 73.81 -3.06 -11.79
C THR I 116 74.51 -1.81 -12.27
N GLY I 117 74.34 -0.74 -11.51
CA GLY I 117 74.94 0.54 -11.86
C GLY I 117 74.31 1.18 -13.09
N ILE I 118 73.24 0.58 -13.62
CA ILE I 118 72.58 1.14 -14.79
C ILE I 118 72.04 2.54 -14.55
N ALA I 119 71.59 2.79 -13.31
CA ALA I 119 71.05 4.10 -12.89
C ALA I 119 70.97 4.06 -11.37
N ASP I 120 70.70 5.21 -10.74
CA ASP I 120 70.60 5.21 -9.28
C ASP I 120 69.21 5.41 -8.71
N THR I 121 68.26 5.80 -9.56
CA THR I 121 66.85 5.99 -9.15
C THR I 121 65.90 5.76 -10.33
N VAL I 122 64.73 5.19 -10.05
CA VAL I 122 63.68 4.95 -11.07
C VAL I 122 62.53 5.92 -10.81
N LEU I 123 61.99 6.48 -11.87
CA LEU I 123 60.89 7.42 -11.71
C LEU I 123 59.57 6.90 -12.28
N PHE I 124 58.55 6.87 -11.41
CA PHE I 124 57.22 6.40 -11.80
C PHE I 124 56.16 7.46 -11.65
N GLY I 125 55.39 7.62 -12.71
CA GLY I 125 54.31 8.58 -12.72
C GLY I 125 53.06 7.88 -13.21
N PRO I 126 52.38 7.11 -12.34
CA PRO I 126 51.17 6.40 -12.74
C PRO I 126 49.95 7.33 -12.74
N GLU I 127 48.98 7.03 -13.59
CA GLU I 127 47.77 7.85 -13.71
C GLU I 127 46.54 7.01 -13.46
N PRO I 128 46.27 6.69 -12.21
CA PRO I 128 45.09 5.87 -11.96
C PRO I 128 43.80 6.67 -12.12
N GLU I 129 42.85 6.05 -12.80
CA GLU I 129 41.53 6.61 -13.03
C GLU I 129 40.56 5.83 -12.13
N PHE I 130 39.37 6.38 -11.87
CA PHE I 130 38.42 5.67 -11.04
C PHE I 130 36.99 6.11 -11.29
N PHE I 131 36.05 5.39 -10.69
CA PHE I 131 34.62 5.72 -10.83
C PHE I 131 34.02 6.05 -9.49
N LEU I 132 33.08 6.99 -9.51
CA LEU I 132 32.34 7.39 -8.31
C LEU I 132 30.85 7.11 -8.53
N PHE I 133 30.29 6.18 -7.77
CA PHE I 133 28.88 5.82 -7.91
C PHE I 133 28.10 6.17 -6.66
N ASP I 134 26.79 5.98 -6.73
CA ASP I 134 25.90 6.23 -5.61
C ASP I 134 25.45 4.89 -5.02
N ASP I 135 25.29 3.89 -5.89
CA ASP I 135 24.78 2.58 -5.48
C ASP I 135 25.48 1.51 -6.29
N ILE I 136 25.94 0.47 -5.60
CA ILE I 136 26.57 -0.66 -6.25
C ILE I 136 26.01 -1.89 -5.54
N ARG I 137 25.40 -2.78 -6.31
CA ARG I 137 24.77 -3.99 -5.80
C ARG I 137 25.20 -5.16 -6.62
N PHE I 138 25.50 -6.28 -5.99
CA PHE I 138 25.86 -7.47 -6.74
C PHE I 138 25.75 -8.70 -5.87
N GLY I 139 25.74 -9.84 -6.52
CA GLY I 139 25.64 -11.10 -5.79
C GLY I 139 25.69 -12.26 -6.76
N ALA I 140 25.84 -13.46 -6.21
CA ALA I 140 25.89 -14.66 -7.01
C ALA I 140 25.62 -15.82 -6.08
N SER I 141 24.66 -16.64 -6.46
CA SER I 141 24.30 -17.80 -5.68
C SER I 141 23.93 -18.85 -6.69
N ILE I 142 23.47 -19.99 -6.20
CA ILE I 142 23.14 -21.06 -7.11
C ILE I 142 22.07 -20.69 -8.14
N SER I 143 21.10 -19.90 -7.74
CA SER I 143 20.01 -19.56 -8.64
C SER I 143 20.22 -18.36 -9.53
N GLY I 144 21.42 -17.80 -9.53
CA GLY I 144 21.67 -16.68 -10.41
C GLY I 144 22.77 -15.76 -9.95
N SER I 145 22.83 -14.60 -10.52
CA SER I 145 23.86 -13.61 -10.17
C SER I 145 23.49 -12.29 -10.82
N HIS I 146 24.08 -11.22 -10.33
CA HIS I 146 23.78 -9.93 -10.91
C HIS I 146 24.71 -8.84 -10.42
N VAL I 147 24.66 -7.72 -11.13
CA VAL I 147 25.39 -6.51 -10.76
C VAL I 147 24.60 -5.35 -11.28
N ALA I 148 24.40 -4.42 -10.39
CA ALA I 148 23.65 -3.22 -10.73
C ALA I 148 24.40 -1.99 -10.32
N ILE I 149 24.65 -1.08 -11.24
CA ILE I 149 25.40 0.14 -10.92
C ILE I 149 24.49 1.32 -10.98
N ASP I 150 24.70 2.30 -10.12
CA ASP I 150 23.86 3.47 -10.23
C ASP I 150 24.57 4.72 -9.75
N ASP I 151 24.36 5.78 -10.50
CA ASP I 151 24.93 7.07 -10.16
C ASP I 151 24.08 8.16 -10.74
N ILE I 152 24.07 9.29 -10.06
CA ILE I 152 23.26 10.39 -10.51
C ILE I 152 23.68 10.91 -11.89
N GLU I 153 24.91 10.60 -12.29
CA GLU I 153 25.42 11.02 -13.59
C GLU I 153 25.13 10.03 -14.68
N GLY I 154 24.80 8.81 -14.31
CA GLY I 154 24.55 7.80 -15.34
C GLY I 154 23.57 8.27 -16.39
N ALA I 155 23.93 8.12 -17.65
CA ALA I 155 23.05 8.55 -18.72
C ALA I 155 21.68 7.90 -18.65
N TRP I 156 21.64 6.67 -18.14
CA TRP I 156 20.39 5.93 -18.06
C TRP I 156 19.36 6.60 -17.16
N ASN I 157 19.82 7.47 -16.28
CA ASN I 157 18.91 8.16 -15.37
C ASN I 157 18.24 9.37 -16.00
N SER I 158 18.41 9.55 -17.30
CA SER I 158 17.76 10.68 -17.97
C SER I 158 16.25 10.51 -17.85
N SER I 159 15.80 9.28 -17.64
CA SER I 159 14.38 8.98 -17.52
C SER I 159 13.88 8.70 -16.12
N THR I 160 14.77 8.67 -15.14
CA THR I 160 14.42 8.37 -13.77
C THR I 160 13.63 9.43 -13.02
N LYS I 161 12.61 9.00 -12.28
CA LYS I 161 11.83 9.94 -11.49
C LYS I 161 12.55 10.13 -10.17
N TYR I 162 12.75 11.39 -9.79
CA TYR I 162 13.42 11.71 -8.54
C TYR I 162 12.45 12.46 -7.64
N GLU I 163 12.65 12.30 -6.34
CA GLU I 163 11.84 12.93 -5.31
C GLU I 163 11.63 14.42 -5.58
N GLY I 164 12.74 15.15 -5.70
CA GLY I 164 12.63 16.59 -5.96
C GLY I 164 12.73 16.98 -7.42
N GLY I 165 12.44 16.05 -8.30
CA GLY I 165 12.52 16.31 -9.73
C GLY I 165 13.88 15.94 -10.32
N ASN I 166 13.86 15.48 -11.57
CA ASN I 166 15.08 15.10 -12.28
C ASN I 166 15.63 16.40 -12.87
N LYS I 167 16.84 16.81 -12.47
CA LYS I 167 17.43 18.07 -12.91
C LYS I 167 18.21 17.95 -14.23
N GLY I 168 18.19 16.75 -14.67
CA GLY I 168 18.79 16.24 -15.85
C GLY I 168 19.90 17.00 -16.60
N HIS I 169 21.12 17.10 -16.06
CA HIS I 169 22.28 17.54 -16.87
C HIS I 169 23.33 16.49 -16.65
N ARG I 170 23.30 15.49 -17.49
CA ARG I 170 24.19 14.36 -17.31
C ARG I 170 25.10 14.12 -18.48
N PRO I 171 26.28 13.57 -18.20
CA PRO I 171 27.26 13.25 -19.23
C PRO I 171 26.72 12.05 -19.96
N GLY I 172 26.63 12.12 -21.28
CA GLY I 172 26.15 10.99 -22.05
C GLY I 172 27.21 9.91 -22.10
N VAL I 173 26.93 8.79 -22.75
CA VAL I 173 27.90 7.70 -22.84
C VAL I 173 29.13 8.23 -23.58
N LYS I 174 30.31 7.99 -23.01
CA LYS I 174 31.60 8.45 -23.56
C LYS I 174 31.61 9.99 -23.68
N GLY I 175 30.73 10.67 -22.97
CA GLY I 175 30.66 12.13 -23.08
C GLY I 175 31.07 12.89 -21.81
N GLY I 176 31.92 12.29 -21.01
CA GLY I 176 32.35 12.92 -19.77
C GLY I 176 33.55 13.83 -19.91
N TYR I 177 34.24 13.80 -21.06
CA TYR I 177 35.44 14.65 -21.17
C TYR I 177 35.15 16.16 -21.25
N PHE I 178 35.03 16.70 -20.02
CA PHE I 178 35.09 18.11 -19.57
C PHE I 178 33.83 18.99 -19.59
N PRO I 179 32.62 18.55 -19.92
CA PRO I 179 31.54 19.50 -19.72
C PRO I 179 31.59 20.17 -18.38
N VAL I 180 31.52 21.49 -18.34
CA VAL I 180 31.54 22.14 -17.02
C VAL I 180 30.29 21.81 -16.21
N PRO I 181 30.33 22.03 -14.90
CA PRO I 181 29.16 21.77 -14.07
C PRO I 181 28.01 22.60 -14.61
N PRO I 182 26.78 22.18 -14.35
CA PRO I 182 26.41 21.00 -13.59
C PRO I 182 26.51 19.64 -14.27
N VAL I 183 26.87 19.57 -15.54
CA VAL I 183 26.99 18.25 -16.19
C VAL I 183 28.01 17.45 -15.39
N ASP I 184 29.12 18.09 -15.05
CA ASP I 184 30.16 17.46 -14.23
C ASP I 184 29.71 17.72 -12.80
N SER I 185 29.34 16.67 -12.09
CA SER I 185 28.85 16.82 -10.73
C SER I 185 29.92 16.64 -9.68
N ALA I 186 31.15 16.40 -10.08
CA ALA I 186 32.20 16.11 -9.11
C ALA I 186 33.34 17.09 -8.89
N GLN I 187 33.11 18.37 -9.16
CA GLN I 187 34.18 19.32 -8.95
C GLN I 187 34.57 19.42 -7.49
N ASP I 188 33.61 19.71 -6.62
CA ASP I 188 33.92 19.85 -5.20
C ASP I 188 34.60 18.61 -4.63
N ILE I 189 34.13 17.43 -5.03
CA ILE I 189 34.72 16.22 -4.49
C ILE I 189 36.13 15.99 -5.02
N ARG I 190 36.36 16.23 -6.30
CA ARG I 190 37.69 16.04 -6.84
C ARG I 190 38.68 16.96 -6.11
N SER I 191 38.26 18.18 -5.79
CA SER I 191 39.19 19.02 -5.07
C SER I 191 39.46 18.64 -3.65
N GLU I 192 38.45 18.14 -2.94
CA GLU I 192 38.67 17.69 -1.56
C GLU I 192 39.71 16.58 -1.64
N MET I 193 39.54 15.69 -2.63
CA MET I 193 40.49 14.58 -2.78
C MET I 193 41.88 15.16 -2.97
N CYS I 194 41.98 16.23 -3.75
CA CYS I 194 43.28 16.85 -3.99
C CYS I 194 43.86 17.43 -2.72
N LEU I 195 43.09 18.26 -2.04
CA LEU I 195 43.57 18.86 -0.82
C LEU I 195 44.01 17.81 0.18
N VAL I 196 43.21 16.77 0.34
CA VAL I 196 43.54 15.73 1.29
C VAL I 196 44.76 14.95 0.85
N MET I 197 44.87 14.69 -0.44
CA MET I 197 46.02 13.96 -0.94
C MET I 197 47.29 14.73 -0.61
N GLU I 198 47.23 16.04 -0.77
CA GLU I 198 48.39 16.85 -0.47
C GLU I 198 48.67 16.92 1.02
N GLN I 199 47.63 16.93 1.84
CA GLN I 199 47.84 16.93 3.28
C GLN I 199 48.56 15.65 3.65
N MET I 200 48.46 14.65 2.77
CA MET I 200 49.10 13.37 3.04
C MET I 200 50.41 13.18 2.29
N GLY I 201 50.96 14.25 1.76
CA GLY I 201 52.25 14.18 1.11
C GLY I 201 52.31 14.02 -0.39
N LEU I 202 51.17 13.89 -1.03
CA LEU I 202 51.17 13.75 -2.47
C LEU I 202 51.21 15.15 -3.06
N VAL I 203 51.61 15.25 -4.32
CA VAL I 203 51.63 16.53 -5.00
C VAL I 203 50.73 16.37 -6.20
N VAL I 204 49.69 17.19 -6.23
CA VAL I 204 48.70 17.11 -7.28
C VAL I 204 49.00 18.01 -8.44
N GLU I 205 48.84 17.47 -9.65
CA GLU I 205 49.07 18.25 -10.86
C GLU I 205 47.79 18.69 -11.52
N ALA I 206 46.76 17.86 -11.43
CA ALA I 206 45.47 18.21 -12.03
C ALA I 206 44.37 17.25 -11.66
N HIS I 207 43.13 17.69 -11.90
CA HIS I 207 42.00 16.83 -11.67
C HIS I 207 40.92 17.18 -12.68
N HIS I 208 40.23 16.14 -13.12
CA HIS I 208 39.22 16.33 -14.12
C HIS I 208 38.29 15.12 -14.21
N HIS I 209 37.16 15.33 -14.84
CA HIS I 209 36.21 14.27 -15.06
C HIS I 209 36.79 13.44 -16.18
N GLU I 210 36.55 12.13 -16.21
CA GLU I 210 37.09 11.33 -17.31
C GLU I 210 36.01 11.11 -18.36
N VAL I 211 36.26 10.20 -19.30
CA VAL I 211 35.35 9.99 -20.42
C VAL I 211 33.99 9.37 -20.13
N ALA I 212 33.95 8.34 -19.33
CA ALA I 212 32.70 7.62 -19.11
C ALA I 212 31.62 8.38 -18.38
N THR I 213 30.37 8.04 -18.69
CA THR I 213 29.22 8.61 -18.01
C THR I 213 29.27 7.98 -16.60
N ALA I 214 28.38 8.39 -15.73
CA ALA I 214 28.31 7.76 -14.44
C ALA I 214 29.53 7.92 -13.53
N GLY I 215 30.20 9.06 -13.55
CA GLY I 215 31.26 9.34 -12.59
C GLY I 215 32.69 8.84 -12.79
N GLN I 216 33.17 8.75 -14.01
CA GLN I 216 34.58 8.41 -14.11
C GLN I 216 35.35 9.68 -13.84
N ASN I 217 36.38 9.61 -13.01
CA ASN I 217 37.14 10.79 -12.65
C ASN I 217 38.61 10.47 -12.55
N GLU I 218 39.45 11.51 -12.45
CA GLU I 218 40.89 11.33 -12.32
C GLU I 218 41.58 12.45 -11.59
N VAL I 219 42.50 12.08 -10.69
CA VAL I 219 43.35 13.02 -9.97
C VAL I 219 44.77 12.66 -10.39
N ALA I 220 45.43 13.60 -11.04
CA ALA I 220 46.80 13.39 -11.50
C ALA I 220 47.78 13.90 -10.48
N THR I 221 48.68 13.02 -10.08
CA THR I 221 49.70 13.37 -9.10
C THR I 221 51.11 13.33 -9.69
N ARG I 222 52.03 14.11 -9.11
CA ARG I 222 53.42 14.13 -9.55
C ARG I 222 54.10 12.81 -9.28
N PHE I 223 55.00 12.46 -10.20
CA PHE I 223 55.75 11.22 -10.11
C PHE I 223 56.60 11.26 -8.84
N ASN I 224 57.32 10.19 -8.59
CA ASN I 224 58.20 10.05 -7.44
C ASN I 224 59.03 8.79 -7.68
N THR I 225 59.97 8.51 -6.79
CA THR I 225 60.79 7.32 -6.96
C THR I 225 59.86 6.12 -6.80
N MET I 226 60.16 5.06 -7.53
CA MET I 226 59.31 3.87 -7.58
C MET I 226 58.62 3.46 -6.25
N THR I 227 59.38 3.01 -5.25
CA THR I 227 58.71 2.57 -4.02
C THR I 227 57.88 3.66 -3.32
N LYS I 228 58.36 4.90 -3.32
CA LYS I 228 57.60 5.95 -2.68
C LYS I 228 56.30 6.21 -3.47
N LYS I 229 56.33 5.95 -4.77
CA LYS I 229 55.15 6.19 -5.58
C LYS I 229 54.08 5.14 -5.34
N ALA I 230 54.51 3.89 -5.16
CA ALA I 230 53.56 2.82 -4.88
C ALA I 230 52.90 3.13 -3.52
N ASP I 231 53.68 3.69 -2.61
CA ASP I 231 53.15 4.08 -1.31
C ASP I 231 52.07 5.13 -1.62
N GLU I 232 52.43 6.11 -2.45
CA GLU I 232 51.49 7.16 -2.82
C GLU I 232 50.22 6.63 -3.47
N ILE I 233 50.33 5.55 -4.25
CA ILE I 233 49.17 4.96 -4.89
C ILE I 233 48.21 4.46 -3.82
N GLN I 234 48.75 3.76 -2.83
CA GLN I 234 47.96 3.24 -1.73
C GLN I 234 47.21 4.35 -0.99
N ILE I 235 47.92 5.47 -0.76
CA ILE I 235 47.35 6.62 -0.08
C ILE I 235 46.31 7.25 -0.98
N TYR I 236 46.66 7.32 -2.22
CA TYR I 236 45.77 7.86 -3.23
C TYR I 236 44.43 7.13 -3.20
N LYS I 237 44.50 5.81 -3.28
CA LYS I 237 43.29 5.00 -3.26
C LYS I 237 42.53 5.21 -1.95
N TYR I 238 43.28 5.27 -0.87
CA TYR I 238 42.68 5.45 0.43
C TYR I 238 41.91 6.76 0.47
N VAL I 239 42.53 7.83 -0.01
CA VAL I 239 41.87 9.11 0.00
C VAL I 239 40.64 9.08 -0.88
N VAL I 240 40.78 8.55 -2.09
CA VAL I 240 39.65 8.47 -3.00
C VAL I 240 38.49 7.70 -2.38
N HIS I 241 38.79 6.51 -1.86
CA HIS I 241 37.76 5.67 -1.26
C HIS I 241 37.06 6.34 -0.11
N ASN I 242 37.84 6.96 0.77
CA ASN I 242 37.25 7.59 1.93
C ASN I 242 36.61 8.95 1.73
N VAL I 243 37.12 9.75 0.81
CA VAL I 243 36.46 11.03 0.57
C VAL I 243 35.12 10.71 -0.08
N ALA I 244 35.13 9.74 -0.98
CA ALA I 244 33.90 9.35 -1.65
C ALA I 244 32.87 8.92 -0.60
N HIS I 245 33.29 8.05 0.30
CA HIS I 245 32.43 7.54 1.36
C HIS I 245 31.88 8.70 2.16
N ARG I 246 32.72 9.66 2.51
CA ARG I 246 32.25 10.80 3.28
C ARG I 246 31.29 11.68 2.52
N PHE I 247 31.34 11.62 1.19
CA PHE I 247 30.42 12.44 0.37
C PHE I 247 29.18 11.68 -0.02
N GLY I 248 29.03 10.47 0.51
CA GLY I 248 27.85 9.69 0.17
C GLY I 248 28.00 8.94 -1.14
N LYS I 249 29.24 8.74 -1.59
CA LYS I 249 29.45 8.00 -2.80
C LYS I 249 30.24 6.72 -2.48
N THR I 250 30.60 6.00 -3.53
CA THR I 250 31.38 4.80 -3.36
C THR I 250 32.27 4.76 -4.58
N ALA I 251 33.58 4.66 -4.37
CA ALA I 251 34.51 4.64 -5.49
C ALA I 251 35.07 3.29 -5.77
N THR I 252 35.36 3.04 -7.05
CA THR I 252 35.99 1.77 -7.41
C THR I 252 37.12 1.97 -8.42
N PHE I 253 38.18 1.19 -8.23
CA PHE I 253 39.30 1.23 -9.14
C PHE I 253 39.26 0.03 -10.08
N MET I 254 38.12 -0.66 -10.15
CA MET I 254 37.97 -1.80 -11.06
C MET I 254 38.27 -1.28 -12.44
N PRO I 255 38.91 -2.09 -13.28
CA PRO I 255 39.20 -1.59 -14.62
C PRO I 255 38.05 -1.43 -15.61
N LYS I 256 37.05 -2.31 -15.59
CA LYS I 256 35.93 -2.18 -16.52
C LYS I 256 34.61 -2.49 -15.83
N PRO I 257 34.02 -1.51 -15.14
CA PRO I 257 32.75 -1.82 -14.47
C PRO I 257 31.57 -1.83 -15.44
N MET I 258 31.72 -1.17 -16.58
CA MET I 258 30.62 -1.13 -17.54
C MET I 258 30.99 -1.46 -18.96
N PHE I 259 30.15 -2.30 -19.55
CA PHE I 259 30.36 -2.63 -20.95
C PHE I 259 29.78 -1.47 -21.75
N GLY I 260 30.51 -0.94 -22.73
CA GLY I 260 29.91 0.13 -23.52
C GLY I 260 30.45 1.51 -23.26
N ASP I 261 31.27 1.65 -22.23
CA ASP I 261 31.87 2.93 -21.95
C ASP I 261 33.26 2.64 -21.44
N ASN I 262 34.06 3.70 -21.35
CA ASN I 262 35.43 3.65 -20.91
C ASN I 262 35.72 2.80 -19.70
N GLY I 263 36.89 2.20 -19.68
CA GLY I 263 37.31 1.44 -18.52
C GLY I 263 38.25 2.41 -17.80
N SER I 264 38.87 1.96 -16.72
CA SER I 264 39.79 2.82 -16.01
C SER I 264 41.16 2.22 -16.17
N GLY I 265 42.11 3.05 -16.60
CA GLY I 265 43.47 2.57 -16.78
C GLY I 265 44.41 3.25 -15.83
N MET I 266 45.65 2.77 -15.78
CA MET I 266 46.64 3.38 -14.94
C MET I 266 47.94 3.45 -15.73
N HIS I 267 48.01 4.40 -16.65
CA HIS I 267 49.20 4.59 -17.46
C HIS I 267 50.38 4.80 -16.54
N CYS I 268 51.53 4.27 -16.94
CA CYS I 268 52.72 4.45 -16.14
C CYS I 268 53.85 5.11 -16.92
N HIS I 269 54.18 6.33 -16.50
CA HIS I 269 55.26 7.07 -17.09
C HIS I 269 56.50 6.65 -16.32
N MET I 270 57.57 6.35 -17.04
CA MET I 270 58.81 5.93 -16.42
C MET I 270 60.05 6.55 -17.07
N SER I 271 61.12 6.61 -16.30
CA SER I 271 62.40 7.14 -16.76
C SER I 271 63.43 6.77 -15.70
N LEU I 272 64.69 6.72 -16.10
CA LEU I 272 65.76 6.39 -15.17
C LEU I 272 66.69 7.57 -14.99
N ALA I 273 67.45 7.58 -13.90
CA ALA I 273 68.36 8.68 -13.66
C ALA I 273 69.60 8.29 -12.87
N LYS I 274 70.65 9.07 -13.07
CA LYS I 274 71.92 8.89 -12.36
C LYS I 274 72.51 10.27 -12.13
N ASN I 275 72.90 10.52 -10.89
CA ASN I 275 73.50 11.79 -10.46
C ASN I 275 72.76 12.96 -11.09
N GLY I 276 71.45 12.98 -10.91
CA GLY I 276 70.63 14.06 -11.44
C GLY I 276 70.39 14.20 -12.94
N THR I 277 71.00 13.35 -13.77
CA THR I 277 70.75 13.47 -15.20
C THR I 277 69.76 12.40 -15.68
N ASN I 278 68.92 12.78 -16.64
CA ASN I 278 67.92 11.87 -17.16
C ASN I 278 68.48 10.89 -18.21
N LEU I 279 68.77 9.68 -17.76
CA LEU I 279 69.31 8.64 -18.64
C LEU I 279 68.45 8.26 -19.85
N PHE I 280 67.27 8.87 -19.98
CA PHE I 280 66.39 8.57 -21.10
C PHE I 280 66.40 9.58 -22.24
N SER I 281 67.04 10.74 -22.04
CA SER I 281 67.11 11.73 -23.13
C SER I 281 68.29 11.40 -24.03
N GLY I 282 68.12 11.62 -25.33
CA GLY I 282 69.18 11.33 -26.28
C GLY I 282 68.91 11.89 -27.65
N ASP I 283 69.66 11.40 -28.64
CA ASP I 283 69.53 11.86 -30.03
C ASP I 283 68.68 10.93 -30.89
N LYS I 284 68.37 9.75 -30.34
CA LYS I 284 67.56 8.75 -31.05
C LYS I 284 66.09 9.22 -31.16
N TYR I 285 65.21 8.34 -31.62
CA TYR I 285 63.77 8.65 -31.79
C TYR I 285 63.09 9.51 -30.72
N ALA I 286 62.39 10.54 -31.17
CA ALA I 286 61.65 11.43 -30.29
C ALA I 286 62.39 12.01 -29.06
N GLY I 287 63.71 12.05 -29.12
CA GLY I 287 64.48 12.60 -28.02
C GLY I 287 64.94 11.58 -27.00
N LEU I 288 64.86 10.30 -27.38
CA LEU I 288 65.25 9.20 -26.50
C LEU I 288 66.70 8.76 -26.54
N SER I 289 67.15 8.16 -25.44
CA SER I 289 68.50 7.61 -25.32
C SER I 289 68.38 6.18 -25.83
N GLU I 290 69.49 5.52 -26.15
CA GLU I 290 69.36 4.16 -26.63
C GLU I 290 69.01 3.26 -25.45
N GLN I 291 69.24 3.77 -24.25
CA GLN I 291 68.93 3.04 -23.02
C GLN I 291 67.41 2.90 -22.90
N ALA I 292 66.71 3.99 -23.19
CA ALA I 292 65.26 4.04 -23.16
C ALA I 292 64.69 2.98 -24.09
N LEU I 293 65.26 2.91 -25.29
CA LEU I 293 64.82 1.96 -26.29
C LEU I 293 65.00 0.51 -25.83
N TYR I 294 66.11 0.22 -25.16
CA TYR I 294 66.34 -1.15 -24.68
C TYR I 294 65.32 -1.44 -23.60
N TYR I 295 65.03 -0.43 -22.79
CA TYR I 295 64.05 -0.54 -21.72
C TYR I 295 62.72 -0.92 -22.37
N ILE I 296 62.32 -0.15 -23.38
CA ILE I 296 61.08 -0.42 -24.10
C ILE I 296 61.07 -1.84 -24.63
N GLY I 297 62.20 -2.24 -25.19
CA GLY I 297 62.31 -3.57 -25.74
C GLY I 297 62.06 -4.60 -24.67
N GLY I 298 62.57 -4.33 -23.47
CA GLY I 298 62.37 -5.24 -22.36
C GLY I 298 60.90 -5.37 -22.01
N VAL I 299 60.25 -4.22 -21.87
CA VAL I 299 58.83 -4.17 -21.54
C VAL I 299 58.04 -4.94 -22.59
N ILE I 300 58.38 -4.74 -23.85
CA ILE I 300 57.68 -5.45 -24.90
C ILE I 300 57.94 -6.95 -24.87
N LYS I 301 59.18 -7.33 -24.59
CA LYS I 301 59.52 -8.74 -24.56
C LYS I 301 58.74 -9.46 -23.48
N HIS I 302 58.67 -8.84 -22.30
CA HIS I 302 57.99 -9.44 -21.15
C HIS I 302 56.56 -8.92 -20.84
N ALA I 303 55.94 -8.29 -21.83
CA ALA I 303 54.61 -7.73 -21.65
C ALA I 303 53.61 -8.70 -21.04
N LYS I 304 53.41 -9.85 -21.66
CA LYS I 304 52.46 -10.81 -21.14
C LYS I 304 52.70 -11.19 -19.67
N ALA I 305 53.96 -11.23 -19.24
CA ALA I 305 54.21 -11.58 -17.85
C ALA I 305 53.91 -10.37 -16.98
N ILE I 306 54.22 -9.17 -17.47
CA ILE I 306 53.94 -7.97 -16.70
C ILE I 306 52.44 -7.85 -16.48
N ASN I 307 51.69 -8.27 -17.49
CA ASN I 307 50.23 -8.22 -17.43
C ASN I 307 49.70 -8.87 -16.18
N ALA I 308 50.30 -9.98 -15.78
CA ALA I 308 49.87 -10.71 -14.60
C ALA I 308 49.94 -9.88 -13.34
N LEU I 309 50.65 -8.76 -13.42
CA LEU I 309 50.79 -7.88 -12.26
C LEU I 309 50.16 -6.52 -12.50
N ALA I 310 50.15 -6.09 -13.76
CA ALA I 310 49.61 -4.79 -14.13
C ALA I 310 48.15 -4.84 -14.51
N ASN I 311 47.64 -6.05 -14.73
CA ASN I 311 46.25 -6.29 -15.11
C ASN I 311 45.98 -7.64 -14.46
N PRO I 312 45.93 -7.66 -13.12
CA PRO I 312 45.73 -8.86 -12.33
C PRO I 312 44.34 -9.37 -12.09
N THR I 313 43.37 -8.89 -12.86
CA THR I 313 42.00 -9.32 -12.66
C THR I 313 41.40 -9.77 -13.98
N THR I 314 40.42 -10.67 -13.95
CA THR I 314 39.78 -11.10 -15.19
C THR I 314 39.13 -9.86 -15.81
N ASN I 315 38.63 -8.98 -14.95
CA ASN I 315 37.96 -7.76 -15.38
C ASN I 315 38.90 -6.90 -16.21
N SER I 316 40.20 -6.95 -15.87
CA SER I 316 41.22 -6.15 -16.57
C SER I 316 41.15 -6.35 -18.07
N TYR I 317 40.83 -7.60 -18.45
CA TYR I 317 40.81 -7.99 -19.87
C TYR I 317 39.50 -7.58 -20.52
N LYS I 318 38.62 -6.94 -19.80
CA LYS I 318 37.42 -6.49 -20.46
C LYS I 318 37.63 -5.07 -20.95
N ARG I 319 38.76 -4.50 -20.51
CA ARG I 319 39.21 -3.15 -20.91
C ARG I 319 40.18 -3.30 -22.09
N LEU I 320 41.01 -4.34 -22.01
CA LEU I 320 41.99 -4.65 -23.04
C LEU I 320 41.36 -5.60 -24.04
N VAL I 321 40.55 -5.02 -24.92
CA VAL I 321 39.89 -5.80 -25.94
C VAL I 321 40.04 -5.07 -27.25
N PRO I 322 40.07 -5.86 -28.34
CA PRO I 322 40.17 -5.21 -29.64
C PRO I 322 39.22 -4.07 -29.80
N GLY I 323 39.65 -2.89 -29.35
CA GLY I 323 38.88 -1.67 -29.48
C GLY I 323 39.77 -0.69 -30.19
N TYR I 324 39.29 0.53 -30.43
CA TYR I 324 40.15 1.47 -31.17
C TYR I 324 41.30 2.02 -30.33
N GLU I 325 40.93 2.58 -29.19
CA GLU I 325 41.89 3.19 -28.27
C GLU I 325 42.49 2.19 -27.29
N ALA I 326 42.13 0.91 -27.45
CA ALA I 326 42.65 -0.14 -26.58
C ALA I 326 44.18 -0.19 -26.70
N PRO I 327 44.87 0.10 -25.58
CA PRO I 327 46.34 0.11 -25.47
C PRO I 327 46.86 -1.31 -25.52
N VAL I 328 46.47 -2.06 -26.54
CA VAL I 328 46.92 -3.45 -26.63
C VAL I 328 48.03 -3.83 -27.59
N MET I 329 48.40 -2.93 -28.50
CA MET I 329 49.47 -3.23 -29.47
C MET I 329 50.82 -2.99 -28.83
N LEU I 330 51.62 -4.04 -28.73
CA LEU I 330 52.96 -3.96 -28.15
C LEU I 330 53.94 -3.22 -29.06
N ALA I 331 53.86 -1.90 -29.02
CA ALA I 331 54.71 -1.05 -29.83
C ALA I 331 54.84 0.34 -29.23
N TYR I 332 55.74 1.14 -29.78
CA TYR I 332 55.90 2.50 -29.29
C TYR I 332 55.67 3.50 -30.40
N SER I 333 55.35 4.72 -30.00
CA SER I 333 55.09 5.81 -30.92
C SER I 333 54.84 7.05 -30.10
N ALA I 334 54.99 8.20 -30.73
CA ALA I 334 54.79 9.48 -30.06
C ALA I 334 53.42 10.02 -30.41
N ARG I 335 52.73 9.31 -31.29
CA ARG I 335 51.41 9.74 -31.72
C ARG I 335 50.36 8.63 -31.68
N ASN I 336 50.58 7.59 -32.47
CA ASN I 336 49.65 6.46 -32.55
C ASN I 336 49.16 5.98 -31.19
N ARG I 337 47.94 6.40 -30.80
CA ARG I 337 47.40 5.97 -29.52
C ARG I 337 46.70 4.62 -29.62
N SER I 338 47.36 3.72 -30.34
CA SER I 338 46.94 2.34 -30.54
C SER I 338 48.04 1.57 -29.82
N ALA I 339 49.19 2.22 -29.80
CA ALA I 339 50.41 1.73 -29.19
C ALA I 339 50.30 1.78 -27.67
N SER I 340 50.62 0.66 -27.04
CA SER I 340 50.58 0.57 -25.58
C SER I 340 51.73 1.32 -24.94
N ILE I 341 52.65 1.81 -25.76
CA ILE I 341 53.78 2.59 -25.26
C ILE I 341 53.83 3.92 -26.00
N ARG I 342 53.42 5.00 -25.32
CA ARG I 342 53.48 6.33 -25.93
C ARG I 342 54.74 7.02 -25.52
N ILE I 343 55.24 7.84 -26.40
CA ILE I 343 56.41 8.65 -26.10
C ILE I 343 55.93 10.07 -26.07
N PRO I 344 55.84 10.64 -24.87
CA PRO I 344 55.40 12.02 -24.66
C PRO I 344 56.35 12.92 -25.40
N VAL I 345 55.82 13.89 -26.13
CA VAL I 345 56.68 14.82 -26.83
C VAL I 345 56.75 16.02 -25.91
N VAL I 346 57.94 16.24 -25.38
CA VAL I 346 58.16 17.35 -24.46
C VAL I 346 59.46 18.08 -24.84
N ALA I 347 59.55 19.35 -24.49
CA ALA I 347 60.72 20.17 -24.82
C ALA I 347 61.97 19.85 -24.00
N SER I 348 61.90 20.12 -22.69
CA SER I 348 63.03 19.86 -21.81
C SER I 348 63.47 18.41 -21.84
N PRO I 349 64.73 18.15 -22.18
CA PRO I 349 65.20 16.76 -22.21
C PRO I 349 65.19 16.18 -20.79
N LYS I 350 65.08 17.05 -19.80
CA LYS I 350 65.04 16.64 -18.41
C LYS I 350 63.77 15.85 -18.10
N ALA I 351 62.75 16.05 -18.94
CA ALA I 351 61.46 15.40 -18.78
C ALA I 351 61.16 14.28 -19.79
N ARG I 352 62.18 13.80 -20.51
CA ARG I 352 62.00 12.74 -21.49
C ARG I 352 61.70 11.43 -20.73
N ARG I 353 60.73 10.66 -21.21
CA ARG I 353 60.32 9.42 -20.54
C ARG I 353 59.40 8.58 -21.44
N ILE I 354 59.01 7.39 -20.99
CA ILE I 354 58.08 6.56 -21.75
C ILE I 354 56.79 6.36 -20.97
N GLU I 355 55.68 6.13 -21.67
CA GLU I 355 54.40 5.90 -21.02
C GLU I 355 53.84 4.54 -21.39
N VAL I 356 53.89 3.60 -20.46
CA VAL I 356 53.33 2.28 -20.72
C VAL I 356 51.85 2.37 -20.34
N ARG I 357 50.99 2.25 -21.32
CA ARG I 357 49.57 2.46 -21.17
C ARG I 357 48.67 1.29 -20.71
N PHE I 358 49.12 0.04 -20.75
CA PHE I 358 48.15 -1.04 -20.45
C PHE I 358 47.81 -1.35 -18.97
N PRO I 359 48.67 -0.99 -18.07
CA PRO I 359 48.32 -1.18 -16.63
C PRO I 359 46.95 -0.69 -16.20
N ASP I 360 46.31 -1.25 -15.19
CA ASP I 360 45.06 -0.71 -14.70
C ASP I 360 45.20 -0.51 -13.19
N PRO I 361 44.31 0.27 -12.58
CA PRO I 361 44.40 0.52 -11.14
C PRO I 361 44.24 -0.65 -10.21
N ALA I 362 43.87 -1.81 -10.72
CA ALA I 362 43.71 -2.97 -9.85
C ALA I 362 45.07 -3.56 -9.50
N ALA I 363 46.06 -3.15 -10.26
CA ALA I 363 47.40 -3.67 -10.07
C ALA I 363 48.01 -3.32 -8.73
N ASN I 364 48.71 -4.29 -8.16
CA ASN I 364 49.48 -4.07 -6.94
C ASN I 364 50.56 -3.03 -7.28
N PRO I 365 50.61 -1.88 -6.57
CA PRO I 365 51.63 -0.87 -6.97
C PRO I 365 53.02 -1.44 -7.13
N TYR I 366 53.38 -1.96 -5.99
CA TYR I 366 54.67 -2.54 -5.80
C TYR I 366 55.06 -3.56 -6.86
N LEU I 367 54.27 -4.61 -6.94
CA LEU I 367 54.61 -5.65 -7.88
C LEU I 367 54.53 -5.20 -9.33
N CYS I 368 53.58 -4.32 -9.63
CA CYS I 368 53.42 -3.86 -11.00
C CYS I 368 54.61 -3.01 -11.40
N PHE I 369 54.94 -2.04 -10.56
CA PHE I 369 56.07 -1.18 -10.85
C PHE I 369 57.36 -2.00 -10.95
N ALA I 370 57.58 -2.88 -9.99
CA ALA I 370 58.77 -3.72 -9.97
C ALA I 370 58.92 -4.52 -11.27
N ALA I 371 57.85 -5.20 -11.68
CA ALA I 371 57.88 -6.00 -12.89
C ALA I 371 58.18 -5.14 -14.12
N LEU I 372 57.70 -3.90 -14.10
CA LEU I 372 57.95 -3.00 -15.21
C LEU I 372 59.44 -2.70 -15.29
N LEU I 373 60.05 -2.44 -14.12
CA LEU I 373 61.48 -2.13 -14.01
C LEU I 373 62.34 -3.28 -14.46
N MET I 374 62.17 -4.42 -13.82
CA MET I 374 62.93 -5.62 -14.13
C MET I 374 62.88 -5.96 -15.61
N ALA I 375 61.73 -5.76 -16.24
CA ALA I 375 61.61 -6.03 -17.68
C ALA I 375 62.46 -5.01 -18.43
N GLY I 376 62.44 -3.77 -17.95
CA GLY I 376 63.20 -2.72 -18.60
C GLY I 376 64.70 -2.98 -18.50
N LEU I 377 65.15 -3.34 -17.31
CA LEU I 377 66.55 -3.64 -17.05
C LEU I 377 67.03 -4.81 -17.89
N ASP I 378 66.22 -5.85 -17.97
CA ASP I 378 66.58 -7.00 -18.76
C ASP I 378 66.64 -6.60 -20.23
N GLY I 379 65.94 -5.52 -20.58
CA GLY I 379 65.94 -5.05 -21.94
C GLY I 379 67.24 -4.36 -22.23
N ILE I 380 67.79 -3.73 -21.18
CA ILE I 380 69.05 -3.03 -21.26
C ILE I 380 70.22 -4.00 -21.22
N LYS I 381 70.34 -4.74 -20.12
CA LYS I 381 71.40 -5.72 -19.96
C LYS I 381 71.58 -6.52 -21.23
N ASN I 382 70.48 -6.88 -21.88
CA ASN I 382 70.56 -7.67 -23.11
C ASN I 382 70.33 -6.89 -24.41
N LYS I 383 70.51 -5.58 -24.34
CA LYS I 383 70.36 -4.68 -25.49
C LYS I 383 69.28 -5.11 -26.46
N ILE I 384 68.09 -5.34 -25.92
CA ILE I 384 66.95 -5.77 -26.70
C ILE I 384 66.38 -4.63 -27.51
N HIS I 385 66.62 -4.66 -28.82
CA HIS I 385 66.12 -3.60 -29.64
C HIS I 385 64.65 -3.79 -29.93
N PRO I 386 63.98 -2.66 -29.70
CA PRO I 386 62.54 -2.33 -29.95
C PRO I 386 61.97 -2.56 -31.34
N GLY I 387 62.82 -2.41 -32.32
CA GLY I 387 62.43 -2.49 -33.69
C GLY I 387 62.01 -1.05 -34.00
N GLU I 388 61.26 -0.87 -35.08
CA GLU I 388 60.81 0.47 -35.46
C GLU I 388 59.44 0.82 -34.86
N PRO I 389 59.20 2.13 -34.64
CA PRO I 389 57.95 2.65 -34.06
C PRO I 389 56.76 2.47 -34.99
N MET I 390 55.59 2.14 -34.41
CA MET I 390 54.36 1.98 -35.20
C MET I 390 53.68 3.35 -35.25
N ASP I 391 53.53 3.90 -36.44
CA ASP I 391 52.88 5.20 -36.59
C ASP I 391 51.66 5.07 -37.53
N LYS I 392 51.35 3.84 -37.94
CA LYS I 392 50.22 3.56 -38.83
C LYS I 392 48.84 3.65 -38.16
N ASN I 393 48.32 2.52 -37.69
CA ASN I 393 47.02 2.47 -37.02
C ASN I 393 46.89 1.26 -36.07
N LEU I 394 45.70 1.15 -35.43
CA LEU I 394 45.47 0.23 -34.30
C LEU I 394 45.17 -1.20 -34.77
N TYR I 395 44.15 -1.73 -34.14
CA TYR I 395 43.77 -3.10 -34.45
C TYR I 395 42.77 -3.23 -35.54
N ASP I 396 42.12 -2.20 -35.94
CA ASP I 396 41.13 -2.52 -36.96
C ASP I 396 41.68 -1.83 -38.18
N LEU I 397 41.72 -2.50 -39.31
CA LEU I 397 42.28 -1.74 -40.34
C LEU I 397 43.29 -0.83 -39.77
N PRO I 398 44.48 -1.27 -39.55
CA PRO I 398 45.21 -2.32 -40.20
C PRO I 398 44.39 -3.51 -40.77
N PRO I 399 44.21 -4.69 -40.06
CA PRO I 399 43.70 -5.97 -40.46
C PRO I 399 44.17 -6.44 -41.85
N GLU I 400 45.28 -5.90 -42.36
CA GLU I 400 45.92 -6.16 -43.67
C GLU I 400 46.62 -7.52 -43.67
N GLU I 401 47.70 -7.59 -42.91
CA GLU I 401 48.52 -8.80 -42.73
C GLU I 401 47.95 -9.58 -41.53
N ALA I 402 46.62 -9.43 -41.32
CA ALA I 402 45.86 -10.01 -40.19
C ALA I 402 46.38 -9.29 -38.92
N LYS I 403 47.27 -8.33 -39.18
CA LYS I 403 47.96 -7.48 -38.20
C LYS I 403 48.41 -8.16 -36.91
N GLU I 404 48.95 -9.37 -37.03
CA GLU I 404 49.42 -10.08 -35.87
C GLU I 404 50.83 -9.65 -35.46
N ILE I 405 50.88 -8.46 -34.87
CA ILE I 405 52.12 -7.90 -34.34
C ILE I 405 52.03 -8.22 -32.83
N PRO I 406 53.02 -7.85 -32.05
CA PRO I 406 52.90 -8.10 -30.60
C PRO I 406 51.63 -7.77 -29.86
N GLN I 407 51.09 -8.61 -29.03
CA GLN I 407 50.04 -7.98 -28.22
C GLN I 407 50.05 -8.42 -26.77
N VAL I 408 49.43 -7.61 -25.91
CA VAL I 408 49.32 -7.92 -24.48
C VAL I 408 48.46 -9.17 -24.32
N ALA I 409 48.54 -9.80 -23.15
CA ALA I 409 47.77 -11.01 -22.89
C ALA I 409 46.29 -10.74 -23.12
N GLY I 410 45.55 -11.75 -23.57
CA GLY I 410 44.13 -11.55 -23.83
C GLY I 410 43.20 -12.07 -22.75
N SER I 411 43.78 -12.63 -21.71
CA SER I 411 43.02 -13.17 -20.59
C SER I 411 43.94 -13.27 -19.41
N LEU I 412 43.39 -13.33 -18.21
CA LEU I 412 44.22 -13.43 -17.03
C LEU I 412 45.05 -14.70 -16.99
N GLU I 413 44.45 -15.82 -17.36
CA GLU I 413 45.11 -17.12 -17.33
C GLU I 413 46.34 -17.09 -18.21
N GLU I 414 46.19 -16.52 -19.38
CA GLU I 414 47.25 -16.39 -20.34
C GLU I 414 48.40 -15.59 -19.74
N ALA I 415 48.04 -14.51 -19.04
CA ALA I 415 49.02 -13.65 -18.40
C ALA I 415 49.71 -14.40 -17.27
N LEU I 416 48.94 -15.16 -16.51
CA LEU I 416 49.51 -15.90 -15.40
C LEU I 416 50.47 -16.93 -15.94
N ASN I 417 50.07 -17.58 -17.03
CA ASN I 417 50.93 -18.60 -17.63
C ASN I 417 52.24 -17.98 -18.13
N ALA I 418 52.14 -16.80 -18.73
CA ALA I 418 53.33 -16.10 -19.21
C ALA I 418 54.26 -15.82 -18.05
N LEU I 419 53.67 -15.33 -16.96
CA LEU I 419 54.45 -15.03 -15.78
C LEU I 419 55.14 -16.29 -15.31
N ASP I 420 54.44 -17.42 -15.40
CA ASP I 420 55.01 -18.69 -14.96
C ASP I 420 56.28 -19.00 -15.73
N LEU I 421 56.15 -19.07 -17.04
CA LEU I 421 57.24 -19.39 -17.94
C LEU I 421 58.34 -18.35 -18.03
N ASP I 422 57.93 -17.10 -18.19
CA ASP I 422 58.86 -15.99 -18.35
C ASP I 422 59.27 -15.31 -17.05
N ARG I 423 59.54 -16.10 -16.02
CA ARG I 423 59.92 -15.55 -14.72
C ARG I 423 61.37 -15.18 -14.47
N GLU I 424 62.29 -15.62 -15.32
CA GLU I 424 63.70 -15.32 -15.07
C GLU I 424 64.02 -13.86 -14.84
N PHE I 425 63.56 -12.99 -15.74
CA PHE I 425 63.86 -11.57 -15.61
C PHE I 425 63.43 -10.96 -14.28
N LEU I 426 62.50 -11.61 -13.60
CA LEU I 426 61.99 -11.14 -12.30
C LEU I 426 62.84 -11.68 -11.15
N LYS I 427 63.37 -12.89 -11.32
CA LYS I 427 64.20 -13.53 -10.30
C LYS I 427 65.60 -12.92 -10.23
N ALA I 428 65.97 -12.18 -11.28
CA ALA I 428 67.25 -11.50 -11.37
C ALA I 428 67.48 -10.70 -10.11
N GLY I 429 68.71 -10.74 -9.61
CA GLY I 429 69.02 -10.01 -8.40
C GLY I 429 68.33 -10.53 -7.16
N GLY I 430 67.64 -11.67 -7.28
CA GLY I 430 66.94 -12.25 -6.14
C GLY I 430 65.76 -11.42 -5.64
N VAL I 431 65.25 -10.56 -6.52
CA VAL I 431 64.11 -9.67 -6.25
C VAL I 431 62.84 -10.49 -6.03
N PHE I 432 62.48 -11.30 -7.03
CA PHE I 432 61.32 -12.19 -6.93
C PHE I 432 61.78 -13.63 -6.76
N THR I 433 61.22 -14.34 -5.78
CA THR I 433 61.58 -15.74 -5.60
C THR I 433 60.52 -16.58 -6.32
N ASP I 434 60.84 -17.83 -6.62
CA ASP I 434 59.89 -18.71 -7.28
C ASP I 434 58.67 -18.87 -6.41
N GLU I 435 58.90 -19.05 -5.11
CA GLU I 435 57.81 -19.23 -4.15
C GLU I 435 56.82 -18.08 -4.18
N ALA I 436 57.36 -16.87 -4.20
CA ALA I 436 56.53 -15.68 -4.24
C ALA I 436 55.68 -15.71 -5.51
N ILE I 437 56.34 -15.89 -6.63
CA ILE I 437 55.66 -15.93 -7.90
C ILE I 437 54.60 -17.02 -7.98
N ASP I 438 54.93 -18.22 -7.52
CA ASP I 438 53.99 -19.32 -7.56
C ASP I 438 52.78 -19.09 -6.67
N ALA I 439 53.00 -18.39 -5.54
CA ALA I 439 51.96 -18.09 -4.58
C ALA I 439 51.00 -17.06 -5.16
N TYR I 440 51.57 -16.06 -5.82
CA TYR I 440 50.80 -15.01 -6.45
C TYR I 440 49.91 -15.62 -7.50
N ILE I 441 50.51 -16.47 -8.34
CA ILE I 441 49.78 -17.13 -9.40
C ILE I 441 48.64 -17.96 -8.84
N ALA I 442 48.89 -18.62 -7.72
CA ALA I 442 47.85 -19.45 -7.13
C ALA I 442 46.69 -18.63 -6.62
N LEU I 443 46.99 -17.46 -6.06
CA LEU I 443 45.95 -16.59 -5.55
C LEU I 443 45.04 -16.14 -6.67
N ARG I 444 45.66 -15.74 -7.78
CA ARG I 444 44.89 -15.27 -8.92
C ARG I 444 44.16 -16.36 -9.67
N ARG I 445 44.67 -17.58 -9.64
CA ARG I 445 44.00 -18.65 -10.37
C ARG I 445 42.69 -19.04 -9.75
N GLU I 446 42.63 -18.83 -8.45
CA GLU I 446 41.47 -19.10 -7.63
C GLU I 446 40.41 -18.07 -8.04
N GLU I 447 40.85 -16.84 -8.26
CA GLU I 447 39.95 -15.77 -8.69
C GLU I 447 39.51 -16.06 -10.11
N ASP I 448 40.46 -16.38 -10.97
CA ASP I 448 40.14 -16.69 -12.37
C ASP I 448 39.09 -17.79 -12.44
N ASP I 449 39.17 -18.74 -11.51
CA ASP I 449 38.24 -19.87 -11.50
C ASP I 449 36.81 -19.51 -11.23
N ARG I 450 36.61 -18.57 -10.31
CA ARG I 450 35.27 -18.14 -9.94
C ARG I 450 34.58 -17.61 -11.18
N VAL I 451 35.29 -16.79 -11.92
CA VAL I 451 34.72 -16.20 -13.11
C VAL I 451 34.53 -17.25 -14.21
N ARG I 452 35.48 -18.16 -14.37
CA ARG I 452 35.35 -19.17 -15.42
C ARG I 452 34.26 -20.17 -15.16
N MET I 453 34.03 -20.47 -13.89
CA MET I 453 33.05 -21.47 -13.50
C MET I 453 31.62 -21.00 -13.27
N THR I 454 31.43 -19.71 -13.02
CA THR I 454 30.08 -19.20 -12.75
C THR I 454 29.35 -18.74 -13.99
N PRO I 455 28.15 -19.28 -14.25
CA PRO I 455 27.41 -18.88 -15.44
C PRO I 455 27.29 -17.38 -15.52
N HIS I 456 27.44 -16.84 -16.73
CA HIS I 456 27.36 -15.42 -16.97
C HIS I 456 25.98 -15.04 -17.49
N PRO I 457 25.41 -13.95 -16.99
CA PRO I 457 24.09 -13.51 -17.43
C PRO I 457 23.93 -13.52 -18.94
N VAL I 458 24.96 -13.08 -19.66
CA VAL I 458 24.92 -13.04 -21.12
C VAL I 458 24.79 -14.42 -21.75
N GLU I 459 25.25 -15.44 -21.03
CA GLU I 459 25.15 -16.79 -21.55
C GLU I 459 23.72 -17.21 -21.67
N PHE I 460 22.85 -16.63 -20.84
CA PHE I 460 21.40 -16.94 -20.90
C PHE I 460 20.78 -16.28 -22.12
N GLU I 461 21.18 -15.05 -22.36
CA GLU I 461 20.69 -14.32 -23.50
C GLU I 461 21.07 -15.08 -24.76
N LEU I 462 22.32 -15.51 -24.82
CA LEU I 462 22.90 -16.23 -25.95
C LEU I 462 22.47 -17.68 -26.07
N TYR I 463 22.35 -18.43 -24.96
CA TYR I 463 22.05 -19.85 -25.09
C TYR I 463 20.85 -20.41 -24.33
N TYR I 464 20.01 -19.64 -23.65
CA TYR I 464 18.90 -20.27 -22.93
C TYR I 464 17.96 -21.06 -23.86
N SER I 465 17.71 -20.52 -25.06
CA SER I 465 16.81 -21.14 -26.03
C SER I 465 17.48 -22.10 -27.00
N VAL I 466 18.67 -22.53 -26.64
CA VAL I 466 19.44 -23.43 -27.45
C VAL I 466 18.73 -24.77 -27.67
N GLU J 1 39.43 5.38 51.87
CA GLU J 1 39.52 6.85 51.92
C GLU J 1 39.65 7.45 50.54
N HIS J 2 40.34 6.71 49.68
CA HIS J 2 40.55 7.10 48.29
C HIS J 2 39.16 7.14 47.64
N VAL J 3 38.33 6.19 48.05
CA VAL J 3 36.98 6.10 47.53
C VAL J 3 36.17 7.31 47.96
N LEU J 4 36.23 7.64 49.26
CA LEU J 4 35.48 8.78 49.76
C LEU J 4 35.90 10.10 49.13
N THR J 5 37.13 10.16 48.59
CA THR J 5 37.58 11.39 47.93
C THR J 5 37.15 11.40 46.48
N MET J 6 37.06 10.20 45.88
CA MET J 6 36.61 10.07 44.49
C MET J 6 35.15 10.49 44.42
N LEU J 7 34.42 10.25 45.52
CA LEU J 7 33.02 10.63 45.60
C LEU J 7 32.83 12.14 45.52
N ASN J 8 33.76 12.88 46.14
CA ASN J 8 33.68 14.34 46.13
C ASN J 8 34.27 14.96 44.89
N GLU J 9 35.36 14.36 44.43
CA GLU J 9 36.10 14.81 43.26
C GLU J 9 35.27 14.75 41.98
N HIS J 10 34.45 13.70 41.88
CA HIS J 10 33.59 13.51 40.71
C HIS J 10 32.12 13.83 41.00
N GLU J 11 31.84 14.36 42.19
CA GLU J 11 30.46 14.72 42.59
C GLU J 11 29.52 13.57 42.28
N VAL J 12 29.90 12.40 42.75
CA VAL J 12 29.15 11.18 42.55
C VAL J 12 27.80 11.19 43.24
N LYS J 13 26.78 10.78 42.50
CA LYS J 13 25.42 10.71 43.03
C LYS J 13 25.05 9.27 43.36
N PHE J 14 25.69 8.32 42.68
CA PHE J 14 25.40 6.89 42.93
C PHE J 14 26.60 6.00 42.91
N VAL J 15 26.44 4.85 43.55
CA VAL J 15 27.48 3.85 43.60
C VAL J 15 26.85 2.58 43.05
N ASP J 16 27.46 2.06 42.00
CA ASP J 16 26.96 0.87 41.34
C ASP J 16 27.80 -0.32 41.79
N LEU J 17 27.18 -1.16 42.60
CA LEU J 17 27.81 -2.35 43.14
C LEU J 17 27.75 -3.48 42.15
N ARG J 18 28.91 -3.99 41.75
CA ARG J 18 28.94 -5.08 40.78
C ARG J 18 29.55 -6.38 41.20
N PHE J 19 29.01 -7.44 40.60
CA PHE J 19 29.48 -8.77 40.85
C PHE J 19 29.13 -9.69 39.69
N THR J 20 29.68 -10.91 39.70
CA THR J 20 29.45 -11.87 38.63
C THR J 20 28.75 -13.13 39.11
N ASP J 21 27.89 -13.70 38.28
CA ASP J 21 27.20 -14.90 38.68
C ASP J 21 27.98 -16.10 38.18
N THR J 22 27.47 -17.29 38.47
CA THR J 22 28.15 -18.48 38.06
C THR J 22 28.38 -18.57 36.55
N LYS J 23 27.41 -18.16 35.75
CA LYS J 23 27.55 -18.22 34.29
C LYS J 23 28.61 -17.26 33.77
N GLY J 24 28.90 -16.23 34.55
CA GLY J 24 29.94 -15.29 34.15
C GLY J 24 29.44 -13.90 33.82
N LYS J 25 28.15 -13.70 34.04
CA LYS J 25 27.52 -12.44 33.72
C LYS J 25 27.57 -11.44 34.85
N GLU J 26 28.10 -10.26 34.54
CA GLU J 26 28.22 -9.19 35.52
C GLU J 26 26.81 -8.74 35.94
N GLN J 27 26.63 -8.54 37.24
CA GLN J 27 25.35 -8.12 37.81
C GLN J 27 25.57 -6.84 38.58
N HIS J 28 24.50 -6.13 38.90
CA HIS J 28 24.64 -4.89 39.64
C HIS J 28 23.41 -4.44 40.38
N VAL J 29 23.66 -3.57 41.35
CA VAL J 29 22.61 -2.96 42.15
C VAL J 29 23.21 -1.59 42.52
N THR J 30 22.35 -0.60 42.64
CA THR J 30 22.81 0.76 42.87
C THR J 30 22.31 1.36 44.16
N ILE J 31 23.16 2.15 44.82
CA ILE J 31 22.77 2.85 46.05
C ILE J 31 23.27 4.27 45.91
N PRO J 32 22.54 5.22 46.53
CA PRO J 32 22.90 6.64 46.47
C PRO J 32 24.26 6.78 47.12
N ALA J 33 25.06 7.74 46.68
CA ALA J 33 26.37 7.93 47.27
C ALA J 33 26.29 8.14 48.78
N HIS J 34 25.25 8.83 49.23
CA HIS J 34 25.07 9.09 50.65
C HIS J 34 24.87 7.87 51.54
N GLN J 35 24.79 6.69 50.93
CA GLN J 35 24.62 5.45 51.67
C GLN J 35 25.99 4.80 51.95
N VAL J 36 27.02 5.43 51.42
CA VAL J 36 28.39 4.97 51.60
C VAL J 36 29.02 5.61 52.83
N ASN J 37 29.25 4.77 53.83
CA ASN J 37 29.81 5.19 55.11
C ASN J 37 30.89 4.22 55.52
N ALA J 38 31.39 4.39 56.75
CA ALA J 38 32.44 3.54 57.27
C ALA J 38 31.96 2.09 57.36
N GLU J 39 30.76 1.90 57.85
CA GLU J 39 30.16 0.57 57.99
C GLU J 39 30.22 -0.22 56.69
N PHE J 40 29.70 0.42 55.64
CA PHE J 40 29.68 -0.11 54.29
C PHE J 40 30.91 -0.94 53.92
N PHE J 41 32.10 -0.40 54.17
CA PHE J 41 33.33 -1.12 53.86
C PHE J 41 33.71 -2.28 54.75
N GLU J 42 33.36 -2.20 56.02
CA GLU J 42 33.71 -3.27 56.93
C GLU J 42 32.70 -4.38 56.98
N GLU J 43 31.42 -4.04 56.83
CA GLU J 43 30.39 -5.08 56.85
C GLU J 43 29.55 -5.26 55.59
N GLY J 44 29.82 -4.46 54.57
CA GLY J 44 29.09 -4.57 53.31
C GLY J 44 27.60 -4.31 53.41
N LYS J 45 26.85 -4.78 52.40
CA LYS J 45 25.40 -4.61 52.35
C LYS J 45 24.78 -5.99 52.14
N MET J 46 23.56 -6.16 52.67
CA MET J 46 22.83 -7.42 52.57
C MET J 46 21.97 -7.52 51.32
N PHE J 47 21.89 -8.74 50.78
CA PHE J 47 21.04 -8.98 49.62
C PHE J 47 20.59 -10.43 49.57
N ASP J 48 19.53 -10.65 48.80
CA ASP J 48 18.93 -11.95 48.63
C ASP J 48 19.74 -12.88 47.73
N GLY J 49 20.24 -13.97 48.32
CA GLY J 49 21.01 -14.92 47.56
C GLY J 49 20.17 -15.72 46.58
N SER J 50 19.03 -16.23 47.06
CA SER J 50 18.12 -17.06 46.25
C SER J 50 17.74 -16.55 44.86
N SER J 51 18.00 -15.28 44.59
CA SER J 51 17.66 -14.66 43.31
C SER J 51 18.58 -14.96 42.12
N ILE J 52 19.84 -15.26 42.41
CA ILE J 52 20.84 -15.59 41.39
C ILE J 52 20.80 -17.08 41.09
N GLY J 53 20.91 -17.43 39.82
CA GLY J 53 20.87 -18.84 39.45
C GLY J 53 22.01 -19.67 40.01
N GLY J 54 21.68 -20.83 40.57
CA GLY J 54 22.67 -21.73 41.11
C GLY J 54 23.27 -21.31 42.45
N TRP J 55 22.60 -20.40 43.16
CA TRP J 55 23.15 -19.98 44.43
C TRP J 55 22.38 -20.59 45.59
N LYS J 56 22.11 -19.81 46.65
CA LYS J 56 21.39 -20.34 47.82
C LYS J 56 19.97 -20.81 47.46
N GLY J 57 19.50 -21.84 48.11
CA GLY J 57 18.18 -22.36 47.82
C GLY J 57 17.08 -21.79 48.73
N ILE J 58 16.11 -22.66 49.02
CA ILE J 58 14.93 -22.38 49.83
C ILE J 58 15.17 -21.80 51.22
N ASN J 59 16.22 -22.17 51.92
CA ASN J 59 16.29 -21.78 53.31
C ASN J 59 17.24 -20.70 53.73
N GLU J 60 18.37 -20.65 53.06
CA GLU J 60 19.47 -19.73 53.41
C GLU J 60 19.67 -18.56 52.47
N SER J 61 18.63 -17.86 52.13
CA SER J 61 18.73 -16.78 51.17
C SER J 61 19.75 -15.68 51.40
N ASP J 62 19.72 -15.07 52.57
CA ASP J 62 20.57 -13.89 52.75
C ASP J 62 22.09 -14.06 52.85
N MET J 63 22.73 -13.14 52.10
CA MET J 63 24.18 -13.07 51.94
C MET J 63 24.72 -11.65 51.90
N VAL J 64 26.06 -11.53 51.92
CA VAL J 64 26.73 -10.24 51.95
C VAL J 64 27.50 -9.78 50.70
N LEU J 65 27.31 -8.51 50.34
CA LEU J 65 27.99 -7.88 49.22
C LEU J 65 29.12 -7.08 49.83
N MET J 66 30.36 -7.53 49.64
CA MET J 66 31.48 -6.83 50.23
C MET J 66 32.23 -5.99 49.24
N PRO J 67 32.09 -4.66 49.33
CA PRO J 67 32.79 -3.78 48.40
C PRO J 67 34.29 -3.92 48.49
N ASP J 68 34.93 -3.99 47.33
CA ASP J 68 36.38 -4.09 47.24
C ASP J 68 36.81 -2.70 46.78
N ALA J 69 37.23 -1.89 47.73
CA ALA J 69 37.64 -0.52 47.48
C ALA J 69 38.73 -0.31 46.44
N SER J 70 39.46 -1.37 46.12
CA SER J 70 40.53 -1.22 45.12
C SER J 70 39.98 -1.11 43.70
N THR J 71 38.75 -1.57 43.50
CA THR J 71 38.10 -1.58 42.19
C THR J 71 37.33 -0.35 41.77
N ALA J 72 37.27 0.67 42.62
CA ALA J 72 36.52 1.87 42.29
C ALA J 72 36.86 2.55 40.97
N VAL J 73 35.85 2.69 40.12
CA VAL J 73 36.02 3.35 38.83
C VAL J 73 34.68 3.93 38.40
N ILE J 74 34.77 5.12 37.80
CA ILE J 74 33.61 5.85 37.30
C ILE J 74 32.96 5.19 36.08
N ASP J 75 31.64 5.16 36.04
CA ASP J 75 30.94 4.59 34.89
C ASP J 75 30.89 5.69 33.85
N PRO J 76 31.39 5.41 32.64
CA PRO J 76 31.43 6.36 31.54
C PRO J 76 30.19 6.51 30.71
N PHE J 77 29.16 5.73 31.02
CA PHE J 77 27.92 5.76 30.25
C PHE J 77 26.71 6.33 30.97
N PHE J 78 26.55 5.99 32.26
CA PHE J 78 25.40 6.47 33.03
C PHE J 78 25.29 8.00 32.97
N ALA J 79 24.06 8.51 32.97
CA ALA J 79 23.80 9.94 32.87
C ALA J 79 24.18 10.78 34.09
N ASP J 80 24.00 10.19 35.26
CA ASP J 80 24.28 10.82 36.54
C ASP J 80 25.60 10.22 37.00
N SER J 81 26.49 11.05 37.56
CA SER J 81 27.78 10.57 38.02
C SER J 81 27.71 9.37 38.95
N THR J 82 28.27 8.25 38.53
CA THR J 82 28.20 7.08 39.38
C THR J 82 29.48 6.29 39.40
N LEU J 83 29.79 5.80 40.59
CA LEU J 83 31.00 5.08 40.83
C LEU J 83 30.74 3.60 40.95
N ILE J 84 31.51 2.85 40.18
CA ILE J 84 31.39 1.40 40.20
C ILE J 84 32.35 0.82 41.21
N ILE J 85 31.86 -0.12 42.01
CA ILE J 85 32.68 -0.81 42.99
C ILE J 85 32.33 -2.27 42.91
N ARG J 86 33.32 -3.07 42.52
CA ARG J 86 33.18 -4.50 42.39
C ARG J 86 33.08 -5.03 43.82
N CYS J 87 32.34 -6.12 44.02
CA CYS J 87 32.14 -6.67 45.35
C CYS J 87 32.36 -8.15 45.37
N ASP J 88 32.67 -8.73 46.53
CA ASP J 88 32.82 -10.18 46.62
C ASP J 88 31.56 -10.58 47.37
N ILE J 89 31.19 -11.85 47.29
CA ILE J 89 30.01 -12.35 47.97
C ILE J 89 30.48 -13.15 49.15
N LEU J 90 30.16 -12.69 50.34
CA LEU J 90 30.58 -13.35 51.57
C LEU J 90 29.42 -13.99 52.29
N GLU J 91 29.73 -15.05 53.04
CA GLU J 91 28.74 -15.76 53.85
C GLU J 91 28.51 -14.81 55.04
N PRO J 92 27.24 -14.62 55.47
CA PRO J 92 26.97 -13.70 56.58
C PRO J 92 27.55 -14.17 57.92
N GLY J 93 27.97 -13.22 58.74
CA GLY J 93 28.55 -13.53 60.04
C GLY J 93 29.99 -13.98 59.88
N THR J 94 30.18 -15.14 59.27
CA THR J 94 31.52 -15.67 59.04
C THR J 94 32.31 -14.72 58.13
N LEU J 95 31.59 -14.04 57.22
CA LEU J 95 32.20 -13.12 56.27
C LEU J 95 33.33 -13.81 55.53
N GLN J 96 33.11 -15.07 55.22
CA GLN J 96 34.16 -15.88 54.62
C GLN J 96 34.42 -15.73 53.13
N GLY J 97 33.41 -15.92 52.34
CA GLY J 97 33.58 -15.90 50.91
C GLY J 97 32.85 -17.13 50.44
N TYR J 98 31.70 -16.84 49.85
CA TYR J 98 30.79 -17.84 49.36
C TYR J 98 31.45 -18.86 48.44
N ASP J 99 31.19 -20.14 48.70
CA ASP J 99 31.75 -21.23 47.93
C ASP J 99 31.45 -21.10 46.45
N ARG J 100 30.27 -20.60 46.16
CA ARG J 100 29.83 -20.44 44.79
C ARG J 100 30.13 -19.07 44.15
N ASP J 101 30.77 -18.17 44.89
CA ASP J 101 31.13 -16.86 44.33
C ASP J 101 32.40 -17.03 43.48
N PRO J 102 32.28 -16.86 42.17
CA PRO J 102 33.38 -16.99 41.23
C PRO J 102 34.55 -16.09 41.52
N ARG J 103 34.32 -14.93 42.13
CA ARG J 103 35.47 -14.07 42.38
C ARG J 103 36.21 -14.59 43.58
N SER J 104 35.46 -15.09 44.57
CA SER J 104 36.07 -15.64 45.78
C SER J 104 36.91 -16.86 45.39
N ILE J 105 36.34 -17.67 44.50
CA ILE J 105 37.00 -18.86 44.01
C ILE J 105 38.32 -18.54 43.30
N ALA J 106 38.31 -17.47 42.54
CA ALA J 106 39.50 -17.08 41.82
C ALA J 106 40.53 -16.56 42.81
N LYS J 107 40.08 -15.85 43.84
CA LYS J 107 41.00 -15.33 44.84
C LYS J 107 41.62 -16.51 45.59
N ARG J 108 40.79 -17.48 45.96
CA ARG J 108 41.25 -18.68 46.67
C ARG J 108 42.35 -19.38 45.88
N ALA J 109 42.20 -19.39 44.57
CA ALA J 109 43.16 -20.05 43.70
C ALA J 109 44.47 -19.28 43.67
N GLU J 110 44.42 -17.96 43.79
CA GLU J 110 45.65 -17.19 43.76
C GLU J 110 46.37 -17.40 45.10
N ASP J 111 45.57 -17.58 46.15
CA ASP J 111 46.10 -17.83 47.49
C ASP J 111 46.84 -19.17 47.48
N TYR J 112 46.14 -20.22 47.08
CA TYR J 112 46.72 -21.56 47.01
C TYR J 112 48.02 -21.61 46.21
N LEU J 113 48.17 -20.72 45.24
CA LEU J 113 49.38 -20.65 44.42
C LEU J 113 50.52 -20.25 45.35
N ARG J 114 50.33 -19.12 46.05
CA ARG J 114 51.33 -18.62 46.98
C ARG J 114 51.62 -19.65 48.07
N ALA J 115 50.57 -20.31 48.56
CA ALA J 115 50.70 -21.33 49.60
C ALA J 115 51.62 -22.48 49.22
N THR J 116 51.41 -23.07 48.04
CA THR J 116 52.25 -24.18 47.59
C THR J 116 53.67 -23.69 47.42
N GLY J 117 53.81 -22.37 47.40
CA GLY J 117 55.11 -21.76 47.21
C GLY J 117 55.67 -21.94 45.80
N ILE J 118 54.88 -22.52 44.90
CA ILE J 118 55.32 -22.72 43.53
C ILE J 118 55.67 -21.40 42.84
N ALA J 119 54.93 -20.35 43.17
CA ALA J 119 55.12 -18.99 42.61
C ALA J 119 54.32 -18.04 43.48
N ASP J 120 54.51 -16.73 43.29
CA ASP J 120 53.74 -15.79 44.10
C ASP J 120 52.65 -15.00 43.37
N THR J 121 52.67 -15.06 42.03
CA THR J 121 51.66 -14.39 41.19
C THR J 121 51.47 -15.12 39.86
N VAL J 122 50.24 -15.14 39.36
CA VAL J 122 49.91 -15.76 38.06
C VAL J 122 49.58 -14.65 37.07
N LEU J 123 50.07 -14.80 35.85
CA LEU J 123 49.81 -13.79 34.84
C LEU J 123 48.91 -14.28 33.71
N PHE J 124 47.81 -13.55 33.51
CA PHE J 124 46.85 -13.89 32.46
C PHE J 124 46.70 -12.79 31.42
N GLY J 125 46.81 -13.20 30.16
CA GLY J 125 46.65 -12.27 29.06
C GLY J 125 45.65 -12.87 28.08
N PRO J 126 44.34 -12.75 28.37
CA PRO J 126 43.32 -13.30 27.47
C PRO J 126 43.06 -12.37 26.28
N GLU J 127 42.66 -12.95 25.15
CA GLU J 127 42.41 -12.18 23.94
C GLU J 127 40.99 -12.41 23.46
N PRO J 128 40.02 -11.80 24.13
CA PRO J 128 38.65 -12.02 23.68
C PRO J 128 38.33 -11.28 22.39
N GLU J 129 37.68 -11.98 21.48
CA GLU J 129 37.25 -11.46 20.20
C GLU J 129 35.74 -11.27 20.29
N PHE J 130 35.15 -10.47 19.41
CA PHE J 130 33.70 -10.29 19.45
C PHE J 130 33.15 -9.84 18.11
N PHE J 131 31.82 -9.82 18.01
CA PHE J 131 31.14 -9.38 16.79
C PHE J 131 30.30 -8.16 17.04
N LEU J 132 30.23 -7.29 16.05
CA LEU J 132 29.40 -6.09 16.11
C LEU J 132 28.37 -6.14 14.98
N PHE J 133 27.08 -6.25 15.33
CA PHE J 133 26.02 -6.33 14.33
C PHE J 133 25.11 -5.12 14.41
N ASP J 134 24.18 -5.06 13.47
CA ASP J 134 23.19 -3.98 13.42
C ASP J 134 21.84 -4.53 13.88
N ASP J 135 21.57 -5.79 13.56
CA ASP J 135 20.29 -6.41 13.85
C ASP J 135 20.51 -7.86 14.22
N ILE J 136 19.88 -8.29 15.31
CA ILE J 136 19.94 -9.67 15.75
C ILE J 136 18.52 -10.03 16.17
N ARG J 137 17.98 -11.06 15.55
CA ARG J 137 16.62 -11.53 15.78
C ARG J 137 16.62 -13.01 15.98
N PHE J 138 15.86 -13.51 16.95
CA PHE J 138 15.76 -14.94 17.13
C PHE J 138 14.57 -15.27 17.98
N GLY J 139 14.20 -16.55 17.95
CA GLY J 139 13.06 -17.00 18.72
C GLY J 139 12.88 -18.50 18.55
N ALA J 140 12.03 -19.07 19.38
CA ALA J 140 11.74 -20.49 19.32
C ALA J 140 10.45 -20.70 20.06
N SER J 141 9.53 -21.37 19.41
CA SER J 141 8.24 -21.68 19.98
C SER J 141 7.87 -23.04 19.44
N ILE J 142 6.67 -23.50 19.76
CA ILE J 142 6.27 -24.81 19.32
C ILE J 142 6.28 -24.98 17.81
N SER J 143 5.90 -23.93 17.09
CA SER J 143 5.83 -24.04 15.64
C SER J 143 7.09 -23.76 14.86
N GLY J 144 8.20 -23.56 15.56
CA GLY J 144 9.44 -23.34 14.85
C GLY J 144 10.47 -22.58 15.64
N SER J 145 11.47 -22.08 14.95
CA SER J 145 12.53 -21.31 15.59
C SER J 145 13.38 -20.66 14.51
N HIS J 146 14.16 -19.67 14.89
CA HIS J 146 14.99 -19.01 13.91
C HIS J 146 15.99 -18.08 14.51
N VAL J 147 16.95 -17.67 13.69
CA VAL J 147 17.95 -16.69 14.06
C VAL J 147 18.35 -15.99 12.80
N ALA J 148 18.33 -14.68 12.88
CA ALA J 148 18.70 -13.86 11.74
C ALA J 148 19.71 -12.83 12.13
N ILE J 149 20.85 -12.79 11.48
CA ILE J 149 21.89 -11.82 11.82
C ILE J 149 22.01 -10.79 10.73
N ASP J 150 22.30 -9.55 11.10
CA ASP J 150 22.48 -8.58 10.04
C ASP J 150 23.44 -7.48 10.44
N ASP J 151 24.29 -7.12 9.49
CA ASP J 151 25.24 -6.06 9.69
C ASP J 151 25.59 -5.44 8.37
N ILE J 152 25.91 -4.17 8.40
CA ILE J 152 26.25 -3.46 7.19
C ILE J 152 27.48 -4.05 6.50
N GLU J 153 28.30 -4.77 7.25
CA GLU J 153 29.51 -5.37 6.70
C GLU J 153 29.27 -6.76 6.15
N GLY J 154 28.17 -7.37 6.53
CA GLY J 154 27.91 -8.72 6.05
C GLY J 154 28.04 -8.86 4.55
N ALA J 155 28.80 -9.84 4.10
CA ALA J 155 28.98 -10.02 2.67
C ALA J 155 27.68 -10.20 1.92
N TRP J 156 26.69 -10.79 2.60
CA TRP J 156 25.39 -11.04 1.99
C TRP J 156 24.67 -9.78 1.57
N ASN J 157 25.06 -8.65 2.15
CA ASN J 157 24.43 -7.38 1.80
C ASN J 157 24.98 -6.75 0.55
N SER J 158 25.84 -7.47 -0.17
CA SER J 158 26.39 -6.93 -1.40
C SER J 158 25.24 -6.68 -2.38
N SER J 159 24.13 -7.38 -2.19
CA SER J 159 22.96 -7.26 -3.06
C SER J 159 21.79 -6.47 -2.48
N THR J 160 21.90 -6.06 -1.23
CA THR J 160 20.83 -5.34 -0.56
C THR J 160 20.56 -3.92 -1.03
N LYS J 161 19.29 -3.57 -1.18
CA LYS J 161 18.95 -2.20 -1.59
C LYS J 161 18.89 -1.37 -0.33
N TYR J 162 19.56 -0.22 -0.36
CA TYR J 162 19.59 0.68 0.78
C TYR J 162 18.96 2.01 0.38
N GLU J 163 18.37 2.67 1.36
CA GLU J 163 17.70 3.95 1.19
C GLU J 163 18.56 4.93 0.39
N GLY J 164 19.77 5.19 0.90
CA GLY J 164 20.66 6.11 0.20
C GLY J 164 21.65 5.47 -0.75
N GLY J 165 21.35 4.26 -1.19
CA GLY J 165 22.24 3.54 -2.08
C GLY J 165 23.19 2.62 -1.33
N ASN J 166 23.53 1.49 -1.94
CA ASN J 166 24.45 0.51 -1.35
C ASN J 166 25.85 1.01 -1.74
N LYS J 167 26.68 1.33 -0.75
CA LYS J 167 28.02 1.87 -0.99
C LYS J 167 29.10 0.80 -1.18
N GLY J 168 28.60 -0.38 -1.07
CA GLY J 168 29.27 -1.63 -1.18
C GLY J 168 30.80 -1.75 -1.07
N HIS J 169 31.40 -1.57 0.11
CA HIS J 169 32.81 -1.98 0.33
C HIS J 169 32.79 -2.83 1.55
N ARG J 170 32.58 -4.10 1.36
CA ARG J 170 32.42 -5.00 2.48
C ARG J 170 33.45 -6.11 2.51
N PRO J 171 33.76 -6.57 3.71
CA PRO J 171 34.72 -7.65 3.91
C PRO J 171 34.02 -8.91 3.47
N GLY J 172 34.65 -9.67 2.58
CA GLY J 172 34.04 -10.92 2.14
C GLY J 172 34.13 -11.96 3.23
N VAL J 173 33.61 -13.15 2.99
CA VAL J 173 33.67 -14.22 3.99
C VAL J 173 35.13 -14.54 4.27
N LYS J 174 35.50 -14.58 5.56
CA LYS J 174 36.87 -14.83 6.01
C LYS J 174 37.83 -13.76 5.45
N GLY J 175 37.30 -12.62 5.02
CA GLY J 175 38.16 -11.60 4.41
C GLY J 175 38.26 -10.30 5.24
N GLY J 176 38.09 -10.40 6.55
CA GLY J 176 38.13 -9.23 7.40
C GLY J 176 39.52 -8.87 7.90
N TYR J 177 40.50 -9.76 7.72
CA TYR J 177 41.85 -9.42 8.25
C TYR J 177 42.56 -8.30 7.49
N PHE J 178 42.21 -7.09 7.99
CA PHE J 178 42.85 -5.75 7.85
C PHE J 178 42.54 -4.87 6.62
N PRO J 179 41.65 -5.17 5.69
CA PRO J 179 41.40 -4.13 4.71
C PRO J 179 41.17 -2.79 5.35
N VAL J 180 41.86 -1.75 4.89
CA VAL J 180 41.63 -0.43 5.50
C VAL J 180 40.23 0.08 5.18
N PRO J 181 39.75 1.06 5.94
CA PRO J 181 38.42 1.63 5.67
C PRO J 181 38.42 2.11 4.23
N PRO J 182 37.24 2.22 3.63
CA PRO J 182 35.94 1.88 4.20
C PRO J 182 35.54 0.42 4.30
N VAL J 183 36.36 -0.51 3.83
CA VAL J 183 35.98 -1.92 3.94
C VAL J 183 35.80 -2.22 5.43
N ASP J 184 36.74 -1.74 6.24
CA ASP J 184 36.66 -1.90 7.68
C ASP J 184 35.83 -0.71 8.14
N SER J 185 34.63 -0.97 8.63
CA SER J 185 33.75 0.10 9.06
C SER J 185 33.83 0.43 10.52
N ALA J 186 34.71 -0.25 11.25
CA ALA J 186 34.75 -0.04 12.70
C ALA J 186 35.96 0.61 13.34
N GLN J 187 36.68 1.43 12.61
CA GLN J 187 37.84 2.06 13.19
C GLN J 187 37.45 2.99 14.33
N ASP J 188 36.57 3.95 14.07
CA ASP J 188 36.17 4.89 15.11
C ASP J 188 35.62 4.19 16.35
N ILE J 189 34.83 3.16 16.14
CA ILE J 189 34.25 2.48 17.28
C ILE J 189 35.28 1.69 18.08
N ARG J 190 36.20 1.02 17.38
CA ARG J 190 37.23 0.27 18.10
C ARG J 190 38.05 1.23 18.97
N SER J 191 38.33 2.43 18.46
CA SER J 191 39.09 3.34 19.29
C SER J 191 38.36 3.90 20.48
N GLU J 192 37.06 4.17 20.33
CA GLU J 192 36.30 4.66 21.47
C GLU J 192 36.36 3.57 22.52
N MET J 193 36.20 2.32 22.10
CA MET J 193 36.26 1.22 23.05
C MET J 193 37.60 1.24 23.77
N CYS J 194 38.67 1.54 23.02
CA CYS J 194 39.99 1.59 23.62
C CYS J 194 40.10 2.72 24.63
N LEU J 195 39.75 3.93 24.21
CA LEU J 195 39.82 5.06 25.10
C LEU J 195 39.03 4.81 26.37
N VAL J 196 37.82 4.31 26.22
CA VAL J 196 36.97 4.07 27.37
C VAL J 196 37.53 2.96 28.24
N MET J 197 38.07 1.93 27.63
CA MET J 197 38.65 0.84 28.40
C MET J 197 39.76 1.38 29.27
N GLU J 198 40.57 2.26 28.71
CA GLU J 198 41.64 2.84 29.48
C GLU J 198 41.16 3.78 30.56
N GLN J 199 40.09 4.51 30.29
CA GLN J 199 39.53 5.39 31.31
C GLN J 199 39.08 4.51 32.48
N MET J 200 38.87 3.24 32.20
CA MET J 200 38.41 2.33 33.23
C MET J 200 39.52 1.45 33.81
N GLY J 201 40.76 1.82 33.54
CA GLY J 201 41.88 1.09 34.10
C GLY J 201 42.55 0.01 33.30
N LEU J 202 42.04 -0.28 32.12
CA LEU J 202 42.66 -1.29 31.29
C LEU J 202 43.76 -0.62 30.52
N VAL J 203 44.69 -1.43 30.01
CA VAL J 203 45.77 -0.90 29.20
C VAL J 203 45.67 -1.61 27.87
N VAL J 204 45.48 -0.82 26.84
CA VAL J 204 45.29 -1.35 25.50
C VAL J 204 46.56 -1.48 24.72
N GLU J 205 46.73 -2.61 24.05
CA GLU J 205 47.92 -2.85 23.24
C GLU J 205 47.65 -2.69 21.77
N ALA J 206 46.45 -3.05 21.33
CA ALA J 206 46.10 -2.92 19.92
C ALA J 206 44.64 -3.18 19.65
N HIS J 207 44.19 -2.76 18.47
CA HIS J 207 42.84 -3.04 18.05
C HIS J 207 42.82 -3.20 16.54
N HIS J 208 41.97 -4.14 16.12
CA HIS J 208 41.90 -4.43 14.72
C HIS J 208 40.64 -5.21 14.38
N HIS J 209 40.31 -5.23 13.11
CA HIS J 209 39.18 -5.98 12.62
C HIS J 209 39.62 -7.44 12.64
N GLU J 210 38.72 -8.38 12.87
CA GLU J 210 39.13 -9.78 12.86
C GLU J 210 38.81 -10.40 11.51
N VAL J 211 38.91 -11.73 11.41
CA VAL J 211 38.72 -12.42 10.15
C VAL J 211 37.32 -12.43 9.53
N ALA J 212 36.32 -12.70 10.32
CA ALA J 212 34.97 -12.85 9.78
C ALA J 212 34.34 -11.60 9.18
N THR J 213 33.48 -11.81 8.20
CA THR J 213 32.73 -10.73 7.59
C THR J 213 31.72 -10.32 8.67
N ALA J 214 30.95 -9.28 8.41
CA ALA J 214 29.92 -8.91 9.34
C ALA J 214 30.37 -8.46 10.74
N GLY J 215 31.49 -7.75 10.83
CA GLY J 215 31.88 -7.13 12.10
C GLY J 215 32.64 -7.91 13.18
N GLN J 216 33.48 -8.85 12.82
CA GLN J 216 34.25 -9.44 13.91
C GLN J 216 35.36 -8.47 14.21
N ASN J 217 35.60 -8.21 15.49
CA ASN J 217 36.62 -7.24 15.88
C ASN J 217 37.35 -7.69 17.12
N GLU J 218 38.46 -7.03 17.45
CA GLU J 218 39.22 -7.37 18.64
C GLU J 218 40.00 -6.20 19.22
N VAL J 219 39.93 -6.07 20.54
CA VAL J 219 40.70 -5.08 21.30
C VAL J 219 41.62 -5.88 22.20
N ALA J 220 42.91 -5.73 21.98
CA ALA J 220 43.91 -6.44 22.77
C ALA J 220 44.36 -5.61 23.94
N THR J 221 44.26 -6.18 25.13
CA THR J 221 44.65 -5.50 26.34
C THR J 221 45.84 -6.18 27.02
N ARG J 222 46.61 -5.41 27.79
CA ARG J 222 47.75 -5.94 28.52
C ARG J 222 47.30 -6.89 29.63
N PHE J 223 48.14 -7.90 29.84
CA PHE J 223 47.87 -8.93 30.83
C PHE J 223 47.84 -8.25 32.20
N ASN J 224 47.57 -9.04 33.23
CA ASN J 224 47.51 -8.58 34.60
C ASN J 224 47.43 -9.83 35.47
N THR J 225 47.47 -9.67 36.79
CA THR J 225 47.40 -10.82 37.67
C THR J 225 46.02 -11.44 37.47
N MET J 226 45.95 -12.75 37.59
CA MET J 226 44.72 -13.51 37.34
C MET J 226 43.40 -12.84 37.77
N THR J 227 43.14 -12.69 39.07
CA THR J 227 41.86 -12.11 39.47
C THR J 227 41.61 -10.68 38.92
N LYS J 228 42.64 -9.84 38.88
CA LYS J 228 42.45 -8.50 38.37
C LYS J 228 42.12 -8.56 36.87
N LYS J 229 42.63 -9.58 36.18
CA LYS J 229 42.37 -9.69 34.75
C LYS J 229 40.94 -10.11 34.47
N ALA J 230 40.40 -11.01 35.28
CA ALA J 230 39.03 -11.45 35.12
C ALA J 230 38.13 -10.24 35.35
N ASP J 231 38.53 -9.38 36.29
CA ASP J 231 37.77 -8.16 36.56
C ASP J 231 37.82 -7.37 35.25
N GLU J 232 39.03 -7.24 34.69
CA GLU J 232 39.21 -6.51 33.44
C GLU J 232 38.37 -7.07 32.30
N ILE J 233 38.19 -8.38 32.26
CA ILE J 233 37.40 -9.01 31.21
C ILE J 233 35.96 -8.52 31.32
N GLN J 234 35.44 -8.52 32.54
CA GLN J 234 34.09 -8.05 32.80
C GLN J 234 33.88 -6.60 32.34
N ILE J 235 34.88 -5.77 32.64
CA ILE J 235 34.85 -4.35 32.26
C ILE J 235 34.96 -4.25 30.76
N TYR J 236 35.83 -5.07 30.23
CA TYR J 236 36.04 -5.12 28.80
C TYR J 236 34.74 -5.39 28.08
N LYS J 237 34.05 -6.45 28.51
CA LYS J 237 32.77 -6.80 27.91
C LYS J 237 31.78 -5.67 28.08
N TYR J 238 31.78 -5.08 29.25
CA TYR J 238 30.86 -4.00 29.54
C TYR J 238 31.09 -2.84 28.59
N VAL J 239 32.36 -2.47 28.41
CA VAL J 239 32.66 -1.38 27.51
C VAL J 239 32.26 -1.72 26.08
N VAL J 240 32.61 -2.91 25.65
CA VAL J 240 32.27 -3.33 24.30
C VAL J 240 30.76 -3.28 24.08
N HIS J 241 30.02 -3.91 24.98
CA HIS J 241 28.57 -3.95 24.86
C HIS J 241 27.94 -2.58 24.83
N ASN J 242 28.39 -1.71 25.73
CA ASN J 242 27.82 -0.39 25.81
C ASN J 242 28.27 0.62 24.78
N VAL J 243 29.51 0.54 24.33
CA VAL J 243 29.94 1.47 23.30
C VAL J 243 29.20 1.08 22.03
N ALA J 244 29.07 -0.22 21.81
CA ALA J 244 28.35 -0.71 20.63
C ALA J 244 26.92 -0.16 20.65
N HIS J 245 26.27 -0.31 21.79
CA HIS J 245 24.89 0.15 21.97
C HIS J 245 24.81 1.64 21.67
N ARG J 246 25.76 2.41 22.18
CA ARG J 246 25.74 3.84 21.94
C ARG J 246 25.99 4.20 20.49
N PHE J 247 26.63 3.31 19.74
CA PHE J 247 26.89 3.57 18.33
C PHE J 247 25.82 3.00 17.43
N GLY J 248 24.76 2.46 18.02
CA GLY J 248 23.71 1.89 17.21
C GLY J 248 24.00 0.48 16.78
N LYS J 249 24.91 -0.20 17.47
CA LYS J 249 25.20 -1.58 17.13
C LYS J 249 24.83 -2.47 18.31
N THR J 250 25.15 -3.75 18.18
CA THR J 250 24.89 -4.69 19.24
C THR J 250 26.03 -5.68 19.16
N ALA J 251 26.73 -5.86 20.27
CA ALA J 251 27.86 -6.77 20.27
C ALA J 251 27.59 -8.08 20.95
N THR J 252 28.25 -9.12 20.48
CA THR J 252 28.11 -10.41 21.12
C THR J 252 29.45 -11.14 21.28
N PHE J 253 29.60 -11.81 22.40
CA PHE J 253 30.80 -12.58 22.67
C PHE J 253 30.53 -14.06 22.45
N MET J 254 29.41 -14.40 21.81
CA MET J 254 29.09 -15.80 21.51
C MET J 254 30.26 -16.35 20.74
N PRO J 255 30.60 -17.62 20.95
CA PRO J 255 31.73 -18.15 20.20
C PRO J 255 31.54 -18.43 18.71
N LYS J 256 30.37 -18.88 18.28
CA LYS J 256 30.16 -19.15 16.85
C LYS J 256 28.78 -18.69 16.41
N PRO J 257 28.63 -17.41 16.08
CA PRO J 257 27.30 -16.97 15.66
C PRO J 257 26.98 -17.37 14.22
N MET J 258 28.00 -17.62 13.43
CA MET J 258 27.77 -17.98 12.03
C MET J 258 28.50 -19.21 11.55
N PHE J 259 27.75 -20.04 10.85
CA PHE J 259 28.36 -21.21 10.27
C PHE J 259 29.06 -20.75 8.98
N GLY J 260 30.31 -21.12 8.76
CA GLY J 260 30.92 -20.70 7.50
C GLY J 260 31.95 -19.60 7.61
N ASP J 261 32.07 -19.01 8.78
CA ASP J 261 33.07 -17.99 8.97
C ASP J 261 33.57 -18.15 10.39
N ASN J 262 34.67 -17.46 10.68
CA ASN J 262 35.33 -17.49 11.96
C ASN J 262 34.44 -17.40 13.17
N GLY J 263 34.85 -18.08 14.23
CA GLY J 263 34.13 -17.98 15.48
C GLY J 263 34.96 -16.99 16.29
N SER J 264 34.59 -16.76 17.53
CA SER J 264 35.35 -15.84 18.36
C SER J 264 35.99 -16.66 19.46
N GLY J 265 37.29 -16.50 19.62
CA GLY J 265 37.99 -17.24 20.66
C GLY J 265 38.54 -16.31 21.70
N MET J 266 39.06 -16.88 22.78
CA MET J 266 39.66 -16.08 23.82
C MET J 266 40.93 -16.79 24.26
N HIS J 267 41.98 -16.67 23.45
CA HIS J 267 43.25 -17.28 23.77
C HIS J 267 43.71 -16.77 25.11
N CYS J 268 44.34 -17.63 25.89
CA CYS J 268 44.85 -17.22 27.17
C CYS J 268 46.36 -17.44 27.32
N HIS J 269 47.07 -16.33 27.41
CA HIS J 269 48.50 -16.36 27.61
C HIS J 269 48.70 -16.43 29.11
N MET J 270 49.57 -17.32 29.55
CA MET J 270 49.85 -17.49 30.97
C MET J 270 51.32 -17.67 31.27
N SER J 271 51.70 -17.35 32.50
CA SER J 271 53.07 -17.49 32.98
C SER J 271 53.02 -17.29 34.48
N LEU J 272 54.01 -17.83 35.18
CA LEU J 272 54.08 -17.69 36.64
C LEU J 272 55.29 -16.88 37.04
N ALA J 273 55.26 -16.34 38.24
CA ALA J 273 56.38 -15.54 38.69
C ALA J 273 56.58 -15.56 40.21
N LYS J 274 57.83 -15.31 40.61
CA LYS J 274 58.22 -15.25 42.00
C LYS J 274 59.30 -14.19 42.13
N ASN J 275 59.10 -13.28 43.09
CA ASN J 275 60.02 -12.18 43.36
C ASN J 275 60.52 -11.57 42.07
N GLY J 276 59.58 -11.18 41.21
CA GLY J 276 59.93 -10.55 39.96
C GLY J 276 60.58 -11.35 38.84
N THR J 277 60.88 -12.62 39.04
CA THR J 277 61.47 -13.40 37.96
C THR J 277 60.44 -14.31 37.29
N ASN J 278 60.56 -14.46 35.98
CA ASN J 278 59.63 -15.29 35.23
C ASN J 278 59.93 -16.79 35.32
N LEU J 279 59.21 -17.48 36.20
CA LEU J 279 59.38 -18.91 36.39
C LEU J 279 59.18 -19.80 35.16
N PHE J 280 58.82 -19.19 34.03
CA PHE J 280 58.61 -19.95 32.80
C PHE J 280 59.75 -19.92 31.80
N SER J 281 60.74 -19.06 32.01
CA SER J 281 61.89 -19.02 31.08
C SER J 281 62.91 -20.06 31.52
N GLY J 282 63.55 -20.70 30.52
CA GLY J 282 64.53 -21.72 30.82
C GLY J 282 65.36 -22.12 29.61
N ASP J 283 66.03 -23.26 29.72
CA ASP J 283 66.88 -23.77 28.64
C ASP J 283 66.20 -24.86 27.81
N LYS J 284 65.05 -25.33 28.28
CA LYS J 284 64.27 -26.37 27.59
C LYS J 284 63.64 -25.80 26.31
N TYR J 285 62.76 -26.58 25.67
CA TYR J 285 62.09 -26.18 24.42
C TYR J 285 61.61 -24.72 24.29
N ALA J 286 61.97 -24.10 23.18
CA ALA J 286 61.58 -22.73 22.89
C ALA J 286 61.81 -21.66 23.97
N GLY J 287 62.73 -21.93 24.89
CA GLY J 287 63.02 -20.96 25.94
C GLY J 287 62.24 -21.18 27.21
N LEU J 288 61.63 -22.35 27.34
CA LEU J 288 60.82 -22.69 28.51
C LEU J 288 61.54 -23.33 29.69
N SER J 289 60.96 -23.17 30.87
CA SER J 289 61.47 -23.76 32.11
C SER J 289 60.80 -25.13 32.17
N GLU J 290 61.31 -26.04 33.00
CA GLU J 290 60.66 -27.35 33.06
C GLU J 290 59.35 -27.20 33.80
N GLN J 291 59.22 -26.10 34.53
CA GLN J 291 58.00 -25.81 35.28
C GLN J 291 56.86 -25.53 34.30
N ALA J 292 57.17 -24.77 33.25
CA ALA J 292 56.22 -24.43 32.20
C ALA J 292 55.69 -25.70 31.56
N LEU J 293 56.60 -26.63 31.29
CA LEU J 293 56.23 -27.89 30.67
C LEU J 293 55.30 -28.71 31.54
N TYR J 294 55.54 -28.72 32.85
CA TYR J 294 54.67 -29.48 33.75
C TYR J 294 53.30 -28.82 33.75
N TYR J 295 53.31 -27.49 33.71
CA TYR J 295 52.09 -26.71 33.67
C TYR J 295 51.30 -27.14 32.43
N ILE J 296 51.97 -27.13 31.28
CA ILE J 296 51.36 -27.54 30.03
C ILE J 296 50.78 -28.94 30.17
N GLY J 297 51.55 -29.82 30.79
CA GLY J 297 51.11 -31.19 30.96
C GLY J 297 49.83 -31.22 31.75
N GLY J 298 49.75 -30.36 32.76
CA GLY J 298 48.56 -30.30 33.58
C GLY J 298 47.35 -29.88 32.77
N VAL J 299 47.52 -28.81 32.00
CA VAL J 299 46.47 -28.29 31.15
C VAL J 299 46.00 -29.37 30.19
N ILE J 300 46.94 -30.09 29.62
CA ILE J 300 46.58 -31.15 28.69
C ILE J 300 45.88 -32.30 29.39
N LYS J 301 46.34 -32.65 30.59
CA LYS J 301 45.72 -33.76 31.31
C LYS J 301 44.27 -33.46 31.64
N HIS J 302 44.01 -32.24 32.09
CA HIS J 302 42.66 -31.82 32.48
C HIS J 302 41.88 -30.96 31.46
N ALA J 303 42.32 -30.98 30.20
CA ALA J 303 41.68 -30.19 29.17
C ALA J 303 40.16 -30.33 29.11
N LYS J 304 39.67 -31.56 28.98
CA LYS J 304 38.23 -31.76 28.91
C LYS J 304 37.47 -31.15 30.09
N ALA J 305 38.05 -31.16 31.27
CA ALA J 305 37.35 -30.58 32.40
C ALA J 305 37.43 -29.07 32.33
N ILE J 306 38.57 -28.55 31.88
CA ILE J 306 38.71 -27.11 31.75
C ILE J 306 37.71 -26.58 30.74
N ASN J 307 37.45 -27.39 29.71
CA ASN J 307 36.49 -27.04 28.68
C ASN J 307 35.15 -26.62 29.26
N ALA J 308 34.71 -27.32 30.30
CA ALA J 308 33.44 -27.03 30.93
C ALA J 308 33.38 -25.62 31.47
N LEU J 309 34.52 -24.97 31.58
CA LEU J 309 34.57 -23.60 32.09
C LEU J 309 35.05 -22.62 31.05
N ALA J 310 35.90 -23.09 30.15
CA ALA J 310 36.47 -22.25 29.12
C ALA J 310 35.67 -22.25 27.82
N ASN J 311 34.74 -23.19 27.72
CA ASN J 311 33.87 -23.34 26.56
C ASN J 311 32.60 -23.88 27.18
N PRO J 312 31.91 -23.04 27.97
CA PRO J 312 30.69 -23.39 28.68
C PRO J 312 29.37 -23.35 27.98
N THR J 313 29.39 -23.30 26.65
CA THR J 313 28.14 -23.23 25.92
C THR J 313 28.12 -24.29 24.83
N THR J 314 26.95 -24.73 24.42
CA THR J 314 26.87 -25.72 23.35
C THR J 314 27.46 -25.07 22.10
N ASN J 315 27.23 -23.77 21.97
CA ASN J 315 27.71 -22.99 20.83
C ASN J 315 29.23 -23.06 20.75
N SER J 316 29.88 -23.13 21.90
CA SER J 316 31.35 -23.18 21.96
C SER J 316 31.91 -24.27 21.07
N TYR J 317 31.16 -25.40 21.01
CA TYR J 317 31.60 -26.57 20.26
C TYR J 317 31.30 -26.42 18.79
N LYS J 318 30.74 -25.32 18.37
CA LYS J 318 30.53 -25.16 16.96
C LYS J 318 31.73 -24.45 16.36
N ARG J 319 32.60 -23.97 17.25
CA ARG J 319 33.86 -23.31 16.91
C ARG J 319 34.98 -24.36 16.96
N LEU J 320 34.88 -25.24 17.94
CA LEU J 320 35.84 -26.31 18.13
C LEU J 320 35.37 -27.55 17.37
N VAL J 321 35.59 -27.52 16.06
CA VAL J 321 35.20 -28.62 15.22
C VAL J 321 36.36 -28.93 14.31
N PRO J 322 36.44 -30.22 13.92
CA PRO J 322 37.50 -30.58 13.00
C PRO J 322 37.62 -29.64 11.84
N GLY J 323 38.37 -28.56 12.05
CA GLY J 323 38.63 -27.58 11.02
C GLY J 323 40.13 -27.47 10.91
N TYR J 324 40.63 -26.62 10.03
CA TYR J 324 42.11 -26.54 9.90
C TYR J 324 42.77 -25.83 11.07
N GLU J 325 42.31 -24.61 11.31
CA GLU J 325 42.84 -23.77 12.36
C GLU J 325 42.19 -24.01 13.71
N ALA J 326 41.30 -24.99 13.78
CA ALA J 326 40.61 -25.33 15.02
C ALA J 326 41.63 -25.73 16.08
N PRO J 327 41.72 -24.95 17.16
CA PRO J 327 42.63 -25.15 18.30
C PRO J 327 42.18 -26.34 19.10
N VAL J 328 41.99 -27.48 18.45
CA VAL J 328 41.51 -28.66 19.16
C VAL J 328 42.48 -29.77 19.52
N MET J 329 43.69 -29.75 18.95
CA MET J 329 44.67 -30.79 19.24
C MET J 329 45.40 -30.48 20.53
N LEU J 330 45.26 -31.36 21.52
CA LEU J 330 45.91 -31.19 22.82
C LEU J 330 47.43 -31.39 22.75
N ALA J 331 48.12 -30.36 22.28
CA ALA J 331 49.56 -30.42 22.13
C ALA J 331 50.16 -29.02 22.14
N TYR J 332 51.48 -28.95 22.21
CA TYR J 332 52.13 -27.66 22.18
C TYR J 332 53.11 -27.57 21.02
N SER J 333 53.41 -26.34 20.63
CA SER J 333 54.31 -26.06 19.53
C SER J 333 54.47 -24.56 19.45
N ALA J 334 55.55 -24.13 18.80
CA ALA J 334 55.82 -22.71 18.64
C ALA J 334 55.41 -22.26 17.27
N ARG J 335 54.97 -23.22 16.46
CA ARG J 335 54.56 -22.91 15.10
C ARG J 335 53.21 -23.51 14.72
N ASN J 336 53.12 -24.84 14.74
CA ASN J 336 51.91 -25.54 14.38
C ASN J 336 50.64 -24.95 14.99
N ARG J 337 49.91 -24.15 14.21
CA ARG J 337 48.69 -23.56 14.72
C ARG J 337 47.49 -24.50 14.59
N SER J 338 47.74 -25.75 14.92
CA SER J 338 46.76 -26.83 14.95
C SER J 338 46.70 -27.16 16.43
N ALA J 339 47.82 -26.87 17.08
CA ALA J 339 48.04 -27.10 18.49
C ALA J 339 47.27 -26.07 19.32
N SER J 340 46.51 -26.58 20.29
CA SER J 340 45.73 -25.72 21.17
C SER J 340 46.62 -24.97 22.15
N ILE J 341 47.91 -25.30 22.18
CA ILE J 341 48.86 -24.61 23.04
C ILE J 341 50.03 -24.11 22.20
N ARG J 342 50.05 -22.78 21.96
CA ARG J 342 51.15 -22.18 21.20
C ARG J 342 52.19 -21.65 22.16
N ILE J 343 53.42 -21.69 21.71
CA ILE J 343 54.51 -21.12 22.49
C ILE J 343 55.01 -19.95 21.70
N PRO J 344 54.70 -18.74 22.17
CA PRO J 344 55.10 -17.50 21.54
C PRO J 344 56.62 -17.49 21.48
N VAL J 345 57.17 -17.12 20.34
CA VAL J 345 58.62 -17.05 20.25
C VAL J 345 58.91 -15.57 20.47
N VAL J 346 59.57 -15.30 21.58
CA VAL J 346 59.91 -13.92 21.94
C VAL J 346 61.38 -13.88 22.42
N ALA J 347 62.01 -12.71 22.29
CA ALA J 347 63.41 -12.55 22.68
C ALA J 347 63.64 -12.50 24.18
N SER J 348 63.13 -11.47 24.83
CA SER J 348 63.30 -11.31 26.28
C SER J 348 62.75 -12.50 27.05
N PRO J 349 63.60 -13.16 27.85
CA PRO J 349 63.12 -14.31 28.62
C PRO J 349 62.10 -13.84 29.66
N LYS J 350 62.04 -12.53 29.88
CA LYS J 350 61.10 -11.95 30.84
C LYS J 350 59.67 -12.10 30.36
N ALA J 351 59.52 -12.29 29.04
CA ALA J 351 58.21 -12.43 28.40
C ALA J 351 57.85 -13.84 27.94
N ARG J 352 58.60 -14.84 28.40
CA ARG J 352 58.33 -16.24 28.03
C ARG J 352 57.01 -16.68 28.69
N ARG J 353 56.16 -17.35 27.93
CA ARG J 353 54.84 -17.79 28.44
C ARG J 353 54.19 -18.81 27.50
N ILE J 354 53.02 -19.32 27.87
CA ILE J 354 52.30 -20.25 27.01
C ILE J 354 50.96 -19.65 26.60
N GLU J 355 50.44 -20.05 25.44
CA GLU J 355 49.15 -19.57 24.98
C GLU J 355 48.17 -20.71 24.79
N VAL J 356 47.21 -20.84 25.69
CA VAL J 356 46.19 -21.87 25.55
C VAL J 356 45.09 -21.27 24.67
N ARG J 357 44.94 -21.83 23.50
CA ARG J 357 44.04 -21.30 22.49
C ARG J 357 42.56 -21.70 22.48
N PHE J 358 42.14 -22.75 23.20
CA PHE J 358 40.73 -23.19 23.02
C PHE J 358 39.63 -22.41 23.76
N PRO J 359 39.96 -21.73 24.82
CA PRO J 359 38.93 -20.89 25.49
C PRO J 359 38.11 -19.99 24.59
N ASP J 360 36.88 -19.64 24.92
CA ASP J 360 36.13 -18.68 24.13
C ASP J 360 35.61 -17.60 25.08
N PRO J 361 35.18 -16.45 24.55
CA PRO J 361 34.70 -15.36 25.40
C PRO J 361 33.47 -15.61 26.23
N ALA J 362 32.79 -16.73 26.02
CA ALA J 362 31.59 -17.02 26.81
C ALA J 362 31.98 -17.50 28.20
N ALA J 363 33.24 -17.89 28.32
CA ALA J 363 33.72 -18.40 29.58
C ALA J 363 33.68 -17.42 30.72
N ASN J 364 33.31 -17.91 31.90
CA ASN J 364 33.34 -17.12 33.13
C ASN J 364 34.82 -16.77 33.36
N PRO J 365 35.18 -15.47 33.47
CA PRO J 365 36.63 -15.17 33.64
C PRO J 365 37.29 -15.96 34.74
N TYR J 366 36.68 -15.70 35.85
CA TYR J 366 37.09 -16.26 37.10
C TYR J 366 37.27 -17.76 37.07
N LEU J 367 36.18 -18.46 36.79
CA LEU J 367 36.25 -19.90 36.80
C LEU J 367 37.15 -20.47 35.72
N CYS J 368 37.20 -19.81 34.57
CA CYS J 368 38.01 -20.31 33.48
C CYS J 368 39.47 -20.16 33.82
N PHE J 369 39.86 -18.97 34.26
CA PHE J 369 41.24 -18.72 34.63
C PHE J 369 41.66 -19.66 35.77
N ALA J 370 40.83 -19.74 36.80
CA ALA J 370 41.11 -20.60 37.95
C ALA J 370 41.37 -22.05 37.53
N ALA J 371 40.47 -22.60 36.73
CA ALA J 371 40.62 -23.98 36.27
C ALA J 371 41.90 -24.17 35.48
N LEU J 372 42.29 -23.15 34.73
CA LEU J 372 43.51 -23.23 33.96
C LEU J 372 44.71 -23.33 34.91
N LEU J 373 44.70 -22.52 35.96
CA LEU J 373 45.76 -22.49 36.97
C LEU J 373 45.88 -23.81 37.68
N MET J 374 44.79 -24.22 38.33
CA MET J 374 44.74 -25.46 39.07
C MET J 374 45.23 -26.65 38.26
N ALA J 375 44.90 -26.68 36.98
CA ALA J 375 45.35 -27.77 36.12
C ALA J 375 46.86 -27.66 35.95
N GLY J 376 47.33 -26.42 35.82
CA GLY J 376 48.76 -26.19 35.65
C GLY J 376 49.54 -26.60 36.87
N LEU J 377 49.05 -26.21 38.05
CA LEU J 377 49.68 -26.55 39.32
C LEU J 377 49.73 -28.05 39.53
N ASP J 378 48.62 -28.72 39.24
CA ASP J 378 48.57 -30.15 39.39
C ASP J 378 49.55 -30.79 38.42
N GLY J 379 49.89 -30.07 37.35
CA GLY J 379 50.81 -30.59 36.37
C GLY J 379 52.21 -30.51 36.93
N ILE J 380 52.43 -29.48 37.74
CA ILE J 380 53.71 -29.24 38.39
C ILE J 380 53.89 -30.18 39.58
N LYS J 381 53.00 -30.06 40.57
CA LYS J 381 53.05 -30.88 41.76
C LYS J 381 53.33 -32.34 41.39
N ASN J 382 52.71 -32.80 40.30
CA ASN J 382 52.89 -34.19 39.88
C ASN J 382 53.82 -34.38 38.69
N LYS J 383 54.67 -33.38 38.43
CA LYS J 383 55.65 -33.42 37.34
C LYS J 383 55.15 -34.15 36.09
N ILE J 384 53.97 -33.74 35.63
CA ILE J 384 53.35 -34.34 34.46
C ILE J 384 54.04 -33.90 33.20
N HIS J 385 54.80 -34.79 32.59
CA HIS J 385 55.49 -34.42 31.38
C HIS J 385 54.54 -34.47 30.19
N PRO J 386 54.64 -33.35 29.49
CA PRO J 386 54.02 -32.98 28.18
C PRO J 386 54.17 -33.93 27.00
N GLY J 387 55.30 -34.59 26.98
CA GLY J 387 55.66 -35.44 25.89
C GLY J 387 56.36 -34.49 24.94
N GLU J 388 56.50 -34.89 23.68
CA GLU J 388 57.17 -34.05 22.69
C GLU J 388 56.17 -33.14 21.93
N PRO J 389 56.67 -31.97 21.47
CA PRO J 389 55.87 -30.97 20.75
C PRO J 389 55.43 -31.46 19.37
N MET J 390 54.21 -31.12 18.98
CA MET J 390 53.68 -31.49 17.66
C MET J 390 54.04 -30.37 16.69
N ASP J 391 54.84 -30.69 15.67
CA ASP J 391 55.23 -29.68 14.70
C ASP J 391 54.82 -30.13 13.29
N LYS J 392 54.09 -31.25 13.21
CA LYS J 392 53.61 -31.81 11.94
C LYS J 392 52.45 -31.05 11.31
N ASN J 393 51.22 -31.50 11.58
CA ASN J 393 50.02 -30.85 11.05
C ASN J 393 48.77 -31.12 11.92
N LEU J 394 47.61 -30.58 11.48
CA LEU J 394 46.39 -30.50 12.28
C LEU J 394 45.58 -31.82 12.25
N TYR J 395 44.31 -31.60 12.06
CA TYR J 395 43.40 -32.75 12.05
C TYR J 395 43.20 -33.35 10.69
N ASP J 396 43.56 -32.71 9.65
CA ASP J 396 43.22 -33.40 8.42
C ASP J 396 44.57 -33.77 7.85
N LEU J 397 44.74 -34.99 7.42
CA LEU J 397 46.06 -35.20 6.96
C LEU J 397 46.97 -34.34 7.75
N PRO J 398 47.39 -34.76 8.89
CA PRO J 398 47.58 -36.10 9.36
C PRO J 398 46.62 -37.19 8.81
N PRO J 399 45.48 -37.59 9.49
CA PRO J 399 44.59 -38.71 9.29
C PRO J 399 45.30 -40.03 8.94
N GLU J 400 46.58 -40.17 9.27
CA GLU J 400 47.49 -41.31 9.02
C GLU J 400 47.16 -42.47 9.97
N GLU J 401 47.46 -42.24 11.25
CA GLU J 401 47.21 -43.20 12.33
C GLU J 401 45.80 -42.91 12.89
N ALA J 402 44.92 -42.40 12.01
CA ALA J 402 43.54 -41.98 12.34
C ALA J 402 43.68 -40.73 13.24
N LYS J 403 44.95 -40.35 13.43
CA LYS J 403 45.42 -39.23 14.24
C LYS J 403 44.70 -39.00 15.57
N GLU J 404 44.41 -40.09 16.28
CA GLU J 404 43.75 -39.98 17.56
C GLU J 404 44.73 -39.68 18.68
N ILE J 405 45.17 -38.41 18.71
CA ILE J 405 46.05 -37.90 19.74
C ILE J 405 45.09 -37.16 20.70
N PRO J 406 45.56 -36.58 21.76
CA PRO J 406 44.66 -35.83 22.63
C PRO J 406 43.66 -34.86 22.05
N GLN J 407 42.42 -34.85 22.43
CA GLN J 407 41.70 -33.68 21.95
C GLN J 407 40.75 -33.08 22.98
N VAL J 408 40.40 -31.80 22.78
CA VAL J 408 39.46 -31.11 23.67
C VAL J 408 38.09 -31.78 23.53
N ALA J 409 37.22 -31.52 24.50
CA ALA J 409 35.88 -32.11 24.49
C ALA J 409 35.17 -31.76 23.19
N GLY J 410 34.33 -32.66 22.70
CA GLY J 410 33.63 -32.40 21.44
C GLY J 410 32.19 -31.92 21.59
N SER J 411 31.75 -31.79 22.82
CA SER J 411 30.40 -31.34 23.11
C SER J 411 30.38 -30.84 24.54
N LEU J 412 29.40 -30.02 24.87
CA LEU J 412 29.32 -29.49 26.22
C LEU J 412 29.11 -30.59 27.27
N GLU J 413 28.23 -31.54 26.96
CA GLU J 413 27.92 -32.63 27.88
C GLU J 413 29.16 -33.39 28.25
N GLU J 414 29.95 -33.69 27.23
CA GLU J 414 31.20 -34.41 27.40
C GLU J 414 32.11 -33.64 28.33
N ALA J 415 32.17 -32.33 28.14
CA ALA J 415 33.00 -31.48 28.97
C ALA J 415 32.48 -31.45 30.39
N LEU J 416 31.17 -31.38 30.54
CA LEU J 416 30.58 -31.34 31.87
C LEU J 416 30.87 -32.64 32.56
N ASN J 417 30.75 -33.74 31.83
CA ASN J 417 31.01 -35.05 32.43
C ASN J 417 32.47 -35.16 32.87
N ALA J 418 33.39 -34.63 32.07
CA ALA J 418 34.81 -34.66 32.40
C ALA J 418 35.01 -33.89 33.69
N LEU J 419 34.40 -32.72 33.77
CA LEU J 419 34.51 -31.89 34.95
C LEU J 419 34.01 -32.67 36.14
N ASP J 420 32.93 -33.44 35.95
CA ASP J 420 32.35 -34.22 37.04
C ASP J 420 33.39 -35.18 37.61
N LEU J 421 33.88 -36.05 36.73
CA LEU J 421 34.86 -37.07 37.10
C LEU J 421 36.22 -36.56 37.50
N ASP J 422 36.76 -35.65 36.70
CA ASP J 422 38.08 -35.10 36.92
C ASP J 422 38.13 -33.85 37.79
N ARG J 423 37.35 -33.84 38.85
CA ARG J 423 37.29 -32.67 39.74
C ARG J 423 38.34 -32.52 40.83
N GLU J 424 39.10 -33.57 41.12
CA GLU J 424 40.07 -33.46 42.20
C GLU J 424 41.03 -32.29 42.10
N PHE J 425 41.66 -32.12 40.95
CA PHE J 425 42.61 -31.03 40.79
C PHE J 425 42.04 -29.64 41.08
N LEU J 426 40.72 -29.52 41.03
CA LEU J 426 40.04 -28.25 41.30
C LEU J 426 39.74 -28.08 42.77
N LYS J 427 39.46 -29.20 43.45
CA LYS J 427 39.14 -29.19 44.88
C LYS J 427 40.39 -28.96 45.74
N ALA J 428 41.56 -29.15 45.14
CA ALA J 428 42.84 -28.95 45.80
C ALA J 428 42.84 -27.59 46.47
N GLY J 429 43.39 -27.54 47.68
CA GLY J 429 43.44 -26.28 48.40
C GLY J 429 42.08 -25.76 48.81
N GLY J 430 41.03 -26.56 48.61
CA GLY J 430 39.68 -26.13 48.97
C GLY J 430 39.16 -24.97 48.14
N VAL J 431 39.74 -24.77 46.96
CA VAL J 431 39.37 -23.72 46.01
C VAL J 431 37.96 -23.95 45.49
N PHE J 432 37.73 -25.11 44.88
CA PHE J 432 36.41 -25.49 44.37
C PHE J 432 35.80 -26.54 45.29
N THR J 433 34.54 -26.35 45.70
CA THR J 433 33.88 -27.35 46.52
C THR J 433 33.04 -28.22 45.58
N ASP J 434 32.67 -29.42 46.04
CA ASP J 434 31.86 -30.31 45.24
C ASP J 434 30.53 -29.63 44.92
N GLU J 435 29.95 -29.00 45.94
CA GLU J 435 28.68 -28.31 45.79
C GLU J 435 28.71 -27.27 44.67
N ALA J 436 29.78 -26.48 44.65
CA ALA J 436 29.94 -25.45 43.64
C ALA J 436 29.97 -26.12 42.26
N ILE J 437 30.85 -27.10 42.13
CA ILE J 437 31.00 -27.81 40.88
C ILE J 437 29.69 -28.45 40.42
N ASP J 438 29.00 -29.13 41.33
CA ASP J 438 27.75 -29.79 40.97
C ASP J 438 26.67 -28.81 40.55
N ALA J 439 26.69 -27.63 41.16
CA ALA J 439 25.71 -26.58 40.89
C ALA J 439 25.96 -26.00 39.51
N TYR J 440 27.23 -25.77 39.20
CA TYR J 440 27.64 -25.24 37.92
C TYR J 440 27.19 -26.21 36.83
N ILE J 441 27.50 -27.47 37.03
CA ILE J 441 27.15 -28.51 36.07
C ILE J 441 25.66 -28.55 35.86
N ALA J 442 24.89 -28.37 36.92
CA ALA J 442 23.44 -28.43 36.81
C ALA J 442 22.91 -27.26 35.99
N LEU J 443 23.51 -26.09 36.17
CA LEU J 443 23.09 -24.90 35.44
C LEU J 443 23.30 -25.11 33.95
N ARG J 444 24.47 -25.64 33.61
CA ARG J 444 24.79 -25.85 32.21
C ARG J 444 24.04 -27.01 31.57
N ARG J 445 23.64 -28.00 32.36
CA ARG J 445 22.94 -29.14 31.77
C ARG J 445 21.55 -28.77 31.32
N GLU J 446 21.02 -27.77 31.99
CA GLU J 446 19.69 -27.23 31.73
C GLU J 446 19.79 -26.51 30.38
N GLU J 447 20.91 -25.82 30.17
CA GLU J 447 21.14 -25.12 28.92
C GLU J 447 21.38 -26.15 27.82
N ASP J 448 22.22 -27.13 28.10
CA ASP J 448 22.51 -28.17 27.12
C ASP J 448 21.21 -28.85 26.67
N ASP J 449 20.26 -28.99 27.59
CA ASP J 449 19.00 -29.64 27.28
C ASP J 449 18.13 -28.91 26.29
N ARG J 450 18.10 -27.59 26.40
CA ARG J 450 17.30 -26.78 25.51
C ARG J 450 17.75 -27.04 24.09
N VAL J 451 19.05 -27.02 23.90
CA VAL J 451 19.59 -27.23 22.57
C VAL J 451 19.39 -28.67 22.11
N ARG J 452 19.55 -29.65 22.99
CA ARG J 452 19.40 -31.04 22.59
C ARG J 452 17.96 -31.40 22.28
N MET J 453 17.04 -30.79 22.99
CA MET J 453 15.62 -31.10 22.81
C MET J 453 14.85 -30.32 21.77
N THR J 454 15.35 -29.15 21.35
CA THR J 454 14.63 -28.33 20.37
C THR J 454 15.02 -28.65 18.94
N PRO J 455 14.04 -28.98 18.09
CA PRO J 455 14.35 -29.29 16.70
C PRO J 455 15.19 -28.20 16.08
N HIS J 456 16.17 -28.60 15.29
CA HIS J 456 17.06 -27.67 14.63
C HIS J 456 16.63 -27.45 13.18
N PRO J 457 16.65 -26.20 12.72
CA PRO J 457 16.25 -25.89 11.34
C PRO J 457 16.86 -26.83 10.31
N VAL J 458 18.13 -27.16 10.49
CA VAL J 458 18.84 -28.05 9.57
C VAL J 458 18.26 -29.46 9.54
N GLU J 459 17.62 -29.85 10.64
CA GLU J 459 17.03 -31.17 10.69
C GLU J 459 15.90 -31.29 9.70
N PHE J 460 15.26 -30.15 9.39
CA PHE J 460 14.16 -30.14 8.40
C PHE J 460 14.72 -30.31 7.00
N GLU J 461 15.82 -29.61 6.74
CA GLU J 461 16.47 -29.70 5.47
C GLU J 461 16.89 -31.14 5.23
N LEU J 462 17.48 -31.73 6.25
CA LEU J 462 17.99 -33.11 6.22
C LEU J 462 16.91 -34.19 6.29
N TYR J 463 15.87 -34.01 7.12
CA TYR J 463 14.92 -35.10 7.29
C TYR J 463 13.44 -34.81 7.04
N TYR J 464 13.01 -33.63 6.60
CA TYR J 464 11.57 -33.43 6.43
C TYR J 464 10.93 -34.43 5.44
N SER J 465 11.66 -34.74 4.36
CA SER J 465 11.18 -35.64 3.31
C SER J 465 11.53 -37.11 3.53
N VAL J 466 11.89 -37.43 4.76
CA VAL J 466 12.26 -38.77 5.11
C VAL J 466 11.13 -39.77 4.90
N GLU K 1 4.25 29.47 58.36
CA GLU K 1 5.14 30.58 57.98
C GLU K 1 6.23 30.12 57.04
N HIS K 2 6.66 28.88 57.27
CA HIS K 2 7.68 28.24 56.44
C HIS K 2 7.11 28.13 55.04
N VAL K 3 5.82 27.85 54.98
CA VAL K 3 5.12 27.72 53.71
C VAL K 3 5.10 29.06 53.00
N LEU K 4 4.71 30.11 53.72
CA LEU K 4 4.65 31.44 53.10
C LEU K 4 6.00 31.93 52.60
N THR K 5 7.09 31.39 53.15
CA THR K 5 8.42 31.79 52.68
C THR K 5 8.83 30.95 51.48
N MET K 6 8.36 29.70 51.44
CA MET K 6 8.65 28.79 50.31
C MET K 6 7.96 29.35 49.08
N LEU K 7 6.83 30.04 49.29
CA LEU K 7 6.09 30.65 48.20
C LEU K 7 6.88 31.75 47.53
N ASN K 8 7.62 32.51 48.33
CA ASN K 8 8.44 33.60 47.80
C ASN K 8 9.78 33.15 47.27
N GLU K 9 10.36 32.19 47.97
CA GLU K 9 11.67 31.64 47.66
C GLU K 9 11.70 30.94 46.31
N HIS K 10 10.59 30.26 45.99
CA HIS K 10 10.48 29.54 44.72
C HIS K 10 9.56 30.26 43.72
N GLU K 11 9.12 31.47 44.06
CA GLU K 11 8.24 32.28 43.19
C GLU K 11 7.08 31.41 42.69
N VAL K 12 6.42 30.77 43.63
CA VAL K 12 5.31 29.88 43.36
C VAL K 12 4.11 30.59 42.79
N LYS K 13 3.54 30.02 41.73
CA LYS K 13 2.37 30.59 41.09
C LYS K 13 1.12 29.79 41.49
N PHE K 14 1.30 28.52 41.85
CA PHE K 14 0.16 27.68 42.25
C PHE K 14 0.44 26.76 43.41
N VAL K 15 -0.64 26.35 44.05
CA VAL K 15 -0.56 25.43 45.17
C VAL K 15 -1.46 24.27 44.78
N ASP K 16 -0.88 23.09 44.76
CA ASP K 16 -1.59 21.89 44.39
C ASP K 16 -1.95 21.11 45.65
N LEU K 17 -3.23 21.13 45.97
CA LEU K 17 -3.77 20.47 47.15
C LEU K 17 -3.99 19.01 46.87
N ARG K 18 -3.34 18.14 47.64
CA ARG K 18 -3.51 16.71 47.42
C ARG K 18 -4.07 15.89 48.55
N PHE K 19 -4.75 14.82 48.14
CA PHE K 19 -5.34 13.90 49.07
C PHE K 19 -5.56 12.54 48.40
N THR K 20 -5.92 11.54 49.20
CA THR K 20 -6.12 10.18 48.70
C THR K 20 -7.53 9.70 48.90
N ASP K 21 -8.05 8.93 47.95
CA ASP K 21 -9.39 8.42 48.08
C ASP K 21 -9.34 7.06 48.73
N THR K 22 -10.50 6.46 48.92
CA THR K 22 -10.57 5.16 49.56
C THR K 22 -9.75 4.10 48.85
N LYS K 23 -9.77 4.09 47.52
CA LYS K 23 -9.02 3.08 46.77
C LYS K 23 -7.52 3.24 46.90
N GLY K 24 -7.09 4.45 47.25
CA GLY K 24 -5.67 4.68 47.46
C GLY K 24 -5.03 5.60 46.44
N LYS K 25 -5.86 6.16 45.57
CA LYS K 25 -5.39 7.02 44.51
C LYS K 25 -5.30 8.46 44.91
N GLU K 26 -4.12 9.04 44.72
CA GLU K 26 -3.88 10.44 45.05
C GLU K 26 -4.74 11.31 44.14
N GLN K 27 -5.36 12.33 44.72
CA GLN K 27 -6.23 13.27 44.00
C GLN K 27 -5.70 14.66 44.21
N HIS K 28 -6.15 15.62 43.40
CA HIS K 28 -5.67 16.98 43.55
C HIS K 28 -6.57 18.03 42.96
N VAL K 29 -6.36 19.24 43.43
CA VAL K 29 -7.07 20.42 42.97
C VAL K 29 -6.05 21.55 43.17
N THR K 30 -6.08 22.54 42.29
CA THR K 30 -5.10 23.60 42.34
C THR K 30 -5.69 24.98 42.55
N ILE K 31 -4.98 25.82 43.31
CA ILE K 31 -5.42 27.20 43.55
C ILE K 31 -4.19 28.07 43.35
N PRO K 32 -4.40 29.31 42.89
CA PRO K 32 -3.32 30.25 42.67
C PRO K 32 -2.65 30.51 44.00
N ALA K 33 -1.35 30.77 44.00
CA ALA K 33 -0.65 31.03 45.25
C ALA K 33 -1.30 32.17 46.04
N HIS K 34 -1.80 33.17 45.33
CA HIS K 34 -2.43 34.31 45.97
C HIS K 34 -3.70 34.01 46.76
N GLN K 35 -4.15 32.76 46.72
CA GLN K 35 -5.35 32.35 47.45
C GLN K 35 -4.96 31.78 48.81
N VAL K 36 -3.66 31.70 49.05
CA VAL K 36 -3.12 31.19 50.30
C VAL K 36 -2.93 32.34 51.29
N ASN K 37 -3.73 32.30 52.34
CA ASN K 37 -3.73 33.32 53.38
C ASN K 37 -3.78 32.65 54.74
N ALA K 38 -3.93 33.46 55.78
CA ALA K 38 -3.99 32.95 57.14
C ALA K 38 -5.19 32.03 57.32
N GLU K 39 -6.33 32.44 56.81
CA GLU K 39 -7.57 31.66 56.88
C GLU K 39 -7.37 30.24 56.39
N PHE K 40 -6.84 30.14 55.18
CA PHE K 40 -6.52 28.89 54.51
C PHE K 40 -6.01 27.79 55.46
N PHE K 41 -5.04 28.11 56.29
CA PHE K 41 -4.51 27.14 57.24
C PHE K 41 -5.36 26.77 58.42
N GLU K 42 -6.16 27.71 58.92
CA GLU K 42 -6.99 27.42 60.07
C GLU K 42 -8.31 26.83 59.72
N GLU K 43 -8.89 27.24 58.60
CA GLU K 43 -10.18 26.70 58.19
C GLU K 43 -10.24 25.92 56.88
N GLY K 44 -9.11 25.80 56.19
CA GLY K 44 -9.05 25.07 54.95
C GLY K 44 -9.93 25.62 53.83
N LYS K 45 -10.20 24.78 52.83
CA LYS K 45 -11.05 25.16 51.69
C LYS K 45 -12.16 24.12 51.56
N MET K 46 -13.31 24.58 51.06
CA MET K 46 -14.48 23.72 50.86
C MET K 46 -14.52 23.02 49.53
N PHE K 47 -15.03 21.80 49.53
CA PHE K 47 -15.18 21.05 48.29
C PHE K 47 -16.29 20.02 48.40
N ASP K 48 -16.75 19.58 47.23
CA ASP K 48 -17.83 18.62 47.13
C ASP K 48 -17.42 17.20 47.47
N GLY K 49 -17.99 16.66 48.54
CA GLY K 49 -17.69 15.31 48.95
C GLY K 49 -18.24 14.27 48.01
N SER K 50 -19.51 14.42 47.64
CA SER K 50 -20.21 13.47 46.76
C SER K 50 -19.52 13.04 45.46
N SER K 51 -18.47 13.74 45.09
CA SER K 51 -17.71 13.46 43.86
C SER K 51 -16.73 12.29 43.91
N ILE K 52 -16.20 12.01 45.11
CA ILE K 52 -15.26 10.91 45.32
C ILE K 52 -16.01 9.62 45.59
N GLY K 53 -15.55 8.51 45.02
CA GLY K 53 -16.22 7.24 45.22
C GLY K 53 -16.23 6.77 46.66
N GLY K 54 -17.39 6.33 47.13
CA GLY K 54 -17.52 5.80 48.47
C GLY K 54 -17.51 6.86 49.58
N TRP K 55 -17.77 8.12 49.22
CA TRP K 55 -17.76 9.13 50.26
C TRP K 55 -19.18 9.57 50.60
N LYS K 56 -19.40 10.88 50.80
CA LYS K 56 -20.74 11.38 51.16
C LYS K 56 -21.77 11.08 50.05
N GLY K 57 -23.00 10.83 50.44
CA GLY K 57 -24.04 10.53 49.47
C GLY K 57 -24.85 11.74 49.04
N ILE K 58 -26.13 11.47 48.80
CA ILE K 58 -27.12 12.45 48.33
C ILE K 58 -27.30 13.72 49.16
N ASN K 59 -27.15 13.67 50.46
CA ASN K 59 -27.54 14.84 51.23
C ASN K 59 -26.47 15.72 51.82
N GLU K 60 -25.39 15.10 52.23
CA GLU K 60 -24.29 15.79 52.94
C GLU K 60 -23.04 16.02 52.14
N SER K 61 -23.15 16.54 50.95
CA SER K 61 -21.98 16.69 50.09
C SER K 61 -20.79 17.46 50.61
N ASP K 62 -21.01 18.66 51.11
CA ASP K 62 -19.84 19.48 51.44
C ASP K 62 -18.98 19.13 52.66
N MET K 63 -17.67 19.20 52.38
CA MET K 63 -16.60 18.85 53.31
C MET K 63 -15.39 19.78 53.22
N VAL K 64 -14.46 19.61 54.16
CA VAL K 64 -13.27 20.46 54.24
C VAL K 64 -11.91 19.84 53.90
N LEU K 65 -11.13 20.60 53.13
CA LEU K 65 -9.77 20.22 52.75
C LEU K 65 -8.85 20.97 53.69
N MET K 66 -8.21 20.27 54.61
CA MET K 66 -7.34 20.94 55.56
C MET K 66 -5.87 20.78 55.23
N PRO K 67 -5.25 21.85 54.74
CA PRO K 67 -3.83 21.78 54.40
C PRO K 67 -2.97 21.44 55.60
N ASP K 68 -2.04 20.51 55.39
CA ASP K 68 -1.10 20.10 56.42
C ASP K 68 0.22 20.73 56.00
N ALA K 69 0.51 21.87 56.61
CA ALA K 69 1.70 22.65 56.31
C ALA K 69 3.03 21.92 56.42
N SER K 70 3.06 20.78 57.09
CA SER K 70 4.31 20.03 57.22
C SER K 70 4.71 19.32 55.92
N THR K 71 3.71 19.10 55.06
CA THR K 71 3.90 18.38 53.80
C THR K 71 4.31 19.18 52.58
N ALA K 72 4.46 20.49 52.72
CA ALA K 72 4.83 21.32 51.59
C ALA K 72 6.09 20.91 50.82
N VAL K 73 5.91 20.68 49.52
CA VAL K 73 7.00 20.31 48.65
C VAL K 73 6.69 20.74 47.23
N ILE K 74 7.71 21.21 46.54
CA ILE K 74 7.62 21.67 45.17
C ILE K 74 7.38 20.53 44.17
N ASP K 75 6.52 20.75 43.18
CA ASP K 75 6.28 19.73 42.18
C ASP K 75 7.39 19.89 41.15
N PRO K 76 8.11 18.80 40.87
CA PRO K 76 9.22 18.81 39.92
C PRO K 76 8.89 18.63 38.47
N PHE K 77 7.61 18.45 38.16
CA PHE K 77 7.18 18.24 36.79
C PHE K 77 6.37 19.36 36.16
N PHE K 78 5.47 19.96 36.93
CA PHE K 78 4.63 21.04 36.41
C PHE K 78 5.47 22.16 35.80
N ALA K 79 4.97 22.78 34.74
CA ALA K 79 5.67 23.84 34.03
C ALA K 79 5.83 25.16 34.76
N ASP K 80 4.81 25.51 35.53
CA ASP K 80 4.76 26.74 36.30
C ASP K 80 5.06 26.33 37.74
N SER K 81 5.85 27.11 38.45
CA SER K 81 6.22 26.80 39.83
C SER K 81 5.02 26.52 40.72
N THR K 82 4.93 25.30 41.23
CA THR K 82 3.81 24.99 42.09
C THR K 82 4.17 24.17 43.29
N LEU K 83 3.52 24.51 44.38
CA LEU K 83 3.77 23.87 45.65
C LEU K 83 2.70 22.91 46.01
N ILE K 84 3.11 21.69 46.36
CA ILE K 84 2.18 20.65 46.74
C ILE K 84 1.99 20.68 48.25
N ILE K 85 0.74 20.60 48.67
CA ILE K 85 0.41 20.55 50.10
C ILE K 85 -0.64 19.48 50.26
N ARG K 86 -0.27 18.45 51.00
CA ARG K 86 -1.15 17.33 51.29
C ARG K 86 -2.19 17.85 52.26
N CYS K 87 -3.41 17.33 52.18
CA CYS K 87 -4.50 17.82 53.04
C CYS K 87 -5.23 16.68 53.68
N ASP K 88 -5.91 16.92 54.81
CA ASP K 88 -6.73 15.88 55.43
C ASP K 88 -8.13 16.32 55.10
N ILE K 89 -9.08 15.39 55.20
CA ILE K 89 -10.47 15.68 54.90
C ILE K 89 -11.19 15.75 56.24
N LEU K 90 -11.70 16.93 56.56
CA LEU K 90 -12.39 17.13 57.82
C LEU K 90 -13.87 17.36 57.63
N GLU K 91 -14.64 16.98 58.65
CA GLU K 91 -16.09 17.17 58.65
C GLU K 91 -16.25 18.69 58.90
N PRO K 92 -17.17 19.35 58.17
CA PRO K 92 -17.36 20.80 58.35
C PRO K 92 -17.87 21.19 59.74
N GLY K 93 -17.43 22.34 60.23
CA GLY K 93 -17.85 22.81 61.53
C GLY K 93 -17.09 22.10 62.62
N THR K 94 -17.36 20.81 62.78
CA THR K 94 -16.68 20.00 63.78
C THR K 94 -15.18 19.96 63.50
N LEU K 95 -14.82 20.04 62.22
CA LEU K 95 -13.42 19.99 61.77
C LEU K 95 -12.73 18.78 62.38
N GLN K 96 -13.48 17.68 62.43
CA GLN K 96 -12.96 16.49 63.10
C GLN K 96 -11.99 15.60 62.34
N GLY K 97 -12.40 15.16 61.18
CA GLY K 97 -11.60 14.22 60.44
C GLY K 97 -12.58 13.16 60.02
N TYR K 98 -12.88 13.21 58.74
CA TYR K 98 -13.84 12.34 58.10
C TYR K 98 -13.55 10.86 58.37
N ASP K 99 -14.60 10.14 58.74
CA ASP K 99 -14.51 8.72 59.04
C ASP K 99 -13.93 7.94 57.89
N ARG K 100 -14.27 8.36 56.69
CA ARG K 100 -13.81 7.69 55.48
C ARG K 100 -12.51 8.23 54.88
N ASP K 101 -11.91 9.25 55.48
CA ASP K 101 -10.63 9.79 54.99
C ASP K 101 -9.51 8.88 55.46
N PRO K 102 -8.86 8.19 54.52
CA PRO K 102 -7.76 7.27 54.80
C PRO K 102 -6.60 7.89 55.53
N ARG K 103 -6.37 9.18 55.35
CA ARG K 103 -5.23 9.75 56.06
C ARG K 103 -5.62 9.99 57.50
N SER K 104 -6.87 10.40 57.71
CA SER K 104 -7.37 10.64 59.06
C SER K 104 -7.35 9.32 59.83
N ILE K 105 -7.77 8.26 59.14
CA ILE K 105 -7.80 6.92 59.72
C ILE K 105 -6.42 6.46 60.14
N ALA K 106 -5.43 6.76 59.32
CA ALA K 106 -4.08 6.36 59.63
C ALA K 106 -3.57 7.16 60.81
N LYS K 107 -3.94 8.44 60.87
CA LYS K 107 -3.51 9.28 61.98
C LYS K 107 -4.14 8.76 63.27
N ARG K 108 -5.44 8.44 63.21
CA ARG K 108 -6.16 7.92 64.35
C ARG K 108 -5.47 6.68 64.91
N ALA K 109 -4.97 5.86 64.01
CA ALA K 109 -4.31 4.63 64.39
C ALA K 109 -2.98 4.91 65.08
N GLU K 110 -2.29 5.97 64.68
CA GLU K 110 -1.02 6.29 65.31
C GLU K 110 -1.32 6.84 66.71
N ASP K 111 -2.44 7.53 66.83
CA ASP K 111 -2.88 8.11 68.10
C ASP K 111 -3.16 6.96 69.07
N TYR K 112 -4.06 6.05 68.66
CA TYR K 112 -4.42 4.90 69.47
C TYR K 112 -3.22 4.10 69.95
N LEU K 113 -2.13 4.11 69.18
CA LEU K 113 -0.91 3.39 69.54
C LEU K 113 -0.37 4.06 70.81
N ARG K 114 -0.17 5.38 70.73
CA ARG K 114 0.33 6.15 71.86
C ARG K 114 -0.60 6.02 73.06
N ALA K 115 -1.90 6.05 72.81
CA ALA K 115 -2.91 5.94 73.86
C ALA K 115 -2.79 4.64 74.67
N THR K 116 -2.72 3.50 74.01
CA THR K 116 -2.61 2.23 74.70
C THR K 116 -1.30 2.19 75.47
N GLY K 117 -0.43 3.13 75.13
CA GLY K 117 0.87 3.20 75.76
C GLY K 117 1.80 2.06 75.38
N ILE K 118 1.37 1.22 74.44
CA ILE K 118 2.21 0.11 74.00
C ILE K 118 3.53 0.57 73.40
N ALA K 119 3.50 1.71 72.72
CA ALA K 119 4.68 2.32 72.09
C ALA K 119 4.30 3.74 71.72
N ASP K 120 5.28 4.56 71.32
CA ASP K 120 4.95 5.93 70.94
C ASP K 120 5.04 6.26 69.45
N THR K 121 5.65 5.36 68.67
CA THR K 121 5.78 5.53 67.22
C THR K 121 5.87 4.16 66.51
N VAL K 122 5.28 4.09 65.31
CA VAL K 122 5.32 2.86 64.49
C VAL K 122 6.22 3.11 63.30
N LEU K 123 7.04 2.12 62.97
CA LEU K 123 7.93 2.28 61.83
C LEU K 123 7.59 1.38 60.66
N PHE K 124 7.39 2.00 59.50
CA PHE K 124 7.07 1.28 58.27
C PHE K 124 8.10 1.46 57.19
N GLY K 125 8.53 0.33 56.63
CA GLY K 125 9.49 0.35 55.55
C GLY K 125 8.95 -0.53 54.43
N PRO K 126 8.03 0.00 53.61
CA PRO K 126 7.46 -0.78 52.50
C PRO K 126 8.40 -0.80 51.30
N GLU K 127 8.33 -1.87 50.51
CA GLU K 127 9.19 -2.02 49.34
C GLU K 127 8.36 -2.21 48.09
N PRO K 128 7.75 -1.14 47.59
CA PRO K 128 6.94 -1.31 46.39
C PRO K 128 7.78 -1.52 45.15
N GLU K 129 7.37 -2.50 44.35
CA GLU K 129 8.00 -2.84 43.08
C GLU K 129 7.07 -2.33 41.98
N PHE K 130 7.58 -2.19 40.77
CA PHE K 130 6.71 -1.75 39.68
C PHE K 130 7.25 -2.16 38.32
N PHE K 131 6.44 -1.94 37.29
CA PHE K 131 6.83 -2.26 35.91
C PHE K 131 6.86 -1.02 35.05
N LEU K 132 7.80 -1.00 34.12
CA LEU K 132 7.94 0.09 33.16
C LEU K 132 7.76 -0.46 31.75
N PHE K 133 6.69 -0.05 31.06
CA PHE K 133 6.42 -0.54 29.72
C PHE K 133 6.49 0.59 28.71
N ASP K 134 6.36 0.22 27.43
CA ASP K 134 6.37 1.18 26.35
C ASP K 134 4.95 1.34 25.81
N ASP K 135 4.18 0.26 25.84
CA ASP K 135 2.83 0.24 25.28
C ASP K 135 1.95 -0.65 26.13
N ILE K 136 0.77 -0.15 26.48
CA ILE K 136 -0.21 -0.91 27.24
C ILE K 136 -1.55 -0.62 26.58
N ARG K 137 -2.22 -1.68 26.14
CA ARG K 137 -3.50 -1.60 25.44
C ARG K 137 -4.45 -2.57 26.05
N PHE K 138 -5.70 -2.17 26.24
CA PHE K 138 -6.70 -3.10 26.75
C PHE K 138 -8.08 -2.56 26.50
N GLY K 139 -9.05 -3.46 26.63
CA GLY K 139 -10.43 -3.07 26.42
C GLY K 139 -11.33 -4.26 26.67
N ALA K 140 -12.64 -3.99 26.73
CA ALA K 140 -13.62 -5.01 26.94
C ALA K 140 -14.95 -4.45 26.53
N SER K 141 -15.63 -5.18 25.68
CA SER K 141 -16.93 -4.78 25.19
C SER K 141 -17.72 -6.07 25.03
N ILE K 142 -18.92 -5.96 24.51
CA ILE K 142 -19.75 -7.13 24.38
C ILE K 142 -19.11 -8.23 23.53
N SER K 143 -18.41 -7.84 22.48
CA SER K 143 -17.84 -8.83 21.58
C SER K 143 -16.47 -9.37 21.94
N GLY K 144 -15.96 -9.00 23.10
CA GLY K 144 -14.67 -9.54 23.50
C GLY K 144 -13.93 -8.67 24.48
N SER K 145 -12.65 -8.94 24.63
CA SER K 145 -11.81 -8.18 25.54
C SER K 145 -10.36 -8.55 25.28
N HIS K 146 -9.45 -7.73 25.76
CA HIS K 146 -8.05 -8.03 25.55
C HIS K 146 -7.14 -7.14 26.35
N VAL K 147 -5.88 -7.57 26.42
CA VAL K 147 -4.81 -6.79 27.05
C VAL K 147 -3.54 -7.17 26.35
N ALA K 148 -2.83 -6.14 25.97
CA ALA K 148 -1.57 -6.33 25.28
C ALA K 148 -0.49 -5.51 25.91
N ILE K 149 0.59 -6.13 26.33
CA ILE K 149 1.68 -5.41 26.97
C ILE K 149 2.88 -5.35 26.07
N ASP K 150 3.63 -4.26 26.10
CA ASP K 150 4.81 -4.25 25.27
C ASP K 150 5.89 -3.37 25.85
N ASP K 151 7.11 -3.88 25.78
CA ASP K 151 8.27 -3.14 26.25
C ASP K 151 9.49 -3.61 25.50
N ILE K 152 10.43 -2.70 25.35
CA ILE K 152 11.64 -3.03 24.63
C ILE K 152 12.44 -4.14 25.30
N GLU K 153 12.19 -4.36 26.58
CA GLU K 153 12.89 -5.40 27.32
C GLU K 153 12.19 -6.73 27.26
N GLY K 154 10.92 -6.73 26.90
CA GLY K 154 10.20 -7.99 26.85
C GLY K 154 10.91 -9.07 26.09
N ALA K 155 11.05 -10.24 26.69
CA ALA K 155 11.75 -11.32 26.02
C ALA K 155 11.14 -11.68 24.67
N TRP K 156 9.82 -11.48 24.55
CA TRP K 156 9.12 -11.80 23.32
C TRP K 156 9.59 -10.99 22.13
N ASN K 157 10.22 -9.86 22.40
CA ASN K 157 10.71 -9.01 21.32
C ASN K 157 12.04 -9.45 20.76
N SER K 158 12.52 -10.62 21.18
CA SER K 158 13.79 -11.11 20.65
C SER K 158 13.65 -11.33 19.15
N SER K 159 12.41 -11.50 18.69
CA SER K 159 12.13 -11.73 17.28
C SER K 159 11.55 -10.55 16.52
N THR K 160 11.26 -9.47 17.21
CA THR K 160 10.67 -8.29 16.60
C THR K 160 11.55 -7.48 15.67
N LYS K 161 10.99 -7.06 14.54
CA LYS K 161 11.74 -6.25 13.60
C LYS K 161 11.60 -4.81 14.05
N TYR K 162 12.73 -4.11 14.15
CA TYR K 162 12.74 -2.71 14.56
C TYR K 162 13.28 -1.86 13.43
N GLU K 163 12.82 -0.62 13.39
CA GLU K 163 13.22 0.35 12.38
C GLU K 163 14.74 0.40 12.21
N GLY K 164 15.44 0.67 13.30
CA GLY K 164 16.89 0.74 13.22
C GLY K 164 17.63 -0.54 13.58
N GLY K 165 16.92 -1.66 13.49
CA GLY K 165 17.51 -2.95 13.83
C GLY K 165 17.24 -3.34 15.28
N ASN K 166 17.09 -4.64 15.52
CA ASN K 166 16.85 -5.17 16.87
C ASN K 166 18.23 -5.33 17.48
N LYS K 167 18.50 -4.62 18.59
CA LYS K 167 19.81 -4.64 19.24
C LYS K 167 19.99 -5.77 20.26
N GLY K 168 18.91 -6.48 20.34
CA GLY K 168 18.68 -7.61 21.17
C GLY K 168 19.56 -7.94 22.38
N HIS K 169 19.50 -7.17 23.47
CA HIS K 169 20.08 -7.61 24.76
C HIS K 169 18.98 -7.46 25.76
N ARG K 170 18.20 -8.49 25.91
CA ARG K 170 17.04 -8.41 26.77
C ARG K 170 17.05 -9.41 27.90
N PRO K 171 16.40 -9.05 29.00
CA PRO K 171 16.31 -9.91 30.17
C PRO K 171 15.32 -11.00 29.80
N GLY K 172 15.70 -12.26 29.97
CA GLY K 172 14.79 -13.34 29.66
C GLY K 172 13.72 -13.43 30.73
N VAL K 173 12.80 -14.38 30.59
CA VAL K 173 11.74 -14.54 31.58
C VAL K 173 12.38 -14.89 32.92
N LYS K 174 11.98 -14.16 33.98
CA LYS K 174 12.53 -14.34 35.34
C LYS K 174 14.04 -14.10 35.35
N GLY K 175 14.58 -13.42 34.33
CA GLY K 175 16.02 -13.22 34.27
C GLY K 175 16.46 -11.74 34.41
N GLY K 176 15.66 -10.94 35.10
CA GLY K 176 15.97 -9.54 35.27
C GLY K 176 16.86 -9.24 36.46
N TYR K 177 17.07 -10.21 37.36
CA TYR K 177 17.89 -9.89 38.55
C TYR K 177 19.38 -9.67 38.25
N PHE K 178 19.63 -8.40 37.89
CA PHE K 178 20.89 -7.62 37.84
C PHE K 178 21.80 -7.68 36.59
N PRO K 179 21.47 -8.33 35.47
CA PRO K 179 22.38 -8.12 34.36
C PRO K 179 22.72 -6.67 34.14
N VAL K 180 23.99 -6.34 34.03
CA VAL K 180 24.32 -4.92 33.81
C VAL K 180 23.85 -4.47 32.43
N PRO K 181 23.76 -3.15 32.21
CA PRO K 181 23.35 -2.64 30.91
C PRO K 181 24.31 -3.20 29.87
N PRO K 182 23.88 -3.28 28.62
CA PRO K 182 22.56 -2.90 28.13
C PRO K 182 21.39 -3.84 28.38
N VAL K 183 21.61 -5.00 28.98
CA VAL K 183 20.48 -5.90 29.25
C VAL K 183 19.49 -5.13 30.10
N ASP K 184 20.00 -4.44 31.12
CA ASP K 184 19.17 -3.63 31.99
C ASP K 184 19.10 -2.28 31.28
N SER K 185 17.92 -1.93 30.78
CA SER K 185 17.77 -0.68 30.05
C SER K 185 17.32 0.49 30.89
N ALA K 186 17.14 0.28 32.19
CA ALA K 186 16.61 1.34 33.02
C ALA K 186 17.48 1.99 34.08
N GLN K 187 18.78 1.99 33.90
CA GLN K 187 19.63 2.60 34.89
C GLN K 187 19.39 4.11 34.99
N ASP K 188 19.49 4.82 33.88
CA ASP K 188 19.29 6.27 33.91
C ASP K 188 17.93 6.65 34.49
N ILE K 189 16.90 5.90 34.13
CA ILE K 189 15.58 6.25 34.62
C ILE K 189 15.42 5.96 36.11
N ARG K 190 15.96 4.84 36.57
CA ARG K 190 15.85 4.53 38.00
C ARG K 190 16.55 5.64 38.80
N SER K 191 17.67 6.15 38.31
CA SER K 191 18.31 7.20 39.06
C SER K 191 17.60 8.52 39.08
N GLU K 192 16.98 8.89 37.95
CA GLU K 192 16.21 10.14 37.92
C GLU K 192 15.12 9.99 38.96
N MET K 193 14.49 8.82 39.00
CA MET K 193 13.42 8.59 39.98
C MET K 193 13.98 8.80 41.38
N CYS K 194 15.20 8.33 41.61
CA CYS K 194 15.82 8.49 42.91
C CYS K 194 16.07 9.96 43.24
N LEU K 195 16.75 10.65 42.33
CA LEU K 195 17.04 12.05 42.56
C LEU K 195 15.77 12.84 42.83
N VAL K 196 14.75 12.60 42.01
CA VAL K 196 13.50 13.33 42.17
C VAL K 196 12.81 12.96 43.47
N MET K 197 12.85 11.68 43.83
CA MET K 197 12.23 11.25 45.07
C MET K 197 12.86 11.99 46.23
N GLU K 198 14.17 12.13 46.19
CA GLU K 198 14.86 12.83 47.25
C GLU K 198 14.57 14.32 47.25
N GLN K 199 14.42 14.90 46.07
CA GLN K 199 14.08 16.32 46.00
C GLN K 199 12.73 16.51 46.65
N MET K 200 11.96 15.43 46.74
CA MET K 200 10.65 15.50 47.34
C MET K 200 10.59 14.99 48.77
N GLY K 201 11.75 14.84 49.39
CA GLY K 201 11.79 14.44 50.79
C GLY K 201 11.98 12.99 51.13
N LEU K 202 12.03 12.13 50.14
CA LEU K 202 12.24 10.73 50.43
C LEU K 202 13.72 10.49 50.55
N VAL K 203 14.10 9.39 51.17
CA VAL K 203 15.51 9.05 51.30
C VAL K 203 15.66 7.69 50.65
N VAL K 204 16.49 7.66 49.63
CA VAL K 204 16.68 6.45 48.86
C VAL K 204 17.82 5.61 49.36
N GLU K 205 17.58 4.30 49.44
CA GLU K 205 18.61 3.37 49.89
C GLU K 205 19.22 2.60 48.75
N ALA K 206 18.43 2.29 47.73
CA ALA K 206 18.95 1.57 46.59
C ALA K 206 17.97 1.48 45.44
N HIS K 207 18.48 1.13 44.27
CA HIS K 207 17.63 0.92 43.13
C HIS K 207 18.23 -0.16 42.25
N HIS K 208 17.33 -0.95 41.69
CA HIS K 208 17.78 -2.05 40.87
C HIS K 208 16.65 -2.60 40.00
N HIS K 209 17.03 -3.36 39.01
CA HIS K 209 16.09 -4.01 38.13
C HIS K 209 15.51 -5.16 38.94
N GLU K 210 14.25 -5.54 38.72
CA GLU K 210 13.72 -6.66 39.48
C GLU K 210 13.77 -7.92 38.62
N VAL K 211 13.11 -8.99 39.07
CA VAL K 211 13.19 -10.27 38.39
C VAL K 211 12.56 -10.40 37.00
N ALA K 212 11.37 -9.88 36.84
CA ALA K 212 10.65 -10.09 35.59
C ALA K 212 11.25 -9.41 34.36
N THR K 213 11.02 -10.03 33.21
CA THR K 213 11.46 -9.47 31.94
C THR K 213 10.52 -8.27 31.73
N ALA K 214 10.74 -7.50 30.68
CA ALA K 214 9.83 -6.43 30.37
C ALA K 214 9.74 -5.29 31.39
N GLY K 215 10.84 -4.92 32.04
CA GLY K 215 10.86 -3.73 32.89
C GLY K 215 10.38 -3.76 34.34
N GLN K 216 10.56 -4.86 35.04
CA GLN K 216 10.20 -4.77 36.45
C GLN K 216 11.36 -4.07 37.13
N ASN K 217 11.06 -3.11 37.99
CA ASN K 217 12.12 -2.34 38.65
C ASN K 217 11.73 -2.03 40.08
N GLU K 218 12.70 -1.54 40.86
CA GLU K 218 12.44 -1.19 42.26
C GLU K 218 13.35 -0.11 42.78
N VAL K 219 12.76 0.85 43.50
CA VAL K 219 13.48 1.91 44.20
C VAL K 219 13.19 1.71 45.67
N ALA K 220 14.24 1.42 46.43
CA ALA K 220 14.10 1.20 47.86
C ALA K 220 14.33 2.48 48.62
N THR K 221 13.36 2.83 49.45
CA THR K 221 13.45 4.04 50.25
C THR K 221 13.50 3.72 51.75
N ARG K 222 14.09 4.64 52.52
CA ARG K 222 14.18 4.49 53.97
C ARG K 222 12.81 4.58 54.61
N PHE K 223 12.66 3.79 55.68
CA PHE K 223 11.41 3.72 56.42
C PHE K 223 11.13 5.10 57.01
N ASN K 224 10.01 5.23 57.69
CA ASN K 224 9.58 6.45 58.33
C ASN K 224 8.39 6.10 59.21
N THR K 225 7.89 7.05 59.97
CA THR K 225 6.75 6.77 60.82
C THR K 225 5.58 6.47 59.91
N MET K 226 4.70 5.58 60.36
CA MET K 226 3.56 5.11 59.55
C MET K 226 2.90 6.13 58.62
N THR K 227 2.20 7.13 59.18
CA THR K 227 1.50 8.07 58.31
C THR K 227 2.42 8.84 57.34
N LYS K 228 3.61 9.22 57.79
CA LYS K 228 4.51 9.93 56.90
C LYS K 228 4.99 9.00 55.76
N LYS K 229 5.04 7.69 56.05
CA LYS K 229 5.49 6.75 55.04
C LYS K 229 4.43 6.54 53.97
N ALA K 230 3.17 6.50 54.36
CA ALA K 230 2.08 6.34 53.41
C ALA K 230 2.11 7.58 52.50
N ASP K 231 2.42 8.73 53.07
CA ASP K 231 2.50 9.95 52.30
C ASP K 231 3.63 9.70 51.28
N GLU K 232 4.76 9.21 51.78
CA GLU K 232 5.90 8.91 50.92
C GLU K 232 5.56 7.93 49.79
N ILE K 233 4.69 6.96 50.07
CA ILE K 233 4.30 6.00 49.06
C ILE K 233 3.59 6.70 47.93
N GLN K 234 2.67 7.60 48.29
CA GLN K 234 1.93 8.38 47.30
C GLN K 234 2.87 9.20 46.41
N ILE K 235 3.87 9.81 47.04
CA ILE K 235 4.86 10.62 46.33
C ILE K 235 5.71 9.72 45.47
N TYR K 236 6.05 8.61 46.05
CA TYR K 236 6.84 7.61 45.36
C TYR K 236 6.16 7.21 44.06
N LYS K 237 4.89 6.84 44.17
CA LYS K 237 4.14 6.44 42.98
C LYS K 237 4.06 7.59 41.99
N TYR K 238 3.84 8.78 42.51
CA TYR K 238 3.73 9.95 41.67
C TYR K 238 5.02 10.14 40.89
N VAL K 239 6.15 10.05 41.57
CA VAL K 239 7.41 10.24 40.90
C VAL K 239 7.63 9.16 39.86
N VAL K 240 7.37 7.91 40.24
CA VAL K 240 7.55 6.81 39.31
C VAL K 240 6.69 7.00 38.06
N HIS K 241 5.40 7.26 38.27
CA HIS K 241 4.49 7.45 37.16
C HIS K 241 4.89 8.57 36.24
N ASN K 242 5.27 9.70 36.82
CA ASN K 242 5.62 10.85 36.03
C ASN K 242 7.00 10.85 35.40
N VAL K 243 7.98 10.25 36.07
CA VAL K 243 9.30 10.20 35.45
C VAL K 243 9.19 9.25 34.27
N ALA K 244 8.44 8.16 34.45
CA ALA K 244 8.25 7.20 33.38
C ALA K 244 7.62 7.91 32.18
N HIS K 245 6.55 8.65 32.44
CA HIS K 245 5.84 9.38 31.40
C HIS K 245 6.80 10.31 30.68
N ARG K 246 7.63 11.03 31.43
CA ARG K 246 8.58 11.94 30.80
C ARG K 246 9.64 11.21 29.99
N PHE K 247 9.89 9.96 30.29
CA PHE K 247 10.89 9.19 29.54
C PHE K 247 10.27 8.41 28.40
N GLY K 248 8.98 8.59 28.17
CA GLY K 248 8.34 7.87 27.10
C GLY K 248 7.91 6.48 27.51
N LYS K 249 7.79 6.24 28.80
CA LYS K 249 7.33 4.94 29.27
C LYS K 249 6.00 5.10 30.00
N THR K 250 5.53 4.01 30.57
CA THR K 250 4.30 4.03 31.32
C THR K 250 4.51 3.03 32.43
N ALA K 251 4.34 3.46 33.67
CA ALA K 251 4.54 2.56 34.80
C ALA K 251 3.28 2.08 35.42
N THR K 252 3.32 0.86 35.96
CA THR K 252 2.17 0.34 36.67
C THR K 252 2.55 -0.36 37.97
N PHE K 253 1.72 -0.17 38.98
CA PHE K 253 1.94 -0.81 40.25
C PHE K 253 1.00 -1.99 40.41
N MET K 254 0.37 -2.43 39.32
CA MET K 254 -0.52 -3.59 39.36
C MET K 254 0.30 -4.74 39.93
N PRO K 255 -0.32 -5.61 40.71
CA PRO K 255 0.46 -6.71 41.26
C PRO K 255 0.89 -7.82 40.31
N LYS K 256 0.05 -8.21 39.35
CA LYS K 256 0.44 -9.28 38.42
C LYS K 256 0.01 -8.94 36.99
N PRO K 257 0.82 -8.16 36.27
CA PRO K 257 0.40 -7.85 34.90
C PRO K 257 0.63 -9.00 33.93
N MET K 258 1.55 -9.90 34.27
CA MET K 258 1.83 -11.02 33.39
C MET K 258 1.83 -12.38 34.02
N PHE K 259 1.18 -13.29 33.32
CA PHE K 259 1.17 -14.66 33.80
C PHE K 259 2.52 -15.28 33.37
N GLY K 260 3.23 -15.95 34.26
CA GLY K 260 4.47 -16.56 33.82
C GLY K 260 5.74 -15.89 34.27
N ASP K 261 5.60 -14.72 34.87
CA ASP K 261 6.77 -14.04 35.39
C ASP K 261 6.33 -13.35 36.66
N ASN K 262 7.32 -12.88 37.40
CA ASN K 262 7.13 -12.20 38.67
C ASN K 262 6.02 -11.18 38.74
N GLY K 263 5.39 -11.09 39.89
CA GLY K 263 4.38 -10.08 40.10
C GLY K 263 5.12 -8.99 40.86
N SER K 264 4.43 -7.94 41.27
CA SER K 264 5.07 -6.90 42.02
C SER K 264 4.48 -6.92 43.42
N GLY K 265 5.36 -6.97 44.41
CA GLY K 265 4.89 -7.00 45.79
C GLY K 265 5.30 -5.74 46.52
N MET K 266 4.80 -5.58 47.73
CA MET K 266 5.17 -4.43 48.54
C MET K 266 5.37 -4.94 49.95
N HIS K 267 6.51 -5.57 50.19
CA HIS K 267 6.85 -6.08 51.51
C HIS K 267 6.81 -4.93 52.49
N CYS K 268 6.35 -5.21 53.69
CA CYS K 268 6.31 -4.18 54.71
C CYS K 268 7.10 -4.55 55.96
N HIS K 269 8.17 -3.81 56.18
CA HIS K 269 9.01 -3.98 57.35
C HIS K 269 8.39 -3.12 58.42
N MET K 270 8.23 -3.67 59.62
CA MET K 270 7.64 -2.94 60.72
C MET K 270 8.36 -3.19 62.05
N SER K 271 8.21 -2.23 62.95
CA SER K 271 8.79 -2.31 64.29
C SER K 271 8.17 -1.19 65.10
N LEU K 272 8.17 -1.34 66.42
CA LEU K 272 7.60 -0.32 67.29
C LEU K 272 8.68 0.29 68.15
N ALA K 273 8.41 1.47 68.68
CA ALA K 273 9.40 2.13 69.52
C ALA K 273 8.80 3.04 70.58
N LYS K 274 9.57 3.23 71.65
CA LYS K 274 9.20 4.10 72.75
C LYS K 274 10.47 4.75 73.26
N ASN K 275 10.42 6.07 73.41
CA ASN K 275 11.54 6.89 73.89
C ASN K 275 12.84 6.41 73.26
N GLY K 276 12.85 6.35 71.95
CA GLY K 276 14.04 5.94 71.24
C GLY K 276 14.54 4.50 71.28
N THR K 277 13.89 3.63 72.04
CA THR K 277 14.35 2.23 72.08
C THR K 277 13.44 1.34 71.22
N ASN K 278 14.05 0.36 70.57
CA ASN K 278 13.32 -0.55 69.70
C ASN K 278 12.60 -1.66 70.47
N LEU K 279 11.30 -1.47 70.69
CA LEU K 279 10.49 -2.44 71.40
C LEU K 279 10.43 -3.85 70.79
N PHE K 280 11.08 -4.05 69.65
CA PHE K 280 11.07 -5.36 69.00
C PHE K 280 12.32 -6.21 69.22
N SER K 281 13.38 -5.63 69.79
CA SER K 281 14.59 -6.42 70.04
C SER K 281 14.45 -7.13 71.39
N GLY K 282 14.97 -8.34 71.46
CA GLY K 282 14.88 -9.12 72.69
C GLY K 282 15.75 -10.35 72.68
N ASP K 283 15.49 -11.26 73.61
CA ASP K 283 16.25 -12.51 73.75
C ASP K 283 15.57 -13.71 73.09
N LYS K 284 14.30 -13.53 72.70
CA LYS K 284 13.52 -14.59 72.06
C LYS K 284 14.05 -14.85 70.63
N TYR K 285 13.32 -15.67 69.86
CA TYR K 285 13.70 -16.03 68.48
C TYR K 285 14.30 -14.93 67.59
N ALA K 286 15.43 -15.26 66.98
CA ALA K 286 16.11 -14.35 66.07
C ALA K 286 16.37 -12.91 66.55
N GLY K 287 16.38 -12.70 67.86
CA GLY K 287 16.64 -11.38 68.39
C GLY K 287 15.40 -10.56 68.66
N LEU K 288 14.25 -11.23 68.68
CA LEU K 288 12.98 -10.57 68.91
C LEU K 288 12.51 -10.44 70.35
N SER K 289 11.66 -9.45 70.59
CA SER K 289 11.06 -9.20 71.90
C SER K 289 9.79 -10.05 71.90
N GLU K 290 9.19 -10.29 73.07
CA GLU K 290 7.97 -11.10 73.06
C GLU K 290 6.84 -10.25 72.51
N GLN K 291 7.06 -8.93 72.49
CA GLN K 291 6.08 -8.00 71.96
C GLN K 291 5.95 -8.20 70.45
N ALA K 292 7.10 -8.36 69.80
CA ALA K 292 7.18 -8.59 68.36
C ALA K 292 6.38 -9.84 68.00
N LEU K 293 6.56 -10.88 68.79
CA LEU K 293 5.88 -12.14 68.57
C LEU K 293 4.38 -12.01 68.68
N TYR K 294 3.90 -11.23 69.65
CA TYR K 294 2.46 -11.04 69.81
C TYR K 294 1.95 -10.28 68.60
N TYR K 295 2.75 -9.32 68.14
CA TYR K 295 2.42 -8.52 66.98
C TYR K 295 2.24 -9.47 65.81
N ILE K 296 3.23 -10.33 65.59
CA ILE K 296 3.18 -11.32 64.52
C ILE K 296 1.92 -12.16 64.64
N GLY K 297 1.62 -12.56 65.86
CA GLY K 297 0.45 -13.39 66.09
C GLY K 297 -0.79 -12.65 65.66
N GLY K 298 -0.81 -11.35 65.92
CA GLY K 298 -1.96 -10.54 65.54
C GLY K 298 -2.12 -10.51 64.03
N VAL K 299 -1.01 -10.24 63.34
CA VAL K 299 -0.99 -10.18 61.88
C VAL K 299 -1.49 -11.50 61.31
N ILE K 300 -1.01 -12.60 61.89
CA ILE K 300 -1.43 -13.90 61.42
C ILE K 300 -2.89 -14.16 61.70
N LYS K 301 -3.37 -13.75 62.87
CA LYS K 301 -4.76 -14.00 63.22
C LYS K 301 -5.69 -13.27 62.26
N HIS K 302 -5.37 -12.02 61.95
CA HIS K 302 -6.19 -11.19 61.07
C HIS K 302 -5.71 -11.05 59.61
N ALA K 303 -4.85 -11.96 59.17
CA ALA K 303 -4.31 -11.91 57.83
C ALA K 303 -5.37 -11.74 56.73
N LYS K 304 -6.34 -12.64 56.69
CA LYS K 304 -7.37 -12.55 55.66
C LYS K 304 -8.08 -11.19 55.63
N ALA K 305 -8.27 -10.55 56.78
CA ALA K 305 -8.93 -9.26 56.77
C ALA K 305 -7.95 -8.21 56.28
N ILE K 306 -6.68 -8.34 56.67
CA ILE K 306 -5.68 -7.37 56.23
C ILE K 306 -5.56 -7.42 54.71
N ASN K 307 -5.71 -8.63 54.16
CA ASN K 307 -5.64 -8.85 52.73
C ASN K 307 -6.55 -7.90 51.97
N ALA K 308 -7.74 -7.66 52.51
CA ALA K 308 -8.71 -6.79 51.88
C ALA K 308 -8.19 -5.38 51.69
N LEU K 309 -7.11 -5.05 52.39
CA LEU K 309 -6.51 -3.72 52.27
C LEU K 309 -5.12 -3.75 51.69
N ALA K 310 -4.41 -4.85 51.91
CA ALA K 310 -3.06 -5.01 51.43
C ALA K 310 -2.97 -5.66 50.07
N ASN K 311 -4.09 -6.24 49.62
CA ASN K 311 -4.20 -6.93 48.34
C ASN K 311 -5.64 -6.68 47.98
N PRO K 312 -5.97 -5.42 47.68
CA PRO K 312 -7.31 -4.97 47.34
C PRO K 312 -7.83 -5.13 45.94
N THR K 313 -7.16 -5.93 45.13
CA THR K 313 -7.58 -6.11 43.74
C THR K 313 -7.70 -7.58 43.43
N THR K 314 -8.54 -7.95 42.47
CA THR K 314 -8.66 -9.34 42.09
C THR K 314 -7.30 -9.78 41.54
N ASN K 315 -6.62 -8.85 40.88
CA ASN K 315 -5.32 -9.11 40.29
C ASN K 315 -4.31 -9.50 41.35
N SER K 316 -4.47 -8.95 42.56
CA SER K 316 -3.57 -9.24 43.68
C SER K 316 -3.41 -10.73 43.91
N TYR K 317 -4.53 -11.45 43.68
CA TYR K 317 -4.58 -12.88 43.94
C TYR K 317 -3.99 -13.66 42.77
N LYS K 318 -3.52 -13.00 41.76
CA LYS K 318 -2.90 -13.76 40.70
C LYS K 318 -1.40 -13.84 40.98
N ARG K 319 -0.98 -13.08 41.99
CA ARG K 319 0.41 -13.07 42.49
C ARG K 319 0.51 -14.04 43.67
N LEU K 320 -0.54 -14.04 44.49
CA LEU K 320 -0.64 -14.92 45.64
C LEU K 320 -1.30 -16.22 45.24
N VAL K 321 -0.52 -17.08 44.61
CA VAL K 321 -1.02 -18.36 44.17
C VAL K 321 0.00 -19.40 44.56
N PRO K 322 -0.52 -20.63 44.81
CA PRO K 322 0.40 -21.69 45.14
C PRO K 322 1.58 -21.76 44.22
N GLY K 323 2.61 -20.97 44.54
CA GLY K 323 3.84 -20.96 43.79
C GLY K 323 4.95 -21.24 44.77
N TYR K 324 6.19 -21.27 44.33
CA TYR K 324 7.25 -21.59 45.30
C TYR K 324 7.56 -20.45 46.25
N GLU K 325 7.86 -19.30 45.67
CA GLU K 325 8.20 -18.11 46.42
C GLU K 325 6.99 -17.29 46.84
N ALA K 326 5.79 -17.80 46.55
CA ALA K 326 4.56 -17.12 46.91
C ALA K 326 4.49 -16.94 48.43
N PRO K 327 4.49 -15.69 48.89
CA PRO K 327 4.43 -15.30 50.31
C PRO K 327 3.05 -15.58 50.85
N VAL K 328 2.57 -16.80 50.69
CA VAL K 328 1.23 -17.13 51.15
C VAL K 328 1.04 -17.92 52.44
N MET K 329 2.11 -18.51 52.97
CA MET K 329 2.02 -19.29 54.20
C MET K 329 2.07 -18.37 55.40
N LEU K 330 1.00 -18.37 56.19
CA LEU K 330 0.90 -17.55 57.38
C LEU K 330 1.81 -18.06 58.51
N ALA K 331 3.10 -17.72 58.40
CA ALA K 331 4.07 -18.14 59.37
C ALA K 331 5.29 -17.23 59.36
N TYR K 332 6.16 -17.38 60.34
CA TYR K 332 7.37 -16.58 60.38
C TYR K 332 8.60 -17.45 60.35
N SER K 333 9.71 -16.85 59.94
CA SER K 333 10.99 -17.52 59.84
C SER K 333 12.01 -16.49 59.42
N ALA K 334 13.28 -16.80 59.66
CA ALA K 334 14.36 -15.89 59.32
C ALA K 334 15.00 -16.36 58.03
N ARG K 335 14.55 -17.50 57.54
CA ARG K 335 15.10 -18.06 56.33
C ARG K 335 14.04 -18.48 55.30
N ASN K 336 13.20 -19.44 55.68
CA ASN K 336 12.15 -19.95 54.81
C ASN K 336 11.38 -18.86 54.06
N ARG K 337 11.74 -18.62 52.80
CA ARG K 337 11.05 -17.60 52.02
C ARG K 337 9.78 -18.15 51.38
N SER K 338 9.04 -18.92 52.19
CA SER K 338 7.75 -19.50 51.83
C SER K 338 6.81 -18.79 52.78
N ALA K 339 7.40 -18.40 53.90
CA ALA K 339 6.75 -17.70 54.99
C ALA K 339 6.45 -16.26 54.59
N SER K 340 5.20 -15.85 54.80
CA SER K 340 4.77 -14.50 54.49
C SER K 340 5.33 -13.49 55.48
N ILE K 341 5.96 -13.99 56.54
CA ILE K 341 6.58 -13.11 57.53
C ILE K 341 8.05 -13.50 57.70
N ARG K 342 8.95 -12.68 57.14
CA ARG K 342 10.38 -12.93 57.29
C ARG K 342 10.92 -12.14 58.46
N ILE K 343 11.91 -12.70 59.09
CA ILE K 343 12.59 -12.00 60.17
C ILE K 343 13.99 -11.73 59.67
N PRO K 344 14.27 -10.47 59.35
CA PRO K 344 15.57 -10.04 58.85
C PRO K 344 16.58 -10.36 59.90
N VAL K 345 17.71 -10.93 59.50
CA VAL K 345 18.75 -11.22 60.47
C VAL K 345 19.70 -10.05 60.34
N VAL K 346 19.77 -9.25 61.40
CA VAL K 346 20.62 -8.08 61.42
C VAL K 346 21.38 -8.03 62.77
N ALA K 347 22.54 -7.37 62.76
CA ALA K 347 23.37 -7.28 63.97
C ALA K 347 22.84 -6.34 65.03
N SER K 348 22.79 -5.05 64.72
CA SER K 348 22.31 -4.05 65.66
C SER K 348 20.89 -4.32 66.11
N PRO K 349 20.68 -4.48 67.43
CA PRO K 349 19.33 -4.73 67.92
C PRO K 349 18.44 -3.53 67.65
N LYS K 350 19.06 -2.39 67.32
CA LYS K 350 18.33 -1.16 67.04
C LYS K 350 17.53 -1.30 65.73
N ALA K 351 17.94 -2.26 64.90
CA ALA K 351 17.31 -2.50 63.61
C ALA K 351 16.47 -3.77 63.52
N ARG K 352 16.15 -4.37 64.67
CA ARG K 352 15.33 -5.60 64.71
C ARG K 352 13.90 -5.22 64.28
N ARG K 353 13.30 -6.05 63.43
CA ARG K 353 11.94 -5.79 62.92
C ARG K 353 11.36 -7.02 62.22
N ILE K 354 10.11 -6.92 61.75
CA ILE K 354 9.51 -8.03 61.01
C ILE K 354 9.16 -7.57 59.60
N GLU K 355 9.14 -8.50 58.65
CA GLU K 355 8.80 -8.17 57.27
C GLU K 355 7.59 -8.96 56.82
N VAL K 356 6.45 -8.29 56.70
CA VAL K 356 5.23 -8.94 56.22
C VAL K 356 5.29 -8.84 54.69
N ARG K 357 5.43 -9.97 54.05
CA ARG K 357 5.62 -10.05 52.62
C ARG K 357 4.42 -10.05 51.66
N PHE K 358 3.19 -10.28 52.13
CA PHE K 358 2.09 -10.45 51.14
C PHE K 358 1.46 -9.17 50.53
N PRO K 359 1.59 -8.05 51.19
CA PRO K 359 1.07 -6.80 50.58
C PRO K 359 1.49 -6.54 49.15
N ASP K 360 0.72 -5.82 48.33
CA ASP K 360 1.17 -5.47 47.00
C ASP K 360 1.01 -3.96 46.85
N PRO K 361 1.66 -3.36 45.85
CA PRO K 361 1.56 -1.91 45.66
C PRO K 361 0.22 -1.31 45.35
N ALA K 362 -0.78 -2.15 45.09
CA ALA K 362 -2.11 -1.62 44.78
C ALA K 362 -2.79 -1.17 46.06
N ALA K 363 -2.25 -1.62 47.18
CA ALA K 363 -2.83 -1.30 48.46
C ALA K 363 -2.83 0.17 48.80
N ASN K 364 -3.92 0.64 49.40
CA ASN K 364 -4.02 1.99 49.91
C ASN K 364 -2.96 2.11 51.02
N PRO K 365 -2.00 3.08 50.91
CA PRO K 365 -0.96 3.13 51.97
C PRO K 365 -1.51 3.10 53.37
N TYR K 366 -2.29 4.13 53.52
CA TYR K 366 -2.94 4.43 54.77
C TYR K 366 -3.69 3.26 55.35
N LEU K 367 -4.68 2.78 54.62
CA LEU K 367 -5.48 1.71 55.15
C LEU K 367 -4.70 0.41 55.34
N CYS K 368 -3.74 0.15 54.46
CA CYS K 368 -2.98 -1.08 54.55
C CYS K 368 -2.10 -1.04 55.78
N PHE K 369 -1.36 0.04 55.93
CA PHE K 369 -0.49 0.19 57.08
C PHE K 369 -1.29 0.15 58.38
N ALA K 370 -2.38 0.91 58.43
CA ALA K 370 -3.24 0.95 59.61
C ALA K 370 -3.73 -0.44 60.01
N ALA K 371 -4.25 -1.20 59.06
CA ALA K 371 -4.76 -2.54 59.33
C ALA K 371 -3.64 -3.45 59.85
N LEU K 372 -2.43 -3.24 59.34
CA LEU K 372 -1.30 -4.05 59.79
C LEU K 372 -1.04 -3.75 61.27
N LEU K 373 -1.07 -2.47 61.63
CA LEU K 373 -0.83 -2.02 63.01
C LEU K 373 -1.87 -2.56 63.96
N MET K 374 -3.13 -2.23 63.69
CA MET K 374 -4.23 -2.67 64.51
C MET K 374 -4.23 -4.17 64.75
N ALA K 375 -3.85 -4.95 63.74
CA ALA K 375 -3.78 -6.40 63.91
C ALA K 375 -2.64 -6.72 64.87
N GLY K 376 -1.55 -5.98 64.73
CA GLY K 376 -0.39 -6.20 65.59
C GLY K 376 -0.71 -5.88 67.04
N LEU K 377 -1.36 -4.74 67.26
CA LEU K 377 -1.75 -4.31 68.60
C LEU K 377 -2.70 -5.29 69.25
N ASP K 378 -3.67 -5.76 68.49
CA ASP K 378 -4.62 -6.72 69.01
C ASP K 378 -3.88 -8.01 69.33
N GLY K 379 -2.74 -8.22 68.70
CA GLY K 379 -1.96 -9.42 68.95
C GLY K 379 -1.26 -9.27 70.28
N ILE K 380 -0.91 -8.04 70.60
CA ILE K 380 -0.24 -7.70 71.84
C ILE K 380 -1.23 -7.67 73.00
N LYS K 381 -2.21 -6.78 72.91
CA LYS K 381 -3.23 -6.64 73.94
C LYS K 381 -3.72 -8.01 74.38
N ASN K 382 -3.88 -8.93 73.43
CA ASN K 382 -4.37 -10.27 73.75
C ASN K 382 -3.31 -11.35 73.76
N LYS K 383 -2.05 -10.95 73.91
CA LYS K 383 -0.91 -11.87 73.97
C LYS K 383 -1.07 -13.11 73.09
N ILE K 384 -1.39 -12.86 71.83
CA ILE K 384 -1.59 -13.94 70.87
C ILE K 384 -0.28 -14.55 70.45
N HIS K 385 -0.01 -15.75 70.94
CA HIS K 385 1.24 -16.39 70.58
C HIS K 385 1.14 -16.99 69.19
N PRO K 386 2.20 -16.62 68.47
CA PRO K 386 2.64 -17.07 67.11
C PRO K 386 2.74 -18.56 66.80
N GLY K 387 3.10 -19.29 67.84
CA GLY K 387 3.36 -20.69 67.71
C GLY K 387 4.82 -20.73 67.33
N GLU K 388 5.29 -21.86 66.81
CA GLU K 388 6.69 -22.00 66.42
C GLU K 388 6.92 -21.61 64.95
N PRO K 389 8.15 -21.13 64.65
CA PRO K 389 8.55 -20.70 63.30
C PRO K 389 8.64 -21.86 62.31
N MET K 390 8.22 -21.61 61.07
CA MET K 390 8.28 -22.62 60.01
C MET K 390 9.64 -22.48 59.33
N ASP K 391 10.45 -23.53 59.40
CA ASP K 391 11.76 -23.49 58.77
C ASP K 391 11.90 -24.64 57.76
N LYS K 392 10.81 -25.37 57.54
CA LYS K 392 10.77 -26.51 56.62
C LYS K 392 10.74 -26.10 55.13
N ASN K 393 9.54 -26.03 54.55
CA ASN K 393 9.38 -25.65 53.14
C ASN K 393 8.00 -25.04 52.86
N LEU K 394 7.77 -24.68 51.57
CA LEU K 394 6.62 -23.87 51.14
C LEU K 394 5.33 -24.70 50.96
N TYR K 395 4.72 -24.42 49.85
CA TYR K 395 3.45 -25.10 49.56
C TYR K 395 3.61 -26.36 48.79
N ASP K 396 4.73 -26.62 48.20
CA ASP K 396 4.68 -27.86 47.44
C ASP K 396 5.63 -28.76 48.19
N LEU K 397 5.23 -29.99 48.47
CA LEU K 397 6.19 -30.69 49.21
C LEU K 397 6.92 -29.74 50.07
N PRO K 398 6.39 -29.40 51.21
CA PRO K 398 5.50 -30.14 52.06
C PRO K 398 4.51 -31.11 51.38
N PRO K 399 3.20 -30.74 51.10
CA PRO K 399 2.06 -31.51 50.70
C PRO K 399 1.92 -32.86 51.43
N GLU K 400 2.52 -33.01 52.60
CA GLU K 400 2.56 -34.20 53.48
C GLU K 400 1.22 -34.38 54.19
N GLU K 401 0.95 -33.46 55.11
CA GLU K 401 -0.30 -33.43 55.89
C GLU K 401 -1.32 -32.57 55.11
N ALA K 402 -1.18 -32.58 53.78
CA ALA K 402 -1.99 -31.79 52.83
C ALA K 402 -1.60 -30.32 53.07
N LYS K 403 -0.64 -30.16 53.99
CA LYS K 403 -0.06 -28.91 54.46
C LYS K 403 -1.02 -27.74 54.67
N GLU K 404 -2.18 -28.04 55.24
CA GLU K 404 -3.16 -27.00 55.49
C GLU K 404 -2.87 -26.26 56.79
N ILE K 405 -1.85 -25.40 56.71
CA ILE K 405 -1.47 -24.52 57.82
C ILE K 405 -2.12 -23.17 57.44
N PRO K 406 -1.98 -22.16 58.25
CA PRO K 406 -2.54 -20.86 57.87
C PRO K 406 -2.36 -20.32 56.47
N GLN K 407 -3.35 -19.83 55.80
CA GLN K 407 -2.91 -19.11 54.61
C GLN K 407 -3.67 -17.82 54.34
N VAL K 408 -3.07 -16.93 53.55
CA VAL K 408 -3.69 -15.66 53.18
C VAL K 408 -4.92 -15.96 52.33
N ALA K 409 -5.80 -14.98 52.19
CA ALA K 409 -7.02 -15.16 51.40
C ALA K 409 -6.66 -15.60 49.99
N GLY K 410 -7.51 -16.41 49.37
CA GLY K 410 -7.23 -16.87 48.03
C GLY K 410 -7.95 -16.14 46.90
N SER K 411 -8.75 -15.16 47.29
CA SER K 411 -9.51 -14.38 46.33
C SER K 411 -9.91 -13.09 47.02
N LEU K 412 -10.23 -12.07 46.25
CA LEU K 412 -10.62 -10.80 46.83
C LEU K 412 -11.90 -10.91 47.67
N GLU K 413 -12.88 -11.63 47.16
CA GLU K 413 -14.16 -11.79 47.84
C GLU K 413 -13.97 -12.38 49.21
N GLU K 414 -13.13 -13.40 49.27
CA GLU K 414 -12.83 -14.08 50.51
C GLU K 414 -12.22 -13.09 51.48
N ALA K 415 -11.32 -12.26 50.99
CA ALA K 415 -10.67 -11.25 51.82
C ALA K 415 -11.67 -10.21 52.29
N LEU K 416 -12.57 -9.82 51.41
CA LEU K 416 -13.56 -8.82 51.76
C LEU K 416 -14.46 -9.40 52.82
N ASN K 417 -14.84 -10.66 52.65
CA ASN K 417 -15.71 -11.30 53.62
C ASN K 417 -15.02 -11.40 54.99
N ALA K 418 -13.73 -11.71 55.00
CA ALA K 418 -12.98 -11.79 56.23
C ALA K 418 -13.00 -10.43 56.91
N LEU K 419 -12.76 -9.39 56.13
CA LEU K 419 -12.76 -8.04 56.66
C LEU K 419 -14.12 -7.76 57.27
N ASP K 420 -15.17 -8.24 56.63
CA ASP K 420 -16.53 -8.01 57.11
C ASP K 420 -16.69 -8.57 58.52
N LEU K 421 -16.46 -9.86 58.64
CA LEU K 421 -16.59 -10.59 59.90
C LEU K 421 -15.58 -10.22 60.97
N ASP K 422 -14.32 -10.17 60.57
CA ASP K 422 -13.23 -9.88 61.51
C ASP K 422 -12.88 -8.40 61.64
N ARG K 423 -13.90 -7.56 61.72
CA ARG K 423 -13.66 -6.11 61.83
C ARG K 423 -13.41 -5.51 63.21
N GLU K 424 -13.67 -6.26 64.28
CA GLU K 424 -13.47 -5.68 65.61
C GLU K 424 -12.11 -5.06 65.85
N PHE K 425 -11.05 -5.80 65.57
CA PHE K 425 -9.71 -5.29 65.81
C PHE K 425 -9.41 -3.95 65.12
N LEU K 426 -10.19 -3.64 64.09
CA LEU K 426 -10.01 -2.39 63.34
C LEU K 426 -10.82 -1.26 63.96
N LYS K 427 -11.97 -1.59 64.53
CA LYS K 427 -12.86 -0.61 65.15
C LYS K 427 -12.32 -0.13 66.51
N ALA K 428 -11.37 -0.90 67.05
CA ALA K 428 -10.73 -0.58 68.32
C ALA K 428 -10.25 0.85 68.29
N GLY K 429 -10.44 1.56 69.40
CA GLY K 429 -10.00 2.94 69.46
C GLY K 429 -10.78 3.85 68.56
N GLY K 430 -11.85 3.35 67.93
CA GLY K 430 -12.66 4.17 67.04
C GLY K 430 -11.93 4.60 65.77
N VAL K 431 -10.87 3.87 65.42
CA VAL K 431 -10.04 4.13 64.23
C VAL K 431 -10.85 3.91 62.96
N PHE K 432 -11.39 2.70 62.81
CA PHE K 432 -12.24 2.36 61.66
C PHE K 432 -13.70 2.29 62.11
N THR K 433 -14.60 2.95 61.38
CA THR K 433 -16.02 2.85 61.72
C THR K 433 -16.64 1.78 60.83
N ASP K 434 -17.79 1.25 61.23
CA ASP K 434 -18.47 0.23 60.44
C ASP K 434 -18.79 0.80 59.07
N GLU K 435 -19.28 2.05 59.05
CA GLU K 435 -19.64 2.71 57.81
C GLU K 435 -18.49 2.76 56.83
N ALA K 436 -17.32 3.12 57.33
CA ALA K 436 -16.12 3.21 56.50
C ALA K 436 -15.84 1.83 55.91
N ILE K 437 -15.77 0.84 56.79
CA ILE K 437 -15.50 -0.52 56.37
C ILE K 437 -16.52 -1.04 55.35
N ASP K 438 -17.79 -0.81 55.61
CA ASP K 438 -18.83 -1.29 54.71
C ASP K 438 -18.78 -0.60 53.34
N ALA K 439 -18.36 0.65 53.35
CA ALA K 439 -18.26 1.45 52.13
C ALA K 439 -17.11 0.96 51.28
N TYR K 440 -15.99 0.68 51.95
CA TYR K 440 -14.80 0.17 51.29
C TYR K 440 -15.13 -1.15 50.64
N ILE K 441 -15.78 -2.03 51.39
CA ILE K 441 -16.16 -3.34 50.90
C ILE K 441 -17.06 -3.21 49.69
N ALA K 442 -17.97 -2.25 49.72
CA ALA K 442 -18.89 -2.09 48.61
C ALA K 442 -18.17 -1.62 47.35
N LEU K 443 -17.17 -0.76 47.52
CA LEU K 443 -16.41 -0.26 46.38
C LEU K 443 -15.68 -1.41 45.70
N ARG K 444 -15.06 -2.25 46.51
CA ARG K 444 -14.32 -3.37 45.98
C ARG K 444 -15.19 -4.49 45.42
N ARG K 445 -16.40 -4.64 45.93
CA ARG K 445 -17.25 -5.72 45.44
C ARG K 445 -17.72 -5.46 44.03
N GLU K 446 -17.82 -4.18 43.72
CA GLU K 446 -18.24 -3.68 42.43
C GLU K 446 -17.12 -4.04 41.45
N GLU K 447 -15.87 -3.88 41.91
CA GLU K 447 -14.71 -4.21 41.09
C GLU K 447 -14.65 -5.72 40.93
N ASP K 448 -14.79 -6.43 42.04
CA ASP K 448 -14.75 -7.89 42.00
C ASP K 448 -15.78 -8.43 41.00
N ASP K 449 -16.93 -7.74 40.92
CA ASP K 449 -17.99 -8.18 40.02
C ASP K 449 -17.68 -8.09 38.55
N ARG K 450 -16.97 -7.04 38.17
CA ARG K 450 -16.59 -6.84 36.78
C ARG K 450 -15.77 -8.04 36.33
N VAL K 451 -14.82 -8.42 37.15
CA VAL K 451 -13.97 -9.52 36.81
C VAL K 451 -14.71 -10.85 36.86
N ARG K 452 -15.59 -11.03 37.82
CA ARG K 452 -16.32 -12.29 37.93
C ARG K 452 -17.33 -12.48 36.81
N MET K 453 -17.91 -11.38 36.36
CA MET K 453 -18.93 -11.44 35.34
C MET K 453 -18.50 -11.38 33.89
N THR K 454 -17.29 -10.87 33.61
CA THR K 454 -16.81 -10.75 32.24
C THR K 454 -16.06 -11.97 31.75
N PRO K 455 -16.51 -12.57 30.64
CA PRO K 455 -15.81 -13.76 30.13
C PRO K 455 -14.32 -13.51 30.00
N HIS K 456 -13.54 -14.50 30.37
CA HIS K 456 -12.09 -14.42 30.31
C HIS K 456 -11.57 -15.08 29.06
N PRO K 457 -10.60 -14.46 28.38
CA PRO K 457 -10.02 -15.03 27.15
C PRO K 457 -9.69 -16.51 27.29
N VAL K 458 -9.14 -16.89 28.43
CA VAL K 458 -8.75 -18.28 28.67
C VAL K 458 -9.94 -19.23 28.69
N GLU K 459 -11.11 -18.70 29.02
CA GLU K 459 -12.31 -19.52 29.05
C GLU K 459 -12.64 -20.01 27.66
N PHE K 460 -12.24 -19.24 26.65
CA PHE K 460 -12.50 -19.65 25.24
C PHE K 460 -11.55 -20.79 24.86
N GLU K 461 -10.31 -20.66 25.27
CA GLU K 461 -9.33 -21.65 25.00
C GLU K 461 -9.78 -22.96 25.63
N LEU K 462 -10.21 -22.87 26.87
CA LEU K 462 -10.67 -24.01 27.67
C LEU K 462 -12.05 -24.56 27.29
N TYR K 463 -13.03 -23.69 26.97
CA TYR K 463 -14.37 -24.20 26.74
C TYR K 463 -15.05 -23.84 25.41
N TYR K 464 -14.44 -23.17 24.45
CA TYR K 464 -15.18 -22.83 23.24
C TYR K 464 -15.72 -24.09 22.50
N SER K 465 -14.91 -25.15 22.48
CA SER K 465 -15.26 -26.40 21.79
C SER K 465 -15.99 -27.42 22.65
N VAL K 466 -16.52 -26.95 23.75
CA VAL K 466 -17.23 -27.78 24.68
C VAL K 466 -18.46 -28.43 24.06
N GLU L 1 -7.95 58.46 28.59
CA GLU L 1 -6.54 58.86 28.66
C GLU L 1 -5.65 57.70 29.04
N HIS L 2 -6.20 56.85 29.90
CA HIS L 2 -5.51 55.66 30.36
C HIS L 2 -5.28 54.78 29.14
N VAL L 3 -6.26 54.78 28.25
CA VAL L 3 -6.19 54.02 27.03
C VAL L 3 -5.08 54.55 26.14
N LEU L 4 -5.05 55.86 25.94
CA LEU L 4 -4.03 56.46 25.10
C LEU L 4 -2.61 56.24 25.63
N THR L 5 -2.48 55.98 26.93
CA THR L 5 -1.15 55.72 27.49
C THR L 5 -0.80 54.24 27.35
N MET L 6 -1.82 53.38 27.39
CA MET L 6 -1.62 51.93 27.22
C MET L 6 -1.16 51.68 25.80
N LEU L 7 -1.61 52.54 24.87
CA LEU L 7 -1.21 52.44 23.47
C LEU L 7 0.28 52.67 23.30
N ASN L 8 0.83 53.61 24.07
CA ASN L 8 2.26 53.91 23.98
C ASN L 8 3.13 52.97 24.80
N GLU L 9 2.60 52.60 25.96
CA GLU L 9 3.29 51.74 26.92
C GLU L 9 3.53 50.34 26.35
N HIS L 10 2.58 49.86 25.58
CA HIS L 10 2.68 48.53 24.97
C HIS L 10 2.98 48.59 23.47
N GLU L 11 3.24 49.79 22.95
CA GLU L 11 3.55 50.00 21.52
C GLU L 11 2.53 49.26 20.66
N VAL L 12 1.27 49.52 20.96
CA VAL L 12 0.16 48.90 20.27
C VAL L 12 0.06 49.31 18.81
N LYS L 13 -0.14 48.31 17.96
CA LYS L 13 -0.28 48.54 16.53
C LYS L 13 -1.75 48.46 16.12
N PHE L 14 -2.55 47.71 16.88
CA PHE L 14 -3.97 47.57 16.56
C PHE L 14 -4.89 47.57 17.75
N VAL L 15 -6.14 47.89 17.49
CA VAL L 15 -7.16 47.92 18.50
C VAL L 15 -8.25 46.99 18.00
N ASP L 16 -8.56 45.98 18.81
CA ASP L 16 -9.55 45.00 18.45
C ASP L 16 -10.83 45.31 19.21
N LEU L 17 -11.81 45.77 18.46
CA LEU L 17 -13.12 46.15 18.98
C LEU L 17 -13.99 44.93 19.13
N ARG L 18 -14.44 44.65 20.35
CA ARG L 18 -15.27 43.49 20.57
C ARG L 18 -16.67 43.70 21.10
N PHE L 19 -17.54 42.79 20.70
CA PHE L 19 -18.91 42.82 21.13
C PHE L 19 -19.54 41.43 21.01
N THR L 20 -20.75 41.27 21.56
CA THR L 20 -21.43 39.98 21.56
C THR L 20 -22.74 40.02 20.80
N ASP L 21 -23.07 38.94 20.11
CA ASP L 21 -24.31 38.91 19.37
C ASP L 21 -25.39 38.31 20.24
N THR L 22 -26.59 38.22 19.71
CA THR L 22 -27.70 37.69 20.46
C THR L 22 -27.44 36.27 20.99
N LYS L 23 -26.83 35.42 20.18
CA LYS L 23 -26.57 34.05 20.61
C LYS L 23 -25.56 33.95 21.73
N GLY L 24 -24.74 34.99 21.86
CA GLY L 24 -23.76 35.02 22.94
C GLY L 24 -22.33 34.93 22.50
N LYS L 25 -22.14 34.94 21.19
CA LYS L 25 -20.82 34.80 20.62
C LYS L 25 -20.09 36.10 20.45
N GLU L 26 -18.89 36.19 21.02
CA GLU L 26 -18.07 37.39 20.92
C GLU L 26 -17.68 37.62 19.47
N GLN L 27 -17.77 38.87 19.03
CA GLN L 27 -17.45 39.26 17.66
C GLN L 27 -16.39 40.33 17.71
N HIS L 28 -15.73 40.60 16.59
CA HIS L 28 -14.69 41.62 16.58
C HIS L 28 -14.37 42.18 15.22
N VAL L 29 -13.75 43.35 15.26
CA VAL L 29 -13.30 44.06 14.08
C VAL L 29 -12.08 44.82 14.58
N THR L 30 -11.09 45.00 13.70
CA THR L 30 -9.85 45.63 14.10
C THR L 30 -9.53 46.90 13.34
N ILE L 31 -8.95 47.87 14.05
CA ILE L 31 -8.53 49.12 13.42
C ILE L 31 -7.12 49.41 13.91
N PRO L 32 -6.31 50.07 13.07
CA PRO L 32 -4.94 50.42 13.42
C PRO L 32 -4.99 51.34 14.62
N ALA L 33 -3.99 51.28 15.48
CA ALA L 33 -3.99 52.14 16.66
C ALA L 33 -4.11 53.62 16.28
N HIS L 34 -3.51 54.00 15.17
CA HIS L 34 -3.55 55.38 14.70
C HIS L 34 -4.94 55.91 14.34
N GLN L 35 -5.95 55.04 14.40
CA GLN L 35 -7.32 55.44 14.11
C GLN L 35 -8.06 55.81 15.39
N VAL L 36 -7.36 55.66 16.51
CA VAL L 36 -7.90 55.99 17.83
C VAL L 36 -7.59 57.43 18.19
N ASN L 37 -8.63 58.24 18.23
CA ASN L 37 -8.53 59.65 18.53
C ASN L 37 -9.60 60.05 19.51
N ALA L 38 -9.73 61.35 19.77
CA ALA L 38 -10.71 61.86 20.70
C ALA L 38 -12.13 61.51 20.24
N GLU L 39 -12.38 61.71 18.96
CA GLU L 39 -13.69 61.43 18.36
C GLU L 39 -14.16 60.02 18.67
N PHE L 40 -13.29 59.07 18.36
CA PHE L 40 -13.50 57.65 18.61
C PHE L 40 -14.27 57.34 19.90
N PHE L 41 -13.83 57.93 21.01
CA PHE L 41 -14.51 57.72 22.28
C PHE L 41 -15.85 58.37 22.49
N GLU L 42 -16.05 59.53 21.90
CA GLU L 42 -17.31 60.23 22.08
C GLU L 42 -18.37 59.83 21.09
N GLU L 43 -17.96 59.52 19.86
CA GLU L 43 -18.93 59.11 18.85
C GLU L 43 -18.80 57.69 18.28
N GLY L 44 -17.81 56.95 18.74
CA GLY L 44 -17.60 55.59 18.27
C GLY L 44 -17.32 55.46 16.79
N LYS L 45 -17.52 54.24 16.25
CA LYS L 45 -17.31 53.95 14.84
C LYS L 45 -18.57 53.32 14.27
N MET L 46 -18.81 53.55 12.99
CA MET L 46 -20.00 53.03 12.30
C MET L 46 -19.79 51.66 11.71
N PHE L 47 -20.84 50.84 11.74
CA PHE L 47 -20.79 49.53 11.13
C PHE L 47 -22.17 49.05 10.71
N ASP L 48 -22.17 48.06 9.83
CA ASP L 48 -23.39 47.49 9.29
C ASP L 48 -24.11 46.59 10.27
N GLY L 49 -25.32 46.99 10.65
CA GLY L 49 -26.10 46.19 11.57
C GLY L 49 -26.63 44.92 10.93
N SER L 50 -27.20 45.04 9.74
CA SER L 50 -27.80 43.90 9.01
C SER L 50 -26.97 42.62 8.90
N SER L 51 -25.68 42.69 9.20
CA SER L 51 -24.77 41.55 9.12
C SER L 51 -24.84 40.51 10.25
N ILE L 52 -25.23 40.98 11.43
CA ILE L 52 -25.36 40.12 12.61
C ILE L 52 -26.75 39.48 12.65
N GLY L 53 -26.81 38.21 13.01
CA GLY L 53 -28.10 37.53 13.06
C GLY L 53 -29.07 38.10 14.06
N GLY L 54 -30.32 38.31 13.64
CA GLY L 54 -31.34 38.81 14.52
C GLY L 54 -31.25 40.30 14.84
N TRP L 55 -30.51 41.05 14.03
CA TRP L 55 -30.41 42.47 14.33
C TRP L 55 -31.23 43.29 13.34
N LYS L 56 -30.71 44.42 12.87
CA LYS L 56 -31.46 45.29 11.95
C LYS L 56 -31.78 44.56 10.62
N GLY L 57 -32.93 44.86 10.04
CA GLY L 57 -33.31 44.20 8.81
C GLY L 57 -32.92 44.99 7.55
N ILE L 58 -33.81 44.89 6.55
CA ILE L 58 -33.65 45.51 5.24
C ILE L 58 -33.43 47.01 5.19
N ASN L 59 -33.98 47.79 6.10
CA ASN L 59 -33.91 49.23 5.88
C ASN L 59 -32.99 50.04 6.72
N GLU L 60 -32.83 49.64 7.97
CA GLU L 60 -32.05 50.39 8.97
C GLU L 60 -30.71 49.80 9.33
N SER L 61 -29.92 49.44 8.37
CA SER L 61 -28.64 48.78 8.65
C SER L 61 -27.66 49.45 9.59
N ASP L 62 -27.34 50.70 9.33
CA ASP L 62 -26.26 51.30 10.12
C ASP L 62 -26.48 51.65 11.59
N MET L 63 -25.45 51.27 12.36
CA MET L 63 -25.40 51.40 13.80
C MET L 63 -24.02 51.80 14.34
N VAL L 64 -23.96 52.10 15.63
CA VAL L 64 -22.73 52.54 16.28
C VAL L 64 -22.04 51.60 17.27
N LEU L 65 -20.71 51.52 17.13
CA LEU L 65 -19.87 50.73 18.02
C LEU L 65 -19.26 51.71 19.00
N MET L 66 -19.71 51.65 20.26
CA MET L 66 -19.20 52.60 21.24
C MET L 66 -18.17 51.98 22.17
N PRO L 67 -16.91 52.34 21.99
CA PRO L 67 -15.86 51.79 22.85
C PRO L 67 -16.06 52.14 24.30
N ASP L 68 -15.90 51.13 25.15
CA ASP L 68 -16.03 51.31 26.59
C ASP L 68 -14.59 51.26 27.10
N ALA L 69 -14.02 52.44 27.31
CA ALA L 69 -12.64 52.59 27.75
C ALA L 69 -12.25 51.85 29.02
N SER L 70 -13.23 51.45 29.81
CA SER L 70 -12.90 50.73 31.05
C SER L 70 -12.45 49.29 30.79
N THR L 71 -12.81 48.76 29.63
CA THR L 71 -12.52 47.39 29.24
C THR L 71 -11.18 47.11 28.56
N ALA L 72 -10.38 48.14 28.33
CA ALA L 72 -9.11 47.96 27.64
C ALA L 72 -8.17 46.92 28.23
N VAL L 73 -7.80 45.95 27.40
CA VAL L 73 -6.88 44.90 27.81
C VAL L 73 -6.17 44.36 26.59
N ILE L 74 -4.89 44.07 26.77
CA ILE L 74 -4.02 43.54 25.73
C ILE L 74 -4.37 42.11 25.34
N ASP L 75 -4.34 41.80 24.04
CA ASP L 75 -4.61 40.44 23.59
C ASP L 75 -3.30 39.69 23.74
N PRO L 76 -3.33 38.56 24.46
CA PRO L 76 -2.15 37.74 24.70
C PRO L 76 -1.78 36.74 23.65
N PHE L 77 -2.57 36.66 22.58
CA PHE L 77 -2.32 35.70 21.52
C PHE L 77 -1.89 36.29 20.18
N PHE L 78 -2.50 37.39 19.78
CA PHE L 78 -2.17 38.02 18.50
C PHE L 78 -0.66 38.30 18.40
N ALA L 79 -0.12 38.17 17.18
CA ALA L 79 1.30 38.35 16.93
C ALA L 79 1.83 39.77 17.05
N ASP L 80 1.00 40.73 16.64
CA ASP L 80 1.31 42.15 16.68
C ASP L 80 0.59 42.71 17.88
N SER L 81 1.23 43.60 18.64
CA SER L 81 0.62 44.18 19.83
C SER L 81 -0.75 44.78 19.58
N THR L 82 -1.76 44.23 20.22
CA THR L 82 -3.10 44.77 20.00
C THR L 82 -3.91 44.85 21.26
N LEU L 83 -4.67 45.94 21.33
CA LEU L 83 -5.47 46.23 22.48
C LEU L 83 -6.93 45.96 22.22
N ILE L 84 -7.52 45.21 23.13
CA ILE L 84 -8.92 44.87 23.02
C ILE L 84 -9.75 45.89 23.77
N ILE L 85 -10.84 46.35 23.15
CA ILE L 85 -11.74 47.29 23.76
C ILE L 85 -13.15 46.81 23.46
N ARG L 86 -13.86 46.44 24.51
CA ARG L 86 -15.23 45.97 24.41
C ARG L 86 -16.07 47.19 24.04
N CYS L 87 -17.14 46.99 23.28
CA CYS L 87 -17.97 48.10 22.83
C CYS L 87 -19.42 47.82 23.06
N ASP L 88 -20.25 48.86 23.15
CA ASP L 88 -21.70 48.65 23.28
C ASP L 88 -22.21 49.03 21.90
N ILE L 89 -23.41 48.59 21.58
CA ILE L 89 -24.00 48.90 20.28
C ILE L 89 -25.08 49.94 20.53
N LEU L 90 -24.88 51.12 19.97
CA LEU L 90 -25.82 52.21 20.16
C LEU L 90 -26.55 52.55 18.88
N GLU L 91 -27.77 53.07 19.05
CA GLU L 91 -28.61 53.49 17.93
C GLU L 91 -27.94 54.80 17.46
N PRO L 92 -27.80 55.01 16.13
CA PRO L 92 -27.16 56.24 15.63
C PRO L 92 -27.94 57.52 15.95
N GLY L 93 -27.20 58.59 16.20
CA GLY L 93 -27.83 59.87 16.51
C GLY L 93 -28.26 59.89 17.96
N THR L 94 -29.27 59.09 18.28
CA THR L 94 -29.79 59.01 19.64
C THR L 94 -28.68 58.51 20.58
N LEU L 95 -27.80 57.66 20.05
CA LEU L 95 -26.70 57.06 20.82
C LEU L 95 -27.25 56.44 22.09
N GLN L 96 -28.40 55.79 21.94
CA GLN L 96 -29.09 55.25 23.10
C GLN L 96 -28.61 53.90 23.64
N GLY L 97 -28.58 52.92 22.81
CA GLY L 97 -28.26 51.59 23.25
C GLY L 97 -29.32 50.73 22.63
N TYR L 98 -28.87 50.00 21.63
CA TYR L 98 -29.70 49.13 20.83
C TYR L 98 -30.52 48.15 21.68
N ASP L 99 -31.80 48.06 21.38
CA ASP L 99 -32.72 47.19 22.09
C ASP L 99 -32.25 45.75 22.09
N ARG L 100 -31.64 45.35 20.98
CA ARG L 100 -31.17 43.99 20.81
C ARG L 100 -29.71 43.75 21.22
N ASP L 101 -29.01 44.78 21.69
CA ASP L 101 -27.61 44.62 22.14
C ASP L 101 -27.64 44.02 23.55
N PRO L 102 -27.17 42.78 23.70
CA PRO L 102 -27.14 42.06 24.96
C PRO L 102 -26.36 42.76 26.04
N ARG L 103 -25.37 43.57 25.69
CA ARG L 103 -24.63 44.22 26.76
C ARG L 103 -25.43 45.40 27.25
N SER L 104 -26.10 46.09 26.33
CA SER L 104 -26.94 47.23 26.69
C SER L 104 -28.06 46.74 27.59
N ILE L 105 -28.63 45.59 27.23
CA ILE L 105 -29.71 44.98 27.99
C ILE L 105 -29.29 44.64 29.40
N ALA L 106 -28.07 44.15 29.54
CA ALA L 106 -27.56 43.78 30.84
C ALA L 106 -27.32 45.04 31.65
N LYS L 107 -26.85 46.10 31.00
CA LYS L 107 -26.60 47.36 31.71
C LYS L 107 -27.94 47.92 32.19
N ARG L 108 -28.94 47.89 31.30
CA ARG L 108 -30.27 48.39 31.63
C ARG L 108 -30.82 47.69 32.88
N ALA L 109 -30.53 46.40 32.97
CA ALA L 109 -31.00 45.61 34.09
C ALA L 109 -30.30 46.00 35.38
N GLU L 110 -29.04 46.41 35.30
CA GLU L 110 -28.32 46.80 36.50
C GLU L 110 -28.86 48.16 36.94
N ASP L 111 -29.24 48.97 35.95
CA ASP L 111 -29.81 50.29 36.21
C ASP L 111 -31.12 50.13 36.95
N TYR L 112 -32.05 49.36 36.36
CA TYR L 112 -33.35 49.10 36.95
C TYR L 112 -33.27 48.58 38.39
N LEU L 113 -32.17 47.89 38.72
CA LEU L 113 -31.97 47.35 40.06
C LEU L 113 -31.83 48.56 40.99
N ARG L 114 -30.89 49.44 40.66
CA ARG L 114 -30.64 50.64 41.45
C ARG L 114 -31.90 51.50 41.54
N ALA L 115 -32.61 51.62 40.42
CA ALA L 115 -33.84 52.40 40.35
C ALA L 115 -34.92 51.95 41.34
N THR L 116 -35.22 50.65 41.37
CA THR L 116 -36.23 50.13 42.29
C THR L 116 -35.76 50.35 43.71
N GLY L 117 -34.48 50.66 43.85
CA GLY L 117 -33.88 50.87 45.15
C GLY L 117 -33.76 49.59 45.97
N ILE L 118 -34.09 48.45 45.37
CA ILE L 118 -33.99 47.17 46.09
C ILE L 118 -32.57 46.88 46.54
N ALA L 119 -31.59 47.29 45.73
CA ALA L 119 -30.15 47.11 46.03
C ALA L 119 -29.40 47.99 45.06
N ASP L 120 -28.09 48.15 45.26
CA ASP L 120 -27.32 48.99 44.35
C ASP L 120 -26.35 48.26 43.42
N THR L 121 -26.11 46.97 43.69
CA THR L 121 -25.23 46.13 42.86
C THR L 121 -25.64 44.66 42.95
N VAL L 122 -25.50 43.94 41.83
CA VAL L 122 -25.80 42.50 41.77
C VAL L 122 -24.49 41.74 41.64
N LEU L 123 -24.38 40.63 42.35
CA LEU L 123 -23.16 39.84 42.28
C LEU L 123 -23.34 38.49 41.63
N PHE L 124 -22.56 38.24 40.58
CA PHE L 124 -22.61 36.98 39.84
C PHE L 124 -21.31 36.21 39.89
N GLY L 125 -21.43 34.94 40.25
CA GLY L 125 -20.27 34.07 40.30
C GLY L 125 -20.60 32.81 39.52
N PRO L 126 -20.50 32.86 38.17
CA PRO L 126 -20.80 31.67 37.35
C PRO L 126 -19.62 30.71 37.33
N GLU L 127 -19.92 29.42 37.16
CA GLU L 127 -18.88 28.38 37.14
C GLU L 127 -18.95 27.60 35.85
N PRO L 128 -18.47 28.19 34.75
CA PRO L 128 -18.54 27.45 33.51
C PRO L 128 -17.52 26.33 33.45
N GLU L 129 -17.98 25.17 32.98
CA GLU L 129 -17.15 23.98 32.80
C GLU L 129 -16.95 23.82 31.30
N PHE L 130 -15.95 23.04 30.89
CA PHE L 130 -15.73 22.86 29.47
C PHE L 130 -14.97 21.57 29.18
N PHE L 131 -14.88 21.22 27.89
CA PHE L 131 -14.16 20.03 27.46
C PHE L 131 -13.00 20.39 26.56
N LEU L 132 -11.93 19.62 26.69
CA LEU L 132 -10.74 19.78 25.86
C LEU L 132 -10.51 18.50 25.06
N PHE L 133 -10.63 18.56 23.73
CA PHE L 133 -10.46 17.39 22.89
C PHE L 133 -9.27 17.56 21.97
N ASP L 134 -8.96 16.50 21.23
CA ASP L 134 -7.87 16.51 20.28
C ASP L 134 -8.45 16.55 18.86
N ASP L 135 -9.60 15.92 18.67
CA ASP L 135 -10.23 15.81 17.36
C ASP L 135 -11.73 15.87 17.52
N ILE L 136 -12.38 16.69 16.69
CA ILE L 136 -13.82 16.81 16.67
C ILE L 136 -14.21 16.86 15.22
N ARG L 137 -15.06 15.93 14.80
CA ARG L 137 -15.51 15.79 13.43
C ARG L 137 -17.00 15.64 13.41
N PHE L 138 -17.67 16.29 12.48
CA PHE L 138 -19.10 16.13 12.37
C PHE L 138 -19.59 16.64 11.03
N GLY L 139 -20.81 16.25 10.68
CA GLY L 139 -21.38 16.66 9.43
C GLY L 139 -22.79 16.13 9.30
N ALA L 140 -23.50 16.62 8.30
CA ALA L 140 -24.87 16.19 8.04
C ALA L 140 -25.19 16.61 6.64
N SER L 141 -25.67 15.64 5.87
CA SER L 141 -26.05 15.88 4.50
C SER L 141 -27.25 14.97 4.25
N ILE L 142 -27.72 14.96 3.02
CA ILE L 142 -28.89 14.16 2.73
C ILE L 142 -28.70 12.67 3.04
N SER L 143 -27.51 12.15 2.80
CA SER L 143 -27.30 10.73 3.00
C SER L 143 -26.88 10.30 4.39
N GLY L 144 -26.88 11.22 5.34
CA GLY L 144 -26.55 10.83 6.70
C GLY L 144 -26.03 11.95 7.54
N SER L 145 -25.42 11.60 8.65
CA SER L 145 -24.86 12.59 9.56
C SER L 145 -24.01 11.87 10.59
N HIS L 146 -23.16 12.61 11.27
CA HIS L 146 -22.32 11.98 12.28
C HIS L 146 -21.59 12.97 13.12
N VAL L 147 -21.04 12.46 14.23
CA VAL L 147 -20.20 13.23 15.13
C VAL L 147 -19.25 12.25 15.76
N ALA L 148 -18.00 12.63 15.71
CA ALA L 148 -16.95 11.81 16.29
C ALA L 148 -16.07 12.61 17.19
N ILE L 149 -15.92 12.21 18.43
CA ILE L 149 -15.10 12.95 19.38
C ILE L 149 -13.85 12.17 19.70
N ASP L 150 -12.73 12.85 19.90
CA ASP L 150 -11.56 12.10 20.27
C ASP L 150 -10.62 12.91 21.13
N ASP L 151 -10.08 12.25 22.14
CA ASP L 151 -9.13 12.87 23.02
C ASP L 151 -8.24 11.81 23.62
N ILE L 152 -7.02 12.20 23.92
CA ILE L 152 -6.07 11.26 24.47
C ILE L 152 -6.53 10.71 25.83
N GLU L 153 -7.43 11.42 26.49
CA GLU L 153 -7.93 10.99 27.78
C GLU L 153 -9.15 10.11 27.67
N GLY L 154 -9.80 10.12 26.53
CA GLY L 154 -10.99 9.30 26.38
C GLY L 154 -10.79 7.86 26.80
N ALA L 155 -11.67 7.36 27.64
CA ALA L 155 -11.54 5.99 28.11
C ALA L 155 -11.50 4.99 26.97
N TRP L 156 -12.19 5.30 25.88
CA TRP L 156 -12.24 4.41 24.73
C TRP L 156 -10.90 4.16 24.10
N ASN L 157 -9.94 5.04 24.35
CA ASN L 157 -8.61 4.88 23.78
C ASN L 157 -7.73 3.93 24.56
N SER L 158 -8.31 3.25 25.54
CA SER L 158 -7.52 2.30 26.32
C SER L 158 -7.01 1.20 25.38
N SER L 159 -7.70 1.01 24.26
CA SER L 159 -7.34 -0.01 23.29
C SER L 159 -6.67 0.49 22.03
N THR L 160 -6.55 1.80 21.88
CA THR L 160 -5.96 2.39 20.68
C THR L 160 -4.46 2.22 20.51
N LYS L 161 -4.04 1.92 19.29
CA LYS L 161 -2.62 1.76 19.02
C LYS L 161 -2.08 3.15 18.71
N TYR L 162 -0.99 3.50 19.37
CA TYR L 162 -0.36 4.81 19.16
C TYR L 162 1.03 4.60 18.61
N GLU L 163 1.48 5.58 17.83
CA GLU L 163 2.80 5.58 17.20
C GLU L 163 3.90 5.21 18.19
N GLY L 164 4.00 5.97 19.27
CA GLY L 164 5.03 5.68 20.27
C GLY L 164 4.58 4.84 21.44
N GLY L 165 3.51 4.08 21.24
CA GLY L 165 2.97 3.23 22.29
C GLY L 165 1.87 3.93 23.09
N ASN L 166 0.90 3.15 23.54
CA ASN L 166 -0.22 3.66 24.34
C ASN L 166 0.30 3.68 25.79
N LYS L 167 0.37 4.87 26.40
CA LYS L 167 0.90 5.01 27.76
C LYS L 167 -0.13 4.79 28.86
N GLY L 168 -1.30 4.54 28.36
CA GLY L 168 -2.50 4.28 29.06
C GLY L 168 -2.70 4.64 30.53
N HIS L 169 -2.82 5.92 30.89
CA HIS L 169 -3.30 6.30 32.24
C HIS L 169 -4.41 7.29 31.98
N ARG L 170 -5.60 6.78 31.84
CA ARG L 170 -6.72 7.61 31.47
C ARG L 170 -7.84 7.59 32.48
N PRO L 171 -8.57 8.69 32.56
CA PRO L 171 -9.70 8.81 33.47
C PRO L 171 -10.81 7.97 32.87
N GLY L 172 -11.37 7.07 33.67
CA GLY L 172 -12.46 6.25 33.18
C GLY L 172 -13.72 7.07 33.07
N VAL L 173 -14.82 6.46 32.61
CA VAL L 173 -16.08 7.20 32.49
C VAL L 173 -16.51 7.68 33.87
N LYS L 174 -16.85 8.97 33.97
CA LYS L 174 -17.25 9.60 35.24
C LYS L 174 -16.11 9.50 36.27
N GLY L 175 -14.89 9.24 35.83
CA GLY L 175 -13.79 9.06 36.78
C GLY L 175 -12.71 10.17 36.71
N GLY L 176 -13.09 11.36 36.28
CA GLY L 176 -12.15 12.44 36.15
C GLY L 176 -11.96 13.26 37.41
N TYR L 177 -12.82 13.08 38.42
CA TYR L 177 -12.66 13.91 39.62
C TYR L 177 -11.42 13.59 40.47
N PHE L 178 -10.34 14.27 40.02
CA PHE L 178 -9.03 14.56 40.65
C PHE L 178 -7.88 13.54 40.59
N PRO L 179 -7.94 12.41 39.88
CA PRO L 179 -6.69 11.66 39.83
C PRO L 179 -5.51 12.53 39.47
N VAL L 180 -4.44 12.46 40.22
CA VAL L 180 -3.27 13.30 39.86
C VAL L 180 -2.66 12.84 38.55
N PRO L 181 -1.85 13.70 37.92
CA PRO L 181 -1.19 13.31 36.67
C PRO L 181 -0.38 12.04 36.94
N PRO L 182 -0.12 11.26 35.89
CA PRO L 182 -0.53 11.48 34.51
C PRO L 182 -1.97 11.18 34.12
N VAL L 183 -2.79 10.67 35.02
CA VAL L 183 -4.18 10.39 34.64
C VAL L 183 -4.79 11.71 34.18
N ASP L 184 -4.54 12.76 34.94
CA ASP L 184 -5.03 14.09 34.57
C ASP L 184 -3.94 14.64 33.66
N SER L 185 -4.26 14.82 32.39
CA SER L 185 -3.27 15.29 31.43
C SER L 185 -3.28 16.79 31.22
N ALA L 186 -4.15 17.50 31.94
CA ALA L 186 -4.27 18.93 31.71
C ALA L 186 -3.83 19.93 32.76
N GLN L 187 -2.89 19.55 33.60
CA GLN L 187 -2.44 20.48 34.62
C GLN L 187 -1.78 21.70 34.01
N ASP L 188 -0.76 21.50 33.18
CA ASP L 188 -0.05 22.63 32.58
C ASP L 188 -0.99 23.56 31.81
N ILE L 189 -1.93 22.96 31.07
CA ILE L 189 -2.83 23.80 30.29
C ILE L 189 -3.81 24.56 31.17
N ARG L 190 -4.34 23.93 32.20
CA ARG L 190 -5.26 24.65 33.07
C ARG L 190 -4.55 25.84 33.71
N SER L 191 -3.28 25.68 34.06
CA SER L 191 -2.61 26.83 34.64
C SER L 191 -2.30 27.95 33.69
N GLU L 192 -1.96 27.62 32.44
CA GLU L 192 -1.71 28.67 31.46
C GLU L 192 -3.01 29.45 31.32
N MET L 193 -4.14 28.73 31.27
CA MET L 193 -5.42 29.40 31.16
C MET L 193 -5.60 30.35 32.33
N CYS L 194 -5.19 29.90 33.51
CA CYS L 194 -5.31 30.74 34.69
C CYS L 194 -4.44 31.99 34.60
N LEU L 195 -3.17 31.79 34.32
CA LEU L 195 -2.26 32.91 34.20
C LEU L 195 -2.76 33.91 33.18
N VAL L 196 -3.18 33.41 32.03
CA VAL L 196 -3.65 34.30 30.97
C VAL L 196 -4.93 35.00 31.37
N MET L 197 -5.83 34.27 32.02
CA MET L 197 -7.08 34.87 32.45
C MET L 197 -6.79 36.05 33.37
N GLU L 198 -5.83 35.87 34.26
CA GLU L 198 -5.47 36.93 35.16
C GLU L 198 -4.79 38.08 34.47
N GLN L 199 -3.98 37.79 33.46
CA GLN L 199 -3.33 38.86 32.71
C GLN L 199 -4.43 39.68 32.04
N MET L 200 -5.60 39.08 31.90
CA MET L 200 -6.70 39.78 31.26
C MET L 200 -7.72 40.34 32.24
N GLY L 201 -7.35 40.41 33.51
CA GLY L 201 -8.22 40.99 34.51
C GLY L 201 -9.12 40.11 35.34
N LEU L 202 -9.11 38.82 35.05
CA LEU L 202 -9.94 37.93 35.84
C LEU L 202 -9.16 37.54 37.07
N VAL L 203 -9.86 37.06 38.09
CA VAL L 203 -9.20 36.62 39.30
C VAL L 203 -9.59 35.16 39.47
N VAL L 204 -8.58 34.32 39.47
CA VAL L 204 -8.80 32.89 39.55
C VAL L 204 -8.79 32.36 40.96
N GLU L 205 -9.75 31.50 41.26
CA GLU L 205 -9.83 30.90 42.58
C GLU L 205 -9.33 29.47 42.61
N ALA L 206 -9.55 28.75 41.52
CA ALA L 206 -9.10 27.37 41.45
C ALA L 206 -9.24 26.77 40.07
N HIS L 207 -8.55 25.65 39.86
CA HIS L 207 -8.68 24.92 38.62
C HIS L 207 -8.50 23.44 38.90
N HIS L 208 -9.28 22.67 38.16
CA HIS L 208 -9.25 21.24 38.36
C HIS L 208 -9.89 20.50 37.20
N HIS L 209 -9.61 19.22 37.13
CA HIS L 209 -10.20 18.36 36.13
C HIS L 209 -11.62 18.14 36.57
N GLU L 210 -12.57 17.98 35.65
CA GLU L 210 -13.93 17.72 36.07
C GLU L 210 -14.23 16.23 36.01
N VAL L 211 -15.51 15.85 36.15
CA VAL L 211 -15.89 14.45 36.21
C VAL L 211 -15.71 13.59 34.98
N ALA L 212 -16.10 14.09 33.83
CA ALA L 212 -16.10 13.27 32.62
C ALA L 212 -14.72 12.87 32.11
N THR L 213 -14.68 11.72 31.45
CA THR L 213 -13.46 11.24 30.82
C THR L 213 -13.27 12.16 29.63
N ALA L 214 -12.17 12.02 28.91
CA ALA L 214 -11.99 12.78 27.71
C ALA L 214 -11.87 14.31 27.88
N GLY L 215 -11.25 14.79 28.95
CA GLY L 215 -10.94 16.21 29.08
C GLY L 215 -11.97 17.20 29.61
N GLN L 216 -12.83 16.81 30.52
CA GLN L 216 -13.69 17.86 31.07
C GLN L 216 -12.84 18.59 32.10
N ASN L 217 -12.87 19.92 32.08
CA ASN L 217 -12.06 20.70 32.99
C ASN L 217 -12.81 21.92 33.46
N GLU L 218 -12.26 22.60 34.47
CA GLU L 218 -12.89 23.81 35.00
C GLU L 218 -11.90 24.77 35.63
N VAL L 219 -12.09 26.05 35.32
CA VAL L 219 -11.31 27.15 35.91
C VAL L 219 -12.33 28.00 36.64
N ALA L 220 -12.18 28.07 37.95
CA ALA L 220 -13.09 28.86 38.78
C ALA L 220 -12.55 30.25 38.99
N THR L 221 -13.38 31.24 38.66
CA THR L 221 -12.99 32.62 38.81
C THR L 221 -13.85 33.35 39.85
N ARG L 222 -13.31 34.41 40.45
CA ARG L 222 -14.02 35.21 41.43
C ARG L 222 -15.17 35.95 40.77
N PHE L 223 -16.25 36.09 41.56
CA PHE L 223 -17.45 36.77 41.12
C PHE L 223 -17.11 38.21 40.81
N ASN L 224 -18.09 38.96 40.35
CA ASN L 224 -17.96 40.37 40.03
C ASN L 224 -19.36 40.89 39.79
N THR L 225 -19.50 42.20 39.57
CA THR L 225 -20.82 42.75 39.33
C THR L 225 -21.32 42.17 38.03
N MET L 226 -22.63 41.98 37.95
CA MET L 226 -23.27 41.32 36.79
C MET L 226 -22.66 41.62 35.41
N THR L 227 -22.80 42.86 34.91
CA THR L 227 -22.27 43.12 33.57
C THR L 227 -20.77 42.88 33.42
N LYS L 228 -19.98 43.22 34.43
CA LYS L 228 -18.54 43.00 34.32
C LYS L 228 -18.25 41.50 34.30
N LYS L 229 -19.11 40.70 34.93
CA LYS L 229 -18.88 39.27 34.96
C LYS L 229 -19.18 38.62 33.62
N ALA L 230 -20.23 39.09 32.95
CA ALA L 230 -20.57 38.58 31.64
C ALA L 230 -19.40 38.89 30.70
N ASP L 231 -18.80 40.07 30.89
CA ASP L 231 -17.65 40.45 30.09
C ASP L 231 -16.58 39.40 30.39
N GLU L 232 -16.36 39.12 31.68
CA GLU L 232 -15.39 38.13 32.09
C GLU L 232 -15.64 36.75 31.49
N ILE L 233 -16.91 36.38 31.35
CA ILE L 233 -17.26 35.09 30.76
C ILE L 233 -16.75 35.03 29.34
N GLN L 234 -17.00 36.09 28.59
CA GLN L 234 -16.56 36.18 27.20
C GLN L 234 -15.04 36.04 27.08
N ILE L 235 -14.33 36.70 28.00
CA ILE L 235 -12.87 36.66 28.03
C ILE L 235 -12.44 35.26 28.43
N TYR L 236 -13.13 34.75 29.39
CA TYR L 236 -12.88 33.41 29.88
C TYR L 236 -12.93 32.41 28.74
N LYS L 237 -14.03 32.44 27.99
CA LYS L 237 -14.19 31.54 26.87
C LYS L 237 -13.09 31.76 25.84
N TYR L 238 -12.78 33.03 25.60
CA TYR L 238 -11.77 33.37 24.64
C TYR L 238 -10.44 32.77 25.04
N VAL L 239 -10.08 32.92 26.31
CA VAL L 239 -8.82 32.38 26.77
C VAL L 239 -8.82 30.86 26.66
N VAL L 240 -9.90 30.23 27.11
CA VAL L 240 -9.99 28.79 27.04
C VAL L 240 -9.85 28.30 25.60
N HIS L 241 -10.63 28.87 24.70
CA HIS L 241 -10.59 28.48 23.30
C HIS L 241 -9.23 28.63 22.68
N ASN L 242 -8.60 29.77 22.94
CA ASN L 242 -7.31 30.04 22.35
C ASN L 242 -6.11 29.37 22.99
N VAL L 243 -6.14 29.16 24.30
CA VAL L 243 -5.01 28.47 24.90
C VAL L 243 -5.08 27.03 24.43
N ALA L 244 -6.29 26.49 24.35
CA ALA L 244 -6.47 25.13 23.89
C ALA L 244 -5.89 24.99 22.47
N HIS L 245 -6.28 25.92 21.61
CA HIS L 245 -5.82 25.93 20.22
C HIS L 245 -4.31 25.96 20.19
N ARG L 246 -3.70 26.82 21.00
CA ARG L 246 -2.25 26.91 21.02
C ARG L 246 -1.58 25.64 21.55
N PHE L 247 -2.30 24.86 22.33
CA PHE L 247 -1.74 23.62 22.87
C PHE L 247 -2.06 22.42 21.99
N GLY L 248 -2.69 22.67 20.85
CA GLY L 248 -3.01 21.56 19.97
C GLY L 248 -4.31 20.88 20.36
N LYS L 249 -5.14 21.56 21.12
CA LYS L 249 -6.42 20.98 21.49
C LYS L 249 -7.55 21.83 20.90
N THR L 250 -8.78 21.47 21.26
CA THR L 250 -9.92 22.22 20.79
C THR L 250 -10.90 22.15 21.95
N ALA L 251 -11.36 23.30 22.42
CA ALA L 251 -12.29 23.32 23.54
C ALA L 251 -13.70 23.62 23.15
N THR L 252 -14.64 23.05 23.90
CA THR L 252 -16.04 23.34 23.65
C THR L 252 -16.82 23.58 24.94
N PHE L 253 -17.73 24.54 24.87
CA PHE L 253 -18.58 24.85 26.01
C PHE L 253 -19.96 24.25 25.80
N MET L 254 -20.11 23.35 24.83
CA MET L 254 -21.40 22.69 24.58
C MET L 254 -21.81 22.04 25.89
N PRO L 255 -23.09 22.02 26.19
CA PRO L 255 -23.48 21.41 27.45
C PRO L 255 -23.41 19.89 27.57
N LYS L 256 -23.71 19.15 26.51
CA LYS L 256 -23.65 17.68 26.58
C LYS L 256 -23.06 17.10 25.31
N PRO L 257 -21.72 17.05 25.21
CA PRO L 257 -21.15 16.48 23.99
C PRO L 257 -21.21 14.97 23.95
N MET L 258 -21.30 14.35 25.12
CA MET L 258 -21.35 12.89 25.17
C MET L 258 -22.46 12.28 25.99
N PHE L 259 -23.09 11.29 25.40
CA PHE L 259 -24.12 10.58 26.13
C PHE L 259 -23.40 9.59 27.05
N GLY L 260 -23.75 9.53 28.32
CA GLY L 260 -23.10 8.55 29.17
C GLY L 260 -22.08 9.08 30.15
N ASP L 261 -21.77 10.37 30.03
CA ASP L 261 -20.86 10.98 30.96
C ASP L 261 -21.34 12.39 31.18
N ASN L 262 -20.78 13.03 32.19
CA ASN L 262 -21.11 14.38 32.59
C ASN L 262 -21.27 15.38 31.48
N GLY L 263 -22.18 16.33 31.68
CA GLY L 263 -22.34 17.40 30.73
C GLY L 263 -21.59 18.55 31.37
N SER L 264 -21.62 19.73 30.76
CA SER L 264 -20.95 20.86 31.35
C SER L 264 -22.01 21.85 31.75
N GLY L 265 -21.95 22.30 33.00
CA GLY L 265 -22.92 23.25 33.50
C GLY L 265 -22.27 24.57 33.83
N MET L 266 -23.08 25.56 34.12
CA MET L 266 -22.56 26.86 34.51
C MET L 266 -23.39 27.36 35.67
N HIS L 267 -23.13 26.82 36.85
CA HIS L 267 -23.83 27.22 38.05
C HIS L 267 -23.65 28.71 38.23
N CYS L 268 -24.70 29.37 38.70
CA CYS L 268 -24.61 30.80 38.95
C CYS L 268 -24.90 31.18 40.40
N HIS L 269 -23.87 31.65 41.07
CA HIS L 269 -23.99 32.11 42.43
C HIS L 269 -24.40 33.57 42.33
N MET L 270 -25.41 33.95 43.11
CA MET L 270 -25.88 35.33 43.12
C MET L 270 -26.19 35.86 44.51
N SER L 271 -26.16 37.17 44.63
CA SER L 271 -26.46 37.86 45.88
C SER L 271 -26.60 39.34 45.54
N LEU L 272 -27.32 40.07 46.38
CA LEU L 272 -27.51 41.50 46.16
C LEU L 272 -26.85 42.30 47.26
N ALA L 273 -26.59 43.57 47.00
CA ALA L 273 -25.95 44.39 47.99
C ALA L 273 -26.32 45.87 47.89
N LYS L 274 -26.22 46.55 49.05
CA LYS L 274 -26.48 47.97 49.15
C LYS L 274 -25.51 48.54 50.17
N ASN L 275 -24.85 49.62 49.78
CA ASN L 275 -23.86 50.32 50.61
C ASN L 275 -22.99 49.32 51.35
N GLY L 276 -22.39 48.41 50.59
CA GLY L 276 -21.50 47.43 51.17
C GLY L 276 -22.05 46.29 52.03
N THR L 277 -23.35 46.26 52.31
CA THR L 277 -23.89 45.16 53.11
C THR L 277 -24.58 44.12 52.24
N ASN L 278 -24.45 42.85 52.61
CA ASN L 278 -25.05 41.77 51.85
C ASN L 278 -26.54 41.58 52.15
N LEU L 279 -27.38 42.12 51.27
CA LEU L 279 -28.82 42.02 51.42
C LEU L 279 -29.40 40.60 51.47
N PHE L 280 -28.55 39.58 51.33
CA PHE L 280 -29.01 38.20 51.37
C PHE L 280 -28.79 37.47 52.68
N SER L 281 -28.04 38.05 53.62
CA SER L 281 -27.84 37.40 54.91
C SER L 281 -28.99 37.76 55.84
N GLY L 282 -29.39 36.81 56.67
CA GLY L 282 -30.49 37.05 57.59
C GLY L 282 -30.64 35.95 58.63
N ASP L 283 -31.79 35.93 59.29
CA ASP L 283 -32.08 34.95 60.33
C ASP L 283 -32.93 33.77 59.83
N LYS L 284 -33.45 33.90 58.62
CA LYS L 284 -34.28 32.85 58.00
C LYS L 284 -33.42 31.63 57.63
N TYR L 285 -34.01 30.68 56.90
CA TYR L 285 -33.31 29.44 56.49
C TYR L 285 -31.85 29.57 56.03
N ALA L 286 -31.01 28.71 56.59
CA ALA L 286 -29.59 28.67 56.25
C ALA L 286 -28.80 29.99 56.25
N GLY L 287 -29.31 30.99 56.97
CA GLY L 287 -28.60 32.26 57.05
C GLY L 287 -29.07 33.28 56.04
N LEU L 288 -30.22 33.02 55.43
CA LEU L 288 -30.79 33.91 54.41
C LEU L 288 -31.70 35.02 54.89
N SER L 289 -31.78 36.08 54.08
CA SER L 289 -32.66 37.22 54.35
C SER L 289 -33.99 36.84 53.70
N GLU L 290 -35.08 37.52 54.04
CA GLU L 290 -36.34 37.17 53.41
C GLU L 290 -36.32 37.65 51.98
N GLN L 291 -35.40 38.58 51.69
CA GLN L 291 -35.24 39.12 50.34
C GLN L 291 -34.72 38.03 49.42
N ALA L 292 -33.75 37.27 49.93
CA ALA L 292 -33.15 36.15 49.20
C ALA L 292 -34.23 35.14 48.81
N LEU L 293 -35.10 34.85 49.77
CA LEU L 293 -36.18 33.91 49.54
C LEU L 293 -37.14 34.37 48.46
N TYR L 294 -37.45 35.67 48.44
CA TYR L 294 -38.36 36.18 47.42
C TYR L 294 -37.67 36.06 46.07
N TYR L 295 -36.37 36.33 46.07
CA TYR L 295 -35.55 36.24 44.88
C TYR L 295 -35.67 34.81 44.35
N ILE L 296 -35.43 33.84 45.23
CA ILE L 296 -35.53 32.43 44.87
C ILE L 296 -36.90 32.13 44.29
N GLY L 297 -37.92 32.68 44.94
CA GLY L 297 -39.27 32.44 44.49
C GLY L 297 -39.44 32.95 43.08
N GLY L 298 -38.83 34.09 42.80
CA GLY L 298 -38.91 34.66 41.46
C GLY L 298 -38.28 33.75 40.44
N VAL L 299 -37.07 33.29 40.75
CA VAL L 299 -36.33 32.39 39.87
C VAL L 299 -37.15 31.14 39.61
N ILE L 300 -37.76 30.61 40.65
CA ILE L 300 -38.57 29.42 40.48
C ILE L 300 -39.83 29.69 39.67
N LYS L 301 -40.45 30.84 39.89
CA LYS L 301 -41.67 31.15 39.16
C LYS L 301 -41.40 31.26 37.68
N HIS L 302 -40.30 31.92 37.32
CA HIS L 302 -39.93 32.13 35.91
C HIS L 302 -38.83 31.20 35.34
N ALA L 303 -38.60 30.08 36.01
CA ALA L 303 -37.57 29.14 35.58
C ALA L 303 -37.64 28.77 34.11
N LYS L 304 -38.79 28.27 33.65
CA LYS L 304 -38.91 27.88 32.26
C LYS L 304 -38.56 29.00 31.27
N ALA L 305 -38.86 30.24 31.61
CA ALA L 305 -38.53 31.32 30.71
C ALA L 305 -37.04 31.60 30.78
N ILE L 306 -36.48 31.50 31.99
CA ILE L 306 -35.05 31.74 32.14
C ILE L 306 -34.27 30.70 31.34
N ASN L 307 -34.81 29.49 31.29
CA ASN L 307 -34.21 28.39 30.55
C ASN L 307 -33.89 28.78 29.13
N ALA L 308 -34.78 29.54 28.50
CA ALA L 308 -34.60 29.97 27.12
C ALA L 308 -33.34 30.79 26.94
N LEU L 309 -32.77 31.26 28.04
CA LEU L 309 -31.56 32.06 27.97
C LEU L 309 -30.38 31.39 28.64
N ALA L 310 -30.67 30.58 29.65
CA ALA L 310 -29.64 29.90 30.42
C ALA L 310 -29.33 28.52 29.87
N ASN L 311 -30.18 28.02 28.99
CA ASN L 311 -30.04 26.71 28.37
C ASN L 311 -30.66 26.94 27.00
N PRO L 312 -29.99 27.74 26.17
CA PRO L 312 -30.46 28.11 24.84
C PRO L 312 -30.22 27.20 23.68
N THR L 313 -29.86 25.95 23.95
CA THR L 313 -29.58 25.02 22.87
C THR L 313 -30.37 23.74 23.07
N THR L 314 -30.68 23.03 22.00
CA THR L 314 -31.40 21.75 22.15
C THR L 314 -30.50 20.82 22.96
N ASN L 315 -29.19 20.95 22.75
CA ASN L 315 -28.20 20.13 23.44
C ASN L 315 -28.29 20.32 24.94
N SER L 316 -28.65 21.54 25.36
CA SER L 316 -28.76 21.87 26.78
C SER L 316 -29.64 20.88 27.52
N TYR L 317 -30.70 20.43 26.81
CA TYR L 317 -31.69 19.54 27.40
C TYR L 317 -31.20 18.09 27.39
N LYS L 318 -30.02 17.84 26.92
CA LYS L 318 -29.54 16.49 26.98
C LYS L 318 -28.76 16.30 28.27
N ARG L 319 -28.52 17.44 28.93
CA ARG L 319 -27.85 17.50 30.24
C ARG L 319 -28.92 17.52 31.35
N LEU L 320 -29.99 18.25 31.06
CA LEU L 320 -31.12 18.37 31.97
C LEU L 320 -32.12 17.27 31.67
N VAL L 321 -31.81 16.08 32.14
CA VAL L 321 -32.68 14.94 31.94
C VAL L 321 -32.81 14.22 33.25
N PRO L 322 -33.99 13.58 33.42
CA PRO L 322 -34.18 12.82 34.65
C PRO L 322 -33.01 11.95 34.97
N GLY L 323 -32.02 12.53 35.67
CA GLY L 323 -30.85 11.82 36.11
C GLY L 323 -30.76 12.04 37.60
N TYR L 324 -29.76 11.48 38.26
CA TYR L 324 -29.71 11.66 39.72
C TYR L 324 -29.29 13.07 40.14
N GLU L 325 -28.15 13.48 39.63
CA GLU L 325 -27.58 14.78 39.94
C GLU L 325 -28.09 15.90 39.04
N ALA L 326 -29.03 15.55 38.16
CA ALA L 326 -29.62 16.53 37.25
C ALA L 326 -30.29 17.65 38.05
N PRO L 327 -29.78 18.88 37.91
CA PRO L 327 -30.25 20.10 38.59
C PRO L 327 -31.58 20.51 38.01
N VAL L 328 -32.53 19.58 37.95
CA VAL L 328 -33.82 19.91 37.35
C VAL L 328 -35.03 20.19 38.25
N MET L 329 -34.93 19.88 39.54
CA MET L 329 -36.04 20.10 40.45
C MET L 329 -36.03 21.55 40.92
N LEU L 330 -37.12 22.26 40.60
CA LEU L 330 -37.26 23.67 40.98
C LEU L 330 -37.50 23.84 42.49
N ALA L 331 -36.42 23.77 43.24
CA ALA L 331 -36.49 23.90 44.68
C ALA L 331 -35.14 24.33 45.26
N TYR L 332 -35.14 24.67 46.55
CA TYR L 332 -33.89 25.06 47.18
C TYR L 332 -33.59 24.17 48.35
N SER L 333 -32.31 24.13 48.72
CA SER L 333 -31.82 23.31 49.81
C SER L 333 -30.36 23.61 49.97
N ALA L 334 -29.82 23.29 51.15
CA ALA L 334 -28.42 23.53 51.43
C ALA L 334 -27.66 22.23 51.29
N ARG L 335 -28.38 21.16 51.03
CA ARG L 335 -27.77 19.85 50.89
C ARG L 335 -28.22 19.10 49.65
N ASN L 336 -29.51 18.78 49.58
CA ASN L 336 -30.09 18.05 48.46
C ASN L 336 -29.60 18.53 47.09
N ARG L 337 -28.62 17.82 46.52
CA ARG L 337 -28.11 18.21 45.21
C ARG L 337 -28.95 17.64 44.07
N SER L 338 -30.26 17.72 44.26
CA SER L 338 -31.28 17.31 43.31
C SER L 338 -31.93 18.63 42.96
N ALA L 339 -31.84 19.54 43.93
CA ALA L 339 -32.38 20.88 43.87
C ALA L 339 -31.55 21.74 42.95
N SER L 340 -32.22 22.43 42.02
CA SER L 340 -31.56 23.31 41.08
C SER L 340 -31.08 24.59 41.74
N ILE L 341 -31.46 24.77 43.01
CA ILE L 341 -31.01 25.94 43.76
C ILE L 341 -30.36 25.48 45.07
N ARG L 342 -29.03 25.57 45.13
CA ARG L 342 -28.31 25.19 46.35
C ARG L 342 -28.05 26.42 47.17
N ILE L 343 -28.03 26.22 48.47
CA ILE L 343 -27.69 27.30 49.37
C ILE L 343 -26.39 26.90 50.01
N PRO L 344 -25.31 27.58 49.60
CA PRO L 344 -23.96 27.33 50.11
C PRO L 344 -24.00 27.57 51.60
N VAL L 345 -23.41 26.67 52.37
CA VAL L 345 -23.35 26.88 53.80
C VAL L 345 -21.99 27.48 54.04
N VAL L 346 -21.99 28.73 54.46
CA VAL L 346 -20.75 29.45 54.72
C VAL L 346 -20.86 30.20 56.05
N ALA L 347 -19.72 30.46 56.70
CA ALA L 347 -19.69 31.14 57.98
C ALA L 347 -19.99 32.63 57.92
N SER L 348 -19.12 33.39 57.27
CA SER L 348 -19.29 34.84 57.17
C SER L 348 -20.60 35.20 56.49
N PRO L 349 -21.45 35.96 57.17
CA PRO L 349 -22.73 36.36 56.56
C PRO L 349 -22.48 37.25 55.35
N LYS L 350 -21.25 37.76 55.24
CA LYS L 350 -20.87 38.62 54.13
C LYS L 350 -20.85 37.84 52.81
N ALA L 351 -20.74 36.53 52.92
CA ALA L 351 -20.67 35.63 51.77
C ALA L 351 -21.94 34.80 51.51
N ARG L 352 -23.04 35.14 52.17
CA ARG L 352 -24.31 34.43 51.99
C ARG L 352 -24.83 34.71 50.57
N ARG L 353 -25.31 33.67 49.89
CA ARG L 353 -25.79 33.80 48.51
C ARG L 353 -26.56 32.55 48.07
N ILE L 354 -27.09 32.56 46.85
CA ILE L 354 -27.78 31.38 46.32
C ILE L 354 -27.06 30.88 45.07
N GLU L 355 -27.18 29.58 44.80
CA GLU L 355 -26.54 29.00 43.62
C GLU L 355 -27.58 28.36 42.71
N VAL L 356 -27.87 29.01 41.59
CA VAL L 356 -28.82 28.45 40.62
C VAL L 356 -27.99 27.53 39.72
N ARG L 357 -28.26 26.26 39.80
CA ARG L 357 -27.50 25.24 39.12
C ARG L 357 -27.83 24.86 37.67
N PHE L 358 -29.00 25.22 37.12
CA PHE L 358 -29.33 24.69 35.79
C PHE L 358 -28.71 25.36 34.54
N PRO L 359 -28.29 26.59 34.66
CA PRO L 359 -27.59 27.22 33.50
C PRO L 359 -26.47 26.40 32.87
N ASP L 360 -26.18 26.57 31.59
CA ASP L 360 -25.03 25.88 31.01
C ASP L 360 -24.18 26.93 30.30
N PRO L 361 -22.93 26.61 29.98
CA PRO L 361 -22.05 27.58 29.33
C PRO L 361 -22.44 28.07 27.96
N ALA L 362 -23.45 27.49 27.34
CA ALA L 362 -23.87 27.93 26.02
C ALA L 362 -24.66 29.24 26.14
N ALA L 363 -25.10 29.51 27.34
CA ALA L 363 -25.90 30.69 27.58
C ALA L 363 -25.19 31.99 27.31
N ASN L 364 -25.93 32.94 26.71
CA ASN L 364 -25.44 34.29 26.50
C ASN L 364 -25.20 34.88 27.90
N PRO L 365 -23.97 35.34 28.23
CA PRO L 365 -23.77 35.85 29.60
C PRO L 365 -24.81 36.86 30.04
N TYR L 366 -24.78 37.86 29.23
CA TYR L 366 -25.63 39.01 29.40
C TYR L 366 -27.09 38.66 29.59
N LEU L 367 -27.67 38.03 28.57
CA LEU L 367 -29.07 37.73 28.66
C LEU L 367 -29.42 36.75 29.77
N CYS L 368 -28.52 35.79 30.03
CA CYS L 368 -28.79 34.80 31.05
C CYS L 368 -28.77 35.45 32.41
N PHE L 369 -27.73 36.20 32.69
CA PHE L 369 -27.62 36.88 33.97
C PHE L 369 -28.79 37.83 34.17
N ALA L 370 -29.08 38.65 33.15
CA ALA L 370 -30.18 39.60 33.22
C ALA L 370 -31.51 38.92 33.56
N ALA L 371 -31.84 37.85 32.84
CA ALA L 371 -33.08 37.14 33.09
C ALA L 371 -33.14 36.58 34.51
N LEU L 372 -31.99 36.18 35.02
CA LEU L 372 -31.93 35.65 36.37
C LEU L 372 -32.29 36.77 37.36
N LEU L 373 -31.73 37.95 37.13
CA LEU L 373 -31.97 39.12 37.98
C LEU L 373 -33.42 39.53 37.97
N MET L 374 -33.92 39.85 36.78
CA MET L 374 -35.30 40.26 36.61
C MET L 374 -36.30 39.31 37.25
N ALA L 375 -36.01 38.01 37.18
CA ALA L 375 -36.90 37.03 37.80
C ALA L 375 -36.79 37.19 39.31
N GLY L 376 -35.58 37.44 39.79
CA GLY L 376 -35.37 37.61 41.22
C GLY L 376 -36.09 38.83 41.75
N LEU L 377 -35.96 39.95 41.04
CA LEU L 377 -36.59 41.21 41.40
C LEU L 377 -38.10 41.08 41.42
N ASP L 378 -38.64 40.44 40.40
CA ASP L 378 -40.07 40.24 40.35
C ASP L 378 -40.50 39.36 41.50
N GLY L 379 -39.57 38.57 42.03
CA GLY L 379 -39.89 37.69 43.13
C GLY L 379 -39.99 38.52 44.39
N ILE L 380 -39.18 39.56 44.44
CA ILE L 380 -39.14 40.48 45.56
C ILE L 380 -40.32 41.44 45.52
N LYS L 381 -40.39 42.24 44.46
CA LYS L 381 -41.47 43.20 44.29
C LYS L 381 -42.81 42.57 44.64
N ASN L 382 -43.00 41.31 44.25
CA ASN L 382 -44.26 40.62 44.52
C ASN L 382 -44.22 39.61 45.67
N LYS L 383 -43.21 39.76 46.54
CA LYS L 383 -43.04 38.90 47.71
C LYS L 383 -43.45 37.44 47.48
N ILE L 384 -42.91 36.87 46.41
CA ILE L 384 -43.22 35.51 46.03
C ILE L 384 -42.52 34.53 46.95
N HIS L 385 -43.28 33.89 47.83
CA HIS L 385 -42.67 32.96 48.73
C HIS L 385 -42.42 31.63 48.04
N PRO L 386 -41.17 31.23 48.26
CA PRO L 386 -40.49 29.95 47.91
C PRO L 386 -41.15 28.63 48.30
N GLY L 387 -41.84 28.68 49.41
CA GLY L 387 -42.43 27.52 49.98
C GLY L 387 -41.32 26.96 50.84
N GLU L 388 -41.43 25.69 51.23
CA GLU L 388 -40.41 25.07 52.07
C GLU L 388 -39.32 24.36 51.23
N PRO L 389 -38.10 24.28 51.81
CA PRO L 389 -36.94 23.66 51.14
C PRO L 389 -37.09 22.15 50.99
N MET L 390 -36.62 21.62 49.86
CA MET L 390 -36.67 20.17 49.62
C MET L 390 -35.38 19.58 50.14
N ASP L 391 -35.49 18.69 51.13
CA ASP L 391 -34.31 18.06 51.70
C ASP L 391 -34.40 16.53 51.57
N LYS L 392 -35.45 16.06 50.87
CA LYS L 392 -35.70 14.63 50.68
C LYS L 392 -34.78 13.98 49.63
N ASN L 393 -35.23 13.89 48.38
CA ASN L 393 -34.45 13.30 47.30
C ASN L 393 -34.86 13.83 45.92
N LEU L 394 -34.18 13.32 44.86
CA LEU L 394 -34.25 13.86 43.50
C LEU L 394 -35.49 13.38 42.73
N TYR L 395 -35.20 13.00 41.51
CA TYR L 395 -36.29 12.55 40.64
C TYR L 395 -36.55 11.08 40.71
N ASP L 396 -35.70 10.30 41.26
CA ASP L 396 -36.09 8.90 41.18
C ASP L 396 -36.37 8.53 42.61
N LEU L 397 -37.47 7.88 42.88
CA LEU L 397 -37.61 7.64 44.27
C LEU L 397 -36.99 8.77 44.99
N PRO L 398 -37.67 9.86 45.18
CA PRO L 398 -39.09 10.03 45.29
C PRO L 398 -39.99 9.07 44.47
N PRO L 399 -40.50 9.41 43.23
CA PRO L 399 -41.50 8.80 42.40
C PRO L 399 -42.74 8.30 43.18
N GLU L 400 -42.99 8.82 44.38
CA GLU L 400 -44.08 8.51 45.32
C GLU L 400 -45.41 9.09 44.82
N GLU L 401 -45.49 10.42 44.87
CA GLU L 401 -46.65 11.18 44.41
C GLU L 401 -46.44 11.52 42.92
N ALA L 402 -45.72 10.63 42.23
CA ALA L 402 -45.33 10.75 40.81
C ALA L 402 -44.33 11.93 40.76
N LYS L 403 -44.04 12.45 41.97
CA LYS L 403 -43.15 13.57 42.25
C LYS L 403 -43.20 14.75 41.28
N GLU L 404 -44.41 15.12 40.88
CA GLU L 404 -44.56 16.25 39.97
C GLU L 404 -44.55 17.57 40.72
N ILE L 405 -43.35 17.96 41.13
CA ILE L 405 -43.12 19.24 41.79
C ILE L 405 -42.58 20.13 40.65
N PRO L 406 -42.27 21.38 40.90
CA PRO L 406 -41.69 22.20 39.83
C PRO L 406 -40.59 21.67 38.96
N GLN L 407 -40.62 21.79 37.67
CA GLN L 407 -39.35 21.47 37.05
C GLN L 407 -38.96 22.40 35.91
N VAL L 408 -37.66 22.43 35.58
CA VAL L 408 -37.15 23.25 34.48
C VAL L 408 -37.72 22.72 33.18
N ALA L 409 -37.66 23.53 32.13
CA ALA L 409 -38.18 23.13 30.83
C ALA L 409 -37.54 21.83 30.38
N GLY L 410 -38.26 21.00 29.66
CA GLY L 410 -37.71 19.72 29.21
C GLY L 410 -37.22 19.69 27.78
N SER L 411 -37.35 20.82 27.10
CA SER L 411 -36.93 20.94 25.71
C SER L 411 -36.76 22.40 25.41
N LEU L 412 -36.01 22.72 24.38
CA LEU L 412 -35.80 24.12 24.02
C LEU L 412 -37.09 24.82 23.63
N GLU L 413 -37.92 24.16 22.84
CA GLU L 413 -39.17 24.72 22.37
C GLU L 413 -40.04 25.13 23.51
N GLU L 414 -40.13 24.25 24.50
CA GLU L 414 -40.92 24.48 25.69
C GLU L 414 -40.41 25.73 26.39
N ALA L 415 -39.09 25.85 26.47
CA ALA L 415 -38.48 27.00 27.12
C ALA L 415 -38.75 28.27 26.34
N LEU L 416 -38.68 28.16 25.02
CA LEU L 416 -38.91 29.33 24.19
C LEU L 416 -40.35 29.75 24.34
N ASN L 417 -41.25 28.78 24.38
CA ASN L 417 -42.66 29.10 24.54
C ASN L 417 -42.93 29.78 25.88
N ALA L 418 -42.27 29.31 26.93
CA ALA L 418 -42.41 29.90 28.25
C ALA L 418 -41.95 31.35 28.19
N LEU L 419 -40.81 31.56 27.56
CA LEU L 419 -40.27 32.90 27.44
C LEU L 419 -41.28 33.76 26.72
N ASP L 420 -41.95 33.20 25.71
CA ASP L 420 -42.94 33.95 24.94
C ASP L 420 -44.03 34.47 25.85
N LEU L 421 -44.71 33.54 26.52
CA LEU L 421 -45.81 33.84 27.41
C LEU L 421 -45.45 34.61 28.66
N ASP L 422 -44.41 34.15 29.33
CA ASP L 422 -43.98 34.75 30.59
C ASP L 422 -42.95 35.86 30.46
N ARG L 423 -43.15 36.74 29.48
CA ARG L 423 -42.21 37.83 29.24
C ARG L 423 -42.34 39.11 30.05
N GLU L 424 -43.46 39.29 30.74
CA GLU L 424 -43.63 40.54 31.49
C GLU L 424 -42.50 40.89 32.43
N PHE L 425 -42.09 39.95 33.28
CA PHE L 425 -41.03 40.23 34.24
C PHE L 425 -39.72 40.71 33.61
N LEU L 426 -39.55 40.44 32.32
CA LEU L 426 -38.35 40.85 31.59
C LEU L 426 -38.51 42.24 31.00
N LYS L 427 -39.74 42.58 30.60
CA LYS L 427 -40.04 43.89 30.02
C LYS L 427 -40.05 45.00 31.06
N ALA L 428 -40.14 44.61 32.33
CA ALA L 428 -40.14 45.53 33.46
C ALA L 428 -38.97 46.48 33.32
N GLY L 429 -39.21 47.74 33.61
CA GLY L 429 -38.15 48.73 33.52
C GLY L 429 -37.69 48.98 32.10
N GLY L 430 -38.38 48.41 31.11
CA GLY L 430 -37.99 48.59 29.71
C GLY L 430 -36.65 47.96 29.34
N VAL L 431 -36.23 46.98 30.15
CA VAL L 431 -34.97 46.25 29.96
C VAL L 431 -35.02 45.44 28.68
N PHE L 432 -36.01 44.55 28.59
CA PHE L 432 -36.22 43.72 27.40
C PHE L 432 -37.43 44.23 26.62
N THR L 433 -37.29 44.43 25.32
CA THR L 433 -38.42 44.85 24.51
C THR L 433 -39.04 43.60 23.88
N ASP L 434 -40.29 43.70 23.44
CA ASP L 434 -40.95 42.57 22.81
C ASP L 434 -40.18 42.16 21.57
N GLU L 435 -39.76 43.17 20.80
CA GLU L 435 -39.01 42.93 19.57
C GLU L 435 -37.76 42.12 19.81
N ALA L 436 -37.02 42.49 20.85
CA ALA L 436 -35.80 41.77 21.19
C ALA L 436 -36.13 40.32 21.50
N ILE L 437 -37.08 40.14 22.40
CA ILE L 437 -37.51 38.81 22.79
C ILE L 437 -38.00 37.97 21.61
N ASP L 438 -38.83 38.55 20.76
CA ASP L 438 -39.34 37.83 19.62
C ASP L 438 -38.25 37.44 18.62
N ALA L 439 -37.25 38.30 18.51
CA ALA L 439 -36.13 38.08 17.59
C ALA L 439 -35.27 36.94 18.10
N TYR L 440 -35.02 36.95 19.40
CA TYR L 440 -34.22 35.92 20.05
C TYR L 440 -34.90 34.59 19.84
N ILE L 441 -36.20 34.55 20.11
CA ILE L 441 -36.97 33.33 19.97
C ILE L 441 -36.92 32.83 18.54
N ALA L 442 -36.96 33.74 17.58
CA ALA L 442 -36.93 33.33 16.19
C ALA L 442 -35.59 32.72 15.81
N LEU L 443 -34.51 33.27 16.36
CA LEU L 443 -33.18 32.76 16.07
C LEU L 443 -33.05 31.32 16.57
N ARG L 444 -33.53 31.10 17.79
CA ARG L 444 -33.44 29.79 18.38
C ARG L 444 -34.40 28.77 17.78
N ARG L 445 -35.53 29.22 17.25
CA ARG L 445 -36.48 28.27 16.68
C ARG L 445 -35.97 27.65 15.41
N GLU L 446 -35.13 28.42 14.74
CA GLU L 446 -34.50 28.03 13.49
C GLU L 446 -33.50 26.93 13.84
N GLU L 447 -32.81 27.10 14.97
CA GLU L 447 -31.85 26.10 15.45
C GLU L 447 -32.63 24.87 15.89
N ASP L 448 -33.67 25.08 16.68
CA ASP L 448 -34.47 23.96 17.16
C ASP L 448 -34.99 23.13 15.98
N ASP L 449 -35.29 23.79 14.88
CA ASP L 449 -35.82 23.11 13.70
C ASP L 449 -34.86 22.16 13.03
N ARG L 450 -33.59 22.57 12.97
CA ARG L 450 -32.57 21.75 12.35
C ARG L 450 -32.52 20.41 13.08
N VAL L 451 -32.51 20.48 14.39
CA VAL L 451 -32.44 19.27 15.17
C VAL L 451 -33.73 18.46 15.09
N ARG L 452 -34.88 19.12 15.08
CA ARG L 452 -36.15 18.39 15.02
C ARG L 452 -36.38 17.73 13.69
N MET L 453 -35.90 18.36 12.62
CA MET L 453 -36.12 17.86 11.28
C MET L 453 -35.09 16.89 10.71
N THR L 454 -33.88 16.85 11.27
CA THR L 454 -32.85 15.97 10.76
C THR L 454 -32.84 14.61 11.42
N PRO L 455 -32.94 13.53 10.62
CA PRO L 455 -32.94 12.18 11.21
C PRO L 455 -31.76 12.00 12.13
N HIS L 456 -32.01 11.35 13.26
CA HIS L 456 -30.99 11.10 14.26
C HIS L 456 -30.44 9.69 14.11
N PRO L 457 -29.11 9.53 14.21
CA PRO L 457 -28.49 8.21 14.08
C PRO L 457 -29.20 7.14 14.89
N VAL L 458 -29.60 7.47 16.11
CA VAL L 458 -30.29 6.53 16.99
C VAL L 458 -31.63 6.07 16.44
N GLU L 459 -32.23 6.90 15.61
CA GLU L 459 -33.51 6.54 15.02
C GLU L 459 -33.36 5.35 14.11
N PHE L 460 -32.16 5.19 13.54
CA PHE L 460 -31.89 4.04 12.65
C PHE L 460 -31.76 2.77 13.48
N GLU L 461 -31.07 2.88 14.59
CA GLU L 461 -30.89 1.78 15.48
C GLU L 461 -32.25 1.30 15.95
N LEU L 462 -33.08 2.26 16.34
CA LEU L 462 -34.43 2.01 16.86
C LEU L 462 -35.46 1.64 15.80
N TYR L 463 -35.44 2.26 14.61
CA TYR L 463 -36.50 1.99 13.67
C TYR L 463 -36.11 1.54 12.25
N TYR L 464 -34.85 1.31 11.91
CA TYR L 464 -34.57 0.91 10.53
C TYR L 464 -35.30 -0.38 10.11
N SER L 465 -35.38 -1.34 11.02
CA SER L 465 -36.01 -2.64 10.77
C SER L 465 -37.49 -2.70 11.08
N VAL L 466 -38.09 -1.53 11.21
CA VAL L 466 -39.49 -1.43 11.52
C VAL L 466 -40.38 -2.07 10.46
N LYS M 1 -74.75 -31.05 -21.03
CA LYS M 1 -74.62 -31.26 -22.53
C LYS M 1 -76.01 -31.38 -23.18
N ILE M 2 -76.85 -31.99 -22.37
CA ILE M 2 -78.27 -32.29 -22.48
C ILE M 2 -78.62 -33.04 -23.76
N GLU M 3 -79.43 -32.31 -24.52
CA GLU M 3 -79.95 -32.74 -25.84
C GLU M 3 -80.80 -33.99 -25.75
N GLU M 4 -80.44 -35.20 -26.12
CA GLU M 4 -81.31 -36.36 -26.00
C GLU M 4 -80.79 -37.59 -26.75
N GLY M 5 -81.50 -37.80 -27.85
CA GLY M 5 -81.60 -38.62 -28.98
C GLY M 5 -82.52 -38.07 -30.12
N LYS M 6 -82.52 -36.76 -30.21
CA LYS M 6 -83.20 -35.89 -31.17
C LYS M 6 -82.19 -34.83 -31.66
N LEU M 7 -82.60 -33.93 -32.53
CA LEU M 7 -81.88 -32.80 -33.16
C LEU M 7 -82.60 -31.46 -32.94
N VAL M 8 -81.97 -30.43 -32.44
CA VAL M 8 -82.52 -29.05 -32.25
C VAL M 8 -81.59 -28.15 -33.09
N ILE M 9 -82.14 -27.36 -33.97
CA ILE M 9 -81.41 -26.48 -34.86
C ILE M 9 -81.82 -25.07 -34.60
N TRP M 10 -80.82 -24.23 -34.61
CA TRP M 10 -81.01 -22.75 -34.46
C TRP M 10 -80.54 -22.06 -35.75
N ILE M 11 -81.42 -21.25 -36.34
CA ILE M 11 -81.07 -20.54 -37.60
C ILE M 11 -81.69 -19.17 -37.43
N ASN M 12 -81.20 -18.14 -38.02
CA ASN M 12 -81.65 -16.76 -38.00
C ASN M 12 -83.05 -16.75 -38.68
N GLY M 13 -83.79 -15.80 -38.16
CA GLY M 13 -85.16 -15.50 -38.49
C GLY M 13 -85.32 -15.01 -39.92
N ASP M 14 -84.25 -14.44 -40.53
CA ASP M 14 -84.39 -14.03 -41.91
C ASP M 14 -84.08 -15.17 -42.93
N LYS M 15 -83.85 -16.40 -42.53
CA LYS M 15 -83.52 -17.51 -43.42
C LYS M 15 -84.71 -18.41 -43.62
N GLY M 16 -84.69 -19.38 -44.56
CA GLY M 16 -85.87 -20.21 -44.70
C GLY M 16 -85.93 -21.39 -43.76
N TYR M 17 -86.27 -21.04 -42.50
CA TYR M 17 -86.44 -22.01 -41.42
C TYR M 17 -87.63 -22.93 -41.70
N ASN M 18 -88.63 -22.51 -42.49
CA ASN M 18 -89.72 -23.47 -42.78
C ASN M 18 -89.13 -24.41 -43.84
N GLY M 19 -88.31 -24.04 -44.83
CA GLY M 19 -87.79 -25.03 -45.73
C GLY M 19 -86.98 -26.05 -44.93
N LEU M 20 -86.26 -25.53 -43.97
CA LEU M 20 -85.36 -26.33 -43.09
C LEU M 20 -86.21 -27.31 -42.32
N ALA M 21 -87.27 -26.91 -41.71
CA ALA M 21 -88.24 -27.75 -41.02
C ALA M 21 -88.79 -28.82 -41.97
N GLU M 22 -89.07 -28.63 -43.26
CA GLU M 22 -89.53 -29.62 -44.24
C GLU M 22 -88.45 -30.67 -44.44
N VAL M 23 -87.20 -30.20 -44.32
CA VAL M 23 -86.09 -31.14 -44.42
C VAL M 23 -85.98 -31.91 -43.11
N GLY M 24 -86.18 -31.36 -41.94
CA GLY M 24 -86.13 -32.21 -40.75
C GLY M 24 -87.13 -33.37 -40.81
N LYS M 25 -88.27 -33.04 -41.38
CA LYS M 25 -89.44 -33.89 -41.54
C LYS M 25 -89.18 -35.18 -42.29
N LYS M 26 -88.41 -35.11 -43.32
CA LYS M 26 -88.14 -36.35 -44.05
C LYS M 26 -86.85 -36.87 -43.44
N PHE M 27 -86.41 -36.30 -42.30
CA PHE M 27 -85.13 -36.91 -41.78
C PHE M 27 -85.69 -38.01 -40.87
N GLU M 28 -86.67 -37.46 -40.15
CA GLU M 28 -87.45 -38.08 -39.10
C GLU M 28 -88.45 -39.19 -39.45
N LYS M 29 -88.99 -38.99 -40.62
CA LYS M 29 -89.96 -39.89 -41.28
C LYS M 29 -89.10 -41.04 -41.80
N ASP M 30 -87.81 -40.77 -41.89
CA ASP M 30 -86.89 -41.81 -42.49
C ASP M 30 -85.91 -42.27 -41.45
N THR M 31 -86.18 -41.80 -40.23
CA THR M 31 -85.21 -42.20 -39.21
C THR M 31 -85.71 -42.40 -37.82
N GLY M 32 -86.78 -41.75 -37.46
CA GLY M 32 -87.30 -41.75 -36.11
C GLY M 32 -86.73 -40.64 -35.21
N ILE M 33 -85.72 -39.89 -35.74
CA ILE M 33 -85.18 -38.82 -34.92
C ILE M 33 -85.98 -37.58 -35.34
N LYS M 34 -86.68 -37.02 -34.43
CA LYS M 34 -87.42 -35.81 -34.81
C LYS M 34 -86.48 -34.59 -34.68
N VAL M 35 -86.68 -33.74 -35.71
CA VAL M 35 -85.89 -32.48 -35.72
C VAL M 35 -86.75 -31.31 -35.32
N THR M 36 -86.35 -30.40 -34.48
CA THR M 36 -86.97 -29.21 -34.01
C THR M 36 -86.18 -27.96 -34.53
N VAL M 37 -86.73 -27.04 -35.29
CA VAL M 37 -86.09 -25.88 -35.85
C VAL M 37 -86.42 -24.61 -35.14
N GLU M 38 -85.47 -23.89 -34.54
CA GLU M 38 -85.87 -22.65 -33.84
C GLU M 38 -85.05 -21.49 -34.40
N HIS M 39 -85.63 -20.33 -34.22
CA HIS M 39 -84.96 -19.08 -34.66
C HIS M 39 -85.03 -18.00 -33.60
N PRO M 40 -84.29 -18.23 -32.51
CA PRO M 40 -84.23 -17.26 -31.42
C PRO M 40 -83.62 -16.00 -31.92
N ASP M 41 -84.04 -14.91 -31.28
CA ASP M 41 -83.49 -13.53 -31.56
C ASP M 41 -82.04 -13.41 -31.10
N LYS M 42 -81.11 -12.69 -31.67
CA LYS M 42 -79.74 -12.72 -31.09
C LYS M 42 -79.17 -14.10 -30.94
N LEU M 43 -79.48 -15.00 -31.83
CA LEU M 43 -78.96 -16.38 -31.49
C LEU M 43 -77.43 -16.46 -31.47
N GLU M 44 -76.87 -15.55 -32.27
CA GLU M 44 -75.41 -15.58 -32.48
C GLU M 44 -74.66 -15.17 -31.22
N GLU M 45 -75.46 -14.52 -30.43
CA GLU M 45 -75.12 -14.00 -29.09
C GLU M 45 -75.56 -14.97 -28.04
N LYS M 46 -76.77 -15.51 -28.17
CA LYS M 46 -77.31 -16.46 -27.23
C LYS M 46 -76.49 -17.71 -27.33
N PHE M 47 -76.01 -18.19 -28.48
CA PHE M 47 -75.32 -19.48 -28.51
C PHE M 47 -74.18 -19.68 -27.51
N PRO M 48 -73.24 -18.73 -27.51
CA PRO M 48 -72.01 -18.88 -26.69
C PRO M 48 -72.41 -18.94 -25.23
N GLN M 49 -73.50 -18.17 -24.96
CA GLN M 49 -73.97 -18.16 -23.57
C GLN M 49 -74.49 -19.54 -23.16
N VAL M 50 -75.49 -20.11 -23.78
CA VAL M 50 -76.03 -21.39 -23.38
C VAL M 50 -75.11 -22.54 -23.74
N ALA M 51 -74.32 -22.46 -24.80
CA ALA M 51 -73.47 -23.61 -25.18
C ALA M 51 -72.30 -23.83 -24.19
N ALA M 52 -71.98 -22.67 -23.62
CA ALA M 52 -70.85 -22.56 -22.68
C ALA M 52 -71.16 -23.47 -21.51
N THR M 53 -72.46 -23.51 -21.13
CA THR M 53 -73.03 -24.33 -20.06
C THR M 53 -73.22 -25.75 -20.57
N GLY M 54 -72.77 -26.06 -21.76
CA GLY M 54 -72.96 -27.45 -22.19
C GLY M 54 -74.36 -27.65 -22.74
N ASP M 55 -75.16 -26.55 -22.92
CA ASP M 55 -76.51 -26.89 -23.58
C ASP M 55 -76.62 -26.18 -24.94
N GLY M 56 -77.82 -25.72 -25.36
CA GLY M 56 -78.05 -25.02 -26.65
C GLY M 56 -78.51 -25.96 -27.73
N PRO M 57 -78.42 -25.62 -29.03
CA PRO M 57 -78.86 -26.50 -30.10
C PRO M 57 -77.86 -27.56 -30.39
N ASP M 58 -78.19 -28.61 -31.04
CA ASP M 58 -77.25 -29.64 -31.52
C ASP M 58 -76.43 -28.98 -32.67
N ILE M 59 -77.19 -28.20 -33.50
CA ILE M 59 -76.64 -27.51 -34.68
C ILE M 59 -77.10 -26.04 -34.74
N ILE M 60 -76.10 -25.19 -35.06
CA ILE M 60 -76.12 -23.77 -35.19
C ILE M 60 -75.66 -23.31 -36.57
N PHE M 61 -76.51 -22.42 -37.11
CA PHE M 61 -76.29 -21.81 -38.41
C PHE M 61 -76.08 -20.25 -38.21
N TRP M 62 -74.96 -19.82 -38.79
CA TRP M 62 -74.65 -18.40 -38.83
C TRP M 62 -73.66 -18.21 -39.98
N ALA M 63 -73.40 -16.94 -40.41
CA ALA M 63 -72.33 -16.57 -41.33
C ALA M 63 -71.00 -17.05 -40.67
N HIS M 64 -69.97 -17.35 -41.41
CA HIS M 64 -68.74 -17.93 -40.80
C HIS M 64 -67.97 -16.99 -39.94
N ASP M 65 -68.14 -15.62 -40.06
CA ASP M 65 -67.32 -14.66 -39.23
C ASP M 65 -67.43 -14.93 -37.71
N ARG M 66 -68.52 -15.51 -37.22
CA ARG M 66 -68.73 -15.75 -35.78
C ARG M 66 -68.04 -17.08 -35.37
N PHE M 67 -67.76 -17.98 -36.28
CA PHE M 67 -67.23 -19.34 -35.95
C PHE M 67 -65.81 -19.36 -35.32
N GLY M 68 -64.84 -18.59 -35.65
CA GLY M 68 -63.50 -18.56 -35.05
C GLY M 68 -63.64 -18.36 -33.55
N GLY M 69 -64.50 -17.49 -33.10
CA GLY M 69 -64.69 -17.17 -31.72
C GLY M 69 -65.34 -18.33 -31.01
N TYR M 70 -66.32 -19.00 -31.60
CA TYR M 70 -67.00 -20.11 -30.99
C TYR M 70 -65.95 -21.20 -30.79
N ALA M 71 -65.18 -21.53 -31.76
CA ALA M 71 -64.14 -22.54 -31.79
C ALA M 71 -63.08 -22.26 -30.71
N GLN M 72 -62.58 -21.05 -30.60
CA GLN M 72 -61.59 -20.67 -29.58
C GLN M 72 -62.11 -20.84 -28.14
N SER M 73 -63.37 -20.65 -27.92
CA SER M 73 -64.02 -20.83 -26.65
C SER M 73 -64.34 -22.32 -26.38
N GLY M 74 -64.02 -23.15 -27.31
CA GLY M 74 -64.25 -24.57 -27.46
C GLY M 74 -65.71 -25.01 -27.67
N LEU M 75 -66.60 -24.39 -28.43
CA LEU M 75 -68.04 -24.67 -28.49
C LEU M 75 -68.51 -25.51 -29.66
N LEU M 76 -67.51 -25.77 -30.51
CA LEU M 76 -67.83 -26.54 -31.69
C LEU M 76 -66.95 -27.78 -31.82
N ALA M 77 -67.50 -28.79 -32.39
CA ALA M 77 -66.82 -30.02 -32.72
C ALA M 77 -66.18 -29.86 -34.10
N GLU M 78 -65.02 -30.53 -34.22
CA GLU M 78 -64.25 -30.62 -35.46
C GLU M 78 -65.06 -31.67 -36.28
N ILE M 79 -65.31 -31.28 -37.51
CA ILE M 79 -66.04 -32.13 -38.42
C ILE M 79 -64.94 -32.75 -39.30
N THR M 80 -65.32 -33.87 -39.88
CA THR M 80 -64.49 -34.68 -40.80
C THR M 80 -65.19 -35.30 -41.99
N PRO M 81 -65.28 -34.54 -43.05
CA PRO M 81 -65.92 -35.08 -44.28
C PRO M 81 -64.75 -35.68 -45.05
N ASP M 82 -64.99 -36.73 -45.79
CA ASP M 82 -63.82 -37.24 -46.57
C ASP M 82 -63.86 -36.49 -47.90
N LYS M 83 -62.68 -36.49 -48.42
CA LYS M 83 -62.30 -35.87 -49.69
C LYS M 83 -63.39 -36.07 -50.75
N ALA M 84 -64.20 -37.11 -50.53
CA ALA M 84 -65.24 -37.34 -51.56
C ALA M 84 -66.30 -36.29 -51.16
N PHE M 85 -66.70 -36.32 -49.93
CA PHE M 85 -67.74 -35.35 -49.60
C PHE M 85 -67.21 -33.95 -49.79
N GLN M 86 -65.96 -33.73 -49.42
CA GLN M 86 -65.35 -32.42 -49.54
C GLN M 86 -65.39 -31.84 -50.95
N ASP M 87 -65.28 -32.73 -51.90
CA ASP M 87 -65.19 -32.63 -53.35
C ASP M 87 -66.44 -32.04 -54.00
N LYS M 88 -67.53 -32.27 -53.36
CA LYS M 88 -68.84 -31.74 -53.76
C LYS M 88 -69.00 -30.24 -53.56
N LEU M 89 -68.17 -29.61 -52.77
CA LEU M 89 -68.23 -28.21 -52.43
C LEU M 89 -67.11 -27.39 -53.00
N TYR M 90 -67.44 -26.14 -53.27
CA TYR M 90 -66.36 -25.27 -53.69
C TYR M 90 -65.37 -25.16 -52.54
N PRO M 91 -64.10 -25.33 -52.88
CA PRO M 91 -63.00 -25.26 -51.88
C PRO M 91 -62.85 -23.91 -51.20
N PHE M 92 -63.08 -22.81 -51.86
CA PHE M 92 -62.89 -21.56 -51.10
C PHE M 92 -63.92 -21.60 -49.97
N THR M 93 -65.01 -22.36 -50.07
CA THR M 93 -66.02 -22.39 -48.98
C THR M 93 -65.56 -23.20 -47.78
N TRP M 94 -64.68 -24.24 -48.00
CA TRP M 94 -64.13 -25.00 -46.82
C TRP M 94 -63.10 -24.13 -46.12
N ASP M 95 -62.40 -23.26 -46.71
CA ASP M 95 -61.39 -22.41 -46.22
C ASP M 95 -61.95 -21.39 -45.21
N ALA M 96 -63.20 -21.01 -45.52
CA ALA M 96 -63.94 -20.05 -44.70
C ALA M 96 -64.26 -20.66 -43.38
N VAL M 97 -64.28 -22.01 -43.27
CA VAL M 97 -64.71 -22.67 -42.03
C VAL M 97 -63.55 -23.42 -41.36
N ARG M 98 -62.41 -22.97 -41.61
CA ARG M 98 -61.19 -23.56 -41.04
C ARG M 98 -60.71 -22.64 -39.98
N TYR M 99 -60.45 -23.18 -38.83
CA TYR M 99 -59.92 -22.36 -37.76
C TYR M 99 -58.69 -23.15 -37.23
N ASN M 100 -57.53 -22.55 -37.37
CA ASN M 100 -56.26 -23.12 -36.95
C ASN M 100 -56.05 -24.44 -37.68
N GLY M 101 -56.37 -24.49 -38.95
CA GLY M 101 -56.31 -25.58 -39.87
C GLY M 101 -57.37 -26.63 -39.76
N LYS M 102 -58.20 -26.74 -38.74
CA LYS M 102 -59.27 -27.74 -38.54
C LYS M 102 -60.62 -27.27 -39.18
N LEU M 103 -61.44 -28.17 -39.61
CA LEU M 103 -62.73 -27.68 -40.15
C LEU M 103 -63.68 -27.61 -38.98
N ILE M 104 -64.42 -26.52 -38.79
CA ILE M 104 -65.34 -26.43 -37.62
C ILE M 104 -66.83 -26.22 -37.93
N ALA M 105 -67.04 -26.36 -39.27
CA ALA M 105 -68.43 -26.25 -39.77
C ALA M 105 -68.53 -26.65 -41.24
N TYR M 106 -69.77 -26.88 -41.66
CA TYR M 106 -70.17 -27.19 -43.03
C TYR M 106 -70.69 -25.84 -43.68
N PRO M 107 -70.10 -25.50 -44.76
CA PRO M 107 -70.43 -24.29 -45.53
C PRO M 107 -71.70 -24.61 -46.30
N ILE M 108 -72.65 -23.71 -46.34
CA ILE M 108 -73.96 -23.91 -46.97
C ILE M 108 -74.14 -23.00 -48.18
N ALA M 109 -73.87 -21.68 -47.98
CA ALA M 109 -74.14 -20.73 -49.12
C ALA M 109 -73.35 -19.51 -48.96
N VAL M 110 -73.11 -18.78 -49.97
CA VAL M 110 -72.32 -17.59 -50.18
C VAL M 110 -73.27 -16.41 -50.37
N GLU M 111 -73.12 -15.59 -49.29
CA GLU M 111 -74.04 -14.36 -49.21
C GLU M 111 -73.36 -13.08 -49.51
N ALA M 112 -73.87 -12.16 -50.43
CA ALA M 112 -73.31 -10.88 -50.68
C ALA M 112 -74.55 -9.94 -50.89
N LEU M 113 -74.46 -8.76 -50.39
CA LEU M 113 -75.51 -7.74 -50.61
C LEU M 113 -75.49 -7.30 -52.07
N SER M 114 -76.64 -6.91 -52.63
CA SER M 114 -76.85 -6.35 -53.98
C SER M 114 -77.77 -5.08 -53.97
N LEU M 115 -77.71 -4.33 -55.04
CA LEU M 115 -78.61 -3.18 -55.15
C LEU M 115 -79.88 -3.80 -55.71
N ILE M 116 -81.01 -3.60 -55.11
CA ILE M 116 -82.36 -4.05 -55.61
C ILE M 116 -83.11 -2.78 -56.01
N TYR M 117 -83.66 -2.78 -57.21
CA TYR M 117 -84.32 -1.46 -57.61
C TYR M 117 -85.67 -1.83 -58.21
N ASN M 118 -86.54 -0.79 -58.14
CA ASN M 118 -87.95 -0.94 -58.65
C ASN M 118 -87.90 -0.57 -60.11
N LYS M 119 -88.04 -1.53 -61.00
CA LYS M 119 -87.95 -1.26 -62.45
C LYS M 119 -88.98 -0.24 -63.03
N ASP M 120 -90.02 -0.13 -62.26
CA ASP M 120 -91.13 0.76 -62.60
C ASP M 120 -90.81 2.19 -62.14
N LEU M 121 -90.14 2.47 -61.05
CA LEU M 121 -89.76 3.84 -60.70
C LEU M 121 -88.42 4.15 -61.37
N LEU M 122 -87.60 3.16 -61.63
CA LEU M 122 -86.20 3.30 -62.13
C LEU M 122 -85.74 2.21 -63.06
N PRO M 123 -86.15 2.26 -64.29
CA PRO M 123 -85.81 1.23 -65.27
C PRO M 123 -84.30 1.05 -65.29
N ASN M 124 -83.55 2.12 -65.16
CA ASN M 124 -82.04 2.04 -65.14
C ASN M 124 -81.47 2.49 -63.77
N PRO M 125 -80.80 1.56 -63.12
CA PRO M 125 -80.24 1.84 -61.78
C PRO M 125 -79.06 2.75 -61.92
N PRO M 126 -78.83 3.57 -60.91
CA PRO M 126 -77.68 4.49 -60.90
C PRO M 126 -76.36 3.70 -60.88
N LYS M 127 -75.30 4.19 -61.48
CA LYS M 127 -74.05 3.43 -61.46
C LYS M 127 -73.10 3.91 -60.37
N THR M 128 -73.53 5.03 -59.76
CA THR M 128 -72.67 5.74 -58.79
C THR M 128 -73.38 6.19 -57.58
N TRP M 129 -72.71 6.13 -56.40
CA TRP M 129 -73.35 6.58 -55.19
C TRP M 129 -73.61 8.09 -55.35
N GLU M 130 -72.64 8.72 -56.05
CA GLU M 130 -72.71 10.21 -56.17
C GLU M 130 -73.93 10.73 -56.87
N GLU M 131 -74.53 9.98 -57.76
CA GLU M 131 -75.78 10.57 -58.40
C GLU M 131 -77.02 10.26 -57.64
N ILE M 132 -76.91 9.75 -56.43
CA ILE M 132 -78.10 9.39 -55.67
C ILE M 132 -78.81 10.62 -55.15
N PRO M 133 -78.09 11.60 -54.65
CA PRO M 133 -78.76 12.81 -54.08
C PRO M 133 -79.71 13.49 -55.11
N ALA M 134 -79.18 13.68 -56.32
CA ALA M 134 -79.95 14.29 -57.42
C ALA M 134 -81.22 13.47 -57.69
N LEU M 135 -80.91 12.18 -57.75
CA LEU M 135 -82.01 11.25 -58.02
C LEU M 135 -83.11 11.36 -56.98
N ASP M 136 -82.85 11.49 -55.72
CA ASP M 136 -83.80 11.57 -54.60
C ASP M 136 -84.70 12.88 -54.74
N LYS M 137 -83.95 13.89 -55.11
CA LYS M 137 -84.51 15.25 -55.36
C LYS M 137 -85.71 15.05 -56.33
N GLU M 138 -85.48 14.42 -57.44
CA GLU M 138 -86.46 14.15 -58.49
C GLU M 138 -87.62 13.29 -58.09
N LEU M 139 -87.38 12.21 -57.34
CA LEU M 139 -88.40 11.27 -56.92
C LEU M 139 -89.26 11.89 -55.85
N LYS M 140 -88.67 12.63 -54.97
CA LYS M 140 -89.28 13.26 -53.81
C LYS M 140 -90.40 14.28 -54.14
N ALA M 141 -90.29 14.85 -55.29
CA ALA M 141 -91.13 15.80 -55.96
C ALA M 141 -92.41 15.08 -56.40
N LYS M 142 -92.25 13.77 -56.48
CA LYS M 142 -93.29 12.78 -56.89
C LYS M 142 -93.80 11.93 -55.74
N GLY M 143 -93.56 12.30 -54.51
CA GLY M 143 -93.84 11.70 -53.25
C GLY M 143 -92.97 10.46 -52.89
N LYS M 144 -91.96 10.07 -53.64
CA LYS M 144 -91.10 8.88 -53.43
C LYS M 144 -89.72 9.26 -52.90
N SER M 145 -88.82 8.24 -52.80
CA SER M 145 -87.40 8.39 -52.36
C SER M 145 -86.55 7.42 -53.22
N ALA M 146 -85.32 7.81 -53.32
CA ALA M 146 -84.37 7.07 -54.10
C ALA M 146 -83.97 5.77 -53.41
N LEU M 147 -83.61 5.78 -52.14
CA LEU M 147 -83.04 4.64 -51.44
C LEU M 147 -83.29 4.51 -50.01
N MET M 148 -83.56 3.27 -49.50
CA MET M 148 -83.70 3.16 -48.06
C MET M 148 -83.11 1.79 -47.73
N PHE M 149 -82.30 1.74 -46.72
CA PHE M 149 -81.73 0.34 -46.35
C PHE M 149 -81.44 0.39 -44.87
N ASN M 150 -81.23 -0.76 -44.29
CA ASN M 150 -80.99 -0.88 -42.85
C ASN M 150 -79.72 -0.14 -42.40
N LEU M 151 -79.80 0.93 -41.63
CA LEU M 151 -78.69 1.69 -41.12
C LEU M 151 -78.29 1.28 -39.70
N GLN M 152 -79.03 0.44 -39.09
CA GLN M 152 -78.82 0.00 -37.76
C GLN M 152 -77.76 -1.13 -37.74
N GLU M 153 -77.53 -1.90 -38.73
CA GLU M 153 -76.55 -3.04 -38.90
C GLU M 153 -75.39 -2.69 -39.81
N PRO M 154 -74.16 -2.69 -39.23
CA PRO M 154 -72.96 -2.21 -39.92
C PRO M 154 -72.66 -2.93 -41.20
N TYR M 155 -73.23 -4.16 -41.23
CA TYR M 155 -73.09 -5.05 -42.40
C TYR M 155 -73.63 -4.36 -43.70
N PHE M 156 -74.65 -3.53 -43.52
CA PHE M 156 -75.33 -2.89 -44.72
C PHE M 156 -74.62 -1.67 -45.27
N THR M 157 -73.97 -1.03 -44.28
CA THR M 157 -73.16 0.16 -44.55
C THR M 157 -71.68 -0.13 -44.92
N TRP M 158 -71.06 -1.24 -44.47
CA TRP M 158 -69.69 -1.57 -44.78
C TRP M 158 -69.36 -1.47 -46.21
N PRO M 159 -70.13 -1.85 -47.21
CA PRO M 159 -69.66 -1.73 -48.62
C PRO M 159 -69.23 -0.36 -49.05
N LEU M 160 -69.89 0.68 -48.52
CA LEU M 160 -69.54 2.06 -48.86
C LEU M 160 -68.26 2.50 -48.12
N ILE M 161 -68.18 2.07 -46.83
CA ILE M 161 -67.00 2.39 -46.01
C ILE M 161 -65.73 1.76 -46.58
N ALA M 162 -65.88 0.55 -46.99
CA ALA M 162 -64.73 -0.15 -47.56
C ALA M 162 -64.46 0.31 -48.96
N ALA M 163 -65.35 0.88 -49.82
CA ALA M 163 -65.09 1.20 -51.21
C ALA M 163 -63.83 1.93 -51.52
N ASP M 164 -63.56 3.05 -50.87
CA ASP M 164 -62.40 3.91 -51.08
C ASP M 164 -61.24 3.52 -50.15
N GLY M 165 -61.28 2.35 -49.51
CA GLY M 165 -60.15 1.89 -48.66
C GLY M 165 -60.42 1.48 -47.28
N GLY M 166 -61.56 1.56 -46.63
CA GLY M 166 -61.69 1.12 -45.21
C GLY M 166 -61.44 -0.35 -45.20
N TYR M 167 -60.99 -0.89 -44.06
CA TYR M 167 -60.75 -2.39 -44.01
C TYR M 167 -60.81 -2.82 -42.54
N ALA M 168 -61.14 -4.09 -42.32
CA ALA M 168 -61.22 -4.61 -40.95
C ALA M 168 -59.81 -4.86 -40.39
N PHE M 169 -59.17 -5.94 -40.70
CA PHE M 169 -57.84 -6.44 -40.31
C PHE M 169 -57.03 -6.71 -41.59
N LYS M 170 -55.85 -6.22 -41.59
CA LYS M 170 -54.91 -6.41 -42.67
C LYS M 170 -54.49 -7.90 -42.64
N TYR M 171 -54.60 -8.53 -43.79
CA TYR M 171 -54.23 -9.87 -44.07
C TYR M 171 -52.72 -9.80 -44.44
N GLU M 172 -51.81 -10.28 -43.61
CA GLU M 172 -50.40 -10.11 -43.97
C GLU M 172 -49.64 -11.38 -43.69
N ASN M 173 -49.10 -12.01 -44.72
CA ASN M 173 -48.32 -13.29 -44.67
C ASN M 173 -49.01 -14.39 -43.84
N GLY M 174 -50.02 -14.94 -44.56
CA GLY M 174 -50.80 -16.06 -44.02
C GLY M 174 -51.71 -15.79 -42.82
N LYS M 175 -51.64 -14.52 -42.34
CA LYS M 175 -52.59 -14.29 -41.24
C LYS M 175 -52.94 -12.82 -41.14
N TYR M 176 -54.00 -12.62 -40.32
CA TYR M 176 -54.57 -11.34 -39.99
C TYR M 176 -53.79 -10.71 -38.84
N ASP M 177 -53.39 -9.47 -39.09
CA ASP M 177 -52.75 -8.63 -38.11
C ASP M 177 -53.92 -7.89 -37.36
N ILE M 178 -54.08 -8.30 -36.12
CA ILE M 178 -55.08 -7.78 -35.22
C ILE M 178 -54.83 -6.36 -34.75
N LYS M 179 -53.61 -5.87 -35.03
CA LYS M 179 -53.27 -4.52 -34.58
C LYS M 179 -53.31 -3.62 -35.78
N ASP M 180 -53.46 -4.14 -36.99
CA ASP M 180 -53.55 -3.31 -38.20
C ASP M 180 -55.04 -3.31 -38.68
N VAL M 181 -55.77 -2.22 -38.29
CA VAL M 181 -57.17 -2.01 -38.57
C VAL M 181 -57.43 -0.85 -39.53
N GLY M 182 -58.45 -0.84 -40.40
CA GLY M 182 -58.55 0.29 -41.35
C GLY M 182 -59.88 0.91 -41.31
N VAL M 183 -60.24 1.09 -40.01
CA VAL M 183 -61.62 1.68 -39.76
C VAL M 183 -61.53 3.15 -39.65
N ASP M 184 -60.40 3.71 -39.42
CA ASP M 184 -60.26 5.15 -39.32
C ASP M 184 -59.36 5.74 -40.36
N ASN M 185 -59.11 5.04 -41.43
CA ASN M 185 -58.18 5.63 -42.45
C ASN M 185 -58.98 6.61 -43.39
N ALA M 186 -58.29 7.19 -44.35
CA ALA M 186 -58.89 8.18 -45.24
C ALA M 186 -60.03 7.53 -46.02
N GLY M 187 -60.04 6.32 -46.48
CA GLY M 187 -61.17 5.78 -47.28
C GLY M 187 -62.40 5.55 -46.49
N ALA M 188 -62.16 5.05 -45.28
CA ALA M 188 -63.25 4.80 -44.33
C ALA M 188 -63.92 6.14 -43.94
N LYS M 189 -63.10 7.15 -43.66
CA LYS M 189 -63.66 8.49 -43.34
C LYS M 189 -64.46 9.08 -44.57
N ALA M 190 -63.99 8.95 -45.76
CA ALA M 190 -64.69 9.49 -46.95
C ALA M 190 -66.08 8.84 -47.13
N GLY M 191 -66.11 7.50 -46.92
CA GLY M 191 -67.29 6.65 -46.99
C GLY M 191 -68.37 7.00 -46.01
N LEU M 192 -67.96 7.05 -44.71
CA LEU M 192 -68.98 7.42 -43.69
C LEU M 192 -69.48 8.87 -43.85
N THR M 193 -68.60 9.76 -44.26
CA THR M 193 -68.94 11.18 -44.45
C THR M 193 -70.06 11.30 -45.49
N PHE M 194 -69.87 10.64 -46.57
CA PHE M 194 -70.83 10.54 -47.67
C PHE M 194 -72.14 10.03 -47.08
N LEU M 195 -72.18 9.03 -46.32
CA LEU M 195 -73.41 8.53 -45.76
C LEU M 195 -74.11 9.60 -44.87
N VAL M 196 -73.39 10.19 -43.98
CA VAL M 196 -73.87 11.17 -43.00
C VAL M 196 -74.42 12.36 -43.78
N ASP M 197 -73.81 12.71 -44.91
CA ASP M 197 -74.22 13.83 -45.71
C ASP M 197 -75.61 13.53 -46.33
N LEU M 198 -75.90 12.27 -46.63
CA LEU M 198 -77.15 11.80 -47.20
C LEU M 198 -78.27 12.09 -46.20
N ILE M 199 -77.95 11.83 -44.98
CA ILE M 199 -78.88 12.06 -43.90
C ILE M 199 -78.99 13.55 -43.63
N LYS M 200 -77.90 14.19 -43.42
CA LYS M 200 -77.85 15.63 -43.18
C LYS M 200 -78.83 16.37 -44.09
N ASN M 201 -78.71 16.04 -45.34
CA ASN M 201 -79.43 16.66 -46.48
C ASN M 201 -80.79 16.06 -46.77
N LYS M 202 -81.27 15.32 -45.84
CA LYS M 202 -82.60 14.69 -45.88
C LYS M 202 -82.88 13.72 -46.95
N HIS M 203 -81.85 13.01 -47.45
CA HIS M 203 -82.11 11.99 -48.49
C HIS M 203 -82.42 10.67 -47.84
N MET M 204 -82.03 10.56 -46.59
CA MET M 204 -82.12 9.36 -45.78
C MET M 204 -82.36 9.66 -44.36
N ASN M 205 -82.96 8.75 -43.59
CA ASN M 205 -83.12 9.03 -42.17
C ASN M 205 -82.31 8.04 -41.34
N ALA M 206 -81.74 8.57 -40.33
CA ALA M 206 -80.90 7.97 -39.34
C ALA M 206 -81.58 6.81 -38.64
N ASP M 207 -82.91 6.82 -38.67
CA ASP M 207 -83.57 5.70 -37.93
C ASP M 207 -83.87 4.50 -38.80
N THR M 208 -83.77 4.57 -40.14
CA THR M 208 -84.16 3.39 -40.92
C THR M 208 -83.52 2.09 -40.43
N ASP M 209 -84.46 1.14 -40.24
CA ASP M 209 -84.02 -0.19 -39.86
C ASP M 209 -84.43 -1.19 -40.96
N TYR M 210 -84.29 -2.46 -40.68
CA TYR M 210 -84.60 -3.57 -41.58
C TYR M 210 -86.07 -3.58 -42.02
N SER M 211 -86.94 -3.54 -41.08
CA SER M 211 -88.40 -3.47 -41.34
C SER M 211 -88.80 -2.22 -42.06
N ILE M 212 -88.45 -1.03 -41.63
CA ILE M 212 -88.84 0.23 -42.29
C ILE M 212 -88.42 0.17 -43.74
N ALA M 213 -87.08 -0.27 -43.96
CA ALA M 213 -86.54 -0.34 -45.38
C ALA M 213 -87.28 -1.35 -46.21
N GLU M 214 -87.48 -2.50 -45.59
CA GLU M 214 -88.25 -3.53 -46.30
C GLU M 214 -89.65 -3.08 -46.62
N ALA M 215 -90.46 -2.59 -45.71
CA ALA M 215 -91.83 -2.14 -46.02
C ALA M 215 -91.85 -1.04 -47.06
N ALA M 216 -90.87 -0.14 -46.93
CA ALA M 216 -90.80 0.95 -47.90
C ALA M 216 -90.66 0.41 -49.28
N PHE M 217 -89.66 -0.50 -49.55
CA PHE M 217 -89.51 -0.89 -50.98
C PHE M 217 -90.65 -1.73 -51.47
N ASN M 218 -91.15 -2.61 -50.62
CA ASN M 218 -92.19 -3.58 -50.92
C ASN M 218 -93.55 -2.85 -51.20
N LYS M 219 -93.72 -1.67 -50.62
CA LYS M 219 -94.98 -0.89 -50.88
C LYS M 219 -94.87 0.08 -52.01
N GLY M 220 -93.74 0.16 -52.63
CA GLY M 220 -93.45 1.04 -53.75
C GLY M 220 -93.07 2.41 -53.38
N GLU M 221 -92.74 2.64 -52.13
CA GLU M 221 -92.37 4.08 -51.81
C GLU M 221 -90.95 4.47 -52.06
N THR M 222 -89.99 3.51 -52.10
CA THR M 222 -88.60 3.90 -52.34
C THR M 222 -88.20 3.22 -53.62
N ALA M 223 -87.33 3.83 -54.45
CA ALA M 223 -86.97 3.15 -55.69
C ALA M 223 -85.87 2.07 -55.50
N MET M 224 -85.08 2.06 -54.44
CA MET M 224 -83.96 1.04 -54.30
C MET M 224 -83.78 0.71 -52.86
N THR M 225 -83.19 -0.48 -52.64
CA THR M 225 -82.86 -0.91 -51.23
C THR M 225 -81.57 -1.75 -51.38
N ILE M 226 -80.88 -2.06 -50.34
CA ILE M 226 -79.67 -2.91 -50.44
C ILE M 226 -80.02 -4.07 -49.56
N ASN M 227 -79.98 -5.29 -50.00
CA ASN M 227 -80.27 -6.44 -49.15
C ASN M 227 -79.63 -7.75 -49.79
N GLY M 228 -79.71 -8.86 -49.04
CA GLY M 228 -79.20 -10.15 -49.43
C GLY M 228 -80.30 -11.00 -50.02
N PRO M 229 -79.91 -12.20 -50.52
CA PRO M 229 -80.79 -13.11 -51.20
C PRO M 229 -82.05 -13.47 -50.47
N TRP M 230 -82.01 -13.61 -49.10
CA TRP M 230 -83.04 -13.95 -48.23
C TRP M 230 -84.22 -12.92 -48.33
N ALA M 231 -84.07 -11.69 -48.69
CA ALA M 231 -85.18 -10.73 -48.85
C ALA M 231 -85.98 -10.93 -50.13
N TRP M 232 -85.54 -11.68 -51.13
CA TRP M 232 -86.15 -11.74 -52.46
C TRP M 232 -87.59 -12.27 -52.34
N SER M 233 -87.73 -13.23 -51.44
CA SER M 233 -89.07 -13.86 -51.24
C SER M 233 -90.22 -12.92 -50.97
N ASN M 234 -90.00 -12.00 -50.07
CA ASN M 234 -91.10 -11.04 -49.74
C ASN M 234 -91.38 -10.04 -50.90
N ILE M 235 -90.29 -9.71 -51.59
CA ILE M 235 -90.38 -8.85 -52.74
C ILE M 235 -91.29 -9.57 -53.75
N ASP M 236 -91.05 -10.86 -53.95
CA ASP M 236 -91.79 -11.55 -55.03
C ASP M 236 -93.32 -11.49 -54.77
N THR M 237 -93.51 -11.69 -53.48
CA THR M 237 -94.80 -11.76 -52.86
C THR M 237 -95.57 -10.41 -52.96
N SER M 238 -94.81 -9.36 -52.96
CA SER M 238 -95.45 -8.03 -53.08
C SER M 238 -95.63 -7.71 -54.58
N LYS M 239 -95.09 -8.57 -55.46
CA LYS M 239 -95.11 -8.38 -56.91
C LYS M 239 -94.41 -7.10 -57.34
N VAL M 240 -93.55 -6.40 -56.55
CA VAL M 240 -92.93 -5.16 -57.17
C VAL M 240 -92.22 -5.66 -58.42
N ASN M 241 -91.95 -4.85 -59.43
CA ASN M 241 -91.16 -5.23 -60.63
C ASN M 241 -89.68 -4.76 -60.34
N TYR M 242 -88.91 -5.69 -59.76
CA TYR M 242 -87.54 -5.42 -59.31
C TYR M 242 -86.41 -6.05 -60.06
N GLY M 243 -85.24 -5.36 -60.00
CA GLY M 243 -84.06 -6.00 -60.63
C GLY M 243 -83.08 -6.12 -59.42
N VAL M 244 -82.06 -6.93 -59.64
CA VAL M 244 -80.99 -7.13 -58.61
C VAL M 244 -79.71 -6.79 -59.33
N THR M 245 -78.88 -5.84 -58.88
CA THR M 245 -77.65 -5.66 -59.68
C THR M 245 -76.41 -5.34 -58.85
N VAL M 246 -75.32 -4.97 -59.50
CA VAL M 246 -74.11 -4.58 -58.78
C VAL M 246 -74.37 -3.34 -57.91
N LEU M 247 -73.77 -3.21 -56.77
CA LEU M 247 -73.80 -1.99 -55.98
C LEU M 247 -73.11 -0.84 -56.72
N PRO M 248 -73.54 0.41 -56.44
CA PRO M 248 -72.88 1.56 -57.10
C PRO M 248 -71.42 1.75 -56.60
N THR M 249 -70.65 2.46 -57.40
CA THR M 249 -69.27 2.80 -57.11
C THR M 249 -69.26 4.07 -56.29
N PHE M 250 -68.13 4.26 -55.62
CA PHE M 250 -67.97 5.43 -54.82
C PHE M 250 -66.55 5.89 -55.24
N LYS M 251 -66.38 7.08 -55.71
CA LYS M 251 -65.02 7.65 -56.01
C LYS M 251 -64.44 6.79 -57.10
N GLY M 252 -65.34 6.20 -57.86
CA GLY M 252 -64.90 5.36 -58.99
C GLY M 252 -64.52 3.95 -58.59
N GLN M 253 -64.57 3.59 -57.29
CA GLN M 253 -64.18 2.22 -56.92
C GLN M 253 -65.48 1.47 -56.62
N PRO M 254 -65.45 0.15 -56.79
CA PRO M 254 -66.57 -0.66 -56.49
C PRO M 254 -66.93 -0.58 -55.00
N SER M 255 -68.19 -0.64 -54.63
CA SER M 255 -68.66 -0.87 -53.25
C SER M 255 -68.14 -2.31 -52.95
N LYS M 256 -67.69 -2.57 -51.75
CA LYS M 256 -67.06 -3.91 -51.43
C LYS M 256 -67.74 -4.55 -50.27
N PRO M 257 -68.75 -5.37 -50.52
CA PRO M 257 -69.47 -6.00 -49.41
C PRO M 257 -68.55 -7.02 -48.69
N PHE M 258 -68.75 -7.23 -47.42
CA PHE M 258 -68.09 -8.28 -46.70
C PHE M 258 -68.86 -9.51 -47.16
N VAL M 259 -68.25 -10.59 -47.53
CA VAL M 259 -69.00 -11.79 -47.94
C VAL M 259 -69.04 -12.79 -46.83
N GLY M 260 -70.24 -13.38 -46.59
CA GLY M 260 -70.51 -14.35 -45.55
C GLY M 260 -70.82 -15.66 -46.23
N VAL M 261 -70.34 -16.72 -45.61
CA VAL M 261 -70.53 -18.11 -45.96
C VAL M 261 -71.47 -18.60 -44.89
N LEU M 262 -72.80 -18.79 -45.14
CA LEU M 262 -73.77 -19.34 -44.26
C LEU M 262 -73.15 -20.77 -43.88
N SER M 263 -73.10 -20.99 -42.59
CA SER M 263 -72.47 -22.22 -42.08
C SER M 263 -73.27 -22.89 -40.93
N ALA M 264 -73.07 -24.26 -40.85
CA ALA M 264 -73.79 -25.09 -39.83
C ALA M 264 -72.73 -25.77 -38.94
N GLY M 265 -72.79 -25.44 -37.68
CA GLY M 265 -71.76 -26.02 -36.73
C GLY M 265 -72.41 -26.93 -35.76
N ILE M 266 -71.56 -27.89 -35.24
CA ILE M 266 -72.17 -28.87 -34.26
C ILE M 266 -71.64 -28.57 -32.87
N ASN M 267 -72.62 -28.45 -31.98
CA ASN M 267 -72.38 -28.11 -30.59
C ASN M 267 -71.51 -29.24 -30.08
N ALA M 268 -70.39 -28.76 -29.54
CA ALA M 268 -69.34 -29.70 -28.93
C ALA M 268 -70.03 -30.57 -27.83
N ALA M 269 -71.01 -29.94 -27.17
CA ALA M 269 -71.88 -30.41 -26.11
C ALA M 269 -73.01 -31.37 -26.59
N SER M 270 -73.21 -31.70 -27.86
CA SER M 270 -74.21 -32.60 -28.29
C SER M 270 -73.75 -34.07 -28.22
N PRO M 271 -74.72 -34.89 -27.82
CA PRO M 271 -74.70 -36.33 -27.80
C PRO M 271 -75.00 -36.95 -29.19
N ASN M 272 -75.67 -36.06 -29.97
CA ASN M 272 -76.14 -36.38 -31.32
C ASN M 272 -75.10 -36.06 -32.34
N LYS M 273 -73.82 -36.10 -32.31
CA LYS M 273 -72.97 -35.65 -33.42
C LYS M 273 -73.09 -36.37 -34.75
N GLU M 274 -73.29 -37.67 -34.60
CA GLU M 274 -73.38 -38.65 -35.69
C GLU M 274 -74.69 -38.42 -36.43
N LEU M 275 -75.76 -38.20 -35.74
CA LEU M 275 -77.08 -37.87 -36.28
C LEU M 275 -77.00 -36.57 -37.13
N ALA M 276 -76.36 -35.62 -36.44
CA ALA M 276 -76.08 -34.26 -36.91
C ALA M 276 -75.32 -34.40 -38.21
N LYS M 277 -74.21 -35.14 -38.14
CA LYS M 277 -73.47 -35.29 -39.43
C LYS M 277 -74.33 -35.97 -40.47
N GLU M 278 -75.13 -36.98 -40.15
CA GLU M 278 -75.93 -37.69 -41.20
C GLU M 278 -76.81 -36.66 -41.94
N PHE M 279 -77.57 -35.94 -41.18
CA PHE M 279 -78.48 -34.82 -41.52
C PHE M 279 -77.87 -33.78 -42.45
N LEU M 280 -76.71 -33.25 -42.03
CA LEU M 280 -76.08 -32.23 -42.79
C LEU M 280 -75.61 -32.82 -44.10
N GLU M 281 -74.68 -33.78 -44.02
CA GLU M 281 -74.06 -34.34 -45.26
C GLU M 281 -74.94 -35.16 -46.20
N ASN M 282 -75.93 -35.87 -45.65
CA ASN M 282 -76.84 -36.69 -46.42
C ASN M 282 -78.29 -36.18 -46.63
N TYR M 283 -78.79 -35.20 -45.92
CA TYR M 283 -80.15 -34.66 -46.09
C TYR M 283 -80.15 -33.24 -46.65
N LEU M 284 -79.52 -32.35 -45.84
CA LEU M 284 -79.44 -30.91 -46.24
C LEU M 284 -78.46 -30.66 -47.34
N LEU M 285 -77.26 -31.09 -47.21
CA LEU M 285 -76.27 -30.81 -48.24
C LEU M 285 -76.41 -31.67 -49.50
N THR M 286 -77.60 -31.74 -50.03
CA THR M 286 -77.93 -32.41 -51.30
C THR M 286 -78.59 -31.41 -52.24
N ASP M 287 -78.96 -31.71 -53.44
CA ASP M 287 -79.69 -30.78 -54.35
C ASP M 287 -81.10 -30.64 -53.84
N GLU M 288 -81.64 -31.67 -53.26
CA GLU M 288 -83.00 -31.70 -52.81
C GLU M 288 -83.23 -30.96 -51.54
N GLY M 289 -82.29 -31.09 -50.60
CA GLY M 289 -82.39 -30.42 -49.30
C GLY M 289 -82.20 -28.91 -49.47
N LEU M 290 -81.23 -28.55 -50.27
CA LEU M 290 -80.92 -27.13 -50.52
C LEU M 290 -82.14 -26.47 -51.20
N GLU M 291 -82.73 -27.25 -52.09
CA GLU M 291 -83.89 -26.66 -52.77
C GLU M 291 -85.10 -26.50 -51.90
N ALA M 292 -85.44 -27.24 -50.91
CA ALA M 292 -86.55 -27.08 -50.00
C ALA M 292 -86.36 -25.79 -49.23
N VAL M 293 -85.09 -25.54 -48.85
CA VAL M 293 -84.69 -24.35 -48.07
C VAL M 293 -84.81 -23.10 -48.99
N ASN M 294 -84.18 -23.10 -50.17
CA ASN M 294 -84.13 -22.04 -51.13
C ASN M 294 -85.51 -21.63 -51.63
N LYS M 295 -86.49 -22.45 -51.67
CA LYS M 295 -87.89 -22.15 -52.09
C LYS M 295 -88.54 -21.38 -50.96
N ASP M 296 -88.14 -21.59 -49.72
CA ASP M 296 -88.63 -20.81 -48.56
C ASP M 296 -88.00 -19.42 -48.63
N LYS M 297 -86.72 -19.27 -48.36
CA LYS M 297 -85.99 -17.96 -48.50
C LYS M 297 -84.79 -18.22 -49.33
N PRO M 298 -84.51 -17.61 -50.46
CA PRO M 298 -83.35 -17.92 -51.27
C PRO M 298 -82.05 -17.87 -50.51
N LEU M 299 -81.15 -18.82 -50.79
CA LEU M 299 -79.85 -18.86 -50.12
C LEU M 299 -78.77 -17.98 -50.70
N GLY M 300 -78.74 -17.67 -51.96
CA GLY M 300 -77.67 -16.94 -52.59
C GLY M 300 -76.99 -18.10 -53.47
N ALA M 301 -75.71 -17.92 -53.60
CA ALA M 301 -74.85 -18.85 -54.36
C ALA M 301 -74.59 -20.02 -53.46
N VAL M 302 -74.88 -21.29 -53.64
CA VAL M 302 -74.70 -22.42 -52.74
C VAL M 302 -73.29 -23.00 -52.87
N ALA M 303 -72.84 -23.60 -51.78
CA ALA M 303 -71.44 -24.19 -51.89
C ALA M 303 -71.45 -25.52 -52.62
N LEU M 304 -72.59 -26.17 -52.72
CA LEU M 304 -72.78 -27.47 -53.43
C LEU M 304 -72.75 -27.19 -54.93
N LYS M 305 -71.64 -27.74 -55.50
CA LYS M 305 -71.47 -27.46 -56.95
C LYS M 305 -72.60 -27.82 -57.88
N SER M 306 -73.24 -28.90 -57.65
CA SER M 306 -74.29 -29.53 -58.44
C SER M 306 -75.51 -28.62 -58.49
N TYR M 307 -76.00 -28.22 -57.33
CA TYR M 307 -77.10 -27.25 -57.17
C TYR M 307 -76.74 -25.85 -57.67
N GLU M 308 -75.48 -25.40 -57.37
CA GLU M 308 -75.06 -24.09 -57.75
C GLU M 308 -75.14 -23.88 -59.25
N GLU M 309 -74.86 -25.04 -59.86
CA GLU M 309 -74.91 -25.18 -61.34
C GLU M 309 -76.29 -24.83 -61.92
N GLU M 310 -77.35 -25.21 -61.20
CA GLU M 310 -78.70 -24.96 -61.63
C GLU M 310 -79.15 -23.55 -61.18
N LEU M 311 -78.45 -23.08 -60.14
CA LEU M 311 -78.82 -21.76 -59.52
C LEU M 311 -78.31 -20.59 -60.30
N ALA M 312 -77.13 -20.66 -61.05
CA ALA M 312 -77.24 -19.27 -61.59
C ALA M 312 -76.46 -18.91 -62.80
N LYS M 313 -77.27 -18.90 -63.74
CA LYS M 313 -78.18 -18.67 -64.76
C LYS M 313 -79.25 -17.61 -64.37
N ASP M 314 -79.52 -17.71 -63.07
CA ASP M 314 -80.49 -16.72 -62.47
C ASP M 314 -79.74 -15.38 -62.42
N PRO M 315 -80.22 -14.34 -63.03
CA PRO M 315 -79.54 -13.09 -63.05
C PRO M 315 -79.36 -12.50 -61.61
N ARG M 316 -80.19 -12.77 -60.71
CA ARG M 316 -80.16 -12.36 -59.28
C ARG M 316 -78.93 -12.97 -58.63
N ILE M 317 -78.75 -14.22 -58.91
CA ILE M 317 -77.58 -15.01 -58.48
C ILE M 317 -76.34 -14.51 -59.16
N ALA M 318 -76.41 -14.20 -60.47
CA ALA M 318 -75.21 -13.67 -61.13
C ALA M 318 -74.76 -12.35 -60.52
N ALA M 319 -75.75 -11.56 -60.11
CA ALA M 319 -75.40 -10.26 -59.52
C ALA M 319 -74.79 -10.41 -58.13
N THR M 320 -75.31 -11.40 -57.44
CA THR M 320 -74.85 -11.79 -56.09
C THR M 320 -73.34 -12.12 -56.17
N MET M 321 -73.08 -13.03 -57.15
CA MET M 321 -71.65 -13.37 -57.46
C MET M 321 -70.78 -12.22 -57.90
N GLU M 322 -71.29 -11.27 -58.64
CA GLU M 322 -70.47 -10.15 -59.03
C GLU M 322 -70.15 -9.25 -57.83
N ASN M 323 -71.15 -9.01 -56.97
CA ASN M 323 -70.86 -8.13 -55.78
C ASN M 323 -69.90 -8.93 -54.87
N ALA M 324 -70.16 -10.20 -54.77
CA ALA M 324 -69.26 -11.04 -53.93
C ALA M 324 -67.81 -10.96 -54.35
N GLN M 325 -67.56 -11.04 -55.67
CA GLN M 325 -66.27 -10.93 -56.35
C GLN M 325 -65.62 -9.59 -56.10
N LYS M 326 -66.27 -8.47 -55.94
CA LYS M 326 -65.79 -7.18 -55.65
C LYS M 326 -65.64 -6.97 -54.14
N GLY M 327 -66.15 -7.89 -53.40
CA GLY M 327 -66.08 -7.78 -51.96
C GLY M 327 -64.89 -8.56 -51.44
N GLU M 328 -65.00 -8.91 -50.19
CA GLU M 328 -64.00 -9.68 -49.46
C GLU M 328 -64.70 -10.56 -48.44
N ILE M 329 -64.29 -11.78 -48.43
CA ILE M 329 -64.77 -12.80 -47.52
C ILE M 329 -64.37 -12.33 -46.12
N MET M 330 -65.23 -12.41 -45.14
CA MET M 330 -64.91 -11.91 -43.79
C MET M 330 -63.86 -12.87 -43.18
N PRO M 331 -63.09 -12.29 -42.32
CA PRO M 331 -62.21 -13.04 -41.38
C PRO M 331 -63.12 -13.82 -40.45
N ASN M 332 -62.79 -14.95 -39.79
CA ASN M 332 -63.53 -15.67 -38.82
C ASN M 332 -62.76 -15.59 -37.45
N ILE M 333 -61.75 -14.81 -37.36
CA ILE M 333 -60.93 -14.65 -36.12
C ILE M 333 -61.79 -14.25 -34.96
N PRO M 334 -61.50 -14.54 -33.70
CA PRO M 334 -62.31 -14.18 -32.52
C PRO M 334 -62.55 -12.68 -32.43
N GLN M 335 -61.60 -11.91 -32.95
CA GLN M 335 -61.72 -10.45 -32.91
C GLN M 335 -62.85 -9.90 -33.81
N MET M 336 -63.49 -10.68 -34.68
CA MET M 336 -64.65 -10.15 -35.48
C MET M 336 -65.79 -9.60 -34.66
N SER M 337 -66.03 -10.18 -33.51
CA SER M 337 -67.10 -9.58 -32.63
C SER M 337 -66.76 -8.18 -32.06
N ALA M 338 -65.53 -7.85 -31.74
CA ALA M 338 -65.12 -6.54 -31.26
C ALA M 338 -65.24 -5.54 -32.41
N PHE M 339 -64.73 -5.93 -33.54
CA PHE M 339 -64.84 -5.11 -34.76
C PHE M 339 -66.31 -4.73 -34.97
N TRP M 340 -67.20 -5.72 -35.01
CA TRP M 340 -68.61 -5.37 -35.32
C TRP M 340 -69.29 -4.44 -34.33
N TYR M 341 -69.00 -4.71 -33.06
CA TYR M 341 -69.71 -3.81 -32.04
C TYR M 341 -69.13 -2.45 -32.09
N ALA M 342 -67.80 -2.34 -32.30
CA ALA M 342 -67.18 -0.98 -32.42
C ALA M 342 -67.70 -0.24 -33.63
N VAL M 343 -67.82 -0.94 -34.78
CA VAL M 343 -68.28 -0.26 -36.02
C VAL M 343 -69.77 0.05 -35.92
N ARG M 344 -70.54 -0.76 -35.22
CA ARG M 344 -71.96 -0.53 -35.02
C ARG M 344 -72.15 0.78 -34.23
N THR M 345 -71.45 0.87 -33.11
CA THR M 345 -71.61 2.19 -32.40
C THR M 345 -71.28 3.42 -33.23
N ALA M 346 -70.06 3.33 -33.88
CA ALA M 346 -69.52 4.42 -34.68
C ALA M 346 -70.51 4.95 -35.66
N VAL M 347 -71.18 4.11 -36.39
CA VAL M 347 -72.09 4.55 -37.51
C VAL M 347 -73.37 5.24 -36.96
N ILE M 348 -73.83 4.54 -35.91
CA ILE M 348 -75.09 5.06 -35.32
C ILE M 348 -74.77 6.44 -34.72
N ASN M 349 -73.73 6.52 -33.96
CA ASN M 349 -73.34 7.82 -33.34
C ASN M 349 -73.09 8.86 -34.42
N ALA M 350 -72.48 8.53 -35.56
CA ALA M 350 -72.19 9.47 -36.59
C ALA M 350 -73.46 9.81 -37.38
N ALA M 351 -74.30 8.82 -37.60
CA ALA M 351 -75.53 9.13 -38.43
C ALA M 351 -76.55 10.01 -37.68
N SER M 352 -76.63 9.76 -36.38
CA SER M 352 -77.47 10.44 -35.38
C SER M 352 -76.91 11.81 -35.03
N GLY M 353 -75.70 12.18 -35.42
CA GLY M 353 -75.01 13.41 -35.26
C GLY M 353 -74.49 13.58 -33.85
N ARG M 354 -74.41 12.49 -33.06
CA ARG M 354 -73.94 12.50 -31.70
C ARG M 354 -72.40 12.73 -31.69
N GLN M 355 -71.74 12.28 -32.76
CA GLN M 355 -70.30 12.39 -32.90
C GLN M 355 -70.12 12.72 -34.39
N THR M 356 -68.99 13.33 -34.63
CA THR M 356 -68.51 13.64 -35.98
C THR M 356 -67.92 12.27 -36.47
N VAL M 357 -67.78 12.20 -37.78
CA VAL M 357 -67.14 11.03 -38.40
C VAL M 357 -65.78 10.78 -37.84
N ASP M 358 -64.93 11.78 -37.81
CA ASP M 358 -63.51 11.67 -37.30
C ASP M 358 -63.48 11.14 -35.88
N GLU M 359 -64.26 11.71 -34.99
CA GLU M 359 -64.42 11.26 -33.62
C GLU M 359 -65.00 9.85 -33.59
N ALA M 360 -66.01 9.53 -34.32
CA ALA M 360 -66.59 8.17 -34.29
C ALA M 360 -65.61 7.06 -34.71
N LEU M 361 -64.89 7.34 -35.76
CA LEU M 361 -63.99 6.28 -36.36
C LEU M 361 -62.76 6.12 -35.54
N LYS M 362 -62.50 7.25 -34.88
CA LYS M 362 -61.24 7.14 -34.05
C LYS M 362 -61.56 6.35 -32.85
N ASP M 363 -62.68 6.51 -32.28
CA ASP M 363 -63.03 5.74 -31.07
C ASP M 363 -63.10 4.25 -31.34
N ALA M 364 -63.63 4.04 -32.56
CA ALA M 364 -63.84 2.66 -33.00
C ALA M 364 -62.50 1.96 -33.10
N GLN M 365 -61.58 2.72 -33.74
CA GLN M 365 -60.18 2.23 -33.98
C GLN M 365 -59.52 1.84 -32.68
N THR M 366 -59.63 2.72 -31.65
CA THR M 366 -59.14 2.51 -30.30
C THR M 366 -59.79 1.34 -29.65
N ARG M 367 -61.11 1.28 -29.72
CA ARG M 367 -61.82 0.19 -29.15
C ARG M 367 -61.32 -1.12 -29.74
N ILE M 368 -61.17 -1.23 -31.04
CA ILE M 368 -60.76 -2.50 -31.65
C ILE M 368 -59.35 -2.93 -31.35
N THR M 369 -58.42 -1.99 -31.37
CA THR M 369 -57.01 -2.39 -31.14
C THR M 369 -56.55 -2.43 -29.70
N LYS M 370 -57.89 -2.17 -28.71
CA LYS M 370 -58.14 -2.96 -27.51
C LYS M 370 -58.17 -4.46 -27.58
N LYS N 1 -57.01 -21.79 -57.06
CA LYS N 1 -56.33 -22.93 -57.80
C LYS N 1 -57.00 -23.15 -59.18
N ILE N 2 -58.31 -22.93 -59.10
CA ILE N 2 -59.36 -22.95 -60.09
C ILE N 2 -59.42 -24.24 -60.89
N GLU N 3 -59.16 -24.03 -62.16
CA GLU N 3 -59.12 -25.08 -63.21
C GLU N 3 -60.45 -25.80 -63.36
N GLU N 4 -60.74 -27.00 -62.93
CA GLU N 4 -62.05 -27.61 -63.11
C GLU N 4 -62.08 -29.11 -62.80
N GLY N 5 -62.14 -29.82 -63.90
CA GLY N 5 -62.14 -31.13 -64.39
C GLY N 5 -61.88 -31.27 -65.92
N LYS N 6 -61.08 -30.36 -66.42
CA LYS N 6 -60.56 -30.18 -67.77
C LYS N 6 -59.04 -29.91 -67.68
N LEU N 7 -58.37 -29.71 -68.80
CA LEU N 7 -56.95 -29.42 -69.02
C LEU N 7 -56.74 -28.14 -69.85
N VAL N 8 -55.97 -27.18 -69.42
CA VAL N 8 -55.61 -25.92 -70.15
C VAL N 8 -54.08 -25.97 -70.27
N ILE N 9 -53.56 -25.83 -71.46
CA ILE N 9 -52.14 -25.89 -71.77
C ILE N 9 -51.70 -24.59 -72.35
N TRP N 10 -50.55 -24.17 -71.90
CA TRP N 10 -49.89 -22.94 -72.43
C TRP N 10 -48.56 -23.33 -73.10
N ILE N 11 -48.40 -22.93 -74.36
CA ILE N 11 -47.15 -23.28 -75.10
C ILE N 11 -46.83 -22.03 -75.90
N ASN N 12 -45.64 -21.73 -76.24
CA ASN N 12 -45.13 -20.61 -77.00
C ASN N 12 -45.72 -20.76 -78.43
N GLY N 13 -45.91 -19.57 -78.96
CA GLY N 13 -46.47 -19.29 -80.25
C GLY N 13 -45.61 -19.81 -81.40
N ASP N 14 -44.29 -19.98 -81.17
CA ASP N 14 -43.48 -20.53 -82.24
C ASP N 14 -43.45 -22.07 -82.26
N LYS N 15 -44.21 -22.79 -81.45
CA LYS N 15 -44.21 -24.25 -81.39
C LYS N 15 -45.44 -24.80 -82.09
N GLY N 16 -45.54 -26.13 -82.32
CA GLY N 16 -46.74 -26.61 -83.00
C GLY N 16 -47.90 -26.87 -82.09
N TYR N 17 -48.53 -25.75 -81.68
CA TYR N 17 -49.72 -25.74 -80.84
C TYR N 17 -50.91 -26.37 -81.58
N ASN N 18 -50.93 -26.36 -82.92
CA ASN N 18 -52.09 -27.04 -83.56
C ASN N 18 -51.73 -28.54 -83.48
N GLY N 19 -50.51 -29.06 -83.61
CA GLY N 19 -50.32 -30.47 -83.44
C GLY N 19 -50.76 -30.88 -82.04
N LEU N 20 -50.44 -30.02 -81.11
CA LEU N 20 -50.73 -30.23 -79.66
C LEU N 20 -52.23 -30.31 -79.49
N ALA N 21 -52.98 -29.41 -80.02
CA ALA N 21 -54.45 -29.41 -80.05
C ALA N 21 -54.98 -30.70 -80.67
N GLU N 22 -54.43 -31.32 -81.71
CA GLU N 22 -54.84 -32.59 -82.33
C GLU N 22 -54.65 -33.71 -81.32
N VAL N 23 -53.61 -33.54 -80.49
CA VAL N 23 -53.38 -34.52 -79.43
C VAL N 23 -54.38 -34.29 -78.31
N GLY N 24 -54.75 -33.09 -77.93
CA GLY N 24 -55.78 -32.98 -76.89
C GLY N 24 -57.09 -33.68 -77.28
N LYS N 25 -57.38 -33.57 -78.56
CA LYS N 25 -58.57 -34.07 -79.23
C LYS N 25 -58.78 -35.55 -79.08
N LYS N 26 -57.75 -36.32 -79.16
CA LYS N 26 -57.95 -37.76 -79.00
C LYS N 26 -57.69 -38.01 -77.53
N PHE N 27 -57.61 -36.95 -76.70
CA PHE N 27 -57.37 -37.32 -75.27
C PHE N 27 -58.82 -37.45 -74.76
N GLU N 28 -59.48 -36.39 -75.21
CA GLU N 28 -60.86 -36.03 -74.94
C GLU N 28 -62.00 -36.89 -75.52
N LYS N 29 -61.68 -37.37 -76.69
CA LYS N 29 -62.53 -38.26 -77.51
C LYS N 29 -62.39 -39.62 -76.82
N ASP N 30 -61.34 -39.73 -76.02
CA ASP N 30 -61.05 -41.09 -75.37
C ASP N 30 -61.17 -40.95 -73.88
N THR N 31 -61.66 -39.76 -73.49
CA THR N 31 -61.73 -39.61 -72.04
C THR N 31 -62.84 -38.77 -71.51
N GLY N 32 -63.35 -37.85 -72.28
CA GLY N 32 -64.33 -36.88 -71.83
C GLY N 32 -63.74 -35.60 -71.24
N ILE N 33 -62.38 -35.58 -71.06
CA ILE N 33 -61.79 -34.37 -70.52
C ILE N 33 -61.40 -33.56 -71.77
N LYS N 34 -61.96 -32.40 -71.90
CA LYS N 34 -61.56 -31.61 -73.06
C LYS N 34 -60.30 -30.79 -72.70
N VAL N 35 -59.44 -30.79 -73.74
CA VAL N 35 -58.18 -30.01 -73.59
C VAL N 35 -58.25 -28.71 -74.35
N THR N 36 -57.86 -27.58 -73.84
CA THR N 36 -57.79 -26.27 -74.40
C THR N 36 -56.30 -25.83 -74.55
N VAL N 37 -55.77 -25.52 -75.71
CA VAL N 37 -54.39 -25.14 -75.96
C VAL N 37 -54.21 -23.68 -76.17
N GLU N 38 -53.46 -22.95 -75.36
CA GLU N 38 -53.32 -21.50 -75.63
C GLU N 38 -51.83 -21.16 -75.75
N HIS N 39 -51.63 -20.07 -76.44
CA HIS N 39 -50.26 -19.55 -76.63
C HIS N 39 -50.17 -18.06 -76.38
N PRO N 40 -50.34 -17.68 -75.11
CA PRO N 40 -50.26 -16.27 -74.72
C PRO N 40 -48.88 -15.76 -75.00
N ASP N 41 -48.82 -14.46 -75.27
CA ASP N 41 -47.52 -13.73 -75.49
C ASP N 41 -46.72 -13.64 -74.19
N LYS N 42 -45.41 -13.64 -74.10
CA LYS N 42 -44.80 -13.57 -72.75
C LYS N 42 -45.31 -14.62 -71.79
N LEU N 43 -45.61 -15.80 -72.25
CA LEU N 43 -46.24 -16.70 -71.22
C LEU N 43 -45.29 -17.05 -70.08
N GLU N 44 -44.02 -16.99 -70.44
CA GLU N 44 -42.97 -17.43 -69.50
C GLU N 44 -42.83 -16.48 -68.33
N GLU N 45 -43.35 -15.33 -68.64
CA GLU N 45 -43.46 -14.16 -67.76
C GLU N 45 -44.84 -14.14 -67.12
N LYS N 46 -45.87 -14.38 -67.91
CA LYS N 46 -47.22 -14.38 -67.42
C LYS N 46 -47.37 -15.54 -66.48
N PHE N 47 -46.79 -16.72 -66.66
CA PHE N 47 -47.07 -17.83 -65.77
C PHE N 47 -46.91 -17.57 -64.26
N PRO N 48 -45.73 -17.05 -63.89
CA PRO N 48 -45.40 -16.88 -62.46
C PRO N 48 -46.40 -15.92 -61.84
N GLN N 49 -46.81 -14.96 -62.72
CA GLN N 49 -47.76 -13.98 -62.23
C GLN N 49 -49.11 -14.63 -61.91
N VAL N 50 -49.79 -15.26 -62.82
CA VAL N 50 -51.09 -15.85 -62.56
C VAL N 50 -50.99 -17.11 -61.73
N ALA N 51 -49.91 -17.89 -61.83
CA ALA N 51 -49.85 -19.15 -61.06
C ALA N 51 -49.68 -18.92 -59.54
N ALA N 52 -49.06 -17.75 -59.34
CA ALA N 52 -48.71 -17.30 -57.99
C ALA N 52 -50.00 -17.17 -57.21
N THR N 53 -51.05 -16.69 -57.91
CA THR N 53 -52.42 -16.51 -57.42
C THR N 53 -53.14 -17.86 -57.39
N GLY N 54 -52.44 -18.93 -57.68
CA GLY N 54 -53.18 -20.21 -57.63
C GLY N 54 -53.94 -20.43 -58.92
N ASP N 55 -53.75 -19.56 -59.96
CA ASP N 55 -54.52 -19.98 -61.23
C ASP N 55 -53.54 -20.28 -62.38
N GLY N 56 -53.86 -19.98 -63.65
CA GLY N 56 -52.98 -20.24 -64.82
C GLY N 56 -53.33 -21.53 -65.51
N PRO N 57 -52.44 -22.13 -66.33
CA PRO N 57 -52.74 -23.37 -67.03
C PRO N 57 -52.56 -24.54 -66.12
N ASP N 58 -53.08 -25.68 -66.42
CA ASP N 58 -52.84 -26.94 -65.69
C ASP N 58 -51.36 -27.34 -66.00
N ILE N 59 -51.01 -27.14 -67.31
CA ILE N 59 -49.68 -27.48 -67.86
C ILE N 59 -49.10 -26.34 -68.69
N ILE N 60 -47.79 -26.10 -68.44
CA ILE N 60 -46.92 -25.13 -68.99
C ILE N 60 -45.70 -25.76 -69.65
N PHE N 61 -45.48 -25.28 -70.88
CA PHE N 61 -44.35 -25.69 -71.71
C PHE N 61 -43.40 -24.44 -71.93
N TRP N 62 -42.14 -24.72 -71.62
CA TRP N 62 -41.08 -23.73 -71.87
C TRP N 62 -39.78 -24.54 -71.92
N ALA N 63 -38.65 -23.91 -72.41
CA ALA N 63 -37.29 -24.43 -72.31
C ALA N 63 -37.02 -24.65 -70.78
N HIS N 64 -36.17 -25.53 -70.39
CA HIS N 64 -35.98 -25.82 -68.93
C HIS N 64 -35.34 -24.72 -68.16
N ASP N 65 -34.59 -23.75 -68.79
CA ASP N 65 -33.90 -22.68 -68.02
C ASP N 65 -34.84 -21.88 -67.09
N ARG N 66 -36.13 -21.78 -67.40
CA ARG N 66 -37.09 -21.00 -66.59
C ARG N 66 -37.62 -21.87 -65.42
N PHE N 67 -37.52 -23.17 -65.46
CA PHE N 67 -38.13 -24.07 -64.44
C PHE N 67 -37.51 -23.99 -63.02
N GLY N 68 -36.25 -23.81 -62.77
CA GLY N 68 -35.64 -23.68 -61.44
C GLY N 68 -36.33 -22.54 -60.70
N GLY N 69 -36.61 -21.44 -61.34
CA GLY N 69 -37.21 -20.27 -60.74
C GLY N 69 -38.64 -20.56 -60.41
N TYR N 70 -39.40 -21.24 -61.25
CA TYR N 70 -40.78 -21.55 -61.02
C TYR N 70 -40.83 -22.43 -59.78
N ALA N 71 -40.04 -23.45 -59.70
CA ALA N 71 -39.94 -24.43 -58.64
C ALA N 71 -39.60 -23.73 -57.31
N GLN N 72 -38.61 -22.86 -57.26
CA GLN N 72 -38.23 -22.13 -56.06
C GLN N 72 -39.35 -21.23 -55.50
N SER N 73 -40.18 -20.70 -56.36
CA SER N 73 -41.31 -19.89 -56.00
C SER N 73 -42.52 -20.76 -55.58
N GLY N 74 -42.34 -22.04 -55.64
CA GLY N 74 -43.26 -23.15 -55.44
C GLY N 74 -44.37 -23.32 -56.49
N LEU N 75 -44.23 -23.17 -57.79
CA LEU N 75 -45.32 -23.14 -58.79
C LEU N 75 -45.56 -24.41 -59.56
N LEU N 76 -44.65 -25.34 -59.26
CA LEU N 76 -44.75 -26.61 -59.95
C LEU N 76 -44.83 -27.78 -58.99
N ALA N 77 -45.52 -28.79 -59.42
CA ALA N 77 -45.63 -30.05 -58.73
C ALA N 77 -44.45 -30.95 -59.13
N GLU N 78 -44.02 -31.75 -58.15
CA GLU N 78 -42.98 -32.76 -58.31
C GLU N 78 -43.73 -33.90 -59.06
N ILE N 79 -43.08 -34.34 -60.10
CA ILE N 79 -43.62 -35.42 -60.92
C ILE N 79 -42.83 -36.65 -60.45
N THR N 80 -43.47 -37.78 -60.72
CA THR N 80 -42.97 -39.14 -60.40
C THR N 80 -43.22 -40.22 -61.44
N PRO N 81 -42.33 -40.31 -62.39
CA PRO N 81 -42.47 -41.37 -63.42
C PRO N 81 -41.69 -42.54 -62.84
N ASP N 82 -42.11 -43.75 -63.12
CA ASP N 82 -41.27 -44.85 -62.58
C ASP N 82 -40.21 -45.13 -63.65
N LYS N 83 -39.19 -45.70 -63.12
CA LYS N 83 -37.98 -46.13 -63.81
C LYS N 83 -38.30 -46.72 -65.18
N ALA N 84 -39.56 -47.21 -65.29
CA ALA N 84 -39.87 -47.82 -66.59
C ALA N 84 -40.15 -46.58 -67.46
N PHE N 85 -41.03 -45.74 -67.00
CA PHE N 85 -41.29 -44.59 -67.87
C PHE N 85 -40.03 -43.78 -68.06
N GLN N 86 -39.28 -43.64 -67.00
CA GLN N 86 -38.05 -42.85 -67.06
C GLN N 86 -37.07 -43.32 -68.12
N ASP N 87 -37.06 -44.61 -68.32
CA ASP N 87 -36.25 -45.47 -69.17
C ASP N 87 -36.43 -45.20 -70.67
N LYS N 88 -37.58 -44.75 -71.00
CA LYS N 88 -37.94 -44.35 -72.37
C LYS N 88 -37.26 -43.06 -72.85
N LEU N 89 -36.72 -42.26 -71.97
CA LEU N 89 -36.11 -40.99 -72.27
C LEU N 89 -34.62 -40.97 -72.05
N TYR N 90 -33.99 -40.14 -72.87
CA TYR N 90 -32.56 -39.97 -72.64
C TYR N 90 -32.40 -39.36 -71.23
N PRO N 91 -31.50 -39.95 -70.47
CA PRO N 91 -31.21 -39.48 -69.09
C PRO N 91 -30.65 -38.09 -69.00
N PHE N 92 -29.84 -37.63 -69.94
CA PHE N 92 -29.36 -36.26 -69.74
C PHE N 92 -30.59 -35.35 -69.79
N THR N 93 -31.71 -35.77 -70.41
CA THR N 93 -32.90 -34.90 -70.47
C THR N 93 -33.65 -34.82 -69.14
N TRP N 94 -33.57 -35.92 -68.30
CA TRP N 94 -34.22 -35.84 -66.93
C TRP N 94 -33.37 -34.95 -66.05
N ASP N 95 -32.12 -34.82 -66.17
CA ASP N 95 -31.18 -34.07 -65.41
C ASP N 95 -31.43 -32.56 -65.54
N ALA N 96 -31.89 -32.23 -66.76
CA ALA N 96 -32.20 -30.84 -67.12
C ALA N 96 -33.40 -30.39 -66.34
N VAL N 97 -34.27 -31.32 -65.87
CA VAL N 97 -35.52 -30.93 -65.21
C VAL N 97 -35.51 -31.30 -63.71
N ARG N 98 -34.37 -31.35 -63.18
CA ARG N 98 -34.19 -31.67 -61.76
C ARG N 98 -33.84 -30.40 -61.07
N TYR N 99 -34.53 -30.11 -60.01
CA TYR N 99 -34.21 -28.94 -59.24
C TYR N 99 -34.12 -29.43 -57.78
N ASN N 100 -32.93 -29.30 -57.21
CA ASN N 100 -32.63 -29.71 -55.85
C ASN N 100 -32.91 -31.20 -55.71
N GLY N 101 -32.54 -31.98 -56.70
CA GLY N 101 -32.70 -33.39 -56.85
C GLY N 101 -34.08 -33.88 -57.22
N LYS N 102 -35.17 -33.16 -57.17
CA LYS N 102 -36.55 -33.56 -57.49
C LYS N 102 -36.86 -33.35 -59.02
N LEU N 103 -37.71 -34.13 -59.58
CA LEU N 103 -38.04 -33.85 -61.01
C LEU N 103 -39.16 -32.88 -61.01
N ILE N 104 -39.11 -31.79 -61.79
CA ILE N 104 -40.22 -30.80 -61.78
C ILE N 104 -40.93 -30.55 -63.10
N ALA N 105 -40.51 -31.46 -64.03
CA ALA N 105 -41.12 -31.43 -65.38
C ALA N 105 -40.72 -32.64 -66.21
N TYR N 106 -41.48 -32.83 -67.29
CA TYR N 106 -41.26 -33.86 -68.32
C TYR N 106 -40.51 -33.17 -69.51
N PRO N 107 -39.41 -33.71 -69.85
CA PRO N 107 -38.55 -33.24 -70.95
C PRO N 107 -39.22 -33.71 -72.24
N ILE N 108 -39.30 -32.88 -73.25
CA ILE N 108 -39.96 -33.18 -74.52
C ILE N 108 -38.98 -33.23 -75.68
N ALA N 109 -38.12 -32.18 -75.79
CA ALA N 109 -37.22 -32.14 -76.98
C ALA N 109 -36.06 -31.29 -76.70
N VAL N 110 -34.99 -31.43 -77.39
CA VAL N 110 -33.67 -30.84 -77.33
C VAL N 110 -33.52 -29.89 -78.51
N GLU N 111 -33.45 -28.62 -78.03
CA GLU N 111 -33.39 -27.48 -79.03
C GLU N 111 -32.05 -26.86 -79.14
N ALA N 112 -31.42 -26.66 -80.36
CA ALA N 112 -30.17 -25.97 -80.53
C ALA N 112 -30.35 -25.16 -81.85
N LEU N 113 -29.82 -23.97 -81.87
CA LEU N 113 -29.82 -23.15 -83.10
C LEU N 113 -28.85 -23.76 -84.11
N SER N 114 -29.13 -23.60 -85.41
CA SER N 114 -28.29 -24.00 -86.58
C SER N 114 -28.16 -22.86 -87.64
N LEU N 115 -27.17 -23.00 -88.49
CA LEU N 115 -27.04 -22.04 -89.58
C LEU N 115 -27.98 -22.61 -90.64
N ILE N 116 -28.88 -21.86 -91.18
CA ILE N 116 -29.80 -22.23 -92.31
C ILE N 116 -29.37 -21.38 -93.50
N TYR N 117 -29.15 -22.05 -94.63
CA TYR N 117 -28.62 -21.20 -95.78
C TYR N 117 -29.44 -21.58 -97.01
N ASN N 118 -29.44 -20.59 -97.94
CA ASN N 118 -30.21 -20.74 -99.22
C ASN N 118 -29.27 -21.41 -100.19
N LYS N 119 -29.51 -22.66 -100.51
CA LYS N 119 -28.58 -23.41 -101.42
C LYS N 119 -28.40 -22.81 -102.84
N ASP N 120 -29.38 -22.03 -103.17
CA ASP N 120 -29.43 -21.36 -104.47
C ASP N 120 -28.61 -20.08 -104.43
N LEU N 121 -28.52 -19.32 -103.38
CA LEU N 121 -27.65 -18.14 -103.33
C LEU N 121 -26.26 -18.61 -102.86
N LEU N 122 -26.16 -19.67 -102.09
CA LEU N 122 -24.93 -20.16 -101.43
C LEU N 122 -24.82 -21.65 -101.31
N PRO N 123 -24.47 -22.32 -102.36
CA PRO N 123 -24.40 -23.78 -102.37
C PRO N 123 -23.49 -24.23 -101.24
N ASN N 124 -22.44 -23.50 -100.96
CA ASN N 124 -21.50 -23.85 -99.83
C ASN N 124 -21.52 -22.75 -98.73
N PRO N 125 -21.92 -23.16 -97.55
CA PRO N 125 -22.04 -22.20 -96.42
C PRO N 125 -20.66 -21.85 -95.94
N PRO N 126 -20.50 -20.65 -95.42
CA PRO N 126 -19.21 -20.17 -94.89
C PRO N 126 -18.83 -21.02 -93.66
N LYS N 127 -17.55 -21.24 -93.41
CA LYS N 127 -17.19 -22.06 -92.24
C LYS N 127 -16.79 -21.18 -91.05
N THR N 128 -16.72 -19.88 -91.36
CA THR N 128 -16.20 -18.90 -90.38
C THR N 128 -16.98 -17.65 -90.31
N TRP N 129 -17.13 -17.07 -89.08
CA TRP N 129 -17.87 -15.85 -88.96
C TRP N 129 -17.08 -14.76 -89.74
N GLU N 130 -15.75 -14.94 -89.68
CA GLU N 130 -14.87 -13.89 -90.26
C GLU N 130 -15.03 -13.71 -91.75
N GLU N 131 -15.44 -14.71 -92.48
CA GLU N 131 -15.62 -14.44 -93.96
C GLU N 131 -16.97 -13.93 -94.30
N ILE N 132 -17.77 -13.56 -93.34
CA ILE N 132 -19.13 -13.11 -93.62
C ILE N 132 -19.13 -11.73 -94.21
N PRO N 133 -18.31 -10.82 -93.72
CA PRO N 133 -18.33 -9.42 -94.24
C PRO N 133 -18.06 -9.39 -95.77
N ALA N 134 -17.03 -10.12 -96.20
CA ALA N 134 -16.65 -10.22 -97.61
C ALA N 134 -17.83 -10.74 -98.44
N LEU N 135 -18.36 -11.81 -97.82
CA LEU N 135 -19.50 -12.45 -98.48
C LEU N 135 -20.65 -11.48 -98.69
N ASP N 136 -21.01 -10.64 -97.77
CA ASP N 136 -22.11 -9.68 -97.83
C ASP N 136 -21.88 -8.61 -98.97
N LYS N 137 -20.62 -8.24 -99.00
CA LYS N 137 -20.07 -7.29 -99.99
C LYS N 137 -20.51 -7.81 -101.39
N GLU N 138 -20.20 -9.03 -101.68
CA GLU N 138 -20.50 -9.71 -102.95
C GLU N 138 -21.97 -9.86 -103.27
N LEU N 139 -22.79 -10.24 -102.29
CA LEU N 139 -24.22 -10.47 -102.46
C LEU N 139 -24.93 -9.15 -102.64
N LYS N 140 -24.53 -8.16 -101.92
CA LYS N 140 -25.11 -6.83 -101.87
C LYS N 140 -25.09 -6.05 -103.21
N ALA N 141 -24.15 -6.39 -104.02
CA ALA N 141 -23.82 -5.95 -105.34
C ALA N 141 -24.88 -6.50 -106.31
N LYS N 142 -25.50 -7.56 -105.81
CA LYS N 142 -26.56 -8.36 -106.50
C LYS N 142 -27.94 -8.15 -105.89
N GLY N 143 -28.15 -7.15 -105.09
CA GLY N 143 -29.28 -6.73 -104.33
C GLY N 143 -29.61 -7.59 -103.09
N LYS N 144 -28.82 -8.57 -102.68
CA LYS N 144 -29.04 -9.49 -101.53
C LYS N 144 -28.17 -9.13 -100.33
N SER N 145 -28.21 -10.01 -99.30
CA SER N 145 -27.40 -9.89 -98.04
C SER N 145 -26.99 -11.35 -97.63
N ALA N 146 -25.92 -11.36 -96.92
CA ALA N 146 -25.36 -12.59 -96.47
C ALA N 146 -26.18 -13.21 -95.33
N LEU N 147 -26.54 -12.46 -94.31
CA LEU N 147 -27.17 -12.98 -93.10
C LEU N 147 -28.10 -12.11 -92.38
N MET N 148 -29.23 -12.65 -91.86
CA MET N 148 -30.07 -11.80 -91.05
C MET N 148 -30.64 -12.71 -89.98
N PHE N 149 -30.62 -12.27 -88.75
CA PHE N 149 -31.23 -13.19 -87.66
C PHE N 149 -31.72 -12.26 -86.59
N ASN N 150 -32.53 -12.79 -85.70
CA ASN N 150 -33.13 -12.01 -84.61
C ASN N 150 -32.06 -11.43 -83.66
N LEU N 151 -31.87 -10.13 -83.60
CA LEU N 151 -30.94 -9.45 -82.74
C LEU N 151 -31.59 -8.93 -81.43
N GLN N 152 -32.86 -9.02 -81.34
CA GLN N 152 -33.60 -8.54 -80.23
C GLN N 152 -33.58 -9.58 -79.10
N GLU N 153 -33.41 -10.82 -79.28
CA GLU N 153 -33.35 -11.98 -78.29
C GLU N 153 -31.94 -12.53 -78.11
N PRO N 154 -31.41 -12.40 -76.87
CA PRO N 154 -30.02 -12.72 -76.58
C PRO N 154 -29.62 -14.14 -76.89
N TYR N 155 -30.69 -14.97 -76.93
CA TYR N 155 -30.58 -16.39 -77.25
C TYR N 155 -29.91 -16.60 -78.66
N PHE N 156 -30.19 -15.67 -79.56
CA PHE N 156 -29.68 -15.82 -80.99
C PHE N 156 -28.23 -15.41 -81.20
N THR N 157 -27.91 -14.43 -80.34
CA THR N 157 -26.55 -13.88 -80.30
C THR N 157 -25.57 -14.62 -79.34
N TRP N 158 -26.02 -15.28 -78.27
CA TRP N 158 -25.17 -15.99 -77.35
C TRP N 158 -24.22 -16.90 -78.01
N PRO N 159 -24.46 -17.66 -79.05
CA PRO N 159 -23.42 -18.57 -79.61
C PRO N 159 -22.12 -17.92 -80.00
N LEU N 160 -22.21 -16.66 -80.49
CA LEU N 160 -21.01 -15.93 -80.90
C LEU N 160 -20.26 -15.37 -79.66
N ILE N 161 -21.08 -14.90 -78.68
CA ILE N 161 -20.51 -14.36 -77.42
C ILE N 161 -19.77 -15.45 -76.64
N ALA N 162 -20.38 -16.58 -76.61
CA ALA N 162 -19.76 -17.70 -75.90
C ALA N 162 -18.64 -18.30 -76.70
N ALA N 163 -18.48 -18.25 -78.05
CA ALA N 163 -17.47 -18.95 -78.81
C ALA N 163 -16.06 -18.84 -78.31
N ASP N 164 -15.55 -17.65 -78.08
CA ASP N 164 -14.18 -17.38 -77.65
C ASP N 164 -14.09 -17.31 -76.11
N GLY N 165 -15.10 -17.77 -75.38
CA GLY N 165 -15.02 -17.79 -73.89
C GLY N 165 -16.10 -17.17 -73.12
N GLY N 166 -17.12 -16.45 -73.58
CA GLY N 166 -18.14 -15.85 -72.68
C GLY N 166 -18.82 -16.99 -72.01
N TYR N 167 -19.39 -16.77 -70.82
CA TYR N 167 -20.13 -17.89 -70.12
C TYR N 167 -21.13 -17.27 -69.14
N ALA N 168 -22.19 -18.00 -68.84
CA ALA N 168 -23.20 -17.49 -67.88
C ALA N 168 -22.67 -17.61 -66.44
N PHE N 169 -22.74 -18.74 -65.82
CA PHE N 169 -22.35 -19.13 -64.45
C PHE N 169 -21.36 -20.30 -64.55
N LYS N 170 -20.29 -20.17 -63.86
CA LYS N 170 -19.27 -21.18 -63.76
C LYS N 170 -19.89 -22.36 -62.95
N TYR N 171 -19.76 -23.55 -63.52
CA TYR N 171 -20.18 -24.78 -62.99
C TYR N 171 -18.96 -25.28 -62.15
N GLU N 172 -19.04 -25.28 -60.83
CA GLU N 172 -17.85 -25.67 -60.07
C GLU N 172 -18.23 -26.60 -58.94
N ASN N 173 -17.74 -27.82 -58.96
CA ASN N 173 -18.00 -28.89 -57.96
C ASN N 173 -19.49 -29.04 -57.59
N GLY N 174 -20.13 -29.71 -58.58
CA GLY N 174 -21.55 -30.05 -58.46
C GLY N 174 -22.57 -28.90 -58.48
N LYS N 175 -22.01 -27.67 -58.56
CA LYS N 175 -23.03 -26.59 -58.65
C LYS N 175 -22.44 -25.37 -59.33
N TYR N 176 -23.41 -24.50 -59.66
CA TYR N 176 -23.20 -23.22 -60.29
C TYR N 176 -22.87 -22.17 -59.23
N ASP N 177 -21.75 -21.49 -59.50
CA ASP N 177 -21.32 -20.36 -58.71
C ASP N 177 -22.00 -19.09 -59.35
N ILE N 178 -22.94 -18.59 -58.59
CA ILE N 178 -23.73 -17.41 -58.93
C ILE N 178 -22.96 -16.11 -58.93
N LYS N 179 -21.74 -16.17 -58.37
CA LYS N 179 -20.94 -14.94 -58.29
C LYS N 179 -19.87 -15.04 -59.34
N ASP N 180 -19.69 -16.16 -60.01
CA ASP N 180 -18.70 -16.30 -61.08
C ASP N 180 -19.45 -16.31 -62.45
N VAL N 181 -19.47 -15.10 -63.10
CA VAL N 181 -20.14 -14.85 -64.35
C VAL N 181 -19.19 -14.54 -65.49
N GLY N 182 -19.44 -14.89 -66.78
CA GLY N 182 -18.38 -14.63 -67.79
C GLY N 182 -18.93 -13.88 -68.93
N VAL N 183 -19.68 -12.85 -68.46
CA VAL N 183 -20.36 -11.98 -69.51
C VAL N 183 -19.49 -10.83 -69.85
N ASP N 184 -18.53 -10.50 -69.07
CA ASP N 184 -17.65 -9.38 -69.38
C ASP N 184 -16.22 -9.79 -69.55
N ASN N 185 -15.94 -11.04 -69.79
CA ASN N 185 -14.50 -11.43 -69.93
C ASN N 185 -14.01 -11.15 -71.39
N ALA N 186 -12.76 -11.46 -71.66
CA ALA N 186 -12.16 -11.17 -72.95
C ALA N 186 -12.91 -11.93 -74.05
N GLY N 187 -13.40 -13.12 -73.93
CA GLY N 187 -14.09 -13.80 -75.06
C GLY N 187 -15.41 -13.23 -75.40
N ALA N 188 -16.13 -12.88 -74.34
CA ALA N 188 -17.43 -12.25 -74.47
C ALA N 188 -17.27 -10.86 -75.16
N LYS N 189 -16.28 -10.10 -74.72
CA LYS N 189 -16.02 -8.79 -75.37
C LYS N 189 -15.63 -8.97 -76.88
N ALA N 190 -14.82 -9.92 -77.23
CA ALA N 190 -14.40 -10.14 -78.63
C ALA N 190 -15.61 -10.45 -79.54
N GLY N 191 -16.51 -11.32 -79.00
CA GLY N 191 -17.74 -11.77 -79.62
C GLY N 191 -18.72 -10.67 -79.92
N LEU N 192 -19.05 -9.88 -78.86
CA LEU N 192 -19.98 -8.75 -79.10
C LEU N 192 -19.39 -7.67 -80.03
N THR N 193 -18.09 -7.44 -79.92
CA THR N 193 -17.40 -6.44 -80.76
C THR N 193 -17.57 -6.79 -82.24
N PHE N 194 -17.32 -8.02 -82.54
CA PHE N 194 -17.48 -8.60 -83.87
C PHE N 194 -18.92 -8.35 -84.30
N LEU N 195 -19.89 -8.60 -83.54
CA LEU N 195 -21.26 -8.37 -83.93
C LEU N 195 -21.52 -6.87 -84.24
N VAL N 196 -21.13 -6.00 -83.39
CA VAL N 196 -21.34 -4.56 -83.45
C VAL N 196 -20.64 -4.05 -84.72
N ASP N 197 -19.49 -4.63 -85.05
CA ASP N 197 -18.73 -4.24 -86.22
C ASP N 197 -19.53 -4.57 -87.51
N LEU N 198 -20.30 -5.64 -87.48
CA LEU N 198 -21.12 -6.10 -88.58
C LEU N 198 -22.16 -5.03 -88.88
N ILE N 199 -22.69 -4.52 -87.82
CA ILE N 199 -23.70 -3.47 -87.91
C ILE N 199 -23.02 -2.17 -88.33
N LYS N 200 -22.02 -1.76 -87.62
CA LYS N 200 -21.27 -0.56 -87.89
C LYS N 200 -21.05 -0.38 -89.40
N ASN N 201 -20.57 -1.46 -89.97
CA ASN N 201 -20.14 -1.57 -91.38
C ASN N 201 -21.24 -1.95 -92.35
N LYS N 202 -22.43 -1.80 -91.90
CA LYS N 202 -23.66 -2.03 -92.69
C LYS N 202 -23.90 -3.39 -93.22
N HIS N 203 -23.40 -4.44 -92.54
CA HIS N 203 -23.67 -5.80 -93.02
C HIS N 203 -24.95 -6.32 -92.43
N MET N 204 -25.35 -5.67 -91.35
CA MET N 204 -26.50 -6.03 -90.54
C MET N 204 -27.17 -4.86 -89.95
N ASN N 205 -28.44 -4.92 -89.63
CA ASN N 205 -29.07 -3.77 -88.96
C ASN N 205 -29.50 -4.15 -87.56
N ALA N 206 -29.30 -3.22 -86.70
CA ALA N 206 -29.57 -3.20 -85.31
C ALA N 206 -31.03 -3.48 -85.00
N ASP N 207 -31.89 -3.23 -85.98
CA ASP N 207 -33.32 -3.45 -85.64
C ASP N 207 -33.81 -4.85 -86.00
N THR N 208 -33.06 -5.67 -86.77
CA THR N 208 -33.64 -6.97 -87.14
C THR N 208 -34.21 -7.76 -85.96
N ASP N 209 -35.47 -8.15 -86.21
CA ASP N 209 -36.15 -8.98 -85.23
C ASP N 209 -36.47 -10.36 -85.87
N TYR N 210 -37.25 -11.15 -85.17
CA TYR N 210 -37.67 -12.48 -85.60
C TYR N 210 -38.44 -12.49 -86.93
N SER N 211 -39.43 -11.68 -87.00
CA SER N 211 -40.22 -11.50 -88.24
C SER N 211 -39.43 -10.95 -89.37
N ILE N 212 -38.70 -9.86 -89.24
CA ILE N 212 -37.92 -9.27 -90.33
C ILE N 212 -36.98 -10.32 -90.89
N ALA N 213 -36.24 -11.06 -89.91
CA ALA N 213 -35.26 -12.12 -90.36
C ALA N 213 -35.93 -13.25 -91.07
N GLU N 214 -37.03 -13.67 -90.46
CA GLU N 214 -37.80 -14.75 -91.11
C GLU N 214 -38.31 -14.34 -92.48
N ALA N 215 -38.98 -13.23 -92.67
CA ALA N 215 -39.47 -12.81 -93.99
C ALA N 215 -38.36 -12.65 -95.00
N ALA N 216 -37.26 -12.10 -94.51
CA ALA N 216 -36.10 -11.92 -95.40
C ALA N 216 -35.67 -13.24 -95.95
N PHE N 217 -35.41 -14.28 -95.10
CA PHE N 217 -34.86 -15.51 -95.73
C PHE N 217 -35.87 -16.23 -96.58
N ASN N 218 -37.11 -16.24 -96.14
CA ASN N 218 -38.22 -16.95 -96.76
C ASN N 218 -38.57 -16.31 -98.16
N LYS N 219 -38.26 -15.02 -98.31
CA LYS N 219 -38.51 -14.37 -99.63
C LYS N 219 -37.34 -14.38 -100.57
N GLY N 220 -36.26 -14.95 -100.13
CA GLY N 220 -35.02 -15.06 -100.90
C GLY N 220 -34.14 -13.89 -100.84
N GLU N 221 -34.38 -12.97 -99.91
CA GLU N 221 -33.45 -11.78 -99.91
C GLU N 221 -32.17 -11.92 -99.16
N THR N 222 -32.08 -12.85 -98.18
CA THR N 222 -30.82 -12.99 -97.45
C THR N 222 -30.35 -14.40 -97.70
N ALA N 223 -29.02 -14.65 -97.78
CA ALA N 223 -28.59 -16.01 -98.04
C ALA N 223 -28.59 -16.91 -96.79
N MET N 224 -28.58 -16.41 -95.56
CA MET N 224 -28.50 -17.29 -94.33
C MET N 224 -29.26 -16.65 -93.22
N THR N 225 -29.67 -17.51 -92.26
CA THR N 225 -30.38 -17.00 -91.04
C THR N 225 -29.95 -17.98 -89.93
N ILE N 226 -30.18 -17.68 -88.69
CA ILE N 226 -29.84 -18.62 -87.59
C ILE N 226 -31.15 -18.86 -86.93
N ASN N 227 -31.64 -20.05 -86.77
CA ASN N 227 -32.89 -20.32 -86.10
C ASN N 227 -32.93 -21.83 -85.58
N GLY N 228 -33.99 -22.15 -84.84
CA GLY N 228 -34.21 -23.47 -84.28
C GLY N 228 -35.16 -24.25 -85.16
N PRO N 229 -35.37 -25.54 -84.80
CA PRO N 229 -36.15 -26.47 -85.56
C PRO N 229 -37.53 -26.02 -85.90
N TRP N 230 -38.24 -25.28 -85.00
CA TRP N 230 -39.54 -24.76 -85.11
C TRP N 230 -39.67 -23.84 -86.36
N ALA N 231 -38.68 -23.18 -86.88
CA ALA N 231 -38.77 -22.33 -88.09
C ALA N 231 -38.80 -23.14 -89.38
N TRP N 232 -38.47 -24.42 -89.42
CA TRP N 232 -38.29 -25.20 -90.65
C TRP N 232 -39.60 -25.24 -91.45
N SER N 233 -40.67 -25.34 -90.70
CA SER N 233 -42.03 -25.43 -91.35
C SER N 233 -42.35 -24.32 -92.32
N ASN N 234 -42.10 -23.10 -91.92
CA ASN N 234 -42.42 -21.96 -92.82
C ASN N 234 -41.47 -21.91 -94.06
N ILE N 235 -40.23 -22.31 -93.79
CA ILE N 235 -39.25 -22.38 -94.83
C ILE N 235 -39.78 -23.39 -95.87
N ASP N 236 -40.27 -24.52 -95.40
CA ASP N 236 -40.65 -25.57 -96.37
C ASP N 236 -41.75 -25.06 -97.34
N THR N 237 -42.61 -24.35 -96.63
CA THR N 237 -43.79 -23.75 -97.17
C THR N 237 -43.47 -22.66 -98.22
N SER N 238 -42.35 -22.02 -98.02
CA SER N 238 -41.94 -20.98 -98.99
C SER N 238 -41.16 -21.67 -100.14
N LYS N 239 -40.89 -22.98 -100.00
CA LYS N 239 -40.09 -23.76 -100.94
C LYS N 239 -38.69 -23.20 -101.12
N VAL N 240 -38.08 -22.37 -100.24
CA VAL N 240 -36.66 -21.96 -100.56
C VAL N 240 -35.89 -23.27 -100.65
N ASN N 241 -34.76 -23.36 -101.32
CA ASN N 241 -33.89 -24.56 -101.35
C ASN N 241 -32.78 -24.33 -100.26
N TYR N 242 -33.09 -24.80 -99.05
CA TYR N 242 -32.24 -24.58 -97.87
C TYR N 242 -31.51 -25.76 -97.29
N GLY N 243 -30.36 -25.44 -96.62
CA GLY N 243 -29.67 -26.55 -95.94
C GLY N 243 -29.67 -26.06 -94.46
N VAL N 244 -29.35 -27.01 -93.59
CA VAL N 244 -29.27 -26.70 -92.12
C VAL N 244 -27.87 -27.18 -91.75
N THR N 245 -26.99 -26.35 -91.17
CA THR N 245 -25.69 -26.96 -90.83
C THR N 245 -25.10 -26.44 -89.53
N VAL N 246 -23.84 -26.79 -89.25
CA VAL N 246 -23.18 -26.28 -88.07
C VAL N 246 -23.03 -24.75 -88.13
N LEU N 247 -23.10 -24.06 -87.03
CA LEU N 247 -22.78 -22.63 -86.99
C LEU N 247 -21.31 -22.38 -87.31
N PRO N 248 -21.00 -21.19 -87.85
CA PRO N 248 -19.58 -20.88 -88.13
C PRO N 248 -18.74 -20.71 -86.84
N THR N 249 -17.44 -20.85 -86.99
CA THR N 249 -16.47 -20.69 -85.93
C THR N 249 -16.11 -19.23 -85.84
N PHE N 250 -15.59 -18.88 -84.67
CA PHE N 250 -15.17 -17.53 -84.46
C PHE N 250 -13.77 -17.73 -83.82
N LYS N 251 -12.74 -17.18 -84.37
CA LYS N 251 -11.37 -17.22 -83.76
C LYS N 251 -10.99 -18.68 -83.71
N GLY N 252 -11.55 -19.41 -84.63
CA GLY N 252 -11.21 -20.85 -84.73
C GLY N 252 -11.98 -21.72 -83.76
N GLN N 253 -12.84 -21.15 -82.88
CA GLN N 253 -13.56 -22.01 -81.93
C GLN N 253 -14.98 -22.12 -82.45
N PRO N 254 -15.66 -23.22 -82.10
CA PRO N 254 -17.01 -23.40 -82.48
C PRO N 254 -17.91 -22.33 -81.87
N SER N 255 -18.95 -21.89 -82.54
CA SER N 255 -20.06 -21.08 -81.95
C SER N 255 -20.70 -22.06 -80.92
N LYS N 256 -21.12 -21.58 -79.78
CA LYS N 256 -21.64 -22.50 -78.71
C LYS N 256 -23.01 -22.10 -78.30
N PRO N 257 -24.03 -22.67 -78.91
CA PRO N 257 -25.41 -22.29 -78.55
C PRO N 257 -25.74 -22.77 -77.12
N PHE N 258 -26.60 -22.09 -76.42
CA PHE N 258 -27.12 -22.52 -75.17
C PHE N 258 -28.13 -23.59 -75.60
N VAL N 259 -28.17 -24.75 -75.04
CA VAL N 259 -29.18 -25.76 -75.44
C VAL N 259 -30.32 -25.78 -74.47
N GLY N 260 -31.56 -25.83 -75.01
CA GLY N 260 -32.80 -25.83 -74.26
C GLY N 260 -33.44 -27.19 -74.47
N VAL N 261 -34.05 -27.67 -73.40
CA VAL N 261 -34.82 -28.89 -73.30
C VAL N 261 -36.23 -28.39 -73.18
N LEU N 262 -37.09 -28.43 -74.23
CA LEU N 262 -38.47 -28.09 -74.23
C LEU N 262 -39.08 -29.03 -73.08
N SER N 263 -39.80 -28.37 -72.19
CA SER N 263 -40.34 -29.09 -71.02
C SER N 263 -41.80 -28.70 -70.70
N ALA N 264 -42.51 -29.72 -70.04
CA ALA N 264 -43.95 -29.54 -69.69
C ALA N 264 -44.06 -29.68 -68.15
N GLY N 265 -44.51 -28.61 -67.54
CA GLY N 265 -44.63 -28.65 -66.04
C GLY N 265 -46.05 -28.58 -65.63
N ILE N 266 -46.31 -29.13 -64.38
CA ILE N 266 -47.74 -29.12 -63.90
C ILE N 266 -47.88 -28.12 -62.78
N ASN N 267 -48.87 -27.27 -63.00
CA ASN N 267 -49.18 -26.17 -62.07
C ASN N 267 -49.52 -26.87 -60.78
N ALA N 268 -48.75 -26.38 -59.79
CA ALA N 268 -48.90 -26.90 -58.37
C ALA N 268 -50.39 -26.71 -57.91
N ALA N 269 -50.98 -25.61 -58.43
CA ALA N 269 -52.33 -25.13 -58.27
C ALA N 269 -53.40 -25.92 -59.06
N SER N 270 -53.12 -26.93 -59.86
CA SER N 270 -54.10 -27.68 -60.56
C SER N 270 -54.68 -28.83 -59.70
N PRO N 271 -55.99 -28.99 -59.90
CA PRO N 271 -56.84 -30.05 -59.41
C PRO N 271 -56.73 -31.34 -60.27
N ASN N 272 -56.28 -31.04 -61.51
CA ASN N 272 -56.13 -32.04 -62.57
C ASN N 272 -54.78 -32.67 -62.54
N LYS N 273 -53.96 -32.93 -61.58
CA LYS N 273 -52.62 -33.47 -61.78
C LYS N 273 -52.48 -34.83 -62.43
N GLU N 274 -53.45 -35.66 -62.06
CA GLU N 274 -53.56 -37.06 -62.47
C GLU N 274 -53.93 -37.11 -63.95
N LEU N 275 -54.84 -36.29 -64.38
CA LEU N 275 -55.27 -36.13 -65.77
C LEU N 275 -54.04 -35.72 -66.65
N ALA N 276 -53.40 -34.69 -66.08
CA ALA N 276 -52.20 -34.04 -66.61
C ALA N 276 -51.16 -35.13 -66.79
N LYS N 277 -50.89 -35.85 -65.69
CA LYS N 277 -49.88 -36.94 -65.88
C LYS N 277 -50.35 -37.93 -66.92
N GLU N 278 -51.62 -38.32 -66.99
CA GLU N 278 -52.05 -39.35 -67.97
C GLU N 278 -51.69 -38.89 -69.40
N PHE N 279 -52.12 -37.72 -69.73
CA PHE N 279 -51.91 -36.93 -70.95
C PHE N 279 -50.45 -36.86 -71.41
N LEU N 280 -49.59 -36.43 -70.49
CA LEU N 280 -48.21 -36.30 -70.82
C LEU N 280 -47.61 -37.65 -71.08
N GLU N 281 -47.61 -38.51 -70.04
CA GLU N 281 -46.94 -39.83 -70.16
C GLU N 281 -47.55 -40.86 -71.10
N ASN N 282 -48.87 -40.84 -71.25
CA ASN N 282 -49.59 -41.75 -72.12
C ASN N 282 -50.14 -41.23 -73.46
N TYR N 283 -50.25 -39.95 -73.71
CA TYR N 283 -50.74 -39.38 -74.99
C TYR N 283 -49.63 -38.69 -75.79
N LEU N 284 -49.08 -37.64 -75.13
CA LEU N 284 -48.01 -36.83 -75.79
C LEU N 284 -46.68 -37.54 -75.82
N LEU N 285 -46.21 -38.01 -74.73
CA LEU N 285 -44.92 -38.65 -74.72
C LEU N 285 -44.91 -40.08 -75.30
N THR N 286 -45.47 -40.24 -76.47
CA THR N 286 -45.47 -41.47 -77.26
C THR N 286 -44.88 -41.20 -78.63
N ASP N 287 -44.73 -42.10 -79.53
CA ASP N 287 -44.24 -41.86 -80.92
C ASP N 287 -45.33 -41.14 -81.68
N GLU N 288 -46.55 -41.44 -81.38
CA GLU N 288 -47.69 -40.89 -82.09
C GLU N 288 -48.01 -39.50 -81.73
N GLY N 289 -47.90 -39.18 -80.43
CA GLY N 289 -48.21 -37.83 -79.93
C GLY N 289 -47.12 -36.86 -80.38
N LEU N 290 -45.89 -37.29 -80.28
CA LEU N 290 -44.75 -36.45 -80.68
C LEU N 290 -44.83 -36.15 -82.18
N GLU N 291 -45.25 -37.19 -82.90
CA GLU N 291 -45.34 -36.94 -84.35
C GLU N 291 -46.46 -36.03 -84.76
N ALA N 292 -47.58 -35.89 -84.16
CA ALA N 292 -48.66 -34.96 -84.46
C ALA N 292 -48.15 -33.55 -84.28
N VAL N 293 -47.35 -33.38 -83.21
CA VAL N 293 -46.77 -32.08 -82.84
C VAL N 293 -45.67 -31.72 -83.88
N ASN N 294 -44.70 -32.59 -84.14
CA ASN N 294 -43.59 -32.42 -85.03
C ASN N 294 -44.01 -32.16 -86.47
N LYS N 295 -45.12 -32.60 -86.94
CA LYS N 295 -45.67 -32.37 -88.31
C LYS N 295 -46.19 -30.93 -88.34
N ASP N 296 -46.64 -30.38 -87.23
CA ASP N 296 -47.05 -28.97 -87.15
C ASP N 296 -45.80 -28.11 -87.18
N LYS N 297 -45.00 -28.07 -86.14
CA LYS N 297 -43.69 -27.34 -86.12
C LYS N 297 -42.65 -28.29 -85.66
N PRO N 298 -41.58 -28.61 -86.33
CA PRO N 298 -40.60 -29.60 -85.89
C PRO N 298 -40.08 -29.32 -84.51
N LEU N 299 -39.91 -30.40 -83.71
CA LEU N 299 -39.40 -30.26 -82.34
C LEU N 299 -37.90 -30.18 -82.19
N GLY N 300 -37.11 -30.76 -83.04
CA GLY N 300 -35.67 -30.83 -82.89
C GLY N 300 -35.48 -32.39 -82.54
N ALA N 301 -34.47 -32.59 -81.74
CA ALA N 301 -34.08 -33.95 -81.28
C ALA N 301 -35.03 -34.29 -80.17
N VAL N 302 -35.87 -35.30 -80.07
CA VAL N 302 -36.84 -35.60 -79.04
C VAL N 302 -36.20 -36.39 -77.90
N ALA N 303 -36.76 -36.23 -76.71
CA ALA N 303 -36.13 -37.01 -75.58
C ALA N 303 -36.57 -38.46 -75.59
N LEU N 304 -37.66 -38.79 -76.27
CA LEU N 304 -38.20 -40.18 -76.41
C LEU N 304 -37.30 -40.93 -77.39
N LYS N 305 -36.62 -41.92 -76.75
CA LYS N 305 -35.65 -42.67 -77.59
C LYS N 305 -36.16 -43.31 -78.86
N SER N 306 -37.33 -43.85 -78.84
CA SER N 306 -38.01 -44.61 -79.88
C SER N 306 -38.26 -43.73 -81.10
N TYR N 307 -38.89 -42.59 -80.87
CA TYR N 307 -39.13 -41.53 -81.88
C TYR N 307 -37.84 -40.89 -82.38
N GLU N 308 -36.89 -40.61 -81.44
CA GLU N 308 -35.66 -39.96 -81.78
C GLU N 308 -34.88 -40.75 -82.82
N GLU N 309 -35.08 -42.05 -82.61
CA GLU N 309 -34.49 -43.09 -83.50
C GLU N 309 -34.92 -42.93 -84.96
N GLU N 310 -36.19 -42.54 -85.17
CA GLU N 310 -36.72 -42.36 -86.50
C GLU N 310 -36.41 -40.95 -87.01
N LEU N 311 -36.17 -40.07 -86.03
CA LEU N 311 -35.94 -38.61 -86.34
C LEU N 311 -34.55 -38.34 -86.82
N ALA N 312 -33.45 -39.11 -86.40
CA ALA N 312 -32.46 -38.39 -87.25
C ALA N 312 -31.16 -39.05 -87.53
N LYS N 313 -31.24 -39.48 -88.70
CA LYS N 313 -31.22 -39.79 -90.06
C LYS N 313 -31.49 -38.53 -90.95
N ASP N 314 -32.35 -37.72 -90.32
CA ASP N 314 -32.69 -36.41 -90.98
C ASP N 314 -31.45 -35.53 -90.85
N PRO N 315 -30.87 -35.05 -91.90
CA PRO N 315 -29.68 -34.27 -91.83
C PRO N 315 -29.89 -32.95 -91.02
N ARG N 316 -31.03 -32.41 -90.98
CA ARG N 316 -31.45 -31.19 -90.23
C ARG N 316 -31.31 -31.48 -88.74
N ILE N 317 -31.78 -32.63 -88.38
CA ILE N 317 -31.68 -33.17 -87.01
C ILE N 317 -30.24 -33.48 -86.68
N ALA N 318 -29.49 -34.07 -87.63
CA ALA N 318 -28.08 -34.33 -87.33
C ALA N 318 -27.31 -33.05 -87.06
N ALA N 319 -27.69 -32.00 -87.79
CA ALA N 319 -26.97 -30.72 -87.61
C ALA N 319 -27.33 -30.08 -86.27
N THR N 320 -28.58 -30.27 -85.90
CA THR N 320 -29.14 -29.78 -84.62
C THR N 320 -28.30 -30.40 -83.47
N MET N 321 -28.20 -31.74 -83.58
CA MET N 321 -27.31 -32.48 -82.62
C MET N 321 -25.85 -32.07 -82.63
N GLU N 322 -25.28 -31.74 -83.75
CA GLU N 322 -23.90 -31.32 -83.76
C GLU N 322 -23.73 -29.95 -83.09
N ASN N 323 -24.67 -29.02 -83.38
CA ASN N 323 -24.53 -27.66 -82.72
C ASN N 323 -24.80 -27.86 -81.23
N ALA N 324 -25.76 -28.69 -80.93
CA ALA N 324 -26.06 -28.97 -79.50
C ALA N 324 -24.85 -29.47 -78.73
N GLN N 325 -24.12 -30.42 -79.32
CA GLN N 325 -22.86 -31.02 -78.83
C GLN N 325 -21.78 -29.99 -78.64
N LYS N 326 -21.63 -28.92 -79.37
CA LYS N 326 -20.71 -27.87 -79.26
C LYS N 326 -21.20 -26.78 -78.31
N GLY N 327 -22.43 -26.89 -77.94
CA GLY N 327 -23.00 -25.91 -77.07
C GLY N 327 -22.92 -26.39 -75.62
N GLU N 328 -23.79 -25.84 -74.84
CA GLU N 328 -23.93 -26.15 -73.41
C GLU N 328 -25.39 -26.02 -73.02
N ILE N 329 -25.83 -27.00 -72.32
CA ILE N 329 -27.17 -27.08 -71.78
C ILE N 329 -27.31 -25.92 -70.80
N MET N 330 -28.39 -25.19 -70.81
CA MET N 330 -28.53 -24.01 -69.91
C MET N 330 -28.70 -24.55 -68.48
N PRO N 331 -28.25 -23.72 -67.58
CA PRO N 331 -28.57 -23.85 -66.13
C PRO N 331 -30.06 -23.65 -65.98
N ASN N 332 -30.81 -24.14 -64.96
CA ASN N 332 -32.18 -23.91 -64.69
C ASN N 332 -32.29 -23.13 -63.32
N ILE N 333 -31.21 -22.69 -62.79
CA ILE N 333 -31.16 -21.94 -61.49
C ILE N 333 -32.05 -20.74 -61.54
N PRO N 334 -32.63 -20.21 -60.48
CA PRO N 334 -33.51 -19.04 -60.47
C PRO N 334 -32.84 -17.82 -61.07
N GLN N 335 -31.52 -17.75 -60.95
CA GLN N 335 -30.76 -16.62 -61.48
C GLN N 335 -30.76 -16.55 -63.03
N MET N 336 -31.21 -17.56 -63.77
CA MET N 336 -31.29 -17.44 -65.28
C MET N 336 -32.12 -16.29 -65.77
N SER N 337 -33.16 -15.94 -65.07
CA SER N 337 -33.93 -14.72 -65.51
C SER N 337 -33.17 -13.39 -65.37
N ALA N 338 -32.31 -13.18 -64.40
CA ALA N 338 -31.51 -11.98 -64.22
C ALA N 338 -30.45 -11.94 -65.34
N PHE N 339 -29.80 -13.07 -65.52
CA PHE N 339 -28.82 -13.21 -66.60
C PHE N 339 -29.46 -12.77 -67.92
N TRP N 340 -30.60 -13.36 -68.27
CA TRP N 340 -31.18 -13.01 -69.59
C TRP N 340 -31.56 -11.54 -69.80
N TYR N 341 -32.13 -11.00 -68.74
CA TYR N 341 -32.56 -9.55 -68.92
C TYR N 341 -31.36 -8.67 -68.98
N ALA N 342 -30.31 -8.99 -68.17
CA ALA N 342 -29.06 -8.18 -68.24
C ALA N 342 -28.40 -8.29 -69.58
N VAL N 343 -28.34 -9.51 -70.14
CA VAL N 343 -27.65 -9.71 -71.45
C VAL N 343 -28.50 -9.13 -72.57
N ARG N 344 -29.80 -9.13 -72.44
CA ARG N 344 -30.71 -8.54 -73.43
C ARG N 344 -30.44 -7.03 -73.51
N THR N 345 -30.46 -6.39 -72.36
CA THR N 345 -30.12 -4.92 -72.47
C THR N 345 -28.82 -4.59 -73.13
N ALA N 346 -27.75 -5.33 -72.61
CA ALA N 346 -26.38 -5.13 -73.06
C ALA N 346 -26.25 -5.16 -74.55
N VAL N 347 -26.83 -6.12 -75.20
CA VAL N 347 -26.64 -6.32 -76.68
C VAL N 347 -27.35 -5.21 -77.50
N ILE N 348 -28.55 -4.97 -76.98
CA ILE N 348 -29.36 -3.96 -77.70
C ILE N 348 -28.64 -2.62 -77.56
N ASN N 349 -28.27 -2.27 -76.36
CA ASN N 349 -27.53 -0.98 -76.13
C ASN N 349 -26.25 -0.96 -76.94
N ALA N 350 -25.50 -2.04 -77.08
CA ALA N 350 -24.27 -2.05 -77.80
C ALA N 350 -24.55 -2.05 -79.30
N ALA N 351 -25.56 -2.77 -79.74
CA ALA N 351 -25.80 -2.83 -81.23
C ALA N 351 -26.31 -1.49 -81.79
N SER N 352 -27.12 -0.83 -80.99
CA SER N 352 -27.77 0.48 -81.21
C SER N 352 -26.76 1.62 -81.04
N GLY N 353 -25.56 1.40 -80.52
CA GLY N 353 -24.47 2.29 -80.31
C GLY N 353 -24.69 3.20 -79.15
N ARG N 354 -25.65 2.88 -78.25
CA ARG N 354 -25.99 3.67 -77.09
C ARG N 354 -24.84 3.54 -76.05
N GLN N 355 -24.16 2.38 -76.06
CA GLN N 355 -23.08 2.09 -75.14
C GLN N 355 -22.06 1.35 -76.01
N THR N 356 -20.85 1.44 -75.54
CA THR N 356 -19.71 0.71 -76.10
C THR N 356 -19.90 -0.74 -75.54
N VAL N 357 -19.22 -1.66 -76.20
CA VAL N 357 -19.18 -3.05 -75.74
C VAL N 357 -18.70 -3.16 -74.31
N ASP N 358 -17.57 -2.56 -74.01
CA ASP N 358 -16.94 -2.60 -72.64
C ASP N 358 -17.92 -2.10 -71.58
N GLU N 359 -18.51 -0.95 -71.80
CA GLU N 359 -19.52 -0.38 -70.94
C GLU N 359 -20.74 -1.29 -70.88
N ALA N 360 -21.26 -1.80 -71.96
CA ALA N 360 -22.45 -2.67 -71.91
C ALA N 360 -22.24 -3.96 -71.10
N LEU N 361 -21.11 -4.57 -71.29
CA LEU N 361 -20.87 -5.91 -70.66
C LEU N 361 -20.52 -5.75 -69.23
N LYS N 362 -20.00 -4.55 -69.00
CA LYS N 362 -19.64 -4.34 -67.54
C LYS N 362 -20.88 -4.11 -66.79
N ASP N 363 -21.81 -3.40 -67.32
CA ASP N 363 -23.05 -3.13 -66.58
C ASP N 363 -23.83 -4.41 -66.32
N ALA N 364 -23.72 -5.23 -67.36
CA ALA N 364 -24.46 -6.50 -67.34
C ALA N 364 -23.94 -7.35 -66.20
N GLN N 365 -22.58 -7.37 -66.17
CA GLN N 365 -21.84 -8.17 -65.14
C GLN N 365 -22.25 -7.76 -63.75
N THR N 366 -22.30 -6.42 -63.48
CA THR N 366 -22.74 -5.83 -62.24
C THR N 366 -24.16 -6.15 -61.94
N ARG N 367 -25.03 -5.97 -62.93
CA ARG N 367 -26.40 -6.28 -62.74
C ARG N 367 -26.57 -7.73 -62.31
N ILE N 368 -25.91 -8.67 -62.95
CA ILE N 368 -26.09 -10.09 -62.61
C ILE N 368 -25.55 -10.50 -61.26
N THR N 369 -24.39 -10.00 -60.90
CA THR N 369 -23.81 -10.43 -59.62
C THR N 369 -24.21 -9.63 -58.39
N LYS N 370 -25.41 -8.54 -58.85
CA LYS N 370 -26.61 -8.32 -58.05
C LYS N 370 -27.47 -9.46 -57.63
N LYS O 1 -22.59 -41.42 -69.23
CA LYS O 1 -22.46 -42.88 -68.81
C LYS O 1 -22.37 -43.79 -70.04
N ILE O 2 -23.12 -43.32 -71.04
CA ILE O 2 -23.33 -43.75 -72.40
C ILE O 2 -23.76 -45.22 -72.50
N GLU O 3 -22.86 -45.93 -73.14
CA GLU O 3 -22.94 -47.38 -73.40
C GLU O 3 -24.16 -47.74 -74.24
N GLU O 4 -25.27 -48.30 -73.80
CA GLU O 4 -26.39 -48.62 -74.68
C GLU O 4 -27.44 -49.52 -74.03
N GLY O 5 -27.36 -50.74 -74.50
CA GLY O 5 -27.91 -52.03 -74.38
C GLY O 5 -27.09 -53.16 -75.06
N LYS O 6 -25.79 -52.96 -75.05
CA LYS O 6 -24.70 -53.80 -75.54
C LYS O 6 -23.60 -53.85 -74.46
N LEU O 7 -22.51 -54.55 -74.70
CA LEU O 7 -21.31 -54.76 -73.88
C LEU O 7 -20.01 -54.38 -74.64
N VAL O 8 -19.15 -53.54 -74.13
CA VAL O 8 -17.83 -53.15 -74.71
C VAL O 8 -16.79 -53.58 -73.64
N ILE O 9 -15.81 -54.33 -74.01
CA ILE O 9 -14.79 -54.87 -73.13
C ILE O 9 -13.45 -54.37 -73.59
N TRP O 10 -12.66 -53.99 -72.61
CA TRP O 10 -11.25 -53.54 -72.83
C TRP O 10 -10.31 -54.54 -72.12
N ILE O 11 -9.35 -55.08 -72.89
CA ILE O 11 -8.40 -56.06 -72.31
C ILE O 11 -7.07 -55.69 -72.96
N ASN O 12 -5.96 -55.94 -72.37
CA ASN O 12 -4.59 -55.70 -72.82
C ASN O 12 -4.38 -56.62 -74.06
N GLY O 13 -3.55 -56.03 -74.89
CA GLY O 13 -3.13 -56.54 -76.17
C GLY O 13 -2.32 -57.83 -76.06
N ASP O 14 -1.67 -58.07 -74.90
CA ASP O 14 -0.97 -59.34 -74.77
C ASP O 14 -1.85 -60.50 -74.27
N LYS O 15 -3.16 -60.36 -74.11
CA LYS O 15 -4.05 -61.40 -73.60
C LYS O 15 -4.83 -62.02 -74.73
N GLY O 16 -5.57 -63.13 -74.52
CA GLY O 16 -6.30 -63.67 -75.66
C GLY O 16 -7.65 -63.05 -75.88
N TYR O 17 -7.59 -61.83 -76.47
CA TYR O 17 -8.76 -61.06 -76.84
C TYR O 17 -9.56 -61.76 -77.95
N ASN O 18 -8.92 -62.61 -78.77
CA ASN O 18 -9.76 -63.30 -79.79
C ASN O 18 -10.46 -64.42 -78.99
N GLY O 19 -9.91 -65.13 -78.01
CA GLY O 19 -10.69 -66.11 -77.31
C GLY O 19 -11.89 -65.43 -76.66
N LEU O 20 -11.62 -64.26 -76.15
CA LEU O 20 -12.63 -63.43 -75.43
C LEU O 20 -13.75 -63.07 -76.40
N ALA O 21 -13.44 -62.60 -77.56
CA ALA O 21 -14.38 -62.33 -78.65
C ALA O 21 -15.19 -63.57 -79.00
N GLU O 22 -14.70 -64.80 -79.02
CA GLU O 22 -15.42 -66.06 -79.28
C GLU O 22 -16.44 -66.29 -78.18
N VAL O 23 -16.05 -65.83 -76.97
CA VAL O 23 -16.99 -65.93 -75.86
C VAL O 23 -18.04 -64.84 -76.00
N GLY O 24 -17.76 -63.63 -76.42
CA GLY O 24 -18.87 -62.67 -76.60
C GLY O 24 -19.94 -63.18 -77.56
N LYS O 25 -19.44 -63.87 -78.58
CA LYS O 25 -20.20 -64.43 -79.68
C LYS O 25 -21.29 -65.39 -79.27
N LYS O 26 -21.02 -66.22 -78.32
CA LYS O 26 -22.09 -67.14 -77.91
C LYS O 26 -22.76 -66.44 -76.77
N PHE O 27 -22.48 -65.14 -76.55
CA PHE O 27 -23.24 -64.54 -75.39
C PHE O 27 -24.50 -64.02 -76.11
N GLU O 28 -24.08 -63.39 -77.20
CA GLU O 28 -24.89 -62.69 -78.18
C GLU O 28 -25.86 -63.46 -79.07
N LYS O 29 -25.39 -64.63 -79.39
CA LYS O 29 -26.07 -65.65 -80.21
C LYS O 29 -27.11 -66.25 -79.26
N ASP O 30 -26.87 -66.02 -77.97
CA ASP O 30 -27.79 -66.66 -76.94
C ASP O 30 -28.51 -65.58 -76.19
N THR O 31 -28.31 -64.36 -76.69
CA THR O 31 -28.96 -63.29 -75.94
C THR O 31 -29.45 -62.10 -76.69
N GLY O 32 -28.87 -61.82 -77.82
CA GLY O 32 -29.15 -60.63 -78.59
C GLY O 32 -28.28 -59.41 -78.21
N ILE O 33 -27.48 -59.55 -77.11
CA ILE O 33 -26.65 -58.43 -76.74
C ILE O 33 -25.32 -58.70 -77.47
N LYS O 34 -24.93 -57.82 -78.33
CA LYS O 34 -23.65 -58.06 -78.99
C LYS O 34 -22.52 -57.48 -78.10
N VAL O 35 -21.46 -58.31 -78.10
CA VAL O 35 -20.26 -57.89 -77.33
C VAL O 35 -19.17 -57.40 -78.25
N THR O 36 -18.49 -56.31 -78.02
CA THR O 36 -17.41 -55.71 -78.73
C THR O 36 -16.11 -55.78 -77.87
N VAL O 37 -15.02 -56.40 -78.27
CA VAL O 37 -13.79 -56.56 -77.54
C VAL O 37 -12.71 -55.64 -78.01
N GLU O 38 -12.18 -54.72 -77.20
CA GLU O 38 -11.10 -53.85 -77.72
C GLU O 38 -9.88 -53.97 -76.82
N HIS O 39 -8.77 -53.64 -77.43
CA HIS O 39 -7.49 -53.66 -76.70
C HIS O 39 -6.66 -52.41 -76.97
N PRO O 40 -7.16 -51.28 -76.46
CA PRO O 40 -6.46 -50.00 -76.62
C PRO O 40 -5.14 -50.08 -75.93
N ASP O 41 -4.21 -49.30 -76.46
CA ASP O 41 -2.83 -49.16 -75.88
C ASP O 41 -2.86 -48.42 -74.55
N LYS O 42 -2.07 -48.62 -73.53
CA LYS O 42 -2.27 -47.82 -72.30
C LYS O 42 -3.68 -47.87 -71.76
N LEU O 43 -4.36 -48.99 -71.88
CA LEU O 43 -5.79 -48.88 -71.43
C LEU O 43 -5.93 -48.59 -69.94
N GLU O 44 -4.90 -49.04 -69.24
CA GLU O 44 -4.92 -48.97 -67.77
C GLU O 44 -4.84 -47.53 -67.27
N GLU O 45 -4.35 -46.78 -68.22
CA GLU O 45 -4.15 -45.32 -68.14
C GLU O 45 -5.32 -44.62 -68.78
N LYS O 46 -5.78 -45.10 -69.94
CA LYS O 46 -6.88 -44.52 -70.63
C LYS O 46 -8.11 -44.74 -69.80
N PHE O 47 -8.34 -45.85 -69.10
CA PHE O 47 -9.61 -46.04 -68.42
C PHE O 47 -10.08 -44.93 -67.49
N PRO O 48 -9.18 -44.53 -66.57
CA PRO O 48 -9.55 -43.55 -65.52
C PRO O 48 -9.94 -42.24 -66.20
N GLN O 49 -9.21 -42.02 -67.33
CA GLN O 49 -9.49 -40.79 -68.05
C GLN O 49 -10.89 -40.79 -68.63
N VAL O 50 -11.27 -41.70 -69.48
CA VAL O 50 -12.60 -41.72 -70.10
C VAL O 50 -13.67 -42.15 -69.11
N ALA O 51 -13.38 -42.99 -68.12
CA ALA O 51 -14.46 -43.45 -67.22
C ALA O 51 -14.93 -42.34 -66.26
N ALA O 52 -13.94 -41.47 -66.06
CA ALA O 52 -14.08 -40.33 -65.14
C ALA O 52 -15.24 -39.48 -65.66
N THR O 53 -15.30 -39.38 -67.01
CA THR O 53 -16.31 -38.64 -67.77
C THR O 53 -17.59 -39.50 -67.85
N GLY O 54 -17.63 -40.60 -67.17
CA GLY O 54 -18.89 -41.38 -67.27
C GLY O 54 -18.89 -42.21 -68.53
N ASP O 55 -17.76 -42.28 -69.30
CA ASP O 55 -17.89 -43.25 -70.49
C ASP O 55 -16.88 -44.40 -70.35
N GLY O 56 -16.30 -44.92 -71.44
CA GLY O 56 -15.33 -46.05 -71.41
C GLY O 56 -15.98 -47.38 -71.67
N PRO O 57 -15.37 -48.53 -71.32
CA PRO O 57 -15.96 -49.83 -71.55
C PRO O 57 -16.97 -50.15 -70.50
N ASP O 58 -17.83 -51.09 -70.69
CA ASP O 58 -18.76 -51.59 -69.67
C ASP O 58 -17.89 -52.39 -68.65
N ILE O 59 -16.92 -53.15 -69.24
CA ILE O 59 -16.00 -54.03 -68.48
C ILE O 59 -14.54 -53.83 -68.92
N ILE O 60 -13.67 -53.75 -67.88
CA ILE O 60 -12.26 -53.55 -67.88
C ILE O 60 -11.53 -54.68 -67.18
N PHE O 61 -10.51 -55.16 -67.92
CA PHE O 61 -9.63 -56.22 -67.45
C PHE O 61 -8.18 -55.63 -67.28
N TRP O 62 -7.66 -55.89 -66.08
CA TRP O 62 -6.27 -55.53 -65.78
C TRP O 62 -5.88 -56.41 -64.59
N ALA O 63 -4.54 -56.48 -64.25
CA ALA O 63 -4.02 -57.07 -63.04
C ALA O 63 -4.69 -56.30 -61.86
N HIS O 64 -4.85 -56.88 -60.70
CA HIS O 64 -5.60 -56.19 -59.60
C HIS O 64 -4.91 -55.02 -59.01
N ASP O 65 -3.54 -54.84 -59.17
CA ASP O 65 -2.84 -53.69 -58.54
C ASP O 65 -3.43 -52.32 -58.93
N ARG O 66 -4.05 -52.19 -60.09
CA ARG O 66 -4.61 -50.91 -60.57
C ARG O 66 -6.01 -50.69 -59.97
N PHE O 67 -6.71 -51.71 -59.51
CA PHE O 67 -8.13 -51.59 -59.04
C PHE O 67 -8.35 -50.74 -57.78
N GLY O 68 -7.55 -50.70 -56.76
CA GLY O 68 -7.72 -49.86 -55.56
C GLY O 68 -7.84 -48.41 -55.99
N GLY O 69 -7.06 -47.95 -56.93
CA GLY O 69 -7.05 -46.58 -57.38
C GLY O 69 -8.31 -46.29 -58.15
N TYR O 70 -8.80 -47.20 -58.99
CA TYR O 70 -10.00 -46.99 -59.76
C TYR O 70 -11.15 -46.85 -58.78
N ALA O 71 -11.28 -47.71 -57.83
CA ALA O 71 -12.29 -47.78 -56.80
C ALA O 71 -12.29 -46.47 -55.97
N GLN O 72 -11.17 -45.99 -55.50
CA GLN O 72 -11.06 -44.75 -54.74
C GLN O 72 -11.52 -43.51 -55.52
N SER O 73 -11.35 -43.50 -56.81
CA SER O 73 -11.78 -42.45 -57.68
C SER O 73 -13.27 -42.59 -58.04
N GLY O 74 -13.89 -43.60 -57.53
CA GLY O 74 -15.23 -44.12 -57.73
C GLY O 74 -15.54 -44.69 -59.12
N LEU O 75 -14.75 -45.44 -59.84
CA LEU O 75 -14.96 -45.84 -61.24
C LEU O 75 -15.48 -47.23 -61.48
N LEU O 76 -15.59 -47.92 -60.34
CA LEU O 76 -16.07 -49.28 -60.41
C LEU O 76 -17.28 -49.52 -59.52
N ALA O 77 -18.12 -50.40 -59.95
CA ALA O 77 -19.27 -50.87 -59.21
C ALA O 77 -18.83 -52.02 -58.31
N GLU O 78 -19.49 -52.07 -57.15
CA GLU O 78 -19.33 -53.13 -56.16
C GLU O 78 -20.13 -54.31 -56.79
N ILE O 79 -19.47 -55.44 -56.79
CA ILE O 79 -20.07 -56.65 -57.33
C ILE O 79 -20.52 -57.41 -56.08
N THR O 80 -21.46 -58.30 -56.34
CA THR O 80 -22.08 -59.20 -55.34
C THR O 80 -22.38 -60.61 -55.79
N PRO O 81 -21.41 -61.47 -55.68
CA PRO O 81 -21.64 -62.88 -56.07
C PRO O 81 -22.09 -63.54 -54.78
N ASP O 82 -22.94 -64.53 -54.86
CA ASP O 82 -23.31 -65.17 -53.56
C ASP O 82 -22.27 -66.28 -53.34
N LYS O 83 -22.20 -66.56 -52.09
CA LYS O 83 -21.33 -67.55 -51.47
C LYS O 83 -21.24 -68.82 -52.34
N ALA O 84 -22.28 -69.00 -53.17
CA ALA O 84 -22.22 -70.22 -53.99
C ALA O 84 -21.26 -69.81 -55.11
N PHE O 85 -21.55 -68.71 -55.74
CA PHE O 85 -20.63 -68.36 -56.83
C PHE O 85 -19.24 -68.14 -56.27
N GLN O 86 -19.17 -67.50 -55.12
CA GLN O 86 -17.89 -67.20 -54.51
C GLN O 86 -17.02 -68.42 -54.29
N ASP O 87 -17.67 -69.52 -53.98
CA ASP O 87 -17.25 -70.86 -53.62
C ASP O 87 -16.48 -71.58 -54.73
N LYS O 88 -16.81 -71.23 -55.92
CA LYS O 88 -16.15 -71.73 -57.13
C LYS O 88 -14.72 -71.22 -57.34
N LEU O 89 -14.31 -70.17 -56.67
CA LEU O 89 -13.03 -69.54 -56.81
C LEU O 89 -12.15 -69.70 -55.60
N TYR O 90 -10.86 -69.73 -55.90
CA TYR O 90 -9.95 -69.73 -54.76
C TYR O 90 -10.15 -68.42 -54.00
N PRO O 91 -10.29 -68.54 -52.69
CA PRO O 91 -10.48 -67.36 -51.80
C PRO O 91 -9.33 -66.39 -51.78
N PHE O 92 -8.10 -66.81 -51.90
CA PHE O 92 -7.06 -65.76 -51.86
C PHE O 92 -7.30 -64.88 -53.10
N THR O 93 -7.98 -65.35 -54.14
CA THR O 93 -8.22 -64.53 -55.34
C THR O 93 -9.29 -63.46 -55.11
N TRP O 94 -10.29 -63.74 -54.20
CA TRP O 94 -11.32 -62.68 -53.89
C TRP O 94 -10.67 -61.62 -53.02
N ASP O 95 -9.72 -61.86 -52.22
CA ASP O 95 -9.03 -61.00 -51.32
C ASP O 95 -8.25 -59.92 -52.08
N ALA O 96 -7.76 -60.36 -53.23
CA ALA O 96 -6.98 -59.51 -54.13
C ALA O 96 -7.86 -58.43 -54.70
N VAL O 97 -9.20 -58.64 -54.74
CA VAL O 97 -10.10 -57.69 -55.39
C VAL O 97 -11.04 -57.00 -54.37
N ARG O 98 -10.58 -56.92 -53.21
CA ARG O 98 -11.33 -56.28 -52.12
C ARG O 98 -10.68 -54.97 -51.85
N TYR O 99 -11.47 -53.94 -51.81
CA TYR O 99 -10.94 -52.64 -51.51
C TYR O 99 -11.88 -52.08 -50.40
N ASN O 100 -11.30 -51.86 -49.24
CA ASN O 100 -12.01 -51.34 -48.07
C ASN O 100 -13.13 -52.30 -47.70
N GLY O 101 -12.87 -53.58 -47.77
CA GLY O 101 -13.74 -54.70 -47.53
C GLY O 101 -14.74 -55.02 -48.61
N LYS O 102 -15.05 -54.25 -49.62
CA LYS O 102 -16.03 -54.48 -50.69
C LYS O 102 -15.37 -55.24 -51.90
N LEU O 103 -16.11 -56.01 -52.62
CA LEU O 103 -15.47 -56.65 -53.78
C LEU O 103 -15.64 -55.70 -54.94
N ILE O 104 -14.58 -55.42 -55.70
CA ILE O 104 -14.72 -54.45 -56.83
C ILE O 104 -14.40 -54.97 -58.24
N ALA O 105 -14.23 -56.32 -58.18
CA ALA O 105 -13.95 -57.05 -59.45
C ALA O 105 -14.00 -58.56 -59.26
N TYR O 106 -14.09 -59.24 -60.41
CA TYR O 106 -14.07 -60.70 -60.53
C TYR O 106 -12.60 -61.11 -60.92
N PRO O 107 -12.04 -61.95 -60.14
CA PRO O 107 -10.67 -62.48 -60.32
C PRO O 107 -10.77 -63.52 -61.41
N ILE O 108 -9.84 -63.54 -62.35
CA ILE O 108 -9.85 -64.45 -63.50
C ILE O 108 -8.67 -65.41 -63.46
N ALA O 109 -7.44 -64.88 -63.23
CA ALA O 109 -6.27 -65.80 -63.30
C ALA O 109 -5.14 -65.22 -62.54
N VAL O 110 -4.21 -65.98 -62.13
CA VAL O 110 -3.03 -65.76 -61.31
C VAL O 110 -1.80 -65.84 -62.22
N GLU O 111 -1.25 -64.60 -62.29
CA GLU O 111 -0.05 -64.42 -63.21
C GLU O 111 1.25 -64.29 -62.48
N ALA O 112 2.35 -65.06 -62.82
CA ALA O 112 3.66 -64.90 -62.23
C ALA O 112 4.65 -65.12 -63.42
N LEU O 113 5.69 -64.35 -63.43
CA LEU O 113 6.77 -64.53 -64.42
C LEU O 113 7.53 -65.82 -64.12
N SER O 114 8.07 -66.49 -65.14
CA SER O 114 8.93 -67.70 -65.10
C SER O 114 10.20 -67.56 -66.01
N LEU O 115 11.17 -68.41 -65.74
CA LEU O 115 12.35 -68.42 -66.62
C LEU O 115 11.91 -69.34 -67.75
N ILE O 116 12.03 -68.94 -68.98
CA ILE O 116 11.75 -69.76 -70.20
C ILE O 116 13.10 -69.99 -70.87
N TYR O 117 13.39 -71.25 -71.18
CA TYR O 117 14.79 -71.46 -71.75
C TYR O 117 14.62 -72.38 -72.96
N ASN O 118 15.66 -72.23 -73.83
CA ASN O 118 15.67 -73.01 -75.12
C ASN O 118 16.35 -74.31 -74.80
N LYS O 119 15.62 -75.41 -74.76
CA LYS O 119 16.21 -76.72 -74.39
C LYS O 119 17.37 -77.24 -75.30
N ASP O 120 17.35 -76.67 -76.46
CA ASP O 120 18.34 -77.01 -77.49
C ASP O 120 19.60 -76.18 -77.28
N LEU O 121 19.61 -74.96 -76.82
CA LEU O 121 20.85 -74.23 -76.53
C LEU O 121 21.25 -74.56 -75.09
N LEU O 122 20.32 -74.86 -74.22
CA LEU O 122 20.52 -75.05 -72.76
C LEU O 122 19.64 -76.10 -72.11
N PRO O 123 19.97 -77.34 -72.29
CA PRO O 123 19.18 -78.44 -71.75
C PRO O 123 18.96 -78.23 -70.28
N ASN O 124 19.94 -77.71 -69.57
CA ASN O 124 19.80 -77.44 -68.09
C ASN O 124 19.91 -75.90 -67.80
N PRO O 125 18.83 -75.38 -67.26
CA PRO O 125 18.78 -73.92 -66.98
C PRO O 125 19.65 -73.63 -65.79
N PRO O 126 20.21 -72.43 -65.76
CA PRO O 126 21.08 -72.00 -64.64
C PRO O 126 20.24 -71.91 -63.34
N LYS O 127 20.82 -72.17 -62.19
CA LYS O 127 20.02 -72.09 -60.97
C LYS O 127 20.21 -70.76 -60.25
N THR O 128 21.18 -70.01 -60.79
CA THR O 128 21.62 -68.75 -60.14
C THR O 128 21.82 -67.62 -61.08
N TRP O 129 21.47 -66.38 -60.64
CA TRP O 129 21.66 -65.24 -61.50
C TRP O 129 23.18 -65.11 -61.74
N GLU O 130 23.91 -65.46 -60.66
CA GLU O 130 25.39 -65.24 -60.70
C GLU O 130 26.10 -66.02 -61.78
N GLU O 131 25.59 -67.15 -62.19
CA GLU O 131 26.36 -67.87 -63.29
C GLU O 131 25.94 -67.44 -64.65
N ILE O 132 25.16 -66.39 -64.78
CA ILE O 132 24.69 -65.97 -66.09
C ILE O 132 25.80 -65.32 -66.89
N PRO O 133 26.61 -64.49 -66.29
CA PRO O 133 27.69 -63.79 -67.06
C PRO O 133 28.61 -64.80 -67.79
N ALA O 134 29.05 -65.82 -67.05
CA ALA O 134 29.91 -66.87 -67.59
C ALA O 134 29.24 -67.57 -68.78
N LEU O 135 27.98 -67.85 -68.46
CA LEU O 135 27.17 -68.52 -69.48
C LEU O 135 27.10 -67.71 -70.76
N ASP O 136 26.92 -66.44 -70.75
CA ASP O 136 26.80 -65.53 -71.90
C ASP O 136 28.12 -65.53 -72.76
N LYS O 137 29.16 -65.51 -71.97
CA LYS O 137 30.57 -65.55 -72.47
C LYS O 137 30.64 -66.75 -73.46
N GLU O 138 30.27 -67.90 -73.02
CA GLU O 138 30.28 -69.16 -73.77
C GLU O 138 29.38 -69.19 -74.99
N LEU O 139 28.16 -68.67 -74.89
CA LEU O 139 27.18 -68.67 -75.97
C LEU O 139 27.59 -67.67 -77.02
N LYS O 140 28.09 -66.55 -76.62
CA LYS O 140 28.47 -65.43 -77.44
C LYS O 140 29.57 -65.71 -78.48
N ALA O 141 30.38 -66.66 -78.16
CA ALA O 141 31.49 -67.25 -78.85
C ALA O 141 30.93 -68.07 -80.03
N LYS O 142 29.68 -68.41 -79.85
CA LYS O 142 28.85 -69.23 -80.78
C LYS O 142 27.77 -68.42 -81.50
N GLY O 143 27.86 -67.11 -81.49
CA GLY O 143 27.00 -66.10 -82.01
C GLY O 143 25.67 -65.88 -81.22
N LYS O 144 25.42 -66.49 -80.08
CA LYS O 144 24.18 -66.39 -79.27
C LYS O 144 24.39 -65.54 -78.02
N SER O 145 23.34 -65.51 -77.15
CA SER O 145 23.34 -64.79 -75.85
C SER O 145 22.54 -65.67 -74.83
N ALA O 146 22.89 -65.45 -73.61
CA ALA O 146 22.31 -66.18 -72.54
C ALA O 146 20.87 -65.74 -72.26
N LEU O 147 20.58 -64.45 -72.16
CA LEU O 147 19.29 -63.94 -71.72
C LEU O 147 18.86 -62.65 -72.25
N MET O 148 17.56 -62.50 -72.60
CA MET O 148 17.12 -61.18 -73.01
C MET O 148 15.71 -61.05 -72.49
N PHE O 149 15.38 -59.94 -71.89
CA PHE O 149 13.92 -59.80 -71.39
C PHE O 149 13.63 -58.32 -71.40
N ASN O 150 12.37 -57.99 -71.29
CA ASN O 150 11.92 -56.59 -71.32
C ASN O 150 12.50 -55.76 -70.18
N LEU O 151 13.36 -54.79 -70.41
CA LEU O 151 13.95 -53.93 -69.43
C LEU O 151 13.21 -52.58 -69.30
N GLN O 152 12.29 -52.33 -70.14
CA GLN O 152 11.55 -51.12 -70.17
C GLN O 152 10.42 -51.16 -69.15
N GLU O 153 9.88 -52.24 -68.72
CA GLU O 153 8.76 -52.48 -67.72
C GLU O 153 9.26 -53.04 -66.41
N PRO O 154 9.09 -52.25 -65.31
CA PRO O 154 9.67 -52.59 -64.01
C PRO O 154 9.24 -53.91 -63.46
N TYR O 155 8.07 -54.33 -64.00
CA TYR O 155 7.46 -55.62 -63.64
C TYR O 155 8.45 -56.80 -63.93
N PHE O 156 9.25 -56.64 -64.98
CA PHE O 156 10.17 -57.77 -65.41
C PHE O 156 11.45 -57.89 -64.61
N THR O 157 11.83 -56.67 -64.17
CA THR O 157 13.02 -56.51 -63.32
C THR O 157 12.76 -56.64 -61.79
N TRP O 158 11.56 -56.36 -61.27
CA TRP O 158 11.26 -56.47 -59.86
C TRP O 158 11.65 -57.75 -59.27
N PRO O 159 11.55 -58.93 -59.82
CA PRO O 159 11.96 -60.17 -59.11
C PRO O 159 13.38 -60.19 -58.59
N LEU O 160 14.29 -59.56 -59.36
CA LEU O 160 15.70 -59.51 -58.95
C LEU O 160 15.92 -58.46 -57.85
N ILE O 161 15.20 -57.31 -58.01
CA ILE O 161 15.28 -56.23 -57.01
C ILE O 161 14.74 -56.68 -55.65
N ALA O 162 13.67 -57.38 -55.72
CA ALA O 162 13.07 -57.87 -54.47
C ALA O 162 13.83 -59.05 -53.94
N ALA O 163 14.60 -59.90 -54.65
CA ALA O 163 15.22 -61.11 -54.14
C ALA O 163 15.96 -61.00 -52.84
N ASP O 164 16.88 -60.07 -52.71
CA ASP O 164 17.73 -59.86 -51.54
C ASP O 164 17.08 -58.84 -50.57
N GLY O 165 15.80 -58.51 -50.72
CA GLY O 165 15.14 -57.59 -49.77
C GLY O 165 14.43 -56.42 -50.30
N GLY O 166 14.41 -55.99 -51.56
CA GLY O 166 13.66 -54.76 -51.95
C GLY O 166 12.23 -55.02 -51.69
N TYR O 167 11.41 -53.99 -51.47
CA TYR O 167 9.94 -54.23 -51.24
C TYR O 167 9.19 -52.94 -51.58
N ALA O 168 7.93 -53.08 -51.93
CA ALA O 168 7.11 -51.89 -52.27
C ALA O 168 6.69 -51.15 -50.98
N PHE O 169 5.69 -51.58 -50.30
CA PHE O 169 5.05 -51.06 -49.07
C PHE O 169 5.05 -52.20 -48.02
N LYS O 170 5.48 -51.87 -46.87
CA LYS O 170 5.51 -52.76 -45.74
C LYS O 170 4.02 -52.98 -45.33
N TYR O 171 3.68 -54.26 -45.20
CA TYR O 171 2.42 -54.75 -44.78
C TYR O 171 2.51 -54.81 -43.23
N GLU O 172 1.82 -53.96 -42.49
CA GLU O 172 2.01 -53.99 -41.05
C GLU O 172 0.68 -53.88 -40.34
N ASN O 173 0.29 -54.90 -39.62
CA ASN O 173 -1.00 -55.00 -38.85
C ASN O 173 -2.23 -54.58 -39.68
N GLY O 174 -2.57 -55.58 -40.52
CA GLY O 174 -3.75 -55.47 -41.40
C GLY O 174 -3.72 -54.43 -42.51
N LYS O 175 -2.59 -53.67 -42.54
CA LYS O 175 -2.58 -52.73 -43.70
C LYS O 175 -1.16 -52.38 -44.07
N TYR O 176 -1.10 -51.76 -45.26
CA TYR O 176 0.09 -51.26 -45.90
C TYR O 176 0.42 -49.85 -45.35
N ASP O 177 1.66 -49.76 -44.91
CA ASP O 177 2.24 -48.51 -44.49
C ASP O 177 2.84 -47.84 -45.78
N ILE O 178 2.17 -46.78 -46.17
CA ILE O 178 2.51 -45.98 -47.34
C ILE O 178 3.78 -45.16 -47.18
N LYS O 179 4.27 -45.10 -45.94
CA LYS O 179 5.48 -44.29 -45.69
C LYS O 179 6.62 -45.25 -45.51
N ASP O 180 6.40 -46.54 -45.42
CA ASP O 180 7.47 -47.53 -45.29
C ASP O 180 7.63 -48.26 -46.65
N VAL O 181 8.64 -47.78 -47.45
CA VAL O 181 8.95 -48.27 -48.77
C VAL O 181 10.31 -48.97 -48.86
N GLY O 182 10.56 -49.99 -49.69
CA GLY O 182 11.87 -50.66 -49.60
C GLY O 182 12.52 -50.73 -50.92
N VAL O 183 12.41 -49.52 -51.53
CA VAL O 183 12.98 -49.41 -52.94
C VAL O 183 14.40 -48.96 -52.88
N ASP O 184 14.84 -48.40 -51.81
CA ASP O 184 16.22 -47.95 -51.70
C ASP O 184 16.99 -48.64 -50.63
N ASN O 185 16.54 -49.78 -50.17
CA ASN O 185 17.31 -50.44 -49.07
C ASN O 185 18.50 -51.27 -49.68
N ALA O 186 19.26 -51.92 -48.82
CA ALA O 186 20.44 -52.66 -49.24
C ALA O 186 20.03 -53.76 -50.20
N GLY O 187 18.95 -54.48 -50.11
CA GLY O 187 18.64 -55.57 -51.07
C GLY O 187 18.29 -55.10 -52.43
N ALA O 188 17.52 -54.02 -52.43
CA ALA O 188 17.10 -53.37 -53.67
C ALA O 188 18.36 -52.82 -54.41
N LYS O 189 19.24 -52.18 -53.67
CA LYS O 189 20.50 -51.67 -54.28
C LYS O 189 21.37 -52.85 -54.84
N ALA O 190 21.50 -53.95 -54.15
CA ALA O 190 22.31 -55.09 -54.60
C ALA O 190 21.78 -55.67 -55.94
N GLY O 191 20.44 -55.77 -56.00
CA GLY O 191 19.67 -56.26 -57.13
C GLY O 191 19.82 -55.44 -58.38
N LEU O 192 19.57 -54.11 -58.24
CA LEU O 192 19.74 -53.25 -59.43
C LEU O 192 21.21 -53.15 -59.91
N THR O 193 22.13 -53.19 -58.96
CA THR O 193 23.57 -53.11 -59.26
C THR O 193 23.97 -54.29 -60.17
N PHE O 194 23.56 -55.44 -59.77
CA PHE O 194 23.74 -56.69 -60.50
C PHE O 194 23.16 -56.50 -61.90
N LEU O 195 22.01 -56.00 -62.07
CA LEU O 195 21.46 -55.81 -63.39
C LEU O 195 22.32 -54.85 -64.25
N VAL O 196 22.67 -53.74 -63.72
CA VAL O 196 23.41 -52.66 -64.37
C VAL O 196 24.78 -53.24 -64.78
N ASP O 197 25.35 -54.12 -63.96
CA ASP O 197 26.63 -54.73 -64.22
C ASP O 197 26.53 -55.63 -65.47
N LEU O 198 25.39 -56.26 -65.68
CA LEU O 198 25.10 -57.15 -66.79
C LEU O 198 25.21 -56.34 -68.09
N ILE O 199 24.66 -55.18 -68.01
CA ILE O 199 24.67 -54.26 -69.13
C ILE O 199 26.08 -53.69 -69.30
N LYS O 200 26.63 -53.14 -68.28
CA LYS O 200 27.95 -52.56 -68.27
C LYS O 200 28.92 -53.45 -69.07
N ASN O 201 28.88 -54.71 -68.71
CA ASN O 201 29.76 -55.77 -69.20
C ASN O 201 29.29 -56.46 -70.47
N LYS O 202 28.39 -55.83 -71.12
CA LYS O 202 27.83 -56.26 -72.42
C LYS O 202 27.14 -57.56 -72.48
N HIS O 203 26.51 -58.00 -71.37
CA HIS O 203 25.75 -59.27 -71.42
C HIS O 203 24.34 -59.02 -71.84
N MET O 204 23.94 -57.76 -71.69
CA MET O 204 22.60 -57.29 -71.93
C MET O 204 22.58 -55.90 -72.46
N ASN O 205 21.55 -55.49 -73.17
CA ASN O 205 21.50 -54.09 -73.61
C ASN O 205 20.32 -53.39 -72.96
N ALA O 206 20.59 -52.18 -72.60
CA ALA O 206 19.76 -51.21 -71.98
C ALA O 206 18.50 -50.95 -72.76
N ASP O 207 18.56 -51.21 -74.07
CA ASP O 207 17.33 -50.87 -74.85
C ASP O 207 16.37 -52.05 -74.97
N THR O 208 16.74 -53.29 -74.61
CA THR O 208 15.77 -54.39 -74.84
C THR O 208 14.37 -54.09 -74.29
N ASP O 209 13.44 -54.29 -75.25
CA ASP O 209 12.05 -54.14 -74.89
C ASP O 209 11.34 -55.52 -75.07
N TYR O 210 10.02 -55.50 -74.97
CA TYR O 210 9.16 -56.68 -75.11
C TYR O 210 9.30 -57.38 -76.46
N SER O 211 9.17 -56.64 -77.49
CA SER O 211 9.35 -57.13 -78.88
C SER O 211 10.74 -57.61 -79.15
N ILE O 212 11.80 -56.87 -78.88
CA ILE O 212 13.17 -57.29 -79.15
C ILE O 212 13.43 -58.61 -78.45
N ALA O 213 13.00 -58.67 -77.09
CA ALA O 213 13.23 -59.94 -76.30
C ALA O 213 12.47 -61.10 -76.85
N GLU O 214 11.21 -60.80 -77.16
CA GLU O 214 10.40 -61.87 -77.77
C GLU O 214 10.97 -62.33 -79.09
N ALA O 215 11.27 -61.50 -80.06
CA ALA O 215 11.83 -61.95 -81.35
C ALA O 215 13.13 -62.70 -81.18
N ALA O 216 13.93 -62.19 -80.25
CA ALA O 216 15.22 -62.85 -79.99
C ALA O 216 14.99 -64.27 -79.59
N PHE O 217 14.13 -64.54 -78.55
CA PHE O 217 14.06 -65.98 -78.13
C PHE O 217 13.39 -66.85 -79.15
N ASN O 218 12.37 -66.33 -79.79
CA ASN O 218 11.53 -67.03 -80.75
C ASN O 218 12.36 -67.39 -82.04
N LYS O 219 13.39 -66.60 -82.32
CA LYS O 219 14.24 -66.91 -83.51
C LYS O 219 15.45 -67.75 -83.20
N GLY O 220 15.61 -68.11 -81.97
CA GLY O 220 16.70 -68.93 -81.48
C GLY O 220 17.95 -68.19 -81.18
N GLU O 221 17.88 -66.87 -81.11
CA GLU O 221 19.19 -66.18 -80.80
C GLU O 221 19.58 -66.06 -79.36
N THR O 222 18.62 -66.13 -78.41
CA THR O 222 19.00 -66.02 -77.01
C THR O 222 18.60 -67.32 -76.36
N ALA O 223 19.35 -67.81 -75.34
CA ALA O 223 18.96 -69.08 -74.75
C ALA O 223 17.82 -68.94 -73.71
N MET O 224 17.54 -67.78 -73.13
CA MET O 224 16.47 -67.65 -72.05
C MET O 224 15.82 -66.32 -72.15
N THR O 225 14.59 -66.27 -71.60
CA THR O 225 13.85 -64.96 -71.55
C THR O 225 13.01 -65.05 -70.25
N ILE O 226 12.45 -63.99 -69.78
CA ILE O 226 11.59 -64.07 -68.57
C ILE O 226 10.28 -63.55 -69.07
N ASN O 227 9.18 -64.23 -68.94
CA ASN O 227 7.88 -63.74 -69.38
C ASN O 227 6.73 -64.52 -68.61
N GLY O 228 5.50 -64.08 -68.84
CA GLY O 228 4.31 -64.65 -68.24
C GLY O 228 3.64 -65.61 -69.22
N PRO O 229 2.58 -66.29 -68.73
CA PRO O 229 1.88 -67.31 -69.46
C PRO O 229 1.41 -66.92 -70.84
N TRP O 230 0.97 -65.66 -71.05
CA TRP O 230 0.47 -65.08 -72.24
C TRP O 230 1.54 -65.18 -73.38
N ALA O 231 2.82 -65.22 -73.16
CA ALA O 231 3.84 -65.36 -74.24
C ALA O 231 3.96 -66.78 -74.77
N TRP O 232 3.44 -67.82 -74.13
CA TRP O 232 3.69 -69.21 -74.48
C TRP O 232 3.20 -69.49 -75.91
N SER O 233 2.08 -68.88 -76.22
CA SER O 233 1.47 -69.09 -77.58
C SER O 233 2.37 -68.83 -78.76
N ASN O 234 3.05 -67.72 -78.72
CA ASN O 234 3.95 -67.39 -79.86
C ASN O 234 5.20 -68.33 -79.93
N ILE O 235 5.64 -68.71 -78.72
CA ILE O 235 6.73 -69.62 -78.60
C ILE O 235 6.29 -70.93 -79.29
N ASP O 236 5.08 -71.37 -79.01
CA ASP O 236 4.68 -72.69 -79.52
C ASP O 236 4.74 -72.72 -81.07
N THR O 237 4.25 -71.57 -81.51
CA THR O 237 4.11 -71.24 -82.90
C THR O 237 5.46 -71.17 -83.64
N SER O 238 6.46 -70.79 -82.90
CA SER O 238 7.81 -70.72 -83.51
C SER O 238 8.46 -72.11 -83.41
N LYS O 239 7.81 -73.05 -82.70
CA LYS O 239 8.31 -74.40 -82.44
C LYS O 239 9.63 -74.38 -81.69
N VAL O 240 10.10 -73.31 -80.99
CA VAL O 240 11.42 -73.50 -80.27
C VAL O 240 11.19 -74.68 -79.33
N ASN O 241 12.19 -75.40 -78.88
CA ASN O 241 12.07 -76.49 -77.87
C ASN O 241 12.39 -75.83 -76.48
N TYR O 242 11.33 -75.34 -75.83
CA TYR O 242 11.44 -74.59 -74.57
C TYR O 242 10.95 -75.24 -73.30
N GLY O 243 11.57 -74.80 -72.17
CA GLY O 243 11.03 -75.33 -70.89
C GLY O 243 10.61 -74.01 -70.17
N VAL O 244 9.84 -74.22 -69.11
CA VAL O 244 9.37 -73.07 -68.27
C VAL O 244 9.82 -73.45 -66.86
N THR O 245 10.60 -72.63 -66.14
CA THR O 245 10.91 -73.13 -64.78
C THR O 245 10.99 -72.03 -63.74
N VAL O 246 11.46 -72.36 -62.54
CA VAL O 246 11.62 -71.36 -61.50
C VAL O 246 12.66 -70.30 -61.92
N LEU O 247 12.50 -69.06 -61.55
CA LEU O 247 13.51 -68.04 -61.74
C LEU O 247 14.78 -68.35 -60.94
N PRO O 248 15.94 -67.88 -61.42
CA PRO O 248 17.19 -68.12 -60.64
C PRO O 248 17.21 -67.33 -59.31
N THR O 249 18.04 -67.78 -58.40
CA THR O 249 18.26 -67.17 -57.11
C THR O 249 19.31 -66.10 -57.26
N PHE O 250 19.29 -65.20 -56.29
CA PHE O 250 20.25 -64.15 -56.29
C PHE O 250 20.74 -64.17 -54.82
N LYS O 251 22.01 -64.31 -54.56
CA LYS O 251 22.57 -64.22 -53.18
C LYS O 251 21.94 -65.35 -52.39
N GLY O 252 21.59 -66.37 -53.12
CA GLY O 252 21.00 -67.56 -52.48
C GLY O 252 19.52 -67.43 -52.17
N GLN O 253 18.88 -66.28 -52.47
CA GLN O 253 17.45 -66.16 -52.16
C GLN O 253 16.70 -66.29 -53.46
N PRO O 254 15.46 -66.74 -53.40
CA PRO O 254 14.65 -66.86 -54.57
C PRO O 254 14.40 -65.49 -55.20
N SER O 255 14.31 -65.39 -56.50
CA SER O 255 13.79 -64.20 -57.23
C SER O 255 12.30 -64.14 -56.77
N LYS O 256 11.77 -62.97 -56.56
CA LYS O 256 10.36 -62.86 -55.99
C LYS O 256 9.52 -62.02 -56.88
N PRO O 257 8.80 -62.64 -57.82
CA PRO O 257 7.97 -61.85 -58.73
C PRO O 257 6.77 -61.22 -57.96
N PHE O 258 6.30 -60.10 -58.40
CA PHE O 258 5.09 -59.51 -57.89
C PHE O 258 4.02 -60.37 -58.55
N VAL O 259 3.03 -60.87 -57.87
CA VAL O 259 1.98 -61.67 -58.53
C VAL O 259 0.76 -60.85 -58.77
N GLY O 260 0.18 -60.98 -59.99
CA GLY O 260 -0.98 -60.25 -60.45
C GLY O 260 -2.10 -61.26 -60.61
N VAL O 261 -3.29 -60.81 -60.26
CA VAL O 261 -4.57 -61.51 -60.38
C VAL O 261 -5.24 -60.78 -61.50
N LEU O 262 -5.32 -61.31 -62.75
CA LEU O 262 -6.01 -60.78 -63.87
C LEU O 262 -7.51 -60.62 -63.33
N SER O 263 -8.02 -59.42 -63.53
CA SER O 263 -9.35 -59.10 -63.00
C SER O 263 -10.23 -58.30 -64.00
N ALA O 264 -11.60 -58.50 -63.80
CA ALA O 264 -12.61 -57.86 -64.70
C ALA O 264 -13.50 -56.96 -63.83
N GLY O 265 -13.46 -55.69 -64.13
CA GLY O 265 -14.27 -54.72 -63.31
C GLY O 265 -15.36 -54.13 -64.13
N ILE O 266 -16.44 -53.68 -63.39
CA ILE O 266 -17.61 -53.08 -64.16
C ILE O 266 -17.64 -51.58 -63.92
N ASN O 267 -17.68 -50.90 -65.04
CA ASN O 267 -17.67 -49.43 -65.09
C ASN O 267 -18.92 -49.05 -64.32
N ALA O 268 -18.62 -48.21 -63.33
CA ALA O 268 -19.70 -47.65 -62.41
C ALA O 268 -20.76 -46.92 -63.30
N ALA O 269 -20.27 -46.33 -64.39
CA ALA O 269 -20.93 -45.60 -65.44
C ALA O 269 -21.71 -46.48 -66.45
N SER O 270 -21.75 -47.79 -66.39
CA SER O 270 -22.48 -48.61 -67.30
C SER O 270 -23.95 -48.79 -66.84
N PRO O 271 -24.80 -48.77 -67.86
CA PRO O 271 -26.21 -49.08 -67.85
C PRO O 271 -26.50 -50.61 -67.88
N ASN O 272 -25.43 -51.28 -68.39
CA ASN O 272 -25.41 -52.73 -68.58
C ASN O 272 -24.91 -53.44 -67.37
N LYS O 273 -25.01 -53.18 -66.11
CA LYS O 273 -24.35 -53.97 -65.08
C LYS O 273 -24.75 -55.42 -64.93
N GLU O 274 -26.05 -55.62 -65.14
CA GLU O 274 -26.75 -56.89 -65.02
C GLU O 274 -26.31 -57.79 -66.17
N LEU O 275 -26.21 -57.29 -67.35
CA LEU O 275 -25.73 -57.98 -68.55
C LEU O 275 -24.27 -58.48 -68.31
N ALA O 276 -23.52 -57.48 -67.83
CA ALA O 276 -22.10 -57.57 -67.47
C ALA O 276 -21.97 -58.71 -66.47
N LYS O 277 -22.76 -58.59 -65.38
CA LYS O 277 -22.65 -59.72 -64.41
C LYS O 277 -23.04 -61.03 -65.05
N GLU O 278 -24.06 -61.10 -65.89
CA GLU O 278 -24.48 -62.42 -66.47
C GLU O 278 -23.28 -63.07 -67.20
N PHE O 279 -22.72 -62.31 -68.09
CA PHE O 279 -21.52 -62.56 -68.92
C PHE O 279 -20.33 -63.10 -68.16
N LEU O 280 -19.95 -62.36 -67.11
CA LEU O 280 -18.82 -62.74 -66.33
C LEU O 280 -19.11 -64.03 -65.63
N GLU O 281 -20.10 -64.00 -64.73
CA GLU O 281 -20.40 -65.19 -63.88
C GLU O 281 -20.94 -66.43 -64.55
N ASN O 282 -21.72 -66.25 -65.62
CA ASN O 282 -22.31 -67.34 -66.37
C ASN O 282 -21.70 -67.71 -67.74
N TYR O 283 -20.90 -66.91 -68.39
CA TYR O 283 -20.29 -67.20 -69.69
C TYR O 283 -18.77 -67.41 -69.58
N LEU O 284 -18.11 -66.33 -69.12
CA LEU O 284 -16.61 -66.36 -68.99
C LEU O 284 -16.16 -67.17 -67.81
N LEU O 285 -16.66 -66.92 -66.67
CA LEU O 285 -16.20 -67.65 -65.49
C LEU O 285 -16.75 -69.07 -65.38
N THR O 286 -16.65 -69.83 -66.44
CA THR O 286 -17.00 -71.25 -66.52
C THR O 286 -15.80 -72.05 -66.99
N ASP O 287 -15.80 -73.32 -67.12
CA ASP O 287 -14.67 -74.13 -67.67
C ASP O 287 -14.60 -73.87 -69.16
N GLU O 288 -15.71 -73.66 -69.78
CA GLU O 288 -15.79 -73.48 -71.22
C GLU O 288 -15.34 -72.16 -71.68
N GLY O 289 -15.71 -71.10 -70.94
CA GLY O 289 -15.34 -69.73 -71.29
C GLY O 289 -13.84 -69.52 -71.08
N LEU O 290 -13.35 -70.02 -69.98
CA LEU O 290 -11.92 -69.88 -69.64
C LEU O 290 -11.07 -70.60 -70.70
N GLU O 291 -11.63 -71.74 -71.11
CA GLU O 291 -10.84 -72.47 -72.13
C GLU O 291 -10.84 -71.83 -73.47
N ALA O 292 -11.78 -71.12 -73.99
CA ALA O 292 -11.77 -70.42 -75.26
C ALA O 292 -10.70 -69.36 -75.23
N VAL O 293 -10.59 -68.70 -74.06
CA VAL O 293 -9.62 -67.62 -73.82
C VAL O 293 -8.20 -68.23 -73.76
N ASN O 294 -7.95 -69.23 -72.93
CA ASN O 294 -6.72 -69.91 -72.70
C ASN O 294 -6.14 -70.55 -73.95
N LYS O 295 -6.90 -70.96 -74.91
CA LYS O 295 -6.46 -71.56 -76.21
C LYS O 295 -5.93 -70.41 -77.05
N ASP O 296 -6.43 -69.21 -76.91
CA ASP O 296 -5.91 -68.03 -77.61
C ASP O 296 -4.57 -67.65 -76.99
N LYS O 297 -4.53 -67.13 -75.79
CA LYS O 297 -3.25 -66.82 -75.06
C LYS O 297 -3.37 -67.44 -73.71
N PRO O 298 -2.53 -68.32 -73.22
CA PRO O 298 -2.70 -68.96 -71.92
C PRO O 298 -2.86 -67.97 -70.81
N LEU O 299 -3.77 -68.29 -69.86
CA LEU O 299 -4.00 -67.41 -68.71
C LEU O 299 -3.05 -67.55 -67.54
N GLY O 300 -2.47 -68.68 -67.28
CA GLY O 300 -1.66 -68.93 -66.11
C GLY O 300 -2.62 -69.90 -65.27
N ALA O 301 -2.46 -69.73 -63.98
CA ALA O 301 -3.23 -70.52 -62.97
C ALA O 301 -4.58 -69.87 -62.91
N VAL O 302 -5.76 -70.39 -63.14
CA VAL O 302 -7.07 -69.76 -63.13
C VAL O 302 -7.67 -69.74 -61.73
N ALA O 303 -8.51 -68.74 -61.49
CA ALA O 303 -9.11 -68.72 -60.09
C ALA O 303 -10.24 -69.72 -59.94
N LEU O 304 -10.81 -70.19 -61.05
CA LEU O 304 -11.92 -71.19 -61.08
C LEU O 304 -11.31 -72.56 -60.77
N LYS O 305 -11.76 -73.02 -59.58
CA LYS O 305 -11.17 -74.30 -59.12
C LYS O 305 -11.26 -75.49 -60.05
N SER O 306 -12.35 -75.63 -60.72
CA SER O 306 -12.74 -76.73 -61.60
C SER O 306 -11.80 -76.81 -62.79
N TYR O 307 -11.66 -75.70 -63.49
CA TYR O 307 -10.69 -75.52 -64.61
C TYR O 307 -9.24 -75.62 -64.17
N GLU O 308 -8.92 -75.00 -62.99
CA GLU O 308 -7.56 -74.98 -62.50
C GLU O 308 -7.03 -76.39 -62.30
N GLU O 309 -8.03 -77.17 -61.91
CA GLU O 309 -7.82 -78.63 -61.67
C GLU O 309 -7.31 -79.36 -62.91
N GLU O 310 -7.81 -78.97 -64.09
CA GLU O 310 -7.40 -79.58 -65.33
C GLU O 310 -6.12 -78.92 -65.87
N LEU O 311 -5.92 -77.68 -65.39
CA LEU O 311 -4.76 -76.85 -65.87
C LEU O 311 -3.47 -77.24 -65.23
N ALA O 312 -3.41 -77.75 -63.93
CA ALA O 312 -1.94 -77.96 -63.94
C ALA O 312 -1.34 -78.89 -62.94
N LYS O 313 -1.09 -79.95 -63.56
CA LYS O 313 -0.60 -81.05 -64.26
C LYS O 313 0.39 -80.63 -65.39
N ASP O 314 0.01 -79.46 -65.90
CA ASP O 314 0.88 -78.84 -66.97
C ASP O 314 2.14 -78.35 -66.26
N PRO O 315 3.29 -78.79 -66.61
CA PRO O 315 4.50 -78.39 -65.95
C PRO O 315 4.75 -76.86 -66.05
N ARG O 316 4.31 -76.20 -67.04
CA ARG O 316 4.39 -74.74 -67.29
C ARG O 316 3.61 -74.03 -66.20
N ILE O 317 2.44 -74.56 -65.97
CA ILE O 317 1.54 -74.10 -64.90
C ILE O 317 2.12 -74.39 -63.55
N ALA O 318 2.73 -75.59 -63.37
CA ALA O 318 3.34 -75.87 -62.08
C ALA O 318 4.47 -74.91 -61.76
N ALA O 319 5.19 -74.52 -62.81
CA ALA O 319 6.32 -73.59 -62.58
C ALA O 319 5.83 -72.18 -62.25
N THR O 320 4.73 -71.85 -62.89
CA THR O 320 4.04 -70.56 -62.70
C THR O 320 3.67 -70.44 -61.19
N MET O 321 3.00 -71.53 -60.74
CA MET O 321 2.68 -71.63 -59.28
C MET O 321 3.86 -71.62 -58.36
N GLU O 322 4.98 -72.21 -58.71
CA GLU O 322 6.12 -72.18 -57.85
C GLU O 322 6.72 -70.77 -57.76
N ASN O 323 6.80 -70.08 -58.91
CA ASN O 323 7.38 -68.69 -58.86
C ASN O 323 6.36 -67.82 -58.09
N ALA O 324 5.11 -68.06 -58.36
CA ALA O 324 4.07 -67.28 -57.63
C ALA O 324 4.18 -67.38 -56.13
N GLN O 325 4.39 -68.62 -55.63
CA GLN O 325 4.61 -69.00 -54.22
C GLN O 325 5.83 -68.34 -53.65
N LYS O 326 6.91 -68.05 -54.32
CA LYS O 326 8.07 -67.38 -53.91
C LYS O 326 7.93 -65.87 -54.06
N GLY O 327 6.89 -65.47 -54.70
CA GLY O 327 6.68 -64.07 -54.91
C GLY O 327 5.76 -63.51 -53.82
N GLU O 328 5.14 -62.42 -54.18
CA GLU O 328 4.19 -61.70 -53.34
C GLU O 328 3.13 -61.07 -54.21
N ILE O 329 1.92 -61.25 -53.81
CA ILE O 329 0.74 -60.70 -54.45
C ILE O 329 0.88 -59.19 -54.33
N MET O 330 0.60 -58.43 -55.36
CA MET O 330 0.78 -56.96 -55.30
C MET O 330 -0.33 -56.40 -54.39
N PRO O 331 0.02 -55.31 -53.80
CA PRO O 331 -0.97 -54.41 -53.12
C PRO O 331 -1.90 -53.87 -54.19
N ASN O 332 -3.15 -53.43 -53.97
CA ASN O 332 -4.04 -52.81 -54.89
C ASN O 332 -4.31 -51.34 -54.40
N ILE O 333 -3.60 -50.88 -53.43
CA ILE O 333 -3.76 -49.51 -52.86
C ILE O 333 -3.60 -48.47 -53.93
N PRO O 334 -4.17 -47.28 -53.89
CA PRO O 334 -4.05 -46.23 -54.91
C PRO O 334 -2.61 -45.84 -55.17
N GLN O 335 -1.77 -45.98 -54.15
CA GLN O 335 -0.36 -45.64 -54.27
C GLN O 335 0.42 -46.58 -55.22
N MET O 336 -0.11 -47.72 -55.67
CA MET O 336 0.63 -48.58 -56.67
C MET O 336 1.02 -47.88 -57.95
N SER O 337 0.20 -46.96 -58.40
CA SER O 337 0.64 -46.18 -59.61
C SER O 337 1.85 -45.26 -59.40
N ALA O 338 2.06 -44.65 -58.26
CA ALA O 338 3.21 -43.81 -57.96
C ALA O 338 4.45 -44.71 -57.87
N PHE O 339 4.30 -45.78 -57.13
CA PHE O 339 5.38 -46.78 -57.01
C PHE O 339 5.85 -47.17 -58.42
N TRP O 340 4.93 -47.61 -59.27
CA TRP O 340 5.40 -48.08 -60.60
C TRP O 340 6.11 -47.06 -61.47
N TYR O 341 5.55 -45.85 -61.43
CA TYR O 341 6.21 -44.81 -62.32
C TYR O 341 7.55 -44.44 -61.75
N ALA O 342 7.64 -44.37 -60.41
CA ALA O 342 8.96 -44.05 -59.79
C ALA O 342 9.98 -45.13 -60.07
N VAL O 343 9.56 -46.42 -59.96
CA VAL O 343 10.51 -47.53 -60.18
C VAL O 343 10.85 -47.64 -61.66
N ARG O 344 9.94 -47.31 -62.54
CA ARG O 344 10.17 -47.32 -63.98
C ARG O 344 11.27 -46.32 -64.33
N THR O 345 11.09 -45.10 -63.85
CA THR O 345 12.23 -44.15 -64.15
C THR O 345 13.58 -44.59 -63.68
N ALA O 346 13.59 -45.01 -62.35
CA ALA O 346 14.82 -45.42 -61.68
C ALA O 346 15.60 -46.43 -62.47
N VAL O 347 14.96 -47.44 -62.98
CA VAL O 347 15.68 -48.58 -63.65
C VAL O 347 16.28 -48.14 -65.03
N ILE O 348 15.37 -47.39 -65.67
CA ILE O 348 15.80 -46.94 -67.02
C ILE O 348 17.00 -46.01 -66.84
N ASN O 349 16.87 -45.05 -65.96
CA ASN O 349 17.98 -44.09 -65.70
C ASN O 349 19.22 -44.84 -65.25
N ALA O 350 19.13 -45.88 -64.44
CA ALA O 350 20.27 -46.60 -63.96
C ALA O 350 20.83 -47.51 -65.06
N ALA O 351 19.96 -48.12 -65.83
CA ALA O 351 20.47 -49.07 -66.89
C ALA O 351 21.20 -48.34 -68.03
N SER O 352 20.67 -47.18 -68.36
CA SER O 352 21.13 -46.23 -69.37
C SER O 352 22.38 -45.47 -68.91
N GLY O 353 22.79 -45.54 -67.64
CA GLY O 353 23.91 -44.96 -67.00
C GLY O 353 23.75 -43.49 -66.76
N ARG O 354 22.50 -42.96 -66.84
CA ARG O 354 22.19 -41.57 -66.63
C ARG O 354 22.36 -41.23 -65.13
N GLN O 355 22.13 -42.22 -64.26
CA GLN O 355 22.22 -42.06 -62.83
C GLN O 355 22.86 -43.37 -62.36
N THR O 356 23.47 -43.24 -61.21
CA THR O 356 24.05 -44.37 -60.48
C THR O 356 22.81 -45.05 -59.82
N VAL O 357 23.03 -46.29 -59.42
CA VAL O 357 22.00 -47.03 -58.67
C VAL O 357 21.58 -46.29 -57.43
N ASP O 358 22.51 -45.87 -56.61
CA ASP O 358 22.24 -45.14 -55.32
C ASP O 358 21.40 -43.90 -55.56
N GLU O 359 21.79 -43.07 -56.49
CA GLU O 359 21.06 -41.90 -56.92
C GLU O 359 19.70 -42.30 -57.47
N ALA O 360 19.57 -43.26 -58.33
CA ALA O 360 18.27 -43.64 -58.90
C ALA O 360 17.25 -44.12 -57.85
N LEU O 361 17.72 -44.92 -56.93
CA LEU O 361 16.79 -45.56 -55.95
C LEU O 361 16.41 -44.58 -54.89
N LYS O 362 17.35 -43.64 -54.76
CA LYS O 362 17.01 -42.65 -53.69
C LYS O 362 15.98 -41.74 -54.22
N ASP O 363 16.05 -41.37 -55.44
CA ASP O 363 15.04 -40.44 -56.00
C ASP O 363 13.66 -41.06 -56.01
N ALA O 364 13.75 -42.37 -56.30
CA ALA O 364 12.51 -43.14 -56.41
C ALA O 364 11.80 -43.14 -55.08
N GLN O 365 12.65 -43.42 -54.05
CA GLN O 365 12.17 -43.49 -52.64
C GLN O 365 11.48 -42.21 -52.23
N THR O 366 12.11 -41.05 -52.54
CA THR O 366 11.58 -39.72 -52.32
C THR O 366 10.33 -39.48 -53.08
N ARG O 367 10.33 -39.81 -54.36
CA ARG O 367 9.17 -39.64 -55.15
C ARG O 367 8.01 -40.41 -54.55
N ILE O 368 8.19 -41.66 -54.15
CA ILE O 368 7.07 -42.45 -53.62
C ILE O 368 6.53 -41.98 -52.29
N THR O 369 7.41 -41.63 -51.38
CA THR O 369 6.92 -41.24 -50.05
C THR O 369 6.54 -39.77 -49.87
N LYS O 370 6.62 -39.02 -51.37
CA LYS O 370 5.59 -38.11 -51.84
C LYS O 370 4.15 -38.52 -51.86
N LYS P 1 -6.31 -70.47 -44.77
CA LYS P 1 -7.27 -71.31 -43.95
C LYS P 1 -7.15 -72.79 -44.33
N ILE P 2 -6.91 -72.92 -45.64
CA ILE P 2 -6.66 -74.07 -46.47
C ILE P 2 -7.75 -75.15 -46.36
N GLU P 3 -7.25 -76.26 -45.86
CA GLU P 3 -8.04 -77.49 -45.61
C GLU P 3 -8.66 -78.05 -46.88
N GLU P 4 -9.92 -77.98 -47.23
CA GLU P 4 -10.42 -78.54 -48.48
C GLU P 4 -11.96 -78.59 -48.54
N GLY P 5 -12.39 -79.82 -48.38
CA GLY P 5 -13.56 -80.59 -48.26
C GLY P 5 -13.35 -82.03 -47.72
N LYS P 6 -12.38 -82.14 -46.84
CA LYS P 6 -11.92 -83.29 -46.08
C LYS P 6 -11.73 -82.85 -44.61
N LEU P 7 -11.31 -83.75 -43.74
CA LEU P 7 -11.02 -83.61 -42.30
C LEU P 7 -9.59 -84.07 -41.95
N VAL P 8 -8.78 -83.29 -41.29
CA VAL P 8 -7.40 -83.63 -40.80
C VAL P 8 -7.48 -83.47 -39.27
N ILE P 9 -7.09 -84.47 -38.54
CA ILE P 9 -7.14 -84.50 -37.08
C ILE P 9 -5.74 -84.69 -36.55
N TRP P 10 -5.47 -83.94 -35.51
CA TRP P 10 -4.18 -84.03 -34.77
C TRP P 10 -4.47 -84.51 -33.34
N ILE P 11 -3.80 -85.59 -32.93
CA ILE P 11 -4.01 -86.13 -31.56
C ILE P 11 -2.62 -86.54 -31.12
N ASN P 12 -2.29 -86.56 -29.87
CA ASN P 12 -1.04 -86.94 -29.24
C ASN P 12 -0.84 -88.46 -29.55
N GLY P 13 0.44 -88.73 -29.63
CA GLY P 13 1.02 -90.00 -29.93
C GLY P 13 0.76 -91.04 -28.86
N ASP P 14 0.49 -90.62 -27.61
CA ASP P 14 0.16 -91.61 -26.60
C ASP P 14 -1.34 -91.98 -26.56
N LYS P 15 -2.19 -91.52 -27.45
CA LYS P 15 -3.62 -91.79 -27.45
C LYS P 15 -3.97 -92.81 -28.51
N GLY P 16 -5.21 -93.36 -28.54
CA GLY P 16 -5.47 -94.34 -29.59
C GLY P 16 -5.89 -93.76 -30.91
N TYR P 17 -4.87 -93.24 -31.62
CA TYR P 17 -5.01 -92.66 -32.95
C TYR P 17 -5.41 -93.74 -33.96
N ASN P 18 -5.10 -95.02 -33.72
CA ASN P 18 -5.57 -96.02 -34.71
C ASN P 18 -7.06 -96.21 -34.38
N GLY P 19 -7.58 -96.22 -33.14
CA GLY P 19 -9.00 -96.35 -32.97
C GLY P 19 -9.70 -95.19 -33.67
N LEU P 20 -9.09 -94.05 -33.55
CA LEU P 20 -9.62 -92.76 -34.11
C LEU P 20 -9.68 -92.90 -35.62
N ALA P 21 -8.65 -93.35 -36.26
CA ALA P 21 -8.60 -93.66 -37.69
C ALA P 21 -9.70 -94.65 -38.08
N GLU P 22 -10.08 -95.67 -37.34
CA GLU P 22 -11.16 -96.63 -37.61
C GLU P 22 -12.48 -95.90 -37.60
N VAL P 23 -12.54 -94.86 -36.74
CA VAL P 23 -13.75 -94.04 -36.72
C VAL P 23 -13.73 -93.11 -37.91
N GLY P 24 -12.66 -92.54 -38.37
CA GLY P 24 -12.74 -91.72 -39.58
C GLY P 24 -13.29 -92.50 -40.78
N LYS P 25 -12.88 -93.75 -40.81
CA LYS P 25 -13.18 -94.73 -41.85
C LYS P 25 -14.64 -94.97 -42.07
N LYS P 26 -15.41 -95.03 -41.04
CA LYS P 26 -16.84 -95.25 -41.25
C LYS P 26 -17.42 -93.85 -41.28
N PHE P 27 -16.59 -92.80 -41.37
CA PHE P 27 -17.28 -91.47 -41.41
C PHE P 27 -17.47 -91.29 -42.93
N GLU P 28 -16.31 -91.61 -43.50
CA GLU P 28 -15.97 -91.54 -44.91
C GLU P 28 -16.64 -92.50 -45.90
N LYS P 29 -16.85 -93.66 -45.36
CA LYS P 29 -17.50 -94.81 -46.02
C LYS P 29 -18.99 -94.45 -46.01
N ASP P 30 -19.31 -93.50 -45.13
CA ASP P 30 -20.79 -93.15 -44.96
C ASP P 30 -21.00 -91.71 -45.37
N THR P 31 -19.91 -91.16 -45.93
CA THR P 31 -20.07 -89.76 -46.29
C THR P 31 -19.35 -89.26 -47.50
N GLY P 32 -18.26 -89.88 -47.85
CA GLY P 32 -17.39 -89.42 -48.91
C GLY P 32 -16.29 -88.46 -48.45
N ILE P 33 -16.36 -88.02 -47.16
CA ILE P 33 -15.33 -87.11 -46.70
C ILE P 33 -14.26 -88.04 -46.08
N LYS P 34 -13.09 -88.01 -46.62
CA LYS P 34 -12.07 -88.87 -46.01
C LYS P 34 -11.41 -88.09 -44.84
N VAL P 35 -11.19 -88.92 -43.80
CA VAL P 35 -10.52 -88.35 -42.61
C VAL P 35 -9.08 -88.78 -42.54
N THR P 36 -8.11 -87.97 -42.27
CA THR P 36 -6.71 -88.19 -42.11
C THR P 36 -6.29 -87.95 -40.62
N VAL P 37 -5.75 -88.88 -39.88
CA VAL P 37 -5.37 -88.77 -38.48
C VAL P 37 -3.90 -88.60 -38.28
N GLU P 38 -3.40 -87.51 -37.71
CA GLU P 38 -1.94 -87.41 -37.54
C GLU P 38 -1.64 -87.16 -36.06
N HIS P 39 -0.41 -87.52 -35.73
CA HIS P 39 0.08 -87.33 -34.36
C HIS P 39 1.47 -86.74 -34.33
N PRO P 40 1.57 -85.46 -34.75
CA PRO P 40 2.83 -84.75 -34.76
C PRO P 40 3.35 -84.63 -33.36
N ASP P 41 4.66 -84.58 -33.27
CA ASP P 41 5.39 -84.37 -31.96
C ASP P 41 5.16 -82.96 -31.41
N LYS P 42 5.08 -82.63 -30.16
CA LYS P 42 4.83 -81.20 -29.82
C LYS P 42 3.62 -80.62 -30.50
N LEU P 43 2.57 -81.39 -30.69
CA LEU P 43 1.48 -80.74 -31.50
C LEU P 43 0.85 -79.55 -30.78
N GLU P 44 0.94 -79.63 -29.46
CA GLU P 44 0.26 -78.65 -28.61
C GLU P 44 0.93 -77.28 -28.72
N GLU P 45 2.13 -77.41 -29.18
CA GLU P 45 3.08 -76.33 -29.48
C GLU P 45 3.01 -75.97 -30.94
N LYS P 46 2.98 -76.98 -31.81
CA LYS P 46 2.92 -76.78 -33.22
C LYS P 46 1.58 -76.16 -33.54
N PHE P 47 0.45 -76.50 -32.92
CA PHE P 47 -0.83 -75.96 -33.36
C PHE P 47 -0.91 -74.43 -33.50
N PRO P 48 -0.54 -73.73 -32.43
CA PRO P 48 -0.71 -72.26 -32.39
C PRO P 48 0.12 -71.65 -33.50
N GLN P 49 1.27 -72.35 -33.73
CA GLN P 49 2.14 -71.83 -34.77
C GLN P 49 1.49 -71.94 -36.14
N VAL P 50 1.10 -73.07 -36.63
CA VAL P 50 0.52 -73.21 -37.96
C VAL P 50 -0.90 -72.69 -38.01
N ALA P 51 -1.67 -72.75 -36.92
CA ALA P 51 -3.08 -72.29 -37.00
C ALA P 51 -3.20 -70.77 -37.13
N ALA P 52 -2.14 -70.20 -36.56
CA ALA P 52 -2.02 -68.73 -36.48
C ALA P 52 -2.01 -68.21 -37.91
N THR P 53 -1.36 -68.97 -38.81
CA THR P 53 -1.25 -68.71 -40.25
C THR P 53 -2.54 -69.15 -40.95
N GLY P 54 -3.54 -69.53 -40.19
CA GLY P 54 -4.78 -69.91 -40.91
C GLY P 54 -4.66 -71.34 -41.41
N ASP P 55 -3.59 -72.10 -41.03
CA ASP P 55 -3.68 -73.55 -41.54
C ASP P 55 -3.75 -74.53 -40.34
N GLY P 56 -3.16 -75.73 -40.41
CA GLY P 56 -3.17 -76.74 -39.32
C GLY P 56 -4.26 -77.77 -39.52
N PRO P 57 -4.68 -78.51 -38.48
CA PRO P 57 -5.73 -79.52 -38.62
C PRO P 57 -7.08 -78.89 -38.61
N ASP P 58 -8.11 -79.53 -39.04
CA ASP P 58 -9.49 -79.07 -38.94
C ASP P 58 -9.87 -79.18 -37.42
N ILE P 59 -9.39 -80.32 -36.83
CA ILE P 59 -9.65 -80.67 -35.42
C ILE P 59 -8.36 -81.09 -34.69
N ILE P 60 -8.25 -80.55 -33.46
CA ILE P 60 -7.20 -80.68 -32.51
C ILE P 60 -7.71 -81.21 -31.17
N PHE P 61 -6.96 -82.24 -30.73
CA PHE P 61 -7.23 -82.91 -29.45
C PHE P 61 -5.99 -82.65 -28.49
N TRP P 62 -6.37 -82.18 -27.30
CA TRP P 62 -5.39 -81.99 -26.24
C TRP P 62 -6.21 -81.96 -24.94
N ALA P 63 -5.53 -82.08 -23.75
CA ALA P 63 -6.10 -81.84 -22.44
C ALA P 63 -6.66 -80.37 -22.46
N HIS P 64 -7.65 -80.04 -21.69
CA HIS P 64 -8.26 -78.68 -21.79
C HIS P 64 -7.40 -77.57 -21.31
N ASP P 65 -6.33 -77.80 -20.47
CA ASP P 65 -5.49 -76.68 -19.96
C ASP P 65 -4.89 -75.80 -21.07
N ARG P 66 -4.68 -76.32 -22.28
CA ARG P 66 -4.07 -75.56 -23.39
C ARG P 66 -5.15 -74.74 -24.12
N PHE P 67 -6.42 -75.06 -23.99
CA PHE P 67 -7.51 -74.40 -24.79
C PHE P 67 -7.77 -72.91 -24.46
N GLY P 68 -7.71 -72.39 -23.28
CA GLY P 68 -7.89 -70.97 -22.94
C GLY P 68 -6.93 -70.14 -23.77
N GLY P 69 -5.70 -70.55 -23.93
CA GLY P 69 -4.69 -69.82 -24.64
C GLY P 69 -4.98 -69.85 -26.11
N TYR P 70 -5.44 -70.96 -26.68
CA TYR P 70 -5.73 -71.07 -28.07
C TYR P 70 -6.88 -70.10 -28.36
N ALA P 71 -7.91 -70.11 -27.60
CA ALA P 71 -9.11 -69.30 -27.69
C ALA P 71 -8.74 -67.80 -27.62
N GLN P 72 -7.95 -67.37 -26.66
CA GLN P 72 -7.52 -65.98 -26.54
C GLN P 72 -6.72 -65.46 -27.75
N SER P 73 -5.99 -66.32 -28.41
CA SER P 73 -5.25 -66.00 -29.60
C SER P 73 -6.14 -66.04 -30.86
N GLY P 74 -7.39 -66.35 -30.65
CA GLY P 74 -8.48 -66.59 -31.58
C GLY P 74 -8.37 -67.84 -32.47
N LEU P 75 -7.93 -69.02 -32.07
CA LEU P 75 -7.63 -70.18 -32.95
C LEU P 75 -8.68 -71.25 -33.01
N LEU P 76 -9.69 -71.01 -32.18
CA LEU P 76 -10.77 -71.98 -32.13
C LEU P 76 -12.12 -71.35 -32.38
N ALA P 77 -12.99 -72.11 -32.97
CA ALA P 77 -14.37 -71.76 -33.19
C ALA P 77 -15.19 -72.13 -31.95
N GLU P 78 -16.20 -71.29 -31.71
CA GLU P 78 -17.18 -71.48 -30.64
C GLU P 78 -18.10 -72.59 -31.23
N ILE P 79 -18.32 -73.57 -30.37
CA ILE P 79 -19.16 -74.70 -30.74
C ILE P 79 -20.49 -74.38 -30.05
N THR P 80 -21.51 -75.02 -30.60
CA THR P 80 -22.92 -74.94 -30.16
C THR P 80 -23.74 -76.22 -30.19
N PRO P 81 -23.63 -76.97 -29.14
CA PRO P 81 -24.43 -78.23 -29.06
C PRO P 81 -25.73 -77.81 -28.40
N ASP P 82 -26.82 -78.42 -28.74
CA ASP P 82 -28.04 -78.00 -28.01
C ASP P 82 -28.11 -78.88 -26.76
N LYS P 83 -28.83 -78.31 -25.86
CA LYS P 83 -29.13 -78.84 -24.53
C LYS P 83 -29.38 -80.34 -24.58
N ALA P 84 -29.78 -80.80 -25.77
CA ALA P 84 -30.08 -82.25 -25.83
C ALA P 84 -28.66 -82.84 -25.95
N PHE P 85 -27.92 -82.38 -26.90
CA PHE P 85 -26.59 -82.99 -27.01
C PHE P 85 -25.81 -82.75 -25.75
N GLN P 86 -25.93 -81.56 -25.21
CA GLN P 86 -25.20 -81.19 -24.00
C GLN P 86 -25.45 -82.13 -22.82
N ASP P 87 -26.65 -82.61 -22.76
CA ASP P 87 -27.33 -83.47 -21.79
C ASP P 87 -26.72 -84.87 -21.68
N LYS P 88 -26.16 -85.30 -22.75
CA LYS P 88 -25.45 -86.58 -22.85
C LYS P 88 -24.12 -86.61 -22.10
N LEU P 89 -23.54 -85.49 -21.75
CA LEU P 89 -22.27 -85.37 -21.11
C LEU P 89 -22.34 -84.88 -19.68
N TYR P 90 -21.38 -85.34 -18.92
CA TYR P 90 -21.32 -84.80 -17.56
C TYR P 90 -21.05 -83.30 -17.68
N PRO P 91 -21.83 -82.53 -16.94
CA PRO P 91 -21.69 -81.05 -16.94
C PRO P 91 -20.37 -80.54 -16.40
N PHE P 92 -19.75 -81.17 -15.45
CA PHE P 92 -18.46 -80.57 -15.02
C PHE P 92 -17.53 -80.66 -16.23
N THR P 93 -17.76 -81.55 -17.19
CA THR P 93 -16.87 -81.64 -18.38
C THR P 93 -17.07 -80.49 -19.36
N TRP P 94 -18.32 -79.92 -19.44
CA TRP P 94 -18.53 -78.73 -20.34
C TRP P 94 -17.89 -77.52 -19.68
N ASP P 95 -17.79 -77.37 -18.44
CA ASP P 95 -17.26 -76.30 -17.68
C ASP P 95 -15.75 -76.12 -17.92
N ALA P 96 -15.14 -77.30 -18.13
CA ALA P 96 -13.70 -77.38 -18.38
C ALA P 96 -13.39 -76.76 -19.71
N VAL P 97 -14.37 -76.69 -20.64
CA VAL P 97 -14.10 -76.21 -22.00
C VAL P 97 -14.81 -74.87 -22.29
N ARG P 98 -15.01 -74.16 -21.28
CA ARG P 98 -15.65 -72.84 -21.37
C ARG P 98 -14.58 -71.82 -21.17
N TYR P 99 -14.52 -70.87 -22.05
CA TYR P 99 -13.56 -69.80 -21.91
C TYR P 99 -14.37 -68.50 -22.09
N ASN P 100 -14.42 -67.71 -21.04
CA ASN P 100 -15.14 -66.44 -21.01
C ASN P 100 -16.62 -66.70 -21.30
N GLY P 101 -17.16 -67.75 -20.73
CA GLY P 101 -18.49 -68.25 -20.85
C GLY P 101 -18.84 -68.99 -22.12
N LYS P 102 -18.11 -68.98 -23.21
CA LYS P 102 -18.38 -69.65 -24.50
C LYS P 102 -17.81 -71.12 -24.51
N LEU P 103 -18.41 -72.00 -25.23
CA LEU P 103 -17.81 -73.35 -25.25
C LEU P 103 -16.82 -73.35 -26.39
N ILE P 104 -15.60 -73.84 -26.19
CA ILE P 104 -14.58 -73.81 -27.28
C ILE P 104 -14.02 -75.15 -27.73
N ALA P 105 -14.71 -76.17 -27.13
CA ALA P 105 -14.35 -77.56 -27.47
C ALA P 105 -15.36 -78.56 -26.89
N TYR P 106 -15.27 -79.79 -27.43
CA TYR P 106 -16.04 -80.95 -27.00
C TYR P 106 -15.12 -81.79 -26.05
N PRO P 107 -15.61 -82.03 -24.89
CA PRO P 107 -14.93 -82.82 -23.84
C PRO P 107 -15.08 -84.27 -24.23
N ILE P 108 -14.04 -85.06 -24.12
CA ILE P 108 -14.02 -86.46 -24.53
C ILE P 108 -13.84 -87.40 -23.33
N ALA P 109 -12.83 -87.09 -22.48
CA ALA P 109 -12.55 -88.05 -21.36
C ALA P 109 -11.82 -87.36 -20.29
N VAL P 110 -11.84 -87.85 -19.11
CA VAL P 110 -11.32 -87.39 -17.84
C VAL P 110 -10.14 -88.28 -17.46
N GLU P 111 -9.02 -87.52 -17.51
CA GLU P 111 -7.68 -88.20 -17.25
C GLU P 111 -7.10 -87.91 -15.92
N ALA P 112 -6.65 -88.91 -15.07
CA ALA P 112 -5.98 -88.66 -13.82
C ALA P 112 -4.89 -89.78 -13.75
N LEU P 113 -3.74 -89.43 -13.25
CA LEU P 113 -2.66 -90.41 -13.02
C LEU P 113 -3.06 -91.33 -11.86
N SER P 114 -2.60 -92.58 -11.88
CA SER P 114 -2.76 -93.62 -10.83
C SER P 114 -1.41 -94.36 -10.51
N LEU P 115 -1.39 -95.01 -9.36
CA LEU P 115 -0.21 -95.81 -9.04
C LEU P 115 -0.49 -97.12 -9.74
N ILE P 116 0.40 -97.64 -10.54
CA ILE P 116 0.31 -98.97 -11.20
C ILE P 116 1.40 -99.84 -10.56
N TYR P 117 1.00 -101.02 -10.12
CA TYR P 117 2.07 -101.83 -9.39
C TYR P 117 2.00 -103.24 -9.95
N ASN P 118 3.18 -103.90 -9.77
CA ASN P 118 3.35 -105.31 -10.28
C ASN P 118 2.88 -106.20 -9.17
N LYS P 119 1.74 -106.84 -9.32
CA LYS P 119 1.20 -107.70 -8.23
C LYS P 119 2.09 -108.90 -7.77
N ASP P 120 2.96 -109.22 -8.68
CA ASP P 120 3.91 -110.32 -8.49
C ASP P 120 5.12 -109.82 -7.71
N LEU P 121 5.62 -108.63 -7.83
CA LEU P 121 6.73 -108.14 -6.98
C LEU P 121 6.12 -107.54 -5.72
N LEU P 122 4.92 -107.03 -5.77
CA LEU P 122 4.23 -106.27 -4.67
C LEU P 122 2.75 -106.47 -4.58
N PRO P 123 2.33 -107.56 -4.02
CA PRO P 123 0.91 -107.90 -3.93
C PRO P 123 0.18 -106.75 -3.26
N ASN P 124 0.80 -106.10 -2.29
CA ASN P 124 0.17 -104.93 -1.58
C ASN P 124 0.99 -103.63 -1.83
N PRO P 125 0.33 -102.68 -2.45
CA PRO P 125 1.02 -101.40 -2.79
C PRO P 125 1.20 -100.60 -1.53
N PRO P 126 2.24 -99.80 -1.51
CA PRO P 126 2.54 -98.93 -0.34
C PRO P 126 1.42 -97.87 -0.19
N LYS P 127 1.11 -97.45 1.01
CA LYS P 127 0.04 -96.46 1.15
C LYS P 127 0.60 -95.04 1.29
N THR P 128 1.94 -95.01 1.42
CA THR P 128 2.65 -93.76 1.73
C THR P 128 3.88 -93.56 0.92
N TRP P 129 4.17 -92.28 0.54
CA TRP P 129 5.37 -92.03 -0.22
C TRP P 129 6.56 -92.38 0.68
N GLU P 130 6.33 -92.09 1.99
CA GLU P 130 7.46 -92.24 2.96
C GLU P 130 7.98 -93.66 3.08
N GLU P 131 7.18 -94.66 2.83
CA GLU P 131 7.79 -96.04 2.94
C GLU P 131 8.40 -96.52 1.68
N ILE P 132 8.57 -95.66 0.70
CA ILE P 132 9.11 -96.08 -0.58
C ILE P 132 10.60 -96.33 -0.48
N PRO P 133 11.34 -95.49 0.22
CA PRO P 133 12.82 -95.68 0.29
C PRO P 133 13.19 -97.08 0.85
N ALA P 134 12.54 -97.45 1.95
CA ALA P 134 12.75 -98.75 2.59
C ALA P 134 12.48 -99.90 1.60
N LEU P 135 11.32 -99.66 0.98
CA LEU P 135 10.88 -100.64 -0.01
C LEU P 135 11.91 -100.84 -1.10
N ASP P 136 12.54 -99.85 -1.64
CA ASP P 136 13.52 -99.88 -2.73
C ASP P 136 14.81 -100.69 -2.29
N LYS P 137 15.13 -100.39 -1.05
CA LYS P 137 16.27 -101.00 -0.33
C LYS P 137 16.10 -102.55 -0.48
N GLU P 138 14.96 -103.04 -0.11
CA GLU P 138 14.59 -104.47 -0.15
C GLU P 138 14.58 -105.09 -1.53
N LEU P 139 14.01 -104.41 -2.52
CA LEU P 139 13.88 -104.90 -3.88
C LEU P 139 15.22 -104.91 -4.56
N LYS P 140 16.02 -103.91 -4.31
CA LYS P 140 17.32 -103.66 -4.90
C LYS P 140 18.37 -104.76 -4.64
N ALA P 141 18.20 -105.43 -3.55
CA ALA P 141 18.92 -106.54 -2.97
C ALA P 141 18.63 -107.78 -3.81
N LYS P 142 17.51 -107.67 -4.51
CA LYS P 142 16.93 -108.71 -5.41
C LYS P 142 17.04 -108.35 -6.89
N GLY P 143 17.85 -107.40 -7.26
CA GLY P 143 18.12 -106.79 -8.52
C GLY P 143 17.00 -105.86 -9.07
N LYS P 144 15.94 -105.55 -8.37
CA LYS P 144 14.79 -104.71 -8.81
C LYS P 144 14.83 -103.32 -8.17
N SER P 145 13.74 -102.53 -8.41
CA SER P 145 13.54 -101.16 -7.87
C SER P 145 12.03 -101.01 -7.53
N ALA P 146 11.81 -100.14 -6.61
CA ALA P 146 10.48 -99.89 -6.14
C ALA P 146 9.65 -99.10 -7.17
N LEU P 147 10.17 -98.01 -7.73
CA LEU P 147 9.42 -97.10 -8.56
C LEU P 147 10.13 -96.39 -9.63
N MET P 148 9.52 -96.25 -10.84
CA MET P 148 10.19 -95.43 -11.83
C MET P 148 9.09 -94.73 -12.58
N PHE P 149 9.23 -93.46 -12.80
CA PHE P 149 8.12 -92.75 -13.61
C PHE P 149 8.79 -91.60 -14.31
N ASN P 150 8.10 -91.03 -15.27
CA ASN P 150 8.64 -89.92 -16.08
C ASN P 150 8.95 -88.68 -15.23
N LEU P 151 10.20 -88.28 -15.06
CA LEU P 151 10.63 -87.13 -14.33
C LEU P 151 10.86 -85.89 -15.22
N GLN P 152 10.80 -86.06 -16.48
CA GLN P 152 11.03 -85.04 -17.44
C GLN P 152 9.77 -84.19 -17.62
N GLU P 153 8.59 -84.62 -17.40
CA GLU P 153 7.23 -83.93 -17.52
C GLU P 153 6.62 -83.62 -16.18
N PRO P 154 6.44 -82.30 -15.90
CA PRO P 154 6.00 -81.83 -14.57
C PRO P 154 4.70 -82.38 -14.13
N TYR P 155 3.93 -82.81 -15.15
CA TYR P 155 2.61 -83.41 -14.96
C TYR P 155 2.70 -84.68 -14.03
N PHE P 156 3.83 -85.38 -14.14
CA PHE P 156 3.98 -86.68 -13.37
C PHE P 156 4.39 -86.52 -11.91
N THR P 157 5.13 -85.40 -11.77
CA THR P 157 5.61 -84.97 -10.45
C THR P 157 4.64 -84.04 -9.66
N TRP P 158 3.76 -83.27 -10.31
CA TRP P 158 2.84 -82.39 -9.64
C TRP P 158 2.06 -83.04 -8.58
N PRO P 159 1.57 -84.25 -8.61
CA PRO P 159 0.78 -84.79 -7.46
C PRO P 159 1.46 -84.76 -6.12
N LEU P 160 2.79 -84.96 -6.12
CA LEU P 160 3.56 -84.96 -4.87
C LEU P 160 3.79 -83.51 -4.39
N ILE P 161 4.06 -82.61 -5.39
CA ILE P 161 4.27 -81.19 -5.07
C ILE P 161 3.01 -80.55 -4.49
N ALA P 162 1.92 -80.89 -5.08
CA ALA P 162 0.66 -80.35 -4.60
C ALA P 162 0.22 -81.04 -3.34
N ALA P 163 0.56 -82.29 -2.93
CA ALA P 163 0.02 -82.97 -1.78
C ALA P 163 -0.05 -82.21 -0.50
N ASP P 164 1.06 -81.62 -0.05
CA ASP P 164 1.18 -80.88 1.21
C ASP P 164 0.89 -79.38 1.00
N GLY P 165 0.31 -78.98 -0.13
CA GLY P 165 -0.05 -77.55 -0.35
C GLY P 165 0.42 -76.88 -1.56
N GLY P 166 1.25 -77.36 -2.48
CA GLY P 166 1.66 -76.54 -3.66
C GLY P 166 0.43 -76.29 -4.45
N TYR P 167 0.40 -75.22 -5.25
CA TYR P 167 -0.82 -74.96 -6.10
C TYR P 167 -0.41 -74.06 -7.27
N ALA P 168 -1.16 -74.14 -8.35
CA ALA P 168 -0.85 -73.31 -9.54
C ALA P 168 -1.30 -71.86 -9.31
N PHE P 169 -2.54 -71.54 -9.48
CA PHE P 169 -3.24 -70.25 -9.37
C PHE P 169 -4.39 -70.44 -8.36
N LYS P 170 -4.46 -69.53 -7.46
CA LYS P 170 -5.51 -69.47 -6.45
C LYS P 170 -6.82 -69.09 -7.20
N TYR P 171 -7.84 -69.89 -6.96
CA TYR P 171 -9.15 -69.74 -7.46
C TYR P 171 -9.87 -68.81 -6.43
N GLU P 172 -10.17 -67.57 -6.75
CA GLU P 172 -10.76 -66.70 -5.73
C GLU P 172 -11.90 -65.92 -6.31
N ASN P 173 -13.10 -66.13 -5.82
CA ASN P 173 -14.37 -65.46 -6.25
C ASN P 173 -14.54 -65.43 -7.79
N GLY P 174 -14.96 -66.65 -8.22
CA GLY P 174 -15.25 -66.88 -9.63
C GLY P 174 -14.10 -66.84 -10.63
N LYS P 175 -12.90 -66.52 -10.08
CA LYS P 175 -11.80 -66.56 -11.07
C LYS P 175 -10.48 -66.81 -10.39
N TYR P 176 -9.52 -67.12 -11.28
CA TYR P 176 -8.14 -67.39 -10.96
C TYR P 176 -7.37 -66.07 -10.86
N ASP P 177 -6.68 -65.96 -9.73
CA ASP P 177 -5.78 -64.87 -9.46
C ASP P 177 -4.38 -65.31 -10.02
N ILE P 178 -4.03 -64.64 -11.09
CA ILE P 178 -2.79 -64.86 -11.80
C ILE P 178 -1.53 -64.40 -11.07
N LYS P 179 -1.77 -63.65 -9.98
CA LYS P 179 -0.62 -63.15 -9.22
C LYS P 179 -0.51 -63.96 -7.96
N ASP P 180 -1.45 -64.82 -7.65
CA ASP P 180 -1.38 -65.68 -6.47
C ASP P 180 -1.05 -67.14 -6.94
N VAL P 181 0.26 -67.49 -6.85
CA VAL P 181 0.82 -68.76 -7.27
C VAL P 181 1.36 -69.59 -6.11
N GLY P 182 1.31 -70.94 -6.10
CA GLY P 182 1.75 -71.65 -4.87
C GLY P 182 2.76 -72.66 -5.18
N VAL P 183 3.68 -72.12 -6.03
CA VAL P 183 4.79 -73.06 -6.50
C VAL P 183 5.96 -72.96 -5.59
N ASP P 184 6.07 -71.95 -4.81
CA ASP P 184 7.20 -71.82 -3.90
C ASP P 184 6.79 -71.80 -2.45
N ASN P 185 5.62 -72.26 -2.13
CA ASN P 185 5.22 -72.21 -0.68
C ASN P 185 5.80 -73.45 0.08
N ALA P 186 5.52 -73.54 1.36
CA ALA P 186 6.07 -74.59 2.20
C ALA P 186 5.61 -75.95 1.68
N GLY P 187 4.45 -76.20 1.20
CA GLY P 187 4.05 -77.57 0.75
C GLY P 187 4.74 -78.02 -0.48
N ALA P 188 4.86 -77.06 -1.40
CA ALA P 188 5.55 -77.28 -2.66
C ALA P 188 7.06 -77.59 -2.38
N LYS P 189 7.66 -76.82 -1.50
CA LYS P 189 9.08 -77.08 -1.13
C LYS P 189 9.23 -78.49 -0.46
N ALA P 190 8.35 -78.89 0.41
CA ALA P 190 8.44 -80.19 1.11
C ALA P 190 8.38 -81.36 0.10
N GLY P 191 7.46 -81.21 -0.88
CA GLY P 191 7.21 -82.15 -1.96
C GLY P 191 8.37 -82.37 -2.87
N LEU P 192 8.92 -81.24 -3.41
CA LEU P 192 10.10 -81.39 -4.29
C LEU P 192 11.34 -81.92 -3.54
N THR P 193 11.49 -81.51 -2.29
CA THR P 193 12.63 -81.95 -1.45
C THR P 193 12.63 -83.47 -1.33
N PHE P 194 11.51 -84.00 -1.02
CA PHE P 194 11.24 -85.43 -0.91
C PHE P 194 11.64 -86.06 -2.25
N LEU P 195 11.25 -85.58 -3.34
CA LEU P 195 11.61 -86.16 -4.61
C LEU P 195 13.16 -86.17 -4.83
N VAL P 196 13.79 -85.08 -4.61
CA VAL P 196 15.21 -84.84 -4.82
C VAL P 196 15.97 -85.81 -3.89
N ASP P 197 15.44 -86.04 -2.69
CA ASP P 197 16.06 -86.91 -1.72
C ASP P 197 16.05 -88.37 -2.25
N LEU P 198 15.04 -88.74 -3.00
CA LEU P 198 14.87 -90.06 -3.59
C LEU P 198 16.02 -90.29 -4.56
N ILE P 199 16.29 -89.27 -5.30
CA ILE P 199 17.37 -89.31 -6.27
C ILE P 199 18.71 -89.27 -5.54
N LYS P 200 18.90 -88.32 -4.70
CA LYS P 200 20.12 -88.15 -3.93
C LYS P 200 20.61 -89.51 -3.42
N ASN P 201 19.69 -90.20 -2.83
CA ASN P 201 19.88 -91.50 -2.12
C ASN P 201 19.77 -92.72 -3.01
N LYS P 202 19.85 -92.48 -4.28
CA LYS P 202 19.85 -93.52 -5.32
C LYS P 202 18.66 -94.39 -5.44
N HIS P 203 17.47 -93.89 -5.07
CA HIS P 203 16.26 -94.72 -5.23
C HIS P 203 15.67 -94.51 -6.60
N MET P 204 16.06 -93.41 -7.20
CA MET P 204 15.57 -92.94 -8.48
C MET P 204 16.61 -92.23 -9.27
N ASN P 205 16.51 -92.19 -10.58
CA ASN P 205 17.50 -91.42 -11.34
C ASN P 205 16.82 -90.23 -12.03
N ALA P 206 17.53 -89.17 -12.01
CA ALA P 206 17.24 -87.89 -12.56
C ALA P 206 16.96 -87.94 -14.03
N ASP P 207 17.45 -88.98 -14.69
CA ASP P 207 17.20 -88.98 -16.16
C ASP P 207 15.94 -89.75 -16.55
N THR P 208 15.29 -90.52 -15.66
CA THR P 208 14.13 -91.28 -16.14
C THR P 208 13.12 -90.45 -16.92
N ASP P 209 12.84 -91.02 -18.11
CA ASP P 209 11.82 -90.40 -18.94
C ASP P 209 10.64 -91.39 -19.12
N TYR P 210 9.75 -91.06 -20.01
CA TYR P 210 8.55 -91.86 -20.34
C TYR P 210 8.88 -93.27 -20.83
N SER P 211 9.71 -93.35 -21.80
CA SER P 211 10.20 -94.63 -22.34
C SER P 211 10.97 -95.44 -21.34
N ILE P 212 11.97 -94.92 -20.66
CA ILE P 212 12.77 -95.68 -19.68
C ILE P 212 11.84 -96.28 -18.64
N ALA P 213 10.87 -95.36 -18.11
CA ALA P 213 9.91 -95.85 -17.05
C ALA P 213 9.00 -96.91 -17.55
N GLU P 214 8.49 -96.63 -18.75
CA GLU P 214 7.61 -97.66 -19.37
C GLU P 214 8.34 -98.96 -19.60
N ALA P 215 9.49 -99.02 -20.24
CA ALA P 215 10.20 -100.29 -20.47
C ALA P 215 10.55 -100.99 -19.18
N ALA P 216 10.94 -100.18 -18.20
CA ALA P 216 11.27 -100.76 -16.90
C ALA P 216 10.11 -101.52 -16.35
N PHE P 217 8.90 -100.89 -16.25
CA PHE P 217 7.81 -101.66 -15.57
C PHE P 217 7.34 -102.84 -16.39
N ASN P 218 7.28 -102.66 -17.69
CA ASN P 218 6.76 -103.62 -18.65
C ASN P 218 7.71 -104.89 -18.72
N LYS P 219 8.99 -104.68 -18.41
CA LYS P 219 9.93 -105.84 -18.40
C LYS P 219 10.09 -106.51 -17.07
N GLY P 220 9.41 -106.01 -16.08
CA GLY P 220 9.43 -106.53 -14.73
C GLY P 220 10.53 -106.04 -13.89
N GLU P 221 11.22 -104.99 -14.32
CA GLU P 221 12.35 -104.53 -13.42
C GLU P 221 12.00 -103.61 -12.30
N THR P 222 10.86 -102.87 -12.40
CA THR P 222 10.52 -101.96 -11.30
C THR P 222 9.19 -102.44 -10.78
N ALA P 223 8.92 -102.31 -9.45
CA ALA P 223 7.63 -102.80 -8.97
C ALA P 223 6.47 -101.79 -9.21
N MET P 224 6.69 -100.51 -9.44
CA MET P 224 5.53 -99.52 -9.60
C MET P 224 5.94 -98.46 -10.56
N THR P 225 4.90 -97.83 -11.13
CA THR P 225 5.14 -96.67 -12.07
C THR P 225 3.91 -95.76 -11.86
N ILE P 226 3.94 -94.55 -12.33
CA ILE P 226 2.76 -93.66 -12.20
C ILE P 226 2.43 -93.33 -13.62
N ASN P 227 1.24 -93.55 -14.11
CA ASN P 227 0.88 -93.21 -15.47
C ASN P 227 -0.70 -93.07 -15.60
N GLY P 228 -1.15 -92.63 -16.78
CA GLY P 228 -2.55 -92.45 -17.08
C GLY P 228 -3.08 -93.64 -17.84
N PRO P 229 -4.42 -93.64 -18.10
CA PRO P 229 -5.13 -94.73 -18.71
C PRO P 229 -4.55 -95.22 -20.00
N TRP P 230 -4.01 -94.32 -20.87
CA TRP P 230 -3.44 -94.55 -22.13
C TRP P 230 -2.25 -95.57 -22.03
N ALA P 231 -1.53 -95.71 -20.96
CA ALA P 231 -0.43 -96.70 -20.82
C ALA P 231 -0.92 -98.12 -20.60
N TRP P 232 -2.17 -98.39 -20.25
CA TRP P 232 -2.64 -99.71 -19.82
C TRP P 232 -2.46 -100.73 -20.95
N SER P 233 -2.69 -100.24 -22.15
CA SER P 233 -2.58 -101.14 -23.35
C SER P 233 -1.27 -101.89 -23.49
N ASN P 234 -0.19 -101.17 -23.34
CA ASN P 234 1.14 -101.83 -23.49
C ASN P 234 1.44 -102.81 -22.31
N ILE P 235 0.94 -102.42 -21.15
CA ILE P 235 1.07 -103.23 -19.99
C ILE P 235 0.35 -104.57 -20.29
N ASP P 236 -0.84 -104.46 -20.85
CA ASP P 236 -1.64 -105.70 -21.03
C ASP P 236 -0.88 -106.72 -21.91
N THR P 237 -0.31 -106.05 -22.90
CA THR P 237 0.43 -106.66 -23.97
C THR P 237 1.72 -107.34 -23.45
N SER P 238 2.25 -106.79 -22.41
CA SER P 238 3.47 -107.40 -21.82
C SER P 238 3.05 -108.50 -20.83
N LYS P 239 1.73 -108.61 -20.57
CA LYS P 239 1.15 -109.54 -19.61
C LYS P 239 1.68 -109.31 -18.20
N VAL P 240 2.27 -108.17 -17.78
CA VAL P 240 2.70 -108.11 -16.32
C VAL P 240 1.42 -108.34 -15.54
N ASN P 241 1.44 -108.79 -14.31
CA ASN P 241 0.25 -108.93 -13.43
C ASN P 241 0.19 -107.61 -12.57
N TYR P 242 -0.54 -106.63 -13.09
CA TYR P 242 -0.62 -105.29 -12.49
C TYR P 242 -1.92 -104.87 -11.87
N GLY P 243 -1.80 -103.94 -10.89
CA GLY P 243 -3.07 -103.41 -10.33
C GLY P 243 -2.92 -101.89 -10.62
N VAL P 244 -4.06 -101.22 -10.47
CA VAL P 244 -4.10 -99.73 -10.68
C VAL P 244 -4.68 -99.20 -9.37
N THR P 245 -4.04 -98.30 -8.64
CA THR P 245 -4.77 -97.86 -7.42
C THR P 245 -4.57 -96.38 -7.09
N VAL P 246 -5.03 -95.96 -5.92
CA VAL P 246 -4.81 -94.59 -5.50
C VAL P 246 -3.32 -94.27 -5.35
N LEU P 247 -2.89 -93.08 -5.64
CA LEU P 247 -1.53 -92.65 -5.36
C LEU P 247 -1.26 -92.61 -3.85
N PRO P 248 0.02 -92.79 -3.45
CA PRO P 248 0.33 -92.72 -2.01
C PRO P 248 0.17 -91.29 -1.44
N THR P 249 0.03 -91.21 -0.14
CA THR P 249 -0.09 -89.98 0.61
C THR P 249 1.30 -89.49 0.92
N PHE P 250 1.35 -88.20 1.21
CA PHE P 250 2.61 -87.60 1.56
C PHE P 250 2.23 -86.77 2.81
N LYS P 251 2.84 -86.97 3.93
CA LYS P 251 2.61 -86.13 5.15
C LYS P 251 1.17 -86.34 5.54
N GLY P 252 0.69 -87.50 5.17
CA GLY P 252 -0.70 -87.86 5.53
C GLY P 252 -1.74 -87.27 4.60
N GLN P 253 -1.36 -86.47 3.59
CA GLN P 253 -2.38 -85.91 2.69
C GLN P 253 -2.32 -86.70 1.40
N PRO P 254 -3.45 -86.74 0.68
CA PRO P 254 -3.49 -87.42 -0.57
C PRO P 254 -2.56 -86.75 -1.58
N SER P 255 -1.95 -87.49 -2.48
CA SER P 255 -1.25 -86.97 -3.68
C SER P 255 -2.42 -86.32 -4.50
N LYS P 256 -2.19 -85.22 -5.14
CA LYS P 256 -3.32 -84.49 -5.86
C LYS P 256 -2.97 -84.27 -7.27
N PRO P 257 -3.35 -85.19 -8.16
CA PRO P 257 -3.01 -85.03 -9.58
C PRO P 257 -3.80 -83.82 -10.18
N PHE P 258 -3.26 -83.18 -11.16
CA PHE P 258 -3.95 -82.17 -11.92
C PHE P 258 -4.86 -83.03 -12.80
N VAL P 259 -6.11 -82.76 -12.95
CA VAL P 259 -6.96 -83.57 -13.84
C VAL P 259 -7.17 -82.87 -15.16
N GLY P 260 -7.05 -83.63 -16.26
CA GLY P 260 -7.17 -83.15 -17.62
C GLY P 260 -8.43 -83.79 -18.20
N VAL P 261 -9.12 -82.99 -19.00
CA VAL P 261 -10.31 -83.33 -19.76
C VAL P 261 -9.80 -83.37 -21.18
N LEU P 262 -9.57 -84.55 -21.82
CA LEU P 262 -9.18 -84.73 -23.18
C LEU P 262 -10.34 -83.97 -23.99
N SER P 263 -9.89 -83.11 -24.86
CA SER P 263 -10.82 -82.26 -25.62
C SER P 263 -10.47 -82.14 -27.12
N ALA P 264 -11.57 -81.89 -27.92
CA ALA P 264 -11.44 -81.78 -29.41
C ALA P 264 -11.92 -80.38 -29.82
N GLY P 265 -11.01 -79.63 -30.39
CA GLY P 265 -11.38 -78.23 -30.80
C GLY P 265 -11.35 -78.10 -32.28
N ILE P 266 -12.16 -77.08 -32.76
CA ILE P 266 -12.22 -76.90 -34.27
C ILE P 266 -11.48 -75.62 -34.64
N ASN P 267 -10.57 -75.82 -35.56
CA ASN P 267 -9.70 -74.76 -36.07
C ASN P 267 -10.66 -73.73 -36.64
N ALA P 268 -10.45 -72.53 -36.08
CA ALA P 268 -11.28 -71.32 -36.50
C ALA P 268 -11.13 -71.14 -38.05
N ALA P 269 -9.94 -71.49 -38.54
CA ALA P 269 -9.46 -71.48 -39.90
C ALA P 269 -10.00 -72.62 -40.79
N SER P 270 -10.81 -73.57 -40.36
CA SER P 270 -11.35 -74.60 -41.17
C SER P 270 -12.64 -74.15 -41.90
N PRO P 271 -12.70 -74.62 -43.14
CA PRO P 271 -13.81 -74.57 -44.06
C PRO P 271 -14.88 -75.66 -43.76
N ASN P 272 -14.32 -76.70 -43.09
CA ASN P 272 -15.06 -77.91 -42.73
C ASN P 272 -15.72 -77.76 -41.40
N LYS P 273 -16.23 -76.75 -40.78
CA LYS P 273 -16.75 -76.80 -39.42
C LYS P 273 -17.93 -77.72 -39.15
N GLU P 274 -18.80 -77.73 -40.15
CA GLU P 274 -20.06 -78.46 -40.17
C GLU P 274 -19.76 -79.96 -40.25
N LEU P 275 -18.83 -80.37 -41.05
CA LEU P 275 -18.35 -81.73 -41.21
C LEU P 275 -17.79 -82.24 -39.84
N ALA P 276 -16.94 -81.34 -39.34
CA ALA P 276 -16.23 -81.46 -38.06
C ALA P 276 -17.28 -81.69 -36.99
N LYS P 277 -18.24 -80.75 -36.93
CA LYS P 277 -19.29 -80.99 -35.90
C LYS P 277 -20.01 -82.30 -36.14
N GLU P 278 -20.33 -82.69 -37.37
CA GLU P 278 -21.09 -83.95 -37.59
C GLU P 278 -20.34 -85.14 -36.96
N PHE P 279 -19.11 -85.27 -37.34
CA PHE P 279 -18.06 -86.22 -36.89
C PHE P 279 -17.95 -86.36 -35.38
N LEU P 280 -17.77 -85.22 -34.72
CA LEU P 280 -17.61 -85.23 -33.30
C LEU P 280 -18.89 -85.67 -32.65
N GLU P 281 -19.95 -84.89 -32.84
CA GLU P 281 -21.24 -85.18 -32.15
C GLU P 281 -22.01 -86.42 -32.55
N ASN P 282 -21.90 -86.81 -33.82
CA ASN P 282 -22.58 -87.99 -34.35
C ASN P 282 -21.74 -89.26 -34.62
N TYR P 283 -20.44 -89.22 -34.70
CA TYR P 283 -19.58 -90.40 -34.94
C TYR P 283 -18.76 -90.79 -33.70
N LEU P 284 -17.91 -89.82 -33.31
CA LEU P 284 -17.01 -90.05 -32.13
C LEU P 284 -17.74 -89.99 -30.82
N LEU P 285 -18.46 -88.97 -30.57
CA LEU P 285 -19.13 -88.86 -29.29
C LEU P 285 -20.39 -89.73 -29.16
N THR P 286 -20.26 -91.01 -29.48
CA THR P 286 -21.27 -92.04 -29.32
C THR P 286 -20.73 -93.18 -28.47
N ASP P 287 -21.41 -94.21 -28.12
CA ASP P 287 -20.87 -95.38 -27.38
C ASP P 287 -19.96 -96.15 -28.31
N GLU P 288 -20.28 -96.17 -29.57
CA GLU P 288 -19.55 -96.93 -30.55
C GLU P 288 -18.26 -96.34 -30.94
N GLY P 289 -18.25 -95.01 -31.11
CA GLY P 289 -17.03 -94.29 -31.50
C GLY P 289 -16.02 -94.29 -30.36
N LEU P 290 -16.50 -94.05 -29.17
CA LEU P 290 -15.65 -94.00 -27.98
C LEU P 290 -15.00 -95.40 -27.77
N GLU P 291 -15.84 -96.40 -28.05
CA GLU P 291 -15.26 -97.75 -27.85
C GLU P 291 -14.25 -98.14 -28.88
N ALA P 292 -14.21 -97.75 -30.10
CA ALA P 292 -13.21 -98.02 -31.10
C ALA P 292 -11.88 -97.44 -30.65
N VAL P 293 -11.98 -96.22 -30.07
CA VAL P 293 -10.83 -95.45 -29.59
C VAL P 293 -10.28 -96.16 -28.32
N ASN P 294 -11.09 -96.42 -27.31
CA ASN P 294 -10.77 -97.01 -26.04
C ASN P 294 -10.17 -98.41 -26.18
N LYS P 295 -10.46 -99.18 -27.17
CA LYS P 295 -9.90 -100.53 -27.45
C LYS P 295 -8.48 -100.33 -27.96
N ASP P 296 -8.18 -99.24 -28.63
CA ASP P 296 -6.83 -98.92 -29.07
C ASP P 296 -6.01 -98.50 -27.83
N LYS P 297 -6.25 -97.35 -27.26
CA LYS P 297 -5.57 -96.91 -25.98
C LYS P 297 -6.64 -96.49 -25.05
N PRO P 298 -6.85 -97.01 -23.86
CA PRO P 298 -7.94 -96.62 -22.98
C PRO P 298 -8.00 -95.14 -22.74
N LEU P 299 -9.24 -94.59 -22.72
CA LEU P 299 -9.42 -93.15 -22.49
C LEU P 299 -9.44 -92.70 -21.04
N GLY P 300 -9.82 -93.49 -20.09
CA GLY P 300 -10.00 -93.09 -18.71
C GLY P 300 -11.59 -93.08 -18.57
N ALA P 301 -12.00 -92.17 -17.74
CA ALA P 301 -13.44 -91.96 -17.43
C ALA P 301 -13.99 -91.17 -18.57
N VAL P 302 -14.96 -91.47 -19.40
CA VAL P 302 -15.46 -90.74 -20.56
C VAL P 302 -16.51 -89.70 -20.14
N ALA P 303 -16.60 -88.64 -20.93
CA ALA P 303 -17.64 -87.62 -20.52
C ALA P 303 -19.04 -88.04 -20.94
N LEU P 304 -19.17 -88.98 -21.85
CA LEU P 304 -20.46 -89.53 -22.35
C LEU P 304 -21.00 -90.47 -21.27
N LYS P 305 -22.14 -89.96 -20.72
CA LYS P 305 -22.71 -90.75 -19.60
C LYS P 305 -23.03 -92.20 -19.85
N SER P 306 -23.51 -92.53 -20.99
CA SER P 306 -23.99 -93.82 -21.45
C SER P 306 -22.85 -94.83 -21.46
N TYR P 307 -21.77 -94.48 -22.15
CA TYR P 307 -20.52 -95.25 -22.19
C TYR P 307 -19.81 -95.33 -20.83
N GLU P 308 -19.79 -94.17 -20.09
CA GLU P 308 -19.12 -94.12 -18.82
C GLU P 308 -19.68 -95.15 -17.84
N GLU P 309 -20.99 -95.29 -18.08
CA GLU P 309 -21.82 -96.24 -17.31
C GLU P 309 -21.32 -97.70 -17.45
N GLU P 310 -20.85 -98.06 -18.65
CA GLU P 310 -20.35 -99.38 -18.92
C GLU P 310 -18.87 -99.48 -18.52
N LEU P 311 -18.24 -98.30 -18.49
CA LEU P 311 -16.76 -98.22 -18.22
C LEU P 311 -16.44 -98.35 -16.77
N ALA P 312 -17.32 -97.92 -15.77
CA ALA P 312 -16.47 -98.37 -14.64
C ALA P 312 -17.09 -98.54 -13.30
N LYS P 313 -17.24 -99.78 -13.14
CA LYS P 313 -17.23 -101.13 -12.86
C LYS P 313 -15.80 -101.73 -12.96
N ASP P 314 -15.12 -101.12 -13.93
CA ASP P 314 -13.69 -101.52 -14.15
C ASP P 314 -12.91 -100.95 -12.97
N PRO P 315 -12.23 -101.73 -12.19
CA PRO P 315 -11.51 -101.25 -11.05
C PRO P 315 -10.40 -100.21 -11.43
N ARG P 316 -9.85 -100.27 -12.57
CA ARG P 316 -8.82 -99.37 -13.14
C ARG P 316 -9.44 -97.98 -13.28
N ILE P 317 -10.62 -98.00 -13.81
CA ILE P 317 -11.46 -96.79 -13.97
C ILE P 317 -11.89 -96.27 -12.63
N ALA P 318 -12.28 -97.16 -11.69
CA ALA P 318 -12.64 -96.67 -10.37
C ALA P 318 -11.50 -95.97 -9.68
N ALA P 319 -10.30 -96.50 -9.91
CA ALA P 319 -9.10 -95.89 -9.27
C ALA P 319 -8.77 -94.53 -9.88
N THR P 320 -9.00 -94.47 -11.17
CA THR P 320 -8.80 -93.25 -11.98
C THR P 320 -9.68 -92.13 -11.37
N MET P 321 -10.98 -92.52 -11.24
CA MET P 321 -11.94 -91.60 -10.54
C MET P 321 -11.59 -91.24 -9.13
N GLU P 322 -11.03 -92.12 -8.34
CA GLU P 322 -10.67 -91.77 -7.00
C GLU P 322 -9.49 -90.79 -6.97
N ASN P 323 -8.49 -91.02 -7.84
CA ASN P 323 -7.32 -90.07 -7.84
C ASN P 323 -7.85 -88.74 -8.40
N ALA P 324 -8.70 -88.83 -9.40
CA ALA P 324 -9.27 -87.58 -9.95
C ALA P 324 -9.98 -86.72 -8.93
N GLN P 325 -10.78 -87.37 -8.08
CA GLN P 325 -11.53 -86.80 -6.93
C GLN P 325 -10.61 -86.18 -5.92
N LYS P 326 -9.42 -86.61 -5.65
CA LYS P 326 -8.45 -86.08 -4.77
C LYS P 326 -7.58 -85.02 -5.45
N GLY P 327 -7.74 -84.92 -6.73
CA GLY P 327 -6.97 -83.98 -7.46
C GLY P 327 -7.76 -82.68 -7.66
N GLU P 328 -7.37 -81.98 -8.68
CA GLU P 328 -7.98 -80.72 -9.09
C GLU P 328 -7.90 -80.59 -10.59
N ILE P 329 -8.99 -80.23 -11.16
CA ILE P 329 -9.14 -80.00 -12.58
C ILE P 329 -8.23 -78.82 -12.91
N MET P 330 -7.48 -78.87 -13.98
CA MET P 330 -6.53 -77.78 -14.30
C MET P 330 -7.39 -76.55 -14.74
N PRO P 331 -6.79 -75.42 -14.49
CA PRO P 331 -7.25 -74.13 -15.08
C PRO P 331 -7.04 -74.23 -16.58
N ASN P 332 -7.71 -73.51 -17.51
CA ASN P 332 -7.50 -73.46 -18.91
C ASN P 332 -7.05 -72.00 -19.29
N ILE P 333 -6.78 -71.19 -18.33
CA ILE P 333 -6.35 -69.76 -18.55
C ILE P 333 -5.13 -69.71 -19.43
N PRO P 334 -4.84 -68.68 -20.20
CA PRO P 334 -3.67 -68.57 -21.08
C PRO P 334 -2.37 -68.74 -20.31
N GLN P 335 -2.38 -68.36 -19.05
CA GLN P 335 -1.19 -68.46 -18.21
C GLN P 335 -0.77 -69.92 -17.91
N MET P 336 -1.57 -70.94 -18.20
CA MET P 336 -1.11 -72.37 -17.99
C MET P 336 0.16 -72.75 -18.70
N SER P 337 0.37 -72.19 -19.87
CA SER P 337 1.69 -72.47 -20.55
C SER P 337 2.93 -71.89 -19.85
N ALA P 338 2.88 -70.74 -19.20
CA ALA P 338 3.98 -70.15 -18.45
C ALA P 338 4.24 -71.01 -17.21
N PHE P 339 3.16 -71.32 -16.53
CA PHE P 339 3.23 -72.18 -15.35
C PHE P 339 3.98 -73.48 -15.73
N TRP P 340 3.53 -74.17 -16.77
CA TRP P 340 4.19 -75.45 -17.08
C TRP P 340 5.67 -75.38 -17.43
N TYR P 341 5.98 -74.35 -18.20
CA TYR P 341 7.45 -74.28 -18.60
C TYR P 341 8.28 -73.90 -17.42
N ALA P 342 7.75 -73.01 -16.55
CA ALA P 342 8.51 -72.64 -15.32
C ALA P 342 8.69 -73.83 -14.40
N VAL P 343 7.61 -74.63 -14.23
CA VAL P 343 7.69 -75.79 -13.30
C VAL P 343 8.55 -76.89 -13.91
N ARG P 344 8.56 -77.02 -15.22
CA ARG P 344 9.39 -77.99 -15.93
C ARG P 344 10.86 -77.68 -15.66
N THR P 345 11.23 -76.44 -15.91
CA THR P 345 12.68 -76.15 -15.58
C THR P 345 13.09 -76.44 -14.16
N ALA P 346 12.22 -75.91 -13.20
CA ALA P 346 12.48 -76.03 -11.77
C ALA P 346 12.78 -77.43 -11.36
N VAL P 347 12.00 -78.39 -11.80
CA VAL P 347 12.14 -79.81 -11.31
C VAL P 347 13.44 -80.47 -11.87
N ILE P 348 13.59 -80.15 -13.16
CA ILE P 348 14.78 -80.76 -13.81
C ILE P 348 16.02 -80.18 -13.14
N ASN P 349 16.07 -78.88 -13.01
CA ASN P 349 17.25 -78.23 -12.36
C ASN P 349 17.41 -78.75 -10.95
N ALA P 350 16.36 -78.98 -10.17
CA ALA P 350 16.47 -79.44 -8.83
C ALA P 350 16.82 -80.92 -8.79
N ALA P 351 16.26 -81.71 -9.69
CA ALA P 351 16.55 -83.19 -9.64
C ALA P 351 18.00 -83.52 -10.05
N SER P 352 18.49 -82.76 -11.01
CA SER P 352 19.83 -82.79 -11.62
C SER P 352 20.87 -82.17 -10.66
N GLY P 353 20.50 -81.50 -9.58
CA GLY P 353 21.27 -80.89 -8.57
C GLY P 353 21.91 -79.60 -9.03
N ARG P 354 21.43 -79.01 -10.14
CA ARG P 354 21.94 -77.78 -10.70
C ARG P 354 21.53 -76.60 -9.78
N GLN P 355 20.40 -76.75 -9.11
CA GLN P 355 19.86 -75.72 -8.22
C GLN P 355 19.30 -76.53 -7.04
N THR P 356 19.24 -75.83 -5.95
CA THR P 356 18.61 -76.31 -4.71
C THR P 356 17.08 -76.15 -4.99
N VAL P 357 16.32 -76.86 -4.18
CA VAL P 357 14.86 -76.73 -4.22
C VAL P 357 14.42 -75.30 -4.03
N ASP P 358 14.89 -74.65 -2.99
CA ASP P 358 14.51 -73.23 -2.63
C ASP P 358 14.80 -72.29 -3.80
N GLU P 359 15.99 -72.35 -4.35
CA GLU P 359 16.39 -71.60 -5.52
C GLU P 359 15.52 -71.98 -6.72
N ALA P 360 15.28 -73.23 -7.01
CA ALA P 360 14.47 -73.62 -8.17
C ALA P 360 13.03 -73.10 -8.12
N LEU P 361 12.43 -73.21 -6.97
CA LEU P 361 10.98 -72.86 -6.83
C LEU P 361 10.80 -71.38 -6.78
N LYS P 362 11.90 -70.80 -6.34
CA LYS P 362 11.75 -69.30 -6.26
C LYS P 362 11.85 -68.77 -7.62
N ASP P 363 12.70 -69.28 -8.43
CA ASP P 363 12.83 -68.75 -9.80
C ASP P 363 11.56 -68.94 -10.61
N ALA P 364 11.00 -70.12 -10.29
CA ALA P 364 9.77 -70.51 -11.00
C ALA P 364 8.67 -69.53 -10.71
N GLN P 365 8.59 -69.24 -9.38
CA GLN P 365 7.57 -68.29 -8.85
C GLN P 365 7.66 -66.96 -9.52
N THR P 366 8.89 -66.41 -9.63
CA THR P 366 9.22 -65.18 -10.32
C THR P 366 8.89 -65.23 -11.76
N ARG P 367 9.32 -66.30 -12.43
CA ARG P 367 9.01 -66.45 -13.81
C ARG P 367 7.51 -66.40 -14.03
N ILE P 368 6.71 -67.11 -13.25
CA ILE P 368 5.27 -67.15 -13.47
C ILE P 368 4.54 -65.85 -13.22
N THR P 369 4.91 -65.17 -12.15
CA THR P 369 4.17 -63.93 -11.82
C THR P 369 4.70 -62.66 -12.46
N LYS P 370 5.89 -63.07 -13.56
CA LYS P 370 5.97 -62.47 -14.89
C LYS P 370 4.79 -62.51 -15.81
N LYS Q 1 -24.17 -79.68 -8.40
CA LYS Q 1 -25.69 -79.60 -8.33
C LYS Q 1 -26.30 -80.96 -7.98
N ILE Q 2 -25.59 -81.94 -8.54
CA ILE Q 2 -25.70 -83.38 -8.49
C ILE Q 2 -27.10 -83.90 -8.86
N GLU Q 3 -27.67 -84.50 -7.84
CA GLU Q 3 -29.02 -85.09 -7.86
C GLU Q 3 -29.16 -86.21 -8.88
N GLU Q 4 -29.77 -86.13 -10.04
CA GLU Q 4 -29.85 -87.25 -10.98
C GLU Q 4 -30.85 -87.02 -12.11
N GLY Q 5 -31.92 -87.75 -11.93
CA GLY Q 5 -33.20 -88.02 -12.46
C GLY Q 5 -34.16 -88.78 -11.51
N LYS Q 6 -34.00 -88.49 -10.23
CA LYS Q 6 -34.74 -88.94 -9.06
C LYS Q 6 -35.06 -87.70 -8.19
N LEU Q 7 -35.72 -87.89 -7.06
CA LEU Q 7 -36.14 -86.93 -6.03
C LEU Q 7 -35.63 -87.32 -4.62
N VAL Q 8 -34.96 -86.48 -3.89
CA VAL Q 8 -34.49 -86.69 -2.48
C VAL Q 8 -35.16 -85.57 -1.67
N ILE Q 9 -35.85 -85.92 -0.61
CA ILE Q 9 -36.58 -85.00 0.24
C ILE Q 9 -36.02 -85.08 1.63
N TRP Q 10 -35.91 -83.91 2.20
CA TRP Q 10 -35.46 -83.75 3.62
C TRP Q 10 -36.61 -83.13 4.44
N ILE Q 11 -36.99 -83.79 5.52
CA ILE Q 11 -38.10 -83.29 6.37
C ILE Q 11 -37.64 -83.57 7.79
N ASN Q 12 -38.03 -82.86 8.78
CA ASN Q 12 -37.74 -82.98 10.19
C ASN Q 12 -38.35 -84.33 10.65
N GLY Q 13 -37.61 -84.84 11.62
CA GLY Q 13 -37.83 -86.09 12.29
C GLY Q 13 -39.14 -86.12 13.08
N ASP Q 14 -39.65 -84.95 13.49
CA ASP Q 14 -40.93 -84.98 14.19
C ASP Q 14 -42.15 -84.94 13.24
N LYS Q 15 -42.02 -85.00 11.94
CA LYS Q 15 -43.12 -84.92 10.99
C LYS Q 15 -43.44 -86.28 10.44
N GLY Q 16 -44.56 -86.48 9.68
CA GLY Q 16 -44.81 -87.82 9.19
C GLY Q 16 -44.12 -88.15 7.90
N TYR Q 17 -42.80 -88.42 8.05
CA TYR Q 17 -41.93 -88.82 6.95
C TYR Q 17 -42.35 -90.18 6.40
N ASN Q 18 -43.00 -91.04 7.20
CA ASN Q 18 -43.43 -92.33 6.58
C ASN Q 18 -44.67 -91.96 5.76
N GLY Q 19 -45.61 -91.08 6.13
CA GLY Q 19 -46.69 -90.78 5.24
C GLY Q 19 -46.15 -90.23 3.93
N LEU Q 20 -45.12 -89.43 4.08
CA LEU Q 20 -44.45 -88.73 2.93
C LEU Q 20 -43.87 -89.79 2.03
N ALA Q 21 -43.15 -90.74 2.53
CA ALA Q 21 -42.61 -91.89 1.81
C ALA Q 21 -43.73 -92.66 1.10
N GLU Q 22 -44.93 -92.87 1.60
CA GLU Q 22 -46.07 -93.55 0.97
C GLU Q 22 -46.53 -92.74 -0.23
N VAL Q 23 -46.36 -91.40 -0.10
CA VAL Q 23 -46.67 -90.54 -1.22
C VAL Q 23 -45.55 -90.63 -2.25
N GLY Q 24 -44.29 -90.70 -1.92
CA GLY Q 24 -43.30 -90.86 -2.98
C GLY Q 24 -43.55 -92.09 -3.84
N LYS Q 25 -43.99 -93.12 -3.16
CA LYS Q 25 -44.27 -94.46 -3.67
C LYS Q 25 -45.27 -94.49 -4.80
N LYS Q 26 -46.30 -93.72 -4.71
CA LYS Q 26 -47.27 -93.74 -5.81
C LYS Q 26 -46.82 -92.61 -6.71
N PHE Q 27 -45.61 -92.05 -6.50
CA PHE Q 27 -45.26 -90.96 -7.47
C PHE Q 27 -44.56 -91.76 -8.59
N GLU Q 28 -43.71 -92.59 -7.97
CA GLU Q 28 -42.78 -93.51 -8.60
C GLU Q 28 -43.31 -94.73 -9.37
N LYS Q 29 -44.39 -95.21 -8.82
CA LYS Q 29 -45.18 -96.35 -9.31
C LYS Q 29 -45.95 -95.77 -10.50
N ASP Q 30 -46.03 -94.45 -10.52
CA ASP Q 30 -46.86 -93.78 -11.61
C ASP Q 30 -45.97 -92.95 -12.48
N THR Q 31 -44.67 -93.11 -12.20
CA THR Q 31 -43.78 -92.27 -13.00
C THR Q 31 -42.44 -92.81 -13.36
N GLY Q 32 -41.93 -93.71 -12.58
CA GLY Q 32 -40.58 -94.23 -12.73
C GLY Q 32 -39.50 -93.43 -11.98
N ILE Q 33 -39.91 -92.26 -11.40
CA ILE Q 33 -38.92 -91.49 -10.66
C ILE Q 33 -39.06 -92.00 -9.22
N LYS Q 34 -38.02 -92.55 -8.69
CA LYS Q 34 -38.13 -92.99 -7.30
C LYS Q 34 -37.79 -91.80 -6.37
N VAL Q 35 -38.64 -91.79 -5.32
CA VAL Q 35 -38.42 -90.73 -4.29
C VAL Q 35 -37.78 -91.30 -3.06
N THR Q 36 -36.78 -90.71 -2.45
CA THR Q 36 -36.07 -91.06 -1.27
C THR Q 36 -36.37 -89.99 -0.15
N VAL Q 37 -36.91 -90.32 1.00
CA VAL Q 37 -37.25 -89.41 2.08
C VAL Q 37 -36.28 -89.45 3.21
N GLU Q 38 -35.59 -88.36 3.56
CA GLU Q 38 -34.65 -88.47 4.70
C GLU Q 38 -35.01 -87.40 5.73
N HIS Q 39 -34.58 -87.70 6.93
CA HIS Q 39 -34.79 -86.76 8.05
C HIS Q 39 -33.54 -86.59 8.90
N PRO Q 40 -32.54 -85.93 8.28
CA PRO Q 40 -31.28 -85.66 8.97
C PRO Q 40 -31.55 -84.77 10.15
N ASP Q 41 -30.69 -84.93 11.15
CA ASP Q 41 -30.72 -84.08 12.40
C ASP Q 41 -30.30 -82.64 12.09
N LYS Q 42 -30.75 -81.57 12.68
CA LYS Q 42 -30.24 -80.25 12.23
C LYS Q 42 -30.38 -80.01 10.76
N LEU Q 43 -31.43 -80.51 10.13
CA LEU Q 43 -31.38 -80.33 8.64
C LEU Q 43 -31.43 -78.85 8.21
N GLU Q 44 -32.06 -78.09 9.10
CA GLU Q 44 -32.31 -76.68 8.80
C GLU Q 44 -31.03 -75.86 8.76
N GLU Q 45 -30.10 -76.50 9.42
CA GLU Q 45 -28.70 -76.07 9.56
C GLU Q 45 -27.85 -76.73 8.52
N LYS Q 46 -28.04 -78.03 8.31
CA LYS Q 46 -27.29 -78.77 7.34
C LYS Q 46 -27.66 -78.26 5.97
N PHE Q 47 -28.89 -77.90 5.64
CA PHE Q 47 -29.20 -77.52 4.26
C PHE Q 47 -28.30 -76.46 3.61
N PRO Q 48 -28.16 -75.32 4.31
CA PRO Q 48 -27.43 -74.17 3.73
C PRO Q 48 -26.00 -74.59 3.46
N GLN Q 49 -25.54 -75.49 4.39
CA GLN Q 49 -24.17 -75.95 4.22
C GLN Q 49 -24.00 -76.77 2.96
N VAL Q 50 -24.69 -77.86 2.76
CA VAL Q 50 -24.53 -78.70 1.58
C VAL Q 50 -25.14 -78.07 0.34
N ALA Q 51 -26.20 -77.25 0.46
CA ALA Q 51 -26.82 -76.70 -0.77
C ALA Q 51 -25.95 -75.61 -1.44
N ALA Q 52 -25.17 -75.04 -0.51
CA ALA Q 52 -24.27 -73.93 -0.86
C ALA Q 52 -23.28 -74.45 -1.89
N THR Q 53 -22.88 -75.73 -1.70
CA THR Q 53 -21.97 -76.48 -2.56
C THR Q 53 -22.74 -76.99 -3.79
N GLY Q 54 -23.98 -76.60 -3.94
CA GLY Q 54 -24.68 -77.10 -5.14
C GLY Q 54 -25.20 -78.51 -4.89
N ASP Q 55 -25.12 -79.03 -3.63
CA ASP Q 55 -25.79 -80.42 -3.52
C ASP Q 55 -26.97 -80.36 -2.54
N GLY Q 56 -27.24 -81.41 -1.76
CA GLY Q 56 -28.38 -81.46 -0.77
C GLY Q 56 -29.59 -82.13 -1.34
N PRO Q 57 -30.81 -81.94 -0.79
CA PRO Q 57 -32.01 -82.57 -1.31
C PRO Q 57 -32.54 -81.83 -2.49
N ASP Q 58 -33.38 -82.38 -3.29
CA ASP Q 58 -34.08 -81.71 -4.38
C ASP Q 58 -35.10 -80.74 -3.70
N ILE Q 59 -35.74 -81.30 -2.63
CA ILE Q 59 -36.78 -80.59 -1.85
C ILE Q 59 -36.53 -80.70 -0.34
N ILE Q 60 -36.72 -79.52 0.31
CA ILE Q 60 -36.56 -79.22 1.69
C ILE Q 60 -37.84 -78.66 2.30
N PHE Q 61 -38.16 -79.28 3.43
CA PHE Q 61 -39.33 -78.92 4.25
C PHE Q 61 -38.83 -78.34 5.64
N TRP Q 62 -39.36 -77.16 5.91
CA TRP Q 62 -39.12 -76.53 7.21
C TRP Q 62 -40.26 -75.52 7.39
N ALA Q 63 -40.43 -74.97 8.64
CA ALA Q 63 -41.30 -73.83 8.93
C ALA Q 63 -40.81 -72.65 8.03
N HIS Q 64 -41.62 -71.71 7.67
CA HIS Q 64 -41.18 -70.65 6.71
C HIS Q 64 -40.19 -69.69 7.26
N ASP Q 65 -40.03 -69.54 8.62
CA ASP Q 65 -39.06 -68.54 9.19
C ASP Q 65 -37.62 -68.71 8.65
N ARG Q 66 -37.21 -69.91 8.25
CA ARG Q 66 -35.84 -70.19 7.77
C ARG Q 66 -35.73 -69.83 6.28
N PHE Q 67 -36.81 -69.75 5.54
CA PHE Q 67 -36.77 -69.55 4.05
C PHE Q 67 -36.22 -68.19 3.57
N GLY Q 68 -36.43 -67.06 4.16
CA GLY Q 68 -35.88 -65.75 3.76
C GLY Q 68 -34.37 -65.85 3.69
N GLY Q 69 -33.73 -66.49 4.62
CA GLY Q 69 -32.29 -66.62 4.70
C GLY Q 69 -31.81 -67.53 3.60
N TYR Q 70 -32.48 -68.62 3.30
CA TYR Q 70 -32.08 -69.55 2.27
C TYR Q 70 -32.13 -68.78 0.94
N ALA Q 71 -33.17 -68.09 0.65
CA ALA Q 71 -33.45 -67.32 -0.54
C ALA Q 71 -32.36 -66.23 -0.72
N GLN Q 72 -32.04 -65.46 0.29
CA GLN Q 72 -31.00 -64.43 0.22
C GLN Q 72 -29.61 -64.97 -0.10
N SER Q 73 -29.31 -66.17 0.32
CA SER Q 73 -28.07 -66.85 0.04
C SER Q 73 -28.09 -67.51 -1.36
N GLY Q 74 -29.18 -67.37 -2.04
CA GLY Q 74 -29.59 -67.93 -3.31
C GLY Q 74 -29.83 -69.45 -3.34
N LEU Q 75 -30.42 -70.16 -2.41
CA LEU Q 75 -30.49 -71.62 -2.34
C LEU Q 75 -31.78 -72.26 -2.80
N LEU Q 76 -32.70 -71.34 -3.10
CA LEU Q 76 -33.99 -71.82 -3.54
C LEU Q 76 -34.38 -71.25 -4.89
N ALA Q 77 -35.13 -72.02 -5.61
CA ALA Q 77 -35.73 -71.64 -6.86
C ALA Q 77 -37.07 -70.96 -6.59
N GLU Q 78 -37.36 -69.98 -7.46
CA GLU Q 78 -38.62 -69.24 -7.48
C GLU Q 78 -39.60 -70.27 -8.13
N ILE Q 79 -40.72 -70.41 -7.46
CA ILE Q 79 -41.76 -71.31 -7.92
C ILE Q 79 -42.77 -70.36 -8.58
N THR Q 80 -43.56 -71.00 -9.44
CA THR Q 80 -44.65 -70.37 -10.23
C THR Q 80 -45.91 -71.18 -10.41
N PRO Q 81 -46.79 -71.09 -9.46
CA PRO Q 81 -48.08 -71.81 -9.58
C PRO Q 81 -49.00 -70.82 -10.27
N ASP Q 82 -49.92 -71.28 -11.07
CA ASP Q 82 -50.82 -70.26 -11.66
C ASP Q 82 -51.98 -70.10 -10.67
N LYS Q 83 -52.54 -68.96 -10.83
CA LYS Q 83 -53.68 -68.43 -10.08
C LYS Q 83 -54.72 -69.52 -9.79
N ALA Q 84 -54.67 -70.55 -10.65
CA ALA Q 84 -55.68 -71.61 -10.43
C ALA Q 84 -55.05 -72.41 -9.27
N PHE Q 85 -53.83 -72.81 -9.47
CA PHE Q 85 -53.27 -73.60 -8.36
C PHE Q 85 -53.21 -72.76 -7.10
N GLN Q 86 -52.85 -71.51 -7.26
CA GLN Q 86 -52.73 -70.61 -6.12
C GLN Q 86 -54.00 -70.50 -5.29
N ASP Q 87 -55.10 -70.59 -5.97
CA ASP Q 87 -56.51 -70.47 -5.60
C ASP Q 87 -56.98 -71.54 -4.63
N LYS Q 88 -56.37 -72.66 -4.72
CA LYS Q 88 -56.60 -73.82 -3.84
C LYS Q 88 -56.10 -73.63 -2.41
N LEU Q 89 -55.23 -72.68 -2.15
CA LEU Q 89 -54.62 -72.43 -0.88
C LEU Q 89 -55.06 -71.14 -0.24
N TYR Q 90 -55.07 -71.17 1.08
CA TYR Q 90 -55.35 -69.92 1.76
C TYR Q 90 -54.24 -68.93 1.40
N PRO Q 91 -54.65 -67.74 1.02
CA PRO Q 91 -53.70 -66.66 0.64
C PRO Q 91 -52.78 -66.20 1.74
N PHE Q 92 -53.21 -66.18 2.99
CA PHE Q 92 -52.21 -65.71 3.99
C PHE Q 92 -51.07 -66.73 3.96
N THR Q 93 -51.28 -67.97 3.49
CA THR Q 93 -50.19 -68.98 3.48
C THR Q 93 -49.19 -68.71 2.36
N TRP Q 94 -49.64 -68.10 1.21
CA TRP Q 94 -48.65 -67.75 0.12
C TRP Q 94 -47.83 -66.55 0.59
N ASP Q 95 -48.27 -65.67 1.37
CA ASP Q 95 -47.65 -64.49 1.85
C ASP Q 95 -46.45 -64.81 2.75
N ALA Q 96 -46.63 -65.92 3.45
CA ALA Q 96 -45.62 -66.43 4.39
C ALA Q 96 -44.42 -66.90 3.59
N VAL Q 97 -44.58 -67.24 2.30
CA VAL Q 97 -43.48 -67.81 1.53
C VAL Q 97 -43.01 -66.85 0.40
N ARG Q 98 -43.21 -65.65 0.63
CA ARG Q 98 -42.81 -64.60 -0.33
C ARG Q 98 -41.61 -63.93 0.24
N TYR Q 99 -40.60 -63.80 -0.56
CA TYR Q 99 -39.42 -63.11 -0.12
C TYR Q 99 -39.10 -62.10 -1.26
N ASN Q 100 -39.16 -60.83 -0.92
CA ASN Q 100 -38.91 -59.73 -1.85
C ASN Q 100 -39.90 -59.82 -3.00
N GLY Q 101 -41.14 -60.13 -2.71
CA GLY Q 101 -42.25 -60.31 -3.59
C GLY Q 101 -42.30 -61.60 -4.37
N LYS Q 102 -41.30 -62.45 -4.49
CA LYS Q 102 -41.26 -63.71 -5.25
C LYS Q 102 -41.74 -64.92 -4.37
N LEU Q 103 -42.32 -65.91 -4.94
CA LEU Q 103 -42.68 -67.05 -4.07
C LEU Q 103 -41.51 -67.96 -4.03
N ILE Q 104 -41.08 -68.44 -2.86
CA ILE Q 104 -39.88 -69.33 -2.80
C ILE Q 104 -40.08 -70.73 -2.21
N ALA Q 105 -41.41 -70.95 -2.02
CA ALA Q 105 -41.84 -72.27 -1.50
C ALA Q 105 -43.35 -72.45 -1.57
N TYR Q 106 -43.75 -73.71 -1.42
CA TYR Q 106 -45.14 -74.15 -1.34
C TYR Q 106 -45.49 -74.34 0.18
N PRO Q 107 -46.50 -73.69 0.59
CA PRO Q 107 -47.01 -73.72 1.98
C PRO Q 107 -47.78 -75.02 2.10
N ILE Q 108 -47.61 -75.74 3.20
CA ILE Q 108 -48.22 -77.05 3.43
C ILE Q 108 -49.21 -77.00 4.58
N ALA Q 109 -48.77 -76.44 5.74
CA ALA Q 109 -49.69 -76.49 6.92
C ALA Q 109 -49.31 -75.43 7.88
N VAL Q 110 -50.18 -75.02 8.73
CA VAL Q 110 -50.17 -73.98 9.72
C VAL Q 110 -50.10 -74.63 11.10
N GLU Q 111 -48.88 -74.31 11.63
CA GLU Q 111 -48.53 -74.92 12.99
C GLU Q 111 -48.61 -73.96 14.12
N ALA Q 112 -49.30 -74.25 15.29
CA ALA Q 112 -49.31 -73.40 16.45
C ALA Q 112 -49.28 -74.39 17.65
N LEU Q 113 -48.56 -74.02 18.66
CA LEU Q 113 -48.53 -74.83 19.92
C LEU Q 113 -49.89 -74.68 20.63
N SER Q 114 -50.31 -75.71 21.37
CA SER Q 114 -51.52 -75.78 22.22
C SER Q 114 -51.22 -76.38 23.64
N LEU Q 115 -52.13 -76.13 24.56
CA LEU Q 115 -51.98 -76.75 25.88
C LEU Q 115 -52.60 -78.13 25.67
N ILE Q 116 -51.93 -79.18 26.01
CA ILE Q 116 -52.46 -80.59 26.00
C ILE Q 116 -52.56 -81.03 27.46
N TYR Q 117 -53.72 -81.56 27.81
CA TYR Q 117 -53.84 -81.89 29.29
C TYR Q 117 -54.44 -83.29 29.38
N ASN Q 118 -54.14 -83.89 30.56
CA ASN Q 118 -54.61 -85.30 30.83
C ASN Q 118 -55.97 -85.15 31.47
N LYS Q 119 -57.02 -85.50 30.75
CA LYS Q 119 -58.39 -85.33 31.28
C LYS Q 119 -58.73 -86.11 32.60
N ASP Q 120 -57.91 -87.09 32.79
CA ASP Q 120 -58.03 -87.96 33.96
C ASP Q 120 -57.31 -87.34 35.15
N LEU Q 121 -56.22 -86.63 35.05
CA LEU Q 121 -55.60 -85.94 36.21
C LEU Q 121 -56.26 -84.57 36.33
N LEU Q 122 -56.74 -83.98 35.26
CA LEU Q 122 -57.26 -82.59 35.17
C LEU Q 122 -58.39 -82.38 34.21
N PRO Q 123 -59.58 -82.76 34.59
CA PRO Q 123 -60.74 -82.66 33.73
C PRO Q 123 -60.87 -81.24 33.22
N ASN Q 124 -60.55 -80.26 34.05
CA ASN Q 124 -60.61 -78.81 33.63
C ASN Q 124 -59.19 -78.16 33.65
N PRO Q 125 -58.78 -77.73 32.49
CA PRO Q 125 -57.42 -77.14 32.36
C PRO Q 125 -57.43 -75.77 32.98
N PRO Q 126 -56.28 -75.36 33.51
CA PRO Q 126 -56.14 -74.03 34.13
C PRO Q 126 -56.32 -72.93 33.06
N LYS Q 127 -56.85 -71.78 33.42
CA LYS Q 127 -57.03 -70.75 32.40
C LYS Q 127 -55.90 -69.72 32.43
N THR Q 128 -55.07 -69.88 33.47
CA THR Q 128 -54.01 -68.89 33.76
C THR Q 128 -52.71 -69.49 34.11
N TRP Q 129 -51.59 -68.86 33.67
CA TRP Q 129 -50.29 -69.39 34.00
C TRP Q 129 -50.14 -69.30 35.53
N GLU Q 130 -50.75 -68.21 36.05
CA GLU Q 130 -50.56 -67.92 37.50
C GLU Q 130 -51.10 -69.00 38.42
N GLU Q 131 -52.09 -69.74 38.01
CA GLU Q 131 -52.56 -70.81 38.99
C GLU Q 131 -51.83 -72.10 38.83
N ILE Q 132 -50.75 -72.12 38.07
CA ILE Q 132 -50.03 -73.36 37.85
C ILE Q 132 -49.24 -73.78 39.07
N PRO Q 133 -48.61 -72.86 39.75
CA PRO Q 133 -47.78 -73.23 40.94
C PRO Q 133 -48.61 -73.99 42.00
N ALA Q 134 -49.79 -73.43 42.31
CA ALA Q 134 -50.70 -74.02 43.28
C ALA Q 134 -51.09 -75.44 42.85
N LEU Q 135 -51.41 -75.45 41.56
CA LEU Q 135 -51.82 -76.73 40.97
C LEU Q 135 -50.73 -77.77 41.13
N ASP Q 136 -49.49 -77.51 40.93
CA ASP Q 136 -48.35 -78.42 41.00
C ASP Q 136 -48.18 -78.99 42.47
N LYS Q 137 -48.37 -78.03 43.35
CA LYS Q 137 -48.33 -78.26 44.81
C LYS Q 137 -49.28 -79.46 45.11
N GLU Q 138 -50.49 -79.37 44.66
CA GLU Q 138 -51.55 -80.38 44.84
C GLU Q 138 -51.27 -81.72 44.21
N LEU Q 139 -50.77 -81.73 42.97
CA LEU Q 139 -50.49 -82.94 42.21
C LEU Q 139 -49.29 -83.65 42.79
N LYS Q 140 -48.30 -82.92 43.19
CA LYS Q 140 -47.03 -83.37 43.70
C LYS Q 140 -47.10 -84.22 44.99
N ALA Q 141 -48.12 -83.98 45.74
CA ALA Q 141 -48.57 -84.58 46.97
C ALA Q 141 -49.09 -85.98 46.66
N LYS Q 142 -49.42 -86.13 45.39
CA LYS Q 142 -49.99 -87.37 44.77
C LYS Q 142 -49.01 -88.07 43.84
N GLY Q 143 -47.74 -87.75 43.89
CA GLY Q 143 -46.61 -88.16 43.13
C GLY Q 143 -46.54 -87.61 41.68
N LYS Q 144 -47.39 -86.71 41.23
CA LYS Q 144 -47.44 -86.15 39.86
C LYS Q 144 -46.90 -84.72 39.81
N SER Q 145 -47.04 -84.09 38.61
CA SER Q 145 -46.63 -82.67 38.34
C SER Q 145 -47.70 -82.05 37.39
N ALA Q 146 -47.77 -80.76 37.50
CA ALA Q 146 -48.71 -80.02 36.74
C ALA Q 146 -48.31 -79.92 35.27
N LEU Q 147 -47.08 -79.59 34.94
CA LEU Q 147 -46.63 -79.30 33.59
C LEU Q 147 -45.24 -79.60 33.24
N MET Q 148 -44.99 -80.13 32.02
CA MET Q 148 -43.60 -80.31 31.65
C MET Q 148 -43.56 -80.05 30.16
N PHE Q 149 -42.61 -79.28 29.71
CA PHE Q 149 -42.54 -79.05 28.17
C PHE Q 149 -41.09 -78.78 27.86
N ASN Q 150 -40.75 -78.85 26.60
CA ASN Q 150 -39.38 -78.64 26.14
C ASN Q 150 -38.85 -77.24 26.48
N LEU Q 151 -37.88 -77.09 27.35
CA LEU Q 151 -37.27 -75.84 27.73
C LEU Q 151 -35.97 -75.54 26.96
N GLN Q 152 -35.51 -76.47 26.20
CA GLN Q 152 -34.31 -76.37 25.46
C GLN Q 152 -34.54 -75.60 24.16
N GLU Q 153 -35.67 -75.55 23.57
CA GLU Q 153 -36.10 -74.85 22.29
C GLU Q 153 -36.97 -73.64 22.54
N PRO Q 154 -36.44 -72.44 22.15
CA PRO Q 154 -37.08 -71.17 22.47
C PRO Q 154 -38.48 -71.03 21.97
N TYR Q 155 -38.74 -71.85 20.94
CA TYR Q 155 -40.06 -71.92 20.29
C TYR Q 155 -41.17 -72.28 21.33
N PHE Q 156 -40.79 -73.09 22.31
CA PHE Q 156 -41.83 -73.58 23.32
C PHE Q 156 -42.16 -72.61 24.43
N THR Q 157 -41.08 -71.84 24.69
CA THR Q 157 -41.14 -70.77 25.70
C THR Q 157 -41.62 -69.38 25.16
N TRP Q 158 -41.42 -69.05 23.88
CA TRP Q 158 -41.83 -67.79 23.32
C TRP Q 158 -43.23 -67.43 23.62
N PRO Q 159 -44.25 -68.26 23.63
CA PRO Q 159 -45.63 -67.77 23.93
C PRO Q 159 -45.80 -67.01 25.22
N LEU Q 160 -45.04 -67.43 26.25
CA LEU Q 160 -45.13 -66.77 27.55
C LEU Q 160 -44.35 -65.43 27.54
N ILE Q 161 -43.18 -65.46 26.85
CA ILE Q 161 -42.36 -64.24 26.72
C ILE Q 161 -43.09 -63.15 25.94
N ALA Q 162 -43.73 -63.57 24.92
CA ALA Q 162 -44.47 -62.61 24.10
C ALA Q 162 -45.76 -62.23 24.76
N ALA Q 163 -46.45 -62.96 25.67
CA ALA Q 163 -47.76 -62.63 26.20
C ALA Q 163 -47.97 -61.22 26.67
N ASP Q 164 -47.11 -60.71 27.54
CA ASP Q 164 -47.20 -59.38 28.15
C ASP Q 164 -46.41 -58.35 27.32
N GLY Q 165 -46.01 -58.65 26.08
CA GLY Q 165 -45.31 -57.67 25.23
C GLY Q 165 -44.03 -58.04 24.62
N GLY Q 166 -43.33 -59.15 24.82
CA GLY Q 166 -42.03 -59.38 24.15
C GLY Q 166 -42.31 -59.47 22.70
N TYR Q 167 -41.33 -59.18 21.84
CA TYR Q 167 -41.58 -59.29 20.35
C TYR Q 167 -40.23 -59.46 19.65
N ALA Q 168 -40.25 -60.07 18.48
CA ALA Q 168 -39.00 -60.27 17.72
C ALA Q 168 -38.55 -58.96 17.06
N PHE Q 169 -39.11 -58.59 15.95
CA PHE Q 169 -38.86 -57.42 15.09
C PHE Q 169 -40.20 -56.67 14.91
N LYS Q 170 -40.15 -55.42 15.11
CA LYS Q 170 -41.28 -54.52 14.93
C LYS Q 170 -41.56 -54.47 13.40
N TYR Q 171 -42.82 -54.70 13.06
CA TYR Q 171 -43.35 -54.65 11.75
C TYR Q 171 -43.76 -53.17 11.55
N GLU Q 172 -43.08 -52.39 10.73
CA GLU Q 172 -43.44 -50.99 10.64
C GLU Q 172 -43.46 -50.54 9.19
N ASN Q 173 -44.61 -50.15 8.69
CA ASN Q 173 -44.83 -49.68 7.28
C ASN Q 173 -44.22 -50.61 6.23
N GLY Q 174 -44.99 -51.72 6.06
CA GLY Q 174 -44.66 -52.74 5.07
C GLY Q 174 -43.39 -53.57 5.29
N LYS Q 175 -42.68 -53.21 6.40
CA LYS Q 175 -41.51 -54.10 6.61
C LYS Q 175 -41.12 -54.11 8.06
N TYR Q 176 -40.24 -55.09 8.33
CA TYR Q 176 -39.64 -55.36 9.61
C TYR Q 176 -38.41 -54.46 9.80
N ASP Q 177 -38.44 -53.78 10.95
CA ASP Q 177 -37.33 -52.99 11.41
C ASP Q 177 -36.40 -53.95 12.24
N ILE Q 178 -35.27 -54.21 11.62
CA ILE Q 178 -34.24 -55.07 12.18
C ILE Q 178 -33.51 -54.51 13.38
N LYS Q 179 -33.73 -53.21 13.62
CA LYS Q 179 -33.05 -52.57 14.74
C LYS Q 179 -34.05 -52.39 15.85
N ASP Q 180 -35.33 -52.65 15.63
CA ASP Q 180 -36.33 -52.54 16.68
C ASP Q 180 -36.76 -53.98 17.11
N VAL Q 181 -36.14 -54.45 18.24
CA VAL Q 181 -36.31 -55.75 18.81
C VAL Q 181 -37.00 -55.73 20.17
N GLY Q 182 -37.82 -56.73 20.58
CA GLY Q 182 -38.53 -56.55 21.88
C GLY Q 182 -38.31 -57.70 22.76
N VAL Q 183 -36.99 -58.03 22.75
CA VAL Q 183 -36.58 -59.23 23.57
C VAL Q 183 -36.18 -58.82 24.94
N ASP Q 184 -35.90 -57.58 25.17
CA ASP Q 184 -35.51 -57.12 26.50
C ASP Q 184 -36.46 -56.10 27.05
N ASN Q 185 -37.66 -56.01 26.54
CA ASN Q 185 -38.57 -54.96 27.11
C ASN Q 185 -39.27 -55.50 28.40
N ALA Q 186 -40.12 -54.69 29.00
CA ALA Q 186 -40.77 -55.04 30.25
C ALA Q 186 -41.62 -56.29 30.04
N GLY Q 187 -42.32 -56.56 28.99
CA GLY Q 187 -43.15 -57.79 28.88
C GLY Q 187 -42.38 -59.05 28.78
N ALA Q 188 -41.31 -58.95 28.01
CA ALA Q 188 -40.38 -60.06 27.83
C ALA Q 188 -39.70 -60.41 29.19
N LYS Q 189 -39.27 -59.39 29.91
CA LYS Q 189 -38.67 -59.62 31.25
C LYS Q 189 -39.73 -60.26 32.23
N ALA Q 190 -40.95 -59.82 32.25
CA ALA Q 190 -41.98 -60.37 33.15
C ALA Q 190 -42.23 -61.87 32.89
N GLY Q 191 -42.28 -62.20 31.58
CA GLY Q 191 -42.48 -63.54 31.06
C GLY Q 191 -41.41 -64.53 31.42
N LEU Q 192 -40.13 -64.13 31.12
CA LEU Q 192 -39.03 -65.04 31.51
C LEU Q 192 -38.87 -65.20 33.03
N THR Q 193 -39.12 -64.13 33.76
CA THR Q 193 -39.03 -64.13 35.24
C THR Q 193 -39.98 -65.18 35.81
N PHE Q 194 -41.18 -65.14 35.35
CA PHE Q 194 -42.25 -66.09 35.69
C PHE Q 194 -41.72 -67.49 35.38
N LEU Q 195 -41.17 -67.77 34.28
CA LEU Q 195 -40.67 -69.09 33.98
C LEU Q 195 -39.56 -69.52 34.97
N VAL Q 196 -38.60 -68.71 35.20
CA VAL Q 196 -37.43 -68.95 36.04
C VAL Q 196 -37.94 -69.21 37.47
N ASP Q 197 -38.99 -68.51 37.88
CA ASP Q 197 -39.56 -68.66 39.20
C ASP Q 197 -40.16 -70.07 39.35
N LEU Q 198 -40.69 -70.64 38.29
CA LEU Q 198 -41.30 -71.96 38.24
C LEU Q 198 -40.21 -72.99 38.57
N ILE Q 199 -39.09 -72.75 38.00
CA ILE Q 199 -37.94 -73.62 38.20
C ILE Q 199 -37.38 -73.37 39.60
N LYS Q 200 -37.10 -72.17 39.94
CA LYS Q 200 -36.57 -71.79 41.24
C LYS Q 200 -37.27 -72.57 42.35
N ASN Q 201 -38.59 -72.52 42.26
CA ASN Q 201 -39.54 -73.07 43.24
C ASN Q 201 -39.90 -74.52 43.02
N LYS Q 202 -39.11 -75.17 42.25
CA LYS Q 202 -39.22 -76.61 41.96
C LYS Q 202 -40.46 -77.10 41.31
N HIS Q 203 -41.12 -76.26 40.50
CA HIS Q 203 -42.32 -76.73 39.80
C HIS Q 203 -41.95 -77.34 38.47
N MET Q 204 -40.76 -76.99 38.03
CA MET Q 204 -40.19 -77.37 36.75
C MET Q 204 -38.73 -77.56 36.81
N ASN Q 205 -38.14 -78.33 35.92
CA ASN Q 205 -36.67 -78.45 35.93
C ASN Q 205 -36.10 -77.89 34.64
N ALA Q 206 -35.02 -77.22 34.82
CA ALA Q 206 -34.20 -76.56 33.87
C ALA Q 206 -33.73 -77.49 32.78
N ASP Q 207 -33.70 -78.78 33.08
CA ASP Q 207 -33.16 -79.69 32.02
C ASP Q 207 -34.24 -80.25 31.11
N THR Q 208 -35.55 -80.12 31.44
CA THR Q 208 -36.53 -80.77 30.55
C THR Q 208 -36.33 -80.45 29.07
N ASP Q 209 -36.29 -81.58 28.33
CA ASP Q 209 -36.20 -81.46 26.89
C ASP Q 209 -37.47 -82.08 26.25
N TYR Q 210 -37.44 -82.23 24.96
CA TYR Q 210 -38.54 -82.79 24.15
C TYR Q 210 -38.92 -84.22 24.56
N SER Q 211 -37.95 -85.06 24.60
CA SER Q 211 -38.13 -86.46 25.06
C SER Q 211 -38.57 -86.57 26.48
N ILE Q 212 -37.93 -85.94 27.45
CA ILE Q 212 -38.31 -86.04 28.86
C ILE Q 212 -39.76 -85.62 29.01
N ALA Q 213 -40.13 -84.42 28.34
CA ALA Q 213 -41.54 -83.90 28.42
C ALA Q 213 -42.53 -84.85 27.80
N GLU Q 214 -42.13 -85.31 26.63
CA GLU Q 214 -43.02 -86.29 25.95
C GLU Q 214 -43.18 -87.55 26.77
N ALA Q 215 -42.17 -88.23 27.24
CA ALA Q 215 -42.33 -89.46 28.04
C ALA Q 215 -43.12 -89.22 29.30
N ALA Q 216 -42.86 -88.06 29.90
CA ALA Q 216 -43.60 -87.72 31.12
C ALA Q 216 -45.07 -87.70 30.85
N PHE Q 217 -45.55 -86.94 29.82
CA PHE Q 217 -47.03 -86.87 29.70
C PHE Q 217 -47.63 -88.17 29.25
N ASN Q 218 -46.96 -88.86 28.35
CA ASN Q 218 -47.40 -90.09 27.73
C ASN Q 218 -47.48 -91.25 28.79
N LYS Q 219 -46.67 -91.15 29.84
CA LYS Q 219 -46.73 -92.19 30.90
C LYS Q 219 -47.65 -91.86 32.05
N GLY Q 220 -48.28 -90.73 31.97
CA GLY Q 220 -49.22 -90.25 32.98
C GLY Q 220 -48.60 -89.55 34.12
N GLU Q 221 -47.33 -89.19 34.02
CA GLU Q 221 -46.76 -88.50 35.24
C GLU Q 221 -46.97 -87.04 35.35
N THR Q 222 -47.24 -86.32 34.23
CA THR Q 222 -47.45 -84.88 34.33
C THR Q 222 -48.86 -84.63 33.84
N ALA Q 223 -49.59 -83.63 34.40
CA ALA Q 223 -50.95 -83.43 33.91
C ALA Q 223 -51.01 -82.60 32.60
N MET Q 224 -50.01 -81.85 32.20
CA MET Q 224 -50.11 -80.99 30.94
C MET Q 224 -48.76 -80.91 30.30
N THR Q 225 -48.81 -80.60 28.98
CA THR Q 225 -47.52 -80.40 28.22
C THR Q 225 -47.89 -79.34 27.16
N ILE Q 226 -46.96 -78.75 26.50
CA ILE Q 226 -47.27 -77.77 25.43
C ILE Q 226 -46.63 -78.37 24.23
N ASN Q 227 -47.29 -78.62 23.14
CA ASN Q 227 -46.68 -79.17 21.94
C ASN Q 227 -47.58 -78.83 20.67
N GLY Q 228 -47.06 -79.18 19.49
CA GLY Q 228 -47.73 -78.97 18.22
C GLY Q 228 -48.42 -80.24 17.77
N PRO Q 229 -49.16 -80.13 16.64
CA PRO Q 229 -49.97 -81.19 16.11
C PRO Q 229 -49.27 -82.50 15.92
N TRP Q 230 -47.98 -82.50 15.49
CA TRP Q 230 -47.14 -83.60 15.23
C TRP Q 230 -47.00 -84.51 16.49
N ALA Q 231 -47.12 -84.08 17.70
CA ALA Q 231 -47.04 -84.93 18.91
C ALA Q 231 -48.30 -85.74 19.16
N TRP Q 232 -49.45 -85.48 18.54
CA TRP Q 232 -50.74 -86.09 18.88
C TRP Q 232 -50.67 -87.60 18.68
N SER Q 233 -49.97 -87.97 17.63
CA SER Q 233 -49.85 -89.43 17.28
C SER Q 233 -49.36 -90.33 18.39
N ASN Q 234 -48.30 -89.91 19.04
CA ASN Q 234 -47.75 -90.75 20.13
C ASN Q 234 -48.69 -90.79 21.38
N ILE Q 235 -49.33 -89.65 21.59
CA ILE Q 235 -50.28 -89.54 22.65
C ILE Q 235 -51.39 -90.58 22.38
N ASP Q 236 -51.84 -90.62 21.13
CA ASP Q 236 -53.01 -91.50 20.86
C ASP Q 236 -52.68 -92.97 21.21
N THR Q 237 -51.45 -93.23 20.80
CA THR Q 237 -50.81 -94.50 20.91
C THR Q 237 -50.61 -94.94 22.38
N SER Q 238 -50.43 -93.95 23.22
CA SER Q 238 -50.26 -94.27 24.66
C SER Q 238 -51.66 -94.36 25.30
N LYS Q 239 -52.72 -94.02 24.54
CA LYS Q 239 -54.10 -93.99 25.00
C LYS Q 239 -54.29 -93.01 26.16
N VAL Q 240 -53.42 -92.02 26.47
CA VAL Q 240 -53.80 -91.12 27.64
C VAL Q 240 -55.15 -90.54 27.25
N ASN Q 241 -55.99 -90.08 28.16
CA ASN Q 241 -57.27 -89.38 27.87
C ASN Q 241 -56.95 -87.85 27.91
N TYR Q 242 -56.60 -87.31 26.74
CA TYR Q 242 -56.16 -85.92 26.60
C TYR Q 242 -57.06 -84.96 25.89
N GLY Q 243 -56.90 -83.66 26.27
CA GLY Q 243 -57.69 -82.66 25.52
C GLY Q 243 -56.56 -81.74 24.94
N VAL Q 244 -56.98 -80.93 23.99
CA VAL Q 244 -56.04 -79.94 23.34
C VAL Q 244 -56.74 -78.61 23.52
N THR Q 245 -56.14 -77.59 24.14
CA THR Q 245 -56.94 -76.34 24.20
C THR Q 245 -56.10 -75.08 24.06
N VAL Q 246 -56.71 -73.92 24.30
CA VAL Q 246 -55.97 -72.67 24.25
C VAL Q 246 -54.87 -72.64 25.32
N LEU Q 247 -53.75 -72.03 25.08
CA LEU Q 247 -52.74 -71.79 26.09
C LEU Q 247 -53.26 -70.86 27.18
N PRO Q 248 -52.72 -70.98 28.41
CA PRO Q 248 -53.16 -70.06 29.48
C PRO Q 248 -52.69 -68.61 29.24
N THR Q 249 -53.37 -67.68 29.90
CA THR Q 249 -53.07 -66.27 29.85
C THR Q 249 -52.02 -65.98 30.90
N PHE Q 250 -51.36 -64.84 30.67
CA PHE Q 250 -50.36 -64.43 31.61
C PHE Q 250 -50.72 -62.93 31.81
N LYS Q 251 -50.96 -62.48 33.00
CA LYS Q 251 -51.20 -61.04 33.30
C LYS Q 251 -52.46 -60.65 32.55
N GLY Q 252 -53.29 -61.66 32.35
CA GLY Q 252 -54.58 -61.41 31.68
C GLY Q 252 -54.47 -61.37 30.17
N GLN Q 253 -53.27 -61.51 29.57
CA GLN Q 253 -53.18 -61.46 28.10
C GLN Q 253 -52.99 -62.89 27.62
N PRO Q 254 -53.42 -63.16 26.39
CA PRO Q 254 -53.25 -64.45 25.82
C PRO Q 254 -51.76 -64.79 25.68
N SER Q 255 -51.36 -66.03 25.83
CA SER Q 255 -50.03 -66.55 25.45
C SER Q 255 -50.04 -66.38 23.89
N LYS Q 256 -48.94 -66.01 23.30
CA LYS Q 256 -48.92 -65.71 21.82
C LYS Q 256 -47.87 -66.53 21.13
N PRO Q 257 -48.25 -67.70 20.63
CA PRO Q 257 -47.25 -68.55 19.96
C PRO Q 257 -46.78 -67.89 18.65
N PHE Q 258 -45.57 -68.15 18.23
CA PHE Q 258 -45.09 -67.75 16.94
C PHE Q 258 -45.76 -68.78 16.03
N VAL Q 259 -46.37 -68.43 14.93
CA VAL Q 259 -46.96 -69.43 14.05
C VAL Q 259 -46.07 -69.72 12.88
N GLY Q 260 -45.91 -71.02 12.55
CA GLY Q 260 -45.07 -71.50 11.48
C GLY Q 260 -45.98 -72.12 10.43
N VAL Q 261 -45.59 -71.90 9.18
CA VAL Q 261 -46.21 -72.40 7.97
C VAL Q 261 -45.23 -73.44 7.50
N LEU Q 262 -45.46 -74.77 7.67
CA LEU Q 262 -44.67 -75.85 7.20
C LEU Q 262 -44.60 -75.57 5.61
N SER Q 263 -43.38 -75.60 5.14
CA SER Q 263 -43.14 -75.26 3.72
C SER Q 263 -42.12 -76.21 3.04
N ALA Q 264 -42.33 -76.31 1.66
CA ALA Q 264 -41.47 -77.22 0.83
C ALA Q 264 -40.76 -76.35 -0.24
N GLY Q 265 -39.45 -76.35 -0.15
CA GLY Q 265 -38.68 -75.49 -1.13
C GLY Q 265 -37.89 -76.34 -2.05
N ILE Q 266 -37.59 -75.75 -3.26
CA ILE Q 266 -36.81 -76.55 -4.26
C ILE Q 266 -35.40 -76.00 -4.37
N ASN Q 267 -34.47 -76.91 -4.21
CA ASN Q 267 -33.05 -76.62 -4.22
C ASN Q 267 -32.81 -76.04 -5.59
N ALA Q 268 -32.23 -74.84 -5.51
CA ALA Q 268 -31.86 -74.05 -6.74
C ALA Q 268 -30.92 -74.93 -7.64
N ALA Q 269 -30.11 -75.75 -6.95
CA ALA Q 269 -29.14 -76.71 -7.42
C ALA Q 269 -29.75 -78.02 -7.98
N SER Q 270 -31.05 -78.28 -8.00
CA SER Q 270 -31.61 -79.45 -8.54
C SER Q 270 -31.85 -79.34 -10.06
N PRO Q 271 -31.58 -80.48 -10.70
CA PRO Q 271 -31.84 -80.80 -12.08
C PRO Q 271 -33.32 -81.21 -12.33
N ASN Q 272 -33.88 -81.66 -11.17
CA ASN Q 272 -35.25 -82.17 -11.10
C ASN Q 272 -36.23 -81.08 -10.83
N LYS Q 273 -36.26 -79.84 -11.16
CA LYS Q 273 -37.28 -78.90 -10.70
C LYS Q 273 -38.73 -79.17 -11.09
N GLU Q 274 -38.83 -79.66 -12.33
CA GLU Q 274 -40.08 -79.96 -13.01
C GLU Q 274 -40.71 -81.19 -12.35
N LEU Q 275 -39.96 -82.19 -12.03
CA LEU Q 275 -40.37 -83.40 -11.31
C LEU Q 275 -40.95 -83.00 -9.93
N ALA Q 276 -40.10 -82.17 -9.30
CA ALA Q 276 -40.31 -81.59 -7.97
C ALA Q 276 -41.64 -80.87 -8.02
N LYS Q 277 -41.76 -79.95 -8.99
CA LYS Q 277 -43.08 -79.25 -9.05
C LYS Q 277 -44.20 -80.24 -9.29
N GLU Q 278 -44.05 -81.25 -10.14
CA GLU Q 278 -45.19 -82.18 -10.42
C GLU Q 278 -45.69 -82.81 -9.09
N PHE Q 279 -44.77 -83.38 -8.38
CA PHE Q 279 -44.85 -84.00 -7.04
C PHE Q 279 -45.58 -83.16 -5.99
N LEU Q 280 -45.10 -81.93 -5.85
CA LEU Q 280 -45.69 -81.06 -4.87
C LEU Q 280 -47.10 -80.73 -5.27
N GLU Q 281 -47.24 -80.05 -6.41
CA GLU Q 281 -48.58 -79.57 -6.84
C GLU Q 281 -49.63 -80.60 -7.23
N ASN Q 282 -49.18 -81.73 -7.79
CA ASN Q 282 -50.07 -82.80 -8.21
C ASN Q 282 -50.13 -84.09 -7.36
N TYR Q 283 -49.22 -84.36 -6.45
CA TYR Q 283 -49.22 -85.56 -5.60
C TYR Q 283 -49.50 -85.22 -4.13
N LEU Q 284 -48.56 -84.42 -3.58
CA LEU Q 284 -48.67 -84.00 -2.14
C LEU Q 284 -49.74 -82.98 -1.91
N LEU Q 285 -49.74 -81.92 -2.62
CA LEU Q 285 -50.72 -80.88 -2.37
C LEU Q 285 -52.12 -81.20 -2.92
N THR Q 286 -52.62 -82.37 -2.60
CA THR Q 286 -53.98 -82.84 -2.90
C THR Q 286 -54.68 -83.24 -1.63
N ASP Q 287 -55.89 -83.66 -1.58
CA ASP Q 287 -56.58 -84.14 -0.35
C ASP Q 287 -56.00 -85.50 0.00
N GLU Q 288 -55.61 -86.26 -0.98
CA GLU Q 288 -55.12 -87.60 -0.79
C GLU Q 288 -53.73 -87.66 -0.28
N GLY Q 289 -52.87 -86.77 -0.80
CA GLY Q 289 -51.46 -86.73 -0.40
C GLY Q 289 -51.34 -86.20 1.03
N LEU Q 290 -52.09 -85.17 1.31
CA LEU Q 290 -52.07 -84.54 2.64
C LEU Q 290 -52.55 -85.56 3.69
N GLU Q 291 -53.56 -86.32 3.25
CA GLU Q 291 -54.06 -87.31 4.23
C GLU Q 291 -53.14 -88.46 4.47
N ALA Q 292 -52.30 -88.95 3.63
CA ALA Q 292 -51.33 -90.00 3.86
C ALA Q 292 -50.33 -89.54 4.90
N VAL Q 293 -49.95 -88.24 4.77
CA VAL Q 293 -48.98 -87.60 5.66
C VAL Q 293 -49.63 -87.41 7.05
N ASN Q 294 -50.80 -86.79 7.15
CA ASN Q 294 -51.54 -86.49 8.34
C ASN Q 294 -51.90 -87.72 9.15
N LYS Q 295 -52.06 -88.87 8.60
CA LYS Q 295 -52.36 -90.17 9.28
C LYS Q 295 -51.06 -90.63 9.94
N ASP Q 296 -49.91 -90.30 9.40
CA ASP Q 296 -48.62 -90.61 10.02
C ASP Q 296 -48.43 -89.67 11.22
N LYS Q 297 -48.19 -88.40 11.02
CA LYS Q 297 -48.09 -87.39 12.14
C LYS Q 297 -49.00 -86.27 11.77
N PRO Q 298 -49.99 -85.84 12.51
CA PRO Q 298 -50.90 -84.78 12.12
C PRO Q 298 -50.18 -83.52 11.73
N LEU Q 299 -50.69 -82.85 10.67
CA LEU Q 299 -50.08 -81.60 10.20
C LEU Q 299 -50.52 -80.34 10.91
N GLY Q 300 -51.69 -80.24 11.46
CA GLY Q 300 -52.22 -79.02 12.04
C GLY Q 300 -53.32 -78.61 10.96
N ALA Q 301 -53.46 -77.32 10.86
CA ALA Q 301 -54.43 -76.69 9.93
C ALA Q 301 -53.78 -76.72 8.57
N VAL Q 302 -54.20 -77.29 7.46
CA VAL Q 302 -53.54 -77.39 6.17
C VAL Q 302 -53.84 -76.16 5.31
N ALA Q 303 -52.90 -75.85 4.43
CA ALA Q 303 -53.18 -74.63 3.57
C ALA Q 303 -54.15 -74.93 2.45
N LEU Q 304 -54.34 -76.20 2.12
CA LEU Q 304 -55.29 -76.67 1.05
C LEU Q 304 -56.70 -76.57 1.61
N LYS Q 305 -57.41 -75.61 0.95
CA LYS Q 305 -58.78 -75.36 1.47
C LYS Q 305 -59.72 -76.54 1.58
N SER Q 306 -59.69 -77.41 0.63
CA SER Q 306 -60.54 -78.57 0.44
C SER Q 306 -60.38 -79.55 1.59
N TYR Q 307 -59.14 -79.95 1.85
CA TYR Q 307 -58.74 -80.78 3.00
C TYR Q 307 -58.97 -80.11 4.35
N GLU Q 308 -58.64 -78.79 4.43
CA GLU Q 308 -58.76 -78.07 5.66
C GLU Q 308 -60.20 -78.09 6.18
N GLU Q 309 -61.03 -78.08 5.14
CA GLU Q 309 -62.50 -78.15 5.31
C GLU Q 309 -62.95 -79.41 6.06
N GLU Q 310 -62.29 -80.53 5.80
CA GLU Q 310 -62.60 -81.78 6.43
C GLU Q 310 -61.88 -81.90 7.79
N LEU Q 311 -60.78 -81.12 7.87
CA LEU Q 311 -59.90 -81.19 9.09
C LEU Q 311 -60.45 -80.41 10.24
N ALA Q 312 -61.26 -79.27 10.06
CA ALA Q 312 -61.49 -79.06 11.50
C ALA Q 312 -62.65 -78.20 11.92
N LYS Q 313 -63.54 -78.98 12.31
CA LYS Q 313 -64.46 -79.81 12.93
C LYS Q 313 -63.83 -80.61 14.11
N ASP Q 314 -62.56 -80.90 13.82
CA ASP Q 314 -61.74 -81.63 14.86
C ASP Q 314 -61.46 -80.59 15.95
N PRO Q 315 -61.83 -80.81 17.18
CA PRO Q 315 -61.63 -79.87 18.22
C PRO Q 315 -60.11 -79.56 18.46
N ARG Q 316 -59.25 -80.44 18.20
CA ARG Q 316 -57.77 -80.33 18.31
C ARG Q 316 -57.30 -79.28 17.31
N ILE Q 317 -57.83 -79.40 16.14
CA ILE Q 317 -57.60 -78.43 15.03
C ILE Q 317 -58.22 -77.11 15.37
N ALA Q 318 -59.44 -77.09 15.94
CA ALA Q 318 -60.02 -75.80 16.31
C ALA Q 318 -59.18 -75.07 17.33
N ALA Q 319 -58.59 -75.85 18.23
CA ALA Q 319 -57.77 -75.21 19.28
C ALA Q 319 -56.46 -74.67 18.72
N THR Q 320 -55.96 -75.40 17.75
CA THR Q 320 -54.73 -75.06 17.01
C THR Q 320 -54.93 -73.66 16.36
N MET Q 321 -56.08 -73.61 15.64
CA MET Q 321 -56.50 -72.29 15.05
C MET Q 321 -56.75 -71.19 16.04
N GLU Q 322 -57.26 -71.46 17.20
CA GLU Q 322 -57.45 -70.40 18.15
C GLU Q 322 -56.12 -69.88 18.71
N ASN Q 323 -55.19 -70.82 19.00
CA ASN Q 323 -53.86 -70.34 19.53
C ASN Q 323 -53.16 -69.60 18.37
N ALA Q 324 -53.30 -70.14 17.19
CA ALA Q 324 -52.68 -69.47 16.02
C ALA Q 324 -53.13 -68.03 15.84
N GLN Q 325 -54.44 -67.80 15.98
CA GLN Q 325 -55.15 -66.51 15.94
C GLN Q 325 -54.66 -65.57 17.01
N LYS Q 326 -54.25 -65.95 18.20
CA LYS Q 326 -53.73 -65.18 19.25
C LYS Q 326 -52.21 -65.00 19.12
N GLY Q 327 -51.65 -65.72 18.21
CA GLY Q 327 -50.23 -65.64 18.02
C GLY Q 327 -49.91 -64.66 16.90
N GLU Q 328 -48.76 -64.87 16.34
CA GLU Q 328 -48.23 -64.08 15.23
C GLU Q 328 -47.38 -64.96 14.35
N ILE Q 329 -47.63 -64.84 13.08
CA ILE Q 329 -46.91 -65.55 12.04
C ILE Q 329 -45.47 -65.08 12.12
N MET Q 330 -44.49 -65.94 12.04
CA MET Q 330 -43.07 -65.52 12.18
C MET Q 330 -42.71 -64.73 10.90
N PRO Q 331 -41.78 -63.85 11.10
CA PRO Q 331 -41.05 -63.18 10.00
C PRO Q 331 -40.25 -64.25 9.28
N ASN Q 332 -39.83 -64.19 8.00
CA ASN Q 332 -39.00 -65.08 7.29
C ASN Q 332 -37.68 -64.33 6.91
N ILE Q 333 -37.47 -63.17 7.41
CA ILE Q 333 -36.26 -62.34 7.14
C ILE Q 333 -35.00 -63.10 7.46
N PRO Q 334 -33.84 -62.89 6.88
CA PRO Q 334 -32.58 -63.61 7.17
C PRO Q 334 -32.20 -63.50 8.63
N GLN Q 335 -32.58 -62.40 9.26
CA GLN Q 335 -32.26 -62.17 10.66
C GLN Q 335 -32.98 -63.14 11.63
N MET Q 336 -33.97 -63.93 11.20
CA MET Q 336 -34.60 -64.94 12.14
C MET Q 336 -33.64 -65.93 12.75
N SER Q 337 -32.62 -66.30 12.02
CA SER Q 337 -31.61 -67.22 12.66
C SER Q 337 -30.78 -66.57 13.79
N ALA Q 338 -30.45 -65.30 13.77
CA ALA Q 338 -29.74 -64.60 14.83
C ALA Q 338 -30.66 -64.48 16.05
N PHE Q 339 -31.87 -64.05 15.78
CA PHE Q 339 -32.89 -63.96 16.82
C PHE Q 339 -32.97 -65.31 17.56
N TRP Q 340 -33.17 -66.39 16.83
CA TRP Q 340 -33.36 -67.69 17.55
C TRP Q 340 -32.18 -68.15 18.40
N TYR Q 341 -30.99 -67.94 17.82
CA TYR Q 341 -29.80 -68.43 18.63
C TYR Q 341 -29.60 -67.55 19.81
N ALA Q 342 -29.84 -66.23 19.66
CA ALA Q 342 -29.71 -65.32 20.83
C ALA Q 342 -30.72 -65.65 21.90
N VAL Q 343 -31.98 -65.91 21.49
CA VAL Q 343 -33.05 -66.19 22.49
C VAL Q 343 -32.82 -67.57 23.10
N ARG Q 344 -32.28 -68.50 22.36
CA ARG Q 344 -31.98 -69.85 22.86
C ARG Q 344 -30.94 -69.74 23.99
N THR Q 345 -29.86 -69.04 23.71
CA THR Q 345 -28.90 -68.90 24.87
C THR Q 345 -29.47 -68.29 26.12
N ALA Q 346 -30.18 -67.12 25.88
CA ALA Q 346 -30.77 -66.34 26.97
C ALA Q 346 -31.58 -67.17 27.90
N VAL Q 347 -32.44 -68.01 27.38
CA VAL Q 347 -33.41 -68.78 28.24
C VAL Q 347 -32.69 -69.88 29.07
N ILE Q 348 -31.79 -70.49 28.30
CA ILE Q 348 -31.06 -71.60 28.96
C ILE Q 348 -30.22 -70.99 30.09
N ASN Q 349 -29.49 -69.96 29.77
CA ASN Q 349 -28.64 -69.28 30.81
C ASN Q 349 -29.51 -68.79 31.95
N ALA Q 350 -30.71 -68.26 31.73
CA ALA Q 350 -31.54 -67.76 32.76
C ALA Q 350 -32.19 -68.91 33.54
N ALA Q 351 -32.59 -69.95 32.83
CA ALA Q 351 -33.29 -71.07 33.56
C ALA Q 351 -32.34 -71.85 34.48
N SER Q 352 -31.12 -72.01 34.01
CA SER Q 352 -29.97 -72.69 34.64
C SER Q 352 -29.37 -71.83 35.76
N GLY Q 353 -29.74 -70.56 35.91
CA GLY Q 353 -29.35 -69.60 36.88
C GLY Q 353 -27.96 -69.07 36.65
N ARG Q 354 -27.41 -69.26 35.44
CA ARG Q 354 -26.08 -68.81 35.07
C ARG Q 354 -26.10 -67.26 34.94
N GLN Q 355 -27.26 -66.70 34.58
CA GLN Q 355 -27.43 -65.28 34.38
C GLN Q 355 -28.83 -65.00 34.95
N THR Q 356 -28.98 -63.77 35.33
CA THR Q 356 -30.25 -63.22 35.78
C THR Q 356 -31.03 -62.96 34.44
N VAL Q 357 -32.34 -62.83 34.61
CA VAL Q 357 -33.20 -62.48 33.47
C VAL Q 357 -32.75 -61.20 32.81
N ASP Q 358 -32.56 -60.15 33.57
CA ASP Q 358 -32.14 -58.80 33.04
C ASP Q 358 -30.84 -58.90 32.24
N GLU Q 359 -29.83 -59.53 32.78
CA GLU Q 359 -28.57 -59.81 32.13
C GLU Q 359 -28.81 -60.69 30.90
N ALA Q 360 -29.55 -61.75 30.96
CA ALA Q 360 -29.75 -62.63 29.80
C ALA Q 360 -30.43 -61.93 28.60
N LEU Q 361 -31.43 -61.15 28.91
CA LEU Q 361 -32.25 -60.51 27.82
C LEU Q 361 -31.53 -59.36 27.22
N LYS Q 362 -30.67 -58.85 28.11
CA LYS Q 362 -29.93 -57.66 27.55
C LYS Q 362 -28.90 -58.16 26.63
N ASP Q 363 -28.27 -59.23 26.92
CA ASP Q 363 -27.21 -59.74 26.03
C ASP Q 363 -27.77 -60.15 24.68
N ALA Q 364 -28.98 -60.70 24.84
CA ALA Q 364 -29.68 -61.22 23.66
C ALA Q 364 -29.98 -60.08 22.71
N GLN Q 365 -30.48 -59.01 23.35
CA GLN Q 365 -30.86 -57.75 22.61
C GLN Q 365 -29.70 -57.21 21.85
N THR Q 366 -28.51 -57.12 22.49
CA THR Q 366 -27.25 -56.71 21.91
C THR Q 366 -26.81 -57.62 20.82
N ARG Q 367 -26.84 -58.92 21.08
CA ARG Q 367 -26.46 -59.85 20.07
C ARG Q 367 -27.32 -59.67 18.84
N ILE Q 368 -28.63 -59.54 18.96
CA ILE Q 368 -29.49 -59.42 17.78
C ILE Q 368 -29.32 -58.15 16.99
N THR Q 369 -29.20 -57.04 17.67
CA THR Q 369 -29.11 -55.75 16.93
C THR Q 369 -27.73 -55.33 16.50
N LYS Q 370 -26.66 -56.57 16.84
CA LYS Q 370 -25.63 -57.01 15.92
C LYS Q 370 -25.99 -57.39 14.51
N LYS R 1 -58.39 -59.93 3.77
CA LYS R 1 -59.36 -59.53 2.67
C LYS R 1 -60.72 -60.20 2.87
N ILE R 2 -60.56 -61.42 3.38
CA ILE R 2 -61.50 -62.44 3.80
C ILE R 2 -62.54 -62.79 2.72
N GLU R 3 -63.76 -62.47 3.12
CA GLU R 3 -64.98 -62.67 2.31
C GLU R 3 -65.22 -64.13 1.97
N GLU R 4 -65.02 -64.70 0.80
CA GLU R 4 -65.27 -66.12 0.56
C GLU R 4 -65.24 -66.50 -0.93
N GLY R 5 -66.45 -66.70 -1.38
CA GLY R 5 -67.19 -67.01 -2.54
C GLY R 5 -68.72 -66.78 -2.43
N LYS R 6 -69.06 -65.77 -1.66
CA LYS R 6 -70.38 -65.20 -1.35
C LYS R 6 -70.28 -63.67 -1.46
N LEU R 7 -71.36 -62.96 -1.22
CA LEU R 7 -71.57 -61.50 -1.23
C LEU R 7 -72.15 -60.98 0.10
N VAL R 8 -71.57 -60.02 0.75
CA VAL R 8 -72.06 -59.36 2.01
C VAL R 8 -72.25 -57.87 1.62
N ILE R 9 -73.39 -57.32 1.86
CA ILE R 9 -73.76 -55.95 1.53
C ILE R 9 -74.10 -55.22 2.79
N TRP R 10 -73.62 -54.00 2.83
CA TRP R 10 -73.92 -53.06 3.95
C TRP R 10 -74.70 -51.86 3.39
N ILE R 11 -75.86 -51.58 3.97
CA ILE R 11 -76.70 -50.44 3.49
C ILE R 11 -77.25 -49.84 4.77
N ASN R 12 -77.56 -48.59 4.83
CA ASN R 12 -78.12 -47.83 5.93
C ASN R 12 -79.54 -48.42 6.20
N GLY R 13 -79.82 -48.30 7.48
CA GLY R 13 -81.02 -48.78 8.12
C GLY R 13 -82.26 -48.04 7.65
N ASP R 14 -82.12 -46.80 7.13
CA ASP R 14 -83.30 -46.13 6.62
C ASP R 14 -83.61 -46.47 5.14
N LYS R 15 -82.93 -47.39 4.49
CA LYS R 15 -83.15 -47.73 3.09
C LYS R 15 -83.90 -49.04 2.97
N GLY R 16 -84.37 -49.45 1.77
CA GLY R 16 -85.09 -50.72 1.73
C GLY R 16 -84.20 -51.93 1.58
N TYR R 17 -83.58 -52.28 2.73
CA TYR R 17 -82.71 -53.45 2.85
C TYR R 17 -83.51 -54.73 2.66
N ASN R 18 -84.83 -54.75 2.94
CA ASN R 18 -85.56 -56.01 2.67
C ASN R 18 -85.76 -56.02 1.15
N GLY R 19 -86.03 -54.96 0.40
CA GLY R 19 -86.14 -55.11 -1.02
C GLY R 19 -84.83 -55.64 -1.59
N LEU R 20 -83.77 -55.15 -1.01
CA LEU R 20 -82.36 -55.50 -1.43
C LEU R 20 -82.16 -56.98 -1.18
N ALA R 21 -82.50 -57.49 -0.05
CA ALA R 21 -82.48 -58.91 0.31
C ALA R 21 -83.31 -59.73 -0.68
N GLU R 22 -84.46 -59.33 -1.21
CA GLU R 22 -85.29 -60.02 -2.19
C GLU R 22 -84.53 -60.11 -3.50
N VAL R 23 -83.72 -59.07 -3.74
CA VAL R 23 -82.87 -59.09 -4.93
C VAL R 23 -81.69 -60.02 -4.69
N GLY R 24 -81.08 -60.11 -3.54
CA GLY R 24 -80.01 -61.09 -3.39
C GLY R 24 -80.48 -62.52 -3.67
N LYS R 25 -81.71 -62.76 -3.26
CA LYS R 25 -82.41 -64.03 -3.33
C LYS R 25 -82.54 -64.60 -4.73
N LYS R 26 -82.80 -63.77 -5.68
CA LYS R 26 -82.91 -64.30 -7.03
C LYS R 26 -81.53 -64.13 -7.61
N PHE R 27 -80.51 -63.81 -6.78
CA PHE R 27 -79.19 -63.68 -7.46
C PHE R 27 -78.67 -65.13 -7.36
N GLU R 28 -78.88 -65.52 -6.10
CA GLU R 28 -78.51 -66.78 -5.47
C GLU R 28 -79.20 -68.07 -5.92
N LYS R 29 -80.45 -67.87 -6.24
CA LYS R 29 -81.39 -68.89 -6.73
C LYS R 29 -80.98 -69.08 -8.19
N ASP R 30 -80.25 -68.09 -8.69
CA ASP R 30 -79.89 -68.14 -10.17
C ASP R 30 -78.38 -68.26 -10.30
N THR R 31 -77.77 -68.46 -9.14
CA THR R 31 -76.31 -68.51 -9.24
C THR R 31 -75.58 -69.39 -8.29
N GLY R 32 -76.16 -69.66 -7.14
CA GLY R 32 -75.50 -70.39 -6.08
C GLY R 32 -74.70 -69.52 -5.10
N ILE R 33 -74.57 -68.20 -5.43
CA ILE R 33 -73.83 -67.35 -4.53
C ILE R 33 -74.91 -66.77 -3.60
N LYS R 34 -74.81 -67.04 -2.36
CA LYS R 34 -75.81 -66.44 -1.46
C LYS R 34 -75.33 -65.02 -1.05
N VAL R 35 -76.39 -64.18 -1.06
CA VAL R 35 -76.13 -62.78 -0.63
C VAL R 35 -76.63 -62.52 0.77
N THR R 36 -75.93 -61.88 1.66
CA THR R 36 -76.23 -61.50 3.00
C THR R 36 -76.34 -59.94 3.09
N VAL R 37 -77.44 -59.34 3.49
CA VAL R 37 -77.65 -57.91 3.58
C VAL R 37 -77.60 -57.39 4.97
N GLU R 38 -76.68 -56.49 5.33
CA GLU R 38 -76.68 -56.01 6.73
C GLU R 38 -76.78 -54.50 6.73
N HIS R 39 -77.26 -54.01 7.86
CA HIS R 39 -77.39 -52.56 8.06
C HIS R 39 -76.87 -52.13 9.42
N PRO R 40 -75.54 -52.22 9.58
CA PRO R 40 -74.89 -51.82 10.83
C PRO R 40 -75.11 -50.36 11.04
N ASP R 41 -75.13 -49.99 12.31
CA ASP R 41 -75.25 -48.56 12.76
C ASP R 41 -73.99 -47.76 12.41
N LYS R 42 -73.93 -46.50 12.07
CA LYS R 42 -72.62 -45.91 11.75
C LYS R 42 -71.86 -46.66 10.69
N LEU R 43 -72.53 -47.23 9.71
CA LEU R 43 -71.68 -48.07 8.81
C LEU R 43 -70.64 -47.23 8.03
N GLU R 44 -71.03 -45.99 7.85
CA GLU R 44 -70.23 -45.08 7.01
C GLU R 44 -68.90 -44.74 7.66
N GLU R 45 -68.98 -44.97 8.94
CA GLU R 45 -67.88 -44.82 9.92
C GLU R 45 -67.22 -46.15 10.15
N LYS R 46 -67.99 -47.21 10.30
CA LYS R 46 -67.48 -48.52 10.52
C LYS R 46 -66.76 -48.95 9.28
N PHE R 47 -67.20 -48.66 8.05
CA PHE R 47 -66.51 -49.21 6.89
C PHE R 47 -64.98 -49.01 6.81
N PRO R 48 -64.56 -47.76 6.96
CA PRO R 48 -63.13 -47.41 6.77
C PRO R 48 -62.32 -48.17 7.80
N GLN R 49 -62.99 -48.31 8.98
CA GLN R 49 -62.28 -49.02 10.04
C GLN R 49 -62.05 -50.49 9.67
N VAL R 50 -63.04 -51.30 9.41
CA VAL R 50 -62.85 -52.70 9.10
C VAL R 50 -62.28 -52.91 7.72
N ALA R 51 -62.55 -52.04 6.74
CA ALA R 51 -62.04 -52.29 5.37
C ALA R 51 -60.52 -52.09 5.27
N ALA R 52 -60.13 -51.21 6.19
CA ALA R 52 -58.72 -50.78 6.29
C ALA R 52 -57.89 -52.02 6.57
N THR R 53 -58.46 -52.92 7.40
CA THR R 53 -57.88 -54.21 7.79
C THR R 53 -58.10 -55.23 6.67
N GLY R 54 -58.61 -54.80 5.54
CA GLY R 54 -58.78 -55.82 4.48
C GLY R 54 -60.05 -56.60 4.70
N ASP R 55 -60.92 -56.19 5.69
CA ASP R 55 -62.22 -57.02 5.72
C ASP R 55 -63.43 -56.12 5.41
N GLY R 56 -64.60 -56.34 6.02
CA GLY R 56 -65.84 -55.53 5.79
C GLY R 56 -66.76 -56.17 4.78
N PRO R 57 -67.70 -55.44 4.16
CA PRO R 57 -68.61 -56.01 3.16
C PRO R 57 -67.95 -56.12 1.84
N ASP R 58 -68.44 -56.90 0.93
CA ASP R 58 -67.96 -56.95 -0.46
C ASP R 58 -68.39 -55.61 -1.13
N ILE R 59 -69.66 -55.22 -0.77
CA ILE R 59 -70.30 -54.00 -1.31
C ILE R 59 -70.93 -53.15 -0.19
N ILE R 60 -70.67 -51.83 -0.33
CA ILE R 60 -71.05 -50.74 0.50
C ILE R 60 -71.86 -49.69 -0.25
N PHE R 61 -72.98 -49.36 0.39
CA PHE R 61 -73.91 -48.34 -0.11
C PHE R 61 -73.92 -47.12 0.89
N TRP R 62 -73.71 -45.96 0.28
CA TRP R 62 -73.81 -44.70 1.03
C TRP R 62 -74.04 -43.63 -0.04
N ALA R 63 -74.44 -42.37 0.39
CA ALA R 63 -74.49 -41.18 -0.45
C ALA R 63 -73.04 -40.98 -1.00
N HIS R 64 -72.84 -40.37 -2.13
CA HIS R 64 -71.47 -40.29 -2.72
C HIS R 64 -70.53 -39.41 -1.99
N ASP R 65 -71.00 -38.44 -1.10
CA ASP R 65 -70.05 -37.52 -0.39
C ASP R 65 -68.96 -38.27 0.41
N ARG R 66 -69.19 -39.49 0.86
CA ARG R 66 -68.24 -40.25 1.68
C ARG R 66 -67.23 -40.98 0.75
N PHE R 67 -67.53 -41.20 -0.51
CA PHE R 67 -66.67 -42.01 -1.42
C PHE R 67 -65.28 -41.41 -1.74
N GLY R 68 -65.04 -40.16 -1.92
CA GLY R 68 -63.73 -39.55 -2.19
C GLY R 68 -62.77 -39.96 -1.08
N GLY R 69 -63.18 -39.95 0.14
CA GLY R 69 -62.35 -40.28 1.28
C GLY R 69 -62.03 -41.74 1.29
N TYR R 70 -62.97 -42.62 0.98
CA TYR R 70 -62.74 -44.04 0.97
C TYR R 70 -61.70 -44.32 -0.10
N ALA R 71 -61.83 -43.79 -1.27
CA ALA R 71 -60.98 -43.94 -2.44
C ALA R 71 -59.56 -43.45 -2.12
N GLN R 72 -59.38 -42.30 -1.52
CA GLN R 72 -58.07 -41.77 -1.14
C GLN R 72 -57.32 -42.65 -0.12
N SER R 73 -58.04 -43.32 0.73
CA SER R 73 -57.50 -44.24 1.70
C SER R 73 -57.21 -45.62 1.07
N GLY R 74 -57.51 -45.75 -0.18
CA GLY R 74 -57.49 -46.91 -1.06
C GLY R 74 -58.52 -48.01 -0.76
N LEU R 75 -59.77 -47.82 -0.40
CA LEU R 75 -60.72 -48.86 0.08
C LEU R 75 -61.70 -49.37 -0.93
N LEU R 76 -61.62 -48.71 -2.09
CA LEU R 76 -62.53 -49.10 -3.14
C LEU R 76 -61.80 -49.48 -4.43
N ALA R 77 -62.39 -50.38 -5.15
CA ALA R 77 -61.95 -50.78 -6.46
C ALA R 77 -62.56 -49.86 -7.50
N GLU R 78 -61.76 -49.63 -8.55
CA GLU R 78 -62.14 -48.86 -9.73
C GLU R 78 -63.07 -49.85 -10.50
N ILE R 79 -64.20 -49.30 -10.88
CA ILE R 79 -65.18 -50.08 -11.62
C ILE R 79 -64.98 -49.61 -13.06
N THR R 80 -65.44 -50.49 -13.94
CA THR R 80 -65.40 -50.32 -15.41
C THR R 80 -66.61 -50.81 -16.20
N PRO R 81 -67.59 -49.95 -16.30
CA PRO R 81 -68.80 -50.32 -17.08
C PRO R 81 -68.48 -49.86 -18.49
N ASP R 82 -68.97 -50.54 -19.50
CA ASP R 82 -68.67 -49.99 -20.84
C ASP R 82 -69.80 -49.02 -21.15
N LYS R 83 -69.43 -48.17 -22.04
CA LYS R 83 -70.22 -47.09 -22.60
C LYS R 83 -71.67 -47.52 -22.83
N ALA R 84 -71.84 -48.84 -22.97
CA ALA R 84 -73.22 -49.28 -23.23
C ALA R 84 -73.83 -49.25 -21.82
N PHE R 85 -73.18 -49.91 -20.90
CA PHE R 85 -73.82 -49.88 -19.58
C PHE R 85 -73.89 -48.46 -19.07
N GLN R 86 -72.84 -47.70 -19.31
CA GLN R 86 -72.79 -46.33 -18.84
C GLN R 86 -73.95 -45.47 -19.30
N ASP R 87 -74.40 -45.77 -20.50
CA ASP R 87 -75.42 -45.17 -21.35
C ASP R 87 -76.83 -45.25 -20.77
N LYS R 88 -77.04 -46.26 -20.00
CA LYS R 88 -78.29 -46.50 -19.28
C LYS R 88 -78.54 -45.53 -18.12
N LEU R 89 -77.54 -44.83 -17.64
CA LEU R 89 -77.61 -43.93 -16.52
C LEU R 89 -77.45 -42.48 -16.88
N TYR R 90 -78.12 -41.67 -16.09
CA TYR R 90 -77.90 -40.24 -16.31
C TYR R 90 -76.41 -39.96 -16.03
N PRO R 91 -75.80 -39.24 -16.95
CA PRO R 91 -74.37 -38.87 -16.83
C PRO R 91 -74.04 -37.99 -15.65
N PHE R 92 -74.89 -37.09 -15.24
CA PHE R 92 -74.45 -36.29 -14.06
C PHE R 92 -74.30 -37.27 -12.91
N THR R 93 -74.94 -38.44 -12.93
CA THR R 93 -74.80 -39.42 -11.81
C THR R 93 -73.45 -40.13 -11.82
N TRP R 94 -72.83 -40.32 -13.04
CA TRP R 94 -71.47 -40.95 -13.07
C TRP R 94 -70.46 -39.93 -12.59
N ASP R 95 -70.60 -38.68 -12.73
CA ASP R 95 -69.74 -37.61 -12.39
C ASP R 95 -69.57 -37.50 -10.86
N ALA R 96 -70.69 -37.84 -10.21
CA ALA R 96 -70.77 -37.82 -8.75
C ALA R 96 -69.88 -38.89 -8.18
N VAL R 97 -69.56 -39.94 -8.96
CA VAL R 97 -68.80 -41.08 -8.42
C VAL R 97 -67.41 -41.19 -9.05
N ARG R 98 -66.94 -40.10 -9.47
CA ARG R 98 -65.60 -40.01 -10.09
C ARG R 98 -64.69 -39.39 -9.09
N TYR R 99 -63.58 -40.00 -8.86
CA TYR R 99 -62.61 -39.43 -7.96
C TYR R 99 -61.27 -39.47 -8.74
N ASN R 100 -60.73 -38.30 -8.99
CA ASN R 100 -59.47 -38.13 -9.71
C ASN R 100 -59.61 -38.75 -11.10
N GLY R 101 -60.74 -38.56 -11.74
CA GLY R 101 -61.15 -39.05 -13.02
C GLY R 101 -61.56 -40.49 -13.10
N LYS R 102 -61.34 -41.38 -12.16
CA LYS R 102 -61.70 -42.82 -12.16
C LYS R 102 -63.15 -43.05 -11.60
N LEU R 103 -63.81 -44.05 -12.02
CA LEU R 103 -65.14 -44.27 -11.42
C LEU R 103 -64.93 -45.15 -10.22
N ILE R 104 -65.50 -44.83 -9.05
CA ILE R 104 -65.26 -45.67 -7.84
C ILE R 104 -66.49 -46.29 -7.18
N ALA R 105 -67.59 -46.08 -7.97
CA ALA R 105 -68.89 -46.65 -7.54
C ALA R 105 -69.94 -46.53 -8.64
N TYR R 106 -71.02 -47.30 -8.43
CA TYR R 106 -72.23 -47.31 -9.26
C TYR R 106 -73.29 -46.40 -8.55
N PRO R 107 -73.77 -45.46 -9.27
CA PRO R 107 -74.78 -44.50 -8.80
C PRO R 107 -76.11 -45.23 -8.86
N ILE R 108 -76.95 -45.10 -7.85
CA ILE R 108 -78.22 -45.80 -7.74
C ILE R 108 -79.40 -44.84 -7.79
N ALA R 109 -79.33 -43.76 -6.97
CA ALA R 109 -80.54 -42.86 -6.92
C ALA R 109 -80.14 -41.53 -6.43
N VAL R 110 -80.87 -40.52 -6.69
CA VAL R 110 -80.73 -39.11 -6.45
C VAL R 110 -81.72 -38.71 -5.35
N GLU R 111 -81.01 -38.36 -4.24
CA GLU R 111 -81.79 -38.01 -2.98
C GLU R 111 -81.82 -36.56 -2.68
N ALA R 112 -83.00 -35.88 -2.40
CA ALA R 112 -83.08 -34.50 -2.00
C ALA R 112 -84.22 -34.48 -0.94
N LEU R 113 -84.02 -33.69 0.06
CA LEU R 113 -85.07 -33.47 1.09
C LEU R 113 -86.22 -32.66 0.48
N SER R 114 -87.45 -32.86 0.94
CA SER R 114 -88.69 -32.14 0.58
C SER R 114 -89.52 -31.73 1.84
N LEU R 115 -90.42 -30.78 1.64
CA LEU R 115 -91.32 -30.42 2.74
C LEU R 115 -92.43 -31.45 2.61
N ILE R 116 -92.79 -32.14 3.65
CA ILE R 116 -93.94 -33.10 3.72
C ILE R 116 -94.96 -32.47 4.65
N TYR R 117 -96.20 -32.40 4.19
CA TYR R 117 -97.19 -31.66 5.09
C TYR R 117 -98.44 -32.54 5.15
N ASN R 118 -99.16 -32.29 6.28
CA ASN R 118 -100.42 -33.07 6.56
C ASN R 118 -101.53 -32.29 5.88
N LYS R 119 -102.08 -32.81 4.81
CA LYS R 119 -103.14 -32.07 4.06
C LYS R 119 -104.44 -31.74 4.85
N ASP R 120 -104.58 -32.50 5.89
CA ASP R 120 -105.73 -32.37 6.79
C ASP R 120 -105.47 -31.28 7.81
N LEU R 121 -104.29 -31.03 8.32
CA LEU R 121 -104.05 -29.89 9.23
C LEU R 121 -103.72 -28.66 8.37
N LEU R 122 -103.17 -28.84 7.19
CA LEU R 122 -102.66 -27.75 6.30
C LEU R 122 -102.81 -28.00 4.83
N PRO R 123 -103.99 -27.81 4.31
CA PRO R 123 -104.28 -28.08 2.90
C PRO R 123 -103.28 -27.33 2.05
N ASN R 124 -102.90 -26.13 2.45
CA ASN R 124 -101.89 -25.31 1.68
C ASN R 124 -100.60 -25.09 2.52
N PRO R 125 -99.51 -25.60 2.00
CA PRO R 125 -98.21 -25.49 2.72
C PRO R 125 -97.72 -24.08 2.63
N PRO R 126 -96.99 -23.65 3.65
CA PRO R 126 -96.42 -22.29 3.69
C PRO R 126 -95.39 -22.13 2.56
N LYS R 127 -95.23 -20.95 2.01
CA LYS R 127 -94.25 -20.81 0.93
C LYS R 127 -92.92 -20.23 1.44
N THR R 128 -92.98 -19.85 2.72
CA THR R 128 -91.85 -19.12 3.35
C THR R 128 -91.52 -19.60 4.71
N TRP R 129 -90.21 -19.62 5.05
CA TRP R 129 -89.83 -20.05 6.38
C TRP R 129 -90.41 -19.03 7.36
N GLU R 130 -90.42 -17.76 6.88
CA GLU R 130 -90.83 -16.65 7.78
C GLU R 130 -92.26 -16.75 8.28
N GLU R 131 -93.14 -17.38 7.57
CA GLU R 131 -94.54 -17.45 8.15
C GLU R 131 -94.73 -18.64 9.01
N ILE R 132 -93.69 -19.36 9.36
CA ILE R 132 -93.84 -20.56 10.16
C ILE R 132 -94.16 -20.22 11.60
N PRO R 133 -93.53 -19.23 12.18
CA PRO R 133 -93.78 -18.90 13.62
C PRO R 133 -95.29 -18.62 13.87
N ALA R 134 -95.88 -17.78 13.02
CA ALA R 134 -97.29 -17.42 13.11
C ALA R 134 -98.17 -18.68 13.04
N LEU R 135 -97.75 -19.45 12.04
CA LEU R 135 -98.48 -20.71 11.81
C LEU R 135 -98.46 -21.59 13.04
N ASP R 136 -97.40 -21.75 13.75
CA ASP R 136 -97.23 -22.60 14.94
C ASP R 136 -98.16 -22.10 16.12
N LYS R 137 -98.15 -20.79 16.19
CA LYS R 137 -98.96 -20.02 17.16
C LYS R 137 -100.42 -20.55 17.03
N GLU R 138 -100.94 -20.54 15.85
CA GLU R 138 -102.31 -20.97 15.51
C GLU R 138 -102.60 -22.43 15.77
N LEU R 139 -101.70 -23.33 15.41
CA LEU R 139 -101.86 -24.77 15.57
C LEU R 139 -101.77 -25.14 17.03
N LYS R 140 -100.88 -24.53 17.75
CA LYS R 140 -100.56 -24.78 19.13
C LYS R 140 -101.74 -24.57 20.12
N ALA R 141 -102.61 -23.71 19.74
CA ALA R 141 -103.85 -23.27 20.34
C ALA R 141 -104.86 -24.41 20.23
N LYS R 142 -104.55 -25.28 19.28
CA LYS R 142 -105.35 -26.49 18.91
C LYS R 142 -104.67 -27.79 19.30
N GLY R 143 -103.68 -27.76 20.16
CA GLY R 143 -102.83 -28.78 20.67
C GLY R 143 -101.75 -29.32 19.69
N LYS R 144 -101.56 -28.78 18.50
CA LYS R 144 -100.61 -29.24 17.45
C LYS R 144 -99.40 -28.31 17.36
N SER R 145 -98.53 -28.59 16.34
CA SER R 145 -97.31 -27.79 16.01
C SER R 145 -97.19 -27.74 14.46
N ALA R 146 -96.54 -26.70 14.05
CA ALA R 146 -96.35 -26.46 12.66
C ALA R 146 -95.31 -27.42 12.05
N LEU R 147 -94.16 -27.61 12.66
CA LEU R 147 -93.05 -28.35 12.08
C LEU R 147 -92.15 -29.06 12.99
N MET R 148 -91.70 -30.29 12.64
CA MET R 148 -90.72 -30.92 13.49
C MET R 148 -89.83 -31.70 12.55
N PHE R 149 -88.54 -31.60 12.72
CA PHE R 149 -87.63 -32.43 11.79
C PHE R 149 -86.37 -32.70 12.58
N ASN R 150 -85.57 -33.62 12.10
CA ASN R 150 -84.34 -34.03 12.77
C ASN R 150 -83.34 -32.87 12.90
N LEU R 151 -83.03 -32.38 14.08
CA LEU R 151 -82.09 -31.33 14.34
C LEU R 151 -80.70 -31.85 14.74
N GLN R 152 -80.58 -33.11 14.94
CA GLN R 152 -79.38 -33.74 15.35
C GLN R 152 -78.46 -33.97 14.14
N GLU R 153 -78.88 -34.10 12.95
CA GLU R 153 -78.13 -34.33 11.64
C GLU R 153 -78.10 -33.10 10.75
N PRO R 154 -76.88 -32.57 10.52
CA PRO R 154 -76.70 -31.29 9.83
C PRO R 154 -77.29 -31.24 8.45
N TYR R 155 -77.44 -32.47 7.92
CA TYR R 155 -78.03 -32.68 6.58
C TYR R 155 -79.47 -32.07 6.50
N PHE R 156 -80.17 -32.10 7.63
CA PHE R 156 -81.61 -31.63 7.64
C PHE R 156 -81.80 -30.13 7.74
N THR R 157 -80.77 -29.60 8.42
CA THR R 157 -80.67 -28.14 8.63
C THR R 157 -79.91 -27.38 7.51
N TRP R 158 -78.97 -27.99 6.77
CA TRP R 158 -78.23 -27.33 5.72
C TRP R 158 -79.07 -26.62 4.76
N PRO R 159 -80.24 -27.02 4.29
CA PRO R 159 -80.99 -26.21 3.29
C PRO R 159 -81.28 -24.80 3.69
N LEU R 160 -81.53 -24.58 4.99
CA LEU R 160 -81.83 -23.23 5.49
C LEU R 160 -80.53 -22.39 5.60
N ILE R 161 -79.45 -23.09 6.07
CA ILE R 161 -78.14 -22.41 6.20
C ILE R 161 -77.60 -21.97 4.84
N ALA R 162 -77.77 -22.83 3.89
CA ALA R 162 -77.30 -22.50 2.55
C ALA R 162 -78.24 -21.55 1.87
N ALA R 163 -79.55 -21.37 2.14
CA ALA R 163 -80.46 -20.54 1.39
C ALA R 163 -80.01 -19.15 1.06
N ASP R 164 -79.58 -18.37 2.03
CA ASP R 164 -79.14 -16.98 1.89
C ASP R 164 -77.61 -16.90 1.64
N GLY R 165 -76.94 -18.00 1.30
CA GLY R 165 -75.50 -17.95 0.97
C GLY R 165 -74.58 -18.86 1.67
N GLY R 166 -74.88 -19.68 2.68
CA GLY R 166 -73.84 -20.53 3.31
C GLY R 166 -73.37 -21.48 2.27
N TYR R 167 -72.15 -22.00 2.39
CA TYR R 167 -71.65 -22.99 1.35
C TYR R 167 -70.53 -23.83 1.99
N ALA R 168 -70.34 -25.03 1.48
CA ALA R 168 -69.28 -25.91 2.01
C ALA R 168 -67.90 -25.45 1.51
N PHE R 169 -67.51 -25.79 0.33
CA PHE R 169 -66.25 -25.52 -0.39
C PHE R 169 -66.60 -24.83 -1.73
N LYS R 170 -65.93 -23.78 -1.98
CA LYS R 170 -66.06 -23.02 -3.20
C LYS R 170 -65.47 -23.91 -4.35
N TYR R 171 -66.26 -24.06 -5.39
CA TYR R 171 -65.95 -24.76 -6.57
C TYR R 171 -65.26 -23.71 -7.48
N GLU R 172 -63.96 -23.80 -7.73
CA GLU R 172 -63.33 -22.75 -8.52
C GLU R 172 -62.38 -23.34 -9.53
N ASN R 173 -62.66 -23.17 -10.80
CA ASN R 173 -61.85 -23.67 -11.96
C ASN R 173 -61.48 -25.17 -11.82
N GLY R 174 -62.56 -25.94 -12.13
CA GLY R 174 -62.46 -27.40 -12.13
C GLY R 174 -62.23 -28.12 -10.80
N LYS R 175 -62.09 -27.28 -9.74
CA LYS R 175 -61.94 -28.01 -8.46
C LYS R 175 -62.40 -27.15 -7.31
N TYR R 176 -62.52 -27.87 -6.18
CA TYR R 176 -62.92 -27.37 -4.89
C TYR R 176 -61.68 -26.81 -4.17
N ASP R 177 -61.85 -25.57 -3.73
CA ASP R 177 -60.88 -24.89 -2.91
C ASP R 177 -61.25 -25.24 -1.42
N ILE R 178 -60.37 -26.05 -0.87
CA ILE R 178 -60.47 -26.53 0.51
C ILE R 178 -60.23 -25.47 1.58
N LYS R 179 -59.74 -24.31 1.13
CA LYS R 179 -59.46 -23.25 2.09
C LYS R 179 -60.54 -22.21 1.95
N ASP R 180 -61.41 -22.30 0.97
CA ASP R 180 -62.52 -21.35 0.81
C ASP R 180 -63.84 -22.06 1.23
N VAL R 181 -64.26 -21.79 2.51
CA VAL R 181 -65.42 -22.37 3.15
C VAL R 181 -66.50 -21.34 3.44
N GLY R 182 -67.81 -21.66 3.41
CA GLY R 182 -68.81 -20.56 3.60
C GLY R 182 -69.76 -20.89 4.67
N VAL R 183 -69.08 -21.38 5.73
CA VAL R 183 -69.92 -21.83 6.92
C VAL R 183 -70.07 -20.71 7.89
N ASP R 184 -69.27 -19.70 7.83
CA ASP R 184 -69.40 -18.58 8.74
C ASP R 184 -69.68 -17.28 8.06
N ASN R 185 -70.17 -17.31 6.84
CA ASN R 185 -70.42 -16.00 6.15
C ASN R 185 -71.82 -15.44 6.58
N ALA R 186 -72.18 -14.29 6.05
CA ALA R 186 -73.42 -13.62 6.44
C ALA R 186 -74.61 -14.52 6.09
N GLY R 187 -74.70 -15.27 5.05
CA GLY R 187 -75.92 -16.10 4.77
C GLY R 187 -76.10 -17.24 5.70
N ALA R 188 -74.97 -17.86 5.99
CA ALA R 188 -74.93 -18.98 6.93
C ALA R 188 -75.35 -18.49 8.35
N LYS R 189 -74.82 -17.35 8.75
CA LYS R 189 -75.21 -16.77 10.07
C LYS R 189 -76.75 -16.41 10.09
N ALA R 190 -77.29 -15.85 9.06
CA ALA R 190 -78.72 -15.47 9.02
C ALA R 190 -79.64 -16.71 9.18
N GLY R 191 -79.23 -17.79 8.47
CA GLY R 191 -79.89 -19.09 8.45
C GLY R 191 -79.94 -19.78 9.78
N LEU R 192 -78.74 -19.93 10.41
CA LEU R 192 -78.74 -20.56 11.74
C LEU R 192 -79.47 -19.73 12.82
N THR R 193 -79.36 -18.41 12.70
CA THR R 193 -80.01 -17.49 13.65
C THR R 193 -81.53 -17.71 13.65
N PHE R 194 -82.07 -17.75 12.49
CA PHE R 194 -83.47 -18.04 12.22
C PHE R 194 -83.80 -19.36 12.88
N LEU R 195 -83.07 -20.39 12.72
CA LEU R 195 -83.37 -21.65 13.33
C LEU R 195 -83.39 -21.55 14.89
N VAL R 196 -82.39 -20.97 15.46
CA VAL R 196 -82.17 -20.84 16.89
C VAL R 196 -83.35 -20.01 17.45
N ASP R 197 -83.82 -19.03 16.70
CA ASP R 197 -84.91 -18.19 17.12
C ASP R 197 -86.21 -19.02 17.23
N LEU R 198 -86.37 -20.02 16.39
CA LEU R 198 -87.51 -20.92 16.35
C LEU R 198 -87.57 -21.68 17.68
N ILE R 199 -86.42 -22.09 18.09
CA ILE R 199 -86.28 -22.81 19.34
C ILE R 199 -86.45 -21.83 20.50
N LYS R 200 -85.71 -20.78 20.51
CA LYS R 200 -85.79 -19.76 21.54
C LYS R 200 -87.23 -19.49 21.95
N ASN R 201 -88.01 -19.26 20.92
CA ASN R 201 -89.43 -18.85 20.97
C ASN R 201 -90.41 -20.00 21.06
N LYS R 202 -89.91 -21.13 21.40
CA LYS R 202 -90.68 -22.36 21.61
C LYS R 202 -91.46 -22.91 20.47
N HIS R 203 -91.00 -22.69 19.23
CA HIS R 203 -91.73 -23.26 18.09
C HIS R 203 -91.21 -24.64 17.79
N MET R 204 -90.01 -24.89 18.27
CA MET R 204 -89.25 -26.09 18.06
C MET R 204 -88.42 -26.48 19.21
N ASN R 205 -88.08 -27.74 19.38
CA ASN R 205 -87.19 -28.08 20.51
C ASN R 205 -85.87 -28.61 19.97
N ALA R 206 -84.85 -28.21 20.65
CA ALA R 206 -83.48 -28.50 20.48
C ALA R 206 -83.19 -29.97 20.47
N ASP R 207 -84.07 -30.75 21.11
CA ASP R 207 -83.74 -32.19 21.17
C ASP R 207 -84.34 -32.99 20.02
N THR R 208 -85.27 -32.45 19.21
CA THR R 208 -85.85 -33.30 18.17
C THR R 208 -84.82 -34.06 17.33
N ASP R 209 -85.11 -35.38 17.30
CA ASP R 209 -84.28 -36.24 16.48
C ASP R 209 -85.17 -36.87 15.37
N TYR R 210 -84.61 -37.82 14.66
CA TYR R 210 -85.27 -38.55 13.56
C TYR R 210 -86.54 -39.27 14.00
N SER R 211 -86.43 -40.05 15.01
CA SER R 211 -87.58 -40.76 15.61
C SER R 211 -88.61 -39.84 16.17
N ILE R 212 -88.30 -38.88 17.01
CA ILE R 212 -89.30 -37.96 17.60
C ILE R 212 -90.07 -37.28 16.48
N ALA R 213 -89.27 -36.76 15.42
CA ALA R 213 -89.94 -36.05 14.27
C ALA R 213 -90.83 -36.96 13.48
N GLU R 214 -90.27 -38.14 13.22
CA GLU R 214 -91.10 -39.13 12.49
C GLU R 214 -92.34 -39.51 13.28
N ALA R 215 -92.30 -39.90 14.52
CA ALA R 215 -93.51 -40.26 15.29
C ALA R 215 -94.49 -39.12 15.37
N ALA R 216 -93.94 -37.92 15.54
CA ALA R 216 -94.82 -36.75 15.61
C ALA R 216 -95.63 -36.63 14.37
N PHE R 217 -94.99 -36.65 13.16
CA PHE R 217 -95.86 -36.39 11.97
C PHE R 217 -96.80 -37.53 11.68
N ASN R 218 -96.34 -38.75 11.88
CA ASN R 218 -97.04 -39.97 11.58
C ASN R 218 -98.28 -40.14 12.53
N LYS R 219 -98.21 -39.54 13.73
CA LYS R 219 -99.36 -39.61 14.66
C LYS R 219 -100.32 -38.47 14.54
N GLY R 220 -100.04 -37.55 13.67
CA GLY R 220 -100.85 -36.37 13.42
C GLY R 220 -100.59 -35.24 14.33
N GLU R 221 -99.51 -35.27 15.08
CA GLU R 221 -99.31 -34.08 15.99
C GLU R 221 -98.64 -32.88 15.41
N THR R 222 -97.86 -33.03 14.32
CA THR R 222 -97.21 -31.84 13.75
C THR R 222 -97.74 -31.72 12.35
N ALA R 223 -97.90 -30.48 11.81
CA ALA R 223 -98.43 -30.39 10.46
C ALA R 223 -97.36 -30.61 9.37
N MET R 224 -96.07 -30.49 9.61
CA MET R 224 -95.03 -30.65 8.51
C MET R 224 -93.79 -31.26 9.09
N THR R 225 -93.01 -31.86 8.18
CA THR R 225 -91.68 -32.44 8.60
C THR R 225 -90.79 -32.29 7.35
N ILE R 226 -89.52 -32.45 7.45
CA ILE R 226 -88.63 -32.35 6.26
C ILE R 226 -87.99 -33.70 6.22
N ASN R 227 -88.04 -34.45 5.17
CA ASN R 227 -87.38 -35.74 5.08
C ASN R 227 -87.17 -36.14 3.56
N GLY R 228 -86.46 -37.25 3.35
CA GLY R 228 -86.16 -37.79 2.04
C GLY R 228 -87.14 -38.89 1.68
N PRO R 229 -87.01 -39.40 0.43
CA PRO R 229 -87.91 -40.36 -0.13
C PRO R 229 -88.12 -41.61 0.70
N TRP R 230 -87.07 -42.12 1.39
CA TRP R 230 -87.04 -43.26 2.22
C TRP R 230 -88.09 -43.16 3.36
N ALA R 231 -88.50 -42.03 3.85
CA ALA R 231 -89.53 -41.90 4.91
C ALA R 231 -90.95 -42.10 4.40
N TRP R 232 -91.25 -42.09 3.10
CA TRP R 232 -92.60 -42.07 2.56
C TRP R 232 -93.35 -43.34 2.98
N SER R 233 -92.60 -44.42 3.00
CA SER R 233 -93.21 -45.74 3.36
C SER R 233 -93.95 -45.79 4.68
N ASN R 234 -93.33 -45.27 5.69
CA ASN R 234 -93.99 -45.29 7.03
C ASN R 234 -95.22 -44.33 7.10
N ILE R 235 -95.08 -43.23 6.37
CA ILE R 235 -96.14 -42.29 6.27
C ILE R 235 -97.33 -43.03 5.63
N ASP R 236 -97.07 -43.78 4.58
CA ASP R 236 -98.21 -44.38 3.85
C ASP R 236 -99.03 -45.31 4.78
N THR R 237 -98.17 -45.99 5.53
CA THR R 237 -98.56 -46.99 6.48
C THR R 237 -99.39 -46.40 7.64
N SER R 238 -99.11 -45.17 7.95
CA SER R 238 -99.87 -44.51 9.03
C SER R 238 -101.15 -43.89 8.42
N LYS R 239 -101.28 -43.94 7.07
CA LYS R 239 -102.38 -43.35 6.32
C LYS R 239 -102.49 -41.84 6.55
N VAL R 240 -101.49 -41.07 7.05
CA VAL R 240 -101.77 -39.59 7.17
C VAL R 240 -102.13 -39.15 5.75
N ASN R 241 -102.84 -38.07 5.53
CA ASN R 241 -103.13 -37.49 4.19
C ASN R 241 -102.04 -36.38 3.94
N TYR R 242 -100.93 -36.82 3.32
CA TYR R 242 -99.76 -35.96 3.11
C TYR R 242 -99.44 -35.52 1.71
N GLY R 243 -98.76 -34.35 1.63
CA GLY R 243 -98.33 -33.94 0.27
C GLY R 243 -96.78 -33.85 0.45
N VAL R 244 -96.12 -33.78 -0.69
CA VAL R 244 -94.62 -33.65 -0.71
C VAL R 244 -94.39 -32.40 -1.55
N THR R 245 -93.69 -31.36 -1.08
CA THR R 245 -93.51 -30.25 -2.04
C THR R 245 -92.15 -29.56 -1.92
N VAL R 246 -91.99 -28.44 -2.61
CA VAL R 246 -90.75 -27.68 -2.51
C VAL R 246 -90.53 -27.17 -1.07
N LEU R 247 -89.33 -27.09 -0.60
CA LEU R 247 -89.02 -26.46 0.67
C LEU R 247 -89.33 -24.96 0.63
N PRO R 248 -89.65 -24.37 1.80
CA PRO R 248 -89.92 -22.90 1.81
C PRO R 248 -88.64 -22.07 1.53
N THR R 249 -88.86 -20.84 1.13
CA THR R 249 -87.82 -19.88 0.86
C THR R 249 -87.47 -19.19 2.15
N PHE R 250 -86.26 -18.61 2.13
CA PHE R 250 -85.82 -17.89 3.28
C PHE R 250 -85.28 -16.59 2.64
N LYS R 251 -85.74 -15.44 3.02
CA LYS R 251 -85.19 -14.13 2.55
C LYS R 251 -85.43 -14.09 1.05
N GLY R 252 -86.46 -14.81 0.66
CA GLY R 252 -86.83 -14.82 -0.76
C GLY R 252 -86.02 -15.78 -1.60
N GLN R 253 -85.02 -16.49 -1.01
CA GLN R 253 -84.23 -17.42 -1.85
C GLN R 253 -84.72 -18.82 -1.53
N PRO R 254 -84.56 -19.74 -2.48
CA PRO R 254 -84.92 -21.09 -2.27
C PRO R 254 -84.09 -21.72 -1.15
N SER R 255 -84.63 -22.61 -0.36
CA SER R 255 -83.87 -23.51 0.56
C SER R 255 -83.02 -24.37 -0.43
N LYS R 256 -81.81 -24.69 -0.09
CA LYS R 256 -80.90 -25.43 -1.05
C LYS R 256 -80.38 -26.67 -0.43
N PRO R 257 -81.06 -27.79 -0.61
CA PRO R 257 -80.58 -29.04 0.00
C PRO R 257 -79.26 -29.49 -0.65
N PHE R 258 -78.43 -30.17 0.07
CA PHE R 258 -77.25 -30.81 -0.47
C PHE R 258 -77.86 -32.03 -1.16
N VAL R 259 -77.52 -32.35 -2.37
CA VAL R 259 -78.07 -33.56 -3.01
C VAL R 259 -77.09 -34.69 -2.95
N GLY R 260 -77.59 -35.90 -2.60
CA GLY R 260 -76.80 -37.11 -2.47
C GLY R 260 -77.25 -38.06 -3.56
N VAL R 261 -76.27 -38.77 -4.09
CA VAL R 261 -76.39 -39.81 -5.10
C VAL R 261 -76.12 -41.07 -4.31
N LEU R 262 -77.13 -41.90 -3.94
CA LEU R 262 -77.02 -43.16 -3.29
C LEU R 262 -76.06 -43.99 -4.26
N SER R 263 -75.04 -44.54 -3.64
CA SER R 263 -74.01 -45.25 -4.42
C SER R 263 -73.57 -46.58 -3.77
N ALA R 264 -73.09 -47.52 -4.70
CA ALA R 264 -72.66 -48.88 -4.26
C ALA R 264 -71.19 -49.05 -4.66
N GLY R 265 -70.37 -49.24 -3.65
CA GLY R 265 -68.90 -49.38 -3.95
C GLY R 265 -68.44 -50.76 -3.63
N ILE R 266 -67.31 -51.16 -4.33
CA ILE R 266 -66.78 -52.55 -4.08
C ILE R 266 -65.50 -52.47 -3.30
N ASN R 267 -65.51 -53.22 -2.22
CA ASN R 267 -64.39 -53.28 -1.28
C ASN R 267 -63.24 -53.78 -2.12
N ALA R 268 -62.20 -52.94 -2.02
CA ALA R 268 -60.90 -53.23 -2.75
C ALA R 268 -60.37 -54.64 -2.31
N ALA R 269 -60.64 -54.94 -1.03
CA ALA R 269 -60.35 -56.15 -0.28
C ALA R 269 -61.25 -57.36 -0.63
N SER R 270 -62.24 -57.32 -1.50
CA SER R 270 -63.04 -58.44 -1.86
C SER R 270 -62.39 -59.29 -2.98
N PRO R 271 -62.57 -60.59 -2.78
CA PRO R 271 -62.26 -61.67 -3.69
C PRO R 271 -63.36 -61.85 -4.78
N ASN R 272 -64.53 -61.34 -4.37
CA ASN R 272 -65.76 -61.41 -5.16
C ASN R 272 -65.90 -60.24 -6.07
N LYS R 273 -65.02 -59.52 -6.70
CA LYS R 273 -65.36 -58.34 -7.48
C LYS R 273 -66.28 -58.52 -8.69
N GLU R 274 -66.03 -59.67 -9.34
CA GLU R 274 -66.69 -60.09 -10.56
C GLU R 274 -68.14 -60.45 -10.23
N LEU R 275 -68.39 -61.13 -9.17
CA LEU R 275 -69.71 -61.49 -8.64
C LEU R 275 -70.54 -60.19 -8.37
N ALA R 276 -69.80 -59.34 -7.65
CA ALA R 276 -70.23 -58.00 -7.21
C ALA R 276 -70.65 -57.25 -8.44
N LYS R 277 -69.72 -57.17 -9.41
CA LYS R 277 -70.14 -56.45 -10.65
C LYS R 277 -71.33 -57.12 -11.29
N GLU R 278 -71.43 -58.45 -11.35
CA GLU R 278 -72.58 -59.10 -12.05
C GLU R 278 -73.90 -58.61 -11.41
N PHE R 279 -73.99 -58.75 -10.14
CA PHE R 279 -75.05 -58.34 -9.20
C PHE R 279 -75.53 -56.91 -9.39
N LEU R 280 -74.57 -55.98 -9.36
CA LEU R 280 -74.92 -54.60 -9.48
C LEU R 280 -75.45 -54.34 -10.87
N GLU R 281 -74.60 -54.56 -11.88
CA GLU R 281 -74.98 -54.22 -13.28
C GLU R 281 -76.08 -55.03 -13.93
N ASN R 282 -76.18 -56.31 -13.58
CA ASN R 282 -77.19 -57.22 -14.12
C ASN R 282 -78.39 -57.60 -13.24
N TYR R 283 -78.39 -57.40 -11.94
CA TYR R 283 -79.51 -57.73 -11.04
C TYR R 283 -80.20 -56.48 -10.48
N LEU R 284 -79.37 -55.71 -9.73
CA LEU R 284 -79.90 -54.46 -9.09
C LEU R 284 -80.11 -53.34 -10.07
N LEU R 285 -79.15 -53.02 -10.85
CA LEU R 285 -79.30 -51.90 -11.76
C LEU R 285 -80.14 -52.23 -13.00
N THR R 286 -81.30 -52.80 -12.80
CA THR R 286 -82.31 -53.09 -13.82
C THR R 286 -83.62 -52.42 -13.45
N ASP R 287 -84.67 -52.47 -14.18
CA ASP R 287 -86.01 -51.91 -13.79
C ASP R 287 -86.59 -52.80 -12.71
N GLU R 288 -86.31 -54.06 -12.76
CA GLU R 288 -86.86 -55.03 -11.84
C GLU R 288 -86.24 -55.01 -10.51
N GLY R 289 -84.91 -54.86 -10.47
CA GLY R 289 -84.16 -54.84 -9.21
C GLY R 289 -84.46 -53.54 -8.45
N LEU R 290 -84.48 -52.46 -9.17
CA LEU R 290 -84.74 -51.13 -8.57
C LEU R 290 -86.16 -51.12 -7.96
N GLU R 291 -87.04 -51.78 -8.71
CA GLU R 291 -88.42 -51.79 -8.19
C GLU R 291 -88.60 -52.66 -6.97
N ALA R 292 -87.95 -53.73 -6.70
CA ALA R 292 -88.04 -54.54 -5.51
C ALA R 292 -87.61 -53.71 -4.30
N VAL R 293 -86.55 -52.91 -4.54
CA VAL R 293 -85.97 -52.04 -3.52
C VAL R 293 -86.96 -50.88 -3.22
N ASN R 294 -87.40 -50.13 -4.22
CA ASN R 294 -88.28 -49.01 -4.16
C ASN R 294 -89.63 -49.34 -3.54
N LYS R 295 -90.14 -50.51 -3.60
CA LYS R 295 -91.42 -50.98 -2.99
C LYS R 295 -91.17 -51.13 -1.50
N ASP R 296 -89.96 -51.47 -1.08
CA ASP R 296 -89.60 -51.53 0.34
C ASP R 296 -89.50 -50.11 0.88
N LYS R 297 -88.51 -49.34 0.52
CA LYS R 297 -88.39 -47.88 0.93
C LYS R 297 -88.15 -47.11 -0.32
N PRO R 298 -88.90 -46.14 -0.75
CA PRO R 298 -88.69 -45.43 -2.00
C PRO R 298 -87.30 -44.88 -2.12
N LEU R 299 -86.73 -44.98 -3.34
CA LEU R 299 -85.37 -44.46 -3.59
C LEU R 299 -85.25 -43.00 -3.90
N GLY R 300 -86.22 -42.34 -4.47
CA GLY R 300 -86.13 -40.96 -4.91
C GLY R 300 -86.10 -41.15 -6.50
N ALA R 301 -85.38 -40.23 -7.08
CA ALA R 301 -85.20 -40.18 -8.56
C ALA R 301 -84.14 -41.19 -8.87
N VAL R 302 -84.20 -42.25 -9.65
CA VAL R 302 -83.22 -43.29 -9.91
C VAL R 302 -82.27 -42.86 -11.03
N ALA R 303 -81.05 -43.39 -10.97
CA ALA R 303 -80.11 -42.97 -12.08
C ALA R 303 -80.38 -43.74 -13.36
N LEU R 304 -81.08 -44.86 -13.30
CA LEU R 304 -81.46 -45.72 -14.47
C LEU R 304 -82.60 -45.01 -15.20
N LYS R 305 -82.18 -44.59 -16.43
CA LYS R 305 -83.17 -43.81 -17.22
C LYS R 305 -84.52 -44.45 -17.45
N SER R 306 -84.57 -45.70 -17.70
CA SER R 306 -85.71 -46.54 -18.06
C SER R 306 -86.72 -46.54 -16.93
N TYR R 307 -86.27 -46.90 -15.74
CA TYR R 307 -87.06 -46.86 -14.49
C TYR R 307 -87.47 -45.45 -14.08
N GLU R 308 -86.52 -44.48 -14.23
CA GLU R 308 -86.77 -43.12 -13.82
C GLU R 308 -87.97 -42.53 -14.56
N GLU R 309 -88.00 -43.05 -15.79
CA GLU R 309 -89.08 -42.70 -16.75
C GLU R 309 -90.47 -43.07 -16.22
N GLU R 310 -90.57 -44.19 -15.51
CA GLU R 310 -91.82 -44.66 -14.96
C GLU R 310 -92.07 -44.01 -13.58
N LEU R 311 -90.94 -43.59 -12.98
CA LEU R 311 -90.98 -43.02 -11.59
C LEU R 311 -91.45 -41.60 -11.57
N ALA R 312 -91.22 -40.72 -12.64
CA ALA R 312 -91.95 -39.58 -12.03
C ALA R 312 -92.39 -38.46 -12.91
N LYS R 313 -93.62 -38.63 -13.08
CA LYS R 313 -95.01 -38.65 -13.11
C LYS R 313 -95.63 -38.61 -11.69
N ASP R 314 -94.84 -39.25 -10.83
CA ASP R 314 -95.22 -39.27 -9.37
C ASP R 314 -94.96 -37.86 -8.85
N PRO R 315 -95.93 -37.17 -8.33
CA PRO R 315 -95.75 -35.83 -7.88
C PRO R 315 -94.69 -35.73 -6.72
N ARG R 316 -94.51 -36.72 -5.95
CA ARG R 316 -93.54 -36.85 -4.84
C ARG R 316 -92.14 -36.80 -5.43
N ILE R 317 -91.98 -37.53 -6.48
CA ILE R 317 -90.74 -37.58 -7.27
C ILE R 317 -90.53 -36.27 -7.97
N ALA R 318 -91.60 -35.66 -8.53
CA ALA R 318 -91.39 -34.35 -9.16
C ALA R 318 -90.91 -33.31 -8.19
N ALA R 319 -91.42 -33.42 -6.95
CA ALA R 319 -91.01 -32.42 -5.93
C ALA R 319 -89.57 -32.63 -5.49
N THR R 320 -89.20 -33.89 -5.45
CA THR R 320 -87.85 -34.34 -5.11
C THR R 320 -86.86 -33.69 -6.09
N MET R 321 -87.22 -33.90 -7.39
CA MET R 321 -86.44 -33.22 -8.48
C MET R 321 -86.42 -31.72 -8.44
N GLU R 322 -87.49 -31.07 -8.04
CA GLU R 322 -87.46 -29.64 -7.96
C GLU R 322 -86.54 -29.16 -6.82
N ASN R 323 -86.63 -29.84 -5.66
CA ASN R 323 -85.73 -29.39 -4.52
C ASN R 323 -84.29 -29.72 -4.94
N ALA R 324 -84.12 -30.86 -5.56
CA ALA R 324 -82.76 -31.23 -6.02
C ALA R 324 -82.13 -30.18 -6.93
N GLN R 325 -82.92 -29.69 -7.89
CA GLN R 325 -82.60 -28.62 -8.86
C GLN R 325 -82.26 -27.32 -8.17
N LYS R 326 -82.78 -26.93 -7.04
CA LYS R 326 -82.49 -25.78 -6.28
C LYS R 326 -81.34 -26.01 -5.31
N GLY R 327 -80.95 -27.24 -5.20
CA GLY R 327 -79.90 -27.57 -4.30
C GLY R 327 -78.57 -27.63 -5.05
N GLU R 328 -77.66 -28.36 -4.47
CA GLU R 328 -76.33 -28.59 -5.00
C GLU R 328 -75.86 -29.97 -4.62
N ILE R 329 -75.35 -30.65 -5.58
CA ILE R 329 -74.79 -31.99 -5.44
C ILE R 329 -73.62 -31.85 -4.49
N MET R 330 -73.44 -32.73 -3.54
CA MET R 330 -72.34 -32.60 -2.55
C MET R 330 -71.02 -32.90 -3.30
N PRO R 331 -70.01 -32.29 -2.79
CA PRO R 331 -68.59 -32.64 -3.12
C PRO R 331 -68.36 -34.05 -2.61
N ASN R 332 -67.43 -34.91 -3.10
CA ASN R 332 -67.07 -36.19 -2.61
C ASN R 332 -65.58 -36.13 -2.10
N ILE R 333 -65.01 -34.98 -2.03
CA ILE R 333 -63.60 -34.78 -1.58
C ILE R 333 -63.39 -35.36 -0.22
N PRO R 334 -62.23 -35.81 0.22
CA PRO R 334 -61.96 -36.39 1.55
C PRO R 334 -62.35 -35.44 2.66
N GLN R 335 -62.26 -34.15 2.40
CA GLN R 335 -62.59 -33.14 3.39
C GLN R 335 -64.11 -33.10 3.76
N MET R 336 -65.00 -33.77 3.05
CA MET R 336 -66.46 -33.80 3.47
C MET R 336 -66.70 -34.32 4.85
N SER R 337 -65.91 -35.26 5.30
CA SER R 337 -66.09 -35.70 6.71
C SER R 337 -65.71 -34.66 7.78
N ALA R 338 -64.75 -33.79 7.59
CA ALA R 338 -64.38 -32.73 8.52
C ALA R 338 -65.51 -31.68 8.52
N PHE R 339 -65.92 -31.31 7.33
CA PHE R 339 -67.04 -30.37 7.18
C PHE R 339 -68.22 -30.88 8.00
N TRP R 340 -68.65 -32.12 7.77
CA TRP R 340 -69.86 -32.58 8.50
C TRP R 340 -69.78 -32.60 10.02
N TYR R 341 -68.60 -33.04 10.47
CA TYR R 341 -68.51 -33.11 11.99
C TYR R 341 -68.43 -31.73 12.55
N ALA R 342 -67.73 -30.81 11.85
CA ALA R 342 -67.68 -29.41 12.34
C ALA R 342 -69.05 -28.77 12.34
N VAL R 343 -69.82 -28.99 11.26
CA VAL R 343 -71.17 -28.35 11.16
C VAL R 343 -72.13 -29.02 12.14
N ARG R 344 -71.96 -30.29 12.41
CA ARG R 344 -72.79 -31.02 13.37
C ARG R 344 -72.60 -30.40 14.75
N THR R 345 -71.34 -30.29 15.16
CA THR R 345 -71.20 -29.61 16.51
C THR R 345 -71.81 -28.25 16.63
N ALA R 346 -71.48 -27.39 15.58
CA ALA R 346 -71.92 -26.01 15.55
C ALA R 346 -73.39 -25.87 15.77
N VAL R 347 -74.19 -26.66 15.10
CA VAL R 347 -75.70 -26.50 15.16
C VAL R 347 -76.26 -26.91 16.54
N ILE R 348 -75.67 -28.04 16.95
CA ILE R 348 -76.17 -28.57 18.24
C ILE R 348 -75.79 -27.54 19.33
N ASN R 349 -74.56 -27.12 19.34
CA ASN R 349 -74.12 -26.12 20.35
C ASN R 349 -74.95 -24.86 20.23
N ALA R 350 -75.31 -24.37 19.04
CA ALA R 350 -76.06 -23.18 18.88
C ALA R 350 -77.53 -23.41 19.24
N ALA R 351 -78.06 -24.56 18.87
CA ALA R 351 -79.52 -24.80 19.16
C ALA R 351 -79.81 -24.97 20.66
N SER R 352 -78.87 -25.61 21.33
CA SER R 352 -78.82 -25.93 22.76
C SER R 352 -78.47 -24.68 23.58
N GLY R 353 -78.05 -23.57 23.00
CA GLY R 353 -77.70 -22.30 23.54
C GLY R 353 -76.38 -22.33 24.25
N ARG R 354 -75.53 -23.34 24.00
CA ARG R 354 -74.23 -23.50 24.60
C ARG R 354 -73.26 -22.44 24.01
N GLN R 355 -73.52 -22.04 22.76
CA GLN R 355 -72.71 -21.07 22.06
C GLN R 355 -73.74 -20.24 21.27
N THR R 356 -73.29 -19.06 20.97
CA THR R 356 -74.02 -18.11 20.12
C THR R 356 -73.73 -18.64 18.68
N VAL R 357 -74.58 -18.19 17.77
CA VAL R 357 -74.39 -18.49 16.35
C VAL R 357 -73.03 -18.06 15.87
N ASP R 358 -72.65 -16.83 16.12
CA ASP R 358 -71.34 -16.25 15.66
C ASP R 358 -70.17 -17.09 16.17
N GLU R 359 -70.14 -17.39 17.45
CA GLU R 359 -69.16 -18.26 18.06
C GLU R 359 -69.24 -19.65 17.46
N ALA R 360 -70.37 -20.27 17.30
CA ALA R 360 -70.46 -21.63 16.75
C ALA R 360 -69.91 -21.74 15.31
N LEU R 361 -70.25 -20.78 14.50
CA LEU R 361 -69.90 -20.86 13.05
C LEU R 361 -68.46 -20.52 12.85
N LYS R 362 -68.03 -19.74 13.83
CA LYS R 362 -66.58 -19.35 13.65
C LYS R 362 -65.75 -20.51 14.02
N ASP R 363 -66.12 -21.24 15.02
CA ASP R 363 -65.29 -22.39 15.42
C ASP R 363 -65.25 -23.46 14.34
N ALA R 364 -66.44 -23.54 13.74
CA ALA R 364 -66.63 -24.55 12.69
C ALA R 364 -65.70 -24.26 11.54
N GLN R 365 -65.70 -22.95 11.20
CA GLN R 365 -64.86 -22.43 10.07
C GLN R 365 -63.42 -22.75 10.29
N THR R 366 -62.90 -22.49 11.52
CA THR R 366 -61.56 -22.79 11.95
C THR R 366 -61.27 -24.25 11.93
N ARG R 367 -62.19 -25.05 12.49
CA ARG R 367 -62.01 -26.46 12.48
C ARG R 367 -61.87 -26.95 11.05
N ILE R 368 -62.70 -26.53 10.11
CA ILE R 368 -62.62 -27.04 8.75
C ILE R 368 -61.39 -26.64 7.97
N THR R 369 -60.98 -25.40 8.11
CA THR R 369 -59.82 -24.94 7.31
C THR R 369 -58.45 -25.16 7.94
N LYS R 370 -58.65 -26.07 9.33
CA LYS R 370 -57.79 -27.19 9.69
C LYS R 370 -57.57 -28.30 8.72
N LYS S 1 45.37 70.21 -3.10
CA LYS S 1 44.76 71.06 -2.00
C LYS S 1 45.12 72.54 -2.20
N ILE S 2 46.35 72.65 -2.70
CA ILE S 2 47.12 73.80 -3.12
C ILE S 2 47.24 74.88 -2.03
N GLU S 3 46.65 76.00 -2.43
CA GLU S 3 46.57 77.23 -1.62
C GLU S 3 47.93 77.80 -1.27
N GLU S 4 48.53 77.73 -0.11
CA GLU S 4 49.85 78.28 0.15
C GLU S 4 50.22 78.35 1.63
N GLY S 5 50.15 79.57 2.09
CA GLY S 5 50.27 80.35 3.25
C GLY S 5 49.70 81.79 3.14
N LYS S 6 48.65 81.90 2.36
CA LYS S 6 47.81 83.06 2.05
C LYS S 6 46.33 82.61 2.17
N LEU S 7 45.40 83.51 1.91
CA LEU S 7 43.93 83.39 1.91
C LEU S 7 43.30 83.84 0.58
N VAL S 8 42.49 83.05 -0.08
CA VAL S 8 41.75 83.40 -1.34
C VAL S 8 40.26 83.24 -0.96
N ILE S 9 39.46 84.23 -1.20
CA ILE S 9 38.06 84.28 -0.87
C ILE S 9 37.26 84.45 -2.14
N TRP S 10 36.18 83.72 -2.19
CA TRP S 10 35.21 83.80 -3.31
C TRP S 10 33.86 84.28 -2.76
N ILE S 11 33.32 85.36 -3.34
CA ILE S 11 32.03 85.92 -2.86
C ILE S 11 31.32 86.32 -4.14
N ASN S 12 30.03 86.35 -4.21
CA ASN S 12 29.18 86.72 -5.32
C ASN S 12 29.43 88.23 -5.58
N GLY S 13 29.27 88.48 -6.86
CA GLY S 13 29.46 89.76 -7.50
C GLY S 13 28.46 90.81 -7.03
N ASP S 14 27.28 90.39 -6.52
CA ASP S 14 26.37 91.39 -6.01
C ASP S 14 26.62 91.77 -4.54
N LYS S 15 27.67 91.31 -3.86
CA LYS S 15 27.95 91.59 -2.47
C LYS S 15 29.04 92.62 -2.35
N GLY S 16 29.33 93.17 -1.14
CA GLY S 16 30.41 94.15 -1.10
C GLY S 16 31.78 93.56 -0.94
N TYR S 17 32.27 93.03 -2.08
CA TYR S 17 33.60 92.45 -2.20
C TYR S 17 34.67 93.52 -2.01
N ASN S 18 34.39 94.80 -2.28
CA ASN S 18 35.46 95.81 -2.02
C ASN S 18 35.43 96.00 -0.50
N GLY S 19 34.32 96.02 0.26
CA GLY S 19 34.44 96.15 1.69
C GLY S 19 35.25 94.99 2.25
N LEU S 20 35.02 93.85 1.67
CA LEU S 20 35.66 92.57 2.08
C LEU S 20 37.15 92.70 1.85
N ALA S 21 37.58 93.14 0.71
CA ALA S 21 38.97 93.44 0.37
C ALA S 21 39.57 94.43 1.37
N GLU S 22 38.92 95.46 1.89
CA GLU S 22 39.40 96.43 2.88
C GLU S 22 39.66 95.70 4.20
N VAL S 23 38.83 94.67 4.42
CA VAL S 23 39.03 93.86 5.61
C VAL S 23 40.21 92.92 5.37
N GLY S 24 40.43 92.34 4.23
CA GLY S 24 41.63 91.52 4.07
C GLY S 24 42.92 92.30 4.37
N LYS S 25 42.88 93.54 3.96
CA LYS S 25 43.95 94.52 4.04
C LYS S 25 44.47 94.76 5.43
N LYS S 26 43.59 94.83 6.38
CA LYS S 26 44.09 95.06 7.74
C LYS S 26 44.23 93.67 8.32
N PHE S 27 44.16 92.62 7.48
CA PHE S 27 44.32 91.28 8.17
C PHE S 27 45.85 91.10 8.06
N GLU S 28 46.18 91.40 6.80
CA GLU S 28 47.49 91.33 6.19
C GLU S 28 48.60 92.29 6.65
N LYS S 29 48.12 93.46 6.96
CA LYS S 29 48.90 94.61 7.46
C LYS S 29 49.17 94.25 8.92
N ASP S 30 48.37 93.32 9.42
CA ASP S 30 48.50 92.96 10.90
C ASP S 30 48.94 91.53 11.02
N THR S 31 49.28 90.98 9.86
CA THR S 31 49.65 89.57 9.97
C THR S 31 50.69 89.06 9.01
N GLY S 32 50.83 89.67 7.88
CA GLY S 32 51.69 89.21 6.81
C GLY S 32 51.02 88.23 5.83
N ILE S 33 49.76 87.80 6.16
CA ILE S 33 49.10 86.89 5.24
C ILE S 33 48.30 87.81 4.32
N LYS S 34 48.59 87.78 3.06
CA LYS S 34 47.80 88.62 2.18
C LYS S 34 46.52 87.85 1.76
N VAL S 35 45.46 88.69 1.75
CA VAL S 35 44.15 88.11 1.33
C VAL S 35 43.80 88.54 -0.07
N THR S 36 43.34 87.73 -0.97
CA THR S 36 42.91 87.95 -2.31
C THR S 36 41.37 87.70 -2.42
N VAL S 37 40.53 88.63 -2.81
CA VAL S 37 39.09 88.52 -2.91
C VAL S 37 38.61 88.36 -4.30
N GLU S 38 37.94 87.27 -4.68
CA GLU S 38 37.48 87.15 -6.08
C GLU S 38 35.98 86.91 -6.08
N HIS S 39 35.42 87.27 -7.21
CA HIS S 39 33.97 87.07 -7.43
C HIS S 39 33.67 86.48 -8.79
N PRO S 40 34.06 85.20 -8.94
CA PRO S 40 33.81 84.48 -10.19
C PRO S 40 32.34 84.37 -10.41
N ASP S 41 31.98 84.31 -11.69
CA ASP S 41 30.56 84.10 -12.14
C ASP S 41 30.07 82.70 -11.80
N LYS S 42 28.85 82.37 -11.47
CA LYS S 42 28.57 80.94 -11.14
C LYS S 42 29.46 80.36 -10.09
N LEU S 43 29.86 81.14 -9.11
CA LEU S 43 30.87 80.50 -8.20
C LEU S 43 30.29 79.31 -7.43
N GLU S 44 28.97 79.41 -7.25
CA GLU S 44 28.27 78.42 -6.42
C GLU S 44 28.24 77.05 -7.07
N GLU S 45 28.45 77.18 -8.35
CA GLU S 45 28.56 76.08 -9.33
C GLU S 45 30.00 75.72 -9.55
N LYS S 46 30.86 76.72 -9.70
CA LYS S 46 32.25 76.51 -9.92
C LYS S 46 32.84 75.91 -8.66
N PHE S 47 32.44 76.26 -7.44
CA PHE S 47 33.13 75.72 -6.27
C PHE S 47 33.28 74.19 -6.19
N PRO S 48 32.15 73.50 -6.35
CA PRO S 48 32.13 72.03 -6.16
C PRO S 48 33.06 71.40 -7.19
N GLN S 49 33.06 72.08 -8.36
CA GLN S 49 33.91 71.56 -9.44
C GLN S 49 35.38 71.66 -9.06
N VAL S 50 35.95 72.80 -8.79
CA VAL S 50 37.36 72.95 -8.47
C VAL S 50 37.68 72.43 -7.08
N ALA S 51 36.76 72.50 -6.11
CA ALA S 51 37.12 72.04 -4.74
C ALA S 51 37.27 70.52 -4.64
N ALA S 52 36.51 69.94 -5.57
CA ALA S 52 36.40 68.47 -5.67
C ALA S 52 37.80 67.94 -5.95
N THR S 53 38.56 68.70 -6.77
CA THR S 53 39.94 68.43 -7.17
C THR S 53 40.88 68.87 -6.03
N GLY S 54 40.34 69.26 -4.91
CA GLY S 54 41.29 69.66 -3.84
C GLY S 54 41.76 71.07 -4.06
N ASP S 55 41.17 71.83 -5.04
CA ASP S 55 41.69 73.28 -5.06
C ASP S 55 40.54 74.27 -4.76
N GLY S 56 40.50 75.46 -5.37
CA GLY S 56 39.43 76.48 -5.15
C GLY S 56 39.85 77.51 -4.13
N PRO S 57 38.92 78.27 -3.51
CA PRO S 57 39.27 79.28 -2.52
C PRO S 57 39.52 78.66 -1.19
N ASP S 58 40.15 79.31 -0.27
CA ASP S 58 40.31 78.86 1.11
C ASP S 58 38.91 78.97 1.78
N ILE S 59 38.24 80.12 1.42
CA ILE S 59 36.90 80.47 1.95
C ILE S 59 35.93 80.89 0.83
N ILE S 60 34.71 80.34 0.95
CA ILE S 60 33.57 80.48 0.11
C ILE S 60 32.36 81.03 0.87
N PHE S 61 31.79 82.04 0.22
CA PHE S 61 30.59 82.72 0.72
C PHE S 61 29.40 82.47 -0.29
N TRP S 62 28.31 81.99 0.32
CA TRP S 62 27.07 81.81 -0.43
C TRP S 62 25.96 81.79 0.63
N ALA S 63 24.65 81.90 0.20
CA ALA S 63 23.48 81.68 1.02
C ALA S 63 23.61 80.22 1.58
N HIS S 64 23.04 79.89 2.69
CA HIS S 64 23.26 78.54 3.29
C HIS S 64 22.62 77.42 2.55
N ASP S 65 21.59 77.67 1.66
CA ASP S 65 20.91 76.53 0.94
C ASP S 65 21.88 75.64 0.15
N ARG S 66 23.02 76.15 -0.30
CA ARG S 66 23.99 75.39 -1.12
C ARG S 66 24.92 74.57 -0.19
N PHE S 67 25.05 74.89 1.08
CA PHE S 67 26.03 74.24 1.99
C PHE S 67 25.76 72.76 2.31
N GLY S 68 24.59 72.24 2.49
CA GLY S 68 24.29 70.82 2.75
C GLY S 68 24.91 69.98 1.65
N GLY S 69 24.82 70.38 0.41
CA GLY S 69 25.32 69.64 -0.73
C GLY S 69 26.82 69.67 -0.72
N TYR S 70 27.47 70.78 -0.40
CA TYR S 70 28.91 70.88 -0.38
C TYR S 70 29.40 69.92 0.69
N ALA S 71 28.85 69.94 1.85
CA ALA S 71 29.18 69.14 3.02
C ALA S 71 29.03 67.64 2.68
N GLN S 72 27.94 67.20 2.09
CA GLN S 72 27.72 65.81 1.71
C GLN S 72 28.76 65.28 0.70
N SER S 73 29.26 66.12 -0.16
CA SER S 73 30.28 65.80 -1.12
C SER S 73 31.68 65.85 -0.49
N GLY S 74 31.74 66.17 0.76
CA GLY S 74 32.86 66.40 1.66
C GLY S 74 33.70 67.64 1.36
N LEU S 75 33.25 68.83 1.00
CA LEU S 75 34.04 69.97 0.53
C LEU S 75 34.32 71.06 1.54
N LEU S 76 33.70 70.83 2.70
CA LEU S 76 33.86 71.80 3.74
C LEU S 76 34.38 71.18 5.04
N ALA S 77 35.12 71.95 5.76
CA ALA S 77 35.62 71.60 7.07
C ALA S 77 34.56 71.98 8.11
N GLU S 78 34.52 71.15 9.16
CA GLU S 78 33.68 71.35 10.33
C GLU S 78 34.43 72.47 11.11
N ILE S 79 33.65 73.45 11.49
CA ILE S 79 34.17 74.58 12.23
C ILE S 79 33.76 74.27 13.68
N THR S 80 34.50 74.91 14.56
CA THR S 80 34.34 74.83 16.03
C THR S 80 34.54 76.12 16.81
N PRO S 81 33.49 76.89 16.91
CA PRO S 81 33.58 78.15 17.70
C PRO S 81 33.18 77.73 19.11
N ASP S 82 33.74 78.36 20.11
CA ASP S 82 33.26 77.94 21.45
C ASP S 82 32.05 78.84 21.77
N LYS S 83 31.31 78.27 22.64
CA LYS S 83 30.07 78.81 23.20
C LYS S 83 30.17 80.31 23.43
N ALA S 84 31.42 80.77 23.58
CA ALA S 84 31.54 82.21 23.85
C ALA S 84 31.38 82.80 22.44
N PHE S 85 32.16 82.32 21.53
CA PHE S 85 32.01 82.93 20.20
C PHE S 85 30.61 82.69 19.68
N GLN S 86 30.11 81.50 19.92
CA GLN S 86 28.78 81.14 19.44
C GLN S 86 27.68 82.08 19.89
N ASP S 87 27.86 82.58 21.10
CA ASP S 87 27.04 83.44 21.95
C ASP S 87 26.81 84.84 21.36
N LYS S 88 27.76 85.26 20.61
CA LYS S 88 27.71 86.54 19.88
C LYS S 88 26.72 86.57 18.72
N LEU S 89 26.26 85.44 18.23
CA LEU S 89 25.38 85.31 17.10
C LEU S 89 24.00 84.83 17.47
N TYR S 90 23.05 85.30 16.67
CA TYR S 90 21.72 84.76 16.88
C TYR S 90 21.77 83.25 16.60
N PRO S 91 21.20 82.49 17.51
CA PRO S 91 21.16 81.01 17.39
C PRO S 91 20.38 80.50 16.21
N PHE S 92 19.32 81.13 15.79
CA PHE S 92 18.65 80.53 14.61
C PHE S 92 19.65 80.59 13.46
N THR S 93 20.64 81.48 13.49
CA THR S 93 21.62 81.56 12.37
C THR S 93 22.62 80.41 12.38
N TRP S 94 22.95 79.85 13.61
CA TRP S 94 23.87 78.66 13.64
C TRP S 94 23.10 77.44 13.15
N ASP S 95 21.85 77.30 13.29
CA ASP S 95 21.00 76.23 12.94
C ASP S 95 20.93 76.05 11.41
N ALA S 96 21.02 77.21 10.76
CA ALA S 96 20.99 77.29 9.30
C ALA S 96 22.23 76.66 8.74
N VAL S 97 23.34 76.59 9.52
CA VAL S 97 24.61 76.10 8.99
C VAL S 97 25.03 74.76 9.63
N ARG S 98 24.07 74.06 10.03
CA ARG S 98 24.28 72.75 10.65
C ARG S 98 23.88 71.71 9.65
N TYR S 99 24.72 70.77 9.42
CA TYR S 99 24.39 69.70 8.51
C TYR S 99 24.72 68.40 9.29
N ASN S 100 23.71 67.61 9.55
CA ASN S 100 23.82 66.34 10.26
C ASN S 100 24.38 66.61 11.65
N GLY S 101 23.95 67.67 12.29
CA GLY S 101 24.32 68.18 13.57
C GLY S 101 25.64 68.90 13.65
N LYS S 102 26.55 68.90 12.73
CA LYS S 102 27.88 69.55 12.73
C LYS S 102 27.78 71.02 12.16
N LEU S 103 28.60 71.90 12.60
CA LEU S 103 28.52 73.25 12.00
C LEU S 103 29.43 73.24 10.80
N ILE S 104 29.00 73.72 9.64
CA ILE S 104 29.88 73.68 8.44
C ILE S 104 30.21 75.02 7.78
N ALA S 105 29.75 76.04 8.56
CA ALA S 105 30.02 77.44 8.14
C ALA S 105 29.67 78.43 9.24
N TYR S 106 30.17 79.66 9.03
CA TYR S 106 29.92 80.83 9.87
C TYR S 106 28.80 81.67 9.15
N PRO S 107 27.77 81.92 9.86
CA PRO S 107 26.60 82.70 9.39
C PRO S 107 27.03 84.15 9.46
N ILE S 108 26.70 84.94 8.44
CA ILE S 108 27.11 86.34 8.34
C ILE S 108 25.91 87.27 8.39
N ALA S 109 24.87 86.97 7.56
CA ALA S 109 23.72 87.94 7.51
C ALA S 109 22.52 87.25 7.01
N VAL S 110 21.37 87.74 7.27
CA VAL S 110 20.02 87.29 7.01
C VAL S 110 19.43 88.17 5.91
N GLU S 111 19.25 87.39 4.81
CA GLU S 111 18.74 88.07 3.55
C GLU S 111 17.31 87.78 3.24
N ALA S 112 16.39 88.79 2.95
CA ALA S 112 15.04 88.55 2.55
C ALA S 112 14.75 89.66 1.49
N LEU S 113 14.04 89.30 0.47
CA LEU S 113 13.60 90.28 -0.56
C LEU S 113 12.55 91.20 0.07
N SER S 114 12.47 92.46 -0.40
CA SER S 114 11.48 93.50 -0.04
C SER S 114 10.90 94.23 -1.31
N LEU S 115 9.78 94.88 -1.11
CA LEU S 115 9.24 95.68 -2.21
C LEU S 115 9.99 96.99 -2.08
N ILE S 116 10.59 97.50 -3.11
CA ILE S 116 11.27 98.83 -3.18
C ILE S 116 10.42 99.70 -4.11
N TYR S 117 10.08 100.89 -3.64
CA TYR S 117 9.15 101.69 -4.56
C TYR S 117 9.72 103.10 -4.60
N ASN S 118 9.32 103.75 -5.74
CA ASN S 118 9.79 105.16 -6.01
C ASN S 118 8.79 106.06 -5.33
N LYS S 119 9.17 106.70 -4.25
CA LYS S 119 8.21 107.57 -3.52
C LYS S 119 7.59 108.76 -4.31
N ASP S 120 8.32 109.08 -5.34
CA ASP S 120 7.93 110.17 -6.24
C ASP S 120 6.93 109.67 -7.27
N LEU S 121 6.94 108.47 -7.78
CA LEU S 121 5.90 107.98 -8.69
C LEU S 121 4.77 107.39 -7.83
N LEU S 122 5.06 106.89 -6.67
CA LEU S 122 4.11 106.14 -5.78
C LEU S 122 4.31 106.34 -4.30
N PRO S 123 3.87 107.45 -3.79
CA PRO S 123 4.05 107.79 -2.38
C PRO S 123 3.54 106.64 -1.52
N ASN S 124 2.45 106.01 -1.94
CA ASN S 124 1.88 104.84 -1.17
C ASN S 124 1.96 103.53 -2.01
N PRO S 125 2.69 102.59 -1.48
CA PRO S 125 2.89 101.29 -2.21
C PRO S 125 1.62 100.50 -2.14
N PRO S 126 1.38 99.69 -3.15
CA PRO S 126 0.18 98.84 -3.21
C PRO S 126 0.24 97.79 -2.08
N LYS S 127 -0.87 97.37 -1.53
CA LYS S 127 -0.80 96.37 -0.45
C LYS S 127 -1.06 94.96 -0.97
N THR S 128 -1.44 94.92 -2.24
CA THR S 128 -1.88 93.66 -2.88
C THR S 128 -1.34 93.45 -4.23
N TRP S 129 -1.03 92.17 -4.58
CA TRP S 129 -0.52 91.91 -5.91
C TRP S 129 -1.65 92.25 -6.91
N GLU S 130 -2.88 91.97 -6.42
CA GLU S 130 -4.06 92.13 -7.33
C GLU S 130 -4.26 93.54 -7.83
N GLU S 131 -3.86 94.55 -7.10
CA GLU S 131 -4.09 95.93 -7.69
C GLU S 131 -2.98 96.39 -8.54
N ILE S 132 -2.04 95.53 -8.89
CA ILE S 132 -0.89 95.94 -9.69
C ILE S 132 -1.28 96.18 -11.13
N PRO S 133 -2.12 95.35 -11.71
CA PRO S 133 -2.48 95.52 -13.15
C PRO S 133 -3.09 96.92 -13.41
N ALA S 134 -4.05 97.31 -12.56
CA ALA S 134 -4.71 98.61 -12.65
C ALA S 134 -3.69 99.75 -12.57
N LEU S 135 -2.84 99.50 -11.56
CA LEU S 135 -1.79 100.50 -11.33
C LEU S 135 -0.92 100.68 -12.56
N ASP S 136 -0.52 99.68 -13.27
CA ASP S 136 0.35 99.71 -14.45
C ASP S 136 -0.33 100.51 -15.63
N LYS S 137 -1.61 100.21 -15.71
CA LYS S 137 -2.54 100.82 -16.68
C LYS S 137 -2.35 102.37 -16.55
N GLU S 138 -2.49 102.87 -15.37
CA GLU S 138 -2.37 104.30 -15.03
C GLU S 138 -1.02 104.91 -15.28
N LEU S 139 0.07 104.23 -14.92
CA LEU S 139 1.43 104.71 -15.06
C LEU S 139 1.82 104.71 -16.52
N LYS S 140 1.43 103.71 -17.24
CA LYS S 140 1.75 103.46 -18.63
C LYS S 140 1.29 104.55 -19.62
N ALA S 141 0.25 105.21 -19.24
CA ALA S 141 -0.44 106.32 -19.84
C ALA S 141 0.45 107.56 -19.73
N LYS S 142 1.35 107.46 -18.77
CA LYS S 142 2.34 108.50 -18.39
C LYS S 142 3.77 108.13 -18.78
N GLY S 143 3.96 107.16 -19.64
CA GLY S 143 5.15 106.55 -20.15
C GLY S 143 5.90 105.63 -19.16
N LYS S 144 5.43 105.33 -17.97
CA LYS S 144 6.08 104.49 -16.93
C LYS S 144 5.45 103.11 -16.84
N SER S 145 5.90 102.33 -15.81
CA SER S 145 5.40 100.95 -15.49
C SER S 145 5.36 100.82 -13.94
N ALA S 146 4.50 99.95 -13.53
CA ALA S 146 4.30 99.71 -12.16
C ALA S 146 5.46 98.92 -11.54
N LEU S 147 5.91 97.83 -12.14
CA LEU S 147 6.88 96.92 -11.56
C LEU S 147 7.77 96.20 -12.47
N MET S 148 9.07 96.05 -12.11
CA MET S 148 9.91 95.23 -12.96
C MET S 148 10.86 94.53 -12.02
N PHE S 149 11.06 93.25 -12.19
CA PHE S 149 12.06 92.55 -11.25
C PHE S 149 12.62 91.38 -12.04
N ASN S 150 13.69 90.83 -11.56
CA ASN S 150 14.37 89.70 -12.23
C ASN S 150 13.46 88.47 -12.36
N LEU S 151 13.06 88.06 -13.55
CA LEU S 151 12.25 86.91 -13.82
C LEU S 151 13.07 85.68 -14.21
N GLN S 152 14.32 85.84 -14.41
CA GLN S 152 15.21 84.80 -14.82
C GLN S 152 15.64 83.97 -13.60
N GLU S 153 15.65 84.40 -12.41
CA GLU S 153 16.05 83.72 -11.10
C GLU S 153 14.85 83.41 -10.22
N PRO S 154 14.59 82.10 -9.99
CA PRO S 154 13.38 81.64 -9.31
C PRO S 154 13.20 82.20 -7.93
N TYR S 155 14.37 82.62 -7.39
CA TYR S 155 14.44 83.24 -6.06
C TYR S 155 13.52 84.50 -5.96
N PHE S 156 13.40 85.19 -7.11
CA PHE S 156 12.62 86.51 -7.11
C PHE S 156 11.11 86.35 -7.21
N THR S 157 10.83 85.23 -7.91
CA THR S 157 9.43 84.81 -8.12
C THR S 157 8.84 83.89 -7.00
N TRP S 158 9.66 83.11 -6.27
CA TRP S 158 9.17 82.24 -5.22
C TRP S 158 8.29 82.90 -4.26
N PRO S 159 8.42 84.11 -3.78
CA PRO S 159 7.45 84.68 -2.79
C PRO S 159 6.00 84.64 -3.20
N LEU S 160 5.75 84.84 -4.50
CA LEU S 160 4.37 84.83 -5.02
C LEU S 160 3.85 83.37 -5.13
N ILE S 161 4.77 82.48 -5.59
CA ILE S 161 4.41 81.06 -5.72
C ILE S 161 4.09 80.42 -4.36
N ALA S 162 4.87 80.77 -3.42
CA ALA S 162 4.66 80.24 -2.08
C ALA S 162 3.51 80.93 -1.41
N ALA S 163 3.05 82.18 -1.67
CA ALA S 163 2.02 82.88 -0.92
C ALA S 163 0.78 82.12 -0.60
N ASP S 164 0.12 81.53 -1.58
CA ASP S 164 -1.14 80.80 -1.44
C ASP S 164 -0.87 79.30 -1.20
N GLY S 165 0.35 78.88 -0.84
CA GLY S 165 0.62 77.47 -0.53
C GLY S 165 1.71 76.78 -1.23
N GLY S 166 2.45 77.25 -2.23
CA GLY S 166 3.52 76.43 -2.85
C GLY S 166 4.55 76.19 -1.80
N TYR S 167 5.32 75.11 -1.92
CA TYR S 167 6.40 74.85 -0.89
C TYR S 167 7.46 73.95 -1.52
N ALA S 168 8.67 74.03 -0.99
CA ALA S 168 9.77 73.19 -1.53
C ALA S 168 9.63 71.74 -1.03
N PHE S 169 10.04 71.44 0.15
CA PHE S 169 10.06 70.14 0.88
C PHE S 169 9.29 70.33 2.20
N LYS S 170 8.43 69.44 2.45
CA LYS S 170 7.65 69.39 3.67
C LYS S 170 8.64 69.02 4.82
N TYR S 171 8.60 69.82 5.86
CA TYR S 171 9.36 69.67 7.05
C TYR S 171 8.48 68.76 7.96
N GLU S 172 8.86 67.51 8.20
CA GLU S 172 7.97 66.66 8.98
C GLU S 172 8.76 65.87 9.99
N ASN S 173 8.51 66.09 11.27
CA ASN S 173 9.19 65.43 12.43
C ASN S 173 10.72 65.40 12.30
N GLY S 174 11.24 66.62 12.61
CA GLY S 174 12.68 66.85 12.62
C GLY S 174 13.43 66.79 11.29
N LYS S 175 12.66 66.46 10.23
CA LYS S 175 13.41 66.49 8.95
C LYS S 175 12.47 66.74 7.79
N TYR S 176 13.16 67.03 6.66
CA TYR S 176 12.58 67.31 5.38
C TYR S 176 12.32 65.97 4.66
N ASP S 177 11.07 65.86 4.21
CA ASP S 177 10.63 64.77 3.37
C ASP S 177 10.90 65.21 1.90
N ILE S 178 11.89 64.53 1.34
CA ILE S 178 12.34 64.73 -0.03
C ILE S 178 11.37 64.28 -1.10
N LYS S 179 10.34 63.53 -0.65
CA LYS S 179 9.38 63.03 -1.62
C LYS S 179 8.12 63.84 -1.49
N ASP S 180 8.01 64.71 -0.51
CA ASP S 180 6.83 65.57 -0.35
C ASP S 180 7.24 67.03 -0.77
N VAL S 181 6.89 67.37 -2.05
CA VAL S 181 7.19 68.63 -2.69
C VAL S 181 5.95 69.47 -2.98
N GLY S 182 5.97 70.82 -2.95
CA GLY S 182 4.68 71.53 -3.15
C GLY S 182 4.78 72.53 -4.21
N VAL S 183 5.42 71.99 -5.26
CA VAL S 183 5.68 72.91 -6.45
C VAL S 183 4.55 72.82 -7.43
N ASP S 184 3.75 71.82 -7.37
CA ASP S 184 2.64 71.67 -8.30
C ASP S 184 1.31 71.66 -7.61
N ASN S 185 1.22 72.13 -6.40
CA ASN S 185 -0.11 72.09 -5.71
C ASN S 185 -0.97 73.33 -6.15
N ALA S 186 -2.18 73.43 -5.63
CA ALA S 186 -3.11 74.48 -6.00
C ALA S 186 -2.50 75.84 -5.67
N GLY S 187 -1.78 76.10 -4.62
CA GLY S 187 -1.27 77.47 -4.33
C GLY S 187 -0.19 77.91 -5.26
N ALA S 188 0.67 76.94 -5.55
CA ALA S 188 1.77 77.15 -6.47
C ALA S 188 1.22 77.46 -7.90
N LYS S 189 0.23 76.68 -8.31
CA LYS S 189 -0.42 76.94 -9.63
C LYS S 189 -1.11 78.35 -9.65
N ALA S 190 -1.79 78.76 -8.62
CA ALA S 190 -2.47 80.07 -8.59
C ALA S 190 -1.48 81.23 -8.73
N GLY S 191 -0.33 81.08 -8.02
CA GLY S 191 0.78 82.01 -7.99
C GLY S 191 1.44 82.22 -9.32
N LEU S 192 1.87 81.09 -9.95
CA LEU S 192 2.49 81.22 -11.28
C LEU S 192 1.52 81.75 -12.36
N THR S 193 0.27 81.35 -12.25
CA THR S 193 -0.78 81.77 -13.21
C THR S 193 -0.90 83.31 -13.19
N PHE S 194 -0.98 83.84 -12.03
CA PHE S 194 -1.03 85.27 -11.76
C PHE S 194 0.20 85.90 -12.41
N LEU S 195 1.35 85.41 -12.25
CA LEU S 195 2.53 85.99 -12.86
C LEU S 195 2.43 85.99 -14.42
N VAL S 196 2.09 84.89 -14.99
CA VAL S 196 2.02 84.64 -16.42
C VAL S 196 0.95 85.60 -16.99
N ASP S 197 -0.12 85.84 -16.23
CA ASP S 197 -1.18 86.73 -16.66
C ASP S 197 -0.65 88.18 -16.76
N LEU S 198 0.28 88.55 -15.92
CA LEU S 198 0.90 89.86 -15.88
C LEU S 198 1.63 90.09 -17.20
N ILE S 199 2.29 89.07 -17.61
CA ILE S 199 3.03 89.10 -18.85
C ILE S 199 2.04 89.05 -20.02
N LYS S 200 1.19 88.09 -20.04
CA LYS S 200 0.18 87.93 -21.07
C LYS S 200 -0.40 89.29 -21.48
N ASN S 201 -0.80 89.99 -20.45
CA ASN S 201 -1.52 91.28 -20.51
C ASN S 201 -0.62 92.49 -20.59
N LYS S 202 0.60 92.26 -20.92
CA LYS S 202 1.62 93.30 -21.12
C LYS S 202 1.98 94.17 -19.98
N HIS S 203 1.85 93.68 -18.75
CA HIS S 203 2.25 94.51 -17.59
C HIS S 203 3.70 94.30 -17.28
N MET S 204 4.21 93.19 -17.78
CA MET S 204 5.57 92.72 -17.55
C MET S 204 6.13 92.01 -18.71
N ASN S 205 7.44 91.95 -18.87
CA ASN S 205 7.98 91.17 -20.00
C ASN S 205 8.78 90.00 -19.46
N ALA S 206 8.62 88.92 -20.14
CA ALA S 206 9.21 87.64 -19.96
C ALA S 206 10.71 87.69 -19.97
N ASP S 207 11.27 88.72 -20.59
CA ASP S 207 12.75 88.72 -20.63
C ASP S 207 13.39 89.48 -19.48
N THR S 208 12.65 90.27 -18.67
CA THR S 208 13.35 91.03 -17.64
C THR S 208 14.31 90.20 -16.79
N ASP S 209 15.53 90.77 -16.75
CA ASP S 209 16.55 90.15 -15.93
C ASP S 209 16.96 91.15 -14.81
N TYR S 210 18.02 90.82 -14.10
CA TYR S 210 18.57 91.62 -13.00
C TYR S 210 18.99 93.03 -13.43
N SER S 211 19.77 93.09 -14.44
CA SER S 211 20.22 94.38 -15.03
C SER S 211 19.08 95.18 -15.59
N ILE S 212 18.22 94.67 -16.44
CA ILE S 212 17.11 95.42 -17.03
C ILE S 212 16.27 96.02 -15.92
N ALA S 213 15.94 95.12 -14.86
CA ALA S 213 15.09 95.62 -13.71
C ALA S 213 15.78 96.68 -12.92
N GLU S 214 17.04 96.41 -12.65
CA GLU S 214 17.83 97.44 -11.92
C GLU S 214 17.92 98.73 -12.70
N ALA S 215 18.32 98.79 -13.94
CA ALA S 215 18.40 100.05 -14.71
C ALA S 215 17.07 100.76 -14.78
N ALA S 216 16.03 99.95 -14.97
CA ALA S 216 14.69 100.53 -15.05
C ALA S 216 14.39 101.30 -13.81
N PHE S 217 14.53 100.68 -12.59
CA PHE S 217 14.09 101.46 -11.41
C PHE S 217 14.98 102.63 -11.11
N ASN S 218 16.28 102.45 -11.30
CA ASN S 218 17.31 103.41 -11.00
C ASN S 218 17.20 104.66 -11.95
N LYS S 219 16.63 104.45 -13.14
CA LYS S 219 16.45 105.60 -14.08
C LYS S 219 15.12 106.27 -13.97
N GLY S 220 14.28 105.80 -13.10
CA GLY S 220 12.96 106.32 -12.86
C GLY S 220 11.91 105.82 -13.76
N GLU S 221 12.19 104.77 -14.52
CA GLU S 221 11.08 104.32 -15.44
C GLU S 221 10.06 103.39 -14.87
N THR S 222 10.37 102.66 -13.77
CA THR S 222 9.36 101.76 -13.21
C THR S 222 9.11 102.24 -11.81
N ALA S 223 7.87 102.12 -11.29
CA ALA S 223 7.65 102.62 -9.93
C ALA S 223 8.10 101.62 -8.83
N MET S 224 8.28 100.34 -9.09
CA MET S 224 8.65 99.36 -7.98
C MET S 224 9.53 98.29 -8.55
N THR S 225 10.29 97.66 -7.64
CA THR S 225 11.16 96.50 -8.06
C THR S 225 11.19 95.59 -6.81
N ILE S 226 11.64 94.38 -6.91
CA ILE S 226 11.74 93.50 -5.73
C ILE S 226 13.19 93.17 -5.68
N ASN S 227 13.91 93.39 -4.61
CA ASN S 227 15.32 93.04 -4.53
C ASN S 227 15.75 92.92 -3.00
N GLY S 228 16.99 92.47 -2.79
CA GLY S 228 17.57 92.29 -1.48
C GLY S 228 18.42 93.49 -1.12
N PRO S 229 18.94 93.49 0.14
CA PRO S 229 19.68 94.58 0.71
C PRO S 229 20.84 95.07 -0.11
N TRP S 230 21.58 94.16 -0.81
CA TRP S 230 22.71 94.39 -1.62
C TRP S 230 22.37 95.39 -2.77
N ALA S 231 21.19 95.53 -3.27
CA ALA S 231 20.84 96.52 -4.33
C ALA S 231 20.71 97.94 -3.81
N TRP S 232 20.62 98.22 -2.51
CA TRP S 232 20.30 99.54 -1.98
C TRP S 232 21.37 100.56 -2.38
N SER S 233 22.60 100.06 -2.39
CA SER S 233 23.75 100.96 -2.74
C SER S 233 23.64 101.69 -4.06
N ASN S 234 23.27 100.97 -5.08
CA ASN S 234 23.15 101.63 -6.42
C ASN S 234 21.95 102.61 -6.49
N ILE S 235 20.90 102.22 -5.77
CA ILE S 235 19.74 103.05 -5.68
C ILE S 235 20.19 104.38 -5.03
N ASP S 236 20.97 104.27 -3.98
CA ASP S 236 21.30 105.53 -3.24
C ASP S 236 22.03 106.54 -4.17
N THR S 237 22.89 105.86 -4.91
CA THR S 237 23.78 106.45 -5.85
C THR S 237 23.03 107.14 -7.02
N SER S 238 21.90 106.58 -7.33
CA SER S 238 21.09 107.19 -8.42
C SER S 238 20.20 108.29 -7.81
N LYS S 239 20.20 108.42 -6.46
CA LYS S 239 19.37 109.36 -5.72
C LYS S 239 17.89 109.13 -5.96
N VAL S 240 17.36 107.98 -6.45
CA VAL S 240 15.85 107.93 -6.58
C VAL S 240 15.33 108.17 -5.17
N ASN S 241 14.12 108.63 -4.95
CA ASN S 241 13.50 108.78 -3.61
C ASN S 241 12.65 107.47 -3.38
N TYR S 242 13.32 106.49 -2.75
CA TYR S 242 12.74 105.15 -2.54
C TYR S 242 12.38 104.74 -1.15
N GLY S 243 11.40 103.81 -1.07
CA GLY S 243 11.09 103.29 0.28
C GLY S 243 11.34 101.76 0.09
N VAL S 244 11.42 101.10 1.24
CA VAL S 244 11.62 99.61 1.25
C VAL S 244 10.46 99.10 2.09
N THR S 245 9.60 98.19 1.61
CA THR S 245 8.56 97.77 2.57
C THR S 245 8.19 96.29 2.45
N VAL S 246 7.13 95.88 3.13
CA VAL S 246 6.66 94.50 3.02
C VAL S 246 6.23 94.18 1.58
N LEU S 247 6.42 92.99 1.11
CA LEU S 247 5.87 92.54 -0.17
C LEU S 247 4.35 92.51 -0.13
N PRO S 248 3.71 92.69 -1.30
CA PRO S 248 2.23 92.63 -1.33
C PRO S 248 1.70 91.20 -1.06
N THR S 249 0.45 91.14 -0.66
CA THR S 249 -0.27 89.90 -0.39
C THR S 249 -0.86 89.41 -1.68
N PHE S 250 -1.14 88.11 -1.66
CA PHE S 250 -1.74 87.51 -2.82
C PHE S 250 -2.89 86.69 -2.19
N LYS S 251 -4.11 86.89 -2.58
CA LYS S 251 -5.27 86.06 -2.12
C LYS S 251 -5.36 86.28 -0.63
N GLY S 252 -4.90 87.45 -0.23
CA GLY S 252 -4.98 87.80 1.20
C GLY S 252 -3.87 87.23 2.04
N GLN S 253 -2.95 86.42 1.46
CA GLN S 253 -1.87 85.85 2.30
C GLN S 253 -0.61 86.64 1.99
N PRO S 254 0.31 86.68 2.94
CA PRO S 254 1.55 87.34 2.73
C PRO S 254 2.35 86.67 1.63
N SER S 255 3.12 87.40 0.84
CA SER S 255 4.15 86.87 -0.08
C SER S 255 5.18 86.23 0.92
N LYS S 256 5.77 85.12 0.57
CA LYS S 256 6.69 84.40 1.55
C LYS S 256 8.01 84.17 0.93
N PRO S 257 8.95 85.08 1.11
CA PRO S 257 10.28 84.90 0.51
C PRO S 257 11.02 83.71 1.16
N PHE S 258 11.87 83.05 0.44
CA PHE S 258 12.75 82.04 0.99
C PHE S 258 13.79 82.90 1.69
N VAL S 259 14.19 82.65 2.90
CA VAL S 259 15.24 83.46 3.55
C VAL S 259 16.56 82.76 3.49
N GLY S 260 17.62 83.51 3.15
CA GLY S 260 18.98 83.02 3.01
C GLY S 260 19.80 83.67 4.12
N VAL S 261 20.71 82.87 4.65
CA VAL S 261 21.69 83.22 5.66
C VAL S 261 22.98 83.24 4.87
N LEU S 262 23.57 84.42 4.52
CA LEU S 262 24.83 84.59 3.87
C LEU S 262 25.85 83.83 4.85
N SER S 263 26.61 82.96 4.24
CA SER S 263 27.53 82.12 5.02
C SER S 263 28.93 81.99 4.37
N ALA S 264 29.94 81.74 5.31
CA ALA S 264 31.37 81.62 4.88
C ALA S 264 31.86 80.22 5.28
N GLY S 265 32.24 79.47 4.27
CA GLY S 265 32.70 78.06 4.56
C GLY S 265 34.15 77.92 4.26
N ILE S 266 34.78 76.91 4.96
CA ILE S 266 36.26 76.71 4.71
C ILE S 266 36.47 75.44 3.93
N ASN S 267 37.22 75.62 2.86
CA ASN S 267 37.54 74.55 1.91
C ASN S 267 38.26 73.54 2.75
N ALA S 268 37.68 72.33 2.65
CA ALA S 268 38.25 71.13 3.38
C ALA S 268 39.74 70.93 2.94
N ALA S 269 39.99 71.28 1.68
CA ALA S 269 41.23 71.26 0.93
C ALA S 269 42.21 72.40 1.28
N SER S 270 41.95 73.35 2.16
CA SER S 270 42.85 74.38 2.52
C SER S 270 43.82 73.94 3.64
N PRO S 271 45.05 74.41 3.45
CA PRO S 271 46.17 74.35 4.37
C PRO S 271 46.10 75.46 5.47
N ASN S 272 45.33 76.49 5.04
CA ASN S 272 45.13 77.70 5.83
C ASN S 272 43.95 77.57 6.75
N LYS S 273 43.44 76.57 7.37
CA LYS S 273 42.21 76.62 8.14
C LYS S 273 42.17 77.55 9.35
N GLU S 274 43.34 77.56 10.01
CA GLU S 274 43.60 78.30 11.23
C GLU S 274 43.63 79.79 10.91
N LEU S 275 44.25 80.19 9.84
CA LEU S 275 44.30 81.56 9.32
C LEU S 275 42.85 82.07 9.05
N ALA S 276 42.18 81.16 8.32
CA ALA S 276 40.79 81.29 7.87
C ALA S 276 39.96 81.52 9.11
N LYS S 277 40.08 80.60 10.08
CA LYS S 277 39.28 80.85 11.30
C LYS S 277 39.66 82.16 11.95
N GLU S 278 40.93 82.55 12.02
CA GLU S 278 41.30 83.81 12.72
C GLU S 278 40.54 85.00 12.09
N PHE S 279 40.67 85.11 10.81
CA PHE S 279 40.02 86.05 9.86
C PHE S 279 38.52 86.21 10.06
N LEU S 280 37.83 85.06 10.01
CA LEU S 280 36.41 85.09 10.13
C LEU S 280 36.04 85.54 11.51
N GLU S 281 36.43 84.76 12.52
CA GLU S 281 36.00 85.06 13.93
C GLU S 281 36.54 86.31 14.59
N ASN S 282 37.77 86.70 14.23
CA ASN S 282 38.43 87.87 14.78
C ASN S 282 38.54 89.14 13.90
N TYR S 283 38.34 89.09 12.60
CA TYR S 283 38.43 90.26 11.70
C TYR S 283 37.05 90.65 11.14
N LEU S 284 36.49 89.68 10.39
CA LEU S 284 35.16 89.91 9.75
C LEU S 284 34.03 89.86 10.72
N LEU S 285 33.92 88.85 11.48
CA LEU S 285 32.79 88.75 12.40
C LEU S 285 32.91 89.63 13.65
N THR S 286 33.21 90.90 13.45
CA THR S 286 33.25 91.94 14.47
C THR S 286 32.32 93.08 14.09
N ASP S 287 32.12 94.11 14.82
CA ASP S 287 31.28 95.29 14.43
C ASP S 287 32.03 96.05 13.35
N GLU S 288 33.31 96.06 13.41
CA GLU S 288 34.14 96.82 12.50
C GLU S 288 34.27 96.21 11.16
N GLY S 289 34.41 94.88 11.13
CA GLY S 289 34.58 94.15 9.87
C GLY S 289 33.25 94.14 9.09
N LEU S 290 32.18 93.92 9.81
CA LEU S 290 30.84 93.88 9.20
C LEU S 290 30.51 95.26 8.60
N GLU S 291 30.95 96.27 9.36
CA GLU S 291 30.65 97.62 8.83
C GLU S 291 31.46 98.00 7.63
N ALA S 292 32.65 97.60 7.35
CA ALA S 292 33.44 97.87 6.17
C ALA S 292 32.73 97.28 4.96
N VAL S 293 32.18 96.05 5.18
CA VAL S 293 31.47 95.30 4.15
C VAL S 293 30.11 96.00 3.85
N ASN S 294 29.29 96.27 4.85
CA ASN S 294 28.00 96.87 4.79
C ASN S 294 28.02 98.26 4.17
N LYS S 295 29.05 99.02 4.24
CA LYS S 295 29.21 100.38 3.63
C LYS S 295 29.43 100.16 2.14
N ASP S 296 30.03 99.07 1.72
CA ASP S 296 30.18 98.73 0.30
C ASP S 296 28.81 98.32 -0.25
N LYS S 297 28.29 97.17 0.10
CA LYS S 297 26.91 96.73 -0.30
C LYS S 297 26.19 96.33 0.94
N PRO S 298 25.08 96.84 1.36
CA PRO S 298 24.43 96.47 2.61
C PRO S 298 24.20 94.99 2.73
N LEU S 299 24.42 94.45 3.95
CA LEU S 299 24.22 93.02 4.19
C LEU S 299 22.81 92.57 4.49
N GLY S 300 21.95 93.37 5.06
CA GLY S 300 20.63 92.98 5.50
C GLY S 300 20.82 92.98 7.08
N ALA S 301 20.07 92.07 7.65
CA ALA S 301 20.06 91.87 9.13
C ALA S 301 21.28 91.07 9.46
N VAL S 302 22.29 91.38 10.23
CA VAL S 302 23.52 90.64 10.50
C VAL S 302 23.31 89.62 11.62
N ALA S 303 24.10 88.56 11.56
CA ALA S 303 23.91 87.54 12.67
C ALA S 303 24.58 87.96 13.97
N LEU S 304 25.51 88.91 13.89
CA LEU S 304 26.27 89.46 15.06
C LEU S 304 25.31 90.41 15.80
N LYS S 305 24.99 89.91 17.03
CA LYS S 305 24.01 90.70 17.81
C LYS S 305 24.31 92.16 18.06
N SER S 306 25.53 92.47 18.30
CA SER S 306 26.08 93.78 18.67
C SER S 306 25.87 94.78 17.54
N TYR S 307 26.33 94.42 16.36
CA TYR S 307 26.12 95.18 15.10
C TYR S 307 24.66 95.26 14.69
N GLU S 308 23.93 94.11 14.83
CA GLU S 308 22.55 94.06 14.42
C GLU S 308 21.71 95.10 15.14
N GLU S 309 22.19 95.24 16.38
CA GLU S 309 21.61 96.21 17.34
C GLU S 309 21.65 97.65 16.81
N GLU S 310 22.74 98.01 16.12
CA GLU S 310 22.90 99.32 15.56
C GLU S 310 22.22 99.42 14.19
N LEU S 311 22.07 98.22 13.59
CA LEU S 311 21.51 98.14 12.19
C LEU S 311 20.03 98.28 12.15
N ALA S 312 19.21 97.86 13.23
CA ALA S 312 17.94 98.31 12.61
C ALA S 312 16.75 98.49 13.48
N LYS S 313 16.64 99.73 13.65
CA LYS S 313 16.35 101.09 13.68
C LYS S 313 16.17 101.69 12.26
N ASP S 314 16.99 101.06 11.41
CA ASP S 314 16.93 101.45 9.95
C ASP S 314 15.61 100.87 9.42
N PRO S 315 14.71 101.66 8.90
CA PRO S 315 13.46 101.19 8.44
C PRO S 315 13.61 100.14 7.27
N ARG S 316 14.61 100.19 6.51
CA ARG S 316 14.96 99.27 5.40
C ARG S 316 15.22 97.90 5.99
N ILE S 317 15.98 97.91 7.05
CA ILE S 317 16.29 96.71 7.85
C ILE S 317 15.06 96.20 8.54
N ALA S 318 14.22 97.09 9.09
CA ALA S 318 12.99 96.60 9.71
C ALA S 318 12.09 95.91 8.73
N ALA S 319 12.09 96.43 7.50
CA ALA S 319 11.21 95.82 6.47
C ALA S 319 11.74 94.46 6.03
N THR S 320 13.05 94.39 5.99
CA THR S 320 13.80 93.16 5.65
C THR S 320 13.39 92.04 6.64
N MET S 321 13.50 92.45 7.94
CA MET S 321 13.00 91.53 9.02
C MET S 321 11.55 91.18 8.96
N GLU S 322 10.67 92.07 8.56
CA GLU S 322 9.28 91.72 8.48
C GLU S 322 9.02 90.73 7.33
N ASN S 323 9.67 90.95 6.18
CA ASN S 323 9.45 89.99 5.04
C ASN S 323 10.09 88.66 5.46
N ALA S 324 11.23 88.75 6.09
CA ALA S 324 11.90 87.50 6.55
C ALA S 324 11.02 86.66 7.45
N GLN S 325 10.34 87.31 8.41
CA GLN S 325 9.37 86.75 9.37
C GLN S 325 8.19 86.13 8.66
N LYS S 326 7.69 86.55 7.54
CA LYS S 326 6.64 86.02 6.78
C LYS S 326 7.13 84.95 5.80
N GLY S 327 8.41 84.85 5.71
CA GLY S 327 8.98 83.90 4.80
C GLY S 327 9.33 82.61 5.55
N GLU S 328 10.25 81.89 4.97
CA GLU S 328 10.76 80.65 5.50
C GLU S 328 12.22 80.50 5.13
N ILE S 329 12.99 80.15 6.09
CA ILE S 329 14.41 79.91 5.96
C ILE S 329 14.55 78.73 5.01
N MET S 330 15.46 78.76 4.06
CA MET S 330 15.59 77.66 3.08
C MET S 330 16.17 76.45 3.83
N PRO S 331 15.80 75.31 3.31
CA PRO S 331 16.46 74.02 3.65
C PRO S 331 17.90 74.11 3.14
N ASN S 332 18.94 73.39 3.62
CA ASN S 332 20.27 73.33 3.14
C ASN S 332 20.54 71.86 2.65
N ILE S 333 19.56 71.06 2.57
CA ILE S 333 19.67 69.63 2.12
C ILE S 333 20.29 69.57 0.75
N PRO S 334 21.00 68.53 0.31
CA PRO S 334 21.62 68.40 -1.01
C PRO S 334 20.62 68.57 -2.13
N GLN S 335 19.38 68.19 -1.87
CA GLN S 335 18.32 68.29 -2.87
C GLN S 335 17.95 69.76 -3.24
N MET S 336 18.40 70.78 -2.51
CA MET S 336 18.10 72.21 -2.93
C MET S 336 18.56 72.56 -4.32
N SER S 337 19.66 72.01 -4.75
CA SER S 337 20.06 72.28 -6.18
C SER S 337 19.13 71.69 -7.26
N ALA S 338 18.49 70.55 -7.07
CA ALA S 338 17.55 69.96 -8.00
C ALA S 338 16.28 70.82 -8.01
N PHE S 339 15.82 71.13 -6.82
CA PHE S 339 14.66 72.01 -6.67
C PHE S 339 14.88 73.29 -7.49
N TRP S 340 15.99 73.98 -7.25
CA TRP S 340 16.18 75.26 -7.97
C TRP S 340 16.23 75.18 -9.49
N TYR S 341 16.92 74.14 -9.94
CA TYR S 341 17.02 74.06 -11.47
C TYR S 341 15.70 73.68 -12.03
N ALA S 342 14.95 72.80 -11.33
CA ALA S 342 13.60 72.44 -11.84
C ALA S 342 12.66 73.62 -11.84
N VAL S 343 12.70 74.43 -10.76
CA VAL S 343 11.78 75.59 -10.66
C VAL S 343 12.22 76.68 -11.63
N ARG S 344 13.49 76.80 -11.90
CA ARG S 344 14.02 77.77 -12.86
C ARG S 344 13.48 77.45 -14.24
N THR S 345 13.64 76.21 -14.64
CA THR S 345 13.03 75.91 -16.00
C THR S 345 11.57 76.21 -16.13
N ALA S 346 10.80 75.70 -15.09
CA ALA S 346 9.35 75.82 -15.05
C ALA S 346 8.89 77.21 -15.27
N VAL S 347 9.47 78.17 -14.61
CA VAL S 347 8.97 79.59 -14.66
C VAL S 347 9.26 80.25 -16.05
N ILE S 348 10.49 79.92 -16.44
CA ILE S 348 10.90 80.52 -17.74
C ILE S 348 10.00 79.94 -18.83
N ASN S 349 9.86 78.64 -18.84
CA ASN S 349 8.99 77.98 -19.86
C ASN S 349 7.57 78.51 -19.74
N ALA S 350 7.02 78.76 -18.56
CA ALA S 350 5.68 79.21 -18.41
C ALA S 350 5.58 80.70 -18.77
N ALA S 351 6.58 81.47 -18.38
CA ALA S 351 6.48 82.96 -18.67
C ALA S 351 6.59 83.27 -20.17
N SER S 352 7.44 82.51 -20.84
CA SER S 352 7.75 82.52 -22.27
C SER S 352 6.63 81.91 -23.10
N GLY S 353 5.64 81.24 -22.52
CA GLY S 353 4.49 80.63 -23.07
C GLY S 353 4.80 79.35 -23.78
N ARG S 354 5.99 78.75 -23.53
CA ARG S 354 6.43 77.51 -24.13
C ARG S 354 5.60 76.34 -23.54
N GLN S 355 5.16 76.50 -22.29
CA GLN S 355 4.39 75.49 -21.59
C GLN S 355 3.36 76.30 -20.81
N THR S 356 2.29 75.60 -20.52
CA THR S 356 1.20 76.10 -19.68
C THR S 356 1.78 75.93 -18.23
N VAL S 357 1.15 76.66 -17.32
CA VAL S 357 1.48 76.53 -15.90
C VAL S 357 1.35 75.11 -15.42
N ASP S 358 0.24 74.47 -15.67
CA ASP S 358 -0.03 73.05 -15.22
C ASP S 358 1.05 72.10 -15.73
N GLU S 359 1.35 72.15 -17.01
CA GLU S 359 2.42 71.39 -17.62
C GLU S 359 3.77 71.78 -17.01
N ALA S 360 4.11 73.02 -16.84
CA ALA S 360 5.41 73.40 -16.28
C ALA S 360 5.64 72.90 -14.85
N LEU S 361 4.62 73.01 -14.04
CA LEU S 361 4.77 72.68 -12.59
C LEU S 361 4.76 71.20 -12.38
N LYS S 362 4.11 70.61 -13.37
CA LYS S 362 4.05 69.12 -13.21
C LYS S 362 5.37 68.57 -13.57
N ASP S 363 6.00 69.08 -14.55
CA ASP S 363 7.32 68.54 -14.96
C ASP S 363 8.35 68.74 -13.87
N ALA S 364 8.16 69.92 -13.26
CA ALA S 364 9.10 70.32 -12.22
C ALA S 364 9.03 69.35 -11.07
N GLN S 365 7.73 69.06 -10.72
CA GLN S 365 7.42 68.12 -9.60
C GLN S 365 8.05 66.79 -9.82
N THR S 366 7.92 66.22 -11.05
CA THR S 366 8.51 64.98 -11.49
C THR S 366 10.00 65.03 -11.46
N ARG S 367 10.57 66.09 -12.01
CA ARG S 367 11.98 66.24 -11.99
C ARG S 367 12.50 66.21 -10.56
N ILE S 368 11.90 66.93 -9.63
CA ILE S 368 12.40 66.96 -8.26
C ILE S 368 12.28 65.66 -7.49
N THR S 369 11.17 64.99 -7.63
CA THR S 369 10.98 63.76 -6.84
C THR S 369 11.51 62.48 -7.47
N LYS S 370 12.35 62.88 -8.86
CA LYS S 370 13.63 62.29 -9.20
C LYS S 370 14.77 62.33 -8.22
N LYS T 1 72.48 40.89 8.35
CA LYS T 1 72.06 42.35 8.30
C LYS T 1 73.25 43.25 7.97
N ILE T 2 74.36 42.77 8.52
CA ILE T 2 75.74 43.21 8.45
C ILE T 2 75.93 44.68 8.85
N GLU T 3 76.39 45.38 7.82
CA GLU T 3 76.67 46.82 7.87
C GLU T 3 77.73 47.19 8.88
N GLU T 4 77.53 47.75 10.06
CA GLU T 4 78.61 48.06 10.99
C GLU T 4 78.18 48.97 12.14
N GLY T 5 78.63 50.18 11.97
CA GLY T 5 78.62 51.48 12.52
C GLY T 5 79.14 52.60 11.58
N LYS T 6 78.88 52.40 10.30
CA LYS T 6 79.14 53.24 9.14
C LYS T 6 77.87 53.28 8.27
N LEU T 7 77.89 53.99 7.16
CA LEU T 7 76.86 54.20 6.14
C LEU T 7 77.34 53.81 4.72
N VAL T 8 76.66 52.98 3.99
CA VAL T 8 76.97 52.58 2.57
C VAL T 8 75.72 53.01 1.78
N ILE T 9 75.90 53.76 0.73
CA ILE T 9 74.84 54.30 -0.10
C ILE T 9 75.03 53.79 -1.51
N TRP T 10 73.90 53.42 -2.08
CA TRP T 10 73.84 52.97 -3.51
C TRP T 10 72.97 53.96 -4.30
N ILE T 11 73.54 54.50 -5.38
CA ILE T 11 72.78 55.48 -6.22
C ILE T 11 73.16 55.11 -7.64
N ASN T 12 72.36 55.35 -8.62
CA ASN T 12 72.54 55.11 -10.04
C ASN T 12 73.72 56.01 -10.50
N GLY T 13 74.37 55.42 -11.48
CA GLY T 13 75.54 55.94 -12.14
C GLY T 13 75.28 57.22 -12.91
N ASP T 14 74.01 57.47 -13.31
CA ASP T 14 73.75 58.72 -13.99
C ASP T 14 73.45 59.89 -13.03
N LYS T 15 73.55 59.75 -11.72
CA LYS T 15 73.23 60.81 -10.75
C LYS T 15 74.49 61.42 -10.21
N GLY T 16 74.44 62.53 -9.44
CA GLY T 16 75.69 63.07 -8.95
C GLY T 16 76.18 62.46 -7.66
N TYR T 17 76.74 61.23 -7.84
CA TYR T 17 77.32 60.45 -6.76
C TYR T 17 78.56 61.15 -6.20
N ASN T 18 79.25 61.99 -7.00
CA ASN T 18 80.42 62.69 -6.37
C ASN T 18 79.78 63.80 -5.53
N GLY T 19 78.71 64.52 -5.88
CA GLY T 19 78.19 65.51 -4.98
C GLY T 19 77.79 64.84 -3.67
N LEU T 20 77.23 63.66 -3.83
CA LEU T 20 76.71 62.84 -2.69
C LEU T 20 77.88 62.48 -1.80
N ALA T 21 78.95 62.00 -2.32
CA ALA T 21 80.20 61.72 -1.62
C ALA T 21 80.72 62.97 -0.90
N GLU T 22 80.64 64.20 -1.37
CA GLU T 22 81.05 65.46 -0.72
C GLU T 22 80.17 65.70 0.49
N VAL T 23 78.91 65.24 0.35
CA VAL T 23 78.00 65.35 1.49
C VAL T 23 78.34 64.25 2.50
N GLY T 24 78.69 63.05 2.14
CA GLY T 24 79.08 62.10 3.19
C GLY T 24 80.24 62.60 4.05
N LYS T 25 81.13 63.28 3.37
CA LYS T 25 82.38 63.83 3.89
C LYS T 25 82.19 64.80 5.03
N LYS T 26 81.21 65.63 4.95
CA LYS T 26 81.02 66.56 6.07
C LYS T 26 80.03 65.86 6.97
N PHE T 27 79.76 64.56 6.74
CA PHE T 27 78.77 63.97 7.71
C PHE T 27 79.72 63.45 8.81
N GLU T 28 80.70 62.82 8.18
CA GLU T 28 81.81 62.10 8.80
C GLU T 28 82.89 62.87 9.56
N LYS T 29 83.10 64.05 9.03
CA LYS T 29 84.05 65.06 9.54
C LYS T 29 83.33 65.67 10.74
N ASP T 30 82.02 65.44 10.76
CA ASP T 30 81.20 66.10 11.86
C ASP T 30 80.58 65.02 12.73
N THR T 31 81.04 63.80 12.43
CA THR T 31 80.42 62.74 13.22
C THR T 31 81.24 61.55 13.55
N GLY T 32 82.24 61.25 12.76
CA GLY T 32 83.04 60.05 12.89
C GLY T 32 82.49 58.84 12.12
N ILE T 33 81.26 58.98 11.54
CA ILE T 33 80.73 57.86 10.80
C ILE T 33 81.18 58.13 9.36
N LYS T 34 81.94 57.25 8.82
CA LYS T 34 82.34 57.48 7.43
C LYS T 34 81.24 56.89 6.49
N VAL T 35 81.04 57.73 5.45
CA VAL T 35 80.05 57.30 4.42
C VAL T 35 80.74 56.81 3.18
N THR T 36 80.37 55.72 2.56
CA THR T 36 80.86 55.12 1.37
C THR T 36 79.76 55.19 0.25
N VAL T 37 79.94 55.81 -0.89
CA VAL T 37 78.97 55.95 -1.95
C VAL T 37 79.22 55.04 -3.10
N GLU T 38 78.31 54.13 -3.46
CA GLU T 38 78.62 53.25 -4.61
C GLU T 38 77.49 53.38 -5.63
N HIS T 39 77.87 53.04 -6.85
CA HIS T 39 76.91 53.06 -7.96
C HIS T 39 77.00 51.80 -8.82
N PRO T 40 76.59 50.67 -8.22
CA PRO T 40 76.60 49.40 -8.94
C PRO T 40 75.67 49.47 -10.10
N ASP T 41 76.00 48.69 -11.12
CA ASP T 41 75.16 48.55 -12.36
C ASP T 41 73.85 47.82 -12.05
N LYS T 42 72.70 48.02 -12.63
CA LYS T 42 71.53 47.23 -12.18
C LYS T 42 71.28 47.29 -10.70
N LEU T 43 71.53 48.42 -10.07
CA LEU T 43 71.38 48.30 -8.57
C LEU T 43 69.93 48.02 -8.14
N GLU T 44 69.05 48.47 -9.02
CA GLU T 44 67.62 48.41 -8.70
C GLU T 44 67.10 46.98 -8.69
N GLU T 45 67.93 46.22 -9.36
CA GLU T 45 67.82 44.76 -9.52
C GLU T 45 68.66 44.06 -8.50
N LYS T 46 69.89 44.53 -8.29
CA LYS T 46 70.78 43.95 -7.34
C LYS T 46 70.22 44.18 -5.97
N PHE T 47 69.59 45.30 -5.61
CA PHE T 47 69.16 45.49 -4.22
C PHE T 47 68.33 44.37 -3.58
N PRO T 48 67.25 43.99 -4.27
CA PRO T 48 66.29 43.02 -3.70
C PRO T 48 67.02 41.70 -3.46
N GLN T 49 67.98 41.47 -4.39
CA GLN T 49 68.75 40.23 -4.26
C GLN T 49 69.59 40.24 -2.99
N VAL T 50 70.51 41.14 -2.79
CA VAL T 50 71.37 41.16 -1.62
C VAL T 50 70.62 41.59 -0.37
N ALA T 51 69.59 42.45 -0.47
CA ALA T 51 68.91 42.91 0.77
C ALA T 51 68.07 41.81 1.43
N ALA T 52 67.67 40.94 0.50
CA ALA T 52 66.79 39.81 0.83
C ALA T 52 67.53 38.96 1.85
N THR T 53 68.86 38.84 1.65
CA THR T 53 69.80 38.11 2.50
C THR T 53 70.14 38.95 3.73
N GLY T 54 69.48 40.07 3.89
CA GLY T 54 69.83 40.85 5.10
C GLY T 54 71.07 41.67 4.87
N ASP T 55 71.60 41.74 3.60
CA ASP T 55 72.80 42.70 3.50
C ASP T 55 72.47 43.86 2.53
N GLY T 56 73.42 44.37 1.74
CA GLY T 56 73.22 45.50 0.78
C GLY T 56 73.60 46.82 1.37
N PRO T 57 73.15 47.97 0.83
CA PRO T 57 73.50 49.27 1.37
C PRO T 57 72.67 49.61 2.56
N ASP T 58 73.03 50.53 3.37
CA ASP T 58 72.21 51.05 4.49
C ASP T 58 71.04 51.84 3.83
N ILE T 59 71.44 52.60 2.75
CA ILE T 59 70.52 53.49 2.00
C ILE T 59 70.66 53.27 0.48
N ILE T 60 69.48 53.20 -0.16
CA ILE T 60 69.20 53.00 -1.54
C ILE T 60 68.37 54.14 -2.12
N PHE T 61 68.89 54.61 -3.27
CA PHE T 61 68.26 55.67 -4.05
C PHE T 61 67.81 55.08 -5.45
N TRP T 62 66.53 55.34 -5.72
CA TRP T 62 65.96 54.98 -7.01
C TRP T 62 64.72 55.87 -7.16
N ALA T 63 64.14 55.94 -8.41
CA ALA T 63 62.83 56.53 -8.69
C ALA T 63 61.81 55.78 -7.79
N HIS T 64 60.71 56.35 -7.41
CA HIS T 64 59.78 55.68 -6.46
C HIS T 64 59.06 54.51 -7.02
N ASP T 65 58.94 54.34 -8.38
CA ASP T 65 58.18 53.18 -8.96
C ASP T 65 58.67 51.81 -8.45
N ARG T 66 59.93 51.67 -8.05
CA ARG T 66 60.51 50.39 -7.61
C ARG T 66 60.20 50.17 -6.11
N PHE T 67 59.88 51.20 -5.34
CA PHE T 67 59.71 51.09 -3.86
C PHE T 67 58.50 50.25 -3.40
N GLY T 68 57.36 50.21 -3.97
CA GLY T 68 56.20 49.38 -3.57
C GLY T 68 56.64 47.93 -3.52
N GLY T 69 57.40 47.46 -4.48
CA GLY T 69 57.83 46.08 -4.56
C GLY T 69 58.84 45.80 -3.49
N TYR T 70 59.76 46.69 -3.17
CA TYR T 70 60.75 46.49 -2.15
C TYR T 70 60.00 46.35 -0.83
N ALA T 71 59.11 47.21 -0.52
CA ALA T 71 58.30 47.30 0.68
C ALA T 71 57.48 45.99 0.85
N GLN T 72 56.80 45.51 -0.16
CA GLN T 72 56.02 44.28 -0.11
C GLN T 72 56.87 43.03 0.19
N SER T 73 58.10 43.01 -0.24
CA SER T 73 59.04 41.96 0.01
C SER T 73 59.68 42.10 1.41
N GLY T 74 59.31 43.12 2.11
CA GLY T 74 59.77 43.63 3.39
C GLY T 74 61.20 44.20 3.43
N LEU T 75 61.75 44.95 2.50
CA LEU T 75 63.18 45.34 2.42
C LEU T 75 63.51 46.73 2.89
N LEU T 76 62.41 47.43 3.22
CA LEU T 76 62.60 48.78 3.67
C LEU T 76 61.96 49.03 5.03
N ALA T 77 62.54 49.90 5.77
CA ALA T 77 62.05 50.38 7.03
C ALA T 77 61.08 51.55 6.78
N GLU T 78 60.08 51.60 7.66
CA GLU T 78 59.08 52.66 7.69
C GLU T 78 59.86 53.84 8.35
N ILE T 79 59.75 54.97 7.70
CA ILE T 79 60.39 56.18 8.18
C ILE T 79 59.26 56.95 8.85
N THR T 80 59.70 57.84 9.73
CA THR T 80 58.85 58.74 10.53
C THR T 80 59.36 60.15 10.73
N PRO T 81 59.07 61.01 9.79
CA PRO T 81 59.49 62.43 9.94
C PRO T 81 58.31 63.09 10.64
N ASP T 82 58.57 64.08 11.45
CA ASP T 82 57.38 64.72 12.06
C ASP T 82 56.96 65.83 11.09
N LYS T 83 55.72 66.12 11.27
CA LYS T 83 54.96 67.12 10.53
C LYS T 83 55.79 68.38 10.27
N ALA T 84 56.81 68.56 11.12
CA ALA T 84 57.61 69.77 10.91
C ALA T 84 58.52 69.35 9.74
N PHE T 85 59.19 68.26 9.91
CA PHE T 85 60.07 67.90 8.79
C PHE T 85 59.26 67.67 7.53
N GLN T 86 58.12 67.04 7.70
CA GLN T 86 57.26 66.74 6.56
C GLN T 86 56.87 67.96 5.73
N ASP T 87 56.71 69.05 6.44
CA ASP T 87 56.28 70.40 6.09
C ASP T 87 57.21 71.11 5.12
N LYS T 88 58.44 70.76 5.21
CA LYS T 88 59.51 71.25 4.33
C LYS T 88 59.42 70.75 2.89
N LEU T 89 58.69 69.69 2.62
CA LEU T 89 58.57 69.06 1.34
C LEU T 89 57.21 69.22 0.71
N TYR T 90 57.24 69.25 -0.61
CA TYR T 90 55.94 69.26 -1.28
C TYR T 90 55.23 67.95 -0.93
N PRO T 91 53.99 68.07 -0.55
CA PRO T 91 53.15 66.90 -0.18
C PRO T 91 52.89 65.93 -1.29
N PHE T 92 52.77 66.35 -2.53
CA PHE T 92 52.53 65.30 -3.54
C PHE T 92 53.78 64.41 -3.53
N THR T 93 54.94 64.88 -3.07
CA THR T 93 56.16 64.04 -3.08
C THR T 93 56.14 62.98 -1.97
N TRP T 94 55.44 63.27 -0.82
CA TRP T 94 55.34 62.22 0.25
C TRP T 94 54.35 61.16 -0.21
N ASP T 95 53.38 61.40 -0.99
CA ASP T 95 52.36 60.54 -1.48
C ASP T 95 52.94 59.45 -2.39
N ALA T 96 53.98 59.89 -3.10
CA ALA T 96 54.70 59.02 -4.05
C ALA T 96 55.42 57.95 -3.28
N VAL T 97 55.73 58.16 -1.99
CA VAL T 97 56.54 57.21 -1.23
C VAL T 97 55.72 56.53 -0.10
N ARG T 98 54.49 56.45 -0.33
CA ARG T 98 53.56 55.82 0.62
C ARG T 98 53.17 54.51 0.06
N TYR T 99 53.28 53.49 0.83
CA TYR T 99 52.87 52.17 0.38
C TYR T 99 51.96 51.63 1.52
N ASN T 100 50.71 51.42 1.17
CA ASN T 100 49.70 50.91 2.10
C ASN T 100 49.58 51.87 3.27
N GLY T 101 49.60 53.15 3.00
CA GLY T 101 49.53 54.27 3.90
C GLY T 101 50.78 54.60 4.67
N LYS T 102 51.83 53.81 4.77
CA LYS T 102 53.07 54.03 5.53
C LYS T 102 54.14 54.79 4.64
N LEU T 103 54.98 55.55 5.23
CA LEU T 103 56.01 56.19 4.37
C LEU T 103 57.16 55.24 4.30
N ILE T 104 57.72 54.95 3.12
CA ILE T 104 58.85 53.97 3.03
C ILE T 104 60.16 54.49 2.45
N ALA T 105 60.08 55.84 2.28
CA ALA T 105 61.27 56.56 1.76
C ALA T 105 61.10 58.07 1.84
N TYR T 106 62.25 58.74 1.70
CA TYR T 106 62.37 60.20 1.64
C TYR T 106 62.46 60.60 0.13
N PRO T 107 61.60 61.45 -0.27
CA PRO T 107 61.51 61.97 -1.65
C PRO T 107 62.61 63.01 -1.77
N ILE T 108 63.34 63.02 -2.86
CA ILE T 108 64.48 63.91 -3.08
C ILE T 108 64.20 64.89 -4.23
N ALA T 109 63.74 64.35 -5.39
CA ALA T 109 63.58 65.27 -6.56
C ALA T 109 62.62 64.68 -7.52
N VAL T 110 62.03 65.45 -8.35
CA VAL T 110 61.00 65.23 -9.34
C VAL T 110 61.65 65.31 -10.72
N GLU T 111 61.60 64.07 -11.27
CA GLU T 111 62.26 63.87 -12.63
C GLU T 111 61.30 63.75 -13.77
N ALA T 112 61.42 64.51 -14.92
CA ALA T 112 60.57 64.35 -16.07
C ALA T 112 61.54 64.56 -17.29
N LEU T 113 61.35 63.80 -18.30
CA LEU T 113 62.12 63.96 -19.56
C LEU T 113 61.67 65.26 -20.26
N SER T 114 62.58 65.91 -20.98
CA SER T 114 62.37 67.12 -21.82
C SER T 114 63.01 66.98 -23.24
N LEU T 115 62.56 67.83 -24.15
CA LEU T 115 63.19 67.84 -25.47
C LEU T 115 64.39 68.75 -25.27
N ILE T 116 65.57 68.34 -25.62
CA ILE T 116 66.83 69.16 -25.60
C ILE T 116 67.23 69.38 -27.06
N TYR T 117 67.48 70.64 -27.40
CA TYR T 117 67.76 70.84 -28.89
C TYR T 117 68.98 71.74 -28.95
N ASN T 118 69.64 71.60 -30.14
CA ASN T 118 70.90 72.37 -30.41
C ASN T 118 70.45 73.68 -31.03
N LYS T 119 70.57 74.77 -30.30
CA LYS T 119 70.09 76.08 -30.82
C LYS T 119 70.76 76.59 -32.13
N ASP T 120 71.91 76.02 -32.33
CA ASP T 120 72.72 76.35 -33.51
C ASP T 120 72.26 75.52 -34.70
N LEU T 121 71.81 74.30 -34.62
CA LEU T 121 71.27 73.57 -35.78
C LEU T 121 69.78 73.90 -35.88
N LEU T 122 69.12 74.22 -34.80
CA LEU T 122 67.64 74.42 -34.71
C LEU T 122 67.19 75.47 -33.73
N PRO T 123 67.29 76.71 -34.09
CA PRO T 123 66.94 77.82 -33.21
C PRO T 123 65.53 77.61 -32.69
N ASN T 124 64.65 77.09 -33.52
CA ASN T 124 63.22 76.82 -33.10
C ASN T 124 62.91 75.29 -33.13
N PRO T 125 62.59 74.77 -31.98
CA PRO T 125 62.31 73.32 -31.87
C PRO T 125 60.97 73.04 -32.49
N PRO T 126 60.83 71.83 -33.03
CA PRO T 126 59.56 71.40 -33.65
C PRO T 126 58.45 71.32 -32.57
N LYS T 127 57.21 71.60 -32.92
CA LYS T 127 56.17 71.53 -31.89
C LYS T 127 55.41 70.20 -31.94
N THR T 128 55.75 69.43 -32.99
CA THR T 128 55.03 68.19 -33.30
C THR T 128 55.90 67.05 -33.67
N TRP T 129 55.53 65.81 -33.24
CA TRP T 129 56.33 64.67 -33.59
C TRP T 129 56.26 64.53 -35.12
N GLU T 130 55.06 64.89 -35.63
CA GLU T 130 54.81 64.66 -37.09
C GLU T 130 55.73 65.44 -38.00
N GLU T 131 56.24 66.56 -37.59
CA GLU T 131 57.18 67.27 -38.56
C GLU T 131 58.59 66.84 -38.41
N ILE T 132 58.87 65.79 -37.67
CA ILE T 132 60.24 65.36 -37.46
C ILE T 132 60.80 64.71 -38.70
N PRO T 133 60.05 63.88 -39.39
CA PRO T 133 60.59 63.17 -40.58
C PRO T 133 61.14 64.18 -41.64
N ALA T 134 60.33 65.20 -41.93
CA ALA T 134 60.69 66.25 -42.88
C ALA T 134 62.00 66.93 -42.46
N LEU T 135 61.93 67.23 -41.15
CA LEU T 135 63.10 67.90 -40.57
C LEU T 135 64.36 67.08 -40.75
N ASP T 136 64.38 65.80 -40.56
CA ASP T 136 65.52 64.89 -40.67
C ASP T 136 66.10 64.87 -42.14
N LYS T 137 65.12 64.86 -43.01
CA LYS T 137 65.33 64.90 -44.48
C LYS T 137 66.30 66.09 -44.75
N GLU T 138 65.94 67.25 -44.29
CA GLU T 138 66.69 68.50 -44.46
C GLU T 138 68.06 68.52 -43.83
N LEU T 139 68.20 68.02 -42.60
CA LEU T 139 69.44 68.00 -41.86
C LEU T 139 70.39 67.00 -42.45
N LYS T 140 69.90 65.88 -42.87
CA LYS T 140 70.62 64.75 -43.40
C LYS T 140 71.43 65.02 -44.68
N ALA T 141 70.96 65.97 -45.42
CA ALA T 141 71.42 66.56 -46.64
C ALA T 141 72.69 67.37 -46.33
N LYS T 142 72.76 67.71 -45.06
CA LYS T 142 73.85 68.53 -44.44
C LYS T 142 74.75 67.72 -43.52
N GLY T 143 74.72 66.41 -43.59
CA GLY T 143 75.40 65.40 -42.85
C GLY T 143 74.88 65.18 -41.40
N LYS T 144 73.82 65.80 -40.93
CA LYS T 144 73.26 65.71 -39.55
C LYS T 144 71.99 64.87 -39.51
N SER T 145 71.35 64.84 -38.31
CA SER T 145 70.06 64.13 -38.05
C SER T 145 69.22 65.01 -37.07
N ALA T 146 67.96 64.79 -37.17
CA ALA T 146 67.04 65.54 -36.40
C ALA T 146 67.04 65.10 -34.93
N LEU T 147 66.99 63.81 -34.63
CA LEU T 147 66.81 63.31 -33.27
C LEU T 147 67.41 62.01 -32.95
N MET T 148 68.00 61.87 -31.74
CA MET T 148 68.49 60.55 -31.39
C MET T 148 68.25 60.43 -29.90
N PHE T 149 67.71 59.32 -29.46
CA PHE T 149 67.51 59.19 -27.93
C PHE T 149 67.58 57.71 -27.65
N ASN T 150 67.72 57.37 -26.38
CA ASN T 150 67.84 55.98 -25.94
C ASN T 150 66.58 55.15 -26.28
N LEU T 151 66.64 54.19 -27.17
CA LEU T 151 65.56 53.32 -27.55
C LEU T 151 65.57 51.98 -26.81
N GLN T 152 66.57 51.72 -26.05
CA GLN T 152 66.75 50.52 -25.34
C GLN T 152 65.96 50.57 -24.03
N GLU T 153 65.66 51.65 -23.42
CA GLU T 153 64.90 51.89 -22.12
C GLU T 153 63.52 52.46 -22.36
N PRO T 154 62.47 51.68 -21.98
CA PRO T 154 61.08 52.03 -22.29
C PRO T 154 60.64 53.35 -21.77
N TYR T 155 61.39 53.77 -20.73
CA TYR T 155 61.17 55.06 -20.06
C TYR T 155 61.27 56.25 -21.08
N PHE T 156 62.13 56.06 -22.08
CA PHE T 156 62.37 57.19 -23.07
C PHE T 156 61.34 57.32 -24.17
N THR T 157 60.83 56.10 -24.44
CA THR T 157 59.77 55.94 -25.45
C THR T 157 58.31 56.09 -24.90
N TRP T 158 58.04 55.81 -23.62
CA TRP T 158 56.73 55.92 -23.05
C TRP T 158 56.07 57.20 -23.31
N PRO T 159 56.65 58.38 -23.33
CA PRO T 159 55.86 59.63 -23.59
C PRO T 159 55.08 59.64 -24.88
N LEU T 160 55.65 59.02 -25.93
CA LEU T 160 54.97 58.96 -27.23
C LEU T 160 53.84 57.91 -27.23
N ILE T 161 54.14 56.76 -26.55
CA ILE T 161 53.13 55.69 -26.42
C ILE T 161 51.91 56.14 -25.63
N ALA T 162 52.19 56.84 -24.59
CA ALA T 162 51.08 57.35 -23.76
C ALA T 162 50.43 58.53 -24.40
N ALA T 163 50.98 59.38 -25.31
CA ALA T 163 50.35 60.59 -25.81
C ALA T 163 48.94 60.49 -26.28
N ASP T 164 48.62 59.55 -27.17
CA ASP T 164 47.30 59.36 -27.76
C ASP T 164 46.48 58.34 -26.94
N GLY T 165 46.88 58.00 -25.71
CA GLY T 165 46.08 57.09 -24.86
C GLY T 165 46.73 55.91 -24.27
N GLY T 166 47.96 55.48 -24.50
CA GLY T 166 48.48 54.24 -23.84
C GLY T 166 48.51 54.53 -22.38
N TYR T 167 48.45 53.49 -21.54
CA TYR T 167 48.52 53.73 -20.05
C TYR T 167 48.99 52.44 -19.38
N ALA T 168 49.58 52.58 -18.20
CA ALA T 168 50.07 51.40 -17.47
C ALA T 168 48.89 50.67 -16.80
N PHE T 169 48.42 51.10 -15.68
CA PHE T 169 47.34 50.59 -14.82
C PHE T 169 46.32 51.73 -14.62
N LYS T 170 45.10 51.40 -14.81
CA LYS T 170 43.98 52.30 -14.62
C LYS T 170 43.87 52.54 -13.08
N TYR T 171 43.82 53.81 -12.72
CA TYR T 171 43.67 54.30 -11.40
C TYR T 171 42.12 54.38 -11.20
N GLU T 172 41.53 53.53 -10.38
CA GLU T 172 40.07 53.57 -10.28
C GLU T 172 39.65 53.46 -8.83
N ASN T 173 39.01 54.49 -8.31
CA ASN T 173 38.52 54.58 -6.89
C ASN T 173 39.57 54.17 -5.85
N GLY T 174 40.47 55.17 -5.68
CA GLY T 174 41.56 55.05 -4.70
C GLY T 174 42.65 54.01 -4.95
N LYS T 175 42.45 53.25 -6.05
CA LYS T 175 43.57 52.31 -6.29
C LYS T 175 43.65 51.95 -7.75
N TYR T 176 44.81 51.32 -8.04
CA TYR T 176 45.20 50.82 -9.33
C TYR T 176 44.59 49.42 -9.54
N ASP T 177 43.92 49.31 -10.67
CA ASP T 177 43.38 48.05 -11.15
C ASP T 177 44.53 47.39 -12.00
N ILE T 178 45.04 46.32 -11.41
CA ILE T 178 46.10 45.53 -11.98
C ILE T 178 45.70 44.70 -13.19
N LYS T 179 44.39 44.64 -13.43
CA LYS T 179 43.91 43.84 -14.55
C LYS T 179 43.51 44.79 -15.64
N ASP T 180 43.46 46.08 -15.40
CA ASP T 180 43.13 47.06 -16.44
C ASP T 180 44.44 47.80 -16.87
N VAL T 181 45.02 47.31 -18.01
CA VAL T 181 46.26 47.79 -18.58
C VAL T 181 46.08 48.48 -19.93
N GLY T 182 46.85 49.50 -20.34
CA GLY T 182 46.51 50.17 -21.61
C GLY T 182 47.68 50.23 -22.50
N VAL T 183 48.29 49.02 -22.51
CA VAL T 183 49.56 48.90 -23.35
C VAL T 183 49.22 48.44 -24.72
N ASP T 184 48.08 47.89 -24.95
CA ASP T 184 47.71 47.43 -26.28
C ASP T 184 46.50 48.13 -26.82
N ASN T 185 46.15 49.27 -26.29
CA ASN T 185 44.91 49.94 -26.84
C ASN T 185 45.28 50.76 -28.13
N ALA T 186 44.30 51.41 -28.70
CA ALA T 186 44.49 52.15 -29.94
C ALA T 186 45.51 53.26 -29.73
N GLY T 187 45.64 53.97 -28.67
CA GLY T 187 46.65 55.06 -28.55
C GLY T 187 48.04 54.58 -28.47
N ALA T 188 48.19 53.50 -27.72
CA ALA T 188 49.48 52.85 -27.55
C ALA T 188 49.96 52.28 -28.92
N LYS T 189 49.06 51.65 -29.64
CA LYS T 189 49.40 51.13 -30.99
C LYS T 189 49.79 52.31 -31.96
N ALA T 190 49.09 53.41 -31.96
CA ALA T 190 49.39 54.55 -32.84
C ALA T 190 50.80 55.12 -32.59
N GLY T 191 51.13 55.22 -31.27
CA GLY T 191 52.39 55.71 -30.75
C GLY T 191 53.58 54.89 -31.14
N LEU T 192 53.49 53.56 -30.86
CA LEU T 192 54.62 52.69 -31.26
C LEU T 192 54.79 52.59 -32.79
N THR T 193 53.68 52.61 -33.51
CA THR T 193 53.70 52.55 -34.99
C THR T 193 54.51 53.72 -35.56
N PHE T 194 54.21 54.87 -35.08
CA PHE T 194 54.90 56.12 -35.40
C PHE T 194 56.37 55.91 -35.11
N LEU T 195 56.78 55.42 -34.02
CA LEU T 195 58.18 55.22 -33.73
C LEU T 195 58.85 54.25 -34.74
N VAL T 196 58.25 53.14 -34.99
CA VAL T 196 58.74 52.07 -35.83
C VAL T 196 58.88 52.64 -37.25
N ASP T 197 57.96 53.52 -37.65
CA ASP T 197 57.97 54.12 -38.97
C ASP T 197 59.21 55.03 -39.11
N LEU T 198 59.65 55.66 -38.03
CA LEU T 198 60.81 56.53 -37.97
C LEU T 198 62.05 55.71 -38.34
N ILE T 199 62.08 54.56 -37.78
CA ILE T 199 63.17 53.63 -38.01
C ILE T 199 63.05 53.06 -39.42
N LYS T 200 61.94 52.52 -39.75
CA LYS T 200 61.68 51.94 -41.05
C LYS T 200 62.27 52.81 -42.15
N ASN T 201 61.93 54.08 -42.05
CA ASN T 201 62.24 55.14 -43.02
C ASN T 201 63.58 55.81 -42.80
N LYS T 202 64.40 55.19 -42.04
CA LYS T 202 65.78 55.61 -41.76
C LYS T 202 65.98 56.92 -41.09
N HIS T 203 65.02 57.36 -40.26
CA HIS T 203 65.23 58.63 -39.54
C HIS T 203 65.91 58.38 -38.23
N MET T 204 65.84 57.13 -37.80
CA MET T 204 66.34 56.64 -36.54
C MET T 204 66.84 55.27 -36.61
N ASN T 205 67.75 54.85 -35.74
CA ASN T 205 68.18 53.45 -35.78
C ASN T 205 67.76 52.74 -34.49
N ALA T 206 67.36 51.54 -34.68
CA ALA T 206 66.91 50.58 -33.73
C ALA T 206 67.93 50.31 -32.66
N ASP T 207 69.20 50.57 -32.97
CA ASP T 207 70.19 50.23 -31.92
C ASP T 207 70.51 51.41 -31.00
N THR T 208 70.10 52.66 -31.29
CA THR T 208 70.51 53.74 -30.40
C THR T 208 70.26 53.46 -28.92
N ASP T 209 71.36 53.65 -28.19
CA ASP T 209 71.28 53.51 -26.75
C ASP T 209 71.61 54.89 -26.10
N TYR T 210 71.77 54.87 -24.80
CA TYR T 210 72.08 56.05 -23.98
C TYR T 210 73.38 56.75 -24.38
N SER T 211 74.42 55.99 -24.46
CA SER T 211 75.74 56.49 -24.90
C SER T 211 75.74 56.96 -26.32
N ILE T 212 75.27 56.22 -27.30
CA ILE T 212 75.26 56.63 -28.70
C ILE T 212 74.53 57.95 -28.84
N ALA T 213 73.29 58.02 -28.14
CA ALA T 213 72.47 59.29 -28.21
C ALA T 213 73.17 60.46 -27.57
N GLU T 214 73.72 60.16 -26.41
CA GLU T 214 74.48 61.23 -25.72
C GLU T 214 75.67 61.68 -26.54
N ALA T 215 76.55 60.85 -27.03
CA ALA T 215 77.71 61.29 -27.84
C ALA T 215 77.28 62.03 -29.08
N ALA T 216 76.22 61.53 -29.69
CA ALA T 216 75.71 62.18 -30.90
C ALA T 216 75.37 63.61 -30.60
N PHE T 217 74.53 63.89 -29.56
CA PHE T 217 74.13 65.32 -29.41
C PHE T 217 75.27 66.20 -28.95
N ASN T 218 76.10 65.67 -28.08
CA ASN T 218 77.21 66.37 -27.44
C ASN T 218 78.31 66.72 -28.51
N LYS T 219 78.38 65.92 -29.58
CA LYS T 219 79.38 66.23 -30.64
C LYS T 219 78.84 67.07 -31.77
N GLY T 220 77.61 67.43 -31.68
CA GLY T 220 76.91 68.25 -32.66
C GLY T 220 76.37 67.51 -33.82
N GLU T 221 76.30 66.19 -33.74
CA GLU T 221 75.75 65.50 -34.96
C GLU T 221 74.26 65.38 -35.06
N THR T 222 73.51 65.47 -33.94
CA THR T 222 72.06 65.36 -34.03
C THR T 222 71.51 66.66 -33.52
N ALA T 223 70.37 67.16 -34.06
CA ALA T 223 69.88 68.43 -33.55
C ALA T 223 69.07 68.30 -32.23
N MET T 224 68.55 67.14 -31.84
CA MET T 224 67.70 67.04 -30.58
C MET T 224 67.93 65.69 -29.96
N THR T 225 67.63 65.65 -28.64
CA THR T 225 67.71 64.34 -27.90
C THR T 225 66.61 64.45 -26.83
N ILE T 226 66.26 63.39 -26.18
CA ILE T 226 65.24 63.47 -25.11
C ILE T 226 65.98 62.95 -23.91
N ASN T 227 66.07 63.64 -22.81
CA ASN T 227 66.75 63.14 -21.62
C ASN T 227 66.24 63.94 -20.35
N GLY T 228 66.69 63.49 -19.17
CA GLY T 228 66.35 64.07 -17.90
C GLY T 228 67.44 65.03 -17.44
N PRO T 229 67.18 65.71 -16.31
CA PRO T 229 68.03 66.74 -15.76
C PRO T 229 69.46 66.34 -15.58
N TRP T 230 69.76 65.07 -15.17
CA TRP T 230 71.02 64.48 -14.93
C TRP T 230 71.93 64.58 -16.20
N ALA T 231 71.47 64.62 -17.40
CA ALA T 231 72.32 64.74 -18.62
C ALA T 231 72.82 66.16 -18.84
N TRP T 232 72.31 67.21 -18.21
CA TRP T 232 72.61 68.60 -18.53
C TRP T 232 74.11 68.88 -18.33
N SER T 233 74.63 68.26 -17.29
CA SER T 233 76.08 68.47 -16.96
C SER T 233 77.06 68.19 -18.08
N ASN T 234 76.89 67.09 -18.73
CA ASN T 234 77.82 66.75 -19.84
C ASN T 234 77.64 67.68 -21.07
N ILE T 235 76.39 68.07 -21.27
CA ILE T 235 76.05 68.97 -22.33
C ILE T 235 76.82 70.29 -22.03
N ASP T 236 76.78 70.73 -20.79
CA ASP T 236 77.38 72.05 -20.50
C ASP T 236 78.88 72.06 -20.86
N THR T 237 79.40 70.91 -20.48
CA THR T 237 80.79 70.58 -20.60
C THR T 237 81.25 70.50 -22.06
N SER T 238 80.33 70.12 -22.91
CA SER T 238 80.67 70.05 -24.34
C SER T 238 80.44 71.44 -24.97
N LYS T 239 79.87 72.39 -24.19
CA LYS T 239 79.52 73.73 -24.63
C LYS T 239 78.53 73.71 -25.79
N VAL T 240 77.75 72.65 -26.09
CA VAL T 240 76.78 72.85 -27.26
C VAL T 240 75.92 74.02 -26.85
N ASN T 241 75.28 74.75 -27.74
CA ASN T 241 74.32 75.84 -27.43
C ASN T 241 72.89 75.18 -27.47
N TYR T 242 72.45 74.71 -26.30
CA TYR T 242 71.19 73.96 -26.16
C TYR T 242 70.06 74.62 -25.44
N GLY T 243 68.83 74.18 -25.81
CA GLY T 243 67.68 74.72 -25.04
C GLY T 243 67.04 73.40 -24.49
N VAL T 244 66.16 73.62 -23.52
CA VAL T 244 65.42 72.48 -22.89
C VAL T 244 63.96 72.86 -23.06
N THR T 245 63.08 72.06 -23.68
CA THR T 245 61.69 72.56 -23.72
C THR T 245 60.65 71.46 -23.58
N VAL T 246 59.39 71.80 -23.81
CA VAL T 246 58.33 70.79 -23.77
C VAL T 246 58.54 69.74 -24.86
N LEU T 247 58.20 68.50 -24.63
CA LEU T 247 58.18 67.47 -25.66
C LEU T 247 57.14 67.79 -26.73
N PRO T 248 57.38 67.32 -27.98
CA PRO T 248 56.38 67.56 -29.03
C PRO T 248 55.07 66.77 -28.79
N THR T 249 54.01 67.23 -29.44
CA THR T 249 52.70 66.63 -29.40
C THR T 249 52.64 65.55 -30.45
N PHE T 250 51.69 64.66 -30.24
CA PHE T 250 51.49 63.60 -31.18
C PHE T 250 49.95 63.62 -31.38
N LYS T 251 49.46 63.78 -32.56
CA LYS T 251 47.99 63.69 -32.85
C LYS T 251 47.34 64.82 -32.08
N GLY T 252 48.14 65.84 -31.87
CA GLY T 252 47.62 67.04 -31.18
C GLY T 252 47.62 66.91 -29.67
N GLN T 253 48.02 65.75 -29.09
CA GLN T 253 47.99 65.65 -27.62
C GLN T 253 49.44 65.77 -27.16
N PRO T 254 49.62 66.23 -25.92
CA PRO T 254 50.92 66.33 -25.36
C PRO T 254 51.58 64.96 -25.24
N SER T 255 52.88 64.86 -25.40
CA SER T 255 53.69 63.66 -25.04
C SER T 255 53.52 63.61 -23.48
N LYS T 256 53.42 62.44 -22.90
CA LYS T 256 53.14 62.34 -21.42
C LYS T 256 54.17 61.50 -20.76
N PRO T 257 55.23 62.10 -20.25
CA PRO T 257 56.28 61.32 -19.61
C PRO T 257 55.77 60.69 -18.29
N PHE T 258 56.28 59.57 -17.90
CA PHE T 258 56.02 58.99 -16.61
C PHE T 258 56.88 59.86 -15.70
N VAL T 259 56.40 60.35 -14.59
CA VAL T 259 57.26 61.15 -13.70
C VAL T 259 57.74 60.33 -12.54
N GLY T 260 59.05 60.45 -12.22
CA GLY T 260 59.71 59.73 -11.17
C GLY T 260 60.12 60.74 -10.11
N VAL T 261 60.00 60.29 -8.87
CA VAL T 261 60.35 60.99 -7.64
C VAL T 261 61.59 60.25 -7.20
N LEU T 262 62.83 60.77 -7.37
CA LEU T 262 64.07 60.24 -6.91
C LEU T 262 63.83 60.09 -5.33
N SER T 263 64.12 58.89 -4.86
CA SER T 263 63.86 58.57 -3.46
C SER T 263 65.01 57.79 -2.79
N ALA T 264 65.08 57.98 -1.40
CA ALA T 264 66.16 57.33 -0.60
C ALA T 264 65.47 56.44 0.46
N GLY T 265 65.76 55.16 0.36
CA GLY T 265 65.10 54.21 1.32
C GLY T 265 66.12 53.61 2.23
N ILE T 266 65.61 53.16 3.44
CA ILE T 266 66.59 52.56 4.42
C ILE T 266 66.35 51.07 4.51
N ASN T 267 67.46 50.38 4.33
CA ASN T 267 67.49 48.92 4.32
C ASN T 267 66.98 48.54 5.70
N ALA T 268 65.94 47.70 5.60
CA ALA T 268 65.26 47.15 6.84
C ALA T 268 66.33 46.42 7.72
N ALA T 269 67.30 45.82 7.01
CA ALA T 269 68.46 45.08 7.46
C ALA T 269 69.61 45.95 8.02
N SER T 270 69.57 47.27 8.07
CA SER T 270 70.59 48.08 8.61
C SER T 270 70.44 48.28 10.14
N PRO T 271 71.62 48.25 10.76
CA PRO T 271 71.88 48.56 12.16
C PRO T 271 71.96 50.09 12.42
N ASN T 272 72.27 50.75 11.26
CA ASN T 272 72.46 52.19 11.21
C ASN T 272 71.18 52.91 10.96
N LYS T 273 69.96 52.66 11.30
CA LYS T 273 68.81 53.46 10.86
C LYS T 273 68.76 54.92 11.27
N GLU T 274 69.23 55.11 12.51
CA GLU T 274 69.24 56.38 13.21
C GLU T 274 70.28 57.29 12.55
N LEU T 275 71.42 56.77 12.22
CA LEU T 275 72.51 57.45 11.51
C LEU T 275 71.99 57.96 10.13
N ALA T 276 71.37 56.96 9.49
CA ALA T 276 70.73 57.05 8.16
C ALA T 276 69.74 58.19 8.24
N LYS T 277 68.83 58.08 9.22
CA LYS T 277 67.85 59.21 9.31
C LYS T 277 68.56 60.52 9.55
N GLU T 278 69.60 60.59 10.39
CA GLU T 278 70.25 61.91 10.68
C GLU T 278 70.74 62.54 9.36
N PHE T 279 71.50 61.79 8.64
CA PHE T 279 72.07 62.02 7.30
C PHE T 279 71.09 62.57 6.27
N LEU T 280 69.98 61.83 6.12
CA LEU T 280 69.01 62.22 5.16
C LEU T 280 68.36 63.51 5.58
N GLU T 281 67.69 63.49 6.73
CA GLU T 281 66.92 64.69 7.18
C GLU T 281 67.69 65.92 7.57
N ASN T 282 68.90 65.74 8.12
CA ASN T 282 69.76 66.83 8.56
C ASN T 282 70.99 67.19 7.71
N TYR T 283 71.45 66.37 6.79
CA TYR T 283 72.61 66.66 5.92
C TYR T 283 72.21 66.87 4.45
N LEU T 284 71.62 65.79 3.90
CA LEU T 284 71.20 65.82 2.47
C LEU T 284 69.95 66.63 2.25
N LEU T 285 68.93 66.39 2.97
CA LEU T 285 67.69 67.12 2.74
C LEU T 285 67.70 68.55 3.31
N THR T 286 68.72 69.30 2.99
CA THR T 286 68.87 70.72 3.31
C THR T 286 69.11 71.51 2.04
N ASP T 287 69.24 72.79 2.01
CA ASP T 287 69.56 73.59 0.79
C ASP T 287 71.00 73.32 0.43
N GLU T 288 71.83 73.11 1.40
CA GLU T 288 73.25 72.92 1.20
C GLU T 288 73.62 71.59 0.66
N GLY T 289 72.96 70.56 1.18
CA GLY T 289 73.22 69.17 0.75
C GLY T 289 72.72 68.95 -0.67
N LEU T 290 71.54 69.46 -0.94
CA LEU T 290 70.93 69.32 -2.27
C LEU T 290 71.81 70.03 -3.31
N GLU T 291 72.33 71.18 -2.86
CA GLU T 291 73.17 71.90 -3.82
C GLU T 291 74.50 71.26 -4.09
N ALA T 292 75.17 70.55 -3.28
CA ALA T 292 76.41 69.83 -3.52
C ALA T 292 76.17 68.77 -4.57
N VAL T 293 75.00 68.12 -4.44
CA VAL T 293 74.57 67.03 -5.34
C VAL T 293 74.23 67.65 -6.73
N ASN T 294 73.37 68.65 -6.81
CA ASN T 294 72.90 69.32 -7.98
C ASN T 294 74.02 69.96 -8.79
N LYS T 295 75.11 70.37 -8.24
CA LYS T 295 76.30 70.95 -8.93
C LYS T 295 77.03 69.81 -9.61
N ASP T 296 76.98 68.60 -9.08
CA ASP T 296 77.56 67.42 -9.72
C ASP T 296 76.68 67.04 -10.92
N LYS T 297 75.49 66.52 -10.72
CA LYS T 297 74.52 66.22 -11.83
C LYS T 297 73.23 66.85 -11.46
N PRO T 298 72.59 67.73 -12.17
CA PRO T 298 71.36 68.38 -11.76
C PRO T 298 70.29 67.39 -11.38
N LEU T 299 69.53 67.72 -10.31
CA LEU T 299 68.45 66.85 -9.85
C LEU T 299 67.12 66.99 -10.55
N GLY T 300 66.76 68.12 -11.07
CA GLY T 300 65.45 68.38 -11.64
C GLY T 300 64.82 69.35 -10.55
N ALA T 301 63.53 69.19 -10.44
CA ALA T 301 62.70 69.98 -9.49
C ALA T 301 62.88 69.34 -8.15
N VAL T 302 63.35 69.85 -7.04
CA VAL T 302 63.60 69.22 -5.74
C VAL T 302 62.34 69.21 -4.89
N ALA T 303 62.26 68.23 -4.02
CA ALA T 303 61.01 68.21 -3.16
C ALA T 303 61.09 69.21 -2.01
N LEU T 304 62.28 69.68 -1.67
CA LEU T 304 62.55 70.68 -0.60
C LEU T 304 62.13 72.05 -1.14
N LYS T 305 61.04 72.52 -0.47
CA LYS T 305 60.49 73.80 -0.96
C LYS T 305 61.43 74.99 -1.05
N SER T 306 62.29 75.13 -0.12
CA SER T 306 63.24 76.22 0.09
C SER T 306 64.23 76.30 -1.07
N TYR T 307 64.88 75.18 -1.34
CA TYR T 307 65.78 74.99 -2.50
C TYR T 307 65.07 75.08 -3.84
N GLU T 308 63.84 74.48 -3.93
CA GLU T 308 63.10 74.46 -5.15
C GLU T 308 62.81 75.86 -5.65
N GLU T 309 62.62 76.66 -4.59
CA GLU T 309 62.35 78.11 -4.75
C GLU T 309 63.48 78.84 -5.49
N GLU T 310 64.72 78.43 -5.25
CA GLU T 310 65.87 79.03 -5.89
C GLU T 310 66.14 78.37 -7.24
N LEU T 311 65.63 77.13 -7.35
CA LEU T 311 65.87 76.30 -8.58
C LEU T 311 64.98 76.69 -9.72
N ALA T 312 63.70 77.21 -9.52
CA ALA T 312 63.42 77.42 -10.96
C ALA T 312 62.32 78.35 -11.36
N LYS T 313 62.89 79.40 -11.73
CA LYS T 313 63.48 80.50 -12.34
C LYS T 313 64.40 80.08 -13.53
N ASP T 314 64.97 78.90 -13.26
CA ASP T 314 65.85 78.27 -14.32
C ASP T 314 64.89 77.79 -15.42
N PRO T 315 65.02 78.23 -16.63
CA PRO T 315 64.14 77.83 -17.68
C PRO T 315 64.17 76.28 -17.94
N ARG T 316 65.22 75.63 -17.70
CA ARG T 316 65.45 74.17 -17.82
C ARG T 316 64.54 73.47 -16.83
N ILE T 317 64.53 73.98 -15.65
CA ILE T 317 63.66 73.54 -14.55
C ILE T 317 62.22 73.84 -14.86
N ALA T 318 61.93 75.04 -15.42
CA ALA T 318 60.54 75.33 -15.77
C ALA T 318 60.01 74.36 -16.81
N ALA T 319 60.90 73.97 -17.73
CA ALA T 319 60.45 73.05 -18.78
C ALA T 319 60.21 71.64 -18.24
N THR T 320 61.05 71.29 -17.28
CA THR T 320 60.99 70.01 -16.56
C THR T 320 59.58 69.89 -15.90
N MET T 321 59.29 70.99 -15.15
CA MET T 321 57.91 71.10 -14.57
C MET T 321 56.77 71.10 -15.54
N GLU T 322 56.91 71.68 -16.70
CA GLU T 322 55.84 71.65 -17.65
C GLU T 322 55.63 70.24 -18.22
N ASN T 323 56.74 69.55 -18.52
CA ASN T 323 56.57 68.15 -19.07
C ASN T 323 56.01 67.30 -17.93
N ALA T 324 56.51 67.53 -16.75
CA ALA T 324 56.00 66.76 -15.58
C ALA T 324 54.50 66.87 -15.39
N GLN T 325 53.99 68.11 -15.51
CA GLN T 325 52.57 68.50 -15.45
C GLN T 325 51.76 67.83 -16.54
N LYS T 326 52.21 67.54 -17.72
CA LYS T 326 51.57 66.87 -18.78
C LYS T 326 51.73 65.35 -18.67
N GLY T 327 52.57 64.95 -17.77
CA GLY T 327 52.80 63.55 -17.60
C GLY T 327 51.92 63.00 -16.48
N GLU T 328 52.39 61.92 -15.94
CA GLU T 328 51.74 61.21 -14.84
C GLU T 328 52.80 60.57 -13.97
N ILE T 329 52.64 60.76 -12.70
CA ILE T 329 53.50 60.21 -11.68
C ILE T 329 53.35 58.69 -11.79
N MET T 330 54.41 57.94 -11.72
CA MET T 330 54.32 56.46 -11.87
C MET T 330 53.64 55.91 -10.59
N PRO T 331 52.98 54.81 -10.82
CA PRO T 331 52.50 53.93 -9.72
C PRO T 331 53.73 53.38 -9.02
N ASN T 332 53.77 52.94 -7.74
CA ASN T 332 54.84 52.32 -7.05
C ASN T 332 54.39 50.85 -6.69
N ILE T 333 53.31 50.39 -7.19
CA ILE T 333 52.77 49.03 -6.93
C ILE T 333 53.78 47.98 -7.28
N PRO T 334 53.85 46.80 -6.71
CA PRO T 334 54.82 45.74 -7.02
C PRO T 334 54.79 45.36 -8.49
N GLN T 335 53.62 45.49 -9.11
CA GLN T 335 53.46 45.15 -10.52
C GLN T 335 54.24 46.08 -11.48
N MET T 336 54.80 47.21 -11.04
CA MET T 336 55.64 48.07 -11.97
C MET T 336 56.81 47.36 -12.60
N SER T 337 57.41 46.44 -11.89
CA SER T 337 58.51 45.66 -12.54
C SER T 337 58.07 44.73 -13.69
N ALA T 338 56.89 44.14 -13.68
CA ALA T 338 56.37 43.29 -14.74
C ALA T 338 56.04 44.19 -15.94
N PHE T 339 55.36 45.26 -15.65
CA PHE T 339 55.03 46.25 -16.68
C PHE T 339 56.32 46.64 -17.42
N TRP T 340 57.34 47.08 -16.69
CA TRP T 340 58.56 47.54 -17.40
C TRP T 340 59.27 46.51 -18.28
N TYR T 341 59.32 45.31 -17.72
CA TYR T 341 60.07 44.26 -18.55
C TYR T 341 59.25 43.89 -19.73
N ALA T 342 57.90 43.83 -19.57
CA ALA T 342 57.04 43.51 -20.74
C ALA T 342 57.12 44.58 -21.79
N VAL T 343 57.11 45.87 -21.36
CA VAL T 343 57.12 46.98 -22.35
C VAL T 343 58.53 47.09 -22.96
N ARG T 344 59.56 46.75 -22.25
CA ARG T 344 60.93 46.75 -22.76
C ARG T 344 61.05 45.75 -23.89
N THR T 345 60.61 44.53 -23.63
CA THR T 345 60.68 43.58 -24.80
C THR T 345 59.95 44.02 -26.03
N ALA T 346 58.65 44.45 -25.79
CA ALA T 346 57.75 44.87 -26.86
C ALA T 346 58.37 45.86 -27.78
N VAL T 347 59.00 46.88 -27.26
CA VAL T 347 59.53 48.00 -28.10
C VAL T 347 60.76 47.56 -28.95
N ILE T 348 61.56 46.80 -28.19
CA ILE T 348 62.81 46.34 -28.87
C ILE T 348 62.39 45.40 -30.00
N ASN T 349 61.54 44.45 -29.71
CA ASN T 349 61.07 43.49 -30.74
C ASN T 349 60.39 44.25 -31.87
N ALA T 350 59.60 45.30 -31.64
CA ALA T 350 58.92 46.01 -32.65
C ALA T 350 59.89 46.92 -33.42
N ALA T 351 60.82 47.53 -32.71
CA ALA T 351 61.76 48.47 -33.44
C ALA T 351 62.73 47.73 -34.37
N SER T 352 63.15 46.56 -33.91
CA SER T 352 64.06 45.61 -34.56
C SER T 352 63.35 44.85 -35.68
N GLY T 353 62.04 44.92 -35.83
CA GLY T 353 61.18 44.35 -36.81
C GLY T 353 60.97 42.87 -36.61
N ARG T 354 61.28 42.36 -35.39
CA ARG T 354 61.14 40.96 -35.05
C ARG T 354 59.62 40.63 -34.91
N GLN T 355 58.84 41.63 -34.52
CA GLN T 355 57.41 41.47 -34.33
C GLN T 355 56.83 42.80 -34.87
N THR T 356 55.58 42.67 -35.24
CA THR T 356 54.76 43.80 -35.68
C THR T 356 54.35 44.48 -34.32
N VAL T 357 53.93 45.73 -34.46
CA VAL T 357 53.40 46.47 -33.31
C VAL T 357 52.26 45.74 -32.65
N ASP T 358 51.27 45.32 -33.41
CA ASP T 358 50.05 44.60 -32.88
C ASP T 358 50.45 43.35 -32.10
N GLU T 359 51.29 42.52 -32.67
CA GLU T 359 51.83 41.35 -32.03
C GLU T 359 52.66 41.75 -30.81
N ALA T 360 53.52 42.70 -30.85
CA ALA T 360 54.34 43.09 -29.69
C ALA T 360 53.51 43.57 -28.48
N LEU T 361 52.53 44.38 -28.76
CA LEU T 361 51.74 45.02 -27.67
C LEU T 361 50.77 44.05 -27.09
N LYS T 362 50.46 43.11 -27.97
CA LYS T 362 49.47 42.12 -27.42
C LYS T 362 50.20 41.22 -26.52
N ASP T 363 51.38 40.84 -26.83
CA ASP T 363 52.12 39.91 -25.94
C ASP T 363 52.40 40.53 -24.59
N ALA T 364 52.67 41.84 -24.74
CA ALA T 364 53.02 42.62 -23.55
C ALA T 364 51.86 42.63 -22.59
N GLN T 365 50.69 42.90 -23.22
CA GLN T 365 49.39 42.98 -22.48
C GLN T 365 49.13 41.70 -21.72
N THR T 366 49.30 40.54 -22.39
CA THR T 366 49.18 39.21 -21.82
C THR T 366 50.16 38.97 -20.75
N ARG T 367 51.43 39.29 -21.01
CA ARG T 367 52.43 39.13 -20.02
C ARG T 367 52.08 39.90 -18.77
N ILE T 368 51.66 41.15 -18.86
CA ILE T 368 51.36 41.95 -17.67
C ILE T 368 50.15 41.49 -16.87
N THR T 369 49.10 41.13 -17.55
CA THR T 369 47.88 40.75 -16.81
C THR T 369 47.77 39.30 -16.40
N LYS T 370 49.22 38.53 -16.77
CA LYS T 370 49.88 37.61 -15.85
C LYS T 370 50.18 38.03 -14.45
N LYS U 1 67.35 21.75 44.39
CA LYS U 1 67.96 22.88 43.57
C LYS U 1 69.43 23.10 43.94
N ILE U 2 69.61 22.88 45.24
CA ILE U 2 70.79 22.89 46.08
C ILE U 2 71.60 24.19 45.97
N GLU U 3 72.80 23.96 45.46
CA GLU U 3 73.81 25.01 45.22
C GLU U 3 74.23 25.73 46.48
N GLU U 4 73.87 26.94 46.85
CA GLU U 4 74.32 27.56 48.08
C GLU U 4 74.02 29.07 48.15
N GLY U 5 75.11 29.76 47.98
CA GLY U 5 75.60 31.08 47.87
C GLY U 5 77.05 31.20 47.33
N LYS U 6 77.37 30.28 46.44
CA LYS U 6 78.59 30.09 45.67
C LYS U 6 78.20 29.81 44.21
N LEU U 7 79.16 29.60 43.32
CA LEU U 7 79.10 29.28 41.89
C LEU U 7 79.86 28.00 41.53
N VAL U 8 79.29 27.04 40.87
CA VAL U 8 79.92 25.77 40.39
C VAL U 8 79.73 25.81 38.85
N ILE U 9 80.80 25.66 38.11
CA ILE U 9 80.81 25.72 36.66
C ILE U 9 81.30 24.39 36.13
N TRP U 10 80.63 23.97 35.09
CA TRP U 10 81.01 22.73 34.34
C TRP U 10 81.41 23.12 32.91
N ILE U 11 82.61 22.71 32.49
CA ILE U 11 83.09 23.04 31.13
C ILE U 11 83.79 21.77 30.68
N ASN U 12 83.88 21.47 29.43
CA ASN U 12 84.53 20.34 28.80
C ASN U 12 86.05 20.48 29.09
N GLY U 13 86.60 19.29 29.18
CA GLY U 13 87.97 19.01 29.47
C GLY U 13 88.93 19.51 28.40
N ASP U 14 88.45 19.67 27.14
CA ASP U 14 89.34 20.22 26.14
C ASP U 14 89.36 21.76 26.10
N LYS U 15 88.73 22.49 26.99
CA LYS U 15 88.67 23.94 26.99
C LYS U 15 89.59 24.51 28.05
N GLY U 16 89.85 25.84 28.09
CA GLY U 16 90.76 26.32 29.12
C GLY U 16 90.09 26.59 30.45
N TYR U 17 89.82 25.48 31.15
CA TYR U 17 89.23 25.49 32.49
C TYR U 17 90.19 26.12 33.50
N ASN U 18 91.51 26.09 33.25
CA ASN U 18 92.38 26.78 34.24
C ASN U 18 92.23 28.28 33.92
N GLY U 19 92.12 28.79 32.68
CA GLY U 19 91.93 30.19 32.51
C GLY U 19 90.64 30.63 33.22
N LEU U 20 89.66 29.77 33.10
CA LEU U 20 88.29 29.99 33.67
C LEU U 20 88.43 30.07 35.18
N ALA U 21 89.10 29.18 35.82
CA ALA U 21 89.41 29.18 37.24
C ALA U 21 90.13 30.48 37.63
N GLU U 22 91.04 31.09 36.89
CA GLU U 22 91.73 32.35 37.16
C GLU U 22 90.72 33.49 37.16
N VAL U 23 89.69 33.31 36.30
CA VAL U 23 88.62 34.30 36.27
C VAL U 23 87.72 34.08 37.48
N GLY U 24 87.41 32.89 37.93
CA GLY U 24 86.60 32.79 39.15
C GLY U 24 87.25 33.50 40.34
N LYS U 25 88.56 33.38 40.37
CA LYS U 25 89.44 33.89 41.41
C LYS U 25 89.35 35.37 41.63
N LYS U 26 89.23 36.13 40.60
CA LYS U 26 89.12 37.58 40.81
C LYS U 26 87.63 37.83 40.85
N PHE U 27 86.80 36.78 40.95
CA PHE U 27 85.34 37.15 40.99
C PHE U 27 85.14 37.31 42.52
N GLU U 28 85.70 36.23 43.08
CA GLU U 28 85.71 35.89 44.49
C GLU U 28 86.51 36.75 45.47
N LYS U 29 87.59 37.23 44.94
CA LYS U 29 88.57 38.12 45.60
C LYS U 29 87.88 39.49 45.58
N ASP U 30 86.89 39.59 44.70
CA ASP U 30 86.20 40.94 44.54
C ASP U 30 84.75 40.82 44.96
N THR U 31 84.48 39.64 45.53
CA THR U 31 83.07 39.49 45.89
C THR U 31 82.75 38.67 47.08
N GLY U 32 83.61 37.74 47.45
CA GLY U 32 83.36 36.79 48.50
C GLY U 32 82.65 35.50 48.05
N ILE U 33 82.21 35.48 46.75
CA ILE U 33 81.56 34.27 46.29
C ILE U 33 82.70 33.45 45.67
N LYS U 34 82.93 32.29 46.20
CA LYS U 34 83.99 31.49 45.59
C LYS U 34 83.38 30.67 44.42
N VAL U 35 84.23 30.65 43.38
CA VAL U 35 83.82 29.86 42.19
C VAL U 35 84.58 28.56 42.11
N THR U 36 84.00 27.42 41.84
CA THR U 36 84.53 26.12 41.67
C THR U 36 84.37 25.66 40.18
N VAL U 37 85.40 25.35 39.43
CA VAL U 37 85.37 24.95 38.04
C VAL U 37 85.54 23.48 37.84
N GLU U 38 84.58 22.76 37.26
CA GLU U 38 84.82 21.31 37.09
C GLU U 38 84.64 20.95 35.61
N HIS U 39 85.26 19.85 35.28
CA HIS U 39 85.17 19.33 33.90
C HIS U 39 84.91 17.83 33.88
N PRO U 40 83.70 17.46 34.30
CA PRO U 40 83.29 16.05 34.31
C PRO U 40 83.29 15.54 32.91
N ASP U 41 83.53 14.24 32.82
CA ASP U 41 83.49 13.49 31.51
C ASP U 41 82.05 13.40 30.97
N LYS U 42 81.70 13.40 29.71
CA LYS U 42 80.26 13.33 29.38
C LYS U 42 79.43 14.38 30.06
N LEU U 43 79.95 15.57 30.25
CA LEU U 43 79.07 16.48 31.07
C LEU U 43 77.75 16.84 30.36
N GLU U 44 77.86 16.77 29.04
CA GLU U 44 76.74 17.21 28.19
C GLU U 44 75.55 16.25 28.30
N GLU U 45 75.97 15.10 28.76
CA GLU U 45 75.11 13.95 29.06
C GLU U 45 74.76 13.93 30.52
N LYS U 46 75.74 14.18 31.38
CA LYS U 46 75.52 14.19 32.80
C LYS U 46 74.63 15.35 33.13
N PHE U 47 74.71 16.53 32.51
CA PHE U 47 73.89 17.65 32.96
C PHE U 47 72.38 17.40 33.10
N PRO U 48 71.78 16.88 32.02
CA PRO U 48 70.31 16.72 31.98
C PRO U 48 69.90 15.76 33.10
N GLN U 49 70.84 14.80 33.33
CA GLN U 49 70.54 13.82 34.37
C GLN U 49 70.50 14.49 35.74
N VAL U 50 71.53 15.12 36.23
CA VAL U 50 71.53 15.71 37.56
C VAL U 50 70.71 16.99 37.60
N ALA U 51 70.59 17.76 36.52
CA ALA U 51 69.84 19.02 36.60
C ALA U 51 68.32 18.80 36.73
N ALA U 52 67.99 17.64 36.18
CA ALA U 52 66.59 17.18 36.10
C ALA U 52 66.08 17.07 37.53
N THR U 53 66.98 16.59 38.43
CA THR U 53 66.76 16.42 39.86
C THR U 53 66.89 17.78 40.56
N GLY U 54 67.04 18.84 39.81
CA GLY U 54 67.14 20.13 40.52
C GLY U 54 68.56 20.34 41.03
N ASP U 55 69.54 19.47 40.64
CA ASP U 55 70.94 19.88 41.14
C ASP U 55 71.86 20.17 39.94
N GLY U 56 73.17 19.87 40.01
CA GLY U 56 74.15 20.11 38.91
C GLY U 56 74.91 21.40 39.11
N PRO U 57 75.54 21.98 38.07
CA PRO U 57 76.28 23.23 38.21
C PRO U 57 75.36 24.40 38.20
N ASP U 58 75.76 25.55 38.65
CA ASP U 58 75.00 26.80 38.54
C ASP U 58 75.02 27.19 37.03
N ILE U 59 76.23 26.98 36.43
CA ILE U 59 76.51 27.32 35.01
C ILE U 59 77.21 26.15 34.29
N ILE U 60 76.70 25.91 33.06
CA ILE U 60 77.06 24.93 32.10
C ILE U 60 77.47 25.54 30.76
N PHE U 61 78.62 25.05 30.31
CA PHE U 61 79.22 25.45 29.05
C PHE U 61 79.24 24.20 28.07
N TRP U 62 78.68 24.46 26.89
CA TRP U 62 78.72 23.47 25.82
C TRP U 62 78.50 24.27 24.53
N ALA U 63 78.75 23.62 23.33
CA ALA U 63 78.39 24.14 22.01
C ALA U 63 76.85 24.35 22.05
N HIS U 64 76.29 25.24 21.28
CA HIS U 64 74.83 25.54 21.39
C HIS U 64 73.94 24.44 20.92
N ASP U 65 74.40 23.46 20.07
CA ASP U 65 73.51 22.39 19.56
C ASP U 65 72.77 21.60 20.67
N ARG U 66 73.33 21.51 21.88
CA ARG U 66 72.73 20.74 22.99
C ARG U 66 71.69 21.61 23.72
N PHE U 67 71.73 22.93 23.60
CA PHE U 67 70.84 23.84 24.40
C PHE U 67 69.33 23.75 24.08
N GLY U 68 68.83 23.57 22.90
CA GLY U 68 67.41 23.43 22.57
C GLY U 68 66.81 22.31 23.39
N GLY U 69 67.49 21.20 23.54
CA GLY U 69 67.01 20.06 24.26
C GLY U 69 66.98 20.35 25.73
N TYR U 70 67.96 21.03 26.30
CA TYR U 70 68.00 21.35 27.69
C TYR U 70 66.81 22.24 27.99
N ALA U 71 66.58 23.26 27.23
CA ALA U 71 65.52 24.24 27.33
C ALA U 71 64.14 23.56 27.25
N GLN U 72 63.89 22.68 26.30
CA GLN U 72 62.63 21.95 26.19
C GLN U 72 62.32 21.06 27.39
N SER U 73 63.31 20.54 28.05
CA SER U 73 63.18 19.74 29.23
C SER U 73 63.02 20.62 30.50
N GLY U 74 63.05 21.90 30.30
CA GLY U 74 63.04 23.02 31.23
C GLY U 74 64.28 23.18 32.10
N LEU U 75 65.53 23.02 31.71
CA LEU U 75 66.72 23.00 32.58
C LEU U 75 67.54 24.26 32.64
N LEU U 76 67.07 25.19 31.81
CA LEU U 76 67.77 26.45 31.75
C LEU U 76 66.85 27.63 32.02
N ALA U 77 67.41 28.65 32.60
CA ALA U 77 66.76 29.91 32.84
C ALA U 77 66.93 30.79 31.59
N GLU U 78 65.88 31.59 31.35
CA GLU U 78 65.85 32.59 30.30
C GLU U 78 66.74 33.73 30.87
N ILE U 79 67.63 34.17 30.02
CA ILE U 79 68.55 35.24 30.39
C ILE U 79 67.93 36.48 29.70
N THR U 80 68.32 37.61 30.26
CA THR U 80 67.92 38.97 29.81
C THR U 80 68.99 40.04 29.84
N PRO U 81 69.74 40.11 28.78
CA PRO U 81 70.79 41.17 28.71
C PRO U 81 70.08 42.34 28.05
N ASP U 82 70.44 43.55 28.40
CA ASP U 82 69.75 44.65 27.67
C ASP U 82 70.59 44.91 26.42
N LYS U 83 69.87 45.48 25.52
CA LYS U 83 70.31 45.89 24.19
C LYS U 83 71.72 46.49 24.22
N ALA U 84 72.08 46.98 25.42
CA ALA U 84 73.42 47.58 25.48
C ALA U 84 74.32 46.33 25.59
N PHE U 85 74.03 45.50 26.54
CA PHE U 85 74.93 44.36 26.65
C PHE U 85 74.88 43.54 25.37
N GLN U 86 73.67 43.39 24.84
CA GLN U 86 73.49 42.60 23.64
C GLN U 86 74.33 43.05 22.46
N ASP U 87 74.55 44.34 22.40
CA ASP U 87 75.22 45.19 21.43
C ASP U 87 76.71 44.91 21.31
N LYS U 88 77.27 44.47 22.37
CA LYS U 88 78.67 44.06 22.47
C LYS U 88 79.01 42.76 21.71
N LEU U 89 78.03 41.96 21.37
CA LEU U 89 78.20 40.69 20.72
C LEU U 89 77.70 40.66 19.30
N TYR U 90 78.37 39.82 18.53
CA TYR U 90 77.84 39.64 17.17
C TYR U 90 76.44 39.03 17.30
N PRO U 91 75.51 39.63 16.57
CA PRO U 91 74.11 39.16 16.56
C PRO U 91 73.90 37.76 16.03
N PHE U 92 74.65 37.30 15.07
CA PHE U 92 74.36 35.92 14.64
C PHE U 92 74.65 35.02 15.85
N THR U 93 75.47 35.45 16.81
CA THR U 93 75.77 34.59 17.99
C THR U 93 74.61 34.52 18.98
N TRP U 94 73.77 35.62 19.06
CA TRP U 94 72.57 35.55 19.97
C TRP U 94 71.53 34.67 19.32
N ASP U 95 71.40 34.53 18.07
CA ASP U 95 70.47 33.78 17.31
C ASP U 95 70.65 32.27 17.55
N ALA U 96 71.93 31.93 17.75
CA ALA U 96 72.33 30.54 18.00
C ALA U 96 71.80 30.11 19.34
N VAL U 97 71.51 31.04 20.26
CA VAL U 97 71.12 30.67 21.63
C VAL U 97 69.65 31.06 21.92
N ARG U 98 68.90 31.09 20.91
CA ARG U 98 67.48 31.42 21.01
C ARG U 98 66.72 30.16 20.81
N TYR U 99 65.82 29.88 21.69
CA TYR U 99 65.00 28.70 21.55
C TYR U 99 63.54 29.21 21.74
N ASN U 100 62.75 29.07 20.70
CA ASN U 100 61.35 29.49 20.68
C ASN U 100 61.28 30.98 20.96
N GLY U 101 62.17 31.75 20.40
CA GLY U 101 62.37 33.17 20.52
C GLY U 101 63.00 33.66 21.78
N LYS U 102 63.18 32.95 22.87
CA LYS U 102 63.77 33.36 24.16
C LYS U 102 65.33 33.13 24.16
N LEU U 103 66.05 33.92 24.87
CA LEU U 103 67.51 33.64 24.90
C LEU U 103 67.74 32.67 26.02
N ILE U 104 68.48 31.59 25.82
CA ILE U 104 68.69 30.60 26.92
C ILE U 104 70.13 30.34 27.36
N ALA U 105 70.96 31.23 26.75
CA ALA U 105 72.41 31.21 27.08
C ALA U 105 73.14 32.41 26.51
N TYR U 106 74.35 32.59 27.04
CA TYR U 106 75.32 33.61 26.62
C TYR U 106 76.34 32.91 25.65
N PRO U 107 76.46 33.44 24.50
CA PRO U 107 77.36 32.96 23.44
C PRO U 107 78.75 33.43 23.83
N ILE U 108 79.76 32.59 23.71
CA ILE U 108 81.13 32.89 24.12
C ILE U 108 82.07 32.92 22.92
N ALA U 109 82.00 31.86 22.06
CA ALA U 109 83.00 31.81 20.95
C ALA U 109 82.48 30.95 19.86
N VAL U 110 82.95 31.09 18.69
CA VAL U 110 82.62 30.49 17.42
C VAL U 110 83.75 29.53 17.03
N GLU U 111 83.25 28.26 17.08
CA GLU U 111 84.22 27.11 16.82
C GLU U 111 84.06 26.48 15.49
N ALA U 112 85.13 26.26 14.64
CA ALA U 112 85.04 25.57 13.38
C ALA U 112 86.37 24.75 13.30
N LEU U 113 86.28 23.56 12.80
CA LEU U 113 87.48 22.73 12.57
C LEU U 113 88.28 23.32 11.40
N SER U 114 89.61 23.16 11.41
CA SER U 114 90.58 23.55 10.36
C SER U 114 91.60 22.40 10.04
N LEU U 115 92.23 22.53 8.89
CA LEU U 115 93.28 21.55 8.56
C LEU U 115 94.49 22.12 9.26
N ILE U 116 95.20 21.37 10.05
CA ILE U 116 96.49 21.75 10.71
C ILE U 116 97.58 20.89 10.06
N TYR U 117 98.64 21.55 9.62
CA TYR U 117 99.66 20.69 8.88
C TYR U 117 101.02 21.07 9.44
N ASN U 118 101.93 20.06 9.26
CA ASN U 118 103.34 20.22 9.77
C ASN U 118 104.11 20.87 8.64
N LYS U 119 104.48 22.12 8.80
CA LYS U 119 105.19 22.85 7.71
C LYS U 119 106.55 22.25 7.24
N ASP U 120 107.06 21.48 8.15
CA ASP U 120 108.34 20.79 7.94
C ASP U 120 108.13 19.50 7.17
N LEU U 121 107.07 18.75 7.29
CA LEU U 121 106.85 17.56 6.45
C LEU U 121 106.11 18.02 5.18
N LEU U 122 105.35 19.09 5.23
CA LEU U 122 104.45 19.58 4.15
C LEU U 122 104.32 21.07 4.05
N PRO U 123 105.29 21.73 3.51
CA PRO U 123 105.29 23.19 3.40
C PRO U 123 104.00 23.64 2.75
N ASN U 124 103.51 22.90 1.78
CA ASN U 124 102.22 23.25 1.08
C ASN U 124 101.14 22.16 1.32
N PRO U 125 100.07 22.58 1.95
CA PRO U 125 98.98 21.63 2.29
C PRO U 125 98.24 21.28 1.04
N PRO U 126 97.69 20.07 1.01
CA PRO U 126 96.91 19.60 -0.15
C PRO U 126 95.63 20.44 -0.30
N LYS U 127 95.14 20.67 -1.50
CA LYS U 127 93.93 21.48 -1.63
C LYS U 127 92.67 20.61 -1.77
N THR U 128 92.95 19.30 -1.89
CA THR U 128 91.88 18.33 -2.20
C THR U 128 91.96 17.08 -1.40
N TRP U 129 90.79 16.51 -1.02
CA TRP U 129 90.81 15.29 -0.26
C TRP U 129 91.42 14.20 -1.17
N GLU U 130 91.08 14.37 -2.47
CA GLU U 130 91.47 13.31 -3.45
C GLU U 130 92.97 13.12 -3.57
N GLU U 131 93.77 14.12 -3.32
CA GLU U 131 95.26 13.84 -3.45
C GLU U 131 95.86 13.33 -2.19
N ILE U 132 95.07 12.99 -1.20
CA ILE U 132 95.61 12.54 0.08
C ILE U 132 96.18 11.15 -0.03
N PRO U 133 95.54 10.24 -0.72
CA PRO U 133 96.05 8.84 -0.80
C PRO U 133 97.49 8.80 -1.37
N ALA U 134 97.70 9.52 -2.47
CA ALA U 134 99.02 9.60 -3.12
C ALA U 134 100.07 10.13 -2.13
N LEU U 135 99.58 11.20 -1.50
CA LEU U 135 100.45 11.85 -0.52
C LEU U 135 100.88 10.89 0.57
N ASP U 136 100.05 10.06 1.11
CA ASP U 136 100.31 9.11 2.19
C ASP U 136 101.38 8.04 1.74
N LYS U 137 101.16 7.65 0.51
CA LYS U 137 102.01 6.68 -0.21
C LYS U 137 103.47 7.19 -0.07
N GLU U 138 103.71 8.42 -0.43
CA GLU U 138 105.01 9.09 -0.40
C GLU U 138 105.61 9.24 0.97
N LEU U 139 104.83 9.64 1.97
CA LEU U 139 105.27 9.88 3.33
C LEU U 139 105.59 8.57 4.00
N LYS U 140 104.80 7.57 3.76
CA LYS U 140 104.86 6.25 4.35
C LYS U 140 106.17 5.46 4.08
N ALA U 141 106.77 5.78 2.98
CA ALA U 141 108.00 5.33 2.41
C ALA U 141 109.16 5.89 3.25
N LYS U 142 108.80 6.95 3.95
CA LYS U 142 109.69 7.75 4.85
C LYS U 142 109.36 7.56 6.32
N GLY U 143 108.61 6.56 6.69
CA GLY U 143 108.10 6.16 7.95
C GLY U 143 106.94 7.04 8.51
N LYS U 144 106.39 8.00 7.82
CA LYS U 144 105.32 8.94 8.25
C LYS U 144 103.97 8.58 7.63
N SER U 145 102.97 9.47 7.88
CA SER U 145 101.57 9.36 7.34
C SER U 145 101.09 10.80 7.01
N ALA U 146 100.19 10.82 6.09
CA ALA U 146 99.65 12.05 5.63
C ALA U 146 98.69 12.68 6.65
N LEU U 147 97.76 11.94 7.21
CA LEU U 147 96.70 12.47 8.06
C LEU U 147 96.18 11.61 9.12
N MET U 148 95.89 12.17 10.33
CA MET U 148 95.26 11.32 11.32
C MET U 148 94.32 12.24 12.07
N PHE U 149 93.12 11.82 12.31
CA PHE U 149 92.19 12.75 13.12
C PHE U 149 91.21 11.83 13.83
N ASN U 150 90.51 12.37 14.78
CA ASN U 150 89.55 11.60 15.59
C ASN U 150 88.42 11.02 14.75
N LEU U 151 88.31 9.71 14.58
CA LEU U 151 87.27 9.04 13.85
C LEU U 151 86.13 8.54 14.74
N GLN U 152 86.28 8.62 16.01
CA GLN U 152 85.35 8.17 16.97
C GLN U 152 84.23 9.21 17.16
N GLU U 153 84.38 10.45 16.93
CA GLU U 153 83.41 11.62 17.07
C GLU U 153 82.96 12.16 15.72
N PRO U 154 81.63 12.03 15.45
CA PRO U 154 81.07 12.35 14.13
C PRO U 154 81.31 13.75 13.68
N TYR U 155 81.56 14.59 14.71
CA TYR U 155 81.85 16.02 14.52
C TYR U 155 83.10 16.21 13.59
N PHE U 156 84.04 15.27 13.68
CA PHE U 156 85.34 15.41 12.91
C PHE U 156 85.26 14.98 11.46
N THR U 157 84.35 14.01 11.32
CA THR U 157 84.03 13.45 9.99
C THR U 157 82.91 14.19 9.21
N TRP U 158 81.96 14.87 9.86
CA TRP U 158 80.88 15.57 9.20
C TRP U 158 81.35 16.47 8.14
N PRO U 159 82.41 17.23 8.16
CA PRO U 159 82.76 18.12 7.01
C PRO U 159 82.88 17.45 5.67
N LEU U 160 83.38 16.20 5.67
CA LEU U 160 83.53 15.45 4.42
C LEU U 160 82.17 14.90 3.95
N ILE U 161 81.36 14.43 4.94
CA ILE U 161 80.02 13.91 4.63
C ILE U 161 79.11 15.00 4.06
N ALA U 162 79.21 16.13 4.65
CA ALA U 162 78.39 17.25 4.17
C ALA U 162 78.95 17.84 2.92
N ALA U 163 80.25 17.78 2.49
CA ALA U 163 80.79 18.46 1.34
C ALA U 163 80.03 18.35 0.06
N ASP U 164 79.70 17.15 -0.38
CA ASP U 164 79.00 16.87 -1.64
C ASP U 164 77.48 16.82 -1.42
N GLY U 165 76.95 17.28 -0.29
CA GLY U 165 75.49 17.31 -0.07
C GLY U 165 74.94 16.70 1.14
N GLY U 166 75.60 16.01 2.06
CA GLY U 166 74.90 15.42 3.24
C GLY U 166 74.39 16.56 4.04
N TYR U 167 73.34 16.35 4.84
CA TYR U 167 72.82 17.48 5.69
C TYR U 167 72.04 16.88 6.87
N ALA U 168 71.95 17.62 7.96
CA ALA U 168 71.22 17.13 9.13
C ALA U 168 69.70 17.25 8.92
N PHE U 169 69.12 18.38 9.09
CA PHE U 169 67.70 18.77 8.97
C PHE U 169 67.60 19.94 7.97
N LYS U 170 66.71 19.80 7.07
CA LYS U 170 66.42 20.81 6.08
C LYS U 170 65.75 22.00 6.83
N TYR U 171 66.30 23.19 6.59
CA TYR U 171 65.86 24.43 7.10
C TYR U 171 64.79 24.91 6.07
N GLU U 172 63.52 24.93 6.40
CA GLU U 172 62.54 25.31 5.38
C GLU U 172 61.51 26.24 5.97
N ASN U 173 61.45 27.47 5.47
CA ASN U 173 60.51 28.55 5.92
C ASN U 173 60.46 28.71 7.45
N GLY U 174 61.55 29.39 7.88
CA GLY U 174 61.72 29.72 9.29
C GLY U 174 61.94 28.58 10.29
N LYS U 175 61.89 27.34 9.74
CA LYS U 175 62.18 26.28 10.73
C LYS U 175 62.72 25.05 10.03
N TYR U 176 63.24 24.18 10.92
CA TYR U 176 63.82 22.90 10.61
C TYR U 176 62.70 21.85 10.49
N ASP U 177 62.74 21.17 9.36
CA ASP U 177 61.88 20.04 9.10
C ASP U 177 62.63 18.77 9.65
N ILE U 178 62.06 18.27 10.73
CA ILE U 178 62.55 17.11 11.43
C ILE U 178 62.38 15.79 10.70
N LYS U 179 61.60 15.85 9.61
CA LYS U 179 61.36 14.62 8.86
C LYS U 179 62.18 14.69 7.60
N ASP U 180 62.80 15.82 7.29
CA ASP U 180 63.65 15.94 6.10
C ASP U 180 65.14 15.95 6.56
N VAL U 181 65.78 14.74 6.46
CA VAL U 181 67.14 14.48 6.87
C VAL U 181 68.07 14.16 5.71
N GLY U 182 69.37 14.50 5.69
CA GLY U 182 70.16 14.23 4.47
C GLY U 182 71.37 13.47 4.77
N VAL U 183 71.06 12.45 5.61
CA VAL U 183 72.22 11.57 6.09
C VAL U 183 72.39 10.42 5.18
N ASP U 184 71.43 10.08 4.38
CA ASP U 184 71.54 8.96 3.47
C ASP U 184 71.43 9.36 2.04
N ASN U 185 71.62 10.61 1.71
CA ASN U 185 71.47 10.98 0.26
C ASN U 185 72.80 10.70 -0.50
N ALA U 186 72.83 10.99 -1.79
CA ALA U 186 73.97 10.69 -2.62
C ALA U 186 75.19 11.44 -2.11
N GLY U 187 75.18 12.64 -1.63
CA GLY U 187 76.43 13.32 -1.18
C GLY U 187 77.03 12.75 0.05
N ALA U 188 76.12 12.42 0.96
CA ALA U 188 76.49 11.79 2.22
C ALA U 188 77.13 10.39 1.95
N LYS U 189 76.52 9.64 1.06
CA LYS U 189 77.08 8.31 0.69
C LYS U 189 78.49 8.48 0.00
N ALA U 190 78.67 9.43 -0.87
CA ALA U 190 79.97 9.63 -1.56
C ALA U 190 81.10 9.96 -0.56
N GLY U 191 80.76 10.82 0.43
CA GLY U 191 81.61 11.28 1.50
C GLY U 191 82.09 10.18 2.42
N LEU U 192 81.11 9.40 2.96
CA LEU U 192 81.53 8.28 3.83
C LEU U 192 82.32 7.19 3.08
N THR U 193 81.95 6.96 1.83
CA THR U 193 82.63 5.95 0.99
C THR U 193 84.12 6.29 0.86
N PHE U 194 84.36 7.50 0.54
CA PHE U 194 85.70 8.08 0.44
C PHE U 194 86.41 7.83 1.76
N LEU U 195 85.86 8.10 2.87
CA LEU U 195 86.52 7.88 4.13
C LEU U 195 86.87 6.37 4.34
N VAL U 196 85.95 5.51 4.12
CA VAL U 196 86.04 4.07 4.34
C VAL U 196 87.14 3.55 3.39
N ASP U 197 87.25 4.12 2.20
CA ASP U 197 88.24 3.71 1.24
C ASP U 197 89.64 4.05 1.75
N LEU U 198 89.79 5.12 2.50
CA LEU U 198 91.03 5.59 3.09
C LEU U 198 91.53 4.51 4.06
N ILE U 199 90.60 4.01 4.79
CA ILE U 199 90.88 2.97 5.77
C ILE U 199 91.14 1.66 5.03
N LYS U 200 90.26 1.26 4.20
CA LYS U 200 90.37 0.03 3.42
C LYS U 200 91.79 -0.15 2.91
N ASN U 201 92.27 0.92 2.31
CA ASN U 201 93.56 1.02 1.61
C ASN U 201 94.72 1.40 2.49
N LYS U 202 94.52 1.27 3.76
CA LYS U 202 95.54 1.50 4.79
C LYS U 202 96.13 2.86 4.91
N HIS U 203 95.36 3.90 4.55
CA HIS U 203 95.90 5.27 4.71
C HIS U 203 95.57 5.80 6.09
N MET U 204 94.58 5.16 6.69
CA MET U 204 94.02 5.53 7.97
C MET U 204 93.57 4.37 8.76
N ASN U 205 93.51 4.45 10.07
CA ASN U 205 92.99 3.30 10.83
C ASN U 205 91.68 3.71 11.52
N ALA U 206 90.79 2.77 11.51
CA ALA U 206 89.50 2.76 12.05
C ALA U 206 89.49 3.06 13.54
N ASP U 207 90.61 2.80 14.19
CA ASP U 207 90.57 3.04 15.66
C ASP U 207 91.03 4.44 16.04
N THR U 208 91.64 5.25 15.16
CA THR U 208 92.11 6.55 15.64
C THR U 208 91.08 7.35 16.42
N ASP U 209 91.57 7.75 17.61
CA ASP U 209 90.75 8.60 18.45
C ASP U 209 91.46 9.97 18.63
N TYR U 210 90.93 10.77 19.52
CA TYR U 210 91.44 12.11 19.84
C TYR U 210 92.89 12.11 20.33
N SER U 211 93.16 11.31 21.30
CA SER U 211 94.52 11.12 21.83
C SER U 211 95.47 10.55 20.83
N ILE U 212 95.19 9.47 20.15
CA ILE U 212 96.10 8.86 19.18
C ILE U 212 96.47 9.90 18.12
N ALA U 213 95.37 10.64 17.60
CA ALA U 213 95.61 11.69 16.55
C ALA U 213 96.45 12.82 17.05
N GLU U 214 96.08 13.24 18.25
CA GLU U 214 96.87 14.34 18.86
C GLU U 214 98.31 13.91 19.09
N ALA U 215 98.63 12.80 19.72
CA ALA U 215 100.03 12.39 19.94
C ALA U 215 100.78 12.22 18.66
N ALA U 216 100.08 11.65 17.67
CA ALA U 216 100.72 11.46 16.36
C ALA U 216 101.19 12.77 15.82
N PHE U 217 100.31 13.81 15.74
CA PHE U 217 100.81 15.04 15.06
C PHE U 217 101.85 15.76 15.87
N ASN U 218 101.67 15.78 17.18
CA ASN U 218 102.50 16.49 18.13
C ASN U 218 103.94 15.85 18.19
N LYS U 219 104.03 14.56 17.88
CA LYS U 219 105.36 13.90 17.87
C LYS U 219 106.05 13.90 16.53
N GLY U 220 105.41 14.46 15.55
CA GLY U 220 105.91 14.56 14.19
C GLY U 220 105.67 13.38 13.35
N GLU U 221 104.82 12.47 13.78
CA GLU U 221 104.61 11.27 12.88
C GLU U 221 103.64 11.41 11.77
N THR U 222 102.66 12.35 11.87
CA THR U 222 101.69 12.47 10.77
C THR U 222 101.86 13.89 10.25
N ALA U 223 101.67 14.12 8.93
CA ALA U 223 101.84 15.48 8.45
C ALA U 223 100.61 16.38 8.69
N MET U 224 99.41 15.89 8.92
CA MET U 224 98.19 16.78 9.09
C MET U 224 97.25 16.16 10.06
N THR U 225 96.40 17.04 10.64
CA THR U 225 95.33 16.52 11.58
C THR U 225 94.17 17.52 11.37
N ILE U 226 93.00 17.23 11.84
CA ILE U 226 91.86 18.17 11.72
C ILE U 226 91.48 18.42 13.14
N ASN U 227 91.43 19.62 13.63
CA ASN U 227 91.01 19.90 15.00
C ASN U 227 90.53 21.41 15.13
N GLY U 228 90.00 21.74 16.31
CA GLY U 228 89.51 23.06 16.62
C GLY U 228 90.56 23.85 17.37
N PRO U 229 90.25 25.14 17.63
CA PRO U 229 91.16 26.09 18.25
C PRO U 229 91.78 25.63 19.54
N TRP U 230 91.03 24.90 20.41
CA TRP U 230 91.39 24.40 21.67
C TRP U 230 92.64 23.47 21.56
N ALA U 231 92.94 22.80 20.49
CA ALA U 231 94.14 21.94 20.35
C ALA U 231 95.42 22.74 20.11
N TRP U 232 95.40 24.03 19.76
CA TRP U 232 96.57 24.79 19.34
C TRP U 232 97.61 24.83 20.46
N SER U 233 97.09 24.94 21.67
CA SER U 233 98.00 25.04 22.86
C SER U 233 99.01 23.93 22.99
N ASN U 234 98.57 22.71 22.85
CA ASN U 234 99.51 21.57 22.99
C ASN U 234 100.52 21.50 21.81
N ILE U 235 100.02 21.90 20.65
CA ILE U 235 100.85 21.95 19.48
C ILE U 235 101.97 22.96 19.79
N ASP U 236 101.61 24.09 20.35
CA ASP U 236 102.65 25.15 20.52
C ASP U 236 103.81 24.63 21.40
N THR U 237 103.29 23.93 22.40
CA THR U 237 104.05 23.33 23.44
C THR U 237 105.02 22.24 22.93
N SER U 238 104.59 21.59 21.89
CA SER U 238 105.44 20.55 21.29
C SER U 238 106.41 21.21 20.30
N LYS U 239 106.24 22.53 20.04
CA LYS U 239 107.01 23.29 19.07
C LYS U 239 106.90 22.73 17.66
N VAL U 240 105.91 21.89 17.26
CA VAL U 240 105.95 21.47 15.80
C VAL U 240 105.89 22.77 15.02
N ASN U 241 106.32 22.85 13.78
CA ASN U 241 106.18 24.05 12.91
C ASN U 241 104.89 23.81 12.04
N TYR U 242 103.77 24.31 12.58
CA TYR U 242 102.43 24.08 11.98
C TYR U 242 101.74 25.25 11.37
N GLY U 243 100.85 24.93 10.39
CA GLY U 243 100.05 26.05 9.83
C GLY U 243 98.61 25.56 10.13
N VAL U 244 97.69 26.51 9.98
CA VAL U 244 96.23 26.22 10.20
C VAL U 244 95.59 26.68 8.90
N THR U 245 94.84 25.85 8.15
CA THR U 245 94.25 26.46 6.95
C THR U 245 92.85 25.93 6.62
N VAL U 246 92.34 26.28 5.45
CA VAL U 246 91.03 25.78 5.03
C VAL U 246 91.07 24.25 4.89
N LEU U 247 90.01 23.56 5.18
CA LEU U 247 89.88 22.14 4.89
C LEU U 247 89.91 21.87 3.39
N PRO U 248 90.37 20.67 2.99
CA PRO U 248 90.37 20.35 1.54
C PRO U 248 88.93 20.18 0.98
N THR U 249 88.82 20.31 -0.33
CA THR U 249 87.60 20.14 -1.06
C THR U 249 87.43 18.68 -1.38
N PHE U 250 86.17 18.34 -1.66
CA PHE U 250 85.87 16.99 -2.01
C PHE U 250 84.98 17.18 -3.27
N LYS U 251 85.30 16.62 -4.38
CA LYS U 251 84.43 16.66 -5.60
C LYS U 251 84.31 18.11 -5.99
N GLY U 252 85.33 18.85 -5.62
CA GLY U 252 85.37 20.28 -5.98
C GLY U 252 84.57 21.16 -5.05
N GLN U 253 83.88 20.60 -4.03
CA GLN U 253 83.09 21.47 -3.13
C GLN U 253 83.89 21.59 -1.84
N PRO U 254 83.68 22.70 -1.13
CA PRO U 254 84.32 22.88 0.12
C PRO U 254 83.89 21.83 1.14
N SER U 255 84.76 21.39 2.03
CA SER U 255 84.41 20.59 3.23
C SER U 255 83.52 21.59 4.05
N LYS U 256 82.50 21.12 4.70
CA LYS U 256 81.54 22.05 5.42
C LYS U 256 81.41 21.67 6.85
N PRO U 257 82.22 22.23 7.72
CA PRO U 257 82.14 21.87 9.14
C PRO U 257 80.80 22.35 9.75
N PHE U 258 80.29 21.68 10.73
CA PHE U 258 79.16 22.13 11.50
C PHE U 258 79.80 23.20 12.38
N VAL U 259 79.25 24.38 12.53
CA VAL U 259 79.86 25.37 13.43
C VAL U 259 79.13 25.42 14.73
N GLY U 260 79.91 25.48 15.85
CA GLY U 260 79.42 25.49 17.20
C GLY U 260 79.77 26.84 17.79
N VAL U 261 78.84 27.34 18.59
CA VAL U 261 78.89 28.58 19.35
C VAL U 261 79.05 28.09 20.76
N LEU U 262 80.25 28.12 21.40
CA LEU U 262 80.52 27.79 22.76
C LEU U 262 79.53 28.75 23.57
N SER U 263 78.80 28.10 24.45
CA SER U 263 77.76 28.82 25.21
C SER U 263 77.73 28.45 26.71
N ALA U 264 77.24 29.47 27.52
CA ALA U 264 77.17 29.31 29.01
C ALA U 264 75.70 29.47 29.43
N GLY U 265 75.18 28.40 30.00
CA GLY U 265 73.72 28.45 30.41
C GLY U 265 73.61 28.40 31.89
N ILE U 266 72.44 28.95 32.38
CA ILE U 266 72.25 28.96 33.88
C ILE U 266 71.18 27.97 34.25
N ASN U 267 71.58 27.12 35.18
CA ASN U 267 70.74 26.03 35.69
C ASN U 267 69.53 26.74 36.26
N ALA U 268 68.41 26.25 35.71
CA ALA U 268 67.04 26.78 36.14
C ALA U 268 66.89 26.60 37.68
N ALA U 269 67.51 25.52 38.17
CA ALA U 269 67.62 25.04 39.53
C ALA U 269 68.61 25.83 40.42
N SER U 270 69.35 26.84 39.98
CA SER U 270 70.23 27.59 40.79
C SER U 270 69.51 28.75 41.53
N PRO U 271 69.96 28.91 42.76
CA PRO U 271 69.66 29.98 43.68
C PRO U 271 70.49 31.27 43.39
N ASN U 272 71.62 30.96 42.71
CA ASN U 272 72.63 31.95 42.35
C ASN U 272 72.33 32.56 41.02
N LYS U 273 71.23 32.83 40.41
CA LYS U 273 71.16 33.35 39.05
C LYS U 273 71.79 34.71 38.78
N GLU U 274 71.61 35.56 39.79
CA GLU U 274 72.04 36.95 39.80
C GLU U 274 73.57 36.99 39.87
N LEU U 275 74.17 36.18 40.68
CA LEU U 275 75.62 36.01 40.83
C LEU U 275 76.24 35.59 39.45
N ALA U 276 75.53 34.57 38.95
CA ALA U 276 75.81 33.89 37.67
C ALA U 276 75.80 34.97 36.61
N LYS U 277 74.67 35.70 36.56
CA LYS U 277 74.66 36.77 35.52
C LYS U 277 75.78 37.77 35.76
N GLU U 278 76.09 38.16 36.99
CA GLU U 278 77.15 39.20 37.21
C GLU U 278 78.48 38.72 36.57
N PHE U 279 78.87 37.55 36.94
CA PHE U 279 80.02 36.74 36.49
C PHE U 279 80.19 36.67 34.98
N LEU U 280 79.11 36.24 34.32
CA LEU U 280 79.16 36.09 32.91
C LEU U 280 79.30 37.44 32.26
N GLU U 281 78.30 38.30 32.46
CA GLU U 281 78.28 39.62 31.77
C GLU U 281 79.34 40.64 32.16
N ASN U 282 79.74 40.63 33.43
CA ASN U 282 80.74 41.55 33.95
C ASN U 282 82.16 41.02 34.23
N TYR U 283 82.42 39.74 34.29
CA TYR U 283 83.76 39.17 34.53
C TYR U 283 84.32 38.46 33.30
N LEU U 284 83.56 37.40 32.90
CA LEU U 284 83.99 36.59 31.71
C LEU U 284 83.76 37.29 30.41
N LEU U 285 82.61 37.77 30.17
CA LEU U 285 82.34 38.40 28.88
C LEU U 285 82.91 39.82 28.75
N THR U 286 84.18 39.98 29.07
CA THR U 286 84.96 41.20 28.90
C THR U 286 86.18 40.92 28.06
N ASP U 287 87.03 41.81 27.71
CA ASP U 287 88.29 41.56 26.95
C ASP U 287 89.25 40.85 27.88
N GLU U 288 89.21 41.16 29.14
CA GLU U 288 90.12 40.61 30.12
C GLU U 288 89.83 39.22 30.52
N GLY U 289 88.54 38.91 30.67
CA GLY U 289 88.10 37.56 31.08
C GLY U 289 88.32 36.58 29.93
N LEU U 290 87.98 37.00 28.74
CA LEU U 290 88.14 36.16 27.55
C LEU U 290 89.62 35.84 27.33
N GLU U 291 90.42 36.88 27.60
CA GLU U 291 91.86 36.63 27.40
C GLU U 291 92.47 35.72 28.43
N ALA U 292 92.11 35.59 29.66
CA ALA U 292 92.62 34.67 30.65
C ALA U 292 92.33 33.26 30.20
N VAL U 293 91.11 33.08 29.62
CA VAL U 293 90.63 31.79 29.14
C VAL U 293 91.44 31.41 27.86
N ASN U 294 91.51 32.26 26.86
CA ASN U 294 92.15 32.09 25.59
C ASN U 294 93.64 31.82 25.72
N LYS U 295 94.33 32.27 26.71
CA LYS U 295 95.77 32.03 26.98
C LYS U 295 95.90 30.60 27.49
N ASP U 296 94.91 30.06 28.16
CA ASP U 296 94.90 28.66 28.59
C ASP U 296 94.68 27.78 27.36
N LYS U 297 93.50 27.75 26.79
CA LYS U 297 93.21 26.99 25.51
C LYS U 297 92.57 27.95 24.58
N PRO U 298 93.01 28.26 23.40
CA PRO U 298 92.39 29.24 22.52
C PRO U 298 90.93 28.97 22.29
N LEU U 299 90.11 30.05 22.27
CA LEU U 299 88.67 29.91 22.04
C LEU U 299 88.23 29.83 20.59
N GLY U 300 88.91 30.39 19.64
CA GLY U 300 88.47 30.46 18.27
C GLY U 300 88.11 32.01 18.14
N ALA U 301 87.13 32.21 17.30
CA ALA U 301 86.59 33.58 17.00
C ALA U 301 85.70 33.92 18.15
N VAL U 302 85.78 34.94 18.99
CA VAL U 302 84.95 35.25 20.14
C VAL U 302 83.71 36.05 19.72
N ALA U 303 82.66 35.90 20.52
CA ALA U 303 81.43 36.68 20.12
C ALA U 303 81.53 38.14 20.53
N LEU U 304 82.42 38.47 21.46
CA LEU U 304 82.67 39.86 21.95
C LEU U 304 83.46 40.60 20.87
N LYS U 305 82.70 41.60 20.32
CA LYS U 305 83.34 42.33 19.20
C LYS U 305 84.68 42.96 19.44
N SER U 306 84.89 43.51 20.59
CA SER U 306 86.06 44.26 21.04
C SER U 306 87.29 43.39 21.04
N TYR U 307 87.19 42.25 21.73
CA TYR U 307 88.23 41.19 21.77
C TYR U 307 88.45 40.53 20.41
N GLU U 308 87.33 40.26 19.66
CA GLU U 308 87.43 39.59 18.39
C GLU U 308 88.30 40.37 17.41
N GLU U 309 88.14 41.67 17.66
CA GLU U 309 88.89 42.70 16.89
C GLU U 309 90.41 42.53 17.02
N GLU U 310 90.87 42.16 18.22
CA GLU U 310 92.27 41.96 18.48
C GLU U 310 92.71 40.55 18.08
N LEU U 311 91.70 39.67 18.06
CA LEU U 311 91.95 38.21 17.78
C LEU U 311 92.14 37.92 16.33
N ALA U 312 91.52 38.69 15.33
CA ALA U 312 92.15 37.96 14.19
C ALA U 312 92.17 38.60 12.85
N LYS U 313 93.33 39.04 12.69
CA LYS U 313 94.66 39.32 12.40
C LYS U 313 95.58 38.06 12.51
N ASP U 314 95.13 37.27 13.47
CA ASP U 314 95.83 35.96 13.69
C ASP U 314 95.45 35.07 12.50
N PRO U 315 96.36 34.58 11.73
CA PRO U 315 96.06 33.78 10.59
C PRO U 315 95.30 32.46 10.97
N ARG U 316 95.49 31.94 12.10
CA ARG U 316 94.83 30.74 12.67
C ARG U 316 93.35 31.03 12.83
N ILE U 317 93.09 32.19 13.35
CA ILE U 317 91.73 32.74 13.52
C ILE U 317 91.12 33.04 12.17
N ALA U 318 91.91 33.61 11.24
CA ALA U 318 91.34 33.86 9.91
C ALA U 318 90.91 32.58 9.23
N ALA U 319 91.69 31.54 9.46
CA ALA U 319 91.37 30.25 8.81
C ALA U 319 90.12 29.61 9.43
N THR U 320 90.01 29.82 10.72
CA THR U 320 88.87 29.35 11.53
C THR U 320 87.57 29.96 10.93
N MET U 321 87.67 31.30 10.80
CA MET U 321 86.55 32.03 10.11
C MET U 321 86.27 31.62 8.69
N GLU U 322 87.26 31.28 7.90
CA GLU U 322 86.99 30.85 6.56
C GLU U 322 86.29 29.48 6.54
N ASN U 323 86.76 28.55 7.40
CA ASN U 323 86.08 27.19 7.40
C ASN U 323 84.67 27.42 7.97
N ALA U 324 84.57 28.26 8.96
CA ALA U 324 83.22 28.54 9.53
C ALA U 324 82.23 29.03 8.51
N GLN U 325 82.68 29.97 7.65
CA GLN U 325 81.95 30.57 6.52
C GLN U 325 81.55 29.53 5.50
N LYS U 326 82.23 28.47 5.23
CA LYS U 326 81.94 27.41 4.34
C LYS U 326 81.09 26.33 5.03
N GLY U 327 80.97 26.45 6.31
CA GLY U 327 80.23 25.48 7.04
C GLY U 327 78.79 25.97 7.25
N GLU U 328 78.19 25.43 8.27
CA GLU U 328 76.83 25.74 8.68
C GLU U 328 76.73 25.62 10.19
N ILE U 329 76.14 26.62 10.76
CA ILE U 329 75.88 26.71 12.19
C ILE U 329 74.94 25.55 12.51
N MET U 330 75.16 24.83 13.58
CA MET U 330 74.30 23.67 13.90
C MET U 330 72.92 24.21 14.35
N PRO U 331 71.96 23.38 14.10
CA PRO U 331 70.60 23.53 14.70
C PRO U 331 70.75 23.35 16.20
N ASN U 332 69.90 23.84 17.12
CA ASN U 332 69.90 23.63 18.53
C ASN U 332 68.58 22.86 18.91
N ILE U 333 67.84 22.41 17.96
CA ILE U 333 66.56 21.67 18.17
C ILE U 333 66.78 20.48 19.04
N PRO U 334 65.85 19.95 19.82
CA PRO U 334 66.01 18.79 20.70
C PRO U 334 66.46 17.56 19.93
N GLN U 335 66.08 17.48 18.67
CA GLN U 335 66.45 16.35 17.83
C GLN U 335 67.96 16.27 17.52
N MET U 336 68.78 17.28 17.82
CA MET U 336 70.27 17.15 17.59
C MET U 336 70.92 15.99 18.30
N SER U 337 70.44 15.67 19.48
CA SER U 337 71.01 14.44 20.15
C SER U 337 70.71 13.11 19.45
N ALA U 338 69.58 12.90 18.80
CA ALA U 338 69.26 11.69 18.05
C ALA U 338 70.14 11.65 16.81
N PHE U 339 70.19 12.76 16.12
CA PHE U 339 71.06 12.89 14.94
C PHE U 339 72.49 12.45 15.31
N TRP U 340 73.05 13.04 16.35
CA TRP U 340 74.47 12.68 16.67
C TRP U 340 74.74 11.22 17.00
N TYR U 341 73.80 10.69 17.78
CA TYR U 341 74.06 9.24 18.17
C TYR U 341 73.87 8.35 16.99
N ALA U 342 72.88 8.67 16.13
CA ALA U 342 72.68 7.85 14.90
C ALA U 342 73.87 7.94 13.98
N VAL U 343 74.42 9.17 13.80
CA VAL U 343 75.56 9.35 12.86
C VAL U 343 76.82 8.76 13.48
N ARG U 344 76.95 8.78 14.77
CA ARG U 344 78.10 8.19 15.48
C ARG U 344 78.12 6.68 15.22
N THR U 345 77.00 6.04 15.46
CA THR U 345 77.04 4.57 15.12
C THR U 345 77.42 4.23 13.71
N ALA U 346 76.70 4.96 12.76
CA ALA U 346 76.86 4.75 11.33
C ALA U 346 78.29 4.77 10.91
N VAL U 347 79.05 5.73 11.34
CA VAL U 347 80.47 5.92 10.86
C VAL U 347 81.40 4.80 11.41
N ILE U 348 81.13 4.58 12.69
CA ILE U 348 82.00 3.56 13.34
C ILE U 348 81.70 2.22 12.67
N ASN U 349 80.46 1.88 12.55
CA ASN U 349 80.08 0.59 11.90
C ASN U 349 80.62 0.55 10.48
N ALA U 350 80.61 1.63 9.71
CA ALA U 350 81.07 1.63 8.36
C ALA U 350 82.60 1.61 8.32
N ALA U 351 83.23 2.34 9.22
CA ALA U 351 84.74 2.39 9.17
C ALA U 351 85.39 1.05 9.56
N SER U 352 84.76 0.40 10.53
CA SER U 352 85.10 -0.90 11.13
C SER U 352 84.72 -2.05 10.18
N GLY U 353 83.98 -1.84 9.11
CA GLY U 353 83.56 -2.72 8.09
C GLY U 353 82.45 -3.64 8.54
N ARG U 354 81.77 -3.30 9.66
CA ARG U 354 80.69 -4.08 10.23
C ARG U 354 79.43 -3.95 9.31
N GLN U 355 79.32 -2.80 8.63
CA GLN U 355 78.21 -2.51 7.75
C GLN U 355 78.87 -1.78 6.58
N THR U 356 78.16 -1.87 5.48
CA THR U 356 78.49 -1.16 4.24
C THR U 356 77.98 0.30 4.53
N VAL U 357 78.51 1.20 3.72
CA VAL U 357 78.05 2.60 3.77
C VAL U 357 76.56 2.70 3.58
N ASP U 358 76.03 2.11 2.54
CA ASP U 358 74.56 2.15 2.19
C ASP U 358 73.71 1.66 3.36
N GLU U 359 74.04 0.51 3.91
CA GLU U 359 73.40 -0.04 5.09
C GLU U 359 73.59 0.88 6.28
N ALA U 360 74.74 1.39 6.56
CA ALA U 360 74.94 2.26 7.73
C ALA U 360 74.12 3.56 7.68
N LEU U 361 74.09 4.17 6.53
CA LEU U 361 73.43 5.50 6.40
C LEU U 361 71.94 5.35 6.35
N LYS U 362 71.61 4.14 5.91
CA LYS U 362 70.12 3.96 5.84
C LYS U 362 69.62 3.73 7.20
N ASP U 363 70.32 3.03 8.01
CA ASP U 363 69.84 2.77 9.38
C ASP U 363 69.75 4.05 10.19
N ALA U 364 70.76 4.87 9.87
CA ALA U 364 70.88 6.14 10.58
C ALA U 364 69.67 7.00 10.30
N GLN U 365 69.37 7.01 8.96
CA GLN U 365 68.21 7.81 8.44
C GLN U 365 66.94 7.41 9.12
N THR U 366 66.67 6.08 9.23
CA THR U 366 65.54 5.48 9.92
C THR U 366 65.53 5.82 11.36
N ARG U 367 66.67 5.64 12.02
CA ARG U 367 66.75 5.97 13.40
C ARG U 367 66.38 7.42 13.63
N ILE U 368 66.89 8.36 12.85
CA ILE U 368 66.59 9.78 13.08
C ILE U 368 65.16 10.19 12.83
N THR U 369 64.58 9.68 11.76
CA THR U 369 63.21 10.12 11.44
C THR U 369 62.08 9.33 12.08
N LYS U 370 62.76 8.25 13.17
CA LYS U 370 62.22 8.04 14.51
C LYS U 370 61.99 9.19 15.43
N LYS V 1 35.34 31.30 68.79
CA LYS V 1 36.79 31.50 68.38
C LYS V 1 37.71 31.62 69.61
N ILE V 2 37.07 32.24 70.60
CA ILE V 2 37.45 32.56 71.95
C ILE V 2 38.79 33.30 72.05
N GLU V 3 39.68 32.58 72.69
CA GLU V 3 41.08 33.00 72.95
C GLU V 3 41.17 34.26 73.78
N GLU V 4 41.46 35.46 73.35
CA GLU V 4 41.51 36.64 74.22
C GLU V 4 42.16 37.86 73.55
N GLY V 5 43.36 38.06 74.03
CA GLY V 5 44.50 38.88 73.90
C GLY V 5 45.78 38.34 74.58
N LYS V 6 45.89 37.02 74.58
CA LYS V 6 46.95 36.16 75.06
C LYS V 6 47.24 35.10 73.98
N LEU V 7 48.17 34.18 74.22
CA LEU V 7 48.64 33.06 73.41
C LEU V 7 48.57 31.73 74.16
N VAL V 8 47.94 30.69 73.65
CA VAL V 8 47.87 29.31 74.23
C VAL V 8 48.51 28.40 73.16
N ILE V 9 49.47 27.62 73.54
CA ILE V 9 50.22 26.73 72.66
C ILE V 9 50.02 25.31 73.11
N TRP V 10 49.84 24.47 72.14
CA TRP V 10 49.72 23.00 72.37
C TRP V 10 50.90 22.30 71.65
N ILE V 11 51.64 21.50 72.42
CA ILE V 11 52.82 20.77 71.84
C ILE V 11 52.77 19.41 72.49
N ASN V 12 53.25 18.37 71.89
CA ASN V 12 53.32 17.00 72.35
C ASN V 12 54.26 16.99 73.59
N GLY V 13 53.89 16.05 74.42
CA GLY V 13 54.49 15.76 75.70
C GLY V 13 55.92 15.26 75.59
N ASP V 14 56.30 14.68 74.42
CA ASP V 14 57.69 14.28 74.29
C ASP V 14 58.62 15.40 73.79
N LYS V 15 58.19 16.64 73.63
CA LYS V 15 59.00 17.73 73.11
C LYS V 15 59.42 18.65 74.24
N GLY V 16 60.34 19.63 74.03
CA GLY V 16 60.72 20.46 75.15
C GLY V 16 59.80 21.64 75.38
N TYR V 17 58.63 21.30 75.97
CA TYR V 17 57.61 22.27 76.34
C TYR V 17 58.12 23.20 77.44
N ASN V 18 59.09 22.77 78.27
CA ASN V 18 59.59 23.74 79.28
C ASN V 18 60.51 24.68 78.48
N GLY V 19 61.33 24.31 77.49
CA GLY V 19 62.10 25.29 76.79
C GLY V 19 61.17 26.30 76.14
N LEU V 20 60.08 25.78 75.64
CA LEU V 20 59.04 26.58 74.91
C LEU V 20 58.46 27.57 75.90
N ALA V 21 58.07 27.17 77.05
CA ALA V 21 57.59 28.03 78.15
C ALA V 21 58.63 29.10 78.48
N GLU V 22 59.94 28.90 78.50
CA GLU V 22 60.99 29.89 78.76
C GLU V 22 60.98 30.92 77.66
N VAL V 23 60.63 30.45 76.45
CA VAL V 23 60.50 31.39 75.34
C VAL V 23 59.20 32.16 75.47
N GLY V 24 58.10 31.62 75.91
CA GLY V 24 56.92 32.47 76.08
C GLY V 24 57.17 33.63 77.05
N LYS V 25 57.95 33.31 78.06
CA LYS V 25 58.33 34.17 79.17
C LYS V 25 59.02 35.45 78.75
N LYS V 26 59.89 35.38 77.80
CA LYS V 26 60.55 36.61 77.38
C LYS V 26 59.69 37.12 76.23
N PHE V 27 58.50 36.56 76.03
CA PHE V 27 57.74 37.15 74.87
C PHE V 27 56.95 38.27 75.59
N GLU V 28 56.44 37.72 76.69
CA GLU V 28 55.56 38.35 77.67
C GLU V 28 56.11 39.47 78.56
N LYS V 29 57.35 39.28 78.87
CA LYS V 29 58.20 40.17 79.68
C LYS V 29 58.54 41.32 78.73
N ASP V 30 58.37 41.03 77.44
CA ASP V 30 58.79 42.07 76.41
C ASP V 30 57.57 42.52 75.66
N THR V 31 56.43 42.06 76.17
CA THR V 31 55.24 42.45 75.41
C THR V 31 53.97 42.65 76.17
N GLY V 32 53.84 42.03 77.31
CA GLY V 32 52.60 42.03 78.08
C GLY V 32 51.61 40.92 77.71
N ILE V 33 51.93 40.16 76.61
CA ILE V 33 51.02 39.09 76.24
C ILE V 33 51.59 37.86 76.97
N LYS V 34 50.82 37.30 77.84
CA LYS V 34 51.35 36.10 78.49
C LYS V 34 51.03 34.87 77.61
N VAL V 35 52.09 34.02 77.61
CA VAL V 35 51.93 32.75 76.84
C VAL V 35 51.71 31.58 77.76
N THR V 36 50.80 30.68 77.54
CA THR V 36 50.47 29.49 78.26
C THR V 36 50.82 28.23 77.39
N VAL V 37 51.67 27.32 77.80
CA VAL V 37 52.10 26.15 77.06
C VAL V 37 51.46 24.89 77.53
N GLU V 38 50.67 24.17 76.73
CA GLU V 38 50.07 22.93 77.25
C GLU V 38 50.46 21.76 76.35
N HIS V 39 50.40 20.60 76.96
CA HIS V 39 50.69 19.36 76.23
C HIS V 39 49.67 18.27 76.51
N PRO V 40 48.45 18.50 76.00
CA PRO V 40 47.36 17.53 76.16
C PRO V 40 47.73 16.26 75.48
N ASP V 41 47.19 15.19 76.01
CA ASP V 41 47.36 13.80 75.44
C ASP V 41 46.63 13.67 74.10
N LYS V 42 46.99 12.93 73.09
CA LYS V 42 46.17 12.96 71.85
C LYS V 42 45.90 14.34 71.32
N LEU V 43 46.84 15.25 71.43
CA LEU V 43 46.40 16.63 70.99
C LEU V 43 46.08 16.68 69.50
N GLU V 44 46.75 15.77 68.79
CA GLU V 44 46.67 15.79 67.32
C GLU V 44 45.29 15.38 66.83
N GLU V 45 44.67 14.73 67.77
CA GLU V 45 43.29 14.22 67.71
C GLU V 45 42.35 15.20 68.35
N LYS V 46 42.72 15.74 69.50
CA LYS V 46 41.91 16.70 70.20
C LYS V 46 41.84 17.94 69.37
N PHE V 47 42.87 18.42 68.67
CA PHE V 47 42.77 19.70 67.98
C PHE V 47 41.57 19.90 67.05
N PRO V 48 41.38 18.94 66.13
CA PRO V 48 40.34 19.08 65.09
C PRO V 48 38.98 19.15 65.76
N GLN V 49 38.94 18.40 66.91
CA GLN V 49 37.67 18.39 67.63
C GLN V 49 37.36 19.77 68.21
N VAL V 50 38.17 20.34 69.06
CA VAL V 50 37.88 21.64 69.67
C VAL V 50 38.06 22.78 68.69
N ALA V 51 38.94 22.69 67.69
CA ALA V 51 39.14 23.84 66.78
C ALA V 51 37.95 24.05 65.82
N ALA V 52 37.33 22.89 65.63
CA ALA V 52 36.18 22.77 64.71
C ALA V 52 35.09 23.69 65.25
N THR V 53 34.98 23.73 66.59
CA THR V 53 34.04 24.56 67.35
C THR V 53 34.59 26.00 67.43
N GLY V 54 35.65 26.28 66.74
CA GLY V 54 36.13 27.68 66.83
C GLY V 54 36.93 27.88 68.09
N ASP V 55 37.27 26.79 68.86
CA ASP V 55 38.18 27.14 70.05
C ASP V 55 39.54 26.42 69.91
N GLY V 56 40.18 25.97 71.00
CA GLY V 56 41.50 25.27 70.97
C GLY V 56 42.65 26.21 71.22
N PRO V 57 43.90 25.87 70.86
CA PRO V 57 45.04 26.74 71.09
C PRO V 57 45.12 27.79 70.04
N ASP V 58 45.84 28.85 70.22
CA ASP V 58 46.12 29.86 69.20
C ASP V 58 47.08 29.20 68.17
N ILE V 59 48.05 28.42 68.77
CA ILE V 59 49.11 27.71 68.01
C ILE V 59 49.24 26.26 68.45
N ILE V 60 49.35 25.39 67.41
CA ILE V 60 49.48 23.98 67.41
C ILE V 60 50.75 23.51 66.71
N PHE V 61 51.44 22.64 67.44
CA PHE V 61 52.68 22.01 66.97
C PHE V 61 52.43 20.45 66.81
N TRP V 62 52.79 20.01 65.61
CA TRP V 62 52.75 18.58 65.31
C TRP V 62 53.69 18.39 64.12
N ALA V 63 54.06 17.11 63.78
CA ALA V 63 54.75 16.73 62.56
C ALA V 63 53.85 17.21 61.38
N HIS V 64 54.37 17.49 60.22
CA HIS V 64 53.53 18.07 59.13
C HIS V 64 52.54 17.13 58.55
N ASP V 65 52.69 15.75 58.70
CA ASP V 65 51.71 14.80 58.07
C ASP V 65 50.25 15.07 58.47
N ARG V 66 49.98 15.66 59.63
CA ARG V 66 48.60 15.91 60.11
C ARG V 66 48.07 17.23 59.52
N PHE V 67 48.91 18.13 59.04
CA PHE V 67 48.47 19.48 58.59
C PHE V 67 47.59 19.51 57.33
N GLY V 68 47.73 18.72 56.31
CA GLY V 68 46.87 18.70 55.11
C GLY V 68 45.43 18.49 55.54
N GLY V 69 45.16 17.62 56.48
CA GLY V 69 43.83 17.32 56.94
C GLY V 69 43.27 18.47 57.71
N TYR V 70 44.04 19.16 58.54
CA TYR V 70 43.58 20.27 59.32
C TYR V 70 43.17 21.36 58.34
N ALA V 71 43.97 21.68 57.38
CA ALA V 71 43.81 22.68 56.35
C ALA V 71 42.54 22.39 55.52
N GLN V 72 42.33 21.18 55.06
CA GLN V 72 41.13 20.81 54.30
C GLN V 72 39.82 20.97 55.08
N SER V 73 39.86 20.79 56.38
CA SER V 73 38.73 20.97 57.25
C SER V 73 38.54 22.48 57.61
N GLY V 74 39.40 23.30 57.10
CA GLY V 74 39.58 24.72 57.29
C GLY V 74 40.08 25.16 58.68
N LEU V 75 40.99 24.55 59.40
CA LEU V 75 41.35 24.85 60.81
C LEU V 75 42.58 25.67 61.03
N LEU V 76 43.22 25.93 59.88
CA LEU V 76 44.43 26.70 59.96
C LEU V 76 44.39 27.93 59.06
N ALA V 77 45.06 28.95 59.49
CA ALA V 77 45.26 30.18 58.75
C ALA V 77 46.48 30.01 57.84
N GLU V 78 46.37 30.66 56.68
CA GLU V 78 47.44 30.74 55.68
C GLU V 78 48.40 31.79 56.30
N ILE V 79 49.65 31.40 56.31
CA ILE V 79 50.71 32.26 56.84
C ILE V 79 51.34 32.86 55.59
N THR V 80 51.99 33.98 55.84
CA THR V 80 52.72 34.79 54.84
C THR V 80 54.04 35.41 55.29
N PRO V 81 55.09 34.65 55.18
CA PRO V 81 56.43 35.19 55.55
C PRO V 81 56.96 35.78 54.26
N ASP V 82 57.72 36.83 54.33
CA ASP V 82 58.26 37.33 53.04
C ASP V 82 59.57 36.57 52.81
N LYS V 83 59.86 36.57 51.55
CA LYS V 83 61.03 35.94 50.94
C LYS V 83 62.27 36.13 51.80
N ALA V 84 62.22 37.19 52.63
CA ALA V 84 63.43 37.42 53.45
C ALA V 84 63.25 36.38 54.57
N PHE V 85 62.12 36.42 55.21
CA PHE V 85 61.99 35.45 56.30
C PHE V 85 62.08 34.04 55.74
N GLN V 86 61.47 33.83 54.61
CA GLN V 86 61.47 32.51 53.99
C GLN V 86 62.85 31.93 53.76
N ASP V 87 63.76 32.81 53.45
CA ASP V 87 65.16 32.71 53.09
C ASP V 87 66.05 32.13 54.19
N LYS V 88 65.64 32.36 55.38
CA LYS V 88 66.29 31.84 56.59
C LYS V 88 66.11 30.34 56.80
N LEU V 89 65.18 29.70 56.14
CA LEU V 89 64.85 28.31 56.28
C LEU V 89 65.20 27.48 55.07
N TYR V 90 65.52 26.23 55.36
CA TYR V 90 65.73 25.35 54.23
C TYR V 90 64.39 25.24 53.47
N PRO V 91 64.47 25.40 52.17
CA PRO V 91 63.29 25.33 51.29
C PRO V 91 62.60 23.99 51.26
N PHE V 92 63.29 22.88 51.38
CA PHE V 92 62.50 21.63 51.35
C PHE V 92 61.58 21.68 52.58
N THR V 93 61.90 22.44 53.63
CA THR V 93 61.04 22.49 54.83
C THR V 93 59.77 23.29 54.61
N TRP V 94 59.81 24.34 53.69
CA TRP V 94 58.54 25.09 53.39
C TRP V 94 57.66 24.21 52.52
N ASP V 95 58.10 23.34 51.72
CA ASP V 95 57.41 22.48 50.82
C ASP V 95 56.54 21.47 51.58
N ALA V 96 57.08 21.10 52.74
CA ALA V 96 56.43 20.15 53.65
C ALA V 96 55.18 20.77 54.21
N VAL V 97 55.09 22.12 54.26
CA VAL V 97 53.96 22.77 54.90
C VAL V 97 53.07 23.54 53.90
N ARG V 98 53.10 23.06 52.73
CA ARG V 98 52.29 23.65 51.64
C ARG V 98 51.16 22.73 51.38
N TYR V 99 49.99 23.26 51.34
CA TYR V 99 48.83 22.45 51.04
C TYR V 99 48.08 23.23 49.93
N ASN V 100 47.99 22.62 48.77
CA ASN V 100 47.32 23.19 47.61
C ASN V 100 48.00 24.51 47.24
N GLY V 101 49.31 24.54 47.30
CA GLY V 101 50.19 25.64 47.06
C GLY V 101 50.29 26.69 48.13
N LYS V 102 49.47 26.81 49.14
CA LYS V 102 49.48 27.83 50.22
C LYS V 102 50.36 27.36 51.42
N LEU V 103 50.95 28.25 52.12
CA LEU V 103 51.73 27.78 53.30
C LEU V 103 50.78 27.72 54.45
N ILE V 104 50.73 26.64 55.22
CA ILE V 104 49.76 26.55 56.35
C ILE V 104 50.36 26.36 57.76
N ALA V 105 51.71 26.49 57.70
CA ALA V 105 52.48 26.39 58.97
C ALA V 105 53.94 26.79 58.76
N TYR V 106 54.59 27.02 59.91
CA TYR V 106 56.02 27.33 60.03
C TYR V 106 56.75 25.99 60.41
N PRO V 107 57.69 25.64 59.64
CA PRO V 107 58.52 24.43 59.82
C PRO V 107 59.51 24.75 60.91
N ILE V 108 59.74 23.85 61.84
CA ILE V 108 60.62 24.06 62.99
C ILE V 108 61.84 23.15 62.94
N ALA V 109 61.59 21.83 62.72
CA ALA V 109 62.75 20.89 62.78
C ALA V 109 62.44 19.66 62.03
N VAL V 110 63.39 18.92 61.62
CA VAL V 110 63.43 17.72 60.80
C VAL V 110 63.80 16.54 61.71
N GLU V 111 62.71 15.73 61.78
CA GLU V 111 62.82 14.52 62.70
C GLU V 111 62.98 13.23 61.98
N ALA V 112 63.97 12.32 62.32
CA ALA V 112 64.11 11.01 61.73
C ALA V 112 64.55 10.10 62.91
N LEU V 113 64.04 8.91 62.92
CA LEU V 113 64.46 7.89 63.93
C LEU V 113 65.89 7.45 63.62
N SER V 114 66.66 7.08 64.64
CA SER V 114 68.04 6.51 64.59
C SER V 114 68.19 5.24 65.50
N LEU V 115 69.24 4.49 65.23
CA LEU V 115 69.52 3.34 66.11
C LEU V 115 70.31 3.98 67.24
N ILE V 116 69.95 3.78 68.47
CA ILE V 116 70.70 4.24 69.68
C ILE V 116 71.23 2.97 70.37
N TYR V 117 72.52 2.97 70.66
CA TYR V 117 73.05 1.66 71.23
C TYR V 117 73.90 2.04 72.44
N ASN V 118 73.99 0.99 73.31
CA ASN V 118 74.77 1.16 74.60
C ASN V 118 76.19 0.78 74.27
N LYS V 119 77.09 1.75 74.22
CA LYS V 119 78.50 1.46 73.85
C LYS V 119 79.27 0.45 74.76
N ASP V 120 78.71 0.35 75.93
CA ASP V 120 79.27 -0.53 76.96
C ASP V 120 78.75 -1.96 76.75
N LEU V 121 77.56 -2.24 76.30
CA LEU V 121 77.13 -3.62 76.01
C LEU V 121 77.52 -3.93 74.56
N LEU V 122 77.62 -2.96 73.70
CA LEU V 122 77.84 -3.11 72.23
C LEU V 122 78.66 -2.02 71.58
N PRO V 123 79.95 -2.07 71.75
CA PRO V 123 80.83 -1.04 71.22
C PRO V 123 80.56 -0.87 69.74
N ASN V 124 80.29 -1.95 69.03
CA ASN V 124 79.97 -1.89 67.56
C ASN V 124 78.51 -2.32 67.27
N PRO V 125 77.76 -1.40 66.73
CA PRO V 125 76.32 -1.68 66.45
C PRO V 125 76.23 -2.61 65.27
N PRO V 126 75.20 -3.41 65.24
CA PRO V 126 74.96 -4.36 64.12
C PRO V 126 74.68 -3.56 62.83
N LYS V 127 75.07 -4.07 61.68
CA LYS V 127 74.80 -3.31 60.45
C LYS V 127 73.55 -3.80 59.73
N THR V 128 73.03 -4.91 60.28
CA THR V 128 71.90 -5.63 59.63
C THR V 128 70.85 -6.06 60.58
N TRP V 129 69.57 -6.01 60.14
CA TRP V 129 68.51 -6.46 61.01
C TRP V 129 68.71 -7.96 61.25
N GLU V 130 69.21 -8.60 60.17
CA GLU V 130 69.33 -10.08 60.21
C GLU V 130 70.25 -10.60 61.29
N GLU V 131 71.25 -9.85 61.70
CA GLU V 131 72.12 -10.43 62.80
C GLU V 131 71.62 -10.12 64.16
N ILE V 132 70.42 -9.61 64.29
CA ILE V 132 69.90 -9.23 65.60
C ILE V 132 69.52 -10.45 66.40
N PRO V 133 68.90 -11.44 65.80
CA PRO V 133 68.47 -12.64 66.58
C PRO V 133 69.66 -13.31 67.31
N ALA V 134 70.75 -13.51 66.57
CA ALA V 134 71.97 -14.12 67.10
C ALA V 134 72.50 -13.30 68.29
N LEU V 135 72.49 -12.00 67.97
CA LEU V 135 72.96 -11.07 68.99
C LEU V 135 72.17 -11.17 70.27
N ASP V 136 70.88 -11.30 70.26
CA ASP V 136 69.98 -11.37 71.41
C ASP V 136 70.27 -12.66 72.28
N LYS V 137 70.50 -13.69 71.48
CA LYS V 137 70.84 -15.04 71.98
C LYS V 137 72.03 -14.85 72.97
N GLU V 138 73.07 -14.21 72.53
CA GLU V 138 74.31 -13.94 73.28
C GLU V 138 74.13 -13.07 74.50
N LEU V 139 73.36 -11.99 74.40
CA LEU V 139 73.14 -11.04 75.47
C LEU V 139 72.26 -11.65 76.53
N LYS V 140 71.28 -12.40 76.12
CA LYS V 140 70.27 -13.03 76.95
C LYS V 140 70.80 -14.03 77.99
N ALA V 141 71.90 -14.60 77.67
CA ALA V 141 72.74 -15.55 78.37
C ALA V 141 73.41 -14.82 79.53
N LYS V 142 73.45 -13.52 79.35
CA LYS V 142 74.08 -12.53 80.29
C LYS V 142 73.04 -11.66 81.00
N GLY V 143 71.79 -12.03 81.00
CA GLY V 143 70.61 -11.43 81.52
C GLY V 143 70.08 -10.19 80.73
N LYS V 144 70.63 -9.81 79.59
CA LYS V 144 70.25 -8.62 78.78
C LYS V 144 69.46 -9.02 77.54
N SER V 145 69.19 -8.00 76.67
CA SER V 145 68.48 -8.16 75.36
C SER V 145 69.16 -7.20 74.34
N ALA V 146 69.01 -7.59 73.12
CA ALA V 146 69.59 -6.86 72.05
C ALA V 146 68.84 -5.55 71.77
N LEU V 147 67.53 -5.57 71.67
CA LEU V 147 66.73 -4.43 71.23
C LEU V 147 65.38 -4.29 71.77
N MET V 148 64.94 -3.06 72.12
CA MET V 148 63.55 -2.93 72.53
C MET V 148 63.11 -1.58 72.01
N PHE V 149 61.95 -1.52 71.41
CA PHE V 149 61.49 -0.13 70.92
C PHE V 149 59.98 -0.17 70.93
N ASN V 150 59.37 0.98 70.83
CA ASN V 150 57.91 1.09 70.86
C ASN V 150 57.23 0.34 69.71
N LEU V 151 56.48 -0.71 69.95
CA LEU V 151 55.77 -1.48 68.98
C LEU V 151 54.29 -1.06 68.85
N GLN V 152 53.83 -0.23 69.69
CA GLN V 152 52.49 0.22 69.73
C GLN V 152 52.27 1.33 68.70
N GLU V 153 53.20 2.10 68.28
CA GLU V 153 53.17 3.24 67.28
C GLU V 153 53.84 2.88 65.95
N PRO V 154 53.02 2.87 64.86
CA PRO V 154 53.47 2.38 63.56
C PRO V 154 54.67 3.10 63.01
N TYR V 155 54.82 4.33 63.54
CA TYR V 155 55.93 5.22 63.18
C TYR V 155 57.31 4.53 63.46
N PHE V 156 57.33 3.70 64.51
CA PHE V 156 58.64 3.07 64.94
C PHE V 156 59.05 1.83 64.14
N THR V 157 57.95 1.21 63.70
CA THR V 157 58.04 0.00 62.85
C THR V 157 58.12 0.28 61.33
N TRP V 158 57.57 1.39 60.81
CA TRP V 158 57.60 1.70 59.40
C TRP V 158 58.93 1.61 58.80
N PRO V 159 60.06 1.97 59.35
CA PRO V 159 61.36 1.85 58.63
C PRO V 159 61.69 0.48 58.12
N LEU V 160 61.30 -0.57 58.88
CA LEU V 160 61.57 -1.94 58.48
C LEU V 160 60.58 -2.39 57.38
N ILE V 161 59.30 -1.94 57.54
CA ILE V 161 58.26 -2.28 56.55
C ILE V 161 58.58 -1.65 55.19
N ALA V 162 59.02 -0.45 55.25
CA ALA V 162 59.36 0.24 54.00
C ALA V 162 60.67 -0.23 53.47
N ALA V 163 61.69 -0.80 54.17
CA ALA V 163 62.99 -1.12 53.66
C ALA V 163 63.05 -1.86 52.36
N ASP V 164 62.35 -2.97 52.24
CA ASP V 164 62.34 -3.85 51.06
C ASP V 164 61.19 -3.45 50.11
N GLY V 165 60.58 -2.28 50.25
CA GLY V 165 59.53 -1.83 49.31
C GLY V 165 58.22 -1.42 49.84
N GLY V 166 57.81 -1.49 51.10
CA GLY V 166 56.45 -1.04 51.50
C GLY V 166 56.39 0.43 51.23
N TYR V 167 55.19 0.98 51.02
CA TYR V 167 55.09 2.47 50.78
C TYR V 167 53.67 2.91 51.13
N ALA V 168 53.51 4.17 51.48
CA ALA V 168 52.18 4.70 51.82
C ALA V 168 51.37 4.94 50.54
N PHE V 169 51.55 6.02 49.85
CA PHE V 169 50.90 6.52 48.62
C PHE V 169 52.00 6.77 47.58
N LYS V 170 51.77 6.27 46.42
CA LYS V 170 52.63 6.44 45.28
C LYS V 170 52.52 7.95 44.87
N TYR V 171 53.68 8.57 44.74
CA TYR V 171 53.88 9.90 44.32
C TYR V 171 53.96 9.82 42.77
N GLU V 172 52.97 10.29 42.03
CA GLU V 172 53.04 10.11 40.58
C GLU V 172 52.62 11.39 39.88
N ASN V 173 53.53 12.00 39.14
CA ASN V 173 53.32 13.27 38.38
C ASN V 173 52.65 14.38 39.22
N GLY V 174 53.55 14.95 40.06
CA GLY V 174 53.18 16.06 40.92
C GLY V 174 52.18 15.80 42.04
N LYS V 175 51.69 14.53 42.08
CA LYS V 175 50.79 14.31 43.23
C LYS V 175 50.77 12.85 43.61
N TYR V 176 50.17 12.66 44.80
CA TYR V 176 49.96 11.39 45.45
C TYR V 176 48.66 10.76 44.90
N ASP V 177 48.85 9.51 44.47
CA ASP V 177 47.76 8.67 44.05
C ASP V 177 47.25 7.93 45.34
N ILE V 178 46.07 8.36 45.74
CA ILE V 178 45.37 7.83 46.90
C ILE V 178 44.85 6.42 46.76
N LYS V 179 44.89 5.92 45.51
CA LYS V 179 44.38 4.57 45.27
C LYS V 179 45.57 3.67 45.09
N ASP V 180 46.79 4.18 44.99
CA ASP V 180 47.98 3.35 44.85
C ASP V 180 48.75 3.36 46.22
N VAL V 181 48.51 2.28 47.01
CA VAL V 181 49.05 2.08 48.34
C VAL V 181 50.04 0.91 48.42
N GLY V 182 51.09 0.90 49.25
CA GLY V 182 52.05 -0.22 49.17
C GLY V 182 52.26 -0.84 50.48
N VAL V 183 51.06 -1.01 51.09
CA VAL V 183 51.09 -1.58 52.50
C VAL V 183 50.96 -3.06 52.45
N ASP V 184 50.51 -3.62 51.38
CA ASP V 184 50.39 -5.06 51.27
C ASP V 184 51.23 -5.65 50.19
N ASN V 185 52.23 -4.97 49.73
CA ASN V 185 53.06 -5.57 48.63
C ASN V 185 54.12 -6.54 49.23
N ALA V 186 54.93 -7.13 48.38
CA ALA V 186 55.92 -8.12 48.80
C ALA V 186 56.90 -7.47 49.75
N GLY V 187 57.36 -6.26 49.65
CA GLY V 187 58.36 -5.71 50.61
C GLY V 187 57.83 -5.47 51.97
N ALA V 188 56.60 -4.97 51.98
CA ALA V 188 55.88 -4.70 53.22
C ALA V 188 55.63 -6.04 53.96
N LYS V 189 55.20 -7.06 53.22
CA LYS V 189 54.99 -8.39 53.84
C LYS V 189 56.34 -8.98 54.40
N ALA V 190 57.43 -8.85 53.70
CA ALA V 190 58.74 -9.39 54.16
C ALA V 190 59.17 -8.74 55.48
N GLY V 191 58.97 -7.40 55.54
CA GLY V 191 59.29 -6.54 56.67
C GLY V 191 58.53 -6.87 57.93
N LEU V 192 57.17 -6.93 57.79
CA LEU V 192 56.37 -7.29 58.99
C LEU V 192 56.62 -8.73 59.46
N THR V 193 56.84 -9.63 58.52
CA THR V 193 57.10 -11.06 58.82
C THR V 193 58.35 -11.17 59.72
N PHE V 194 59.37 -10.51 59.32
CA PHE V 194 60.63 -10.41 60.04
C PHE V 194 60.32 -9.89 61.44
N LEU V 195 59.58 -8.88 61.62
CA LEU V 195 59.27 -8.38 62.94
C LEU V 195 58.53 -9.43 63.80
N VAL V 196 57.53 -10.03 63.28
CA VAL V 196 56.65 -10.99 63.94
C VAL V 196 57.52 -12.19 64.35
N ASP V 197 58.50 -12.55 63.51
CA ASP V 197 59.38 -13.66 63.78
C ASP V 197 60.25 -13.36 65.02
N LEU V 198 60.60 -12.10 65.23
CA LEU V 198 61.41 -11.63 66.34
C LEU V 198 60.65 -11.91 67.64
N ILE V 199 59.38 -11.64 67.56
CA ILE V 199 58.50 -11.86 68.69
C ILE V 199 58.27 -13.35 68.86
N LYS V 200 57.85 -14.01 67.83
CA LYS V 200 57.59 -15.43 67.84
C LYS V 200 58.66 -16.17 68.63
N ASN V 201 59.89 -15.85 68.26
CA ASN V 201 61.14 -16.47 68.76
C ASN V 201 61.70 -15.85 70.02
N LYS V 202 60.87 -15.11 70.68
CA LYS V 202 61.18 -14.47 71.97
C LYS V 202 62.29 -13.50 72.02
N HIS V 203 62.57 -12.80 70.91
CA HIS V 203 63.64 -11.78 70.95
C HIS V 203 63.07 -10.45 71.38
N MET V 204 61.77 -10.35 71.23
CA MET V 204 60.99 -9.14 71.47
C MET V 204 59.64 -9.44 72.00
N ASN V 205 59.01 -8.52 72.72
CA ASN V 205 57.64 -8.79 73.17
C ASN V 205 56.69 -7.81 72.52
N ALA V 206 55.57 -8.34 72.16
CA ALA V 206 54.44 -7.75 71.54
C ALA V 206 53.89 -6.58 72.33
N ASP V 207 54.17 -6.57 73.63
CA ASP V 207 53.57 -5.45 74.41
C ASP V 207 54.50 -4.25 74.52
N THR V 208 55.79 -4.33 74.17
CA THR V 208 56.63 -3.15 74.38
C THR V 208 56.04 -1.84 73.84
N ASP V 209 56.02 -0.89 74.80
CA ASP V 209 55.57 0.44 74.43
C ASP V 209 56.75 1.44 74.60
N TYR V 210 56.43 2.71 74.50
CA TYR V 210 57.39 3.81 74.64
C TYR V 210 58.11 3.84 75.99
N SER V 211 57.35 3.80 77.03
CA SER V 211 57.88 3.74 78.40
C SER V 211 58.67 2.49 78.67
N ILE V 212 58.18 1.30 78.41
CA ILE V 212 58.89 0.05 78.68
C ILE V 212 60.24 0.09 77.98
N ALA V 213 60.20 0.53 76.62
CA ALA V 213 61.48 0.59 75.83
C ALA V 213 62.44 1.59 76.38
N GLU V 214 61.87 2.75 76.68
CA GLU V 214 62.73 3.80 77.29
C GLU V 214 63.31 3.34 78.61
N ALA V 215 62.58 2.86 79.58
CA ALA V 215 63.14 2.42 80.86
C ALA V 215 64.17 1.32 80.69
N ALA V 216 63.84 0.41 79.77
CA ALA V 216 64.78 -0.68 79.50
C ALA V 216 66.12 -0.14 79.10
N PHE V 217 66.19 0.75 78.06
CA PHE V 217 67.56 1.14 77.63
C PHE V 217 68.27 1.99 78.64
N ASN V 218 67.53 2.88 79.29
CA ASN V 218 68.03 3.85 80.24
C ASN V 218 68.58 3.13 81.53
N LYS V 219 68.03 1.95 81.82
CA LYS V 219 68.53 1.18 83.01
C LYS V 219 69.62 0.21 82.70
N GLY V 220 70.00 0.12 81.46
CA GLY V 220 71.04 -0.76 80.97
C GLY V 220 70.60 -2.13 80.67
N GLU V 221 69.31 -2.38 80.61
CA GLU V 221 68.92 -3.80 80.30
C GLU V 221 68.88 -4.21 78.87
N THR V 222 68.74 -3.27 77.91
CA THR V 222 68.71 -3.67 76.51
C THR V 222 69.88 -2.98 75.86
N ALA V 223 70.53 -3.61 74.84
CA ALA V 223 71.67 -2.93 74.25
C ALA V 223 71.27 -1.86 73.19
N MET V 224 70.08 -1.85 72.63
CA MET V 224 69.72 -0.84 71.55
C MET V 224 68.27 -0.50 71.66
N THR V 225 67.94 0.68 71.10
CA THR V 225 66.49 1.11 71.06
C THR V 225 66.40 1.95 69.76
N ILE V 226 65.24 2.26 69.29
CA ILE V 226 65.11 3.11 68.08
C ILE V 226 64.32 4.26 68.58
N ASN V 227 64.73 5.49 68.45
CA ASN V 227 63.96 6.64 68.89
C ASN V 227 64.46 7.94 68.12
N GLY V 228 63.74 9.05 68.34
CA GLY V 228 64.04 10.34 67.74
C GLY V 228 64.82 11.20 68.71
N PRO V 229 65.24 12.39 68.23
CA PRO V 229 66.09 13.30 68.94
C PRO V 229 65.61 13.66 70.32
N TRP V 230 64.27 13.82 70.54
CA TRP V 230 63.61 14.17 71.73
C TRP V 230 63.95 13.15 72.88
N ALA V 231 64.27 11.92 72.67
CA ALA V 231 64.63 10.96 73.73
C ALA V 231 66.05 11.16 74.26
N TRP V 232 66.94 11.90 73.62
CA TRP V 232 68.37 11.97 73.97
C TRP V 232 68.53 12.51 75.39
N SER V 233 67.67 13.46 75.71
CA SER V 233 67.75 14.11 77.06
C SER V 233 67.71 13.17 78.24
N ASN V 234 66.78 12.26 78.21
CA ASN V 234 66.67 11.31 79.35
C ASN V 234 67.86 10.31 79.40
N ILE V 235 68.32 9.97 78.20
CA ILE V 235 69.46 9.10 78.08
C ILE V 235 70.63 9.83 78.77
N ASP V 236 70.78 11.11 78.48
CA ASP V 236 71.99 11.80 78.99
C ASP V 236 72.03 11.75 80.55
N THR V 237 70.80 11.96 80.98
CA THR V 237 70.46 12.03 82.37
C THR V 237 70.70 10.70 83.12
N SER V 238 70.55 9.64 82.38
CA SER V 238 70.79 8.31 82.99
C SER V 238 72.30 7.99 82.88
N LYS V 239 73.05 8.84 82.16
CA LYS V 239 74.47 8.65 81.90
C LYS V 239 74.76 7.36 81.16
N VAL V 240 73.82 6.67 80.45
CA VAL V 240 74.30 5.41 79.74
C VAL V 240 75.39 5.91 78.80
N ASN V 241 76.32 5.10 78.34
CA ASN V 241 77.35 5.46 77.32
C ASN V 241 76.78 4.99 75.94
N TYR V 242 76.07 5.92 75.29
CA TYR V 242 75.35 5.63 74.03
C TYR V 242 75.86 6.25 72.77
N GLY V 243 75.56 5.56 71.64
CA GLY V 243 75.96 6.19 70.35
C GLY V 243 74.58 6.31 69.63
N VAL V 244 74.61 7.10 68.58
CA VAL V 244 73.38 7.30 67.74
C VAL V 244 73.83 6.94 66.34
N THR V 245 73.23 6.00 65.62
CA THR V 245 73.77 5.80 64.25
C THR V 245 72.71 5.48 63.21
N VAL V 246 73.14 5.10 62.02
CA VAL V 246 72.20 4.70 60.98
C VAL V 246 71.39 3.46 61.41
N LEU V 247 70.16 3.34 61.03
CA LEU V 247 69.39 2.11 61.24
C LEU V 247 69.98 0.96 60.42
N PRO V 248 69.78 -0.29 60.91
CA PRO V 248 70.29 -1.45 60.14
C PRO V 248 69.52 -1.65 58.81
N THR V 249 70.15 -2.36 57.90
CA THR V 249 69.60 -2.71 56.61
C THR V 249 68.79 -3.98 56.76
N PHE V 250 67.90 -4.16 55.79
CA PHE V 250 67.09 -5.34 55.80
C PHE V 250 67.22 -5.81 54.33
N LYS V 251 67.65 -7.00 54.07
CA LYS V 251 67.68 -7.59 52.69
C LYS V 251 68.64 -6.72 51.90
N GLY V 252 69.55 -6.13 52.64
CA GLY V 252 70.58 -5.31 51.97
C GLY V 252 70.11 -3.89 51.67
N GLN V 253 68.85 -3.53 51.97
CA GLN V 253 68.41 -2.16 51.66
C GLN V 253 68.38 -1.40 52.97
N PRO V 254 68.53 -0.08 52.90
CA PRO V 254 68.47 0.73 54.07
C PRO V 254 67.08 0.67 54.71
N SER V 255 66.97 0.73 56.01
CA SER V 255 65.69 0.97 56.74
C SER V 255 65.30 2.40 56.27
N LYS V 256 64.04 2.67 56.07
CA LYS V 256 63.61 4.01 55.51
C LYS V 256 62.61 4.65 56.39
N PRO V 257 63.05 5.48 57.33
CA PRO V 257 62.10 6.12 58.25
C PRO V 257 61.22 7.13 57.47
N PHE V 258 60.02 7.36 57.92
CA PHE V 258 59.17 8.40 57.40
C PHE V 258 59.78 9.64 58.06
N VAL V 259 60.03 10.71 57.38
CA VAL V 259 60.57 11.92 58.03
C VAL V 259 59.50 12.91 58.28
N GLY V 260 59.50 13.50 59.50
CA GLY V 260 58.53 14.48 59.96
C GLY V 260 59.26 15.80 60.13
N VAL V 261 58.56 16.86 59.76
CA VAL V 261 58.95 18.25 59.88
C VAL V 261 58.09 18.75 61.01
N LEU V 262 58.59 18.95 62.25
CA LEU V 262 57.92 19.51 63.37
C LEU V 262 57.42 20.94 62.83
N SER V 263 56.14 21.16 63.03
CA SER V 263 55.53 22.38 62.51
C SER V 263 54.56 23.06 63.52
N ALA V 264 54.44 24.43 63.31
CA ALA V 264 53.58 25.27 64.21
C ALA V 264 52.51 25.94 63.35
N GLY V 265 51.28 25.61 63.65
CA GLY V 265 50.15 26.18 62.83
C GLY V 265 49.33 27.11 63.66
N ILE V 266 48.65 28.07 62.92
CA ILE V 266 47.81 29.06 63.69
C ILE V 266 46.34 28.76 63.45
N ASN V 267 45.66 28.64 64.57
CA ASN V 267 44.25 28.31 64.63
C ASN V 267 43.59 29.44 63.86
N ALA V 268 42.84 28.95 62.87
CA ALA V 268 42.04 29.88 61.96
C ALA V 268 41.09 30.76 62.85
N ALA V 269 40.63 30.14 63.94
CA ALA V 269 39.77 30.62 64.99
C ALA V 269 40.46 31.59 65.99
N SER V 270 41.73 31.91 65.94
CA SER V 270 42.36 32.82 66.83
C SER V 270 42.20 34.29 66.38
N PRO V 271 42.00 35.10 67.40
CA PRO V 271 41.98 36.55 67.39
C PRO V 271 43.41 37.17 67.40
N ASN V 272 44.30 36.28 67.92
CA ASN V 272 45.71 36.59 68.10
C ASN V 272 46.51 36.27 66.89
N LYS V 273 46.24 36.30 65.63
CA LYS V 273 47.15 35.83 64.59
C LYS V 273 48.48 36.56 64.44
N GLU V 274 48.37 37.87 64.66
CA GLU V 274 49.45 38.83 64.53
C GLU V 274 50.45 38.61 65.67
N LEU V 275 49.99 38.40 66.85
CA LEU V 275 50.76 38.08 68.05
C LEU V 275 51.59 36.78 67.81
N ALA V 276 50.78 35.83 67.33
CA ALA V 276 51.19 34.46 66.98
C ALA V 276 52.31 34.59 65.98
N LYS V 277 52.02 35.33 64.88
CA LYS V 277 53.13 35.47 63.91
C LYS V 277 54.33 36.15 64.54
N GLU V 278 54.18 37.16 65.39
CA GLU V 278 55.36 37.87 65.96
C GLU V 278 56.26 36.86 66.69
N PHE V 279 55.67 36.14 67.59
CA PHE V 279 56.18 35.02 68.41
C PHE V 279 56.96 33.98 67.64
N LEU V 280 56.32 33.45 66.60
CA LEU V 280 56.95 32.43 65.82
C LEU V 280 58.14 33.00 65.10
N GLU V 281 57.88 33.96 64.21
CA GLU V 281 58.97 34.51 63.36
C GLU V 281 60.07 35.32 64.02
N ASN V 282 59.72 36.05 65.10
CA ASN V 282 60.66 36.87 65.84
C ASN V 282 61.15 36.37 67.22
N TYR V 283 60.55 35.39 67.86
CA TYR V 283 60.97 34.86 69.17
C TYR V 283 61.53 33.44 69.06
N LEU V 284 60.61 32.55 68.61
CA LEU V 284 60.99 31.10 68.46
C LEU V 284 61.87 30.84 67.28
N LEU V 285 61.51 31.27 66.14
CA LEU V 285 62.32 30.98 64.97
C LEU V 285 63.58 31.85 64.84
N THR V 286 64.35 31.92 65.91
CA THR V 286 65.65 32.58 65.98
C THR V 286 66.71 31.59 66.45
N ASP V 287 67.94 31.87 66.58
CA ASP V 287 68.99 30.95 67.12
C ASP V 287 68.76 30.82 68.61
N GLU V 288 68.31 31.87 69.23
CA GLU V 288 68.12 31.90 70.67
C GLU V 288 66.93 31.17 71.15
N GLY V 289 65.83 31.29 70.40
CA GLY V 289 64.56 30.63 70.76
C GLY V 289 64.69 29.12 70.55
N LEU V 290 65.29 28.75 69.45
CA LEU V 290 65.46 27.32 69.10
C LEU V 290 66.37 26.66 70.17
N GLU V 291 67.36 27.45 70.57
CA GLU V 291 68.25 26.86 71.58
C GLU V 291 67.64 26.72 72.94
N ALA V 292 66.73 27.47 73.45
CA ALA V 292 66.05 27.32 74.72
C ALA V 292 65.26 26.02 74.70
N VAL V 293 64.64 25.77 73.53
CA VAL V 293 63.81 24.58 73.30
C VAL V 293 64.72 23.33 73.24
N ASN V 294 65.75 23.32 72.40
CA ASN V 294 66.68 22.26 72.17
C ASN V 294 67.45 21.85 73.43
N LYS V 295 67.69 22.68 74.38
CA LYS V 295 68.36 22.40 75.66
C LYS V 295 67.38 21.62 76.53
N ASP V 296 66.08 21.84 76.38
CA ASP V 296 65.05 21.06 77.09
C ASP V 296 64.99 19.67 76.47
N LYS V 297 64.48 19.51 75.28
CA LYS V 297 64.47 18.19 74.54
C LYS V 297 65.04 18.45 73.19
N PRO V 298 66.09 17.84 72.71
CA PRO V 298 66.67 18.13 71.40
C PRO V 298 65.67 18.06 70.29
N LEU V 299 65.76 19.02 69.33
CA LEU V 299 64.85 19.05 68.19
C LEU V 299 65.20 18.16 67.02
N GLY V 300 66.43 17.84 66.76
CA GLY V 300 66.85 17.11 65.58
C GLY V 300 67.58 18.25 64.74
N ALA V 301 67.44 18.06 63.46
CA ALA V 301 68.03 18.99 62.45
C ALA V 301 67.10 20.16 62.37
N VAL V 302 67.33 21.43 62.61
CA VAL V 302 66.42 22.57 62.61
C VAL V 302 66.27 23.14 61.20
N ALA V 303 65.10 23.73 60.96
CA ALA V 303 64.94 24.30 59.56
C ALA V 303 65.66 25.64 59.41
N LEU V 304 66.00 26.30 60.52
CA LEU V 304 66.72 27.61 60.55
C LEU V 304 68.19 27.32 60.23
N LYS V 305 68.54 27.86 59.03
CA LYS V 305 69.91 27.57 58.57
C LYS V 305 71.06 27.93 59.50
N SER V 306 70.96 29.03 60.16
CA SER V 306 71.94 29.66 61.04
C SER V 306 72.24 28.76 62.22
N TYR V 307 71.18 28.36 62.94
CA TYR V 307 71.24 27.40 64.05
C TYR V 307 71.65 26.00 63.61
N GLU V 308 71.12 25.54 62.44
CA GLU V 308 71.40 24.22 61.96
C GLU V 308 72.89 24.00 61.75
N GLU V 309 73.43 25.16 61.35
CA GLU V 309 74.89 25.29 61.10
C GLU V 309 75.73 24.96 62.35
N GLU V 310 75.23 25.36 63.53
CA GLU V 310 75.92 25.11 64.78
C GLU V 310 75.57 23.70 65.31
N LEU V 311 74.41 23.23 64.84
CA LEU V 311 73.87 21.92 65.32
C LEU V 311 74.53 20.74 64.68
N ALA V 312 75.04 20.80 63.38
CA ALA V 312 75.59 19.41 63.39
C ALA V 312 76.61 19.04 62.38
N LYS V 313 77.71 19.03 63.00
CA LYS V 313 78.89 18.81 63.69
C LYS V 313 78.71 17.75 64.82
N ASP V 314 77.48 17.85 65.34
CA ASP V 314 77.08 16.88 66.41
C ASP V 314 76.88 15.53 65.70
N PRO V 315 77.58 14.50 66.06
CA PRO V 315 77.46 13.24 65.40
C PRO V 315 76.02 12.65 65.51
N ARG V 316 75.29 12.94 66.49
CA ARG V 316 73.88 12.52 66.75
C ARG V 316 73.01 13.13 65.67
N ILE V 317 73.25 14.38 65.43
CA ILE V 317 72.60 15.16 64.36
C ILE V 317 73.02 14.65 63.01
N ALA V 318 74.32 14.33 62.83
CA ALA V 318 74.73 13.79 61.52
C ALA V 318 74.04 12.48 61.22
N ALA V 319 73.83 11.69 62.27
CA ALA V 319 73.18 10.38 62.05
C ALA V 319 71.70 10.54 61.73
N THR V 320 71.13 11.54 62.36
CA THR V 320 69.71 11.92 62.17
C THR V 320 69.50 12.25 60.67
N MET V 321 70.41 13.15 60.22
CA MET V 321 70.44 13.47 58.76
C MET V 321 70.69 12.32 57.83
N GLU V 322 71.52 11.37 58.18
CA GLU V 322 71.74 10.25 57.31
C GLU V 322 70.50 9.34 57.24
N ASN V 323 69.85 9.11 58.40
CA ASN V 323 68.62 8.23 58.35
C ASN V 323 67.55 9.03 57.58
N ALA V 324 67.50 10.30 57.84
CA ALA V 324 66.50 11.14 57.11
C ALA V 324 66.63 11.05 55.62
N GLN V 325 67.88 11.13 55.12
CA GLN V 325 68.29 11.00 53.71
C GLN V 325 67.92 9.65 53.14
N LYS V 326 67.87 8.55 53.81
CA LYS V 326 67.49 7.25 53.41
C LYS V 326 65.98 7.04 53.56
N GLY V 327 65.36 7.97 54.20
CA GLY V 327 63.95 7.87 54.41
C GLY V 327 63.20 8.64 53.34
N GLU V 328 62.00 9.00 53.69
CA GLU V 328 61.08 9.76 52.85
C GLU V 328 60.23 10.64 53.72
N ILE V 329 60.14 11.87 53.32
CA ILE V 329 59.34 12.89 53.95
C ILE V 329 57.89 12.42 53.85
N MET V 330 57.10 12.51 54.88
CA MET V 330 55.70 12.02 54.83
C MET V 330 54.90 12.97 53.92
N PRO V 331 53.91 12.39 53.33
CA PRO V 331 52.82 13.14 52.65
C PRO V 331 52.08 13.93 53.73
N ASN V 332 51.37 15.06 53.51
CA ASN V 332 50.57 15.78 54.43
C ASN V 332 49.07 15.70 53.94
N ILE V 333 48.79 14.91 52.98
CA ILE V 333 47.41 14.75 52.41
C ILE V 333 46.44 14.37 53.48
N PRO V 334 45.15 14.65 53.45
CA PRO V 334 44.14 14.30 54.47
C PRO V 334 44.11 12.81 54.73
N GLN V 335 44.43 12.03 53.72
CA GLN V 335 44.41 10.57 53.84
C GLN V 335 45.52 10.02 54.78
N MET V 336 46.49 10.80 55.23
CA MET V 336 47.51 10.27 56.23
C MET V 336 46.91 9.74 57.51
N SER V 337 45.84 10.33 57.96
CA SER V 337 45.19 9.73 59.18
C SER V 337 44.56 8.35 58.97
N ALA V 338 44.01 7.99 57.83
CA ALA V 338 43.45 6.68 57.53
C ALA V 338 44.60 5.68 57.44
N PHE V 339 45.61 6.07 56.70
CA PHE V 339 46.82 5.25 56.57
C PHE V 339 47.32 4.88 57.98
N TRP V 340 47.54 5.87 58.83
CA TRP V 340 48.10 5.53 60.16
C TRP V 340 47.28 4.60 61.04
N TYR V 341 45.97 4.87 61.00
CA TYR V 341 45.11 3.98 61.90
C TYR V 341 45.04 2.61 61.33
N ALA V 342 44.99 2.50 59.98
CA ALA V 342 44.99 1.14 59.36
C ALA V 342 46.26 0.39 59.65
N VAL V 343 47.42 1.09 59.53
CA VAL V 343 48.73 0.41 59.74
C VAL V 343 48.92 0.11 61.23
N ARG V 344 48.39 0.93 62.10
CA ARG V 344 48.46 0.70 63.55
C ARG V 344 47.73 -0.59 63.89
N THR V 345 46.49 -0.69 63.43
CA THR V 345 45.83 -2.01 63.73
C THR V 345 46.56 -3.24 63.26
N ALA V 346 46.97 -3.15 61.94
CA ALA V 346 47.65 -4.26 61.26
C ALA V 346 48.80 -4.78 62.04
N VAL V 347 49.66 -3.94 62.55
CA VAL V 347 50.93 -4.39 63.22
C VAL V 347 50.63 -5.06 64.60
N ILE V 348 49.70 -4.35 65.25
CA ILE V 348 49.36 -4.86 66.60
C ILE V 348 48.72 -6.24 66.42
N ASN V 349 47.76 -6.33 65.54
CA ASN V 349 47.08 -7.63 65.29
C ASN V 349 48.09 -8.68 64.84
N ALA V 350 49.09 -8.35 64.02
CA ALA V 350 50.04 -9.29 63.54
C ALA V 350 51.05 -9.63 64.63
N ALA V 351 51.44 -8.64 65.40
CA ALA V 351 52.50 -8.93 66.46
C ALA V 351 51.95 -9.81 67.60
N SER V 352 50.70 -9.55 67.93
CA SER V 352 49.88 -10.22 68.96
C SER V 352 49.42 -11.60 68.49
N GLY V 353 49.58 -11.98 67.22
CA GLY V 353 49.27 -13.20 66.59
C GLY V 353 47.79 -13.38 66.36
N ARG V 354 47.01 -12.28 66.43
CA ARG V 354 45.57 -12.30 66.23
C ARG V 354 45.26 -12.54 64.72
N GLN V 355 46.19 -12.09 63.87
CA GLN V 355 46.05 -12.22 62.43
C GLN V 355 47.47 -12.55 61.96
N THR V 356 47.48 -13.17 60.82
CA THR V 356 48.71 -13.49 60.08
C THR V 356 49.08 -12.13 59.40
N VAL V 357 50.33 -12.06 59.00
CA VAL V 357 50.82 -10.90 58.25
C VAL V 357 50.00 -10.66 57.01
N ASP V 358 49.81 -11.66 56.20
CA ASP V 358 49.04 -11.55 54.90
C ASP V 358 47.62 -11.01 55.15
N GLU V 359 46.91 -11.59 56.09
CA GLU V 359 45.60 -11.14 56.51
C GLU V 359 45.69 -9.71 57.07
N ALA V 360 46.61 -9.38 57.92
CA ALA V 360 46.68 -8.03 58.48
C ALA V 360 46.91 -6.93 57.43
N LEU V 361 47.80 -7.20 56.52
CA LEU V 361 48.20 -6.15 55.53
C LEU V 361 47.16 -6.01 54.47
N LYS V 362 46.47 -7.13 54.35
CA LYS V 362 45.41 -7.03 53.28
C LYS V 362 44.30 -6.23 53.82
N ASP V 363 43.95 -6.38 55.05
CA ASP V 363 42.83 -5.61 55.61
C ASP V 363 43.12 -4.12 55.60
N ALA V 364 44.41 -3.91 55.89
CA ALA V 364 44.89 -2.53 55.99
C ALA V 364 44.74 -1.83 54.66
N GLN V 365 45.18 -2.61 53.63
CA GLN V 365 45.14 -2.12 52.22
C GLN V 365 43.74 -1.74 51.82
N THR V 366 42.74 -2.62 52.14
CA THR V 366 41.33 -2.40 51.92
C THR V 366 40.81 -1.22 52.67
N ARG V 367 41.14 -1.16 53.96
CA ARG V 367 40.73 -0.06 54.75
C ARG V 367 41.21 1.23 54.15
N ILE V 368 42.46 1.35 53.74
CA ILE V 368 42.98 2.61 53.21
C ILE V 368 42.39 3.04 51.87
N THR V 369 42.24 2.09 50.97
CA THR V 369 41.74 2.48 49.64
C THR V 369 40.23 2.52 49.47
N LYS V 370 39.53 2.28 50.97
CA LYS V 370 38.41 3.08 51.44
C LYS V 370 38.48 4.57 51.46
N LYS W 1 8.69 60.36 57.20
CA LYS W 1 9.96 59.95 57.92
C LYS W 1 10.05 60.64 59.30
N ILE W 2 9.52 61.87 59.23
CA ILE W 2 9.31 62.89 60.23
C ILE W 2 10.58 63.24 61.02
N GLU W 3 10.44 62.93 62.29
CA GLU W 3 11.48 63.12 63.32
C GLU W 3 11.88 64.59 63.48
N GLU W 4 12.99 65.14 63.04
CA GLU W 4 13.29 66.56 63.23
C GLU W 4 14.74 66.91 62.90
N GLY W 5 15.43 67.13 63.99
CA GLY W 5 16.72 67.42 64.47
C GLY W 5 16.92 67.19 65.99
N LYS W 6 16.22 66.20 66.49
CA LYS W 6 16.18 65.65 67.85
C LYS W 6 16.27 64.12 67.74
N LEU W 7 16.23 63.41 68.86
CA LEU W 7 16.27 61.96 69.08
C LEU W 7 15.07 61.46 69.91
N VAL W 8 14.31 60.50 69.48
CA VAL W 8 13.17 59.86 70.23
C VAL W 8 13.57 58.36 70.35
N ILE W 9 13.57 57.83 71.52
CA ILE W 9 13.95 56.47 71.82
C ILE W 9 12.78 55.74 72.42
N TRP W 10 12.62 54.53 71.97
CA TRP W 10 11.58 53.60 72.51
C TRP W 10 12.28 52.39 73.15
N ILE W 11 11.94 52.13 74.42
CA ILE W 11 12.57 51.00 75.16
C ILE W 11 11.43 50.41 75.95
N ASN W 12 11.41 49.17 76.29
CA ASN W 12 10.44 48.41 77.06
C ASN W 12 10.47 49.02 78.50
N GLY W 13 9.27 48.93 79.03
CA GLY W 13 8.89 49.41 80.33
C GLY W 13 9.60 48.68 81.47
N ASP W 14 10.07 47.43 81.23
CA ASP W 14 10.80 46.77 82.29
C ASP W 14 12.31 47.09 82.30
N LYS W 15 12.83 48.00 81.49
CA LYS W 15 14.25 48.32 81.41
C LYS W 15 14.52 49.64 82.10
N GLY W 16 15.79 50.03 82.33
CA GLY W 16 15.99 51.30 83.00
C GLY W 16 15.97 52.51 82.10
N TYR W 17 14.74 52.87 81.72
CA TYR W 17 14.45 54.04 80.88
C TYR W 17 14.81 55.31 81.61
N ASN W 18 14.80 55.33 82.96
CA ASN W 18 15.22 56.61 83.61
C ASN W 18 16.76 56.61 83.50
N GLY W 19 17.54 55.54 83.62
CA GLY W 19 18.96 55.66 83.44
C GLY W 19 19.24 56.19 82.04
N LEU W 20 18.46 55.69 81.11
CA LEU W 20 18.59 56.02 79.66
C LEU W 20 18.32 57.51 79.49
N ALA W 21 17.28 58.04 80.05
CA ALA W 21 16.95 59.46 80.08
C ALA W 21 18.09 60.27 80.70
N GLU W 22 18.83 59.88 81.72
CA GLU W 22 19.98 60.56 82.33
C GLU W 22 21.11 60.62 81.31
N VAL W 23 21.17 59.57 80.48
CA VAL W 23 22.16 59.58 79.41
C VAL W 23 21.69 60.51 78.30
N GLY W 24 20.45 60.60 77.94
CA GLY W 24 20.09 61.59 76.90
C GLY W 24 20.49 63.01 77.29
N LYS W 25 20.32 63.25 78.58
CA LYS W 25 20.55 64.53 79.25
C LYS W 25 21.94 65.08 79.08
N LYS W 26 22.93 64.24 79.16
CA LYS W 26 24.28 64.77 78.98
C LYS W 26 24.56 64.58 77.51
N PHE W 27 23.54 64.26 76.68
CA PHE W 27 23.94 64.12 75.25
C PHE W 27 23.74 65.56 74.74
N GLU W 28 22.56 65.96 75.21
CA GLU W 28 21.89 67.22 74.97
C GLU W 28 22.48 68.52 75.54
N LYS W 29 23.04 68.33 76.69
CA LYS W 29 23.72 69.35 77.51
C LYS W 29 25.07 69.52 76.82
N ASP W 30 25.41 68.52 76.01
CA ASP W 30 26.78 68.55 75.34
C ASP W 30 26.61 68.65 73.85
N THR W 31 25.34 68.86 73.49
CA THR W 31 25.15 68.90 72.03
C THR W 31 24.08 69.79 71.51
N GLY W 32 23.07 70.08 72.30
CA GLY W 32 21.90 70.81 71.87
C GLY W 32 20.78 69.95 71.29
N ILE W 33 21.06 68.63 71.10
CA ILE W 33 20.01 67.77 70.56
C ILE W 33 19.33 67.22 71.81
N LYS W 34 18.08 67.49 71.96
CA LYS W 34 17.41 66.93 73.13
C LYS W 34 16.90 65.51 72.77
N VAL W 35 17.10 64.67 73.81
CA VAL W 35 16.62 63.27 73.65
C VAL W 35 15.35 63.03 74.43
N THR W 36 14.33 62.40 73.92
CA THR W 36 13.07 62.04 74.50
C THR W 36 12.98 60.48 74.64
N VAL W 37 12.82 59.90 75.80
CA VAL W 37 12.76 58.47 76.04
C VAL W 37 11.38 57.96 76.27
N GLU W 38 10.83 57.07 75.45
CA GLU W 38 9.45 56.60 75.74
C GLU W 38 9.45 55.09 75.86
N HIS W 39 8.44 54.63 76.55
CA HIS W 39 8.25 53.17 76.74
C HIS W 39 6.81 52.75 76.50
N PRO W 40 6.39 52.83 75.24
CA PRO W 40 5.03 52.44 74.86
C PRO W 40 4.85 50.99 75.13
N ASP W 41 3.61 50.64 75.41
CA ASP W 41 3.18 49.21 75.63
C ASP W 41 3.26 48.40 74.34
N LYS W 42 3.56 47.14 74.23
CA LYS W 42 3.61 46.52 72.87
C LYS W 42 4.49 47.26 71.91
N LEU W 43 5.59 47.82 72.36
CA LEU W 43 6.33 48.65 71.33
C LEU W 43 6.86 47.80 70.17
N GLU W 44 7.10 46.55 70.52
CA GLU W 44 7.75 45.63 69.58
C GLU W 44 6.85 45.29 68.41
N GLU W 45 5.61 45.53 68.75
CA GLU W 45 4.43 45.39 67.87
C GLU W 45 4.09 46.71 67.25
N LYS W 46 4.10 47.78 68.05
CA LYS W 46 3.79 49.10 67.56
C LYS W 46 4.87 49.51 66.61
N PHE W 47 6.16 49.20 66.78
CA PHE W 47 7.16 49.74 65.87
C PHE W 47 6.94 49.53 64.36
N PRO W 48 6.68 48.27 63.99
CA PRO W 48 6.59 47.91 62.56
C PRO W 48 5.41 48.68 61.96
N GLN W 49 4.40 48.84 62.86
CA GLN W 49 3.22 49.56 62.38
C GLN W 49 3.54 51.01 62.06
N VAL W 50 4.00 51.82 62.96
CA VAL W 50 4.29 53.23 62.72
C VAL W 50 5.54 53.41 61.87
N ALA W 51 6.54 52.54 61.94
CA ALA W 51 7.78 52.76 61.17
C ALA W 51 7.57 52.55 59.65
N ALA W 52 6.57 51.69 59.46
CA ALA W 52 6.20 51.24 58.11
C ALA W 52 5.76 52.48 57.34
N THR W 53 5.07 53.39 58.06
CA THR W 53 4.58 54.68 57.57
C THR W 53 5.74 55.69 57.55
N GLY W 54 6.94 55.25 57.81
CA GLY W 54 8.02 56.26 57.76
C GLY W 54 8.07 57.05 59.04
N ASP W 55 7.28 56.67 60.10
CA ASP W 55 7.53 57.50 61.37
C ASP W 55 8.06 56.61 62.50
N GLY W 56 7.71 56.85 63.77
CA GLY W 56 8.17 56.04 64.94
C GLY W 56 9.36 56.67 65.62
N PRO W 57 10.15 55.94 66.43
CA PRO W 57 11.30 56.50 67.11
C PRO W 57 12.48 56.60 66.20
N ASP W 58 13.47 57.36 66.49
CA ASP W 58 14.73 57.40 65.73
C ASP W 58 15.46 56.05 66.03
N ILE W 59 15.36 55.67 67.35
CA ILE W 59 16.01 54.44 67.89
C ILE W 59 15.03 53.62 68.73
N ILE W 60 15.10 52.29 68.46
CA ILE W 60 14.35 51.21 69.02
C ILE W 60 15.25 50.16 69.67
N PHE W 61 14.84 49.85 70.89
CA PHE W 61 15.51 48.82 71.72
C PHE W 61 14.51 47.62 71.94
N TRP W 62 15.06 46.45 71.62
CA TRP W 62 14.34 45.21 71.88
C TRP W 62 15.42 44.11 71.90
N ALA W 63 15.06 42.88 72.39
CA ALA W 63 15.88 41.67 72.27
C ALA W 63 16.13 41.45 70.74
N HIS W 64 17.18 40.82 70.33
CA HIS W 64 17.49 40.72 68.87
C HIS W 64 16.56 39.85 68.10
N ASP W 65 15.78 38.89 68.74
CA ASP W 65 14.89 37.99 67.97
C ASP W 65 13.89 38.73 67.06
N ARG W 66 13.50 39.96 67.38
CA ARG W 66 12.52 40.73 66.59
C ARG W 66 13.23 41.44 65.42
N PHE W 67 14.53 41.64 65.44
CA PHE W 67 15.25 42.44 64.41
C PHE W 67 15.29 41.82 62.99
N GLY W 68 15.40 40.56 62.73
CA GLY W 68 15.39 39.94 61.40
C GLY W 68 14.12 40.36 60.68
N GLY W 69 12.99 40.37 61.33
CA GLY W 69 11.71 40.70 60.74
C GLY W 69 11.66 42.17 60.43
N TYR W 70 12.16 43.05 61.26
CA TYR W 70 12.15 44.46 61.03
C TYR W 70 12.99 44.72 59.79
N ALA W 71 14.15 44.19 59.69
CA ALA W 71 15.12 44.31 58.62
C ALA W 71 14.51 43.82 57.29
N GLN W 72 13.89 42.67 57.25
CA GLN W 72 13.24 42.14 56.05
C GLN W 72 12.10 43.02 55.52
N SER W 73 11.41 43.72 56.38
CA SER W 73 10.36 44.64 56.04
C SER W 73 10.94 46.02 55.63
N GLY W 74 12.23 46.12 55.67
CA GLY W 74 13.09 47.28 55.45
C GLY W 74 13.02 48.39 56.51
N LEU W 75 12.92 48.21 57.81
CA LEU W 75 12.66 49.26 58.82
C LEU W 75 13.85 49.77 59.58
N LEU W 76 14.96 49.10 59.27
CA LEU W 76 16.18 49.48 59.95
C LEU W 76 17.29 49.83 58.97
N ALA W 77 18.13 50.72 59.40
CA ALA W 77 19.32 51.12 58.69
C ALA W 77 20.46 50.17 59.09
N GLU W 78 21.32 49.94 58.09
CA GLU W 78 22.55 49.15 58.24
C GLU W 78 23.50 50.14 58.97
N ILE W 79 24.09 49.59 60.02
CA ILE W 79 25.02 50.36 60.82
C ILE W 79 26.39 49.88 60.33
N THR W 80 27.36 50.75 60.59
CA THR W 80 28.79 50.57 60.26
C THR W 80 29.80 51.04 61.28
N PRO W 81 30.09 50.20 62.23
CA PRO W 81 31.10 50.57 63.25
C PRO W 81 32.42 50.08 62.66
N ASP W 82 33.51 50.76 62.93
CA ASP W 82 34.77 50.19 62.36
C ASP W 82 35.29 49.22 63.43
N LYS W 83 36.07 48.36 62.88
CA LYS W 83 36.76 47.27 63.57
C LYS W 83 37.29 47.70 64.93
N ALA W 84 37.48 49.04 65.05
CA ALA W 84 38.01 49.48 66.34
C ALA W 84 36.75 49.47 67.23
N PHE W 85 35.73 50.13 66.78
CA PHE W 85 34.57 50.13 67.66
C PHE W 85 34.06 48.73 67.85
N GLN W 86 34.08 47.95 66.79
CA GLN W 86 33.60 46.58 66.84
C GLN W 86 34.28 45.73 67.89
N ASP W 87 35.54 46.00 68.08
CA ASP W 87 36.58 45.41 68.92
C ASP W 87 36.29 45.51 70.42
N LYS W 88 35.60 46.53 70.76
CA LYS W 88 35.14 46.78 72.13
C LYS W 88 34.04 45.83 72.62
N LEU W 89 33.37 45.13 71.75
CA LEU W 89 32.27 44.25 72.06
C LEU W 89 32.59 42.80 71.83
N TYR W 90 31.94 41.99 72.66
CA TYR W 90 32.09 40.55 72.40
C TYR W 90 31.51 40.26 71.02
N PRO W 91 32.28 39.53 70.23
CA PRO W 91 31.87 39.15 68.85
C PRO W 91 30.64 38.29 68.79
N PHE W 92 30.40 37.40 69.71
CA PHE W 92 29.16 36.61 69.53
C PHE W 92 27.99 37.61 69.60
N THR W 93 28.17 38.78 70.21
CA THR W 93 27.05 39.76 70.30
C THR W 93 26.79 40.47 68.97
N TRP W 94 27.86 40.64 68.11
CA TRP W 94 27.62 41.27 66.76
C TRP W 94 26.94 40.23 65.88
N ASP W 95 27.09 39.00 66.00
CA ASP W 95 26.56 37.92 65.24
C ASP W 95 25.05 37.83 65.39
N ALA W 96 24.63 38.18 66.60
CA ALA W 96 23.21 38.18 66.99
C ALA W 96 22.49 39.25 66.22
N VAL W 97 23.20 40.30 65.74
CA VAL W 97 22.53 41.43 65.10
C VAL W 97 22.87 41.52 63.59
N ARG W 98 23.17 40.42 63.06
CA ARG W 98 23.51 40.33 61.64
C ARG W 98 22.34 39.70 60.94
N TYR W 99 21.90 40.31 59.90
CA TYR W 99 20.81 39.74 59.14
C TYR W 99 21.30 39.77 57.67
N ASN W 100 21.43 38.59 57.09
CA ASN W 100 21.88 38.39 55.72
C ASN W 100 23.27 39.01 55.57
N GLY W 101 24.12 38.81 56.54
CA GLY W 101 25.47 39.29 56.69
C GLY W 101 25.64 40.74 57.07
N LYS W 102 24.68 41.64 57.04
CA LYS W 102 24.78 43.07 57.35
C LYS W 102 24.51 43.32 58.89
N LEU W 103 25.08 44.33 59.45
CA LEU W 103 24.76 44.56 60.88
C LEU W 103 23.56 45.46 60.90
N ILE W 104 22.52 45.15 61.70
CA ILE W 104 21.30 46.00 61.70
C ILE W 104 20.91 46.64 63.04
N ALA W 105 21.90 46.43 63.95
CA ALA W 105 21.75 47.01 65.31
C ALA W 105 23.04 46.89 66.11
N TYR W 106 23.06 47.66 67.21
CA TYR W 106 24.11 47.68 68.22
C TYR W 106 23.62 46.79 69.42
N PRO W 107 24.41 45.84 69.74
CA PRO W 107 24.16 44.88 70.84
C PRO W 107 24.49 45.63 72.12
N ILE W 108 23.66 45.51 73.14
CA ILE W 108 23.82 46.23 74.41
C ILE W 108 24.10 45.27 75.56
N ALA W 109 23.27 44.20 75.68
CA ALA W 109 23.46 43.31 76.87
C ALA W 109 22.88 41.98 76.59
N VAL W 110 23.27 40.98 77.26
CA VAL W 110 22.99 39.56 77.20
C VAL W 110 22.12 39.19 78.39
N GLU W 111 20.89 38.85 77.91
CA GLU W 111 19.81 38.52 78.93
C GLU W 111 19.50 37.07 79.05
N ALA W 112 19.46 36.40 80.26
CA ALA W 112 19.07 35.03 80.42
C ALA W 112 18.26 35.02 81.76
N LEU W 113 17.23 34.24 81.79
CA LEU W 113 16.43 34.06 83.02
C LEU W 113 17.27 33.24 84.03
N SER W 114 17.05 33.46 85.32
CA SER W 114 17.66 32.73 86.47
C SER W 114 16.58 32.35 87.55
N LEU W 115 16.96 31.40 88.39
CA LEU W 115 16.06 31.06 89.50
C LEU W 115 16.41 32.09 90.56
N ILE W 116 15.47 32.80 91.11
CA ILE W 116 15.65 33.77 92.24
C ILE W 116 14.95 33.16 93.45
N TYR W 117 15.65 33.09 94.56
CA TYR W 117 14.95 32.38 95.71
C TYR W 117 15.16 33.26 96.95
N ASN W 118 14.20 33.02 97.88
CA ASN W 118 14.18 33.81 99.16
C ASN W 118 15.06 33.03 100.12
N LYS W 119 16.24 33.54 100.43
CA LYS W 119 17.18 32.81 101.33
C LYS W 119 16.66 32.49 102.76
N ASP W 120 15.68 33.28 103.10
CA ASP W 120 15.04 33.16 104.41
C ASP W 120 13.96 32.08 104.37
N LEU W 121 13.23 31.82 103.33
CA LEU W 121 12.27 30.69 103.28
C LEU W 121 13.04 29.46 102.80
N LEU W 122 14.08 29.62 102.02
CA LEU W 122 14.84 28.51 101.35
C LEU W 122 16.32 28.75 101.20
N PRO W 123 17.05 28.56 102.25
CA PRO W 123 18.50 28.81 102.25
C PRO W 123 19.12 28.04 101.10
N ASN W 124 18.64 26.85 100.83
CA ASN W 124 19.18 26.01 99.68
C ASN W 124 18.09 25.79 98.59
N PRO W 125 18.39 26.28 97.41
CA PRO W 125 17.42 26.18 96.29
C PRO W 125 17.39 24.76 95.81
N PRO W 126 16.24 24.35 95.31
CA PRO W 126 16.06 22.99 94.77
C PRO W 126 16.97 22.80 93.52
N LYS W 127 17.47 21.62 93.26
CA LYS W 127 18.32 21.45 92.09
C LYS W 127 17.55 20.87 90.90
N THR W 128 16.29 20.50 91.21
CA THR W 128 15.45 19.78 90.24
C THR W 128 14.06 20.27 90.19
N TRP W 129 13.44 20.28 88.98
CA TRP W 129 12.08 20.72 88.87
C TRP W 129 11.21 19.72 89.66
N GLU W 130 11.69 18.46 89.57
CA GLU W 130 10.87 17.35 90.17
C GLU W 130 10.67 17.47 91.66
N GLU W 131 11.56 18.09 92.38
CA GLU W 131 11.27 18.19 93.87
C GLU W 131 10.48 19.39 94.23
N ILE W 132 9.93 20.10 93.26
CA ILE W 132 9.19 21.32 93.57
C ILE W 132 7.84 21.00 94.16
N PRO W 133 7.15 20.01 93.67
CA PRO W 133 5.79 19.69 94.22
C PRO W 133 5.82 19.43 95.74
N ALA W 134 6.78 18.58 96.15
CA ALA W 134 6.97 18.23 97.57
C ALA W 134 7.23 19.49 98.40
N LEU W 135 8.13 20.25 97.78
CA LEU W 135 8.52 21.51 98.43
C LEU W 135 7.32 22.40 98.66
N ASP W 136 6.41 22.57 97.77
CA ASP W 136 5.23 23.43 97.83
C ASP W 136 4.25 22.96 98.98
N LYS W 137 4.18 21.65 99.00
CA LYS W 137 3.38 20.90 100.00
C LYS W 137 3.81 21.43 101.39
N GLU W 138 5.07 21.40 101.67
CA GLU W 138 5.68 21.84 102.94
C GLU W 138 5.49 23.31 103.26
N LEU W 139 5.67 24.19 102.29
CA LEU W 139 5.57 25.64 102.47
C LEU W 139 4.13 26.03 102.67
N LYS W 140 3.24 25.42 101.96
CA LYS W 140 1.81 25.68 101.92
C LYS W 140 1.08 25.49 103.27
N ALA W 141 1.62 24.63 104.06
CA ALA W 141 1.28 24.21 105.40
C ALA W 141 1.60 25.36 106.35
N LYS W 142 2.48 26.21 105.86
CA LYS W 142 3.03 27.42 106.55
C LYS W 142 2.51 28.73 105.95
N GLY W 143 1.47 28.71 105.16
CA GLY W 143 0.81 29.72 104.42
C GLY W 143 1.56 30.23 103.16
N LYS W 144 2.68 29.69 102.74
CA LYS W 144 3.51 30.12 101.59
C LYS W 144 3.35 29.19 100.39
N SER W 145 4.19 29.44 99.34
CA SER W 145 4.24 28.63 98.08
C SER W 145 5.74 28.56 97.65
N ALA W 146 6.00 27.51 96.93
CA ALA W 146 7.31 27.26 96.47
C ALA W 146 7.71 28.20 95.32
N LEU W 147 6.89 28.39 94.31
CA LEU W 147 7.23 29.12 93.10
C LEU W 147 6.17 29.83 92.40
N MET W 148 6.44 31.05 91.89
CA MET W 148 5.41 31.69 91.09
C MET W 148 6.16 32.45 90.01
N PHE W 149 5.72 32.34 88.79
CA PHE W 149 6.47 33.15 87.70
C PHE W 149 5.44 33.42 86.63
N ASN W 150 5.76 34.34 85.74
CA ASN W 150 4.85 34.75 84.67
C ASN W 150 4.51 33.59 83.72
N LEU W 151 3.29 33.10 83.67
CA LEU W 151 2.84 32.05 82.81
C LEU W 151 2.17 32.57 81.52
N GLN W 152 1.96 33.83 81.43
CA GLN W 152 1.32 34.45 80.33
C GLN W 152 2.32 34.66 79.18
N GLU W 153 3.58 34.78 79.35
CA GLU W 153 4.70 34.99 78.35
C GLU W 153 5.55 33.75 78.16
N PRO W 154 5.54 33.20 76.92
CA PRO W 154 6.16 31.91 76.61
C PRO W 154 7.62 31.85 76.91
N TYR W 155 8.20 33.08 76.94
CA TYR W 155 9.62 33.28 77.24
C TYR W 155 9.98 32.68 78.64
N PHE W 156 9.02 32.73 79.55
CA PHE W 156 9.31 32.27 80.97
C PHE W 156 9.23 30.77 81.19
N THR W 157 8.34 30.24 80.34
CA THR W 157 8.11 28.78 80.28
C THR W 157 9.04 28.00 79.32
N TRP W 158 9.57 28.60 78.25
CA TRP W 158 10.45 27.93 77.31
C TRP W 158 11.56 27.21 77.96
N PRO W 159 12.25 27.61 78.98
CA PRO W 159 13.38 26.79 79.54
C PRO W 159 13.04 25.38 79.91
N LEU W 160 11.80 25.18 80.42
CA LEU W 160 11.36 23.84 80.83
C LEU W 160 10.98 22.99 79.59
N ILE W 161 10.31 23.69 78.61
CA ILE W 161 9.92 23.02 77.37
C ILE W 161 11.13 22.56 76.57
N ALA W 162 12.09 23.39 76.53
CA ALA W 162 13.31 23.05 75.80
C ALA W 162 14.16 22.09 76.58
N ALA W 163 14.16 21.92 77.94
CA ALA W 163 15.08 21.09 78.68
C ALA W 163 15.29 19.69 78.18
N ASP W 164 14.24 18.93 77.96
CA ASP W 164 14.27 17.53 77.52
C ASP W 164 14.21 17.44 75.99
N GLY W 165 14.42 18.53 75.24
CA GLY W 165 14.44 18.46 73.77
C GLY W 165 13.58 19.37 73.00
N GLY W 166 12.67 20.20 73.49
CA GLY W 166 11.84 21.06 72.58
C GLY W 166 12.79 21.99 71.91
N TYR W 167 12.43 22.51 70.73
CA TYR W 167 13.34 23.48 70.03
C TYR W 167 12.51 24.32 69.06
N ALA W 168 12.98 25.52 68.76
CA ALA W 168 12.25 26.39 67.82
C ALA W 168 12.46 25.92 66.36
N PHE W 169 13.54 26.23 65.74
CA PHE W 169 13.99 25.95 64.36
C PHE W 169 15.36 25.25 64.44
N LYS W 170 15.46 24.19 63.74
CA LYS W 170 16.68 23.41 63.62
C LYS W 170 17.68 24.29 62.81
N TYR W 171 18.87 24.43 63.37
CA TYR W 171 19.97 25.13 62.82
C TYR W 171 20.71 24.05 61.97
N GLU W 172 20.70 24.13 60.65
CA GLU W 172 21.32 23.06 59.88
C GLU W 172 22.13 23.65 58.74
N ASN W 173 23.43 23.45 58.76
CA ASN W 173 24.41 23.94 57.74
C ASN W 173 24.21 25.43 57.39
N GLY W 174 24.74 26.21 58.37
CA GLY W 174 24.73 27.67 58.25
C GLY W 174 23.39 28.39 58.30
N LYS W 175 22.31 27.57 58.37
CA LYS W 175 21.04 28.33 58.49
C LYS W 175 19.99 27.48 59.17
N TYR W 176 18.92 28.21 59.53
CA TYR W 176 17.74 27.72 60.17
C TYR W 176 16.77 27.16 59.11
N ASP W 177 16.37 25.93 59.38
CA ASP W 177 15.36 25.26 58.61
C ASP W 177 13.98 25.63 59.26
N ILE W 178 13.26 26.44 58.50
CA ILE W 178 11.95 26.93 58.87
C ILE W 178 10.85 25.89 58.87
N LYS W 179 11.17 24.72 58.30
CA LYS W 179 10.16 23.67 58.23
C LYS W 179 10.51 22.64 59.28
N ASP W 180 11.64 22.71 59.93
CA ASP W 180 12.01 21.78 60.99
C ASP W 180 11.88 22.50 62.36
N VAL W 181 10.70 22.25 63.03
CA VAL W 181 10.31 22.84 64.29
C VAL W 181 10.25 21.83 65.43
N GLY W 182 10.54 22.15 66.70
CA GLY W 182 10.55 21.06 67.72
C GLY W 182 9.70 21.41 68.87
N VAL W 183 8.53 21.91 68.41
CA VAL W 183 7.53 22.37 69.48
C VAL W 183 6.61 21.28 69.83
N ASP W 184 6.50 20.26 69.04
CA ASP W 184 5.61 19.14 69.35
C ASP W 184 6.33 17.85 69.50
N ASN W 185 7.62 17.86 69.73
CA ASN W 185 8.32 16.55 69.86
C ASN W 185 8.18 16.00 71.32
N ALA W 186 8.76 14.85 71.58
CA ALA W 186 8.63 14.19 72.87
C ALA W 186 9.21 15.09 73.96
N GLY W 187 10.26 15.84 73.83
CA GLY W 187 10.79 16.65 74.96
C GLY W 187 9.93 17.81 75.32
N ALA W 188 9.42 18.43 74.26
CA ALA W 188 8.51 19.57 74.41
C ALA W 188 7.20 19.10 75.11
N LYS W 189 6.68 17.95 74.68
CA LYS W 189 5.46 17.40 75.34
C LYS W 189 5.75 17.05 76.85
N ALA W 190 6.87 16.48 77.17
CA ALA W 190 7.20 16.11 78.57
C ALA W 190 7.24 17.36 79.48
N GLY W 191 7.86 18.43 78.94
CA GLY W 191 8.03 19.72 79.57
C GLY W 191 6.74 20.43 79.89
N LEU W 192 5.89 20.57 78.84
CA LEU W 192 4.58 21.23 79.10
C LEU W 192 3.67 20.41 80.03
N THR W 193 3.74 19.10 79.91
CA THR W 193 2.94 18.18 80.75
C THR W 193 3.26 18.42 82.24
N PHE W 194 4.50 18.45 82.52
CA PHE W 194 5.05 18.74 83.84
C PHE W 194 4.49 20.08 84.29
N LEU W 195 4.50 21.10 83.53
CA LEU W 195 3.97 22.37 83.94
C LEU W 195 2.46 22.28 84.27
N VAL W 196 1.69 21.71 83.42
CA VAL W 196 0.24 21.59 83.49
C VAL W 196 -0.08 20.78 84.77
N ASP W 197 0.75 19.79 85.09
CA ASP W 197 0.54 18.96 86.25
C ASP W 197 0.71 19.80 87.53
N LEU W 198 1.58 20.80 87.51
CA LEU W 198 1.86 21.70 88.61
C LEU W 198 0.58 22.47 88.93
N ILE W 199 -0.06 22.88 87.89
CA ILE W 199 -1.30 23.61 87.99
C ILE W 199 -2.42 22.66 88.41
N LYS W 200 -2.59 21.60 87.71
CA LYS W 200 -3.59 20.60 87.98
C LYS W 200 -3.69 20.34 89.48
N ASN W 201 -2.53 20.11 90.05
CA ASN W 201 -2.31 19.71 91.45
C ASN W 201 -2.18 20.86 92.42
N LYS W 202 -2.59 21.99 91.97
CA LYS W 202 -2.64 23.23 92.78
C LYS W 202 -1.36 23.77 93.30
N HIS W 203 -0.24 23.53 92.60
CA HIS W 203 1.04 24.10 93.07
C HIS W 203 1.24 25.47 92.49
N MET W 204 0.51 25.72 91.41
CA MET W 204 0.60 26.91 90.61
C MET W 204 -0.71 27.30 90.04
N ASN W 205 -0.94 28.56 89.72
CA ASN W 205 -2.20 28.93 89.08
C ASN W 205 -1.95 29.43 87.67
N ALA W 206 -2.82 29.03 86.82
CA ALA W 206 -2.92 29.31 85.43
C ALA W 206 -2.97 30.77 85.13
N ASP W 207 -3.40 31.56 86.12
CA ASP W 207 -3.51 33.02 85.79
C ASP W 207 -2.25 33.79 86.14
N THR W 208 -1.28 33.24 86.89
CA THR W 208 -0.14 34.09 87.25
C THR W 208 0.49 34.83 86.07
N ASP W 209 0.58 36.16 86.32
CA ASP W 209 1.24 37.00 85.34
C ASP W 209 2.51 37.63 85.97
N TYR W 210 3.10 38.56 85.27
CA TYR W 210 4.31 39.28 85.69
C TYR W 210 4.15 40.02 87.02
N SER W 211 3.14 40.80 87.11
CA SER W 211 2.80 41.53 88.35
C SER W 211 2.46 40.63 89.49
N ILE W 212 1.57 39.67 89.37
CA ILE W 212 1.18 38.77 90.46
C ILE W 212 2.41 38.08 91.00
N ALA W 213 3.29 37.55 90.00
CA ALA W 213 4.55 36.83 90.43
C ALA W 213 5.50 37.73 91.14
N GLU W 214 5.65 38.90 90.53
CA GLU W 214 6.55 39.89 91.18
C GLU W 214 6.04 40.28 92.56
N ALA W 215 4.81 40.69 92.76
CA ALA W 215 4.31 41.07 94.09
C ALA W 215 4.43 39.95 95.09
N ALA W 216 4.13 38.74 94.60
CA ALA W 216 4.21 37.57 95.47
C ALA W 216 5.61 37.44 96.02
N PHE W 217 6.67 37.43 95.15
CA PHE W 217 8.00 37.17 95.76
C PHE W 217 8.48 38.32 96.61
N ASN W 218 8.21 39.53 96.19
CA ASN W 218 8.66 40.76 96.80
C ASN W 218 7.98 40.95 98.21
N LYS W 219 6.79 40.36 98.38
CA LYS W 219 6.11 40.45 99.70
C LYS W 219 6.39 39.31 100.63
N GLY W 220 7.19 38.38 100.19
CA GLY W 220 7.59 37.21 100.94
C GLY W 220 6.64 36.08 100.88
N GLU W 221 5.68 36.12 99.97
CA GLU W 221 4.74 34.94 99.98
C GLU W 221 5.15 33.72 99.22
N THR W 222 6.07 33.85 98.23
CA THR W 222 6.47 32.67 97.49
C THR W 222 7.96 32.52 97.72
N ALA W 223 8.50 31.27 97.78
CA ALA W 223 9.93 31.18 98.03
C ALA W 223 10.80 31.38 96.75
N MET W 224 10.29 31.25 95.54
CA MET W 224 11.16 31.39 94.30
C MET W 224 10.34 31.99 93.20
N THR W 225 11.09 32.59 92.25
CA THR W 225 10.41 33.16 91.02
C THR W 225 11.46 32.98 89.90
N ILE W 226 11.10 33.13 88.67
CA ILE W 226 12.08 33.02 87.56
C ILE W 226 12.01 34.36 86.91
N ASN W 227 13.06 35.10 86.73
CA ASN W 227 13.01 36.39 86.07
C ASN W 227 14.47 36.77 85.54
N GLY W 228 14.53 37.87 84.80
CA GLY W 228 15.77 38.39 84.24
C GLY W 228 16.32 39.49 85.11
N PRO W 229 17.53 39.98 84.73
CA PRO W 229 18.28 40.95 85.49
C PRO W 229 17.52 42.20 85.85
N TRP W 230 16.63 42.72 84.96
CA TRP W 230 15.83 43.87 85.09
C TRP W 230 14.92 43.78 86.35
N ALA W 231 14.51 42.66 86.86
CA ALA W 231 13.69 42.55 88.09
C ALA W 231 14.47 42.76 89.37
N TRP W 232 15.81 42.72 89.39
CA TRP W 232 16.61 42.71 90.61
C TRP W 232 16.36 44.00 91.42
N SER W 233 16.21 45.08 90.67
CA SER W 233 16.00 46.41 91.34
C SER W 233 14.86 46.48 92.33
N ASN W 234 13.73 45.96 91.93
CA ASN W 234 12.55 46.01 92.84
C ASN W 234 12.72 45.06 94.08
N ILE W 235 13.40 43.95 93.80
CA ILE W 235 13.70 43.00 94.83
C ILE W 235 14.57 43.74 95.86
N ASP W 236 15.56 44.47 95.37
CA ASP W 236 16.51 45.08 96.35
C ASP W 236 15.77 46.02 97.33
N THR W 237 14.88 46.71 96.63
CA THR W 237 14.04 47.72 97.19
C THR W 237 13.05 47.15 98.25
N SER W 238 12.69 45.93 98.04
CA SER W 238 11.78 45.28 99.02
C SER W 238 12.63 44.67 100.15
N LYS W 239 13.97 44.70 100.00
CA LYS W 239 14.92 44.11 100.93
C LYS W 239 14.69 42.61 101.11
N VAL W 240 14.01 41.84 100.23
CA VAL W 240 13.94 40.36 100.55
C VAL W 240 15.39 39.90 100.62
N ASN W 241 15.74 38.82 101.28
CA ASN W 241 17.10 38.23 101.29
C ASN W 241 17.12 37.12 100.19
N TYR W 242 17.50 37.52 98.97
CA TYR W 242 17.46 36.66 97.79
C TYR W 242 18.76 36.21 97.20
N GLY W 243 18.70 35.03 96.53
CA GLY W 243 19.93 34.60 95.83
C GLY W 243 19.44 34.50 94.35
N VAL W 244 20.42 34.41 93.47
CA VAL W 244 20.13 34.27 92.00
C VAL W 244 20.89 33.02 91.61
N THR W 245 20.28 31.97 91.04
CA THR W 245 21.17 30.84 90.68
C THR W 245 20.78 30.16 89.37
N VAL W 246 21.40 29.02 89.09
CA VAL W 246 21.04 28.25 87.91
C VAL W 246 19.59 27.77 87.99
N LEU W 247 18.88 27.68 86.90
CA LEU W 247 17.57 27.06 86.86
C LEU W 247 17.66 25.56 87.18
N PRO W 248 16.57 24.98 87.73
CA PRO W 248 16.60 23.53 88.01
C PRO W 248 16.60 22.68 86.70
N THR W 249 17.03 21.44 86.85
CA THR W 249 17.07 20.48 85.79
C THR W 249 15.73 19.79 85.71
N PHE W 250 15.50 19.21 84.53
CA PHE W 250 14.28 18.50 84.33
C PHE W 250 14.78 17.19 83.68
N LYS W 251 14.49 16.06 84.23
CA LYS W 251 14.82 14.73 83.61
C LYS W 251 16.33 14.68 83.53
N GLY W 252 16.93 15.39 84.46
CA GLY W 252 18.41 15.39 84.54
C GLY W 252 19.07 16.33 83.56
N GLN W 253 18.31 17.05 82.70
CA GLN W 253 18.97 17.95 81.75
C GLN W 253 18.77 19.37 82.27
N PRO W 254 19.68 20.27 81.91
CA PRO W 254 19.56 21.63 82.30
C PRO W 254 18.30 22.26 81.70
N SER W 255 17.65 23.17 82.39
CA SER W 255 16.60 24.07 81.83
C SER W 255 17.41 24.92 80.79
N LYS W 256 16.83 25.23 79.66
CA LYS W 256 17.60 25.95 78.58
C LYS W 256 16.89 27.19 78.18
N PRO W 257 17.23 28.32 78.79
CA PRO W 257 16.54 29.58 78.45
C PRO W 257 16.92 30.01 77.02
N PHE W 258 16.05 30.70 76.33
CA PHE W 258 16.34 31.32 75.08
C PHE W 258 17.16 32.53 75.50
N VAL W 259 18.28 32.85 74.93
CA VAL W 259 19.03 34.04 75.33
C VAL W 259 18.80 35.16 74.37
N GLY W 260 18.57 36.38 74.92
CA GLY W 260 18.27 37.59 74.17
C GLY W 260 19.46 38.53 74.38
N VAL W 261 19.78 39.22 73.31
CA VAL W 261 20.80 40.26 73.20
C VAL W 261 19.99 41.52 73.09
N LEU W 262 19.84 42.36 74.15
CA LEU W 262 19.19 43.63 74.16
C LEU W 262 19.96 44.44 73.01
N SER W 263 19.16 44.99 72.13
CA SER W 263 19.72 45.68 70.97
C SER W 263 19.00 47.02 70.65
N ALA W 264 19.83 47.95 70.00
CA ALA W 264 19.33 49.31 69.65
C ALA W 264 19.42 49.47 68.12
N GLY W 265 18.27 49.66 67.51
CA GLY W 265 18.27 49.79 66.02
C GLY W 265 17.87 51.17 65.61
N ILE W 266 18.33 51.55 64.37
CA ILE W 266 18.00 52.94 63.90
C ILE W 266 16.97 52.86 62.78
N ASN W 267 15.93 53.64 63.01
CA ASN W 267 14.77 53.69 62.11
C ASN W 267 15.36 54.18 60.81
N ALA W 268 15.06 53.33 59.82
CA ALA W 268 15.51 53.60 58.38
C ALA W 268 14.98 55.00 57.95
N ALA W 269 13.80 55.33 58.48
CA ALA W 269 13.01 56.54 58.33
C ALA W 269 13.54 57.75 59.13
N SER W 270 14.60 57.72 59.91
CA SER W 270 15.12 58.83 60.62
C SER W 270 16.09 59.66 59.74
N PRO W 271 15.95 60.97 59.96
CA PRO W 271 16.79 62.04 59.46
C PRO W 271 18.09 62.22 60.31
N ASN W 272 17.91 61.71 61.55
CA ASN W 272 18.94 61.78 62.59
C ASN W 272 19.84 60.60 62.54
N LYS W 273 20.28 59.87 61.58
CA LYS W 273 21.10 58.69 61.76
C LYS W 273 22.47 58.86 62.40
N GLU W 274 23.06 59.99 62.03
CA GLU W 274 24.40 60.41 62.42
C GLU W 274 24.38 60.77 63.91
N LEU W 275 23.38 61.48 64.36
CA LEU W 275 23.15 61.84 65.75
C LEU W 275 23.04 60.55 66.63
N ALA W 276 22.18 59.70 66.06
CA ALA W 276 21.81 58.37 66.59
C ALA W 276 23.10 57.62 66.75
N LYS W 277 23.86 57.52 65.65
CA LYS W 277 25.15 56.78 65.81
C LYS W 277 26.03 57.45 66.85
N GLU W 278 26.12 58.78 66.92
CA GLU W 278 27.03 59.43 67.89
C GLU W 278 26.69 58.96 69.32
N PHE W 279 25.45 59.12 69.66
CA PHE W 279 24.74 58.72 70.90
C PHE W 279 25.01 57.28 71.35
N LEU W 280 24.78 56.37 70.42
CA LEU W 280 24.96 54.98 70.74
C LEU W 280 26.42 54.71 70.98
N GLU W 281 27.24 54.90 69.95
CA GLU W 281 28.69 54.55 70.04
C GLU W 281 29.55 55.36 70.97
N ASN W 282 29.23 56.66 71.14
CA ASN W 282 29.98 57.55 72.00
C ASN W 282 29.36 57.96 73.35
N TYR W 283 28.10 57.77 73.62
CA TYR W 283 27.44 58.13 74.90
C TYR W 283 27.02 56.88 75.69
N LEU W 284 26.12 56.11 75.05
CA LEU W 284 25.58 54.88 75.71
C LEU W 284 26.57 53.76 75.72
N LEU W 285 27.13 53.41 74.62
CA LEU W 285 28.05 52.28 74.59
C LEU W 285 29.44 52.60 75.16
N THR W 286 29.48 53.18 76.34
CA THR W 286 30.69 53.46 77.12
C THR W 286 30.58 52.81 78.48
N ASP W 287 31.50 52.86 79.37
CA ASP W 287 31.39 52.31 80.76
C ASP W 287 30.45 53.22 81.53
N GLU W 288 30.47 54.49 81.23
CA GLU W 288 29.69 55.46 81.96
C GLU W 288 28.25 55.45 81.62
N GLY W 289 27.95 55.29 80.33
CA GLY W 289 26.56 55.28 79.85
C GLY W 289 25.87 54.00 80.29
N LEU W 290 26.55 52.90 80.19
CA LEU W 290 26.01 51.59 80.57
C LEU W 290 25.71 51.60 82.08
N GLU W 291 26.63 52.25 82.80
CA GLU W 291 26.39 52.28 84.25
C GLU W 291 25.25 53.16 84.67
N ALA W 292 24.86 54.22 84.08
CA ALA W 292 23.72 55.05 84.40
C ALA W 292 22.45 54.24 84.23
N VAL W 293 22.45 53.43 83.16
CA VAL W 293 21.32 52.56 82.79
C VAL W 293 21.22 51.42 83.83
N ASN W 294 22.29 50.66 84.08
CA ASN W 294 22.39 49.54 84.96
C ASN W 294 22.05 49.89 86.40
N LYS W 295 22.24 51.07 86.88
CA LYS W 295 21.90 51.54 88.25
C LYS W 295 20.39 51.72 88.30
N ASP W 296 19.74 52.04 87.20
CA ASP W 296 18.28 52.13 87.14
C ASP W 296 17.71 50.70 87.17
N LYS W 297 17.85 49.94 86.12
CA LYS W 297 17.42 48.49 86.10
C LYS W 297 18.58 47.70 85.62
N PRO W 298 19.15 46.72 86.29
CA PRO W 298 20.32 46.00 85.83
C PRO W 298 20.15 45.44 84.44
N LEU W 299 21.23 45.51 83.63
CA LEU W 299 21.19 44.98 82.27
C LEU W 299 21.46 43.51 82.10
N GLY W 300 22.20 42.86 82.94
CA GLY W 300 22.60 41.47 82.77
C GLY W 300 24.15 41.64 82.42
N ALA W 301 24.57 40.71 81.61
CA ALA W 301 25.98 40.64 81.13
C ALA W 301 26.08 41.65 80.02
N VAL W 302 26.87 42.69 79.92
CA VAL W 302 26.93 43.71 78.89
C VAL W 302 27.84 43.27 77.74
N ALA W 303 27.54 43.79 76.55
CA ALA W 303 28.43 43.36 75.41
C ALA W 303 29.76 44.11 75.40
N LEU W 304 29.84 45.23 76.10
CA LEU W 304 31.06 46.08 76.21
C LEU W 304 32.01 45.37 77.19
N LYS W 305 33.12 44.94 76.54
CA LYS W 305 34.08 44.15 77.36
C LYS W 305 34.60 44.79 78.63
N SER W 306 34.86 46.05 78.61
CA SER W 306 35.46 46.88 79.64
C SER W 306 34.55 46.91 80.87
N TYR W 307 33.30 47.28 80.66
CA TYR W 307 32.24 47.26 81.69
C TYR W 307 31.90 45.86 82.18
N GLU W 308 31.84 44.87 81.23
CA GLU W 308 31.49 43.53 81.58
C GLU W 308 32.44 42.94 82.60
N GLU W 309 33.66 43.44 82.38
CA GLU W 309 34.82 43.09 83.25
C GLU W 309 34.57 43.47 84.71
N GLU W 310 33.93 44.61 84.94
CA GLU W 310 33.64 45.08 86.28
C GLU W 310 32.34 44.46 86.80
N LEU W 311 31.51 44.04 85.83
CA LEU W 311 30.16 43.48 86.15
C LEU W 311 30.21 42.06 86.63
N ALA W 312 31.20 41.16 86.19
CA ALA W 312 30.74 40.04 87.04
C ALA W 312 31.68 38.91 87.31
N LYS W 313 32.09 39.09 88.47
CA LYS W 313 32.41 39.13 89.82
C LYS W 313 31.14 39.10 90.72
N ASP W 314 30.14 39.75 90.11
CA ASP W 314 28.80 39.79 90.79
C ASP W 314 28.22 38.38 90.65
N PRO W 315 27.90 37.70 91.71
CA PRO W 315 27.40 36.37 91.64
C PRO W 315 26.05 36.28 90.83
N ARG W 316 25.28 37.27 90.82
CA ARG W 316 23.99 37.42 90.08
C ARG W 316 24.28 37.35 88.60
N ILE W 317 25.29 38.07 88.22
CA ILE W 317 25.82 38.10 86.85
C ILE W 317 26.44 36.78 86.50
N ALA W 318 27.20 36.16 87.44
CA ALA W 318 27.77 34.84 87.13
C ALA W 318 26.70 33.81 86.86
N ALA W 319 25.59 33.94 87.61
CA ALA W 319 24.51 32.96 87.43
C ALA W 319 23.78 33.16 86.10
N THR W 320 23.68 34.43 85.74
CA THR W 320 23.07 34.87 84.48
C THR W 320 23.84 34.20 83.31
N MET W 321 25.18 34.40 83.41
CA MET W 321 26.08 33.70 82.42
C MET W 321 26.01 32.20 82.42
N GLU W 322 25.84 31.55 83.56
CA GLU W 322 25.74 30.13 83.55
C GLU W 322 24.43 29.65 82.90
N ASN W 323 23.32 30.34 83.21
CA ASN W 323 22.01 29.91 82.57
C ASN W 323 22.14 30.22 81.07
N ALA W 324 22.73 31.35 80.77
CA ALA W 324 22.91 31.70 79.34
C ALA W 324 23.66 30.65 78.55
N GLN W 325 24.76 30.14 79.13
CA GLN W 325 25.62 29.06 78.62
C GLN W 325 24.86 27.77 78.44
N LYS W 326 23.87 27.39 79.18
CA LYS W 326 23.05 26.25 79.08
C LYS W 326 21.86 26.48 78.14
N GLY W 327 21.70 27.72 77.77
CA GLY W 327 20.60 28.05 76.92
C GLY W 327 21.07 28.08 75.46
N GLU W 328 20.32 28.82 74.68
CA GLU W 328 20.57 29.04 73.27
C GLU W 328 20.11 30.42 72.89
N ILE W 329 20.96 31.08 72.17
CA ILE W 329 20.73 32.41 71.64
C ILE W 329 19.55 32.28 70.69
N MET W 330 18.60 33.17 70.71
CA MET W 330 17.41 33.05 69.83
C MET W 330 17.88 33.34 68.37
N PRO W 331 17.17 32.72 67.49
CA PRO W 331 17.21 33.06 66.04
C PRO W 331 16.68 34.48 65.90
N ASN W 332 16.97 35.32 64.89
CA ASN W 332 16.44 36.61 64.61
C ASN W 332 15.64 36.54 63.26
N ILE W 333 15.45 35.39 62.73
CA ILE W 333 14.72 35.19 61.44
C ILE W 333 13.35 35.78 61.51
N PRO W 334 12.68 36.23 60.45
CA PRO W 334 11.33 36.82 60.46
C PRO W 334 10.31 35.88 61.07
N GLN W 335 10.54 34.59 60.94
CA GLN W 335 9.62 33.59 61.48
C GLN W 335 9.57 33.57 63.03
N MET W 336 10.46 34.24 63.75
CA MET W 336 10.35 34.28 65.27
C MET W 336 9.04 34.82 65.79
N SER W 337 8.46 35.76 65.10
CA SER W 337 7.10 36.23 65.54
C SER W 337 5.97 35.19 65.42
N ALA W 338 5.95 34.31 64.43
CA ALA W 338 4.96 33.26 64.28
C ALA W 338 5.18 32.22 65.38
N PHE W 339 6.42 31.84 65.55
CA PHE W 339 6.79 30.90 66.61
C PHE W 339 6.23 31.43 67.95
N TRP W 340 6.55 32.67 68.31
CA TRP W 340 6.10 33.15 69.63
C TRP W 340 4.59 33.19 69.86
N TYR W 341 3.92 33.63 68.80
CA TYR W 341 2.40 33.72 69.00
C TYR W 341 1.82 32.35 69.06
N ALA W 342 2.36 31.41 68.24
CA ALA W 342 1.85 30.00 68.31
C ALA W 342 2.12 29.38 69.65
N VAL W 343 3.34 29.60 70.19
CA VAL W 343 3.71 28.96 71.49
C VAL W 343 2.95 29.65 72.63
N ARG W 344 2.67 30.92 72.50
CA ARG W 344 1.89 31.66 73.51
C ARG W 344 0.49 31.07 73.61
N THR W 345 -0.16 30.94 72.46
CA THR W 345 -1.51 30.29 72.59
C THR W 345 -1.52 28.93 73.24
N ALA W 346 -0.57 28.06 72.70
CA ALA W 346 -0.46 26.68 73.15
C ALA W 346 -0.39 26.55 74.62
N VAL W 347 0.43 27.34 75.28
CA VAL W 347 0.69 27.19 76.75
C VAL W 347 -0.55 27.62 77.58
N ILE W 348 -1.06 28.75 77.07
CA ILE W 348 -2.22 29.30 77.81
C ILE W 348 -3.36 28.29 77.68
N ASN W 349 -3.63 27.85 76.49
CA ASN W 349 -4.73 26.86 76.26
C ASN W 349 -4.45 25.60 77.06
N ALA W 350 -3.22 25.11 77.18
CA ALA W 350 -2.92 23.92 77.89
C ALA W 350 -2.97 24.16 79.40
N ALA W 351 -2.50 25.31 79.83
CA ALA W 351 -2.47 25.56 81.33
C ALA W 351 -3.89 25.75 81.91
N SER W 352 -4.73 26.39 81.12
CA SER W 352 -6.13 26.73 81.35
C SER W 352 -7.02 25.49 81.19
N GLY W 353 -6.55 24.37 80.67
CA GLY W 353 -7.17 23.11 80.45
C GLY W 353 -8.13 23.13 79.30
N ARG W 354 -8.04 24.14 78.41
CA ARG W 354 -8.89 24.29 77.26
C ARG W 354 -8.52 23.21 76.20
N GLN W 355 -7.24 22.81 76.20
CA GLN W 355 -6.73 21.83 75.26
C GLN W 355 -5.76 21.00 76.12
N THR W 356 -5.57 19.80 75.64
CA THR W 356 -4.60 18.85 76.19
C THR W 356 -3.24 19.36 75.61
N VAL W 357 -2.19 18.90 76.26
CA VAL W 357 -0.83 19.19 75.78
C VAL W 357 -0.65 18.74 74.36
N ASP W 358 -0.96 17.51 74.06
CA ASP W 358 -0.80 16.92 72.67
C ASP W 358 -1.53 17.76 71.62
N GLU W 359 -2.78 18.08 71.86
CA GLU W 359 -3.57 18.94 71.02
C GLU W 359 -2.95 20.33 70.96
N ALA W 360 -2.55 20.94 72.03
CA ALA W 360 -1.97 22.30 71.99
C ALA W 360 -0.69 22.39 71.16
N LEU W 361 0.17 21.43 71.34
CA LEU W 361 1.52 21.49 70.70
C LEU W 361 1.43 21.14 69.25
N LYS W 362 0.36 20.36 69.04
CA LYS W 362 0.23 19.97 67.58
C LYS W 362 -0.28 21.13 66.84
N ASP W 363 -1.17 21.86 67.39
CA ASP W 363 -1.73 23.01 66.65
C ASP W 363 -0.67 24.07 66.39
N ALA W 364 0.18 24.15 67.43
CA ALA W 364 1.24 25.14 67.39
C ALA W 364 2.18 24.85 66.24
N GLN W 365 2.50 23.53 66.20
CA GLN W 365 3.44 22.98 65.15
C GLN W 365 2.93 23.29 63.77
N THR W 366 1.62 23.04 63.52
CA THR W 366 0.92 23.35 62.29
C THR W 366 0.91 24.80 61.99
N ARG W 367 0.55 25.61 62.98
CA ARG W 367 0.54 27.02 62.80
C ARG W 367 1.91 27.50 62.37
N ILE W 368 2.99 27.06 62.99
CA ILE W 368 4.32 27.56 62.64
C ILE W 368 4.82 27.14 61.28
N THR W 369 4.60 25.90 60.92
CA THR W 369 5.14 25.43 59.63
C THR W 369 4.24 25.65 58.42
N LYS W 370 2.92 26.57 58.89
CA LYS W 370 2.43 27.68 58.10
C LYS W 370 3.34 28.78 57.68
N LYS X 1 13.63 79.72 21.02
CA LYS X 1 13.87 79.64 22.53
C LYS X 1 13.68 81.02 23.18
N ILE X 2 14.09 81.99 22.36
CA ILE X 2 14.07 83.42 22.46
C ILE X 2 14.73 83.94 23.75
N GLU X 3 13.86 84.57 24.51
CA GLU X 3 14.16 85.17 25.83
C GLU X 3 15.19 86.27 25.73
N GLU X 4 16.46 86.19 26.09
CA GLU X 4 17.39 87.30 25.96
C GLU X 4 18.71 87.07 26.71
N GLY X 5 18.76 87.80 27.80
CA GLY X 5 19.55 88.08 28.93
C GLY X 5 18.83 88.85 30.06
N LYS X 6 17.54 88.57 30.18
CA LYS X 6 16.55 89.04 31.14
C LYS X 6 15.75 87.83 31.64
N LEU X 7 14.78 88.02 32.51
CA LEU X 7 13.85 87.08 33.14
C LEU X 7 12.37 87.49 32.94
N VAL X 8 11.51 86.65 32.44
CA VAL X 8 10.04 86.87 32.26
C VAL X 8 9.37 85.76 33.10
N ILE X 9 8.49 86.12 33.99
CA ILE X 9 7.80 85.23 34.90
C ILE X 9 6.32 85.31 34.63
N TRP X 10 5.72 84.14 34.66
CA TRP X 10 4.24 84.00 34.51
C TRP X 10 3.68 83.40 35.81
N ILE X 11 2.70 84.08 36.40
CA ILE X 11 2.09 83.59 37.67
C ILE X 11 0.61 83.89 37.51
N ASN X 12 -0.28 83.19 38.10
CA ASN X 12 -1.72 83.32 38.10
C ASN X 12 -2.04 84.69 38.78
N GLY X 13 -3.13 85.20 38.25
CA GLY X 13 -3.72 86.46 38.60
C GLY X 13 -4.23 86.51 40.04
N ASP X 14 -4.54 85.35 40.64
CA ASP X 14 -4.96 85.39 42.03
C ASP X 14 -3.78 85.35 43.03
N LYS X 15 -2.52 85.40 42.62
CA LYS X 15 -1.37 85.31 43.51
C LYS X 15 -0.75 86.68 43.70
N GLY X 16 0.22 86.87 44.64
CA GLY X 16 0.76 88.21 44.77
C GLY X 16 1.89 88.51 43.82
N TYR X 17 1.47 88.78 42.56
CA TYR X 17 2.37 89.16 41.48
C TYR X 17 3.00 90.52 41.76
N ASN X 18 2.38 91.40 42.55
CA ASN X 18 3.08 92.68 42.83
C ASN X 18 4.13 92.31 43.88
N GLY X 19 3.96 91.44 44.88
CA GLY X 19 5.05 91.14 45.77
C GLY X 19 6.21 90.57 44.97
N LEU X 20 5.85 89.76 44.01
CA LEU X 20 6.82 89.05 43.12
C LEU X 20 7.61 90.09 42.34
N ALA X 21 6.96 91.04 41.74
CA ALA X 21 7.56 92.18 41.05
C ALA X 21 8.50 92.95 41.99
N GLU X 22 8.26 93.17 43.27
CA GLU X 22 9.12 93.85 44.24
C GLU X 22 10.38 93.02 44.45
N VAL X 23 10.20 91.70 44.32
CA VAL X 23 11.36 90.82 44.42
C VAL X 23 12.14 90.88 43.10
N GLY X 24 11.56 90.97 41.94
CA GLY X 24 12.39 91.09 40.74
C GLY X 24 13.29 92.32 40.80
N LYS X 25 12.72 93.37 41.36
CA LYS X 25 13.29 94.70 41.52
C LYS X 25 14.61 94.73 42.26
N LYS X 26 14.72 93.97 43.30
CA LYS X 26 16.00 93.98 44.01
C LYS X 26 16.78 92.84 43.39
N PHE X 27 16.32 92.27 42.26
CA PHE X 27 17.19 91.16 41.74
C PHE X 27 18.14 91.94 40.82
N GLU X 28 17.38 92.77 40.10
CA GLU X 28 17.80 93.68 39.05
C GLU X 28 18.67 94.89 39.40
N LYS X 29 18.36 95.38 40.56
CA LYS X 29 19.03 96.53 41.23
C LYS X 29 20.34 95.95 41.74
N ASP X 30 20.36 94.62 41.83
CA ASP X 30 21.59 93.95 42.42
C ASP X 30 22.25 93.10 41.37
N THR X 31 21.72 93.26 40.16
CA THR X 31 22.31 92.40 39.14
C THR X 31 22.38 92.93 37.75
N GLY X 32 21.53 93.84 37.39
CA GLY X 32 21.40 94.33 36.03
C GLY X 32 20.43 93.54 35.15
N ILE X 33 19.93 92.38 35.67
CA ILE X 33 19.00 91.62 34.87
C ILE X 33 17.63 92.14 35.29
N LYS X 34 16.90 92.69 34.39
CA LYS X 34 15.58 93.15 34.78
C LYS X 34 14.58 91.96 34.65
N VAL X 35 13.72 91.97 35.70
CA VAL X 35 12.67 90.92 35.71
C VAL X 35 11.32 91.50 35.32
N THR X 36 10.53 90.90 34.49
CA THR X 36 9.22 91.26 34.03
C THR X 36 8.18 90.21 34.56
N VAL X 37 7.17 90.55 35.32
CA VAL X 37 6.17 89.66 35.89
C VAL X 37 4.87 89.71 35.17
N GLU X 38 4.37 88.62 34.59
CA GLU X 38 3.06 88.73 33.90
C GLU X 38 2.12 87.68 34.47
N HIS X 39 0.85 87.98 34.30
CA HIS X 39 -0.21 87.07 34.75
C HIS X 39 -1.29 86.89 33.70
N PRO X 40 -0.91 86.22 32.60
CA PRO X 40 -1.85 85.94 31.51
C PRO X 40 -2.95 85.07 32.02
N ASP X 41 -4.10 85.23 31.39
CA ASP X 41 -5.32 84.41 31.67
C ASP X 41 -5.12 82.96 31.23
N LYS X 42 -5.62 81.88 31.79
CA LYS X 42 -5.29 80.56 31.22
C LYS X 42 -3.82 80.31 31.05
N LEU X 43 -2.99 80.81 31.94
CA LEU X 43 -1.54 80.61 31.59
C LEU X 43 -1.13 79.13 31.57
N GLU X 44 -1.88 78.38 32.37
CA GLU X 44 -1.54 76.97 32.57
C GLU X 44 -1.78 76.15 31.32
N GLU X 45 -2.60 76.79 30.53
CA GLU X 45 -3.04 76.34 29.20
C GLU X 45 -2.18 76.98 28.14
N LYS X 46 -1.93 78.28 28.28
CA LYS X 46 -1.14 79.01 27.33
C LYS X 46 0.27 78.49 27.42
N PHE X 47 0.85 78.13 28.56
CA PHE X 47 2.26 77.74 28.58
C PHE X 47 2.70 76.66 27.58
N PRO X 48 1.98 75.53 27.59
CA PRO X 48 2.39 74.37 26.77
C PRO X 48 2.35 74.78 25.30
N GLN X 49 1.37 75.67 25.05
CA GLN X 49 1.24 76.12 23.66
C GLN X 49 2.46 76.93 23.23
N VAL X 50 2.80 78.03 23.84
CA VAL X 50 3.93 78.85 23.45
C VAL X 50 5.26 78.21 23.79
N ALA X 51 5.37 77.40 24.86
CA ALA X 51 6.68 76.83 25.22
C ALA X 51 7.14 75.74 24.24
N ALA X 52 6.07 75.17 23.67
CA ALA X 52 6.21 74.04 22.73
C ALA X 52 7.03 74.56 21.55
N THR X 53 6.77 75.82 21.17
CA THR X 53 7.43 76.57 20.10
C THR X 53 8.80 77.07 20.60
N GLY X 54 9.19 76.68 21.78
CA GLY X 54 10.51 77.18 22.21
C GLY X 54 10.40 78.59 22.75
N ASP X 55 9.15 79.13 22.94
CA ASP X 55 9.20 80.51 23.60
C ASP X 55 8.48 80.48 24.97
N GLY X 56 7.78 81.55 25.38
CA GLY X 56 7.05 81.61 26.69
C GLY X 56 7.88 82.28 27.76
N PRO X 57 7.57 82.11 29.06
CA PRO X 57 8.34 82.75 30.13
C PRO X 57 9.60 81.99 30.40
N ASP X 58 10.56 82.54 31.07
CA ASP X 58 11.77 81.86 31.52
C ASP X 58 11.31 80.90 32.68
N ILE X 59 10.39 81.48 33.52
CA ILE X 59 9.83 80.80 34.71
C ILE X 59 8.31 80.92 34.77
N ILE X 60 7.70 79.76 35.09
CA ILE X 60 6.31 79.46 35.23
C ILE X 60 5.98 78.92 36.62
N PHE X 61 4.94 79.55 37.16
CA PHE X 61 4.38 79.20 38.47
C PHE X 61 2.91 78.64 38.27
N TRP X 62 2.74 77.47 38.86
CA TRP X 62 1.42 76.85 38.90
C TRP X 62 1.47 75.85 40.07
N ALA X 63 0.28 75.32 40.50
CA ALA X 63 0.16 74.19 41.42
C ALA X 63 0.93 73.00 40.76
N HIS X 64 1.45 72.07 41.49
CA HIS X 64 2.28 70.98 40.87
C HIS X 64 1.53 70.02 40.03
N ASP X 65 0.16 69.89 40.15
CA ASP X 65 -0.59 68.89 39.33
C ASP X 65 -0.37 69.04 37.82
N ARG X 66 -0.05 70.24 37.32
CA ARG X 66 0.12 70.49 35.88
C ARG X 66 1.57 70.12 35.46
N PHE X 67 2.52 70.04 36.36
CA PHE X 67 3.96 69.81 36.02
C PHE X 67 4.30 68.44 35.39
N GLY X 68 3.76 67.32 35.74
CA GLY X 68 4.02 66.01 35.13
C GLY X 68 3.78 66.10 33.64
N GLY X 69 2.73 66.75 33.20
CA GLY X 69 2.38 66.86 31.80
C GLY X 69 3.36 67.75 31.09
N TYR X 70 3.80 68.85 31.67
CA TYR X 70 4.73 69.75 31.06
C TYR X 70 6.03 68.98 30.84
N ALA X 71 6.52 68.30 31.81
CA ALA X 71 7.74 67.51 31.85
C ALA X 71 7.68 66.41 30.75
N GLN X 72 6.62 65.65 30.66
CA GLN X 72 6.46 64.61 29.64
C GLN X 72 6.49 65.15 28.20
N SER X 73 6.03 66.34 27.98
CA SER X 73 6.05 67.01 26.70
C SER X 73 7.44 67.66 26.43
N GLY X 74 8.33 67.52 27.36
CA GLY X 74 9.67 68.06 27.49
C GLY X 74 9.76 69.57 27.71
N LEU X 75 8.97 70.31 28.47
CA LEU X 75 8.93 71.78 28.54
C LEU X 75 9.64 72.42 29.70
N LEU X 76 10.13 71.50 30.54
CA LEU X 76 10.83 71.98 31.71
C LEU X 76 12.23 71.40 31.83
N ALA X 77 13.10 72.17 32.39
CA ALA X 77 14.44 71.78 32.73
C ALA X 77 14.45 71.11 34.10
N GLU X 78 15.34 70.13 34.21
CA GLU X 78 15.62 69.41 35.46
C GLU X 78 16.47 70.42 36.27
N ILE X 79 16.03 70.58 37.50
CA ILE X 79 16.72 71.48 38.41
C ILE X 79 17.56 70.54 39.27
N THR X 80 18.57 71.17 39.86
CA THR X 80 19.56 70.53 40.76
C THR X 80 20.02 71.35 41.95
N PRO X 81 19.26 71.28 43.01
CA PRO X 81 19.65 72.01 44.24
C PRO X 81 20.50 71.02 45.01
N ASP X 82 21.49 71.48 45.75
CA ASP X 82 22.24 70.45 46.52
C ASP X 82 21.50 70.32 47.85
N LYS X 83 21.77 69.18 48.38
CA LYS X 83 21.27 68.67 49.65
C LYS X 83 21.22 69.77 50.71
N ALA X 84 22.06 70.80 50.49
CA ALA X 84 22.05 71.86 51.51
C ALA X 84 20.80 72.66 51.11
N PHE X 85 20.74 73.06 49.88
CA PHE X 85 19.54 73.85 49.56
C PHE X 85 18.30 73.03 49.77
N GLN X 86 18.38 71.77 49.39
CA GLN X 86 17.22 70.88 49.52
C GLN X 86 16.66 70.79 50.93
N ASP X 87 17.56 70.88 51.88
CA ASP X 87 17.49 70.78 53.33
C ASP X 87 16.65 71.87 53.98
N LYS X 88 16.62 72.98 53.35
CA LYS X 88 15.82 74.15 53.75
C LYS X 88 14.32 73.97 53.56
N LEU X 89 13.88 73.02 52.77
CA LEU X 89 12.50 72.77 52.44
C LEU X 89 11.95 71.49 53.01
N TYR X 90 10.66 71.55 53.29
CA TYR X 90 10.05 70.30 53.72
C TYR X 90 10.16 69.31 52.57
N PRO X 91 10.60 68.11 52.90
CA PRO X 91 10.78 67.02 51.91
C PRO X 91 9.49 66.57 51.25
N PHE X 92 8.36 66.56 51.91
CA PHE X 92 7.18 66.09 51.15
C PHE X 92 6.98 67.11 50.02
N THR X 93 7.49 68.34 50.12
CA THR X 93 7.29 69.34 49.04
C THR X 93 8.17 69.06 47.83
N TRP X 94 9.38 68.43 48.03
CA TRP X 94 10.24 68.07 46.85
C TRP X 94 9.61 66.86 46.16
N ASP X 95 8.93 65.99 46.75
CA ASP X 95 8.31 64.81 46.26
C ASP X 95 7.19 65.13 45.26
N ALA X 96 6.54 66.26 45.58
CA ALA X 96 5.43 66.78 44.78
C ALA X 96 5.96 67.22 43.43
N VAL X 97 7.27 67.55 43.32
CA VAL X 97 7.80 68.10 42.07
C VAL X 97 8.80 67.14 41.40
N ARG X 98 8.60 65.93 41.65
CA ARG X 98 9.44 64.86 41.08
C ARG X 98 8.65 64.19 40.02
N TYR X 99 9.21 64.05 38.87
CA TYR X 99 8.52 63.36 37.81
C TYR X 99 9.57 62.33 37.28
N ASN X 100 9.24 61.06 37.41
CA ASN X 100 10.08 59.95 36.98
C ASN X 100 11.41 60.04 37.71
N GLY X 101 11.39 60.36 38.98
CA GLY X 101 12.48 60.54 39.89
C GLY X 101 13.26 61.82 39.76
N LYS X 102 13.18 62.65 38.76
CA LYS X 102 13.93 63.91 38.55
C LYS X 102 13.17 65.13 39.19
N LEU X 103 13.86 66.12 39.62
CA LEU X 103 13.11 67.27 40.16
C LEU X 103 12.83 68.18 39.00
N ILE X 104 11.60 68.67 38.82
CA ILE X 104 11.30 69.55 37.65
C ILE X 104 10.78 70.95 37.95
N ALA X 105 10.87 71.18 39.29
CA ALA X 105 10.47 72.52 39.80
C ALA X 105 10.85 72.70 41.27
N TYR X 106 10.80 73.97 41.68
CA TYR X 106 11.01 74.43 43.05
C TYR X 106 9.59 74.64 43.70
N PRO X 107 9.40 73.98 44.78
CA PRO X 107 8.14 74.04 45.57
C PRO X 107 8.18 75.36 46.33
N ILE X 108 7.09 76.08 46.38
CA ILE X 108 7.01 77.40 47.02
C ILE X 108 6.08 77.38 48.23
N ALA X 109 4.85 76.82 48.04
CA ALA X 109 3.89 76.89 49.18
C ALA X 109 2.86 75.84 49.03
N VAL X 110 2.21 75.45 50.05
CA VAL X 110 1.23 74.41 50.26
C VAL X 110 -0.14 75.08 50.46
N GLU X 111 -0.92 74.76 49.39
CA GLU X 111 -2.30 75.38 49.32
C GLU X 111 -3.40 74.43 49.63
N ALA X 112 -4.40 74.73 50.56
CA ALA X 112 -5.54 73.90 50.81
C ALA X 112 -6.71 74.91 51.02
N LEU X 113 -7.86 74.55 50.53
CA LEU X 113 -9.08 75.36 50.76
C LEU X 113 -9.50 75.24 52.23
N SER X 114 -10.12 76.27 52.78
CA SER X 114 -10.71 76.36 54.15
C SER X 114 -12.15 76.98 54.13
N LEU X 115 -12.86 76.75 55.22
CA LEU X 115 -14.18 77.38 55.34
C LEU X 115 -13.84 78.76 55.89
N ILE X 116 -14.31 79.82 55.30
CA ILE X 116 -14.16 81.23 55.79
C ILE X 116 -15.56 81.69 56.19
N TYR X 117 -15.67 82.22 57.39
CA TYR X 117 -17.10 82.57 57.82
C TYR X 117 -17.03 83.97 58.41
N ASN X 118 -18.24 84.59 58.35
CA ASN X 118 -18.40 86.00 58.85
C ASN X 118 -18.75 85.87 60.31
N LYS X 119 -17.83 86.22 61.19
CA LYS X 119 -18.07 86.07 62.65
C LYS X 119 -19.28 86.86 63.24
N ASP X 120 -19.62 87.85 62.47
CA ASP X 120 -20.74 88.73 62.82
C ASP X 120 -22.06 88.11 62.36
N LEU X 121 -22.19 87.39 61.29
CA LEU X 121 -23.45 86.72 60.94
C LEU X 121 -23.45 85.34 61.61
N LEU X 122 -22.31 84.75 61.86
CA LEU X 122 -22.13 83.36 62.37
C LEU X 122 -20.96 83.15 63.28
N PRO X 123 -21.09 83.55 64.52
CA PRO X 123 -19.99 83.44 65.48
C PRO X 123 -19.49 82.02 65.51
N ASN X 124 -20.37 81.04 65.38
CA ASN X 124 -19.96 79.59 65.36
C ASN X 124 -20.28 78.93 63.99
N PRO X 125 -19.24 78.49 63.35
CA PRO X 125 -19.40 77.88 61.99
C PRO X 125 -20.02 76.52 62.14
N PRO X 126 -20.77 76.11 61.14
CA PRO X 126 -21.42 74.78 61.14
C PRO X 126 -20.35 73.67 61.11
N LYS X 127 -20.60 72.54 61.71
CA LYS X 127 -19.57 71.48 61.69
C LYS X 127 -19.85 70.45 60.60
N THR X 128 -21.04 70.62 60.00
CA THR X 128 -21.55 69.63 59.03
C THR X 128 -22.15 70.23 57.82
N TRP X 129 -21.96 69.57 56.65
CA TRP X 129 -22.54 70.10 55.44
C TRP X 129 -24.07 70.02 55.61
N GLU X 130 -24.47 68.95 56.32
CA GLU X 130 -25.93 68.67 56.43
C GLU X 130 -26.71 69.76 57.14
N GLU X 131 -26.11 70.51 58.03
CA GLU X 131 -26.94 71.59 58.67
C GLU X 131 -26.93 72.87 57.91
N ILE X 132 -26.41 72.88 56.70
CA ILE X 132 -26.33 74.11 55.94
C ILE X 132 -27.68 74.53 55.43
N PRO X 133 -28.49 73.61 54.94
CA PRO X 133 -29.82 74.00 54.37
C PRO X 133 -30.68 74.78 55.40
N ALA X 134 -30.74 74.23 56.62
CA ALA X 134 -31.50 74.84 57.72
C ALA X 134 -30.98 76.26 57.99
N LEU X 135 -29.66 76.24 58.04
CA LEU X 135 -28.98 77.53 58.30
C LEU X 135 -29.35 78.56 57.27
N ASP X 136 -29.42 78.29 56.00
CA ASP X 136 -29.72 79.19 54.90
C ASP X 136 -31.18 79.78 55.03
N LYS X 137 -32.01 78.84 55.41
CA LYS X 137 -33.45 79.07 55.67
C LYS X 137 -33.52 80.29 56.64
N GLU X 138 -32.84 80.20 57.74
CA GLU X 138 -32.80 81.22 58.80
C GLU X 138 -32.22 82.54 58.38
N LEU X 139 -31.10 82.55 57.64
CA LEU X 139 -30.41 83.75 57.20
C LEU X 139 -31.22 84.45 56.14
N LYS X 140 -31.82 83.71 55.26
CA LYS X 140 -32.58 84.16 54.12
C LYS X 140 -33.82 85.03 54.44
N ALA X 141 -34.34 84.80 55.60
CA ALA X 141 -35.45 85.41 56.28
C ALA X 141 -35.03 86.82 56.71
N LYS X 142 -33.71 86.96 56.78
CA LYS X 142 -32.98 88.19 57.19
C LYS X 142 -32.27 88.87 56.03
N GLY X 143 -32.57 88.54 54.81
CA GLY X 143 -32.07 88.94 53.54
C GLY X 143 -30.66 88.38 53.17
N LYS X 144 -30.06 87.48 53.92
CA LYS X 144 -28.70 86.90 53.69
C LYS X 144 -28.79 85.47 53.17
N SER X 145 -27.59 84.82 53.07
CA SER X 145 -27.43 83.40 52.63
C SER X 145 -26.29 82.78 53.48
N ALA X 146 -26.39 81.50 53.59
CA ALA X 146 -25.46 80.75 54.35
C ALA X 146 -24.10 80.63 53.66
N LEU X 147 -24.03 80.29 52.38
CA LEU X 147 -22.80 79.97 51.68
C LEU X 147 -22.75 80.26 50.24
N MET X 148 -21.61 80.78 49.73
CA MET X 148 -21.53 80.94 48.30
C MET X 148 -20.08 80.67 47.95
N PHE X 149 -19.84 79.89 46.94
CA PHE X 149 -18.36 79.64 46.57
C PHE X 149 -18.36 79.35 45.08
N ASN X 150 -17.19 79.40 44.48
CA ASN X 150 -17.03 79.18 43.05
C ASN X 150 -17.47 77.78 42.61
N LEU X 151 -18.54 77.62 41.84
CA LEU X 151 -19.04 76.38 41.34
C LEU X 151 -18.56 76.06 39.91
N GLN X 152 -17.91 76.97 39.29
CA GLN X 152 -17.44 76.86 37.96
C GLN X 152 -16.11 76.09 37.94
N GLU X 153 -15.31 76.03 38.93
CA GLU X 153 -13.97 75.32 39.08
C GLU X 153 -14.05 74.12 40.00
N PRO X 154 -13.79 72.92 39.41
CA PRO X 154 -13.98 71.64 40.11
C PRO X 154 -13.21 71.51 41.38
N TYR X 155 -12.13 72.33 41.41
CA TYR X 155 -11.23 72.40 42.56
C TYR X 155 -12.01 72.77 43.88
N PHE X 156 -13.05 73.59 43.70
CA PHE X 156 -13.81 74.11 44.91
C PHE X 156 -14.84 73.15 45.47
N THR X 157 -15.33 72.38 44.47
CA THR X 157 -16.31 71.31 44.75
C THR X 157 -15.70 69.92 45.12
N TRP X 158 -14.48 69.57 44.67
CA TRP X 158 -13.86 68.31 44.98
C TRP X 158 -13.87 67.98 46.40
N PRO X 159 -13.66 68.81 47.40
CA PRO X 159 -13.67 68.33 48.81
C PRO X 159 -14.90 67.59 49.25
N LEU X 160 -16.08 68.01 48.73
CA LEU X 160 -17.34 67.37 49.08
C LEU X 160 -17.50 66.03 48.34
N ILE X 161 -17.06 66.04 47.04
CA ILE X 161 -17.12 64.81 46.22
C ILE X 161 -16.21 63.72 46.79
N ALA X 162 -15.07 64.14 47.19
CA ALA X 162 -14.13 63.17 47.76
C ALA X 162 -14.51 62.80 49.17
N ALA X 163 -15.26 63.54 50.03
CA ALA X 163 -15.50 63.23 51.41
C ALA X 163 -15.93 61.83 51.73
N ASP X 164 -16.98 61.33 51.08
CA ASP X 164 -17.55 60.00 51.31
C ASP X 164 -16.92 58.95 50.37
N GLY X 165 -15.79 59.25 49.73
CA GLY X 165 -15.11 58.25 48.87
C GLY X 165 -14.77 58.60 47.49
N GLY X 166 -15.10 59.70 46.84
CA GLY X 166 -14.72 59.92 45.41
C GLY X 166 -13.23 59.99 45.39
N TYR X 167 -12.60 59.68 44.26
CA TYR X 167 -11.09 59.77 44.19
C TYR X 167 -10.69 59.93 42.72
N ALA X 168 -9.53 60.52 42.49
CA ALA X 168 -9.05 60.72 41.12
C ALA X 168 -8.49 59.39 40.55
N PHE X 169 -7.30 59.01 40.86
CA PHE X 169 -6.52 57.83 40.46
C PHE X 169 -6.07 57.10 41.75
N LYS X 170 -6.29 55.84 41.75
CA LYS X 170 -5.90 54.96 42.82
C LYS X 170 -4.33 54.88 42.78
N TYR X 171 -3.74 55.12 43.94
CA TYR X 171 -2.36 55.06 44.19
C TYR X 171 -2.09 53.58 44.57
N GLU X 172 -1.43 52.79 43.74
CA GLU X 172 -1.27 51.38 44.09
C GLU X 172 0.13 50.92 43.81
N ASN X 173 0.86 50.53 44.84
CA ASN X 173 2.28 50.05 44.78
C ASN X 173 3.19 50.97 43.94
N GLY X 174 3.52 52.07 44.65
CA GLY X 174 4.43 53.08 44.11
C GLY X 174 3.96 53.90 42.91
N LYS X 175 2.73 53.56 42.43
CA LYS X 175 2.29 54.44 41.33
C LYS X 175 0.78 54.45 41.25
N TYR X 176 0.35 55.44 40.44
CA TYR X 176 -1.02 55.72 40.11
C TYR X 176 -1.47 54.81 38.96
N ASP X 177 -2.59 54.15 39.23
CA ASP X 177 -3.28 53.34 38.25
C ASP X 177 -4.27 54.31 37.51
N ILE X 178 -3.90 54.56 36.26
CA ILE X 178 -4.66 55.42 35.36
C ILE X 178 -5.99 54.86 34.90
N LYS X 179 -6.19 53.56 35.18
CA LYS X 179 -7.44 52.93 34.75
C LYS X 179 -8.31 52.78 35.96
N ASP X 180 -7.83 53.04 37.16
CA ASP X 180 -8.65 52.95 38.37
C ASP X 180 -8.96 54.40 38.85
N VAL X 181 -10.20 54.87 38.47
CA VAL X 181 -10.71 56.19 38.75
C VAL X 181 -11.89 56.19 39.71
N GLY X 182 -12.12 57.19 40.59
CA GLY X 182 -13.24 57.03 41.55
C GLY X 182 -14.14 58.20 41.50
N VAL X 183 -14.40 58.50 40.21
CA VAL X 183 -15.28 59.72 39.97
C VAL X 183 -16.70 59.32 39.87
N ASP X 184 -17.00 58.08 39.65
CA ASP X 184 -18.38 57.64 39.55
C ASP X 184 -18.74 56.63 40.60
N ASN X 185 -17.99 56.54 41.67
CA ASN X 185 -18.37 55.50 42.69
C ASN X 185 -19.48 56.06 43.64
N ALA X 186 -19.90 55.27 44.60
CA ALA X 186 -20.99 55.64 45.49
C ALA X 186 -20.60 56.89 46.27
N GLY X 187 -19.41 57.16 46.72
CA GLY X 187 -19.13 58.39 47.51
C GLY X 187 -19.17 59.64 46.72
N ALA X 188 -18.65 59.52 45.52
CA ALA X 188 -18.65 60.62 44.56
C ALA X 188 -20.12 60.98 44.18
N LYS X 189 -20.92 59.96 43.92
CA LYS X 189 -22.35 60.21 43.60
C LYS X 189 -23.09 60.86 44.83
N ALA X 190 -22.85 60.45 46.02
CA ALA X 190 -23.52 61.00 47.22
C ALA X 190 -23.20 62.51 47.39
N GLY X 191 -21.90 62.82 47.16
CA GLY X 191 -21.34 64.16 47.24
C GLY X 191 -21.91 65.14 46.26
N LEU X 192 -21.88 64.73 44.96
CA LEU X 192 -22.48 65.64 43.94
C LEU X 192 -24.00 65.82 44.11
N THR X 193 -24.67 64.75 44.52
CA THR X 193 -26.14 64.77 44.73
C THR X 193 -26.49 65.84 45.77
N PHE X 194 -25.79 65.81 46.85
CA PHE X 194 -25.91 66.76 47.95
C PHE X 194 -25.70 68.15 47.36
N LEU X 195 -24.73 68.41 46.59
CA LEU X 195 -24.52 69.71 46.02
C LEU X 195 -25.72 70.17 45.14
N VAL X 196 -26.16 69.34 44.26
CA VAL X 196 -27.21 69.58 43.29
C VAL X 196 -28.50 69.87 44.07
N ASP X 197 -28.69 69.18 45.20
CA ASP X 197 -29.87 69.34 46.02
C ASP X 197 -29.88 70.77 46.63
N LEU X 198 -28.71 71.32 46.92
CA LEU X 198 -28.52 72.64 47.49
C LEU X 198 -29.07 73.66 46.49
N ILE X 199 -28.74 73.42 45.27
CA ILE X 199 -29.18 74.27 44.18
C ILE X 199 -30.66 74.05 43.94
N LYS X 200 -31.06 72.84 43.72
CA LYS X 200 -32.44 72.48 43.48
C LYS X 200 -33.37 73.28 44.40
N ASN X 201 -33.02 73.23 45.66
CA ASN X 201 -33.78 73.80 46.80
C ASN X 201 -33.48 75.25 47.09
N LYS X 202 -32.88 75.89 46.15
CA LYS X 202 -32.56 77.32 46.19
C LYS X 202 -31.66 77.82 47.26
N HIS X 203 -30.74 76.97 47.75
CA HIS X 203 -29.79 77.44 48.77
C HIS X 203 -28.58 78.04 48.12
N MET X 204 -28.39 77.67 46.87
CA MET X 204 -27.25 78.03 46.05
C MET X 204 -27.60 78.20 44.63
N ASN X 205 -26.86 78.98 43.86
CA ASN X 205 -27.17 79.08 42.43
C ASN X 205 -26.02 78.50 41.61
N ALA X 206 -26.42 77.82 40.59
CA ALA X 206 -25.67 77.15 39.60
C ALA X 206 -24.69 78.06 38.90
N ASP X 207 -24.99 79.36 38.92
CA ASP X 207 -24.06 80.24 38.16
C ASP X 207 -22.94 80.80 39.04
N THR X 208 -22.98 80.70 40.38
CA THR X 208 -21.91 81.34 41.15
C THR X 208 -20.50 81.00 40.66
N ASP X 209 -19.79 82.12 40.45
CA ASP X 209 -18.39 81.98 40.06
C ASP X 209 -17.50 82.61 41.17
N TYR X 210 -16.23 82.74 40.88
CA TYR X 210 -15.21 83.30 41.77
C TYR X 210 -15.52 84.74 42.22
N SER X 211 -15.77 85.57 41.27
CA SER X 211 -16.15 86.98 41.53
C SER X 211 -17.45 87.10 42.25
N ILE X 212 -18.54 86.49 41.83
CA ILE X 212 -19.84 86.60 42.50
C ILE X 212 -19.69 86.19 43.95
N ALA X 213 -18.96 84.99 44.17
CA ALA X 213 -18.76 84.49 45.58
C ALA X 213 -17.95 85.43 46.41
N GLU X 214 -16.87 85.87 45.78
CA GLU X 214 -16.02 86.85 46.49
C GLU X 214 -16.77 88.12 46.81
N ALA X 215 -17.44 88.80 45.91
CA ALA X 215 -18.18 90.03 46.22
C ALA X 215 -19.24 89.82 47.26
N ALA X 216 -19.90 88.67 47.14
CA ALA X 216 -20.94 88.35 48.12
C ALA X 216 -20.37 88.34 49.50
N PHE X 217 -19.28 87.56 49.76
CA PHE X 217 -18.85 87.50 51.18
C PHE X 217 -18.27 88.80 51.68
N ASN X 218 -17.53 89.48 50.82
CA ASN X 218 -16.81 90.70 51.10
C ASN X 218 -17.82 91.88 51.40
N LYS X 219 -19.03 91.79 50.82
CA LYS X 219 -20.04 92.84 51.09
C LYS X 219 -20.97 92.53 52.23
N GLY X 220 -20.78 91.40 52.85
CA GLY X 220 -21.57 90.94 53.97
C GLY X 220 -22.83 90.25 53.61
N GLU X 221 -23.00 89.88 52.35
CA GLU X 221 -24.31 89.20 52.05
C GLU X 221 -24.39 87.73 52.30
N THR X 222 -23.24 87.01 52.33
CA THR X 222 -23.31 85.57 52.58
C THR X 222 -22.54 85.33 53.86
N ALA X 223 -22.95 84.34 54.69
CA ALA X 223 -22.19 84.14 55.92
C ALA X 223 -20.90 83.30 55.73
N MET X 224 -20.73 82.53 54.67
CA MET X 224 -19.49 81.67 54.51
C MET X 224 -19.14 81.57 53.07
N THR X 225 -17.84 81.25 52.84
CA THR X 225 -17.36 81.01 51.42
C THR X 225 -16.26 79.95 51.58
N ILE X 226 -15.81 79.35 50.53
CA ILE X 226 -14.70 78.36 50.63
C ILE X 226 -13.65 78.94 49.75
N ASN X 227 -12.46 79.18 50.17
CA ASN X 227 -11.39 79.71 49.31
C ASN X 227 -9.97 79.38 49.94
N GLY X 228 -8.92 79.70 49.18
CA GLY X 228 -7.55 79.47 49.57
C GLY X 228 -6.96 80.75 50.15
N PRO X 229 -5.70 80.64 50.64
CA PRO X 229 -5.01 81.70 51.33
C PRO X 229 -4.94 83.00 50.59
N TRP X 230 -4.79 82.98 49.23
CA TRP X 230 -4.70 84.07 48.33
C TRP X 230 -5.95 85.00 48.45
N ALA X 231 -7.12 84.57 48.83
CA ALA X 231 -8.32 85.45 48.99
C ALA X 231 -8.28 86.27 50.27
N TRP X 232 -7.44 86.01 51.27
CA TRP X 232 -7.51 86.62 52.59
C TRP X 232 -7.31 88.14 52.47
N SER X 233 -6.42 88.49 51.55
CA SER X 233 -6.09 89.94 51.36
C SER X 233 -7.27 90.85 51.10
N ASN X 234 -8.12 90.44 50.20
CA ASN X 234 -9.30 91.29 49.88
C ASN X 234 -10.33 91.34 51.04
N ILE X 235 -10.41 90.21 51.74
CA ILE X 235 -11.26 90.12 52.89
C ILE X 235 -10.74 91.16 53.90
N ASP X 236 -9.44 91.20 54.09
CA ASP X 236 -8.92 92.09 55.16
C ASP X 236 -9.32 93.56 54.91
N THR X 237 -9.17 93.79 53.61
CA THR X 237 -9.40 95.06 52.99
C THR X 237 -10.88 95.51 53.10
N SER X 238 -11.74 94.55 53.11
CA SER X 238 -13.18 94.87 53.23
C SER X 238 -13.52 94.99 54.74
N LYS X 239 -12.56 94.65 55.63
CA LYS X 239 -12.73 94.61 57.07
C LYS X 239 -13.83 93.67 57.50
N VAL X 240 -14.32 92.66 56.73
CA VAL X 240 -15.40 91.79 57.35
C VAL X 240 -14.74 91.20 58.59
N ASN X 241 -15.46 90.77 59.60
CA ASN X 241 -14.92 90.08 60.81
C ASN X 241 -15.05 88.54 60.51
N TYR X 242 -13.96 87.99 59.94
CA TYR X 242 -13.94 86.59 59.48
C TYR X 242 -13.07 85.63 60.23
N GLY X 243 -13.48 84.33 60.17
CA GLY X 243 -12.59 83.33 60.79
C GLY X 243 -12.27 82.40 59.58
N VAL X 244 -11.25 81.57 59.81
CA VAL X 244 -10.83 80.58 58.76
C VAL X 244 -10.88 79.25 59.50
N THR X 245 -11.62 78.23 59.05
CA THR X 245 -11.52 76.99 59.86
C THR X 245 -11.57 75.71 59.01
N VAL X 246 -11.68 74.57 59.67
CA VAL X 246 -11.80 73.31 58.95
C VAL X 246 -13.08 73.28 58.09
N LEU X 247 -13.07 72.66 56.96
CA LEU X 247 -14.28 72.43 56.17
C LEU X 247 -15.25 71.51 56.92
N PRO X 248 -16.56 71.65 56.64
CA PRO X 248 -17.54 70.74 57.31
C PRO X 248 -17.40 69.27 56.81
N THR X 249 -17.92 68.37 57.61
CA THR X 249 -17.95 66.95 57.33
C THR X 249 -19.19 66.66 56.52
N PHE X 250 -19.12 65.52 55.85
CA PHE X 250 -20.24 65.11 55.06
C PHE X 250 -20.38 63.62 55.48
N LYS X 251 -21.49 63.18 55.96
CA LYS X 251 -21.75 61.74 56.26
C LYS X 251 -20.76 61.37 57.34
N GLY X 252 -20.39 62.37 58.10
CA GLY X 252 -19.47 62.13 59.23
C GLY X 252 -18.01 62.07 58.81
N GLN X 253 -17.67 62.19 57.52
CA GLN X 253 -16.26 62.12 57.13
C GLN X 253 -15.81 63.54 56.83
N PRO X 254 -14.52 63.81 56.99
CA PRO X 254 -13.98 65.09 56.68
C PRO X 254 -14.14 65.41 55.20
N SER X 255 -14.36 66.66 54.83
CA SER X 255 -14.26 67.17 53.44
C SER X 255 -12.73 66.96 53.13
N LYS X 256 -12.39 66.59 51.93
CA LYS X 256 -10.95 66.28 51.61
C LYS X 256 -10.48 67.07 50.44
N PRO X 257 -9.91 68.24 50.69
CA PRO X 257 -9.45 69.08 49.57
C PRO X 257 -8.26 68.40 48.84
N PHE X 258 -8.11 68.65 47.58
CA PHE X 258 -6.95 68.23 46.83
C PHE X 258 -5.91 69.26 47.29
N VAL X 259 -4.71 68.90 47.66
CA VAL X 259 -3.71 69.89 48.06
C VAL X 259 -2.75 70.16 46.95
N GLY X 260 -2.45 71.45 46.70
CA GLY X 260 -1.57 71.93 45.66
C GLY X 260 -0.35 72.53 46.33
N VAL X 261 0.78 72.29 45.70
CA VAL X 261 2.10 72.79 46.04
C VAL X 261 2.36 73.81 44.97
N LEU X 262 2.27 75.14 45.22
CA LEU X 262 2.58 76.21 44.33
C LEU X 262 4.10 75.93 43.94
N SER X 263 4.32 75.92 42.64
CA SER X 263 5.65 75.58 42.13
C SER X 263 6.12 76.50 40.98
N ALA X 264 7.51 76.61 40.89
CA ALA X 264 8.16 77.49 39.87
C ALA X 264 9.04 76.60 38.98
N GLY X 265 8.69 76.59 37.71
CA GLY X 265 9.47 75.71 36.76
C GLY X 265 10.21 76.55 35.79
N ILE X 266 11.34 75.94 35.26
CA ILE X 266 12.17 76.73 34.27
C ILE X 266 11.98 76.16 32.89
N ASN X 267 11.63 77.08 32.00
CA ASN X 267 11.35 76.76 30.60
C ASN X 267 12.64 76.17 30.10
N ALA X 268 12.41 74.97 29.55
CA ALA X 268 13.55 74.16 28.94
C ALA X 268 14.24 75.03 27.83
N ALA X 269 13.41 75.83 27.17
CA ALA X 269 13.67 76.79 26.12
C ALA X 269 14.35 78.10 26.58
N SER X 270 14.65 78.36 27.84
CA SER X 270 15.30 79.55 28.27
C SER X 270 16.84 79.41 28.19
N PRO X 271 17.42 80.54 27.79
CA PRO X 271 18.83 80.85 27.75
C PRO X 271 19.38 81.28 29.16
N ASN X 272 18.37 81.74 29.93
CA ASN X 272 18.59 82.26 31.28
C ASN X 272 18.51 81.18 32.31
N LYS X 273 18.83 79.93 32.27
CA LYS X 273 18.59 79.01 33.37
C LYS X 273 19.27 79.28 34.70
N GLU X 274 20.51 79.77 34.55
CA GLU X 274 21.43 80.07 35.63
C GLU X 274 20.93 81.30 36.37
N LEU X 275 20.48 82.30 35.69
CA LEU X 275 19.87 83.51 36.22
C LEU X 275 18.62 83.15 37.09
N ALA X 276 17.83 82.32 36.40
CA ALA X 276 16.56 81.75 36.89
C ALA X 276 16.88 81.04 38.18
N LYS X 277 17.84 80.11 38.11
CA LYS X 277 18.18 79.42 39.38
C LYS X 277 18.65 80.41 40.43
N GLU X 278 19.46 81.42 40.10
CA GLU X 278 19.97 82.35 41.14
C GLU X 278 18.78 83.00 41.90
N PHE X 279 17.90 83.58 41.15
CA PHE X 279 16.62 84.21 41.49
C PHE X 279 15.75 83.38 42.43
N LEU X 280 15.49 82.14 42.01
CA LEU X 280 14.64 81.30 42.78
C LEU X 280 15.32 80.96 44.08
N GLU X 281 16.47 80.29 44.00
CA GLU X 281 17.16 79.80 45.23
C GLU X 281 17.76 80.83 46.16
N ASN X 282 18.23 81.96 45.60
CA ASN X 282 18.83 83.03 46.36
C ASN X 282 18.03 84.33 46.59
N TYR X 283 16.95 84.60 45.88
CA TYR X 283 16.13 85.81 46.05
C TYR X 283 14.75 85.49 46.63
N LEU X 284 14.01 84.68 45.83
CA LEU X 284 12.61 84.30 46.24
C LEU X 284 12.60 83.28 47.34
N LEU X 285 13.28 82.22 47.21
CA LEU X 285 13.23 81.18 48.23
C LEU X 285 14.05 81.50 49.48
N THR X 286 13.87 82.68 50.03
CA THR X 286 14.45 83.16 51.28
C THR X 286 13.34 83.58 52.24
N ASP X 287 13.55 84.00 53.42
CA ASP X 287 12.50 84.52 54.35
C ASP X 287 12.05 85.86 53.83
N GLU X 288 12.93 86.61 53.25
CA GLU X 288 12.66 87.95 52.79
C GLU X 288 11.87 88.01 51.54
N GLY X 289 12.20 87.11 50.60
CA GLY X 289 11.52 87.06 49.31
C GLY X 289 10.09 86.54 49.48
N LEU X 290 9.96 85.52 50.29
CA LEU X 290 8.64 84.91 50.54
C LEU X 290 7.73 85.94 51.22
N GLU X 291 8.37 86.70 52.11
CA GLU X 291 7.54 87.70 52.79
C GLU X 291 7.11 88.85 51.93
N ALA X 292 7.76 89.34 50.94
CA ALA X 292 7.35 90.38 50.02
C ALA X 292 6.12 89.92 49.26
N VAL X 293 6.16 88.62 48.89
CA VAL X 293 5.08 87.97 48.12
C VAL X 293 3.85 87.81 49.05
N ASN X 294 3.98 87.20 50.22
CA ASN X 294 2.98 86.92 51.19
C ASN X 294 2.27 88.16 51.70
N LYS X 295 2.85 89.31 51.73
CA LYS X 295 2.26 90.61 52.15
C LYS X 295 1.35 91.07 51.02
N ASP X 296 1.64 90.73 49.79
CA ASP X 296 0.77 91.04 48.64
C ASP X 296 -0.45 90.11 48.72
N LYS X 297 -0.32 88.84 48.44
CA LYS X 297 -1.44 87.83 48.59
C LYS X 297 -0.91 86.72 49.41
N PRO X 298 -1.43 86.31 50.55
CA PRO X 298 -0.87 85.25 51.36
C PRO X 298 -0.65 83.97 50.60
N LEU X 299 0.49 83.30 50.87
CA LEU X 299 0.81 82.04 50.20
C LEU X 299 0.19 80.79 50.78
N GLY X 300 -0.10 80.71 52.04
CA GLY X 300 -0.57 79.49 52.69
C GLY X 300 0.71 79.09 53.55
N ALA X 301 0.82 77.80 53.67
CA ALA X 301 1.93 77.16 54.44
C ALA X 301 3.12 77.17 53.53
N VAL X 302 4.29 77.73 53.70
CA VAL X 302 5.43 77.81 52.79
C VAL X 302 6.31 76.57 52.91
N ALA X 303 6.98 76.25 51.82
CA ALA X 303 7.86 75.02 51.93
C ALA X 303 9.17 75.31 52.65
N LEU X 304 9.55 76.58 52.75
CA LEU X 304 10.80 77.04 53.44
C LEU X 304 10.53 76.96 54.95
N LYS X 305 11.31 76.00 55.52
CA LYS X 305 11.09 75.77 56.96
C LYS X 305 11.20 76.95 57.90
N SER X 306 12.12 77.82 57.66
CA SER X 306 12.50 78.99 58.44
C SER X 306 11.34 79.97 58.50
N TYR X 307 10.84 80.35 57.34
CA TYR X 307 9.64 81.21 57.19
C TYR X 307 8.36 80.56 57.69
N GLU X 308 8.20 79.22 57.40
CA GLU X 308 7.01 78.52 57.79
C GLU X 308 6.79 78.56 59.30
N GLU X 309 8.00 78.55 59.89
CA GLU X 309 8.13 78.62 61.37
C GLU X 309 7.50 79.90 61.95
N GLU X 310 7.63 81.02 61.23
CA GLU X 310 7.08 82.28 61.67
C GLU X 310 5.61 82.40 61.24
N LEU X 311 5.30 81.62 60.19
CA LEU X 311 3.92 81.68 59.57
C LEU X 311 2.90 80.93 60.36
N ALA X 312 3.23 79.80 61.12
CA ALA X 312 1.87 79.59 61.66
C ALA X 312 1.69 78.75 62.87
N LYS X 313 1.51 79.55 63.82
CA LYS X 313 1.09 80.39 64.85
C LYS X 313 -0.18 81.20 64.46
N ASP X 314 -0.16 81.47 63.17
CA ASP X 314 -1.34 82.20 62.57
C ASP X 314 -2.48 81.18 62.52
N PRO X 315 -3.59 81.42 63.14
CA PRO X 315 -4.67 80.49 63.17
C PRO X 315 -5.21 80.17 61.74
N ARG X 316 -5.13 81.04 60.83
CA ARG X 316 -5.55 80.92 59.40
C ARG X 316 -4.67 79.85 58.74
N ILE X 317 -3.41 79.96 59.02
CA ILE X 317 -2.40 78.99 58.58
C ILE X 317 -2.61 77.67 59.26
N ALA X 318 -2.92 77.67 60.58
CA ALA X 318 -3.16 76.39 61.24
C ALA X 318 -4.35 75.65 60.64
N ALA X 319 -5.35 76.45 60.24
CA ALA X 319 -6.55 75.81 59.66
C ALA X 319 -6.28 75.25 58.26
N THR X 320 -5.42 75.97 57.56
CA THR X 320 -4.96 75.61 56.21
C THR X 320 -4.30 74.21 56.30
N MET X 321 -3.35 74.16 57.27
CA MET X 321 -2.70 72.84 57.57
C MET X 321 -3.62 71.74 58.02
N GLU X 322 -4.65 72.03 58.77
CA GLU X 322 -5.56 70.98 59.17
C GLU X 322 -6.38 70.47 57.98
N ASN X 323 -6.84 71.40 57.12
CA ASN X 323 -7.64 70.91 55.92
C ASN X 323 -6.66 70.16 55.01
N ALA X 324 -5.47 70.69 54.90
CA ALA X 324 -4.46 69.98 54.05
C ALA X 324 -4.22 68.56 54.48
N GLN X 325 -4.08 68.34 55.80
CA GLN X 325 -3.91 67.05 56.48
C GLN X 325 -5.07 66.12 56.24
N LYS X 326 -6.30 66.51 56.08
CA LYS X 326 -7.45 65.75 55.80
C LYS X 326 -7.63 65.56 54.29
N GLY X 327 -6.85 66.27 53.54
CA GLY X 327 -6.96 66.17 52.12
C GLY X 327 -5.94 65.18 51.58
N GLU X 328 -5.63 65.36 50.33
CA GLU X 328 -4.66 64.56 49.60
C GLU X 328 -3.96 65.42 48.58
N ILE X 329 -2.68 65.30 48.55
CA ILE X 329 -1.80 65.99 47.63
C ILE X 329 -2.18 65.50 46.24
N MET X 330 -2.29 66.36 45.26
CA MET X 330 -2.72 65.93 43.91
C MET X 330 -1.56 65.12 43.29
N PRO X 331 -1.96 64.24 42.44
CA PRO X 331 -1.03 63.55 41.49
C PRO X 331 -0.49 64.61 40.56
N ASN X 332 0.69 64.52 39.88
CA ASN X 332 1.21 65.41 38.91
C ASN X 332 1.30 64.64 37.54
N ILE X 333 0.76 63.48 37.45
CA ILE X 333 0.78 62.65 36.22
C ILE X 333 0.19 63.39 35.06
N PRO X 334 0.53 63.18 33.80
CA PRO X 334 -0.01 63.87 32.63
C PRO X 334 -1.53 63.79 32.56
N GLN X 335 -2.07 62.69 33.06
CA GLN X 335 -3.51 62.48 33.04
C GLN X 335 -4.30 63.47 33.94
N MET X 336 -3.67 64.26 34.81
CA MET X 336 -4.45 65.29 35.61
C MET X 336 -5.24 66.27 34.79
N SER X 337 -4.72 66.63 33.64
CA SER X 337 -5.56 67.53 32.77
C SER X 337 -6.84 66.91 32.20
N ALA X 338 -6.90 65.63 31.90
CA ALA X 338 -8.09 64.94 31.42
C ALA X 338 -9.09 64.84 32.57
N PHE X 339 -8.58 64.42 33.70
CA PHE X 339 -9.40 64.35 34.92
C PHE X 339 -10.09 65.70 35.14
N TRP X 340 -9.32 66.78 35.18
CA TRP X 340 -9.97 68.08 35.48
C TRP X 340 -11.05 68.55 34.50
N TYR X 341 -10.72 68.32 33.23
CA TYR X 341 -11.76 68.81 32.22
C TYR X 341 -12.97 67.95 32.28
N ALA X 342 -12.77 66.62 32.49
CA ALA X 342 -13.96 65.73 32.62
C ALA X 342 -14.79 66.07 33.83
N VAL X 343 -14.13 66.35 34.97
CA VAL X 343 -14.88 66.64 36.22
C VAL X 343 -15.51 68.03 36.12
N ARG X 344 -14.90 68.95 35.43
CA ARG X 344 -15.44 70.29 35.22
C ARG X 344 -16.75 70.19 34.44
N THR X 345 -16.71 69.48 33.32
CA THR X 345 -18.04 69.34 32.63
C THR X 345 -19.15 68.76 33.45
N ALA X 346 -18.79 67.59 34.11
CA ALA X 346 -19.73 66.82 34.91
C ALA X 346 -20.47 67.67 35.90
N VAL X 347 -19.78 68.51 36.63
CA VAL X 347 -20.42 69.30 37.74
C VAL X 347 -21.36 70.40 37.20
N ILE X 348 -20.79 71.00 36.15
CA ILE X 348 -21.58 72.11 35.56
C ILE X 348 -22.85 71.50 34.97
N ASN X 349 -22.71 70.46 34.21
CA ASN X 349 -23.90 69.79 33.59
C ASN X 349 -24.85 69.32 34.69
N ALA X 350 -24.39 68.79 35.82
CA ALA X 350 -25.23 68.31 36.86
C ALA X 350 -25.84 69.48 37.64
N ALA X 351 -25.06 70.51 37.88
CA ALA X 351 -25.62 71.66 38.70
C ALA X 351 -26.71 72.44 37.95
N SER X 352 -26.49 72.57 36.66
CA SER X 352 -27.34 73.24 35.66
C SER X 352 -28.56 72.40 35.31
N GLY X 353 -28.67 71.13 35.72
CA GLY X 353 -29.70 70.19 35.55
C GLY X 353 -29.77 69.64 34.15
N ARG X 354 -28.69 69.81 33.36
CA ARG X 354 -28.61 69.34 31.99
C ARG X 354 -28.49 67.79 31.98
N GLN X 355 -27.90 67.24 33.05
CA GLN X 355 -27.69 65.82 33.19
C GLN X 355 -27.95 65.57 34.68
N THR X 356 -28.31 64.33 34.92
CA THR X 356 -28.49 63.80 36.27
C THR X 356 -27.03 63.53 36.75
N VAL X 357 -26.91 63.41 38.06
CA VAL X 357 -25.63 63.04 38.68
C VAL X 357 -25.09 61.77 38.10
N ASP X 358 -25.87 60.72 38.09
CA ASP X 358 -25.46 59.36 37.58
C ASP X 358 -24.94 59.45 36.15
N GLU X 359 -25.68 60.07 35.26
CA GLU X 359 -25.29 60.34 33.90
C GLU X 359 -24.04 61.21 33.86
N ALA X 360 -23.93 62.27 34.59
CA ALA X 360 -22.74 63.14 34.54
C ALA X 360 -21.45 62.42 34.97
N LEU X 361 -21.54 61.66 36.01
CA LEU X 361 -20.32 61.02 36.59
C LEU X 361 -19.90 59.85 35.78
N LYS X 362 -20.93 59.35 35.13
CA LYS X 362 -20.56 58.14 34.30
C LYS X 362 -19.86 58.63 33.10
N ASP X 363 -20.28 59.69 32.52
CA ASP X 363 -19.61 60.19 31.31
C ASP X 363 -18.17 60.59 31.57
N ALA X 364 -18.08 61.15 32.78
CA ALA X 364 -16.77 61.66 33.22
C ALA X 364 -15.79 60.51 33.31
N GLN X 365 -16.33 59.44 33.97
CA GLN X 365 -15.53 58.19 34.19
C GLN X 365 -15.02 57.63 32.89
N THR X 366 -15.91 57.54 31.87
CA THR X 366 -15.61 57.11 30.52
C THR X 366 -14.62 58.00 29.86
N ARG X 367 -14.85 59.30 29.92
CA ARG X 367 -13.94 60.22 29.35
C ARG X 367 -12.55 60.04 29.93
N ILE X 368 -12.41 59.91 31.23
CA ILE X 368 -11.07 59.79 31.84
C ILE X 368 -10.34 58.51 31.52
N THR X 369 -11.05 57.40 31.56
CA THR X 369 -10.35 56.12 31.32
C THR X 369 -10.23 55.67 29.88
N LYS X 370 -10.77 56.92 28.90
CA LYS X 370 -10.06 57.33 27.69
C LYS X 370 -8.62 57.70 27.75
#